data_6VFE
#
_entry.id   6VFE
#
_entity_poly.entity_id   1
_entity_poly.type   'polypeptide(L)'
_entity_poly.pdbx_seq_one_letter_code
;MGSAFERVVRRVVQELDHGGEFIPVTSLQSSTGFQPYCLVVRKPSSSWFWKPRYKCVNLSIKDILEPDAAEPDVQRGRSF
HFYDAMDGQIQGSVELAAPGQAKIAGGAAVSDSSSTSMNVYSLSVDPNTWQTLLHERHLRQPEHKVLQQLRSRGDNVYVV
TEVLQTQKEVEVTRTHKREGSGRFSLPGATCEQGEGQGHLSQKKTVTIPSGSTLAFRVAQLVIDSDLDVLLFPDKKQRTF
Q
;
_entity_poly.pdbx_strand_id   A,B,C,D,E,F,G,H,I,J,K,L,M,N,O,P,Q,R,S,T,U,V,W,X,Y,Z,a,b,c,d,e,f,g
#
# COMPACT_ATOMS: atom_id res chain seq x y z
N SER A 3 10.03 54.26 -106.04
CA SER A 3 11.07 53.67 -106.88
C SER A 3 12.23 53.15 -106.04
N ALA A 4 12.28 53.60 -104.78
CA ALA A 4 13.27 53.17 -103.80
C ALA A 4 14.69 53.60 -104.18
N PHE A 5 14.84 54.29 -105.31
CA PHE A 5 16.11 54.87 -105.72
C PHE A 5 16.08 56.39 -105.77
N GLU A 6 15.11 56.97 -106.47
CA GLU A 6 15.03 58.43 -106.54
C GLU A 6 14.79 59.06 -105.17
N ARG A 7 14.14 58.34 -104.25
CA ARG A 7 14.01 58.83 -102.89
C ARG A 7 15.37 59.03 -102.24
N VAL A 8 16.15 57.95 -102.13
CA VAL A 8 17.44 58.02 -101.47
C VAL A 8 18.44 58.84 -102.27
N VAL A 9 18.41 58.74 -103.61
CA VAL A 9 19.32 59.54 -104.43
C VAL A 9 19.02 61.03 -104.27
N ARG A 10 17.73 61.38 -104.28
CA ARG A 10 17.35 62.77 -104.07
C ARG A 10 17.76 63.24 -102.67
N ARG A 11 17.64 62.36 -101.67
CA ARG A 11 18.09 62.72 -100.33
C ARG A 11 19.60 62.98 -100.30
N VAL A 12 20.38 62.13 -100.96
CA VAL A 12 21.82 62.30 -100.98
C VAL A 12 22.21 63.60 -101.68
N VAL A 13 21.57 63.90 -102.81
CA VAL A 13 21.85 65.17 -103.49
C VAL A 13 21.40 66.36 -102.65
N GLN A 14 20.27 66.25 -101.95
CA GLN A 14 19.80 67.30 -101.07
C GLN A 14 20.72 67.53 -99.89
N GLU A 15 21.47 66.50 -99.47
CA GLU A 15 22.45 66.66 -98.40
C GLU A 15 23.65 67.50 -98.82
N LEU A 16 23.61 68.07 -100.02
CA LEU A 16 24.60 69.05 -100.45
C LEU A 16 24.07 70.47 -100.47
N ASP A 17 22.82 70.67 -100.06
CA ASP A 17 22.13 71.97 -100.16
C ASP A 17 22.27 72.55 -101.56
N HIS A 18 21.83 71.76 -102.55
CA HIS A 18 21.95 72.09 -103.98
C HIS A 18 23.30 72.69 -104.34
N GLY A 19 24.36 72.24 -103.67
CA GLY A 19 25.70 72.69 -103.97
C GLY A 19 26.35 71.87 -105.07
N GLY A 20 26.88 72.53 -106.09
CA GLY A 20 27.45 71.84 -107.23
C GLY A 20 26.39 71.23 -108.12
N GLU A 21 26.77 71.03 -109.39
CA GLU A 21 25.84 70.46 -110.36
C GLU A 21 25.44 69.05 -109.95
N PHE A 22 26.41 68.13 -109.97
CA PHE A 22 26.23 66.74 -109.55
C PHE A 22 24.94 66.14 -110.14
N ILE A 23 24.93 66.04 -111.47
CA ILE A 23 23.81 65.47 -112.21
C ILE A 23 23.50 64.09 -111.65
N PRO A 24 22.36 63.90 -111.00
CA PRO A 24 22.05 62.61 -110.39
C PRO A 24 21.69 61.55 -111.42
N VAL A 25 21.82 60.30 -111.00
CA VAL A 25 21.50 59.16 -111.84
C VAL A 25 20.14 58.61 -111.43
N THR A 26 19.49 57.95 -112.37
CA THR A 26 18.17 57.36 -112.13
C THR A 26 18.13 55.87 -112.39
N SER A 27 18.92 55.38 -113.34
CA SER A 27 18.95 53.97 -113.70
C SER A 27 20.03 53.26 -112.89
N LEU A 28 19.63 52.22 -112.15
CA LEU A 28 20.62 51.41 -111.45
C LEU A 28 21.57 50.71 -112.41
N GLN A 29 21.08 50.33 -113.60
CA GLN A 29 21.96 49.72 -114.59
C GLN A 29 22.96 50.71 -115.15
N SER A 30 22.60 52.00 -115.17
CA SER A 30 23.48 53.04 -115.68
C SER A 30 24.44 53.58 -114.62
N SER A 31 24.26 53.18 -113.36
CA SER A 31 25.20 53.58 -112.32
C SER A 31 26.59 53.03 -112.60
N THR A 32 26.67 51.77 -113.04
CA THR A 32 27.96 51.18 -113.35
C THR A 32 28.59 51.76 -114.60
N GLY A 33 27.79 52.24 -115.55
CA GLY A 33 28.33 52.82 -116.76
C GLY A 33 28.90 54.21 -116.60
N PHE A 34 28.62 54.86 -115.46
CA PHE A 34 29.12 56.21 -115.19
C PHE A 34 30.44 56.08 -114.45
N GLN A 35 31.53 55.95 -115.21
CA GLN A 35 32.88 55.87 -114.67
C GLN A 35 33.68 57.02 -115.25
N PRO A 36 34.81 57.40 -114.63
CA PRO A 36 35.64 58.47 -115.21
C PRO A 36 36.10 58.10 -116.62
N TYR A 37 36.23 59.14 -117.46
CA TYR A 37 36.67 59.03 -118.85
C TYR A 37 35.66 58.32 -119.73
N CYS A 38 34.42 58.18 -119.27
CA CYS A 38 33.36 57.57 -120.07
C CYS A 38 32.60 58.63 -120.84
N LEU A 39 32.11 58.27 -122.02
CA LEU A 39 31.39 59.19 -122.88
C LEU A 39 29.89 59.13 -122.59
N VAL A 40 29.23 60.28 -122.65
CA VAL A 40 27.78 60.36 -122.57
C VAL A 40 27.29 61.22 -123.72
N VAL A 41 26.04 60.99 -124.12
CA VAL A 41 25.44 61.66 -125.26
C VAL A 41 24.18 62.37 -124.80
N ARG A 42 24.08 63.67 -125.10
CA ARG A 42 22.91 64.47 -124.76
C ARG A 42 22.51 65.32 -125.96
N LYS A 43 21.26 65.20 -126.37
CA LYS A 43 20.73 65.99 -127.46
C LYS A 43 20.44 67.41 -126.99
N PRO A 44 20.34 68.36 -127.93
CA PRO A 44 19.95 69.72 -127.54
C PRO A 44 18.55 69.76 -126.95
N SER A 45 18.34 70.71 -126.03
CA SER A 45 17.08 70.85 -125.35
C SER A 45 15.98 71.27 -126.33
N SER A 46 14.73 71.05 -125.92
CA SER A 46 13.62 71.31 -126.85
C SER A 46 13.33 72.79 -126.98
N SER A 47 12.84 73.43 -125.91
CA SER A 47 12.81 74.89 -125.86
C SER A 47 13.56 75.42 -124.64
N TRP A 48 13.06 75.19 -123.42
CA TRP A 48 13.79 75.58 -122.22
C TRP A 48 13.76 74.50 -121.14
N PHE A 49 12.62 73.83 -120.99
CA PHE A 49 12.36 73.02 -119.82
C PHE A 49 12.10 71.54 -120.10
N TRP A 50 12.07 71.13 -121.37
CA TRP A 50 12.10 69.70 -121.69
C TRP A 50 13.55 69.26 -121.67
N LYS A 51 14.08 69.09 -120.46
CA LYS A 51 15.49 68.81 -120.28
C LYS A 51 15.84 67.46 -120.90
N PRO A 52 16.76 67.42 -121.87
CA PRO A 52 17.21 66.13 -122.41
C PRO A 52 18.04 65.38 -121.39
N ARG A 53 17.48 64.29 -120.86
CA ARG A 53 18.16 63.52 -119.83
C ARG A 53 19.46 62.92 -120.38
N TYR A 54 20.48 62.90 -119.53
CA TYR A 54 21.79 62.42 -119.95
C TYR A 54 21.74 60.93 -120.22
N LYS A 55 22.32 60.52 -121.35
CA LYS A 55 22.32 59.13 -121.77
C LYS A 55 23.74 58.59 -121.68
N CYS A 56 23.93 57.53 -120.88
CA CYS A 56 25.25 56.95 -120.71
C CYS A 56 25.63 56.15 -121.95
N VAL A 57 26.91 56.23 -122.31
CA VAL A 57 27.49 55.42 -123.38
C VAL A 57 28.67 54.65 -122.80
N ASN A 58 28.68 53.34 -123.01
CA ASN A 58 29.72 52.47 -122.46
C ASN A 58 30.98 52.51 -123.33
N LEU A 59 31.53 53.71 -123.47
CA LEU A 59 32.72 53.93 -124.28
C LEU A 59 33.69 54.83 -123.53
N SER A 60 34.95 54.44 -123.48
CA SER A 60 35.98 55.22 -122.82
C SER A 60 36.72 56.10 -123.82
N ILE A 61 37.63 56.92 -123.32
CA ILE A 61 38.42 57.79 -124.18
C ILE A 61 39.80 57.23 -124.49
N LYS A 62 40.16 56.08 -123.92
CA LYS A 62 41.47 55.50 -124.21
C LYS A 62 41.57 54.96 -125.63
N ASP A 63 40.45 54.51 -126.20
CA ASP A 63 40.47 53.92 -127.52
C ASP A 63 40.18 54.92 -128.64
N ILE A 64 39.48 56.01 -128.34
CA ILE A 64 39.24 57.03 -129.37
C ILE A 64 40.56 57.65 -129.80
N LEU A 65 41.50 57.81 -128.88
CA LEU A 65 42.88 58.10 -129.19
C LEU A 65 43.64 56.78 -129.41
N GLU A 66 44.71 56.86 -130.22
CA GLU A 66 45.25 55.64 -130.80
C GLU A 66 46.05 54.77 -129.81
N PRO A 67 47.04 55.30 -129.07
CA PRO A 67 48.00 54.38 -128.44
C PRO A 67 47.54 53.78 -127.12
N ASP A 68 46.27 53.35 -127.04
CA ASP A 68 45.77 52.47 -125.98
C ASP A 68 46.20 52.95 -124.59
N ALA A 69 45.64 54.10 -124.20
CA ALA A 69 46.06 54.78 -122.97
C ALA A 69 45.97 53.89 -121.74
N ALA A 70 44.75 53.52 -121.34
CA ALA A 70 44.50 52.73 -120.13
C ALA A 70 45.22 53.34 -118.92
N GLU A 71 45.11 54.66 -118.78
CA GLU A 71 45.80 55.42 -117.73
C GLU A 71 44.79 56.25 -116.95
N PRO A 72 44.16 55.67 -115.94
CA PRO A 72 43.29 56.48 -115.05
C PRO A 72 44.11 57.28 -114.06
N ASP A 73 43.63 58.49 -113.76
CA ASP A 73 44.34 59.36 -112.83
C ASP A 73 43.46 59.71 -111.64
N VAL A 74 42.81 58.70 -111.06
CA VAL A 74 41.96 58.90 -109.89
C VAL A 74 42.84 59.05 -108.66
N GLN A 75 42.70 60.18 -107.96
CA GLN A 75 43.46 60.44 -106.74
C GLN A 75 42.61 60.96 -105.59
N ARG A 76 41.42 61.49 -105.87
CA ARG A 76 40.56 62.03 -104.83
C ARG A 76 39.89 60.89 -104.05
N GLY A 77 39.76 61.09 -102.74
CA GLY A 77 39.10 60.11 -101.91
C GLY A 77 38.81 60.57 -100.49
N ARG A 78 37.57 60.39 -100.06
CA ARG A 78 37.15 60.69 -98.69
C ARG A 78 36.05 59.71 -98.30
N SER A 79 35.60 59.80 -97.05
CA SER A 79 34.60 58.87 -96.52
C SER A 79 33.61 59.64 -95.65
N PHE A 80 32.48 60.03 -96.24
CA PHE A 80 31.38 60.62 -95.50
C PHE A 80 30.40 59.51 -95.13
N HIS A 81 30.14 59.36 -93.83
CA HIS A 81 29.20 58.37 -93.34
C HIS A 81 27.85 59.05 -93.08
N PHE A 82 26.79 58.43 -93.58
CA PHE A 82 25.45 59.03 -93.52
C PHE A 82 24.46 58.00 -93.01
N TYR A 83 23.48 58.48 -92.24
CA TYR A 83 22.42 57.65 -91.68
C TYR A 83 21.19 58.51 -91.47
N ASP A 84 20.02 57.89 -91.50
CA ASP A 84 18.77 58.58 -91.22
C ASP A 84 17.65 57.56 -91.04
N ALA A 85 16.47 58.08 -90.69
CA ALA A 85 15.28 57.28 -90.54
C ALA A 85 14.07 58.21 -90.64
N MET A 86 12.90 57.62 -90.88
CA MET A 86 11.69 58.43 -91.04
C MET A 86 10.48 57.52 -90.94
N ASP A 87 9.42 58.02 -90.31
CA ASP A 87 8.13 57.34 -90.25
C ASP A 87 7.02 58.36 -90.10
N GLY A 88 5.80 57.97 -90.42
CA GLY A 88 4.67 58.87 -90.33
C GLY A 88 3.38 58.10 -90.28
N GLN A 89 2.29 58.81 -89.96
CA GLN A 89 0.98 58.20 -89.86
C GLN A 89 -0.07 59.29 -89.90
N ILE A 90 -0.98 59.22 -90.87
CA ILE A 90 -2.14 60.10 -90.94
C ILE A 90 -3.40 59.24 -90.95
N GLN A 91 -4.53 59.87 -90.67
CA GLN A 91 -5.80 59.16 -90.71
C GLN A 91 -6.93 60.18 -90.84
N GLY A 92 -8.16 59.70 -90.68
CA GLY A 92 -9.32 60.56 -90.78
C GLY A 92 -10.56 59.83 -90.33
N SER A 93 -11.57 60.62 -89.96
CA SER A 93 -12.84 60.09 -89.48
C SER A 93 -13.93 61.11 -89.71
N VAL A 94 -15.04 60.67 -90.29
CA VAL A 94 -16.17 61.53 -90.60
C VAL A 94 -17.45 60.71 -90.43
N GLU A 95 -18.38 61.21 -89.61
CA GLU A 95 -19.72 60.66 -89.53
C GLU A 95 -20.65 61.74 -90.10
N LEU A 96 -21.22 61.44 -91.27
CA LEU A 96 -21.94 62.42 -92.06
C LEU A 96 -23.40 62.01 -92.21
N ALA A 97 -24.31 62.95 -91.97
CA ALA A 97 -25.74 62.67 -92.08
C ALA A 97 -26.54 63.71 -92.86
N ALA A 98 -26.12 64.98 -92.91
CA ALA A 98 -26.97 66.02 -93.48
C ALA A 98 -26.98 66.04 -95.01
N PRO A 99 -25.79 66.15 -95.72
CA PRO A 99 -25.81 66.37 -97.17
C PRO A 99 -26.20 65.13 -97.98
N GLY A 100 -27.42 64.66 -97.76
CA GLY A 100 -27.92 63.52 -98.51
C GLY A 100 -28.98 62.73 -97.78
N GLN A 101 -28.86 61.40 -97.83
CA GLN A 101 -29.78 60.51 -97.14
C GLN A 101 -29.03 59.44 -96.35
N ALA A 102 -27.74 59.64 -96.13
CA ALA A 102 -26.86 58.61 -95.58
C ALA A 102 -26.48 58.94 -94.14
N LYS A 103 -26.05 57.90 -93.43
CA LYS A 103 -25.38 58.02 -92.13
C LYS A 103 -24.03 57.32 -92.30
N ILE A 104 -23.05 58.06 -92.81
CA ILE A 104 -21.75 57.50 -93.16
C ILE A 104 -20.92 57.35 -91.89
N ALA A 105 -20.27 56.20 -91.74
CA ALA A 105 -19.32 55.95 -90.66
C ALA A 105 -18.10 55.25 -91.24
N GLY A 106 -17.13 56.03 -91.69
CA GLY A 106 -15.95 55.49 -92.32
C GLY A 106 -14.69 56.18 -91.84
N GLY A 107 -13.56 55.66 -92.29
CA GLY A 107 -12.26 56.20 -91.90
C GLY A 107 -11.18 55.76 -92.85
N ALA A 108 -9.96 56.23 -92.58
CA ALA A 108 -8.81 55.91 -93.40
C ALA A 108 -7.56 55.97 -92.53
N ALA A 109 -6.47 55.43 -93.05
CA ALA A 109 -5.20 55.42 -92.33
C ALA A 109 -4.06 55.14 -93.32
N VAL A 110 -3.00 55.93 -93.23
CA VAL A 110 -1.81 55.77 -94.06
C VAL A 110 -0.59 55.81 -93.15
N SER A 111 0.33 54.86 -93.34
CA SER A 111 1.56 54.81 -92.57
C SER A 111 2.68 54.25 -93.45
N ASP A 112 3.90 54.69 -93.16
CA ASP A 112 5.07 54.23 -93.90
C ASP A 112 6.33 54.50 -93.09
N SER A 113 7.46 54.03 -93.61
CA SER A 113 8.74 54.22 -92.95
C SER A 113 9.85 54.15 -93.99
N SER A 114 11.08 54.39 -93.53
CA SER A 114 12.25 54.33 -94.40
C SER A 114 13.50 54.18 -93.53
N SER A 115 14.61 53.86 -94.19
CA SER A 115 15.90 53.75 -93.53
C SER A 115 16.99 53.83 -94.58
N THR A 116 18.19 54.20 -94.14
CA THR A 116 19.35 54.29 -95.03
C THR A 116 20.61 54.43 -94.20
N SER A 117 21.65 53.69 -94.57
CA SER A 117 22.98 53.84 -94.01
C SER A 117 23.99 53.55 -95.11
N MET A 118 24.85 54.53 -95.38
CA MET A 118 25.68 54.46 -96.58
C MET A 118 26.91 55.35 -96.42
N ASN A 119 27.89 55.12 -97.28
CA ASN A 119 29.15 55.84 -97.31
C ASN A 119 29.38 56.41 -98.70
N VAL A 120 30.38 57.29 -98.82
CA VAL A 120 30.59 58.06 -100.04
C VAL A 120 32.09 58.21 -100.30
N TYR A 121 32.50 57.87 -101.52
CA TYR A 121 33.76 58.31 -102.12
C TYR A 121 33.50 59.45 -103.10
N SER A 122 34.58 60.03 -103.61
CA SER A 122 34.50 61.03 -104.66
C SER A 122 35.78 60.96 -105.46
N LEU A 123 35.65 60.65 -106.75
CA LEU A 123 36.78 60.53 -107.65
C LEU A 123 36.70 61.64 -108.70
N SER A 124 37.86 62.16 -109.09
CA SER A 124 37.91 63.26 -110.04
C SER A 124 39.13 63.10 -110.92
N VAL A 125 39.23 63.96 -111.93
CA VAL A 125 40.36 63.98 -112.86
C VAL A 125 40.87 65.41 -112.96
N ASP A 126 42.18 65.57 -112.84
CA ASP A 126 42.77 66.91 -112.80
C ASP A 126 42.82 67.52 -114.20
N PRO A 127 42.56 68.82 -114.33
CA PRO A 127 42.68 69.47 -115.64
C PRO A 127 44.08 69.41 -116.23
N ASN A 128 45.12 69.38 -115.40
CA ASN A 128 46.47 69.22 -115.92
C ASN A 128 46.66 67.89 -116.61
N THR A 129 46.06 66.82 -116.09
CA THR A 129 46.06 65.55 -116.79
C THR A 129 45.35 65.66 -118.14
N TRP A 130 44.26 66.42 -118.20
CA TRP A 130 43.61 66.66 -119.48
C TRP A 130 44.55 67.37 -120.45
N GLN A 131 45.29 68.36 -119.96
CA GLN A 131 46.26 69.07 -120.80
C GLN A 131 47.33 68.14 -121.34
N THR A 132 47.92 67.32 -120.48
CA THR A 132 48.93 66.37 -120.93
C THR A 132 48.33 65.37 -121.92
N LEU A 133 47.12 64.88 -121.64
CA LEU A 133 46.46 63.94 -122.53
C LEU A 133 46.23 64.53 -123.91
N LEU A 134 45.78 65.78 -123.96
CA LEU A 134 45.49 66.40 -125.25
C LEU A 134 46.76 66.68 -126.04
N HIS A 135 47.76 67.29 -125.40
CA HIS A 135 48.96 67.68 -126.14
C HIS A 135 49.94 66.55 -126.38
N GLU A 136 49.82 65.43 -125.67
CA GLU A 136 50.70 64.30 -125.95
C GLU A 136 50.28 63.57 -127.22
N ARG A 137 49.00 63.22 -127.32
CA ARG A 137 48.49 62.34 -128.35
C ARG A 137 47.19 62.89 -128.94
N HIS A 138 46.88 62.47 -130.16
CA HIS A 138 45.80 63.04 -130.94
C HIS A 138 44.73 61.99 -131.24
N LEU A 139 43.79 62.36 -132.10
CA LEU A 139 42.62 61.55 -132.37
C LEU A 139 42.84 60.63 -133.57
N ARG A 140 42.25 59.43 -133.49
CA ARG A 140 42.12 58.54 -134.66
C ARG A 140 41.02 59.11 -135.54
N GLN A 141 41.40 59.96 -136.49
CA GLN A 141 40.42 60.57 -137.38
C GLN A 141 39.65 59.57 -138.24
N PRO A 142 40.22 58.37 -138.63
CA PRO A 142 39.40 57.35 -139.30
C PRO A 142 38.67 56.44 -138.31
N GLU A 143 38.08 57.03 -137.29
CA GLU A 143 37.31 56.29 -136.29
C GLU A 143 35.97 57.02 -136.10
N HIS A 144 34.97 56.60 -136.86
CA HIS A 144 33.63 57.15 -136.72
C HIS A 144 32.53 56.11 -136.76
N LYS A 145 32.86 54.82 -136.86
CA LYS A 145 31.83 53.79 -136.86
C LYS A 145 30.98 53.87 -135.59
N VAL A 146 31.55 54.37 -134.50
CA VAL A 146 30.77 54.71 -133.31
C VAL A 146 30.34 56.16 -133.29
N LEU A 147 30.93 57.02 -134.13
CA LEU A 147 30.68 58.45 -134.09
C LEU A 147 30.00 59.00 -135.34
N GLN A 148 30.09 58.32 -136.49
CA GLN A 148 29.47 58.85 -137.70
C GLN A 148 27.95 58.92 -137.56
N GLN A 149 27.34 57.89 -136.98
CA GLN A 149 25.92 58.00 -136.64
C GLN A 149 25.69 59.08 -135.61
N LEU A 150 26.58 59.20 -134.62
CA LEU A 150 26.50 60.32 -133.68
C LEU A 150 26.69 61.65 -134.40
N ARG A 151 27.53 61.68 -135.44
CA ARG A 151 27.65 62.88 -136.26
C ARG A 151 26.33 63.20 -136.97
N SER A 152 25.64 62.18 -137.46
CA SER A 152 24.33 62.39 -138.07
C SER A 152 23.33 62.93 -137.05
N ARG A 153 23.33 62.39 -135.84
CA ARG A 153 22.52 62.97 -134.77
C ARG A 153 22.95 64.40 -134.46
N GLY A 154 24.26 64.63 -134.42
CA GLY A 154 24.79 65.92 -134.05
C GLY A 154 24.74 66.23 -132.58
N ASP A 155 24.41 65.25 -131.73
CA ASP A 155 24.28 65.49 -130.31
C ASP A 155 25.64 65.81 -129.69
N ASN A 156 25.63 66.72 -128.73
CA ASN A 156 26.85 67.05 -128.00
C ASN A 156 27.28 65.87 -127.13
N VAL A 157 28.54 65.49 -127.24
CA VAL A 157 29.10 64.35 -126.51
C VAL A 157 29.98 64.88 -125.39
N TYR A 158 29.86 64.29 -124.21
CA TYR A 158 30.51 64.76 -123.01
C TYR A 158 31.37 63.65 -122.42
N VAL A 159 32.24 64.02 -121.49
CA VAL A 159 33.04 63.06 -120.73
C VAL A 159 32.65 63.18 -119.26
N VAL A 160 33.04 62.17 -118.49
CA VAL A 160 32.77 62.14 -117.05
C VAL A 160 34.04 62.58 -116.33
N THR A 161 33.92 63.64 -115.52
CA THR A 161 35.04 64.19 -114.80
C THR A 161 34.99 63.94 -113.30
N GLU A 162 33.86 63.46 -112.77
CA GLU A 162 33.72 63.22 -111.34
C GLU A 162 32.64 62.17 -111.13
N VAL A 163 32.86 61.33 -110.12
CA VAL A 163 31.89 60.29 -109.76
C VAL A 163 31.82 60.21 -108.24
N LEU A 164 30.63 59.89 -107.72
CA LEU A 164 30.40 59.72 -106.29
C LEU A 164 29.80 58.33 -106.09
N GLN A 165 30.47 57.49 -105.30
CA GLN A 165 30.09 56.09 -105.16
C GLN A 165 30.15 55.65 -103.70
N THR A 166 29.51 54.51 -103.44
CA THR A 166 29.41 53.93 -102.10
C THR A 166 30.31 52.71 -102.01
N GLN A 167 30.98 52.54 -100.87
CA GLN A 167 31.88 51.41 -100.64
C GLN A 167 31.43 50.66 -99.38
N LYS A 168 30.42 49.81 -99.54
CA LYS A 168 29.76 48.94 -98.56
C LYS A 168 28.62 48.21 -99.24
N GLU A 169 28.02 47.27 -98.52
CA GLU A 169 26.73 46.70 -98.90
C GLU A 169 25.65 47.57 -98.27
N VAL A 170 25.26 48.63 -98.96
CA VAL A 170 24.31 49.59 -98.45
C VAL A 170 22.92 49.15 -98.84
N GLU A 171 21.94 49.50 -98.01
CA GLU A 171 20.59 48.96 -98.17
C GLU A 171 19.56 49.97 -97.70
N VAL A 172 18.34 49.80 -98.21
CA VAL A 172 17.18 50.60 -97.81
C VAL A 172 16.00 49.66 -97.64
N THR A 173 15.16 49.94 -96.64
CA THR A 173 13.97 49.12 -96.35
C THR A 173 12.78 50.06 -96.15
N ARG A 174 11.94 50.16 -97.18
CA ARG A 174 10.71 50.94 -97.11
C ARG A 174 9.53 50.05 -96.76
N THR A 175 8.45 50.67 -96.28
CA THR A 175 7.20 49.99 -96.00
C THR A 175 6.04 50.91 -96.37
N HIS A 176 4.82 50.39 -96.28
CA HIS A 176 3.65 51.16 -96.68
C HIS A 176 2.40 50.46 -96.17
N LYS A 177 1.49 51.24 -95.59
CA LYS A 177 0.19 50.73 -95.16
C LYS A 177 -0.87 51.72 -95.63
N ARG A 178 -1.94 51.21 -96.23
CA ARG A 178 -3.09 52.02 -96.62
C ARG A 178 -4.34 51.29 -96.15
N GLU A 179 -5.01 51.85 -95.15
CA GLU A 179 -6.16 51.21 -94.50
C GLU A 179 -7.38 52.10 -94.67
N GLY A 180 -8.27 51.71 -95.58
CA GLY A 180 -9.51 52.43 -95.80
C GLY A 180 -10.69 51.63 -95.30
N SER A 181 -11.71 52.34 -94.83
CA SER A 181 -12.91 51.70 -94.31
C SER A 181 -14.12 52.59 -94.56
N GLY A 182 -15.30 51.99 -94.55
CA GLY A 182 -16.53 52.74 -94.73
C GLY A 182 -17.77 51.94 -94.41
N ARG A 183 -18.67 52.50 -93.61
CA ARG A 183 -19.94 51.88 -93.27
C ARG A 183 -21.05 52.87 -93.54
N PHE A 184 -21.98 52.50 -94.43
CA PHE A 184 -22.96 53.43 -94.98
C PHE A 184 -24.35 52.99 -94.57
N SER A 185 -25.05 53.84 -93.80
CA SER A 185 -26.47 53.66 -93.51
C SER A 185 -27.21 54.73 -94.32
N LEU A 186 -27.56 54.37 -95.56
CA LEU A 186 -28.18 55.31 -96.49
C LEU A 186 -29.53 54.78 -96.95
N PRO A 187 -30.61 55.15 -96.27
CA PRO A 187 -31.95 54.85 -96.80
C PRO A 187 -32.27 55.74 -98.00
N GLY A 188 -32.23 55.17 -99.21
CA GLY A 188 -32.48 55.94 -100.41
C GLY A 188 -33.31 55.22 -101.44
N ALA A 189 -32.84 55.21 -102.68
CA ALA A 189 -33.55 54.58 -103.79
C ALA A 189 -32.93 53.28 -104.27
N THR A 190 -31.59 53.18 -104.25
CA THR A 190 -30.91 52.01 -104.74
C THR A 190 -30.31 51.12 -103.66
N CYS A 191 -30.02 51.66 -102.47
CA CYS A 191 -29.42 50.89 -101.40
C CYS A 191 -30.03 51.32 -100.07
N GLU A 192 -29.90 50.45 -99.07
CA GLU A 192 -30.33 50.74 -97.72
C GLU A 192 -29.18 50.67 -96.73
N GLN A 193 -28.37 49.61 -96.77
CA GLN A 193 -27.23 49.43 -95.89
C GLN A 193 -26.04 48.97 -96.73
N GLY A 194 -24.86 49.45 -96.37
CA GLY A 194 -23.66 49.10 -97.11
C GLY A 194 -22.41 49.23 -96.27
N GLU A 195 -21.42 48.42 -96.61
CA GLU A 195 -20.11 48.46 -95.99
C GLU A 195 -19.04 48.27 -97.05
N GLY A 196 -17.97 49.06 -96.95
CA GLY A 196 -16.85 48.92 -97.86
C GLY A 196 -15.52 49.25 -97.20
N GLN A 197 -14.58 48.30 -97.27
CA GLN A 197 -13.27 48.53 -96.68
C GLN A 197 -12.25 47.68 -97.42
N GLY A 198 -10.99 48.13 -97.38
CA GLY A 198 -9.90 47.40 -97.98
C GLY A 198 -8.55 47.96 -97.60
N HIS A 199 -7.63 47.10 -97.15
CA HIS A 199 -6.30 47.53 -96.76
C HIS A 199 -5.26 46.62 -97.39
N LEU A 200 -4.11 47.19 -97.72
CA LEU A 200 -3.01 46.42 -98.29
C LEU A 200 -1.69 46.97 -97.77
N SER A 201 -0.85 46.09 -97.27
CA SER A 201 0.49 46.47 -96.86
C SER A 201 1.45 46.32 -98.04
N GLN A 202 2.68 46.78 -97.84
CA GLN A 202 3.69 46.74 -98.89
C GLN A 202 5.04 47.08 -98.28
N LYS A 203 6.09 46.51 -98.85
CA LYS A 203 7.46 46.79 -98.42
C LYS A 203 8.42 46.31 -99.49
N LYS A 204 9.69 46.63 -99.30
CA LYS A 204 10.74 46.19 -100.21
C LYS A 204 12.09 46.37 -99.53
N THR A 205 13.13 45.83 -100.17
CA THR A 205 14.48 45.90 -99.62
C THR A 205 15.46 45.76 -100.78
N VAL A 206 16.24 46.80 -101.04
CA VAL A 206 17.24 46.80 -102.10
C VAL A 206 18.61 47.01 -101.49
N THR A 207 19.59 46.26 -101.97
CA THR A 207 20.96 46.38 -101.51
C THR A 207 21.85 46.78 -102.68
N ILE A 208 22.51 47.93 -102.55
CA ILE A 208 23.40 48.45 -103.59
C ILE A 208 24.82 48.00 -103.29
N PRO A 209 25.51 47.38 -104.25
CA PRO A 209 26.87 46.89 -104.00
C PRO A 209 27.89 48.02 -104.00
N SER A 210 29.09 47.69 -103.55
CA SER A 210 30.16 48.68 -103.44
C SER A 210 30.59 49.16 -104.82
N GLY A 211 30.83 50.46 -104.93
CA GLY A 211 31.30 51.05 -106.17
C GLY A 211 30.22 51.28 -107.20
N SER A 212 29.16 51.98 -106.81
CA SER A 212 28.07 52.33 -107.71
C SER A 212 27.95 53.84 -107.75
N THR A 213 27.98 54.42 -108.96
CA THR A 213 27.96 55.86 -109.11
C THR A 213 26.59 56.42 -108.73
N LEU A 214 26.60 57.54 -107.99
CA LEU A 214 25.38 58.24 -107.62
C LEU A 214 25.16 59.51 -108.43
N ALA A 215 26.22 60.28 -108.69
CA ALA A 215 26.12 61.50 -109.47
C ALA A 215 27.40 61.68 -110.26
N PHE A 216 27.40 62.66 -111.15
CA PHE A 216 28.57 62.90 -112.01
C PHE A 216 28.54 64.32 -112.51
N ARG A 217 29.71 64.77 -112.98
CA ARG A 217 29.86 66.06 -113.64
C ARG A 217 30.49 65.83 -115.01
N VAL A 218 30.14 66.70 -115.95
CA VAL A 218 30.51 66.51 -117.35
C VAL A 218 31.46 67.63 -117.78
N ALA A 219 32.22 67.34 -118.84
CA ALA A 219 33.12 68.31 -119.44
C ALA A 219 33.00 68.17 -120.95
N GLN A 220 32.32 69.12 -121.58
CA GLN A 220 32.02 69.04 -123.00
C GLN A 220 33.29 69.07 -123.85
N LEU A 221 33.27 68.30 -124.93
CA LEU A 221 34.32 68.32 -125.93
C LEU A 221 33.73 68.72 -127.28
N VAL A 222 34.59 69.16 -128.18
CA VAL A 222 34.19 69.65 -129.49
C VAL A 222 34.92 68.86 -130.57
N ILE A 223 34.17 68.42 -131.58
CA ILE A 223 34.73 67.68 -132.72
C ILE A 223 34.31 68.43 -133.98
N ASP A 224 35.18 69.31 -134.46
CA ASP A 224 34.99 69.91 -135.78
C ASP A 224 36.00 69.36 -136.79
N SER A 225 37.27 69.38 -136.43
CA SER A 225 38.33 68.71 -137.18
C SER A 225 39.20 67.83 -136.29
N ASP A 226 39.40 68.22 -135.03
CA ASP A 226 40.20 67.46 -134.08
C ASP A 226 39.57 67.61 -132.71
N LEU A 227 40.08 66.86 -131.74
CA LEU A 227 39.48 66.81 -130.41
C LEU A 227 40.00 67.95 -129.54
N ASP A 228 39.11 68.48 -128.71
CA ASP A 228 39.45 69.51 -127.75
C ASP A 228 38.37 69.53 -126.67
N VAL A 229 38.80 69.60 -125.41
CA VAL A 229 37.89 69.50 -124.27
C VAL A 229 37.74 70.89 -123.64
N LEU A 230 36.48 71.31 -123.50
CA LEU A 230 36.15 72.56 -122.80
C LEU A 230 35.62 72.18 -121.42
N LEU A 231 36.36 72.53 -120.37
CA LEU A 231 36.05 72.07 -119.03
C LEU A 231 34.71 72.59 -118.52
N PHE A 232 34.26 73.76 -118.99
CA PHE A 232 32.98 74.34 -118.56
C PHE A 232 32.51 75.33 -119.60
N PRO A 233 32.09 74.83 -120.77
CA PRO A 233 31.76 75.75 -121.88
C PRO A 233 30.41 76.42 -121.70
N ASP A 234 30.00 77.19 -122.70
CA ASP A 234 28.74 77.91 -122.68
C ASP A 234 27.66 77.10 -123.38
N LYS A 235 26.41 77.53 -123.17
CA LYS A 235 25.28 76.85 -123.78
C LYS A 235 25.28 77.13 -125.28
N LYS A 236 24.64 76.23 -126.05
CA LYS A 236 24.65 76.29 -127.51
C LYS A 236 26.07 76.21 -128.06
N GLN A 237 26.90 75.38 -127.44
CA GLN A 237 28.24 75.07 -127.94
C GLN A 237 28.14 73.73 -128.66
N ARG A 238 27.92 73.78 -129.98
CA ARG A 238 27.68 72.57 -130.75
C ARG A 238 28.99 71.83 -130.98
N THR A 239 28.99 70.54 -130.64
CA THR A 239 30.20 69.73 -130.79
C THR A 239 30.60 69.59 -132.25
N PHE A 240 29.64 69.28 -133.12
CA PHE A 240 29.89 69.08 -134.53
C PHE A 240 29.57 70.36 -135.30
N GLN A 241 29.61 70.28 -136.63
CA GLN A 241 29.32 71.44 -137.47
C GLN A 241 27.92 71.34 -138.06
N SER B 3 -0.36 35.40 -113.82
CA SER B 3 0.73 34.77 -114.57
C SER B 3 1.95 34.57 -113.69
N ALA B 4 2.02 35.34 -112.60
CA ALA B 4 3.09 35.24 -111.60
C ALA B 4 4.45 35.60 -112.18
N PHE B 5 4.48 36.02 -113.45
CA PHE B 5 5.72 36.32 -114.15
C PHE B 5 5.82 37.78 -114.56
N GLU B 6 4.81 38.31 -115.24
CA GLU B 6 4.81 39.73 -115.55
C GLU B 6 4.68 40.59 -114.30
N ARG B 7 4.15 40.03 -113.21
CA ARG B 7 4.13 40.74 -111.94
C ARG B 7 5.55 41.09 -111.49
N VAL B 8 6.36 40.06 -111.28
CA VAL B 8 7.72 40.28 -110.78
C VAL B 8 8.59 40.98 -111.82
N VAL B 9 8.42 40.66 -113.10
CA VAL B 9 9.20 41.33 -114.13
C VAL B 9 8.85 42.82 -114.18
N ARG B 10 7.57 43.15 -114.12
CA ARG B 10 7.16 44.54 -114.09
C ARG B 10 7.69 45.25 -112.85
N ARG B 11 7.68 44.54 -111.71
CA ARG B 11 8.25 45.13 -110.49
C ARG B 11 9.74 45.42 -110.65
N VAL B 12 10.48 44.48 -111.24
CA VAL B 12 11.91 44.68 -111.45
C VAL B 12 12.17 45.86 -112.37
N VAL B 13 11.42 45.97 -113.48
CA VAL B 13 11.59 47.11 -114.36
C VAL B 13 11.19 48.42 -113.69
N GLN B 14 10.10 48.41 -112.91
CA GLN B 14 9.68 49.59 -112.17
C GLN B 14 10.68 49.99 -111.09
N GLU B 15 11.51 49.06 -110.62
CA GLU B 15 12.59 49.38 -109.70
C GLU B 15 13.70 50.18 -110.35
N LEU B 16 13.54 50.54 -111.64
CA LEU B 16 14.45 51.43 -112.33
C LEU B 16 13.82 52.78 -112.65
N ASP B 17 12.58 53.02 -112.21
CA ASP B 17 11.84 54.25 -112.51
C ASP B 17 11.83 54.54 -114.01
N HIS B 18 11.49 53.52 -114.79
CA HIS B 18 11.42 53.63 -116.25
C HIS B 18 12.77 54.03 -116.85
N GLY B 19 13.85 53.74 -116.14
CA GLY B 19 15.18 54.07 -116.61
C GLY B 19 15.78 53.02 -117.52
N GLY B 20 16.29 53.44 -118.67
CA GLY B 20 16.83 52.52 -119.64
C GLY B 20 15.74 51.76 -120.40
N GLU B 21 16.07 51.39 -121.63
CA GLU B 21 15.10 50.69 -122.47
C GLU B 21 14.72 49.35 -121.86
N PHE B 22 15.68 48.42 -121.81
CA PHE B 22 15.52 47.10 -121.20
C PHE B 22 14.14 46.49 -121.52
N ILE B 23 13.93 46.27 -122.81
CA ILE B 23 12.71 45.63 -123.30
C ILE B 23 12.49 44.34 -122.53
N PRO B 24 11.46 44.26 -121.69
CA PRO B 24 11.29 43.09 -120.84
C PRO B 24 10.85 41.87 -121.63
N VAL B 25 11.17 40.70 -121.07
CA VAL B 25 10.78 39.43 -121.66
C VAL B 25 9.51 38.94 -120.98
N THR B 26 8.77 38.10 -121.68
CA THR B 26 7.52 37.56 -121.16
C THR B 26 7.51 36.04 -121.11
N SER B 27 8.24 35.39 -122.01
CA SER B 27 8.29 33.92 -122.05
C SER B 27 9.61 33.44 -121.48
N LEU B 28 9.53 32.62 -120.42
CA LEU B 28 10.74 32.01 -119.88
C LEU B 28 11.38 31.05 -120.87
N GLN B 29 10.62 30.56 -121.85
CA GLN B 29 11.23 29.81 -122.94
C GLN B 29 12.10 30.70 -123.80
N SER B 30 11.73 31.98 -123.94
CA SER B 30 12.54 32.96 -124.65
C SER B 30 13.53 33.66 -123.74
N SER B 31 13.42 33.48 -122.42
CA SER B 31 14.40 34.06 -121.51
C SER B 31 15.79 33.48 -121.74
N THR B 32 15.87 32.17 -121.97
CA THR B 32 17.16 31.54 -122.24
C THR B 32 17.65 31.83 -123.66
N GLY B 33 16.75 32.17 -124.58
CA GLY B 33 17.16 32.48 -125.93
C GLY B 33 17.71 33.88 -126.11
N PHE B 34 17.54 34.75 -125.12
CA PHE B 34 18.02 36.12 -125.20
C PHE B 34 19.37 36.20 -124.51
N GLN B 35 20.42 35.95 -125.28
CA GLN B 35 21.81 36.02 -124.81
C GLN B 35 22.54 37.07 -125.62
N PRO B 36 23.71 37.55 -125.17
CA PRO B 36 24.46 38.51 -125.97
C PRO B 36 24.86 37.92 -127.32
N TYR B 37 24.98 38.80 -128.31
CA TYR B 37 25.33 38.45 -129.69
C TYR B 37 24.25 37.64 -130.39
N CYS B 38 23.06 37.56 -129.81
CA CYS B 38 21.95 36.84 -130.42
C CYS B 38 21.12 37.77 -131.29
N LEU B 39 20.41 37.18 -132.26
CA LEU B 39 19.59 37.95 -133.19
C LEU B 39 18.13 37.91 -132.77
N VAL B 40 17.47 39.05 -132.85
CA VAL B 40 16.02 39.15 -132.64
C VAL B 40 15.42 39.85 -133.84
N VAL B 41 14.23 39.40 -134.24
CA VAL B 41 13.58 39.85 -135.45
C VAL B 41 12.30 40.58 -135.07
N ARG B 42 12.10 41.77 -135.65
CA ARG B 42 10.93 42.60 -135.37
C ARG B 42 10.38 43.14 -136.68
N LYS B 43 9.07 42.99 -136.86
CA LYS B 43 8.38 43.59 -138.00
C LYS B 43 8.18 45.08 -137.75
N PRO B 44 8.00 45.86 -138.81
CA PRO B 44 7.72 47.29 -138.64
C PRO B 44 6.42 47.53 -137.89
N SER B 45 6.39 48.64 -137.16
CA SER B 45 5.22 49.03 -136.39
C SER B 45 4.02 49.26 -137.32
N SER B 46 2.83 48.96 -136.81
CA SER B 46 1.64 48.98 -137.68
C SER B 46 1.23 50.42 -137.99
N SER B 47 0.74 51.16 -137.00
CA SER B 47 0.61 52.61 -137.14
C SER B 47 1.37 53.36 -136.05
N TRP B 48 0.93 53.28 -134.80
CA TRP B 48 1.68 53.87 -133.69
C TRP B 48 1.73 52.98 -132.46
N PHE B 49 0.62 52.29 -132.17
CA PHE B 49 0.44 51.63 -130.89
C PHE B 49 0.32 50.12 -130.96
N TRP B 50 0.07 49.55 -132.15
CA TRP B 50 0.14 48.10 -132.32
C TRP B 50 1.61 47.72 -132.35
N LYS B 51 2.23 47.78 -131.17
CA LYS B 51 3.68 47.61 -131.06
C LYS B 51 4.06 46.18 -131.47
N PRO B 52 4.92 46.01 -132.47
CA PRO B 52 5.35 44.66 -132.86
C PRO B 52 6.20 44.04 -131.78
N ARG B 53 5.69 42.97 -131.17
CA ARG B 53 6.41 42.28 -130.11
C ARG B 53 7.66 41.61 -130.67
N TYR B 54 8.74 41.68 -129.89
CA TYR B 54 10.00 41.06 -130.28
C TYR B 54 9.87 39.55 -130.21
N LYS B 55 10.33 38.87 -131.26
CA LYS B 55 10.32 37.41 -131.31
C LYS B 55 11.76 36.92 -131.29
N CYS B 56 12.08 36.07 -130.32
CA CYS B 56 13.45 35.60 -130.14
C CYS B 56 13.86 34.67 -131.27
N VAL B 57 15.12 34.77 -131.66
CA VAL B 57 15.73 33.85 -132.63
C VAL B 57 17.01 33.30 -132.01
N ASN B 58 17.14 31.98 -131.99
CA ASN B 58 18.31 31.33 -131.41
C ASN B 58 19.44 31.25 -132.44
N LEU B 59 19.93 32.43 -132.82
CA LEU B 59 20.95 32.56 -133.84
C LEU B 59 21.98 33.58 -133.38
N SER B 60 23.27 33.24 -133.52
CA SER B 60 24.34 34.12 -133.12
C SER B 60 24.93 34.84 -134.34
N ILE B 61 25.88 35.74 -134.08
CA ILE B 61 26.50 36.48 -135.17
C ILE B 61 27.85 35.89 -135.61
N LYS B 62 28.44 35.01 -134.80
CA LYS B 62 29.72 34.42 -135.16
C LYS B 62 29.63 33.58 -136.43
N ASP B 63 28.56 32.80 -136.57
CA ASP B 63 28.37 32.00 -137.78
C ASP B 63 28.06 32.84 -139.01
N ILE B 64 27.41 33.99 -138.84
CA ILE B 64 27.21 34.91 -139.95
C ILE B 64 28.56 35.33 -140.52
N LEU B 65 29.51 35.66 -139.66
CA LEU B 65 30.89 35.87 -140.07
C LEU B 65 31.54 34.53 -140.41
N GLU B 66 32.63 34.60 -141.18
CA GLU B 66 33.21 33.34 -141.69
C GLU B 66 34.04 32.59 -140.65
N PRO B 67 35.01 33.22 -139.94
CA PRO B 67 35.96 32.40 -139.20
C PRO B 67 35.53 32.02 -137.78
N ASP B 68 34.26 31.66 -137.60
CA ASP B 68 33.77 30.97 -136.39
C ASP B 68 34.33 31.58 -135.11
N ALA B 69 33.92 32.82 -134.85
CA ALA B 69 34.49 33.61 -133.76
C ALA B 69 34.41 32.92 -132.41
N ALA B 70 33.19 32.72 -131.90
CA ALA B 70 32.98 32.19 -130.55
C ALA B 70 33.79 32.98 -129.52
N GLU B 71 33.68 34.31 -129.60
CA GLU B 71 34.47 35.23 -128.79
C GLU B 71 33.56 36.17 -128.03
N PRO B 72 33.02 35.75 -126.88
CA PRO B 72 32.24 36.67 -126.06
C PRO B 72 33.13 37.62 -125.28
N ASP B 73 32.64 38.86 -125.10
CA ASP B 73 33.41 39.87 -124.38
C ASP B 73 32.63 40.36 -123.16
N VAL B 74 32.07 39.44 -122.39
CA VAL B 74 31.33 39.79 -121.19
C VAL B 74 32.32 40.22 -120.11
N GLN B 75 32.13 41.43 -119.57
CA GLN B 75 33.00 41.94 -118.52
C GLN B 75 32.23 42.62 -117.38
N ARG B 76 30.96 42.94 -117.57
CA ARG B 76 30.17 43.63 -116.56
C ARG B 76 29.59 42.64 -115.57
N GLY B 77 29.56 43.04 -114.30
CA GLY B 77 28.89 42.25 -113.29
C GLY B 77 28.77 42.93 -111.95
N ARG B 78 27.55 42.98 -111.41
CA ARG B 78 27.28 43.49 -110.07
C ARG B 78 26.36 42.51 -109.36
N SER B 79 25.89 42.89 -108.18
CA SER B 79 25.00 42.04 -107.39
C SER B 79 24.04 42.92 -106.61
N PHE B 80 22.85 43.14 -107.17
CA PHE B 80 21.77 43.80 -106.46
C PHE B 80 20.83 42.75 -105.87
N HIS B 81 20.78 42.67 -104.55
CA HIS B 81 19.90 41.76 -103.85
C HIS B 81 18.60 42.49 -103.52
N PHE B 82 17.50 42.01 -104.08
CA PHE B 82 16.22 42.70 -104.01
C PHE B 82 15.18 41.79 -103.38
N TYR B 83 14.31 42.37 -102.56
CA TYR B 83 13.31 41.64 -101.82
C TYR B 83 12.09 42.52 -101.66
N ASP B 84 10.91 41.90 -101.59
CA ASP B 84 9.67 42.63 -101.34
C ASP B 84 8.58 41.63 -100.96
N ALA B 85 7.42 42.18 -100.58
CA ALA B 85 6.26 41.37 -100.21
C ALA B 85 5.02 42.23 -100.38
N MET B 86 3.86 41.61 -100.18
CA MET B 86 2.59 42.31 -100.34
C MET B 86 1.47 41.42 -99.82
N ASP B 87 0.37 42.04 -99.41
CA ASP B 87 -0.85 41.34 -99.04
C ASP B 87 -2.03 42.31 -99.16
N GLY B 88 -3.22 41.76 -99.24
CA GLY B 88 -4.42 42.58 -99.37
C GLY B 88 -5.60 41.92 -98.72
N GLN B 89 -6.64 42.73 -98.46
CA GLN B 89 -7.89 42.23 -97.90
C GLN B 89 -8.99 43.21 -98.23
N ILE B 90 -9.92 42.81 -99.08
CA ILE B 90 -11.06 43.64 -99.46
C ILE B 90 -12.33 42.84 -99.26
N GLN B 91 -13.35 43.50 -98.71
CA GLN B 91 -14.61 42.84 -98.40
C GLN B 91 -15.75 43.83 -98.58
N GLY B 92 -16.93 43.44 -98.11
CA GLY B 92 -18.09 44.30 -98.20
C GLY B 92 -19.32 43.60 -97.64
N SER B 93 -20.32 44.41 -97.31
CA SER B 93 -21.57 43.91 -96.78
C SER B 93 -22.68 44.88 -97.13
N VAL B 94 -23.85 44.33 -97.46
CA VAL B 94 -25.01 45.14 -97.88
C VAL B 94 -26.27 44.48 -97.33
N GLU B 95 -27.11 45.27 -96.67
CA GLU B 95 -28.43 44.85 -96.24
C GLU B 95 -29.44 45.67 -97.04
N LEU B 96 -29.91 45.12 -98.15
CA LEU B 96 -30.77 45.82 -99.09
C LEU B 96 -32.19 45.33 -98.97
N ALA B 97 -33.12 46.26 -98.74
CA ALA B 97 -34.54 45.92 -98.60
C ALA B 97 -35.48 46.78 -99.43
N ALA B 98 -35.14 48.02 -99.75
CA ALA B 98 -36.07 48.93 -100.40
C ALA B 98 -36.27 48.65 -101.90
N PRO B 99 -35.19 48.67 -102.75
CA PRO B 99 -35.38 48.66 -104.21
C PRO B 99 -35.81 47.30 -104.77
N GLY B 100 -36.99 46.85 -104.36
CA GLY B 100 -37.54 45.61 -104.88
C GLY B 100 -38.46 44.91 -103.90
N GLN B 101 -38.44 43.57 -103.92
CA GLN B 101 -39.19 42.77 -102.97
C GLN B 101 -38.27 41.87 -102.17
N ALA B 102 -37.01 42.26 -101.99
CA ALA B 102 -35.97 41.41 -101.44
C ALA B 102 -35.46 41.96 -100.12
N LYS B 103 -35.01 41.04 -99.26
CA LYS B 103 -34.25 41.36 -98.05
C LYS B 103 -32.89 40.67 -98.23
N ILE B 104 -31.97 41.36 -98.90
CA ILE B 104 -30.70 40.76 -99.29
C ILE B 104 -29.67 41.00 -98.19
N ALA B 105 -29.07 39.93 -97.69
CA ALA B 105 -28.00 40.00 -96.69
C ALA B 105 -26.85 39.13 -97.17
N GLY B 106 -25.92 39.73 -97.90
CA GLY B 106 -24.79 39.00 -98.44
C GLY B 106 -23.50 39.78 -98.28
N GLY B 107 -22.40 39.12 -98.60
CA GLY B 107 -21.08 39.72 -98.48
C GLY B 107 -20.08 39.04 -99.38
N ALA B 108 -18.89 39.64 -99.43
CA ALA B 108 -17.81 39.12 -100.27
C ALA B 108 -16.49 39.40 -99.55
N ALA B 109 -15.44 38.72 -100.01
CA ALA B 109 -14.12 38.86 -99.41
C ALA B 109 -13.06 38.40 -100.40
N VAL B 110 -12.05 39.23 -100.62
CA VAL B 110 -10.94 38.93 -101.52
C VAL B 110 -9.64 39.17 -100.76
N SER B 111 -8.71 38.23 -100.87
CA SER B 111 -7.41 38.35 -100.22
C SER B 111 -6.35 37.68 -101.09
N ASP B 112 -5.13 38.19 -101.00
CA ASP B 112 -4.01 37.66 -101.76
C ASP B 112 -2.70 38.10 -101.12
N SER B 113 -1.61 37.53 -101.61
CA SER B 113 -0.28 37.87 -101.11
C SER B 113 0.75 37.55 -102.17
N SER B 114 2.00 37.92 -101.89
CA SER B 114 3.10 37.65 -102.80
C SER B 114 4.41 37.79 -102.04
N SER B 115 5.49 37.30 -102.66
CA SER B 115 6.83 37.42 -102.11
C SER B 115 7.85 37.25 -103.22
N THR B 116 9.07 37.73 -102.97
CA THR B 116 10.15 37.62 -103.94
C THR B 116 11.47 37.95 -103.25
N SER B 117 12.50 37.15 -103.52
CA SER B 117 13.85 37.41 -103.06
C SER B 117 14.81 36.93 -104.13
N MET B 118 15.68 37.82 -104.61
CA MET B 118 16.44 37.55 -105.82
C MET B 118 17.68 38.42 -105.86
N ASN B 119 18.64 38.00 -106.68
CA ASN B 119 19.87 38.73 -106.93
C ASN B 119 20.00 39.00 -108.42
N VAL B 120 20.46 40.20 -108.75
CA VAL B 120 20.46 40.67 -110.13
C VAL B 120 21.89 41.01 -110.55
N TYR B 121 22.34 40.39 -111.63
CA TYR B 121 23.59 40.72 -112.30
C TYR B 121 23.28 41.48 -113.59
N SER B 122 24.33 41.78 -114.36
CA SER B 122 24.15 42.46 -115.64
C SER B 122 25.43 42.32 -116.45
N LEU B 123 25.28 41.89 -117.71
CA LEU B 123 26.41 41.73 -118.62
C LEU B 123 26.26 42.71 -119.77
N SER B 124 27.39 43.21 -120.25
CA SER B 124 27.40 44.20 -121.32
C SER B 124 28.45 43.82 -122.34
N VAL B 125 28.45 44.55 -123.46
CA VAL B 125 29.44 44.37 -124.53
C VAL B 125 29.86 45.75 -125.02
N ASP B 126 31.17 45.93 -125.20
CA ASP B 126 31.71 47.25 -125.49
C ASP B 126 31.55 47.59 -126.97
N PRO B 127 31.23 48.85 -127.30
CA PRO B 127 31.19 49.25 -128.72
C PRO B 127 32.48 49.02 -129.47
N ASN B 128 33.64 49.20 -128.82
CA ASN B 128 34.91 48.95 -129.49
C ASN B 128 35.05 47.50 -129.92
N THR B 129 34.48 46.56 -129.15
CA THR B 129 34.48 45.17 -129.59
C THR B 129 33.71 45.01 -130.89
N TRP B 130 32.55 45.66 -131.01
CA TRP B 130 31.81 45.59 -132.27
C TRP B 130 32.59 46.23 -133.40
N GLN B 131 33.26 47.36 -133.15
CA GLN B 131 34.03 47.99 -134.22
C GLN B 131 35.16 47.11 -134.69
N THR B 132 35.91 46.51 -133.76
CA THR B 132 36.98 45.59 -134.14
C THR B 132 36.43 44.38 -134.88
N LEU B 133 35.32 43.81 -134.39
CA LEU B 133 34.70 42.65 -135.01
C LEU B 133 34.26 42.96 -136.44
N LEU B 134 33.64 44.12 -136.65
CA LEU B 134 33.18 44.48 -137.99
C LEU B 134 34.35 44.75 -138.92
N HIS B 135 35.38 45.46 -138.45
CA HIS B 135 36.51 45.77 -139.31
C HIS B 135 37.39 44.57 -139.59
N GLU B 136 37.37 43.54 -138.73
CA GLU B 136 38.21 42.38 -138.92
C GLU B 136 37.69 41.48 -140.04
N ARG B 137 36.38 41.28 -140.10
CA ARG B 137 35.79 40.26 -140.95
C ARG B 137 34.55 40.79 -141.67
N HIS B 138 34.14 40.05 -142.69
CA HIS B 138 33.04 40.43 -143.58
C HIS B 138 31.95 39.37 -143.56
N LEU B 139 30.97 39.55 -144.44
CA LEU B 139 29.81 38.68 -144.49
C LEU B 139 30.05 37.46 -145.36
N ARG B 140 29.54 36.32 -144.94
CA ARG B 140 29.36 35.17 -145.83
C ARG B 140 28.12 35.45 -146.68
N GLN B 141 28.34 36.08 -147.83
CA GLN B 141 27.22 36.49 -148.69
C GLN B 141 26.34 35.33 -149.17
N PRO B 142 26.87 34.06 -149.36
CA PRO B 142 25.98 32.94 -149.67
C PRO B 142 25.35 32.30 -148.43
N GLU B 143 24.86 33.13 -147.52
CA GLU B 143 24.16 32.67 -146.31
C GLU B 143 22.83 33.42 -146.26
N HIS B 144 21.81 32.85 -146.88
CA HIS B 144 20.50 33.47 -146.89
C HIS B 144 19.34 32.52 -146.62
N LYS B 145 19.58 31.21 -146.53
CA LYS B 145 18.47 30.29 -146.26
C LYS B 145 17.87 30.54 -144.89
N VAL B 146 18.57 31.29 -144.03
CA VAL B 146 17.98 31.85 -142.82
C VAL B 146 17.66 33.32 -142.98
N LEU B 147 18.05 33.94 -144.10
CA LEU B 147 17.87 35.36 -144.34
C LEU B 147 17.06 35.69 -145.58
N GLN B 148 17.08 34.83 -146.61
CA GLN B 148 16.34 35.14 -147.84
C GLN B 148 14.85 35.20 -147.58
N GLN B 149 14.31 34.25 -146.80
CA GLN B 149 12.93 34.38 -146.35
C GLN B 149 12.76 35.61 -145.47
N LEU B 150 13.74 35.87 -144.59
CA LEU B 150 13.74 37.10 -143.82
C LEU B 150 13.83 38.33 -144.73
N ARG B 151 14.59 38.23 -145.82
CA ARG B 151 14.62 39.31 -146.79
C ARG B 151 13.26 39.53 -147.44
N SER B 152 12.54 38.45 -147.73
CA SER B 152 11.17 38.58 -148.23
C SER B 152 10.26 39.24 -147.20
N ARG B 153 10.42 38.87 -145.93
CA ARG B 153 9.69 39.57 -144.87
C ARG B 153 10.10 41.03 -144.81
N GLY B 154 11.39 41.31 -144.96
CA GLY B 154 11.90 42.66 -144.87
C GLY B 154 12.00 43.20 -143.46
N ASP B 155 11.81 42.36 -142.45
CA ASP B 155 11.82 42.82 -141.08
C ASP B 155 13.23 43.23 -140.65
N ASN B 156 13.30 44.30 -139.87
CA ASN B 156 14.58 44.76 -139.35
C ASN B 156 15.11 43.78 -138.31
N VAL B 157 16.41 43.47 -138.41
CA VAL B 157 17.05 42.50 -137.53
C VAL B 157 17.91 43.24 -136.53
N TYR B 158 17.82 42.83 -135.27
CA TYR B 158 18.53 43.47 -134.18
C TYR B 158 19.50 42.47 -133.54
N VAL B 159 20.36 43.00 -132.67
CA VAL B 159 21.26 42.18 -131.87
C VAL B 159 20.98 42.46 -130.40
N VAL B 160 21.68 41.73 -129.55
CA VAL B 160 21.57 41.90 -128.10
C VAL B 160 22.88 42.50 -127.59
N THR B 161 22.79 43.67 -126.97
CA THR B 161 23.95 44.35 -126.41
C THR B 161 23.92 44.45 -124.90
N GLU B 162 22.75 44.29 -124.27
CA GLU B 162 22.63 44.36 -122.83
C GLU B 162 21.73 43.22 -122.36
N VAL B 163 22.11 42.59 -121.26
CA VAL B 163 21.29 41.55 -120.64
C VAL B 163 21.27 41.79 -119.14
N LEU B 164 20.10 41.63 -118.55
CA LEU B 164 19.92 41.70 -117.10
C LEU B 164 19.44 40.32 -116.67
N GLN B 165 20.37 39.48 -116.23
CA GLN B 165 20.07 38.10 -115.88
C GLN B 165 20.32 37.87 -114.40
N THR B 166 19.74 36.79 -113.90
CA THR B 166 19.85 36.41 -112.50
C THR B 166 20.33 34.96 -112.41
N GLN B 167 21.35 34.72 -111.60
CA GLN B 167 21.80 33.35 -111.30
C GLN B 167 21.84 33.18 -109.79
N LYS B 168 20.66 32.93 -109.22
CA LYS B 168 20.28 32.55 -107.87
C LYS B 168 18.85 32.00 -107.94
N GLU B 169 18.53 31.08 -107.05
CA GLU B 169 17.24 30.41 -107.07
C GLU B 169 16.18 31.33 -106.49
N VAL B 170 15.56 32.13 -107.34
CA VAL B 170 14.44 32.98 -106.95
C VAL B 170 13.16 32.16 -106.97
N GLU B 171 12.29 32.42 -106.02
CA GLU B 171 10.98 31.78 -105.95
C GLU B 171 9.92 32.84 -105.72
N VAL B 172 8.73 32.59 -106.26
CA VAL B 172 7.57 33.44 -106.06
C VAL B 172 6.43 32.59 -105.52
N THR B 173 5.82 33.03 -104.43
CA THR B 173 4.77 32.27 -103.76
C THR B 173 3.54 33.15 -103.63
N ARG B 174 2.69 33.12 -104.65
CA ARG B 174 1.44 33.87 -104.63
C ARG B 174 0.35 33.07 -103.93
N THR B 175 -0.66 33.78 -103.45
CA THR B 175 -1.83 33.19 -102.81
C THR B 175 -3.05 33.96 -103.30
N HIS B 176 -4.22 33.32 -103.22
CA HIS B 176 -5.43 33.95 -103.72
C HIS B 176 -6.62 33.39 -102.96
N LYS B 177 -7.55 34.28 -102.61
CA LYS B 177 -8.76 33.87 -101.90
C LYS B 177 -9.92 34.71 -102.40
N ARG B 178 -10.99 34.06 -102.85
CA ARG B 178 -12.19 34.73 -103.33
C ARG B 178 -13.38 34.13 -102.61
N GLU B 179 -13.95 34.86 -101.65
CA GLU B 179 -15.02 34.36 -100.80
C GLU B 179 -16.27 35.19 -101.06
N GLY B 180 -17.31 34.54 -101.58
CA GLY B 180 -18.59 35.20 -101.80
C GLY B 180 -19.64 34.59 -100.88
N SER B 181 -20.67 35.40 -100.59
CA SER B 181 -21.75 34.94 -99.73
C SER B 181 -23.04 35.65 -100.13
N GLY B 182 -24.17 35.06 -99.74
CA GLY B 182 -25.46 35.64 -100.03
C GLY B 182 -26.60 34.94 -99.32
N ARG B 183 -27.58 35.71 -98.86
CA ARG B 183 -28.78 35.18 -98.23
C ARG B 183 -29.97 36.03 -98.67
N PHE B 184 -30.85 35.46 -99.47
CA PHE B 184 -31.95 36.21 -100.08
C PHE B 184 -33.25 35.83 -99.42
N SER B 185 -33.96 36.82 -98.91
CA SER B 185 -35.34 36.67 -98.45
C SER B 185 -36.17 37.60 -99.33
N LEU B 186 -36.60 37.09 -100.49
CA LEU B 186 -37.20 37.91 -101.53
C LEU B 186 -38.56 37.34 -101.92
N PRO B 187 -39.62 37.67 -101.18
CA PRO B 187 -40.96 37.24 -101.57
C PRO B 187 -41.44 38.00 -102.81
N GLY B 188 -41.45 37.31 -103.95
CA GLY B 188 -41.84 37.94 -105.20
C GLY B 188 -42.71 37.07 -106.07
N ALA B 189 -42.34 36.94 -107.35
CA ALA B 189 -43.10 36.16 -108.32
C ALA B 189 -42.52 34.78 -108.57
N THR B 190 -41.20 34.61 -108.46
CA THR B 190 -40.56 33.33 -108.72
C THR B 190 -40.03 32.65 -107.48
N CYS B 191 -39.57 33.39 -106.47
CA CYS B 191 -39.03 32.81 -105.25
C CYS B 191 -39.49 33.62 -104.06
N GLU B 192 -39.24 33.09 -102.86
CA GLU B 192 -39.47 33.81 -101.62
C GLU B 192 -38.24 33.80 -100.72
N GLN B 193 -37.48 32.72 -100.73
CA GLN B 193 -36.23 32.63 -99.99
C GLN B 193 -35.19 31.94 -100.87
N GLY B 194 -33.94 32.34 -100.70
CA GLY B 194 -32.87 31.76 -101.50
C GLY B 194 -31.51 32.08 -100.93
N GLU B 195 -30.53 31.28 -101.33
CA GLU B 195 -29.14 31.47 -100.93
C GLU B 195 -28.22 31.20 -102.11
N GLY B 196 -27.11 31.91 -102.15
CA GLY B 196 -26.09 31.68 -103.15
C GLY B 196 -24.72 32.10 -102.67
N GLN B 197 -23.75 31.18 -102.72
CA GLN B 197 -22.40 31.50 -102.27
C GLN B 197 -21.43 30.52 -102.91
N GLY B 198 -20.17 30.94 -102.98
CA GLY B 198 -19.10 30.09 -103.48
C GLY B 198 -17.74 30.70 -103.27
N HIS B 199 -16.80 29.93 -102.71
CA HIS B 199 -15.46 30.43 -102.46
C HIS B 199 -14.44 29.44 -102.96
N LEU B 200 -13.36 29.95 -103.54
CA LEU B 200 -12.27 29.12 -104.02
C LEU B 200 -10.95 29.78 -103.69
N SER B 201 -10.00 28.99 -103.24
CA SER B 201 -8.63 29.45 -103.05
C SER B 201 -7.80 29.11 -104.29
N GLN B 202 -6.54 29.53 -104.26
CA GLN B 202 -5.63 29.29 -105.37
C GLN B 202 -4.21 29.57 -104.89
N LYS B 203 -3.24 28.94 -105.55
CA LYS B 203 -1.85 29.05 -105.14
C LYS B 203 -0.97 28.64 -106.31
N LYS B 204 0.27 29.13 -106.29
CA LYS B 204 1.29 28.68 -107.22
C LYS B 204 2.66 29.06 -106.67
N THR B 205 3.68 28.37 -107.14
CA THR B 205 5.04 28.58 -106.66
C THR B 205 6.01 28.18 -107.76
N VAL B 206 6.57 29.17 -108.45
CA VAL B 206 7.51 28.93 -109.54
C VAL B 206 8.92 29.24 -109.06
N THR B 207 9.88 28.44 -109.52
CA THR B 207 11.29 28.66 -109.20
C THR B 207 12.03 28.87 -110.51
N ILE B 208 12.66 30.03 -110.65
CA ILE B 208 13.43 30.36 -111.84
C ILE B 208 14.86 29.89 -111.65
N PRO B 209 15.42 29.09 -112.54
CA PRO B 209 16.79 28.59 -112.36
C PRO B 209 17.82 29.68 -112.64
N SER B 210 19.05 29.38 -112.24
CA SER B 210 20.14 30.33 -112.38
C SER B 210 20.43 30.61 -113.84
N GLY B 211 20.74 31.89 -114.14
CA GLY B 211 21.10 32.29 -115.48
C GLY B 211 19.93 32.48 -116.42
N SER B 212 18.95 33.27 -116.01
CA SER B 212 17.77 33.55 -116.82
C SER B 212 17.71 35.05 -117.09
N THR B 213 17.60 35.41 -118.36
CA THR B 213 17.55 36.82 -118.75
C THR B 213 16.19 37.41 -118.41
N LEU B 214 16.19 38.61 -117.83
CA LEU B 214 14.97 39.32 -117.47
C LEU B 214 14.63 40.44 -118.44
N ALA B 215 15.63 41.11 -119.01
CA ALA B 215 15.41 42.18 -119.96
C ALA B 215 16.63 42.28 -120.86
N PHE B 216 16.51 43.09 -121.91
CA PHE B 216 17.59 43.21 -122.88
C PHE B 216 17.46 44.53 -123.63
N ARG B 217 18.58 44.95 -124.22
CA ARG B 217 18.64 46.14 -125.06
C ARG B 217 19.20 45.75 -126.42
N VAL B 218 18.63 46.33 -127.46
CA VAL B 218 18.93 45.94 -128.84
C VAL B 218 19.80 47.00 -129.50
N ALA B 219 20.43 46.60 -130.60
CA ALA B 219 21.23 47.50 -131.42
C ALA B 219 21.01 47.13 -132.88
N GLN B 220 20.23 47.95 -133.59
CA GLN B 220 19.84 47.61 -134.95
C GLN B 220 21.06 47.55 -135.87
N LEU B 221 21.01 46.63 -136.83
CA LEU B 221 22.02 46.53 -137.87
C LEU B 221 21.35 46.71 -139.22
N VAL B 222 22.17 46.99 -140.23
CA VAL B 222 21.70 47.19 -141.60
C VAL B 222 22.46 46.24 -142.51
N ILE B 223 21.73 45.55 -143.38
CA ILE B 223 22.32 44.69 -144.41
C ILE B 223 21.65 45.01 -145.73
N ASP B 224 22.25 45.94 -146.50
CA ASP B 224 21.84 46.20 -147.86
C ASP B 224 22.77 45.54 -148.87
N SER B 225 24.07 45.70 -148.68
CA SER B 225 25.10 45.00 -149.42
C SER B 225 26.10 44.31 -148.53
N ASP B 226 26.45 44.93 -147.40
CA ASP B 226 27.33 44.32 -146.41
C ASP B 226 26.77 44.64 -145.02
N LEU B 227 27.27 43.92 -144.02
CA LEU B 227 26.74 44.03 -142.67
C LEU B 227 27.35 45.22 -141.94
N ASP B 228 26.51 45.93 -141.20
CA ASP B 228 26.93 47.08 -140.41
C ASP B 228 25.92 47.29 -139.29
N VAL B 229 26.43 47.45 -138.07
CA VAL B 229 25.59 47.63 -136.89
C VAL B 229 25.55 49.11 -136.53
N LEU B 230 24.34 49.63 -136.35
CA LEU B 230 24.13 51.00 -135.89
C LEU B 230 23.69 50.96 -134.44
N LEU B 231 24.56 51.43 -133.53
CA LEU B 231 24.28 51.32 -132.11
C LEU B 231 23.08 52.17 -131.68
N PHE B 232 22.69 53.16 -132.48
CA PHE B 232 21.57 54.04 -132.14
C PHE B 232 21.04 54.70 -133.40
N PRO B 233 20.40 53.93 -134.28
CA PRO B 233 19.89 54.51 -135.53
C PRO B 233 18.58 55.25 -135.33
N ASP B 234 17.99 55.72 -136.42
CA ASP B 234 16.72 56.44 -136.38
C ASP B 234 15.56 55.48 -136.65
N LYS B 235 14.36 56.00 -136.49
CA LYS B 235 13.15 55.22 -136.74
C LYS B 235 12.97 54.99 -138.24
N LYS B 236 12.29 53.90 -138.58
CA LYS B 236 12.03 53.51 -139.96
C LYS B 236 13.32 53.33 -140.75
N GLN B 237 14.33 52.78 -140.10
CA GLN B 237 15.60 52.43 -140.75
C GLN B 237 15.44 51.00 -141.26
N ARG B 238 15.10 50.87 -142.54
CA ARG B 238 14.84 49.56 -143.12
C ARG B 238 16.15 48.82 -143.34
N THR B 239 16.30 47.68 -142.67
CA THR B 239 17.53 46.91 -142.75
C THR B 239 17.79 46.42 -144.16
N PHE B 240 16.75 45.92 -144.83
CA PHE B 240 16.83 45.51 -146.22
C PHE B 240 16.49 46.70 -147.12
N GLN B 241 16.32 46.43 -148.41
CA GLN B 241 15.97 47.48 -149.36
C GLN B 241 14.48 47.43 -149.71
N SER C 3 -10.62 15.82 -118.22
CA SER C 3 -9.74 14.87 -118.89
C SER C 3 -8.47 14.64 -118.08
N ALA C 4 -8.27 15.46 -117.05
CA ALA C 4 -7.15 15.36 -116.12
C ALA C 4 -5.80 15.57 -116.80
N PHE C 5 -5.82 15.90 -118.09
CA PHE C 5 -4.60 16.23 -118.82
C PHE C 5 -4.60 17.65 -119.36
N GLU C 6 -5.64 18.05 -120.07
CA GLU C 6 -5.68 19.39 -120.64
C GLU C 6 -5.78 20.48 -119.57
N ARG C 7 -6.22 20.12 -118.36
CA ARG C 7 -6.19 21.08 -117.25
C ARG C 7 -4.77 21.56 -116.99
N VAL C 8 -3.89 20.63 -116.62
CA VAL C 8 -2.52 21.01 -116.30
C VAL C 8 -1.76 21.47 -117.53
N VAL C 9 -2.05 20.91 -118.71
CA VAL C 9 -1.38 21.36 -119.92
C VAL C 9 -1.75 22.81 -120.24
N ARG C 10 -3.03 23.15 -120.14
CA ARG C 10 -3.44 24.54 -120.35
C ARG C 10 -2.85 25.45 -119.29
N ARG C 11 -2.74 24.96 -118.04
CA ARG C 11 -2.07 25.75 -117.01
C ARG C 11 -0.60 26.01 -117.37
N VAL C 12 0.08 24.99 -117.89
CA VAL C 12 1.49 25.15 -118.28
C VAL C 12 1.61 26.18 -119.39
N VAL C 13 0.74 26.09 -120.41
CA VAL C 13 0.78 27.07 -121.48
C VAL C 13 0.46 28.48 -120.97
N GLN C 14 -0.52 28.61 -120.09
CA GLN C 14 -0.83 29.90 -119.46
C GLN C 14 0.32 30.42 -118.61
N GLU C 15 1.20 29.54 -118.13
CA GLU C 15 2.41 29.96 -117.43
C GLU C 15 3.48 30.47 -118.38
N LEU C 16 3.12 30.74 -119.64
CA LEU C 16 3.94 31.53 -120.54
C LEU C 16 3.28 32.86 -120.89
N ASP C 17 2.13 33.17 -120.30
CA ASP C 17 1.36 34.37 -120.60
C ASP C 17 1.16 34.52 -122.11
N HIS C 18 0.61 33.48 -122.74
CA HIS C 18 0.34 33.43 -124.18
C HIS C 18 1.52 33.93 -125.01
N GLY C 19 2.74 33.73 -124.51
CA GLY C 19 3.94 34.04 -125.26
C GLY C 19 4.55 32.80 -125.87
N GLY C 20 4.94 32.88 -127.13
CA GLY C 20 5.46 31.73 -127.84
C GLY C 20 4.34 30.78 -128.26
N GLU C 21 4.52 30.20 -129.45
CA GLU C 21 3.48 29.35 -130.03
C GLU C 21 3.23 28.12 -129.17
N PHE C 22 4.21 27.22 -129.12
CA PHE C 22 4.16 25.98 -128.33
C PHE C 22 2.77 25.34 -128.38
N ILE C 23 2.39 24.95 -129.58
CA ILE C 23 1.13 24.24 -129.82
C ILE C 23 1.04 23.08 -128.83
N PRO C 24 0.12 23.13 -127.87
CA PRO C 24 0.10 22.12 -126.81
C PRO C 24 -0.38 20.77 -127.33
N VAL C 25 0.01 19.73 -126.57
CA VAL C 25 -0.35 18.37 -126.92
C VAL C 25 -1.58 17.98 -126.11
N THR C 26 -2.36 17.06 -126.67
CA THR C 26 -3.57 16.56 -126.04
C THR C 26 -3.54 15.06 -125.82
N SER C 27 -2.87 14.31 -126.69
CA SER C 27 -2.79 12.86 -126.58
C SER C 27 -1.56 12.49 -125.76
N LEU C 28 -1.78 11.86 -124.61
CA LEU C 28 -0.67 11.32 -123.84
C LEU C 28 0.12 10.28 -124.62
N GLN C 29 -0.52 9.61 -125.60
CA GLN C 29 0.19 8.68 -126.45
C GLN C 29 1.06 9.41 -127.47
N SER C 30 0.64 10.59 -127.93
CA SER C 30 1.38 11.35 -128.91
C SER C 30 2.41 12.28 -128.28
N SER C 31 2.39 12.43 -126.96
CA SER C 31 3.43 13.21 -126.30
C SER C 31 4.80 12.58 -126.50
N THR C 32 4.88 11.25 -126.40
CA THR C 32 6.14 10.57 -126.66
C THR C 32 6.55 10.65 -128.12
N GLY C 33 5.59 10.75 -129.04
CA GLY C 33 5.91 10.85 -130.45
C GLY C 33 6.39 12.22 -130.88
N PHE C 34 6.19 13.24 -130.05
CA PHE C 34 6.62 14.60 -130.36
C PHE C 34 8.06 14.76 -129.86
N GLN C 35 9.01 14.50 -130.74
CA GLN C 35 10.42 14.62 -130.44
C GLN C 35 11.08 15.50 -131.50
N PRO C 36 12.27 16.05 -131.24
CA PRO C 36 12.94 16.86 -132.26
C PRO C 36 13.22 16.05 -133.52
N TYR C 37 13.24 16.75 -134.65
CA TYR C 37 13.45 16.17 -135.98
C TYR C 37 12.36 15.18 -136.37
N CYS C 38 11.18 15.28 -135.76
CA CYS C 38 10.05 14.43 -136.11
C CYS C 38 9.09 15.17 -137.02
N LEU C 39 8.46 14.44 -137.94
CA LEU C 39 7.56 15.02 -138.92
C LEU C 39 6.13 15.05 -138.39
N VAL C 40 5.39 16.10 -138.73
CA VAL C 40 3.97 16.19 -138.44
C VAL C 40 3.25 16.60 -139.70
N VAL C 41 1.96 16.25 -139.77
CA VAL C 41 1.14 16.48 -140.95
C VAL C 41 -0.12 17.23 -140.53
N ARG C 42 -0.42 18.31 -141.23
CA ARG C 42 -1.63 19.09 -140.97
C ARG C 42 -2.25 19.51 -142.29
N LYS C 43 -3.56 19.31 -142.41
CA LYS C 43 -4.30 19.72 -143.59
C LYS C 43 -4.50 21.23 -143.60
N PRO C 44 -4.78 21.83 -144.76
CA PRO C 44 -5.11 23.24 -144.81
C PRO C 44 -6.38 23.55 -144.02
N SER C 45 -6.41 24.74 -143.43
CA SER C 45 -7.54 25.17 -142.63
C SER C 45 -8.80 25.29 -143.48
N SER C 46 -9.96 25.14 -142.84
CA SER C 46 -11.20 25.04 -143.60
C SER C 46 -11.64 26.41 -144.11
N SER C 47 -12.04 27.32 -143.21
CA SER C 47 -12.23 28.72 -143.61
C SER C 47 -11.37 29.67 -142.78
N TRP C 48 -11.63 29.80 -141.48
CA TRP C 48 -10.76 30.59 -140.61
C TRP C 48 -10.50 29.92 -139.27
N PHE C 49 -11.55 29.28 -138.71
CA PHE C 49 -11.53 28.87 -137.32
C PHE C 49 -11.71 27.38 -137.10
N TRP C 50 -12.08 26.61 -138.13
CA TRP C 50 -12.02 25.15 -138.04
C TRP C 50 -10.55 24.76 -138.16
N LYS C 51 -9.81 25.07 -137.09
CA LYS C 51 -8.36 24.91 -137.10
C LYS C 51 -8.01 23.44 -137.24
N PRO C 52 -7.20 23.07 -138.23
CA PRO C 52 -6.78 21.67 -138.39
C PRO C 52 -5.84 21.28 -137.26
N ARG C 53 -6.25 20.30 -136.45
CA ARG C 53 -5.44 19.83 -135.34
C ARG C 53 -4.20 19.14 -135.87
N TYR C 54 -3.06 19.42 -135.22
CA TYR C 54 -1.80 18.81 -135.62
C TYR C 54 -1.83 17.31 -135.36
N LYS C 55 -1.35 16.53 -136.32
CA LYS C 55 -1.33 15.08 -136.23
C LYS C 55 0.12 14.60 -136.24
N CYS C 56 0.54 13.99 -135.14
CA CYS C 56 1.92 13.53 -135.03
C CYS C 56 2.16 12.35 -135.97
N VAL C 57 3.35 12.32 -136.56
CA VAL C 57 3.81 11.20 -137.37
C VAL C 57 5.13 10.71 -136.78
N ASN C 58 5.20 9.41 -136.49
CA ASN C 58 6.39 8.81 -135.90
C ASN C 58 7.45 8.55 -136.98
N LEU C 59 7.88 9.62 -137.62
CA LEU C 59 8.86 9.56 -138.69
C LEU C 59 9.89 10.66 -138.49
N SER C 60 11.16 10.30 -138.59
CA SER C 60 12.25 11.25 -138.42
C SER C 60 12.70 11.80 -139.77
N ILE C 61 13.67 12.73 -139.73
CA ILE C 61 14.21 13.28 -140.96
C ILE C 61 15.51 12.61 -141.38
N LYS C 62 16.11 11.79 -140.52
CA LYS C 62 17.35 11.13 -140.87
C LYS C 62 17.18 10.17 -142.03
N ASP C 63 16.05 9.46 -142.09
CA ASP C 63 15.84 8.45 -143.13
C ASP C 63 15.38 9.04 -144.46
N ILE C 64 14.62 10.14 -144.44
CA ILE C 64 14.11 10.70 -145.68
C ILE C 64 15.25 11.11 -146.62
N LEU C 65 16.29 11.76 -146.11
CA LEU C 65 17.52 12.00 -146.84
C LEU C 65 18.54 10.90 -146.55
N GLU C 66 19.34 10.56 -147.59
CA GLU C 66 19.92 9.22 -147.66
C GLU C 66 20.86 8.88 -146.51
N PRO C 67 21.90 9.67 -146.20
CA PRO C 67 23.03 9.08 -145.47
C PRO C 67 22.84 8.93 -143.96
N ASP C 68 21.69 8.40 -143.56
CA ASP C 68 21.48 7.80 -142.22
C ASP C 68 22.08 8.67 -141.11
N ALA C 69 21.44 9.83 -140.91
CA ALA C 69 21.97 10.85 -140.02
C ALA C 69 22.21 10.35 -138.60
N ALA C 70 21.14 10.12 -137.85
CA ALA C 70 21.23 9.76 -136.42
C ALA C 70 22.10 10.77 -135.67
N GLU C 71 21.85 12.06 -135.95
CA GLU C 71 22.67 13.15 -135.45
C GLU C 71 21.79 14.19 -134.76
N PRO C 72 21.39 13.94 -133.51
CA PRO C 72 20.65 14.96 -132.76
C PRO C 72 21.60 16.03 -132.22
N ASP C 73 21.13 17.27 -132.24
CA ASP C 73 21.94 18.39 -131.77
C ASP C 73 21.25 19.09 -130.60
N VAL C 74 20.75 18.30 -129.65
CA VAL C 74 20.11 18.85 -128.47
C VAL C 74 21.17 19.46 -127.56
N GLN C 75 21.02 20.75 -127.25
CA GLN C 75 21.94 21.45 -126.38
C GLN C 75 21.26 22.30 -125.32
N ARG C 76 19.99 22.66 -125.53
CA ARG C 76 19.26 23.49 -124.58
C ARG C 76 18.81 22.65 -123.38
N GLY C 77 18.88 23.25 -122.19
CA GLY C 77 18.35 22.62 -121.00
C GLY C 77 18.32 23.52 -119.79
N ARG C 78 17.16 23.60 -119.14
CA ARG C 78 16.98 24.38 -117.91
C ARG C 78 16.17 23.55 -116.94
N SER C 79 15.77 24.18 -115.82
CA SER C 79 14.94 23.51 -114.82
C SER C 79 14.05 24.55 -114.14
N PHE C 80 12.82 24.68 -114.63
CA PHE C 80 11.79 25.44 -113.94
C PHE C 80 10.93 24.49 -113.12
N HIS C 81 10.85 24.74 -111.82
CA HIS C 81 10.02 23.95 -110.93
C HIS C 81 8.73 24.69 -110.66
N PHE C 82 7.60 24.04 -110.90
CA PHE C 82 6.29 24.66 -110.78
C PHE C 82 5.42 23.83 -109.84
N TYR C 83 4.69 24.52 -108.97
CA TYR C 83 3.78 23.89 -108.04
C TYR C 83 2.52 24.76 -107.94
N ASP C 84 1.40 24.13 -107.63
CA ASP C 84 0.16 24.86 -107.42
C ASP C 84 -0.81 24.02 -106.62
N ALA C 85 -1.94 24.63 -106.25
CA ALA C 85 -3.00 23.95 -105.53
C ALA C 85 -4.28 24.74 -105.73
N MET C 86 -5.41 24.11 -105.43
CA MET C 86 -6.71 24.74 -105.62
C MET C 86 -7.77 23.94 -104.89
N ASP C 87 -8.76 24.64 -104.34
CA ASP C 87 -9.97 24.03 -103.83
C ASP C 87 -11.13 24.98 -104.05
N GLY C 88 -12.35 24.44 -104.12
CA GLY C 88 -13.52 25.25 -104.36
C GLY C 88 -14.74 24.62 -103.76
N GLN C 89 -15.74 25.45 -103.48
CA GLN C 89 -16.98 24.97 -102.88
C GLN C 89 -18.07 25.99 -103.13
N ILE C 90 -19.10 25.61 -103.88
CA ILE C 90 -20.30 26.41 -104.05
C ILE C 90 -21.48 25.62 -103.53
N GLN C 91 -22.59 26.31 -103.30
CA GLN C 91 -23.79 25.66 -102.82
C GLN C 91 -25.00 26.54 -103.12
N GLY C 92 -26.17 26.06 -102.74
CA GLY C 92 -27.40 26.82 -102.96
C GLY C 92 -28.51 26.24 -102.12
N SER C 93 -29.50 27.10 -101.85
CA SER C 93 -30.67 26.71 -101.08
C SER C 93 -31.82 27.64 -101.42
N VAL C 94 -33.01 27.07 -101.56
CA VAL C 94 -34.21 27.82 -101.94
C VAL C 94 -35.39 27.28 -101.14
N GLU C 95 -36.12 28.19 -100.49
CA GLU C 95 -37.37 27.85 -99.80
C GLU C 95 -38.47 28.47 -100.64
N LEU C 96 -39.10 27.65 -101.47
CA LEU C 96 -40.06 28.11 -102.48
C LEU C 96 -41.45 27.61 -102.14
N ALA C 97 -42.42 28.55 -102.09
CA ALA C 97 -43.79 28.19 -101.77
C ALA C 97 -44.85 28.80 -102.69
N ALA C 98 -44.62 29.95 -103.31
CA ALA C 98 -45.67 30.63 -104.06
C ALA C 98 -45.93 30.06 -105.45
N PRO C 99 -44.89 29.95 -106.37
CA PRO C 99 -45.16 29.65 -107.77
C PRO C 99 -45.62 28.22 -108.02
N GLY C 100 -46.76 27.86 -107.44
CA GLY C 100 -47.34 26.54 -107.61
C GLY C 100 -48.16 26.11 -106.42
N GLN C 101 -48.10 24.82 -106.10
CA GLN C 101 -48.78 24.28 -104.93
C GLN C 101 -47.80 23.55 -104.00
N ALA C 102 -46.54 23.96 -104.01
CA ALA C 102 -45.47 23.25 -103.33
C ALA C 102 -44.87 24.08 -102.21
N LYS C 103 -44.19 23.38 -101.29
CA LYS C 103 -43.33 24.00 -100.28
C LYS C 103 -41.95 23.36 -100.48
N ILE C 104 -41.17 23.92 -101.39
CA ILE C 104 -39.92 23.32 -101.82
C ILE C 104 -38.78 23.87 -100.98
N ALA C 105 -37.97 22.97 -100.40
CA ALA C 105 -36.76 23.33 -99.69
C ALA C 105 -35.67 22.33 -100.10
N GLY C 106 -34.72 22.78 -100.91
CA GLY C 106 -33.69 21.92 -101.41
C GLY C 106 -32.31 22.52 -101.19
N GLY C 107 -31.30 21.76 -101.62
CA GLY C 107 -29.92 22.20 -101.48
C GLY C 107 -29.04 21.57 -102.53
N ALA C 108 -27.82 22.09 -102.63
CA ALA C 108 -26.83 21.57 -103.56
C ALA C 108 -25.46 21.93 -103.04
N ALA C 109 -24.44 21.25 -103.57
CA ALA C 109 -23.06 21.48 -103.16
C ALA C 109 -22.12 20.85 -104.17
N VAL C 110 -21.13 21.61 -104.61
CA VAL C 110 -20.08 21.14 -105.50
C VAL C 110 -18.74 21.43 -104.86
N SER C 111 -17.87 20.42 -104.81
CA SER C 111 -16.55 20.57 -104.21
C SER C 111 -15.52 19.84 -105.07
N ASP C 112 -14.32 20.39 -105.13
CA ASP C 112 -13.25 19.79 -105.92
C ASP C 112 -11.91 20.33 -105.44
N SER C 113 -10.84 19.79 -106.02
CA SER C 113 -9.49 20.20 -105.69
C SER C 113 -8.55 19.78 -106.81
N SER C 114 -7.29 20.15 -106.67
CA SER C 114 -6.26 19.79 -107.64
C SER C 114 -4.89 20.00 -107.00
N SER C 115 -3.88 19.41 -107.64
CA SER C 115 -2.50 19.58 -107.21
C SER C 115 -1.59 19.21 -108.37
N THR C 116 -0.37 19.76 -108.34
CA THR C 116 0.61 19.49 -109.38
C THR C 116 1.98 19.94 -108.90
N SER C 117 2.98 19.08 -109.06
CA SER C 117 4.38 19.43 -108.83
C SER C 117 5.19 18.87 -109.98
N MET C 118 5.90 19.74 -110.69
CA MET C 118 6.44 19.37 -111.99
C MET C 118 7.68 20.19 -112.28
N ASN C 119 8.54 19.65 -113.14
CA ASN C 119 9.75 20.30 -113.60
C ASN C 119 9.76 20.36 -115.13
N VAL C 120 10.57 21.26 -115.68
CA VAL C 120 10.53 21.58 -117.10
C VAL C 120 11.94 21.61 -117.67
N TYR C 121 12.16 20.84 -118.73
CA TYR C 121 13.28 20.99 -119.65
C TYR C 121 12.82 21.70 -120.92
N SER C 122 13.77 21.97 -121.82
CA SER C 122 13.45 22.49 -123.14
C SER C 122 14.63 22.17 -124.05
N LEU C 123 14.34 21.54 -125.18
CA LEU C 123 15.36 21.16 -126.15
C LEU C 123 15.11 21.89 -127.46
N SER C 124 16.18 22.24 -128.15
CA SER C 124 16.09 23.05 -129.35
C SER C 124 17.05 22.51 -130.40
N VAL C 125 16.88 22.99 -131.63
CA VAL C 125 17.78 22.69 -132.73
C VAL C 125 18.18 24.00 -133.39
N ASP C 126 19.47 24.16 -133.66
CA ASP C 126 20.00 25.44 -134.11
C ASP C 126 19.82 25.57 -135.63
N PRO C 127 19.54 26.78 -136.12
CA PRO C 127 19.49 26.97 -137.58
C PRO C 127 20.79 26.63 -138.30
N ASN C 128 21.94 26.77 -137.61
CA ASN C 128 23.20 26.34 -138.20
C ASN C 128 23.20 24.87 -138.53
N THR C 129 22.69 24.02 -137.64
CA THR C 129 22.55 22.61 -137.95
C THR C 129 21.63 22.39 -139.15
N TRP C 130 20.55 23.17 -139.23
CA TRP C 130 19.64 23.04 -140.36
C TRP C 130 20.34 23.35 -141.68
N GLN C 131 21.12 24.44 -141.72
CA GLN C 131 21.78 24.81 -142.96
C GLN C 131 22.90 23.84 -143.31
N THR C 132 23.64 23.35 -142.31
CA THR C 132 24.65 22.34 -142.59
C THR C 132 24.03 21.06 -143.14
N LEU C 133 22.92 20.62 -142.53
CA LEU C 133 22.24 19.43 -143.02
C LEU C 133 21.71 19.62 -144.44
N LEU C 134 21.19 20.82 -144.73
CA LEU C 134 20.66 21.08 -146.07
C LEU C 134 21.78 21.06 -147.11
N HIS C 135 22.86 21.80 -146.88
CA HIS C 135 23.95 21.84 -147.86
C HIS C 135 24.70 20.51 -147.99
N GLU C 136 24.99 19.84 -146.88
CA GLU C 136 25.95 18.73 -146.91
C GLU C 136 25.45 17.55 -147.73
N ARG C 137 24.18 17.19 -147.57
CA ARG C 137 23.72 15.86 -147.91
C ARG C 137 22.25 15.87 -148.35
N HIS C 138 21.98 15.10 -149.39
CA HIS C 138 20.87 15.31 -150.32
C HIS C 138 19.71 14.38 -149.98
N LEU C 139 18.64 14.46 -150.76
CA LEU C 139 17.39 13.77 -150.47
C LEU C 139 17.21 12.55 -151.37
N ARG C 140 16.65 11.49 -150.80
CA ARG C 140 16.25 10.29 -151.55
C ARG C 140 14.93 10.58 -152.25
N GLN C 141 15.01 10.95 -153.52
CA GLN C 141 13.80 11.23 -154.29
C GLN C 141 12.90 10.01 -154.50
N PRO C 142 13.43 8.73 -154.63
CA PRO C 142 12.54 7.57 -154.77
C PRO C 142 12.03 7.04 -153.43
N GLU C 143 11.61 7.94 -152.55
CA GLU C 143 11.04 7.59 -151.26
C GLU C 143 9.71 8.32 -151.15
N HIS C 144 8.64 7.67 -151.59
CA HIS C 144 7.32 8.30 -151.59
C HIS C 144 6.20 7.40 -151.10
N LYS C 145 6.47 6.15 -150.74
CA LYS C 145 5.40 5.32 -150.18
C LYS C 145 4.88 5.87 -148.87
N VAL C 146 5.64 6.77 -148.23
CA VAL C 146 5.13 7.58 -147.14
C VAL C 146 4.80 9.00 -147.60
N LEU C 147 5.13 9.36 -148.84
CA LEU C 147 4.94 10.71 -149.35
C LEU C 147 4.01 10.79 -150.56
N GLN C 148 3.99 9.77 -151.42
CA GLN C 148 3.17 9.86 -152.63
C GLN C 148 1.69 9.96 -152.28
N GLN C 149 1.21 9.13 -151.35
CA GLN C 149 -0.16 9.32 -150.87
C GLN C 149 -0.29 10.61 -150.08
N LEU C 150 0.75 10.98 -149.32
CA LEU C 150 0.77 12.29 -148.69
C LEU C 150 0.74 13.40 -149.73
N ARG C 151 1.41 13.18 -150.87
CA ARG C 151 1.31 14.12 -151.98
C ARG C 151 -0.12 14.19 -152.50
N SER C 152 -0.82 13.05 -152.57
CA SER C 152 -2.22 13.05 -152.98
C SER C 152 -3.08 13.86 -152.03
N ARG C 153 -2.87 13.71 -150.72
CA ARG C 153 -3.52 14.60 -149.76
C ARG C 153 -3.07 16.04 -149.98
N GLY C 154 -1.78 16.23 -150.27
CA GLY C 154 -1.24 17.56 -150.42
C GLY C 154 -1.05 18.30 -149.11
N ASP C 155 -1.16 17.62 -147.98
CA ASP C 155 -1.07 18.27 -146.69
C ASP C 155 0.33 18.79 -146.43
N ASN C 156 0.41 20.00 -145.87
CA ASN C 156 1.70 20.58 -145.52
C ASN C 156 2.33 19.80 -144.37
N VAL C 157 3.60 19.45 -144.53
CA VAL C 157 4.33 18.65 -143.54
C VAL C 157 5.34 19.54 -142.84
N TYR C 158 5.43 19.41 -141.52
CA TYR C 158 6.28 20.24 -140.69
C TYR C 158 7.22 19.37 -139.88
N VAL C 159 8.27 19.99 -139.34
CA VAL C 159 9.20 19.31 -138.46
C VAL C 159 9.09 19.94 -137.07
N VAL C 160 9.63 19.23 -136.09
CA VAL C 160 9.57 19.66 -134.69
C VAL C 160 10.92 20.28 -134.33
N THR C 161 10.89 21.56 -133.95
CA THR C 161 12.10 22.29 -133.58
C THR C 161 12.21 22.58 -132.09
N GLU C 162 11.09 22.54 -131.36
CA GLU C 162 11.08 22.85 -129.94
C GLU C 162 10.28 21.78 -129.20
N VAL C 163 10.74 21.42 -128.01
CA VAL C 163 10.02 20.51 -127.14
C VAL C 163 10.17 21.00 -125.70
N LEU C 164 9.11 20.85 -124.91
CA LEU C 164 9.11 21.19 -123.49
C LEU C 164 8.66 19.95 -122.73
N GLN C 165 9.57 19.35 -121.95
CA GLN C 165 9.34 18.04 -121.37
C GLN C 165 9.61 18.07 -119.86
N THR C 166 9.17 17.00 -119.20
CA THR C 166 9.39 16.79 -117.77
C THR C 166 10.41 15.67 -117.59
N GLN C 167 11.13 15.69 -116.48
CA GLN C 167 12.20 14.72 -116.21
C GLN C 167 11.99 14.12 -114.82
N LYS C 168 10.75 14.14 -114.35
CA LYS C 168 10.38 13.67 -113.03
C LYS C 168 9.03 12.98 -113.11
N GLU C 169 8.74 12.15 -112.12
CA GLU C 169 7.45 11.47 -112.03
C GLU C 169 6.43 12.49 -111.55
N VAL C 170 5.90 13.28 -112.48
CA VAL C 170 4.96 14.33 -112.16
C VAL C 170 3.56 13.74 -112.15
N GLU C 171 2.74 14.21 -111.21
CA GLU C 171 1.44 13.58 -110.96
C GLU C 171 0.44 14.64 -110.53
N VAL C 172 -0.83 14.29 -110.67
CA VAL C 172 -1.95 15.17 -110.31
C VAL C 172 -2.99 14.35 -109.56
N THR C 173 -3.61 14.97 -108.55
CA THR C 173 -4.65 14.32 -107.75
C THR C 173 -5.89 15.22 -107.75
N ARG C 174 -6.84 14.92 -108.63
CA ARG C 174 -8.11 15.62 -108.66
C ARG C 174 -9.14 14.90 -107.81
N THR C 175 -10.15 15.64 -107.38
CA THR C 175 -11.28 15.10 -106.65
C THR C 175 -12.54 15.84 -107.07
N HIS C 176 -13.70 15.33 -106.65
CA HIS C 176 -14.96 15.93 -107.05
C HIS C 176 -16.07 15.39 -106.16
N LYS C 177 -16.96 16.28 -105.74
CA LYS C 177 -18.14 15.89 -104.96
C LYS C 177 -19.32 16.70 -105.45
N ARG C 178 -20.43 16.04 -105.73
CA ARG C 178 -21.65 16.69 -106.20
C ARG C 178 -22.81 16.23 -105.33
N GLU C 179 -23.25 17.09 -104.41
CA GLU C 179 -24.28 16.74 -103.43
C GLU C 179 -25.57 17.45 -103.80
N GLY C 180 -26.64 16.69 -103.98
CA GLY C 180 -27.95 17.24 -104.22
C GLY C 180 -28.95 16.72 -103.19
N SER C 181 -29.85 17.59 -102.77
CA SER C 181 -30.83 17.24 -101.75
C SER C 181 -32.06 18.12 -101.91
N GLY C 182 -33.17 17.65 -101.33
CA GLY C 182 -34.41 18.41 -101.36
C GLY C 182 -35.65 17.57 -101.13
N ARG C 183 -36.63 18.12 -100.42
CA ARG C 183 -37.91 17.45 -100.19
C ARG C 183 -39.02 18.36 -100.70
N PHE C 184 -40.07 17.75 -101.25
CA PHE C 184 -41.19 18.50 -101.81
C PHE C 184 -42.44 18.18 -101.01
N SER C 185 -43.06 19.21 -100.44
CA SER C 185 -44.36 19.09 -99.78
C SER C 185 -45.36 19.84 -100.66
N LEU C 186 -45.89 19.14 -101.66
CA LEU C 186 -46.73 19.76 -102.69
C LEU C 186 -48.09 19.10 -102.72
N PRO C 187 -49.08 19.67 -102.05
CA PRO C 187 -50.46 19.21 -102.25
C PRO C 187 -51.01 19.64 -103.60
N GLY C 188 -51.11 18.72 -104.54
CA GLY C 188 -51.56 19.08 -105.88
C GLY C 188 -52.44 18.04 -106.53
N ALA C 189 -52.18 17.75 -107.80
CA ALA C 189 -52.99 16.83 -108.59
C ALA C 189 -52.35 15.46 -108.78
N THR C 190 -51.02 15.40 -108.87
CA THR C 190 -50.31 14.14 -109.07
C THR C 190 -49.60 13.62 -107.83
N CYS C 191 -49.25 14.47 -106.88
CA CYS C 191 -48.55 14.05 -105.68
C CYS C 191 -49.00 14.90 -104.51
N GLU C 192 -48.72 14.42 -103.30
CA GLU C 192 -48.96 15.17 -102.07
C GLU C 192 -47.68 15.47 -101.32
N GLN C 193 -46.77 14.50 -101.24
CA GLN C 193 -45.46 14.69 -100.63
C GLN C 193 -44.42 14.03 -101.51
N GLY C 194 -43.26 14.66 -101.63
CA GLY C 194 -42.20 14.13 -102.47
C GLY C 194 -40.84 14.43 -101.90
N GLU C 195 -39.87 13.63 -102.32
CA GLU C 195 -38.48 13.81 -101.92
C GLU C 195 -37.57 13.13 -102.93
N GLY C 196 -36.47 13.79 -103.27
CA GLY C 196 -35.49 13.25 -104.19
C GLY C 196 -34.11 13.84 -103.99
N GLN C 197 -33.11 12.98 -103.86
CA GLN C 197 -31.75 13.44 -103.60
C GLN C 197 -30.76 12.42 -104.14
N GLY C 198 -29.53 12.86 -104.33
CA GLY C 198 -28.46 11.98 -104.76
C GLY C 198 -27.12 12.67 -104.84
N HIS C 199 -26.09 12.04 -104.26
CA HIS C 199 -24.74 12.62 -104.28
C HIS C 199 -23.76 11.56 -104.73
N LEU C 200 -22.73 12.00 -105.46
CA LEU C 200 -21.71 11.10 -105.97
C LEU C 200 -20.34 11.74 -105.78
N SER C 201 -19.38 10.94 -105.31
CA SER C 201 -18.00 11.38 -105.22
C SER C 201 -17.22 10.89 -106.43
N GLN C 202 -15.98 11.35 -106.55
CA GLN C 202 -15.13 10.99 -107.68
C GLN C 202 -13.72 11.52 -107.41
N LYS C 203 -12.74 10.84 -108.00
CA LYS C 203 -11.35 11.26 -107.92
C LYS C 203 -10.55 10.48 -108.95
N LYS C 204 -9.28 10.85 -109.08
CA LYS C 204 -8.37 10.14 -109.98
C LYS C 204 -6.95 10.61 -109.68
N THR C 205 -5.98 9.89 -110.26
CA THR C 205 -4.57 10.18 -110.03
C THR C 205 -3.78 9.67 -111.23
N VAL C 206 -3.28 10.59 -112.04
CA VAL C 206 -2.48 10.25 -113.21
C VAL C 206 -1.03 10.62 -112.94
N THR C 207 -0.11 9.83 -113.48
CA THR C 207 1.32 10.08 -113.32
C THR C 207 1.98 10.09 -114.69
N ILE C 208 2.65 11.19 -115.00
CA ILE C 208 3.34 11.35 -116.28
C ILE C 208 4.79 10.95 -116.12
N PRO C 209 5.34 10.09 -116.99
CA PRO C 209 6.73 9.67 -116.86
C PRO C 209 7.70 10.75 -117.33
N SER C 210 8.97 10.54 -117.01
CA SER C 210 10.01 11.47 -117.40
C SER C 210 10.18 11.47 -118.92
N GLY C 211 10.64 12.60 -119.46
CA GLY C 211 10.84 12.74 -120.88
C GLY C 211 9.56 12.68 -121.68
N SER C 212 8.52 13.37 -121.21
CA SER C 212 7.25 13.44 -121.90
C SER C 212 7.04 14.87 -122.39
N THR C 213 6.82 15.02 -123.69
CA THR C 213 6.70 16.36 -124.28
C THR C 213 5.33 16.95 -123.95
N LEU C 214 5.33 18.25 -123.61
CA LEU C 214 4.09 18.97 -123.31
C LEU C 214 3.68 19.94 -124.42
N ALA C 215 4.64 20.50 -125.15
CA ALA C 215 4.33 21.45 -126.21
C ALA C 215 5.47 21.42 -127.22
N PHE C 216 5.21 22.01 -128.39
CA PHE C 216 6.20 21.98 -129.46
C PHE C 216 5.95 23.14 -130.42
N ARG C 217 7.00 23.52 -131.13
CA ARG C 217 6.94 24.50 -132.20
C ARG C 217 7.42 23.84 -133.49
N VAL C 218 6.85 24.26 -134.61
CA VAL C 218 7.07 23.60 -135.89
C VAL C 218 7.83 24.54 -136.82
N ALA C 219 8.42 23.94 -137.86
CA ALA C 219 9.16 24.68 -138.87
C ALA C 219 8.81 24.09 -140.24
N GLN C 220 8.08 24.86 -141.05
CA GLN C 220 7.56 24.34 -142.30
C GLN C 220 8.69 24.08 -143.30
N LEU C 221 8.48 23.06 -144.13
CA LEU C 221 9.36 22.75 -145.24
C LEU C 221 8.55 22.71 -146.53
N VAL C 222 9.26 22.78 -147.65
CA VAL C 222 8.64 22.79 -148.97
C VAL C 222 9.22 21.64 -149.78
N ILE C 223 8.34 20.86 -150.42
CA ILE C 223 8.74 19.74 -151.28
C ILE C 223 8.09 19.98 -152.63
N ASP C 224 8.84 20.60 -153.54
CA ASP C 224 8.41 20.72 -154.93
C ASP C 224 9.33 19.93 -155.86
N SER C 225 10.63 20.12 -155.74
CA SER C 225 11.64 19.32 -156.39
C SER C 225 12.67 18.79 -155.41
N ASP C 226 13.01 19.55 -154.38
CA ASP C 226 13.94 19.14 -153.35
C ASP C 226 13.48 19.73 -152.02
N LEU C 227 14.09 19.28 -150.92
CA LEU C 227 13.68 19.69 -149.59
C LEU C 227 14.35 21.01 -149.20
N ASP C 228 13.60 21.84 -148.48
CA ASP C 228 14.11 23.09 -147.94
C ASP C 228 13.18 23.52 -146.82
N VAL C 229 13.75 23.81 -145.66
CA VAL C 229 12.98 24.14 -144.47
C VAL C 229 12.89 25.66 -144.35
N LEU C 230 11.67 26.17 -144.25
CA LEU C 230 11.41 27.57 -143.99
C LEU C 230 11.08 27.73 -142.51
N LEU C 231 12.00 28.32 -141.75
CA LEU C 231 11.83 28.42 -140.31
C LEU C 231 10.65 29.30 -139.91
N PHE C 232 10.21 30.19 -140.79
CA PHE C 232 9.18 31.18 -140.46
C PHE C 232 8.47 31.68 -141.72
N PRO C 233 7.86 30.76 -142.48
CA PRO C 233 7.21 31.18 -143.73
C PRO C 233 5.87 31.87 -143.47
N ASP C 234 5.15 32.18 -144.54
CA ASP C 234 3.83 32.78 -144.45
C ASP C 234 2.74 31.74 -144.69
N LYS C 235 1.50 32.16 -144.45
CA LYS C 235 0.37 31.26 -144.62
C LYS C 235 0.11 31.11 -146.11
N LYS C 236 -0.65 30.07 -146.49
CA LYS C 236 -0.84 29.73 -147.91
C LYS C 236 0.48 29.43 -148.59
N GLN C 237 1.41 28.81 -147.86
CA GLN C 237 2.66 28.32 -148.41
C GLN C 237 2.51 26.81 -148.55
N ARG C 238 2.11 26.37 -149.74
CA ARG C 238 1.82 24.95 -149.96
C ARG C 238 3.13 24.18 -150.12
N THR C 239 3.30 23.13 -149.31
CA THR C 239 4.49 22.31 -149.40
C THR C 239 4.61 21.65 -150.76
N PHE C 240 3.52 21.02 -151.23
CA PHE C 240 3.48 20.37 -152.53
C PHE C 240 2.97 21.35 -153.58
N GLN C 241 2.68 20.84 -154.77
CA GLN C 241 2.13 21.66 -155.84
C GLN C 241 0.69 21.27 -156.16
N SER D 3 -20.69 -4.90 -117.42
CA SER D 3 -19.73 -5.46 -118.36
C SER D 3 -18.34 -5.51 -117.75
N ALA D 4 -18.06 -4.54 -116.88
CA ALA D 4 -16.82 -4.47 -116.09
C ALA D 4 -15.59 -4.26 -116.97
N PHE D 5 -15.77 -4.14 -118.28
CA PHE D 5 -14.68 -3.81 -119.18
C PHE D 5 -14.89 -2.50 -119.91
N GLU D 6 -16.04 -2.33 -120.57
CA GLU D 6 -16.28 -1.06 -121.28
C GLU D 6 -16.30 0.12 -120.33
N ARG D 7 -16.64 -0.09 -119.06
CA ARG D 7 -16.50 0.97 -118.07
C ARG D 7 -15.05 1.45 -117.98
N VAL D 8 -14.15 0.56 -117.58
CA VAL D 8 -12.76 0.94 -117.39
C VAL D 8 -12.06 1.25 -118.72
N VAL D 9 -12.38 0.51 -119.78
CA VAL D 9 -11.78 0.79 -121.08
C VAL D 9 -12.21 2.17 -121.59
N ARG D 10 -13.50 2.49 -121.45
CA ARG D 10 -13.99 3.81 -121.84
C ARG D 10 -13.33 4.89 -121.00
N ARG D 11 -13.14 4.64 -119.70
CA ARG D 11 -12.46 5.61 -118.85
C ARG D 11 -11.03 5.84 -119.31
N VAL D 12 -10.30 4.77 -119.62
CA VAL D 12 -8.92 4.90 -120.07
C VAL D 12 -8.84 5.67 -121.38
N VAL D 13 -9.71 5.37 -122.34
CA VAL D 13 -9.71 6.12 -123.58
C VAL D 13 -10.11 7.58 -123.36
N GLN D 14 -11.07 7.84 -122.48
CA GLN D 14 -11.46 9.20 -122.14
C GLN D 14 -10.37 9.96 -121.41
N GLU D 15 -9.40 9.25 -120.82
CA GLU D 15 -8.25 9.91 -120.21
C GLU D 15 -7.26 10.44 -121.24
N LEU D 16 -7.65 10.48 -122.52
CA LEU D 16 -6.87 11.11 -123.56
C LEU D 16 -7.58 12.28 -124.23
N ASP D 17 -8.75 12.67 -123.71
CA ASP D 17 -9.56 13.75 -124.28
C ASP D 17 -9.82 13.52 -125.77
N HIS D 18 -10.23 12.29 -126.10
CA HIS D 18 -10.48 11.89 -127.49
C HIS D 18 -9.25 12.08 -128.37
N GLY D 19 -8.07 11.96 -127.77
CA GLY D 19 -6.83 12.12 -128.51
C GLY D 19 -6.37 10.81 -129.14
N GLY D 20 -6.11 10.84 -130.44
CA GLY D 20 -5.75 9.65 -131.17
C GLY D 20 -6.96 8.73 -131.37
N GLU D 21 -6.91 7.98 -132.47
CA GLU D 21 -8.03 7.11 -132.80
C GLU D 21 -8.21 6.03 -131.74
N PHE D 22 -7.25 5.12 -131.63
CA PHE D 22 -7.24 4.04 -130.64
C PHE D 22 -8.62 3.39 -130.49
N ILE D 23 -9.05 2.75 -131.58
CA ILE D 23 -10.28 1.96 -131.57
C ILE D 23 -10.19 0.97 -130.41
N PRO D 24 -11.01 1.13 -129.38
CA PRO D 24 -10.86 0.32 -128.18
C PRO D 24 -11.27 -1.13 -128.39
N VAL D 25 -10.78 -1.98 -127.51
CA VAL D 25 -11.05 -3.40 -127.56
C VAL D 25 -12.21 -3.71 -126.62
N THR D 26 -13.18 -4.46 -127.13
CA THR D 26 -14.37 -4.80 -126.37
C THR D 26 -14.42 -6.26 -125.98
N SER D 27 -13.95 -7.16 -126.85
CA SER D 27 -13.95 -8.59 -126.56
C SER D 27 -12.70 -8.94 -125.77
N LEU D 28 -12.89 -9.52 -124.59
CA LEU D 28 -11.75 -9.93 -123.78
C LEU D 28 -10.89 -10.98 -124.48
N GLN D 29 -11.50 -11.87 -125.26
CA GLN D 29 -10.72 -12.83 -126.02
C GLN D 29 -9.93 -12.16 -127.14
N SER D 30 -10.44 -11.05 -127.67
CA SER D 30 -9.79 -10.35 -128.77
C SER D 30 -8.71 -9.39 -128.31
N SER D 31 -8.62 -9.12 -126.99
CA SER D 31 -7.54 -8.28 -126.49
C SER D 31 -6.18 -8.94 -126.74
N THR D 32 -6.10 -10.25 -126.54
CA THR D 32 -4.84 -10.95 -126.78
C THR D 32 -4.54 -11.13 -128.25
N GLY D 33 -5.57 -11.15 -129.10
CA GLY D 33 -5.36 -11.30 -130.53
C GLY D 33 -4.89 -10.04 -131.23
N PHE D 34 -4.96 -8.89 -130.55
CA PHE D 34 -4.52 -7.63 -131.13
C PHE D 34 -3.05 -7.43 -130.79
N GLN D 35 -2.20 -7.76 -131.74
CA GLN D 35 -0.76 -7.61 -131.61
C GLN D 35 -0.24 -6.85 -132.83
N PRO D 36 0.95 -6.23 -132.76
CA PRO D 36 1.51 -5.59 -133.95
C PRO D 36 1.72 -6.58 -135.07
N TYR D 37 1.62 -6.08 -136.30
CA TYR D 37 1.77 -6.85 -137.53
C TYR D 37 0.65 -7.88 -137.72
N CYS D 38 -0.48 -7.69 -137.06
CA CYS D 38 -1.61 -8.60 -137.19
C CYS D 38 -2.66 -8.04 -138.13
N LEU D 39 -3.36 -8.93 -138.82
CA LEU D 39 -4.41 -8.54 -139.77
C LEU D 39 -5.75 -8.47 -139.06
N VAL D 40 -6.55 -7.47 -139.43
CA VAL D 40 -7.91 -7.33 -138.91
C VAL D 40 -8.85 -7.10 -140.09
N VAL D 41 -10.12 -7.38 -139.87
CA VAL D 41 -11.14 -7.36 -140.93
C VAL D 41 -12.27 -6.44 -140.49
N ARG D 42 -12.63 -5.50 -141.37
CA ARG D 42 -13.79 -4.63 -141.16
C ARG D 42 -14.54 -4.47 -142.48
N LYS D 43 -15.79 -4.91 -142.50
CA LYS D 43 -16.62 -4.78 -143.69
C LYS D 43 -16.95 -3.32 -143.96
N PRO D 44 -17.31 -2.98 -145.20
CA PRO D 44 -17.72 -1.60 -145.49
C PRO D 44 -18.95 -1.19 -144.70
N SER D 45 -18.99 0.10 -144.34
CA SER D 45 -20.10 0.64 -143.59
C SER D 45 -21.38 0.61 -144.42
N SER D 46 -22.53 0.58 -143.72
CA SER D 46 -23.79 0.39 -144.43
C SER D 46 -24.25 1.68 -145.13
N SER D 47 -24.61 2.71 -144.36
CA SER D 47 -24.85 4.02 -144.94
C SER D 47 -23.96 5.10 -144.35
N TRP D 48 -24.13 5.44 -143.07
CA TRP D 48 -23.26 6.42 -142.42
C TRP D 48 -22.83 6.01 -141.02
N PHE D 49 -23.76 5.43 -140.25
CA PHE D 49 -23.58 5.32 -138.81
C PHE D 49 -23.66 3.91 -138.26
N TRP D 50 -24.11 2.93 -139.04
CA TRP D 50 -24.02 1.54 -138.63
C TRP D 50 -22.56 1.13 -138.75
N LYS D 51 -21.79 1.52 -137.74
CA LYS D 51 -20.34 1.36 -137.79
C LYS D 51 -19.97 -0.10 -137.79
N PRO D 52 -19.26 -0.59 -138.81
CA PRO D 52 -18.78 -1.97 -138.80
C PRO D 52 -17.69 -2.15 -137.75
N ARG D 53 -18.01 -2.93 -136.72
CA ARG D 53 -17.05 -3.17 -135.65
C ARG D 53 -15.88 -4.01 -136.16
N TYR D 54 -14.68 -3.65 -135.73
CA TYR D 54 -13.48 -4.33 -136.19
C TYR D 54 -13.47 -5.77 -135.71
N LYS D 55 -13.11 -6.69 -136.61
CA LYS D 55 -13.09 -8.11 -136.31
C LYS D 55 -11.65 -8.58 -136.35
N CYS D 56 -11.14 -9.00 -135.19
CA CYS D 56 -9.75 -9.42 -135.09
C CYS D 56 -9.54 -10.75 -135.81
N VAL D 57 -8.38 -10.88 -136.44
CA VAL D 57 -7.96 -12.13 -137.08
C VAL D 57 -6.59 -12.50 -136.51
N ASN D 58 -6.47 -13.72 -136.02
CA ASN D 58 -5.22 -14.20 -135.42
C ASN D 58 -4.23 -14.59 -136.52
N LEU D 59 -3.81 -13.59 -137.29
CA LEU D 59 -2.97 -13.80 -138.46
C LEU D 59 -1.94 -12.69 -138.54
N SER D 60 -0.67 -13.06 -138.79
CA SER D 60 0.41 -12.09 -138.90
C SER D 60 0.77 -11.87 -140.36
N ILE D 61 1.73 -10.96 -140.60
CA ILE D 61 2.17 -10.66 -141.95
C ILE D 61 3.47 -11.37 -142.33
N LYS D 62 4.13 -12.04 -141.38
CA LYS D 62 5.38 -12.72 -141.70
C LYS D 62 5.15 -13.88 -142.66
N ASP D 63 4.02 -14.57 -142.55
CA ASP D 63 3.72 -15.70 -143.41
C ASP D 63 3.33 -15.30 -144.82
N ILE D 64 2.56 -14.22 -144.98
CA ILE D 64 2.06 -13.85 -146.30
C ILE D 64 3.20 -13.50 -147.24
N LEU D 65 4.27 -12.89 -146.72
CA LEU D 65 5.52 -12.80 -147.45
C LEU D 65 6.29 -14.10 -147.28
N GLU D 66 6.93 -14.54 -148.38
CA GLU D 66 7.41 -15.92 -148.42
C GLU D 66 8.50 -16.23 -147.39
N PRO D 67 9.55 -15.40 -147.21
CA PRO D 67 10.70 -15.88 -146.43
C PRO D 67 10.59 -15.70 -144.93
N ASP D 68 9.42 -15.98 -144.34
CA ASP D 68 9.25 -16.20 -142.91
C ASP D 68 9.91 -15.09 -142.07
N ALA D 69 9.32 -13.89 -142.17
CA ALA D 69 9.92 -12.70 -141.57
C ALA D 69 10.20 -12.85 -140.09
N ALA D 70 9.15 -12.93 -139.27
CA ALA D 70 9.28 -13.05 -137.81
C ALA D 70 10.22 -12.00 -137.24
N GLU D 71 10.05 -10.76 -137.68
CA GLU D 71 10.92 -9.64 -137.29
C GLU D 71 10.09 -8.51 -136.69
N PRO D 72 9.84 -8.52 -135.39
CA PRO D 72 9.16 -7.39 -134.76
C PRO D 72 10.13 -6.24 -134.49
N ASP D 73 9.62 -5.02 -134.62
CA ASP D 73 10.44 -3.83 -134.42
C ASP D 73 9.87 -2.95 -133.32
N VAL D 74 9.50 -3.56 -132.20
CA VAL D 74 8.94 -2.82 -131.07
C VAL D 74 10.06 -2.07 -130.37
N GLN D 75 9.92 -0.74 -130.29
CA GLN D 75 10.90 0.09 -129.59
C GLN D 75 10.27 1.12 -128.65
N ARG D 76 9.00 1.46 -128.83
CA ARG D 76 8.35 2.48 -128.02
C ARG D 76 8.01 1.94 -126.64
N GLY D 77 8.17 2.78 -125.63
CA GLY D 77 7.78 2.41 -124.29
C GLY D 77 7.81 3.54 -123.28
N ARG D 78 6.70 3.69 -122.54
CA ARG D 78 6.60 4.64 -121.43
C ARG D 78 5.66 4.03 -120.41
N SER D 79 5.72 4.55 -119.18
CA SER D 79 4.98 3.96 -118.05
C SER D 79 4.03 5.01 -117.47
N PHE D 80 2.78 5.00 -117.92
CA PHE D 80 1.74 5.82 -117.34
C PHE D 80 1.01 5.02 -116.26
N HIS D 81 1.15 5.45 -115.01
CA HIS D 81 0.44 4.86 -113.89
C HIS D 81 -0.86 5.64 -113.67
N PHE D 82 -1.95 4.92 -113.46
CA PHE D 82 -3.27 5.54 -113.37
C PHE D 82 -4.04 4.94 -112.20
N TYR D 83 -4.85 5.78 -111.56
CA TYR D 83 -5.66 5.38 -110.42
C TYR D 83 -6.89 6.27 -110.36
N ASP D 84 -7.99 5.74 -109.81
CA ASP D 84 -9.20 6.51 -109.63
C ASP D 84 -10.14 5.75 -108.70
N ALA D 85 -11.35 6.29 -108.57
CA ALA D 85 -12.43 5.66 -107.82
C ALA D 85 -13.74 6.28 -108.28
N MET D 86 -14.83 5.87 -107.63
CA MET D 86 -16.15 6.42 -107.94
C MET D 86 -17.11 5.95 -106.85
N ASP D 87 -18.13 6.77 -106.59
CA ASP D 87 -19.16 6.46 -105.61
C ASP D 87 -20.45 7.13 -106.04
N GLY D 88 -21.57 6.61 -105.54
CA GLY D 88 -22.87 7.19 -105.85
C GLY D 88 -23.93 6.66 -104.92
N GLN D 89 -24.95 7.49 -104.67
CA GLN D 89 -26.05 7.09 -103.81
C GLN D 89 -27.24 8.00 -104.09
N ILE D 90 -28.35 7.43 -104.55
CA ILE D 90 -29.59 8.16 -104.74
C ILE D 90 -30.69 7.44 -103.97
N GLN D 91 -31.79 8.16 -103.74
CA GLN D 91 -32.93 7.61 -103.04
C GLN D 91 -34.16 8.43 -103.35
N GLY D 92 -35.26 8.12 -102.68
CA GLY D 92 -36.50 8.86 -102.87
C GLY D 92 -37.54 8.41 -101.87
N SER D 93 -38.56 9.26 -101.71
CA SER D 93 -39.67 8.96 -100.81
C SER D 93 -40.86 9.79 -101.23
N VAL D 94 -42.02 9.14 -101.31
CA VAL D 94 -43.26 9.77 -101.74
C VAL D 94 -44.37 9.36 -100.79
N GLU D 95 -45.08 10.35 -100.23
CA GLU D 95 -46.25 10.12 -99.39
C GLU D 95 -47.46 10.62 -100.18
N LEU D 96 -48.02 9.75 -101.00
CA LEU D 96 -49.08 10.11 -101.94
C LEU D 96 -50.44 9.70 -101.37
N ALA D 97 -51.34 10.68 -101.26
CA ALA D 97 -52.68 10.41 -100.76
C ALA D 97 -53.81 11.00 -101.60
N ALA D 98 -53.59 12.08 -102.34
CA ALA D 98 -54.67 12.75 -103.05
C ALA D 98 -55.08 12.02 -104.33
N PRO D 99 -54.15 11.79 -105.33
CA PRO D 99 -54.57 11.29 -106.64
C PRO D 99 -54.97 9.81 -106.66
N GLY D 100 -55.96 9.46 -105.85
CA GLY D 100 -56.47 8.10 -105.83
C GLY D 100 -57.18 7.75 -104.54
N GLN D 101 -57.06 6.50 -104.11
CA GLN D 101 -57.66 6.04 -102.87
C GLN D 101 -56.60 5.46 -101.93
N ALA D 102 -55.34 5.84 -102.10
CA ALA D 102 -54.22 5.23 -101.42
C ALA D 102 -53.58 6.18 -100.43
N LYS D 103 -52.90 5.59 -99.44
CA LYS D 103 -51.99 6.29 -98.53
C LYS D 103 -50.64 5.59 -98.70
N ILE D 104 -49.88 6.02 -99.70
CA ILE D 104 -48.67 5.31 -100.11
C ILE D 104 -47.48 5.82 -99.30
N ALA D 105 -46.73 4.89 -98.69
CA ALA D 105 -45.50 5.21 -97.99
C ALA D 105 -44.40 4.32 -98.58
N GLY D 106 -43.71 4.83 -99.60
CA GLY D 106 -42.72 4.04 -100.31
C GLY D 106 -41.39 4.76 -100.38
N GLY D 107 -40.36 3.99 -100.75
CA GLY D 107 -39.02 4.52 -100.86
C GLY D 107 -38.17 3.66 -101.75
N ALA D 108 -36.97 4.17 -102.06
CA ALA D 108 -36.03 3.46 -102.90
C ALA D 108 -34.62 3.94 -102.56
N ALA D 109 -33.63 3.19 -103.02
CA ALA D 109 -32.23 3.52 -102.75
C ALA D 109 -31.33 2.74 -103.71
N VAL D 110 -30.37 3.43 -104.30
CA VAL D 110 -29.37 2.83 -105.18
C VAL D 110 -27.99 3.25 -104.70
N SER D 111 -27.07 2.29 -104.66
CA SER D 111 -25.70 2.55 -104.22
C SER D 111 -24.74 1.67 -105.02
N ASP D 112 -23.56 2.22 -105.29
CA ASP D 112 -22.55 1.48 -106.05
C ASP D 112 -21.18 2.11 -105.81
N SER D 113 -20.15 1.46 -106.36
CA SER D 113 -18.78 1.93 -106.25
C SER D 113 -17.95 1.30 -107.35
N SER D 114 -16.70 1.77 -107.45
CA SER D 114 -15.77 1.24 -108.45
C SER D 114 -14.35 1.62 -108.05
N SER D 115 -13.39 0.93 -108.66
CA SER D 115 -11.97 1.21 -108.43
C SER D 115 -11.17 0.69 -109.60
N THR D 116 -9.95 1.20 -109.75
CA THR D 116 -9.05 0.80 -110.83
C THR D 116 -7.65 1.32 -110.53
N SER D 117 -6.65 0.47 -110.77
CA SER D 117 -5.25 0.85 -110.68
C SER D 117 -4.47 0.03 -111.70
N MET D 118 -3.68 0.70 -112.53
CA MET D 118 -3.09 0.04 -113.70
C MET D 118 -1.97 0.89 -114.27
N ASN D 119 -1.12 0.25 -115.06
CA ASN D 119 -0.02 0.88 -115.78
C ASN D 119 -0.17 0.61 -117.27
N VAL D 120 0.51 1.42 -118.08
CA VAL D 120 0.32 1.41 -119.53
C VAL D 120 1.64 1.65 -120.25
N TYR D 121 2.05 0.70 -121.09
CA TYR D 121 3.04 0.89 -122.14
C TYR D 121 2.36 1.25 -123.46
N SER D 122 3.17 1.43 -124.50
CA SER D 122 2.66 1.64 -125.85
C SER D 122 3.71 1.18 -126.83
N LEU D 123 3.36 0.18 -127.65
CA LEU D 123 4.27 -0.39 -128.63
C LEU D 123 3.76 -0.04 -130.02
N SER D 124 4.69 0.32 -130.89
CA SER D 124 4.34 0.81 -132.23
C SER D 124 5.31 0.25 -133.25
N VAL D 125 5.09 0.61 -134.51
CA VAL D 125 5.93 0.18 -135.62
C VAL D 125 6.26 1.41 -136.47
N ASP D 126 7.52 1.48 -136.91
CA ASP D 126 7.97 2.65 -137.65
C ASP D 126 7.69 2.48 -139.15
N PRO D 127 7.35 3.56 -139.86
CA PRO D 127 7.20 3.46 -141.32
C PRO D 127 8.48 3.01 -142.02
N ASN D 128 9.65 3.28 -141.43
CA ASN D 128 10.90 2.77 -142.00
C ASN D 128 10.89 1.25 -142.12
N THR D 129 10.42 0.56 -141.08
CA THR D 129 10.31 -0.89 -141.15
C THR D 129 9.35 -1.31 -142.24
N TRP D 130 8.24 -0.58 -142.41
CA TRP D 130 7.31 -0.89 -143.49
C TRP D 130 7.99 -0.78 -144.85
N GLN D 131 8.72 0.32 -145.08
CA GLN D 131 9.38 0.50 -146.37
C GLN D 131 10.43 -0.56 -146.62
N THR D 132 11.25 -0.88 -145.59
CA THR D 132 12.25 -1.93 -145.74
C THR D 132 11.60 -3.28 -146.03
N LEU D 133 10.51 -3.60 -145.32
CA LEU D 133 9.83 -4.87 -145.52
C LEU D 133 9.25 -4.98 -146.92
N LEU D 134 8.67 -3.89 -147.44
CA LEU D 134 8.08 -3.95 -148.77
C LEU D 134 9.15 -4.04 -149.86
N HIS D 135 10.23 -3.24 -149.75
CA HIS D 135 11.28 -3.34 -150.76
C HIS D 135 12.05 -4.65 -150.71
N GLU D 136 12.39 -5.15 -149.53
CA GLU D 136 13.21 -6.35 -149.43
C GLU D 136 12.48 -7.57 -149.99
N ARG D 137 11.19 -7.69 -149.70
CA ARG D 137 10.46 -8.93 -149.94
C ARG D 137 9.05 -8.62 -150.46
N HIS D 138 8.53 -9.56 -151.23
CA HIS D 138 7.26 -9.40 -151.93
C HIS D 138 6.26 -10.44 -151.45
N LEU D 139 5.11 -10.49 -152.14
CA LEU D 139 4.01 -11.35 -151.73
C LEU D 139 4.20 -12.77 -152.25
N ARG D 140 3.92 -13.75 -151.39
CA ARG D 140 3.77 -15.14 -151.80
C ARG D 140 2.40 -15.26 -152.45
N GLN D 141 2.34 -15.01 -153.76
CA GLN D 141 1.07 -14.97 -154.49
C GLN D 141 0.24 -16.25 -154.41
N PRO D 142 0.82 -17.50 -154.46
CA PRO D 142 -0.01 -18.70 -154.42
C PRO D 142 -0.50 -19.03 -153.01
N GLU D 143 -0.97 -18.00 -152.29
CA GLU D 143 -1.51 -18.14 -150.94
C GLU D 143 -2.83 -17.37 -150.91
N HIS D 144 -3.93 -18.08 -151.18
CA HIS D 144 -5.23 -17.42 -151.21
C HIS D 144 -6.35 -18.21 -150.54
N LYS D 145 -6.15 -19.47 -150.16
CA LYS D 145 -7.25 -20.18 -149.53
C LYS D 145 -7.59 -19.61 -148.16
N VAL D 146 -6.74 -18.72 -147.63
CA VAL D 146 -7.12 -17.87 -146.51
C VAL D 146 -7.58 -16.50 -146.98
N LEU D 147 -7.39 -16.16 -148.25
CA LEU D 147 -7.76 -14.87 -148.80
C LEU D 147 -8.77 -14.94 -149.95
N GLN D 148 -8.87 -16.09 -150.63
CA GLN D 148 -9.79 -16.18 -151.77
C GLN D 148 -11.24 -16.03 -151.32
N GLN D 149 -11.61 -16.62 -150.19
CA GLN D 149 -12.92 -16.35 -149.62
C GLN D 149 -13.01 -14.91 -149.14
N LEU D 150 -11.93 -14.37 -148.59
CA LEU D 150 -11.87 -12.94 -148.28
C LEU D 150 -11.98 -12.10 -149.56
N ARG D 151 -11.40 -12.60 -150.66
CA ARG D 151 -11.58 -11.93 -151.95
C ARG D 151 -13.04 -11.96 -152.39
N SER D 152 -13.73 -13.08 -152.16
CA SER D 152 -15.16 -13.16 -152.47
C SER D 152 -15.95 -12.17 -151.63
N ARG D 153 -15.62 -12.03 -150.35
CA ARG D 153 -16.17 -10.93 -149.56
C ARG D 153 -15.77 -9.59 -150.15
N GLY D 154 -14.57 -9.51 -150.72
CA GLY D 154 -14.06 -8.25 -151.22
C GLY D 154 -13.73 -7.25 -150.15
N ASP D 155 -13.59 -7.69 -148.90
CA ASP D 155 -13.51 -6.78 -147.77
C ASP D 155 -12.12 -6.18 -147.64
N ASN D 156 -12.07 -4.98 -147.07
CA ASN D 156 -10.80 -4.31 -146.79
C ASN D 156 -10.10 -4.99 -145.61
N VAL D 157 -8.78 -5.12 -145.71
CA VAL D 157 -7.97 -5.73 -144.67
C VAL D 157 -6.99 -4.69 -144.14
N TYR D 158 -6.85 -4.63 -142.83
CA TYR D 158 -5.98 -3.66 -142.16
C TYR D 158 -4.89 -4.40 -141.39
N VAL D 159 -3.91 -3.64 -140.93
CA VAL D 159 -2.88 -4.15 -140.03
C VAL D 159 -2.86 -3.29 -138.77
N VAL D 160 -2.25 -3.82 -137.72
CA VAL D 160 -2.15 -3.13 -136.44
C VAL D 160 -0.81 -2.42 -136.39
N THR D 161 -0.84 -1.11 -136.17
CA THR D 161 0.36 -0.30 -136.20
C THR D 161 0.82 0.23 -134.85
N GLU D 162 -0.07 0.27 -133.84
CA GLU D 162 0.40 0.35 -132.47
C GLU D 162 -0.65 -0.22 -131.53
N VAL D 163 -0.21 -0.62 -130.34
CA VAL D 163 -1.07 -1.24 -129.33
C VAL D 163 -0.84 -0.55 -128.00
N LEU D 164 -1.85 -0.58 -127.13
CA LEU D 164 -1.77 -0.04 -125.78
C LEU D 164 -2.16 -1.17 -124.82
N GLN D 165 -1.18 -1.69 -124.08
CA GLN D 165 -1.37 -2.86 -123.23
C GLN D 165 -1.04 -2.55 -121.78
N THR D 166 -1.56 -3.38 -120.89
CA THR D 166 -1.40 -3.24 -119.45
C THR D 166 -0.41 -4.28 -118.93
N GLN D 167 0.58 -3.82 -118.17
CA GLN D 167 1.68 -4.67 -117.71
C GLN D 167 1.82 -4.60 -116.18
N LYS D 168 0.95 -5.30 -115.47
CA LYS D 168 0.79 -5.46 -114.03
C LYS D 168 -0.38 -6.39 -113.77
N GLU D 169 -0.66 -6.59 -112.48
CA GLU D 169 -1.88 -7.26 -112.04
C GLU D 169 -2.93 -6.16 -111.84
N VAL D 170 -3.84 -6.02 -112.79
CA VAL D 170 -4.89 -5.02 -112.73
C VAL D 170 -6.20 -5.69 -112.33
N GLU D 171 -6.91 -5.05 -111.40
CA GLU D 171 -8.19 -5.57 -110.94
C GLU D 171 -9.23 -4.46 -111.03
N VAL D 172 -10.50 -4.87 -111.02
CA VAL D 172 -11.63 -3.98 -110.90
C VAL D 172 -12.56 -4.54 -109.83
N THR D 173 -13.08 -3.66 -108.97
CA THR D 173 -13.92 -4.09 -107.85
C THR D 173 -15.19 -3.23 -107.85
N ARG D 174 -16.25 -3.77 -108.44
CA ARG D 174 -17.53 -3.09 -108.50
C ARG D 174 -18.51 -3.67 -107.49
N THR D 175 -19.44 -2.84 -107.03
CA THR D 175 -20.56 -3.25 -106.21
C THR D 175 -21.83 -2.60 -106.75
N HIS D 176 -22.97 -3.03 -106.24
CA HIS D 176 -24.24 -2.51 -106.73
C HIS D 176 -25.34 -2.91 -105.75
N LYS D 177 -26.17 -1.94 -105.38
CA LYS D 177 -27.34 -2.21 -104.53
C LYS D 177 -28.54 -1.50 -105.14
N ARG D 178 -29.70 -2.15 -105.07
CA ARG D 178 -30.97 -1.55 -105.49
C ARG D 178 -32.02 -1.92 -104.46
N GLU D 179 -32.30 -1.00 -103.53
CA GLU D 179 -33.20 -1.25 -102.41
C GLU D 179 -34.56 -0.62 -102.72
N GLY D 180 -35.57 -1.45 -102.93
CA GLY D 180 -36.92 -0.97 -103.12
C GLY D 180 -37.76 -1.25 -101.88
N SER D 181 -38.71 -0.36 -101.62
CA SER D 181 -39.57 -0.48 -100.45
C SER D 181 -40.90 0.20 -100.74
N GLY D 182 -41.90 -0.14 -99.93
CA GLY D 182 -43.21 0.48 -100.07
C GLY D 182 -44.25 -0.05 -99.11
N ARG D 183 -45.12 0.83 -98.62
CA ARG D 183 -46.27 0.45 -97.81
C ARG D 183 -47.51 1.09 -98.42
N PHE D 184 -48.43 0.24 -98.89
CA PHE D 184 -49.63 0.71 -99.57
C PHE D 184 -50.84 0.46 -98.69
N SER D 185 -51.41 1.54 -98.17
CA SER D 185 -52.67 1.49 -97.41
C SER D 185 -53.73 2.13 -98.30
N LEU D 186 -54.31 1.31 -99.18
CA LEU D 186 -55.20 1.81 -100.24
C LEU D 186 -56.56 1.13 -100.11
N PRO D 187 -57.51 1.77 -99.43
CA PRO D 187 -58.89 1.25 -99.45
C PRO D 187 -59.55 1.50 -100.80
N GLY D 188 -59.69 0.43 -101.60
CA GLY D 188 -60.25 0.58 -102.93
C GLY D 188 -61.23 -0.52 -103.29
N ALA D 189 -61.04 -1.12 -104.45
CA ALA D 189 -61.93 -2.17 -104.96
C ALA D 189 -61.33 -3.56 -104.87
N THR D 190 -60.03 -3.71 -105.13
CA THR D 190 -59.38 -5.03 -105.11
C THR D 190 -58.50 -5.26 -103.91
N CYS D 191 -57.96 -4.21 -103.28
CA CYS D 191 -57.10 -4.35 -102.11
C CYS D 191 -57.45 -3.26 -101.10
N GLU D 192 -57.13 -3.54 -99.84
CA GLU D 192 -57.29 -2.56 -98.77
C GLU D 192 -55.96 -2.14 -98.16
N GLN D 193 -55.10 -3.11 -97.84
CA GLN D 193 -53.77 -2.84 -97.31
C GLN D 193 -52.79 -3.78 -97.98
N GLY D 194 -51.61 -3.26 -98.30
CA GLY D 194 -50.62 -4.07 -98.98
C GLY D 194 -49.22 -3.52 -98.79
N GLU D 195 -48.24 -4.38 -99.07
CA GLU D 195 -46.83 -4.01 -99.00
C GLU D 195 -46.09 -4.64 -100.16
N GLY D 196 -44.98 -4.02 -100.54
CA GLY D 196 -44.13 -4.57 -101.58
C GLY D 196 -42.73 -4.00 -101.52
N GLN D 197 -41.72 -4.88 -101.51
CA GLN D 197 -40.33 -4.43 -101.45
C GLN D 197 -39.43 -5.53 -101.97
N GLY D 198 -38.23 -5.12 -102.38
CA GLY D 198 -37.21 -6.07 -102.80
C GLY D 198 -35.86 -5.41 -102.99
N HIS D 199 -34.82 -5.98 -102.40
CA HIS D 199 -33.47 -5.43 -102.51
C HIS D 199 -32.51 -6.54 -102.85
N LEU D 200 -31.53 -6.24 -103.70
CA LEU D 200 -30.54 -7.22 -104.09
C LEU D 200 -29.18 -6.55 -104.19
N SER D 201 -28.18 -7.19 -103.58
CA SER D 201 -26.80 -6.74 -103.73
C SER D 201 -26.20 -7.35 -104.98
N GLN D 202 -24.95 -6.99 -105.25
CA GLN D 202 -24.22 -7.53 -106.40
C GLN D 202 -22.77 -7.12 -106.27
N LYS D 203 -21.89 -7.91 -106.88
CA LYS D 203 -20.46 -7.66 -106.83
C LYS D 203 -19.80 -8.45 -107.95
N LYS D 204 -18.62 -7.97 -108.36
CA LYS D 204 -17.78 -8.73 -109.28
C LYS D 204 -16.35 -8.23 -109.14
N THR D 205 -15.41 -9.06 -109.57
CA THR D 205 -13.99 -8.74 -109.44
C THR D 205 -13.24 -9.45 -110.57
N VAL D 206 -12.91 -8.71 -111.61
CA VAL D 206 -12.18 -9.25 -112.76
C VAL D 206 -10.72 -8.84 -112.65
N THR D 207 -9.84 -9.67 -113.18
CA THR D 207 -8.41 -9.43 -113.14
C THR D 207 -7.81 -9.75 -114.48
N ILE D 208 -7.25 -8.73 -115.15
CA ILE D 208 -6.60 -8.90 -116.45
C ILE D 208 -5.11 -9.11 -116.23
N PRO D 209 -4.51 -10.14 -116.81
CA PRO D 209 -3.07 -10.37 -116.66
C PRO D 209 -2.26 -9.39 -117.49
N SER D 210 -0.96 -9.39 -117.22
CA SER D 210 -0.05 -8.46 -117.89
C SER D 210 0.03 -8.75 -119.38
N GLY D 211 0.07 -7.69 -120.18
CA GLY D 211 0.23 -7.81 -121.61
C GLY D 211 -1.05 -8.09 -122.36
N SER D 212 -2.06 -7.25 -122.16
CA SER D 212 -3.34 -7.37 -122.85
C SER D 212 -3.64 -6.06 -123.57
N THR D 213 -3.81 -6.12 -124.89
CA THR D 213 -4.04 -4.92 -125.68
C THR D 213 -5.38 -4.29 -125.31
N LEU D 214 -5.39 -2.97 -125.13
CA LEU D 214 -6.60 -2.22 -124.83
C LEU D 214 -7.13 -1.44 -126.02
N ALA D 215 -6.25 -0.93 -126.88
CA ALA D 215 -6.67 -0.16 -128.04
C ALA D 215 -5.64 -0.36 -129.15
N PHE D 216 -6.00 0.05 -130.36
CA PHE D 216 -5.13 -0.16 -131.51
C PHE D 216 -5.46 0.87 -132.59
N ARG D 217 -4.52 1.04 -133.50
CA ARG D 217 -4.71 1.86 -134.70
C ARG D 217 -4.35 1.01 -135.90
N VAL D 218 -5.01 1.29 -137.03
CA VAL D 218 -4.89 0.45 -138.22
C VAL D 218 -4.23 1.23 -139.34
N ALA D 219 -3.70 0.47 -140.31
CA ALA D 219 -3.08 1.04 -141.50
C ALA D 219 -3.51 0.20 -142.69
N GLN D 220 -4.40 0.75 -143.51
CA GLN D 220 -5.01 -0.01 -144.59
C GLN D 220 -3.99 -0.39 -145.65
N LEU D 221 -4.19 -1.56 -146.25
CA LEU D 221 -3.39 -2.03 -147.36
C LEU D 221 -4.29 -2.39 -148.54
N VAL D 222 -3.68 -2.56 -149.70
CA VAL D 222 -4.41 -2.81 -150.95
C VAL D 222 -3.85 -4.07 -151.59
N ILE D 223 -4.74 -4.92 -152.11
CA ILE D 223 -4.38 -6.15 -152.80
C ILE D 223 -5.09 -6.13 -154.15
N ASP D 224 -4.41 -5.63 -155.18
CA ASP D 224 -4.89 -5.77 -156.54
C ASP D 224 -4.03 -6.73 -157.35
N SER D 225 -2.72 -6.53 -157.33
CA SER D 225 -1.74 -7.47 -157.86
C SER D 225 -0.66 -7.81 -156.85
N ASP D 226 -0.26 -6.84 -156.02
CA ASP D 226 0.73 -7.07 -154.96
C ASP D 226 0.30 -6.28 -153.73
N LEU D 227 1.04 -6.44 -152.65
CA LEU D 227 0.69 -5.79 -151.40
C LEU D 227 1.39 -4.43 -151.29
N ASP D 228 0.65 -3.46 -150.76
CA ASP D 228 1.16 -2.13 -150.52
C ASP D 228 0.39 -1.51 -149.37
N VAL D 229 1.10 -1.00 -148.37
CA VAL D 229 0.51 -0.47 -147.16
C VAL D 229 0.30 1.03 -147.32
N LEU D 230 -0.94 1.48 -147.16
CA LEU D 230 -1.27 2.90 -147.15
C LEU D 230 -1.45 3.32 -145.69
N LEU D 231 -0.47 4.07 -145.17
CA LEU D 231 -0.50 4.43 -143.75
C LEU D 231 -1.67 5.34 -143.40
N PHE D 232 -2.20 6.07 -144.38
CA PHE D 232 -3.32 7.00 -144.13
C PHE D 232 -4.08 7.24 -145.43
N PRO D 233 -4.82 6.25 -145.90
CA PRO D 233 -5.59 6.42 -147.15
C PRO D 233 -6.89 7.15 -146.93
N ASP D 234 -7.69 7.27 -147.99
CA ASP D 234 -9.00 7.91 -147.92
C ASP D 234 -10.10 6.87 -147.77
N LYS D 235 -11.32 7.36 -147.54
CA LYS D 235 -12.47 6.49 -147.41
C LYS D 235 -12.83 5.89 -148.77
N LYS D 236 -13.50 4.73 -148.73
CA LYS D 236 -13.86 3.99 -149.95
C LYS D 236 -12.64 3.62 -150.77
N GLN D 237 -11.57 3.22 -150.08
CA GLN D 237 -10.38 2.68 -150.72
C GLN D 237 -10.48 1.16 -150.64
N ARG D 238 -10.99 0.54 -151.70
CA ARG D 238 -11.26 -0.89 -151.68
C ARG D 238 -9.96 -1.66 -151.86
N THR D 239 -9.70 -2.60 -150.96
CA THR D 239 -8.48 -3.39 -151.01
C THR D 239 -8.44 -4.26 -152.26
N PHE D 240 -9.51 -5.02 -152.51
CA PHE D 240 -9.61 -5.88 -153.67
C PHE D 240 -10.30 -5.12 -154.81
N GLN D 241 -10.65 -5.85 -155.87
CA GLN D 241 -11.33 -5.25 -157.01
C GLN D 241 -12.83 -5.55 -156.96
N SER E 3 -30.61 -24.83 -113.17
CA SER E 3 -29.64 -25.66 -113.86
C SER E 3 -28.28 -25.61 -113.18
N ALA E 4 -28.03 -24.49 -112.48
CA ALA E 4 -26.82 -24.28 -111.69
C ALA E 4 -25.56 -24.26 -112.56
N PHE E 5 -25.72 -24.33 -113.88
CA PHE E 5 -24.61 -24.22 -114.81
C PHE E 5 -24.80 -23.13 -115.84
N GLU E 6 -26.01 -22.98 -116.39
CA GLU E 6 -26.25 -21.90 -117.34
C GLU E 6 -26.21 -20.53 -116.68
N ARG E 7 -26.43 -20.46 -115.38
CA ARG E 7 -26.25 -19.20 -114.65
C ARG E 7 -24.83 -18.68 -114.81
N VAL E 8 -23.85 -19.46 -114.34
CA VAL E 8 -22.45 -19.02 -114.39
C VAL E 8 -21.95 -18.93 -115.83
N VAL E 9 -22.40 -19.83 -116.72
CA VAL E 9 -21.97 -19.76 -118.10
C VAL E 9 -22.46 -18.48 -118.76
N ARG E 10 -23.73 -18.14 -118.55
CA ARG E 10 -24.26 -16.90 -119.11
C ARG E 10 -23.56 -15.69 -118.50
N ARG E 11 -23.25 -15.74 -117.20
CA ARG E 11 -22.51 -14.66 -116.58
C ARG E 11 -21.13 -14.49 -117.21
N VAL E 12 -20.43 -15.59 -117.45
CA VAL E 12 -19.10 -15.52 -118.06
C VAL E 12 -19.18 -14.97 -119.48
N VAL E 13 -20.15 -15.43 -120.27
CA VAL E 13 -20.29 -14.88 -121.61
C VAL E 13 -20.67 -13.40 -121.59
N GLN E 14 -21.52 -12.98 -120.65
CA GLN E 14 -21.85 -11.57 -120.48
C GLN E 14 -20.65 -10.75 -120.03
N GLU E 15 -19.69 -11.37 -119.36
CA GLU E 15 -18.44 -10.69 -119.02
C GLU E 15 -17.57 -10.42 -120.23
N LEU E 16 -18.04 -10.74 -121.43
CA LEU E 16 -17.40 -10.33 -122.67
C LEU E 16 -18.18 -9.24 -123.39
N ASP E 17 -19.29 -8.75 -122.81
CA ASP E 17 -20.16 -7.78 -123.45
C ASP E 17 -20.55 -8.23 -124.85
N HIS E 18 -21.11 -9.44 -124.94
CA HIS E 18 -21.54 -10.08 -126.19
C HIS E 18 -20.50 -9.93 -127.30
N GLY E 19 -19.22 -9.96 -126.93
CA GLY E 19 -18.15 -9.90 -127.91
C GLY E 19 -17.67 -11.28 -128.32
N GLY E 20 -17.46 -11.47 -129.62
CA GLY E 20 -17.09 -12.77 -130.14
C GLY E 20 -18.27 -13.73 -130.17
N GLU E 21 -18.21 -14.68 -131.10
CA GLU E 21 -19.31 -15.63 -131.26
C GLU E 21 -19.49 -16.48 -130.01
N PHE E 22 -18.51 -17.33 -129.70
CA PHE E 22 -18.48 -18.15 -128.49
C PHE E 22 -19.85 -18.76 -128.18
N ILE E 23 -20.28 -19.64 -129.09
CA ILE E 23 -21.46 -20.46 -128.85
C ILE E 23 -21.26 -21.20 -127.55
N PRO E 24 -21.98 -20.86 -126.49
CA PRO E 24 -21.69 -21.43 -125.17
C PRO E 24 -22.15 -22.87 -125.06
N VAL E 25 -21.57 -23.56 -124.09
CA VAL E 25 -21.88 -24.95 -123.84
C VAL E 25 -22.94 -25.03 -122.74
N THR E 26 -23.75 -26.06 -122.79
CA THR E 26 -24.81 -26.30 -121.82
C THR E 26 -24.72 -27.68 -121.17
N SER E 27 -24.19 -28.66 -121.89
CA SER E 27 -24.11 -30.04 -121.39
C SER E 27 -22.81 -30.24 -120.64
N LEU E 28 -22.91 -30.78 -119.42
CA LEU E 28 -21.71 -31.18 -118.69
C LEU E 28 -20.91 -32.22 -119.44
N GLN E 29 -21.56 -33.13 -120.16
CA GLN E 29 -20.85 -34.13 -120.94
C GLN E 29 -20.16 -33.52 -122.15
N SER E 30 -20.71 -32.46 -122.71
CA SER E 30 -20.15 -31.84 -123.91
C SER E 30 -19.00 -30.90 -123.60
N SER E 31 -18.81 -30.54 -122.32
CA SER E 31 -17.66 -29.70 -121.96
C SER E 31 -16.35 -30.42 -122.26
N THR E 32 -16.27 -31.71 -121.94
CA THR E 32 -15.06 -32.47 -122.22
C THR E 32 -14.89 -32.79 -123.69
N GLY E 33 -15.99 -32.89 -124.44
CA GLY E 33 -15.90 -33.24 -125.85
C GLY E 33 -15.51 -32.11 -126.77
N PHE E 34 -15.56 -30.87 -126.29
CA PHE E 34 -15.23 -29.70 -127.11
C PHE E 34 -13.75 -29.40 -126.95
N GLN E 35 -12.94 -30.04 -127.79
CA GLN E 35 -11.50 -29.83 -127.82
C GLN E 35 -11.11 -29.30 -129.19
N PRO E 36 -9.93 -28.72 -129.36
CA PRO E 36 -9.51 -28.27 -130.69
C PRO E 36 -9.43 -29.44 -131.66
N TYR E 37 -9.67 -29.14 -132.94
CA TYR E 37 -9.63 -30.10 -134.04
C TYR E 37 -10.75 -31.12 -133.96
N CYS E 38 -11.76 -30.88 -133.11
CA CYS E 38 -12.87 -31.81 -132.97
C CYS E 38 -14.03 -31.41 -133.88
N LEU E 39 -14.77 -32.41 -134.34
CA LEU E 39 -15.87 -32.21 -135.27
C LEU E 39 -17.18 -31.99 -134.53
N VAL E 40 -18.02 -31.10 -135.04
CA VAL E 40 -19.36 -30.90 -134.54
C VAL E 40 -20.32 -30.89 -135.73
N VAL E 41 -21.59 -31.20 -135.46
CA VAL E 41 -22.60 -31.34 -136.50
C VAL E 41 -23.74 -30.37 -136.20
N ARG E 42 -24.17 -29.63 -137.22
CA ARG E 42 -25.30 -28.72 -137.11
C ARG E 42 -26.24 -28.93 -138.29
N LYS E 43 -27.51 -29.13 -137.99
CA LYS E 43 -28.52 -29.17 -139.04
C LYS E 43 -28.90 -27.76 -139.46
N PRO E 44 -29.40 -27.59 -140.69
CA PRO E 44 -29.89 -26.27 -141.10
C PRO E 44 -31.05 -25.81 -140.23
N SER E 45 -31.11 -24.49 -140.03
CA SER E 45 -32.15 -23.90 -139.22
C SER E 45 -33.52 -24.10 -139.87
N SER E 46 -34.58 -23.94 -139.07
CA SER E 46 -35.92 -24.25 -139.57
C SER E 46 -36.42 -23.16 -140.50
N SER E 47 -36.70 -21.96 -139.96
CA SER E 47 -36.87 -20.78 -140.81
C SER E 47 -35.90 -19.67 -140.44
N TRP E 48 -36.03 -19.06 -139.26
CA TRP E 48 -35.12 -17.99 -138.83
C TRP E 48 -34.64 -18.17 -137.41
N PHE E 49 -35.52 -18.62 -136.51
CA PHE E 49 -35.27 -18.52 -135.08
C PHE E 49 -35.25 -19.85 -134.34
N TRP E 50 -35.71 -20.94 -134.96
CA TRP E 50 -35.55 -22.27 -134.36
C TRP E 50 -34.09 -22.67 -134.50
N LYS E 51 -33.27 -22.09 -133.63
CA LYS E 51 -31.82 -22.25 -133.72
C LYS E 51 -31.43 -23.71 -133.53
N PRO E 52 -30.78 -24.35 -134.50
CA PRO E 52 -30.32 -25.72 -134.31
C PRO E 52 -29.13 -25.76 -133.37
N ARG E 53 -29.34 -26.30 -132.18
CA ARG E 53 -28.29 -26.39 -131.18
C ARG E 53 -27.17 -27.32 -131.67
N TYR E 54 -25.93 -26.91 -131.40
CA TYR E 54 -24.78 -27.68 -131.84
C TYR E 54 -24.65 -28.95 -131.02
N LYS E 55 -24.38 -30.06 -131.70
CA LYS E 55 -24.18 -31.35 -131.05
C LYS E 55 -22.72 -31.75 -131.18
N CYS E 56 -22.09 -32.06 -130.06
CA CYS E 56 -20.68 -32.43 -130.06
C CYS E 56 -20.49 -33.83 -130.60
N VAL E 57 -19.45 -34.01 -131.41
CA VAL E 57 -19.06 -35.32 -131.92
C VAL E 57 -17.63 -35.58 -131.46
N ASN E 58 -17.41 -36.72 -130.80
CA ASN E 58 -16.10 -37.07 -130.26
C ASN E 58 -15.21 -37.66 -131.36
N LEU E 59 -14.91 -36.82 -132.34
CA LEU E 59 -14.09 -37.22 -133.49
C LEU E 59 -13.14 -36.09 -133.85
N SER E 60 -11.87 -36.43 -134.06
CA SER E 60 -10.87 -35.45 -134.46
C SER E 60 -10.64 -35.54 -135.97
N ILE E 61 -9.78 -34.66 -136.49
CA ILE E 61 -9.47 -34.65 -137.92
C ILE E 61 -8.24 -35.48 -138.25
N LYS E 62 -7.49 -35.94 -137.26
CA LYS E 62 -6.25 -36.66 -137.53
C LYS E 62 -6.51 -37.97 -138.26
N ASP E 63 -7.54 -38.72 -137.86
CA ASP E 63 -7.83 -39.98 -138.52
C ASP E 63 -8.53 -39.81 -139.86
N ILE E 64 -9.28 -38.72 -140.05
CA ILE E 64 -9.94 -38.51 -141.33
C ILE E 64 -8.92 -38.36 -142.46
N LEU E 65 -7.88 -37.58 -142.23
CA LEU E 65 -6.71 -37.59 -143.10
C LEU E 65 -5.88 -38.85 -142.83
N GLU E 66 -5.17 -39.30 -143.87
CA GLU E 66 -4.59 -40.64 -143.81
C GLU E 66 -3.42 -40.77 -142.84
N PRO E 67 -2.36 -39.96 -142.93
CA PRO E 67 -1.13 -40.32 -142.20
C PRO E 67 -1.07 -39.83 -140.75
N ASP E 68 -2.14 -40.06 -139.99
CA ASP E 68 -2.09 -40.11 -138.52
C ASP E 68 -1.35 -38.89 -137.94
N ALA E 69 -2.02 -37.74 -138.03
CA ALA E 69 -1.43 -36.46 -137.64
C ALA E 69 -0.90 -36.43 -136.21
N ALA E 70 -1.81 -36.44 -135.23
CA ALA E 70 -1.45 -36.25 -133.82
C ALA E 70 -0.60 -35.00 -133.63
N GLU E 71 -1.04 -33.89 -134.21
CA GLU E 71 -0.30 -32.64 -134.20
C GLU E 71 -1.18 -31.48 -133.74
N PRO E 72 -1.29 -31.25 -132.43
CA PRO E 72 -1.95 -30.02 -131.96
C PRO E 72 -0.95 -28.87 -131.87
N ASP E 73 -1.42 -27.69 -132.28
CA ASP E 73 -0.57 -26.50 -132.27
C ASP E 73 -1.16 -25.41 -131.39
N VAL E 74 -1.58 -25.77 -130.19
CA VAL E 74 -2.11 -24.80 -129.23
C VAL E 74 -0.96 -24.02 -128.61
N GLN E 75 -1.03 -22.69 -128.68
CA GLN E 75 0.01 -21.84 -128.15
C GLN E 75 -0.51 -20.68 -127.30
N ARG E 76 -1.79 -20.35 -127.39
CA ARG E 76 -2.35 -19.23 -126.65
C ARG E 76 -2.53 -19.59 -125.18
N GLY E 77 -2.29 -18.61 -124.30
CA GLY E 77 -2.71 -18.74 -122.93
C GLY E 77 -2.54 -17.49 -122.09
N ARG E 78 -3.62 -17.05 -121.44
CA ARG E 78 -3.63 -15.95 -120.49
C ARG E 78 -4.41 -16.39 -119.26
N SER E 79 -4.35 -15.58 -118.20
CA SER E 79 -4.92 -15.97 -116.91
C SER E 79 -5.86 -14.86 -116.42
N PHE E 80 -7.16 -15.04 -116.70
CA PHE E 80 -8.18 -14.12 -116.23
C PHE E 80 -8.84 -14.70 -114.98
N HIS E 81 -8.63 -14.04 -113.84
CA HIS E 81 -9.25 -14.44 -112.59
C HIS E 81 -10.52 -13.64 -112.38
N PHE E 82 -11.66 -14.33 -112.32
CA PHE E 82 -12.95 -13.69 -112.21
C PHE E 82 -13.64 -14.13 -110.92
N TYR E 83 -14.22 -13.17 -110.22
CA TYR E 83 -14.93 -13.42 -108.97
C TYR E 83 -16.19 -12.58 -108.94
N ASP E 84 -17.21 -13.06 -108.23
CA ASP E 84 -18.45 -12.31 -108.06
C ASP E 84 -19.22 -12.89 -106.89
N ALA E 85 -20.37 -12.27 -106.62
CA ALA E 85 -21.28 -12.73 -105.59
C ALA E 85 -22.66 -12.16 -105.91
N MET E 86 -23.63 -12.47 -105.05
CA MET E 86 -25.00 -12.00 -105.27
C MET E 86 -25.81 -12.23 -104.01
N ASP E 87 -26.89 -11.46 -103.88
CA ASP E 87 -27.87 -11.62 -102.80
C ASP E 87 -29.19 -11.09 -103.31
N GLY E 88 -30.28 -11.59 -102.77
CA GLY E 88 -31.61 -11.13 -103.16
C GLY E 88 -32.63 -11.48 -102.12
N GLN E 89 -33.66 -10.66 -102.03
CA GLN E 89 -34.75 -10.90 -101.06
C GLN E 89 -35.93 -10.00 -101.43
N ILE E 90 -37.12 -10.60 -101.52
CA ILE E 90 -38.36 -9.87 -101.67
C ILE E 90 -39.35 -10.41 -100.65
N GLN E 91 -40.49 -9.74 -100.53
CA GLN E 91 -41.55 -10.18 -99.65
C GLN E 91 -42.85 -9.49 -100.04
N GLY E 92 -43.90 -9.77 -99.28
CA GLY E 92 -45.20 -9.16 -99.52
C GLY E 92 -46.13 -9.43 -98.37
N SER E 93 -47.11 -8.54 -98.22
CA SER E 93 -48.12 -8.67 -97.18
C SER E 93 -49.36 -7.91 -97.60
N VAL E 94 -50.53 -8.49 -97.33
CA VAL E 94 -51.81 -7.92 -97.73
C VAL E 94 -52.81 -8.14 -96.61
N GLU E 95 -53.52 -7.07 -96.23
CA GLU E 95 -54.61 -7.14 -95.27
C GLU E 95 -55.89 -6.83 -96.04
N LEU E 96 -56.51 -7.88 -96.59
CA LEU E 96 -57.65 -7.74 -97.48
C LEU E 96 -58.93 -8.12 -96.76
N ALA E 97 -59.90 -7.21 -96.77
CA ALA E 97 -61.18 -7.45 -96.09
C ALA E 97 -62.41 -7.18 -96.94
N ALA E 98 -62.39 -6.23 -97.88
CA ALA E 98 -63.60 -5.84 -98.58
C ALA E 98 -64.01 -6.81 -99.69
N PRO E 99 -63.13 -7.10 -100.72
CA PRO E 99 -63.58 -7.88 -101.89
C PRO E 99 -63.83 -9.35 -101.57
N GLY E 100 -64.79 -9.59 -100.66
CA GLY E 100 -65.14 -10.93 -100.25
C GLY E 100 -65.76 -10.92 -98.88
N GLN E 101 -65.66 -12.05 -98.18
CA GLN E 101 -66.12 -12.15 -96.79
C GLN E 101 -64.98 -12.49 -95.85
N ALA E 102 -63.75 -12.22 -96.24
CA ALA E 102 -62.56 -12.68 -95.54
C ALA E 102 -61.87 -11.54 -94.81
N LYS E 103 -61.01 -11.92 -93.86
CA LYS E 103 -60.07 -11.02 -93.20
C LYS E 103 -58.69 -11.67 -93.37
N ILE E 104 -58.06 -11.38 -94.51
CA ILE E 104 -56.86 -12.10 -94.92
C ILE E 104 -55.63 -11.40 -94.36
N ALA E 105 -54.78 -12.17 -93.68
CA ALA E 105 -53.48 -11.69 -93.19
C ALA E 105 -52.43 -12.73 -93.60
N GLY E 106 -51.73 -12.46 -94.70
CA GLY E 106 -50.77 -13.40 -95.21
C GLY E 106 -49.45 -12.72 -95.55
N GLY E 107 -48.46 -13.55 -95.85
CA GLY E 107 -47.13 -13.05 -96.17
C GLY E 107 -46.38 -14.04 -97.04
N ALA E 108 -45.26 -13.55 -97.59
CA ALA E 108 -44.41 -14.37 -98.43
C ALA E 108 -42.99 -13.80 -98.38
N ALA E 109 -42.04 -14.60 -98.85
CA ALA E 109 -40.64 -14.18 -98.87
C ALA E 109 -39.85 -15.11 -99.76
N VAL E 110 -39.00 -14.54 -100.60
CA VAL E 110 -38.08 -15.30 -101.46
C VAL E 110 -36.67 -14.81 -101.18
N SER E 111 -35.75 -15.74 -100.97
CA SER E 111 -34.37 -15.40 -100.66
C SER E 111 -33.44 -16.39 -101.37
N ASP E 112 -32.32 -15.87 -101.86
CA ASP E 112 -31.35 -16.69 -102.56
C ASP E 112 -29.99 -15.99 -102.57
N SER E 113 -28.98 -16.72 -103.05
CA SER E 113 -27.63 -16.19 -103.14
C SER E 113 -26.86 -16.98 -104.20
N SER E 114 -25.62 -16.57 -104.43
CA SER E 114 -24.76 -17.24 -105.39
C SER E 114 -23.32 -16.79 -105.16
N SER E 115 -22.39 -17.57 -105.72
CA SER E 115 -20.98 -17.24 -105.67
C SER E 115 -20.25 -17.98 -106.79
N THR E 116 -19.07 -17.47 -107.13
CA THR E 116 -18.23 -18.09 -108.16
C THR E 116 -16.84 -17.49 -108.09
N SER E 117 -15.83 -18.34 -108.17
CA SER E 117 -14.44 -17.91 -108.23
C SER E 117 -13.68 -18.84 -109.17
N MET E 118 -13.18 -18.28 -110.27
CA MET E 118 -12.72 -19.12 -111.38
C MET E 118 -11.63 -18.39 -112.15
N ASN E 119 -10.85 -19.17 -112.90
CA ASN E 119 -9.78 -18.67 -113.76
C ASN E 119 -9.95 -19.25 -115.15
N VAL E 120 -9.49 -18.50 -116.15
CA VAL E 120 -9.75 -18.81 -117.55
C VAL E 120 -8.45 -18.76 -118.34
N TYR E 121 -8.15 -19.83 -119.08
CA TYR E 121 -7.15 -19.79 -120.13
C TYR E 121 -7.87 -19.69 -121.47
N SER E 122 -7.10 -19.77 -122.56
CA SER E 122 -7.69 -19.72 -123.90
C SER E 122 -6.74 -20.43 -124.86
N LEU E 123 -7.29 -21.37 -125.62
CA LEU E 123 -6.51 -22.14 -126.58
C LEU E 123 -7.06 -21.90 -127.97
N SER E 124 -6.16 -21.75 -128.94
CA SER E 124 -6.55 -21.38 -130.29
C SER E 124 -5.73 -22.20 -131.28
N VAL E 125 -6.05 -22.04 -132.57
CA VAL E 125 -5.35 -22.69 -133.65
C VAL E 125 -5.09 -21.67 -134.74
N ASP E 126 -3.87 -21.68 -135.28
CA ASP E 126 -3.46 -20.65 -136.21
C ASP E 126 -3.93 -20.98 -137.63
N PRO E 127 -4.31 -19.97 -138.42
CA PRO E 127 -4.65 -20.25 -139.83
C PRO E 127 -3.52 -20.86 -140.63
N ASN E 128 -2.26 -20.52 -140.32
CA ASN E 128 -1.13 -21.16 -140.98
C ASN E 128 -1.06 -22.65 -140.70
N THR E 129 -1.43 -23.07 -139.48
CA THR E 129 -1.52 -24.48 -139.19
C THR E 129 -2.53 -25.16 -140.11
N TRP E 130 -3.69 -24.54 -140.30
CA TRP E 130 -4.68 -25.08 -141.23
C TRP E 130 -4.13 -25.12 -142.65
N GLN E 131 -3.42 -24.07 -143.05
CA GLN E 131 -2.89 -23.99 -144.41
C GLN E 131 -1.89 -25.09 -144.71
N THR E 132 -0.89 -25.26 -143.83
CA THR E 132 0.08 -26.32 -144.02
C THR E 132 -0.55 -27.70 -143.84
N LEU E 133 -1.50 -27.81 -142.92
CA LEU E 133 -2.20 -29.07 -142.70
C LEU E 133 -2.92 -29.52 -143.96
N LEU E 134 -3.61 -28.61 -144.63
CA LEU E 134 -4.35 -28.97 -145.83
C LEU E 134 -3.44 -29.22 -147.02
N HIS E 135 -2.45 -28.35 -147.25
CA HIS E 135 -1.59 -28.56 -148.42
C HIS E 135 -0.65 -29.76 -148.26
N GLU E 136 -0.24 -30.11 -147.04
CA GLU E 136 0.65 -31.23 -146.87
C GLU E 136 -0.06 -32.55 -147.16
N ARG E 137 -1.31 -32.67 -146.70
CA ARG E 137 -1.94 -33.96 -146.49
C ARG E 137 -3.38 -33.95 -147.01
N HIS E 138 -3.85 -35.13 -147.41
CA HIS E 138 -5.11 -35.26 -148.14
C HIS E 138 -6.11 -36.12 -147.35
N LEU E 139 -7.23 -36.43 -148.01
CA LEU E 139 -8.37 -37.07 -147.37
C LEU E 139 -8.44 -38.55 -147.70
N ARG E 140 -8.82 -39.36 -146.72
CA ARG E 140 -9.17 -40.76 -146.93
C ARG E 140 -10.57 -40.83 -147.51
N GLN E 141 -10.66 -40.91 -148.83
CA GLN E 141 -11.96 -41.10 -149.48
C GLN E 141 -12.64 -42.42 -149.12
N PRO E 142 -11.90 -43.54 -148.81
CA PRO E 142 -12.57 -44.74 -148.30
C PRO E 142 -12.78 -44.72 -146.79
N GLU E 143 -13.24 -43.58 -146.27
CA GLU E 143 -13.57 -43.41 -144.86
C GLU E 143 -14.91 -42.68 -144.81
N HIS E 144 -15.99 -43.44 -144.79
CA HIS E 144 -17.32 -42.84 -144.77
C HIS E 144 -18.31 -43.51 -143.83
N LYS E 145 -17.94 -44.57 -143.11
CA LYS E 145 -18.90 -45.19 -142.21
C LYS E 145 -19.31 -44.22 -141.11
N VAL E 146 -18.45 -43.26 -140.78
CA VAL E 146 -18.83 -42.14 -139.91
C VAL E 146 -19.37 -40.97 -140.71
N LEU E 147 -19.29 -41.01 -142.04
CA LEU E 147 -19.69 -39.90 -142.89
C LEU E 147 -20.80 -40.22 -143.87
N GLN E 148 -20.96 -41.49 -144.27
CA GLN E 148 -21.94 -41.81 -145.31
C GLN E 148 -23.37 -41.60 -144.81
N GLN E 149 -23.69 -42.08 -143.61
CA GLN E 149 -24.98 -41.73 -143.03
C GLN E 149 -25.02 -40.26 -142.65
N LEU E 150 -23.86 -39.68 -142.29
CA LEU E 150 -23.79 -38.23 -142.14
C LEU E 150 -24.02 -37.53 -143.48
N ARG E 151 -23.56 -38.14 -144.57
CA ARG E 151 -23.89 -37.61 -145.91
C ARG E 151 -25.38 -37.67 -146.17
N SER E 152 -26.04 -38.77 -145.77
CA SER E 152 -27.50 -38.85 -145.89
C SER E 152 -28.18 -37.80 -145.03
N ARG E 153 -27.60 -37.48 -143.87
CA ARG E 153 -28.11 -36.39 -143.06
C ARG E 153 -28.04 -35.07 -143.83
N GLY E 154 -26.93 -34.84 -144.53
CA GLY E 154 -26.73 -33.60 -145.24
C GLY E 154 -26.36 -32.42 -144.36
N ASP E 155 -26.12 -32.66 -143.07
CA ASP E 155 -25.83 -31.57 -142.16
C ASP E 155 -24.42 -31.04 -142.37
N ASN E 156 -24.27 -29.72 -142.22
CA ASN E 156 -22.95 -29.11 -142.33
C ASN E 156 -22.13 -29.43 -141.10
N VAL E 157 -20.91 -29.93 -141.32
CA VAL E 157 -20.01 -30.33 -140.25
C VAL E 157 -19.00 -29.21 -140.03
N TYR E 158 -18.63 -28.97 -138.77
CA TYR E 158 -17.75 -27.89 -138.39
C TYR E 158 -16.65 -28.42 -137.48
N VAL E 159 -15.54 -27.68 -137.43
CA VAL E 159 -14.43 -28.00 -136.53
C VAL E 159 -14.33 -26.91 -135.48
N VAL E 160 -13.65 -27.23 -134.38
CA VAL E 160 -13.47 -26.31 -133.27
C VAL E 160 -12.15 -25.58 -133.45
N THR E 161 -12.22 -24.25 -133.50
CA THR E 161 -11.04 -23.42 -133.72
C THR E 161 -10.66 -22.59 -132.50
N GLU E 162 -11.51 -22.51 -131.48
CA GLU E 162 -11.24 -21.69 -130.32
C GLU E 162 -11.83 -22.38 -129.09
N VAL E 163 -11.08 -22.39 -128.01
CA VAL E 163 -11.48 -23.10 -126.79
C VAL E 163 -11.24 -22.19 -125.60
N LEU E 164 -12.26 -22.06 -124.75
CA LEU E 164 -12.17 -21.27 -123.53
C LEU E 164 -12.52 -22.20 -122.37
N GLN E 165 -11.53 -22.51 -121.55
CA GLN E 165 -11.68 -23.47 -120.47
C GLN E 165 -11.17 -22.90 -119.16
N THR E 166 -11.54 -23.56 -118.06
CA THR E 166 -11.13 -23.17 -116.72
C THR E 166 -10.31 -24.28 -116.09
N GLN E 167 -9.18 -23.90 -115.48
CA GLN E 167 -8.32 -24.86 -114.78
C GLN E 167 -7.96 -24.34 -113.39
N LYS E 168 -8.86 -24.58 -112.45
CA LYS E 168 -8.67 -24.62 -111.00
C LYS E 168 -9.82 -25.46 -110.47
N GLU E 169 -9.79 -25.73 -109.16
CA GLU E 169 -10.90 -26.44 -108.54
C GLU E 169 -12.00 -25.43 -108.27
N VAL E 170 -12.64 -24.98 -109.34
CA VAL E 170 -13.71 -24.00 -109.26
C VAL E 170 -14.99 -24.69 -108.81
N GLU E 171 -15.72 -24.02 -107.93
CA GLU E 171 -16.99 -24.53 -107.43
C GLU E 171 -18.00 -23.38 -107.45
N VAL E 172 -19.27 -23.74 -107.48
CA VAL E 172 -20.37 -22.78 -107.41
C VAL E 172 -21.29 -23.22 -106.29
N THR E 173 -21.92 -22.26 -105.63
CA THR E 173 -22.80 -22.54 -104.48
C THR E 173 -24.03 -21.64 -104.58
N ARG E 174 -25.20 -22.25 -104.52
CA ARG E 174 -26.47 -21.53 -104.53
C ARG E 174 -27.27 -21.87 -103.29
N THR E 175 -28.29 -21.05 -103.04
CA THR E 175 -29.25 -21.29 -101.97
C THR E 175 -30.60 -20.74 -102.42
N HIS E 176 -31.66 -21.11 -101.70
CA HIS E 176 -33.00 -20.71 -102.11
C HIS E 176 -33.96 -20.96 -100.94
N LYS E 177 -34.73 -19.93 -100.60
CA LYS E 177 -35.76 -20.06 -99.57
C LYS E 177 -37.04 -19.42 -100.08
N ARG E 178 -38.10 -20.21 -100.19
CA ARG E 178 -39.42 -19.72 -100.55
C ARG E 178 -40.35 -19.95 -99.37
N GLU E 179 -40.96 -18.88 -98.86
CA GLU E 179 -41.83 -18.94 -97.70
C GLU E 179 -43.23 -18.51 -98.12
N GLY E 180 -44.22 -19.33 -97.80
CA GLY E 180 -45.61 -18.98 -98.03
C GLY E 180 -46.35 -18.90 -96.71
N SER E 181 -47.34 -18.02 -96.66
CA SER E 181 -48.12 -17.83 -95.44
C SER E 181 -49.51 -17.32 -95.80
N GLY E 182 -50.43 -17.46 -94.85
CA GLY E 182 -51.78 -16.98 -95.05
C GLY E 182 -52.69 -17.29 -93.87
N ARG E 183 -53.47 -16.30 -93.44
CA ARG E 183 -54.44 -16.48 -92.37
C ARG E 183 -55.78 -15.95 -92.86
N PHE E 184 -56.77 -16.85 -92.95
CA PHE E 184 -58.07 -16.52 -93.53
C PHE E 184 -59.11 -16.54 -92.43
N SER E 185 -59.87 -15.45 -92.31
CA SER E 185 -61.04 -15.37 -91.45
C SER E 185 -62.21 -15.00 -92.36
N LEU E 186 -62.81 -16.02 -92.97
CA LEU E 186 -63.82 -15.82 -94.02
C LEU E 186 -65.12 -16.54 -93.64
N PRO E 187 -66.02 -15.86 -92.91
CA PRO E 187 -67.36 -16.44 -92.69
C PRO E 187 -68.19 -16.39 -93.97
N GLY E 188 -68.37 -17.54 -94.60
CA GLY E 188 -69.11 -17.60 -95.84
C GLY E 188 -70.01 -18.82 -95.96
N ALA E 189 -69.94 -19.50 -97.09
CA ALA E 189 -70.77 -20.67 -97.36
C ALA E 189 -70.03 -21.99 -97.16
N THR E 190 -68.72 -22.02 -97.38
CA THR E 190 -67.94 -23.25 -97.27
C THR E 190 -67.02 -23.31 -96.05
N CYS E 191 -66.62 -22.16 -95.51
CA CYS E 191 -65.72 -22.13 -94.35
C CYS E 191 -66.08 -20.93 -93.48
N GLU E 192 -65.47 -20.90 -92.29
CA GLU E 192 -65.59 -19.76 -91.39
C GLU E 192 -64.25 -19.10 -91.15
N GLN E 193 -63.19 -19.89 -90.94
CA GLN E 193 -61.83 -19.38 -90.95
C GLN E 193 -60.88 -20.52 -91.28
N GLY E 194 -59.69 -20.16 -91.77
CA GLY E 194 -58.71 -21.15 -92.15
C GLY E 194 -57.32 -20.56 -92.19
N GLU E 195 -56.34 -21.46 -92.27
CA GLU E 195 -54.93 -21.06 -92.34
C GLU E 195 -54.21 -21.93 -93.36
N GLY E 196 -53.13 -21.39 -93.91
CA GLY E 196 -52.31 -22.12 -94.86
C GLY E 196 -50.95 -21.50 -95.03
N GLN E 197 -49.90 -22.31 -94.93
CA GLN E 197 -48.54 -21.82 -95.06
C GLN E 197 -47.62 -22.98 -95.45
N GLY E 198 -46.51 -22.63 -96.08
CA GLY E 198 -45.53 -23.62 -96.46
C GLY E 198 -44.21 -23.00 -96.90
N HIS E 199 -43.11 -23.50 -96.35
CA HIS E 199 -41.79 -22.96 -96.66
C HIS E 199 -40.82 -24.10 -96.93
N LEU E 200 -39.95 -23.91 -97.90
CA LEU E 200 -38.95 -24.92 -98.24
C LEU E 200 -37.64 -24.22 -98.58
N SER E 201 -36.54 -24.78 -98.09
CA SER E 201 -35.21 -24.33 -98.47
C SER E 201 -34.66 -25.22 -99.58
N GLN E 202 -33.46 -24.87 -100.04
CA GLN E 202 -32.80 -25.63 -101.10
C GLN E 202 -31.36 -25.16 -101.21
N LYS E 203 -30.45 -26.12 -101.41
CA LYS E 203 -29.04 -25.82 -101.60
C LYS E 203 -28.52 -26.69 -102.73
N LYS E 204 -27.35 -26.31 -103.24
CA LYS E 204 -26.61 -27.15 -104.17
C LYS E 204 -25.20 -26.60 -104.30
N THR E 205 -24.28 -27.47 -104.73
CA THR E 205 -22.87 -27.11 -104.83
C THR E 205 -22.23 -27.99 -105.90
N VAL E 206 -21.96 -27.41 -107.06
CA VAL E 206 -21.30 -28.11 -108.15
C VAL E 206 -19.85 -27.67 -108.22
N THR E 207 -18.97 -28.62 -108.51
CA THR E 207 -17.54 -28.35 -108.63
C THR E 207 -17.06 -28.78 -110.00
N ILE E 208 -16.49 -27.84 -110.74
CA ILE E 208 -16.02 -28.10 -112.11
C ILE E 208 -14.56 -28.50 -112.07
N PRO E 209 -14.17 -29.62 -112.66
CA PRO E 209 -12.76 -30.00 -112.71
C PRO E 209 -11.98 -29.12 -113.69
N SER E 210 -10.67 -29.09 -113.48
CA SER E 210 -9.81 -28.26 -114.30
C SER E 210 -9.78 -28.76 -115.74
N GLY E 211 -9.80 -27.82 -116.69
CA GLY E 211 -9.72 -28.16 -118.10
C GLY E 211 -11.06 -28.56 -118.71
N SER E 212 -12.10 -27.78 -118.45
CA SER E 212 -13.42 -28.02 -118.99
C SER E 212 -13.80 -26.86 -119.90
N THR E 213 -14.16 -27.18 -121.15
CA THR E 213 -14.46 -26.15 -122.13
C THR E 213 -15.75 -25.41 -121.78
N LEU E 214 -15.70 -24.09 -121.79
CA LEU E 214 -16.86 -23.25 -121.49
C LEU E 214 -17.52 -22.68 -122.73
N ALA E 215 -16.76 -22.38 -123.78
CA ALA E 215 -17.31 -21.87 -125.02
C ALA E 215 -16.37 -22.26 -126.15
N PHE E 216 -16.81 -22.03 -127.38
CA PHE E 216 -16.01 -22.42 -128.54
C PHE E 216 -16.44 -21.61 -129.76
N ARG E 217 -15.58 -21.61 -130.76
CA ARG E 217 -15.88 -21.02 -132.06
C ARG E 217 -15.66 -22.08 -133.13
N VAL E 218 -16.47 -22.03 -134.19
CA VAL E 218 -16.50 -23.07 -135.20
C VAL E 218 -15.82 -22.55 -136.47
N ALA E 219 -15.52 -23.49 -137.36
CA ALA E 219 -14.92 -23.19 -138.66
C ALA E 219 -15.48 -24.18 -139.66
N GLN E 220 -16.26 -23.67 -140.63
CA GLN E 220 -16.95 -24.54 -141.56
C GLN E 220 -15.99 -25.12 -142.60
N LEU E 221 -16.27 -26.35 -143.00
CA LEU E 221 -15.55 -27.02 -144.06
C LEU E 221 -16.55 -27.56 -145.09
N VAL E 222 -16.06 -27.79 -146.30
CA VAL E 222 -16.90 -28.25 -147.40
C VAL E 222 -16.37 -29.58 -147.91
N ILE E 223 -17.26 -30.54 -148.13
CA ILE E 223 -16.92 -31.86 -148.65
C ILE E 223 -17.74 -32.06 -149.92
N ASP E 224 -17.17 -31.70 -151.07
CA ASP E 224 -17.78 -32.02 -152.35
C ASP E 224 -17.02 -33.11 -153.08
N SER E 225 -15.71 -32.92 -153.25
CA SER E 225 -14.80 -33.93 -153.75
C SER E 225 -13.58 -34.11 -152.86
N ASP E 226 -13.09 -33.03 -152.25
CA ASP E 226 -11.94 -33.08 -151.36
C ASP E 226 -12.20 -32.12 -150.19
N LEU E 227 -11.42 -32.28 -149.13
CA LEU E 227 -11.61 -31.50 -147.92
C LEU E 227 -11.08 -30.09 -148.09
N ASP E 228 -11.81 -29.12 -147.54
CA ASP E 228 -11.39 -27.73 -147.56
C ASP E 228 -12.18 -26.98 -146.50
N VAL E 229 -11.47 -26.30 -145.61
CA VAL E 229 -12.08 -25.60 -144.49
C VAL E 229 -12.16 -24.11 -144.83
N LEU E 230 -13.35 -23.54 -144.67
CA LEU E 230 -13.57 -22.11 -144.84
C LEU E 230 -13.65 -21.48 -143.46
N LEU E 231 -12.62 -20.72 -143.09
CA LEU E 231 -12.54 -20.14 -141.75
C LEU E 231 -13.69 -19.16 -141.48
N PHE E 232 -14.01 -18.31 -142.44
CA PHE E 232 -15.08 -17.32 -142.28
C PHE E 232 -16.01 -17.37 -143.49
N PRO E 233 -16.81 -18.42 -143.61
CA PRO E 233 -17.64 -18.59 -144.80
C PRO E 233 -18.93 -17.80 -144.73
N ASP E 234 -19.80 -18.00 -145.72
CA ASP E 234 -21.10 -17.36 -145.77
C ASP E 234 -22.20 -18.35 -145.39
N LYS E 235 -23.39 -17.81 -145.12
CA LYS E 235 -24.52 -18.62 -144.72
C LYS E 235 -25.03 -19.42 -145.92
N LYS E 236 -25.66 -20.56 -145.63
CA LYS E 236 -26.20 -21.46 -146.65
C LYS E 236 -25.11 -21.97 -147.58
N GLN E 237 -23.95 -22.27 -147.01
CA GLN E 237 -22.86 -22.95 -147.73
C GLN E 237 -22.94 -24.43 -147.37
N ARG E 238 -23.55 -25.21 -148.26
CA ARG E 238 -23.77 -26.62 -147.98
C ARG E 238 -22.47 -27.39 -148.08
N THR E 239 -22.14 -28.13 -147.01
CA THR E 239 -20.91 -28.91 -147.01
C THR E 239 -20.92 -29.98 -148.10
N PHE E 240 -22.02 -30.73 -148.20
CA PHE E 240 -22.16 -31.77 -149.20
C PHE E 240 -22.86 -31.19 -150.44
N GLN E 241 -23.24 -32.07 -151.36
CA GLN E 241 -23.94 -31.65 -152.57
C GLN E 241 -25.40 -32.10 -152.54
N SER F 3 -39.31 -43.77 -104.15
CA SER F 3 -38.41 -44.74 -104.75
C SER F 3 -36.97 -44.49 -104.31
N ALA F 4 -36.68 -43.24 -103.93
CA ALA F 4 -35.40 -42.82 -103.39
C ALA F 4 -34.27 -42.94 -104.41
N PHE F 5 -34.58 -43.37 -105.62
CA PHE F 5 -33.58 -43.49 -106.68
C PHE F 5 -33.87 -42.56 -107.86
N GLU F 6 -35.09 -42.58 -108.39
CA GLU F 6 -35.43 -41.67 -109.47
C GLU F 6 -35.39 -40.21 -109.02
N ARG F 7 -35.51 -39.95 -107.72
CA ARG F 7 -35.33 -38.60 -107.22
C ARG F 7 -33.93 -38.08 -107.53
N VAL F 8 -32.91 -38.75 -106.99
CA VAL F 8 -31.53 -38.31 -107.18
C VAL F 8 -31.11 -38.47 -108.65
N VAL F 9 -31.58 -39.51 -109.34
CA VAL F 9 -31.23 -39.67 -110.75
C VAL F 9 -31.81 -38.53 -111.57
N ARG F 10 -33.06 -38.16 -111.31
CA ARG F 10 -33.67 -37.03 -112.01
C ARG F 10 -32.94 -35.74 -111.69
N ARG F 11 -32.53 -35.56 -110.43
CA ARG F 11 -31.75 -34.37 -110.07
C ARG F 11 -30.43 -34.33 -110.83
N VAL F 12 -29.74 -35.47 -110.93
CA VAL F 12 -28.46 -35.51 -111.63
C VAL F 12 -28.64 -35.19 -113.11
N VAL F 13 -29.66 -35.77 -113.75
CA VAL F 13 -29.89 -35.45 -115.16
C VAL F 13 -30.31 -34.00 -115.34
N GLN F 14 -31.10 -33.44 -114.41
CA GLN F 14 -31.49 -32.04 -114.47
C GLN F 14 -30.32 -31.09 -114.21
N GLU F 15 -29.26 -31.56 -113.56
CA GLU F 15 -28.05 -30.77 -113.38
C GLU F 15 -27.28 -30.60 -114.69
N LEU F 16 -27.83 -31.09 -115.80
CA LEU F 16 -27.27 -30.83 -117.13
C LEU F 16 -28.13 -29.88 -117.95
N ASP F 17 -29.23 -29.37 -117.39
CA ASP F 17 -30.21 -28.58 -118.12
C ASP F 17 -30.65 -29.31 -119.40
N HIS F 18 -31.15 -30.53 -119.22
CA HIS F 18 -31.60 -31.41 -120.31
C HIS F 18 -30.60 -31.43 -121.48
N GLY F 19 -29.31 -31.34 -121.16
CA GLY F 19 -28.28 -31.42 -122.17
C GLY F 19 -27.81 -32.84 -122.41
N GLY F 20 -27.76 -33.24 -123.68
CA GLY F 20 -27.46 -34.62 -124.02
C GLY F 20 -28.64 -35.54 -123.76
N GLU F 21 -28.68 -36.62 -124.53
CA GLU F 21 -29.79 -37.57 -124.43
C GLU F 21 -29.84 -38.20 -123.04
N PHE F 22 -28.83 -39.00 -122.71
CA PHE F 22 -28.67 -39.63 -121.40
C PHE F 22 -29.99 -40.22 -120.90
N ILE F 23 -30.46 -41.23 -121.63
CA ILE F 23 -31.60 -42.03 -121.22
C ILE F 23 -31.32 -42.56 -119.81
N PRO F 24 -32.02 -42.07 -118.79
CA PRO F 24 -31.67 -42.45 -117.42
C PRO F 24 -32.10 -43.87 -117.08
N VAL F 25 -31.40 -44.44 -116.10
CA VAL F 25 -31.70 -45.77 -115.62
C VAL F 25 -32.64 -45.66 -114.43
N THR F 26 -33.42 -46.71 -114.21
CA THR F 26 -34.38 -46.73 -113.11
C THR F 26 -34.09 -47.85 -112.12
N SER F 27 -33.75 -49.04 -112.59
CA SER F 27 -33.43 -50.15 -111.72
C SER F 27 -31.91 -50.28 -111.60
N LEU F 28 -31.40 -50.19 -110.36
CA LEU F 28 -29.97 -50.38 -110.16
C LEU F 28 -29.54 -51.82 -110.42
N GLN F 29 -30.48 -52.74 -110.54
CA GLN F 29 -30.14 -54.09 -110.98
C GLN F 29 -29.63 -54.09 -112.42
N SER F 30 -30.13 -53.18 -113.24
CA SER F 30 -29.66 -53.00 -114.60
C SER F 30 -28.56 -51.94 -114.69
N SER F 31 -28.29 -51.23 -113.60
CA SER F 31 -27.20 -50.26 -113.61
C SER F 31 -25.86 -50.94 -113.84
N THR F 32 -25.64 -52.09 -113.21
CA THR F 32 -24.40 -52.83 -113.44
C THR F 32 -24.37 -53.49 -114.81
N GLY F 33 -25.53 -53.78 -115.40
CA GLY F 33 -25.56 -54.35 -116.73
C GLY F 33 -25.35 -53.36 -117.85
N PHE F 34 -25.42 -52.06 -117.55
CA PHE F 34 -25.20 -51.01 -118.54
C PHE F 34 -23.72 -50.66 -118.54
N GLN F 35 -22.98 -51.28 -119.45
CA GLN F 35 -21.54 -51.06 -119.60
C GLN F 35 -21.25 -50.78 -121.07
N PRO F 36 -20.11 -50.18 -121.39
CA PRO F 36 -19.77 -49.95 -122.80
C PRO F 36 -19.69 -51.26 -123.57
N TYR F 37 -20.01 -51.18 -124.86
CA TYR F 37 -20.02 -52.32 -125.78
C TYR F 37 -21.03 -53.39 -125.39
N CYS F 38 -22.08 -53.01 -124.64
CA CYS F 38 -23.13 -53.95 -124.28
C CYS F 38 -24.37 -53.71 -125.13
N LEU F 39 -25.12 -54.78 -125.38
CA LEU F 39 -26.30 -54.72 -126.23
C LEU F 39 -27.55 -54.43 -125.40
N VAL F 40 -28.45 -53.63 -125.95
CA VAL F 40 -29.75 -53.38 -125.36
C VAL F 40 -30.81 -53.61 -126.44
N VAL F 41 -32.04 -53.87 -125.98
CA VAL F 41 -33.14 -54.22 -126.88
C VAL F 41 -34.28 -53.24 -126.63
N ARG F 42 -34.84 -52.70 -127.71
CA ARG F 42 -35.96 -51.76 -127.62
C ARG F 42 -36.93 -52.05 -128.76
N LYS F 43 -38.19 -52.29 -128.42
CA LYS F 43 -39.23 -52.57 -129.40
C LYS F 43 -39.74 -51.27 -130.02
N PRO F 44 -40.31 -51.34 -131.22
CA PRO F 44 -40.87 -50.13 -131.84
C PRO F 44 -41.96 -49.51 -130.98
N SER F 45 -42.01 -48.17 -131.01
CA SER F 45 -42.95 -47.42 -130.21
C SER F 45 -44.38 -47.69 -130.67
N SER F 46 -45.34 -47.44 -129.77
CA SER F 46 -46.72 -47.80 -130.08
C SER F 46 -47.36 -46.80 -131.04
N SER F 47 -47.60 -45.56 -130.58
CA SER F 47 -47.93 -44.48 -131.50
C SER F 47 -46.98 -43.29 -131.34
N TRP F 48 -47.03 -42.57 -130.22
CA TRP F 48 -46.08 -41.49 -129.97
C TRP F 48 -45.57 -41.48 -128.54
N PHE F 49 -46.44 -41.76 -127.57
CA PHE F 49 -46.16 -41.50 -126.17
C PHE F 49 -46.12 -42.75 -125.29
N TRP F 50 -46.46 -43.91 -125.81
CA TRP F 50 -46.21 -45.17 -125.11
C TRP F 50 -44.76 -45.54 -125.38
N LYS F 51 -43.85 -44.77 -124.78
CA LYS F 51 -42.43 -44.95 -125.03
C LYS F 51 -41.99 -46.35 -124.61
N PRO F 52 -41.42 -47.14 -125.52
CA PRO F 52 -40.87 -48.44 -125.13
C PRO F 52 -39.59 -48.26 -124.33
N ARG F 53 -39.66 -48.60 -123.04
CA ARG F 53 -38.50 -48.47 -122.17
C ARG F 53 -37.38 -49.40 -122.65
N TYR F 54 -36.15 -48.91 -122.56
CA TYR F 54 -34.99 -49.71 -122.90
C TYR F 54 -34.77 -50.77 -121.85
N LYS F 55 -34.58 -52.01 -122.30
CA LYS F 55 -34.34 -53.14 -121.40
C LYS F 55 -32.91 -53.61 -121.58
N CYS F 56 -32.20 -53.76 -120.46
CA CYS F 56 -30.80 -54.15 -120.51
C CYS F 56 -30.65 -55.62 -120.88
N VAL F 57 -29.60 -55.92 -121.63
CA VAL F 57 -29.22 -57.29 -121.95
C VAL F 57 -27.75 -57.45 -121.58
N ASN F 58 -27.45 -58.49 -120.79
CA ASN F 58 -26.09 -58.74 -120.35
C ASN F 58 -25.29 -59.48 -121.43
N LEU F 59 -25.13 -58.80 -122.56
CA LEU F 59 -24.43 -59.36 -123.71
C LEU F 59 -23.51 -58.30 -124.30
N SER F 60 -22.27 -58.68 -124.59
CA SER F 60 -21.28 -57.75 -125.14
C SER F 60 -21.13 -57.97 -126.65
N ILE F 61 -20.29 -57.14 -127.26
CA ILE F 61 -20.05 -57.23 -128.70
C ILE F 61 -18.79 -58.01 -129.04
N LYS F 62 -17.95 -58.32 -128.05
CA LYS F 62 -16.70 -59.02 -128.34
C LYS F 62 -16.94 -60.45 -128.81
N ASP F 63 -18.04 -61.07 -128.38
CA ASP F 63 -18.30 -62.46 -128.73
C ASP F 63 -19.05 -62.63 -130.03
N ILE F 64 -19.96 -61.72 -130.37
CA ILE F 64 -20.72 -61.86 -131.60
C ILE F 64 -19.79 -61.83 -132.82
N LEU F 65 -18.80 -60.94 -132.81
CA LEU F 65 -17.67 -61.04 -133.72
C LEU F 65 -16.73 -62.13 -133.24
N GLU F 66 -16.12 -62.83 -134.20
CA GLU F 66 -15.55 -64.15 -133.89
C GLU F 66 -14.34 -64.11 -132.96
N PRO F 67 -13.28 -63.31 -133.22
CA PRO F 67 -12.01 -63.59 -132.55
C PRO F 67 -11.87 -62.99 -131.16
N ASP F 68 -12.91 -63.08 -130.33
CA ASP F 68 -12.85 -62.86 -128.89
C ASP F 68 -12.09 -61.56 -128.56
N ALA F 69 -12.70 -60.44 -128.95
CA ALA F 69 -12.04 -59.14 -128.87
C ALA F 69 -11.56 -58.80 -127.45
N ALA F 70 -12.51 -58.60 -126.53
CA ALA F 70 -12.20 -58.20 -125.16
C ALA F 70 -11.24 -57.01 -125.14
N GLU F 71 -11.53 -56.01 -125.97
CA GLU F 71 -10.68 -54.84 -126.15
C GLU F 71 -11.48 -53.57 -125.87
N PRO F 72 -11.59 -53.16 -124.62
CA PRO F 72 -12.22 -51.87 -124.32
C PRO F 72 -11.28 -50.72 -124.59
N ASP F 73 -11.83 -49.63 -125.15
CA ASP F 73 -11.02 -48.46 -125.46
C ASP F 73 -11.53 -47.25 -124.68
N VAL F 74 -11.77 -47.45 -123.39
CA VAL F 74 -12.24 -46.37 -122.53
C VAL F 74 -11.07 -45.42 -122.24
N GLN F 75 -11.26 -44.14 -122.59
CA GLN F 75 -10.23 -43.13 -122.36
C GLN F 75 -10.77 -41.87 -121.69
N ARG F 76 -12.08 -41.66 -121.71
CA ARG F 76 -12.68 -40.48 -121.10
C ARG F 76 -12.65 -40.59 -119.59
N GLY F 77 -12.44 -39.46 -118.92
CA GLY F 77 -12.46 -39.42 -117.48
C GLY F 77 -12.42 -38.03 -116.90
N ARG F 78 -13.36 -37.76 -115.98
CA ARG F 78 -13.41 -36.49 -115.26
C ARG F 78 -14.00 -36.74 -113.88
N SER F 79 -14.09 -35.69 -113.08
CA SER F 79 -14.61 -35.79 -111.71
C SER F 79 -15.47 -34.56 -111.41
N PHE F 80 -16.77 -34.69 -111.64
CA PHE F 80 -17.72 -33.68 -111.22
C PHE F 80 -18.24 -34.01 -109.83
N HIS F 81 -17.92 -33.16 -108.85
CA HIS F 81 -18.38 -33.35 -107.49
C HIS F 81 -19.64 -32.52 -107.27
N PHE F 82 -20.68 -33.17 -106.73
CA PHE F 82 -21.98 -32.54 -106.61
C PHE F 82 -22.51 -32.73 -105.19
N TYR F 83 -23.29 -31.75 -104.72
CA TYR F 83 -23.87 -31.79 -103.39
C TYR F 83 -25.14 -30.95 -103.41
N ASP F 84 -26.07 -31.28 -102.52
CA ASP F 84 -27.30 -30.51 -102.38
C ASP F 84 -28.02 -30.90 -101.09
N ALA F 85 -29.14 -30.24 -100.84
CA ALA F 85 -29.99 -30.53 -99.69
C ALA F 85 -31.37 -29.97 -99.98
N MET F 86 -32.33 -30.33 -99.14
CA MET F 86 -33.70 -29.90 -99.33
C MET F 86 -34.50 -30.25 -98.08
N ASP F 87 -35.49 -29.42 -97.77
CA ASP F 87 -36.42 -29.64 -96.68
C ASP F 87 -37.69 -28.85 -96.94
N GLY F 88 -38.76 -29.21 -96.25
CA GLY F 88 -40.03 -28.54 -96.44
C GLY F 88 -40.92 -28.67 -95.22
N GLN F 89 -41.96 -27.86 -95.19
CA GLN F 89 -42.93 -27.91 -94.08
C GLN F 89 -44.24 -27.30 -94.57
N ILE F 90 -45.27 -28.11 -94.72
CA ILE F 90 -46.59 -27.66 -95.12
C ILE F 90 -47.59 -28.08 -94.07
N GLN F 91 -48.41 -27.12 -93.63
CA GLN F 91 -49.37 -27.36 -92.57
C GLN F 91 -50.66 -26.61 -92.89
N GLY F 92 -51.59 -26.64 -91.94
CA GLY F 92 -52.85 -25.95 -92.11
C GLY F 92 -53.75 -26.16 -90.91
N SER F 93 -54.73 -25.27 -90.78
CA SER F 93 -55.70 -25.35 -89.70
C SER F 93 -56.97 -24.62 -90.13
N VAL F 94 -58.12 -25.25 -89.86
CA VAL F 94 -59.41 -24.72 -90.24
C VAL F 94 -60.38 -24.88 -89.08
N GLU F 95 -61.08 -23.81 -88.73
CA GLU F 95 -62.15 -23.84 -87.73
C GLU F 95 -63.45 -23.63 -88.51
N LEU F 96 -64.17 -24.71 -88.78
CA LEU F 96 -65.34 -24.69 -89.62
C LEU F 96 -66.59 -24.93 -88.78
N ALA F 97 -67.56 -24.01 -88.89
CA ALA F 97 -68.80 -24.13 -88.15
C ALA F 97 -70.06 -23.91 -88.98
N ALA F 98 -70.02 -23.15 -90.07
CA ALA F 98 -71.22 -22.78 -90.81
C ALA F 98 -71.78 -23.93 -91.66
N PRO F 99 -70.99 -24.50 -92.63
CA PRO F 99 -71.57 -25.45 -93.60
C PRO F 99 -71.89 -26.83 -93.03
N GLY F 100 -72.69 -26.86 -91.98
CA GLY F 100 -73.10 -28.12 -91.38
C GLY F 100 -73.63 -27.95 -89.97
N GLN F 101 -73.36 -28.94 -89.11
CA GLN F 101 -73.77 -28.90 -87.72
C GLN F 101 -72.58 -29.08 -86.78
N ALA F 102 -71.36 -28.88 -87.28
CA ALA F 102 -70.15 -29.19 -86.55
C ALA F 102 -69.40 -27.93 -86.15
N LYS F 103 -68.51 -28.09 -85.17
CA LYS F 103 -67.50 -27.09 -84.81
C LYS F 103 -66.15 -27.80 -84.95
N ILE F 104 -65.61 -27.78 -86.16
CA ILE F 104 -64.45 -28.59 -86.49
C ILE F 104 -63.18 -27.84 -86.13
N ALA F 105 -62.32 -28.47 -85.33
CA ALA F 105 -61.01 -27.93 -84.98
C ALA F 105 -59.97 -28.98 -85.30
N GLY F 106 -59.29 -28.83 -86.45
CA GLY F 106 -58.33 -29.80 -86.89
C GLY F 106 -57.05 -29.14 -87.34
N GLY F 107 -56.12 -29.98 -87.78
CA GLY F 107 -54.83 -29.51 -88.26
C GLY F 107 -54.12 -30.57 -89.05
N ALA F 108 -52.98 -30.18 -89.61
CA ALA F 108 -52.15 -31.09 -90.40
C ALA F 108 -50.72 -30.55 -90.42
N ALA F 109 -49.79 -31.42 -90.80
CA ALA F 109 -48.39 -31.04 -90.87
C ALA F 109 -47.63 -32.08 -91.67
N VAL F 110 -46.86 -31.63 -92.66
CA VAL F 110 -46.00 -32.48 -93.47
C VAL F 110 -44.59 -31.94 -93.38
N SER F 111 -43.64 -32.81 -93.03
CA SER F 111 -42.24 -32.42 -92.92
C SER F 111 -41.37 -33.52 -93.51
N ASP F 112 -40.38 -33.09 -94.30
CA ASP F 112 -39.47 -34.03 -94.95
C ASP F 112 -38.16 -33.32 -95.27
N SER F 113 -37.17 -34.12 -95.66
CA SER F 113 -35.86 -33.60 -96.00
C SER F 113 -35.14 -34.59 -96.91
N SER F 114 -33.97 -34.19 -97.38
CA SER F 114 -33.16 -35.04 -98.25
C SER F 114 -31.73 -34.52 -98.24
N SER F 115 -30.82 -35.36 -98.72
CA SER F 115 -29.41 -35.00 -98.84
C SER F 115 -28.78 -35.90 -99.89
N THR F 116 -27.68 -35.43 -100.47
CA THR F 116 -26.97 -36.19 -101.50
C THR F 116 -25.60 -35.56 -101.72
N SER F 117 -24.57 -36.40 -101.71
CA SER F 117 -23.22 -36.01 -102.05
C SER F 117 -22.62 -37.09 -102.93
N MET F 118 -22.17 -36.70 -104.11
CA MET F 118 -21.85 -37.68 -105.15
C MET F 118 -20.80 -37.11 -106.09
N ASN F 119 -20.18 -38.02 -106.85
CA ASN F 119 -19.18 -37.70 -107.86
C ASN F 119 -19.59 -38.35 -109.17
N VAL F 120 -19.10 -37.79 -110.27
CA VAL F 120 -19.47 -38.24 -111.61
C VAL F 120 -18.22 -38.49 -112.43
N TYR F 121 -18.12 -39.67 -113.03
CA TYR F 121 -17.15 -39.97 -114.06
C TYR F 121 -17.88 -40.07 -115.40
N SER F 122 -17.14 -40.39 -116.46
CA SER F 122 -17.76 -40.55 -117.76
C SER F 122 -16.83 -41.37 -118.65
N LEU F 123 -17.37 -42.44 -119.22
CA LEU F 123 -16.63 -43.30 -120.12
C LEU F 123 -17.36 -43.37 -121.47
N SER F 124 -16.59 -43.44 -122.54
CA SER F 124 -17.16 -43.42 -123.88
C SER F 124 -16.29 -44.28 -124.80
N VAL F 125 -16.69 -44.32 -126.07
CA VAL F 125 -15.97 -45.09 -127.09
C VAL F 125 -15.86 -44.24 -128.35
N ASP F 126 -14.68 -44.24 -128.96
CA ASP F 126 -14.43 -43.38 -130.11
C ASP F 126 -14.98 -44.02 -131.39
N PRO F 127 -15.52 -43.22 -132.31
CA PRO F 127 -15.95 -43.79 -133.61
C PRO F 127 -14.82 -44.44 -134.39
N ASN F 128 -13.58 -43.98 -134.22
CA ASN F 128 -12.45 -44.64 -134.86
C ASN F 128 -12.31 -46.09 -134.42
N THR F 129 -12.47 -46.36 -133.12
CA THR F 129 -12.47 -47.75 -132.66
C THR F 129 -13.61 -48.54 -133.27
N TRP F 130 -14.78 -47.92 -133.40
CA TRP F 130 -15.92 -48.57 -134.05
C TRP F 130 -15.58 -48.97 -135.48
N GLN F 131 -14.98 -48.06 -136.25
CA GLN F 131 -14.70 -48.37 -137.65
C GLN F 131 -13.57 -49.38 -137.78
N THR F 132 -12.55 -49.31 -136.92
CA THR F 132 -11.52 -50.33 -136.94
C THR F 132 -12.09 -51.70 -136.62
N LEU F 133 -12.94 -51.79 -135.60
CA LEU F 133 -13.55 -53.06 -135.23
C LEU F 133 -14.42 -53.60 -136.35
N LEU F 134 -15.22 -52.75 -136.97
CA LEU F 134 -16.10 -53.20 -138.05
C LEU F 134 -15.30 -53.66 -139.26
N HIS F 135 -14.29 -52.89 -139.66
CA HIS F 135 -13.54 -53.20 -140.87
C HIS F 135 -12.61 -54.39 -140.71
N GLU F 136 -12.01 -54.57 -139.52
CA GLU F 136 -11.06 -55.66 -139.34
C GLU F 136 -11.75 -57.02 -139.33
N ARG F 137 -12.86 -57.13 -138.59
CA ARG F 137 -13.48 -58.42 -138.29
C ARG F 137 -14.97 -58.36 -138.57
N HIS F 138 -15.57 -59.55 -138.69
CA HIS F 138 -16.92 -59.69 -139.23
C HIS F 138 -17.81 -60.45 -138.24
N LEU F 139 -18.97 -60.87 -138.74
CA LEU F 139 -20.01 -61.47 -137.92
C LEU F 139 -19.91 -62.99 -137.90
N ARG F 140 -20.19 -63.59 -136.75
CA ARG F 140 -20.44 -65.03 -136.66
C ARG F 140 -21.90 -65.27 -137.06
N GLN F 141 -22.12 -65.54 -138.34
CA GLN F 141 -23.47 -65.80 -138.82
C GLN F 141 -24.13 -67.03 -138.19
N PRO F 142 -23.37 -68.11 -137.75
CA PRO F 142 -24.00 -69.19 -136.99
C PRO F 142 -24.09 -68.88 -135.49
N GLU F 143 -24.51 -67.67 -135.16
CA GLU F 143 -24.73 -67.24 -133.79
C GLU F 143 -26.05 -66.48 -133.76
N HIS F 144 -27.14 -67.21 -133.51
CA HIS F 144 -28.46 -66.60 -133.42
C HIS F 144 -29.31 -67.18 -132.30
N LYS F 145 -28.76 -68.07 -131.46
CA LYS F 145 -29.52 -68.61 -130.34
C LYS F 145 -29.96 -67.53 -129.37
N VAL F 146 -29.32 -66.35 -129.41
CA VAL F 146 -29.84 -65.17 -128.75
C VAL F 146 -30.34 -64.13 -129.75
N LEU F 147 -30.14 -64.36 -131.05
CA LEU F 147 -30.63 -63.46 -132.08
C LEU F 147 -31.79 -64.00 -132.91
N GLN F 148 -31.86 -65.31 -133.13
CA GLN F 148 -32.93 -65.85 -133.99
C GLN F 148 -34.30 -65.60 -133.38
N GLN F 149 -34.46 -65.85 -132.08
CA GLN F 149 -35.70 -65.44 -131.42
C GLN F 149 -35.84 -63.93 -131.42
N LEU F 150 -34.73 -63.21 -131.22
CA LEU F 150 -34.76 -61.76 -131.36
C LEU F 150 -35.10 -61.35 -132.78
N ARG F 151 -34.66 -62.12 -133.77
CA ARG F 151 -35.06 -61.88 -135.15
C ARG F 151 -36.57 -62.07 -135.33
N SER F 152 -37.13 -63.11 -134.71
CA SER F 152 -38.58 -63.30 -134.77
C SER F 152 -39.32 -62.15 -134.11
N ARG F 153 -38.85 -61.70 -132.95
CA ARG F 153 -39.44 -60.52 -132.32
C ARG F 153 -39.16 -59.27 -133.14
N GLY F 154 -37.99 -59.21 -133.77
CA GLY F 154 -37.64 -58.11 -134.65
C GLY F 154 -37.29 -56.82 -133.96
N ASP F 155 -37.10 -56.83 -132.65
CA ASP F 155 -36.83 -55.60 -131.91
C ASP F 155 -35.47 -55.04 -132.29
N ASN F 156 -35.43 -53.72 -132.44
CA ASN F 156 -34.17 -53.04 -132.78
C ASN F 156 -33.18 -53.16 -131.63
N VAL F 157 -31.92 -53.43 -131.96
CA VAL F 157 -30.87 -53.63 -130.97
C VAL F 157 -29.89 -52.47 -131.06
N TYR F 158 -29.47 -51.98 -129.89
CA TYR F 158 -28.55 -50.87 -129.78
C TYR F 158 -27.32 -51.29 -128.99
N VAL F 159 -26.28 -50.47 -129.06
CA VAL F 159 -25.09 -50.66 -128.24
C VAL F 159 -24.93 -49.44 -127.35
N VAL F 160 -24.29 -49.66 -126.20
CA VAL F 160 -24.04 -48.61 -125.23
C VAL F 160 -22.71 -47.95 -125.59
N THR F 161 -22.76 -46.68 -125.97
CA THR F 161 -21.58 -45.96 -126.43
C THR F 161 -20.99 -45.04 -125.38
N GLU F 162 -21.77 -44.65 -124.36
CA GLU F 162 -21.25 -43.81 -123.30
C GLU F 162 -21.95 -44.21 -122.01
N VAL F 163 -21.21 -44.11 -120.89
CA VAL F 163 -21.77 -44.38 -119.57
C VAL F 163 -21.33 -43.27 -118.63
N LEU F 164 -22.25 -42.82 -117.78
CA LEU F 164 -21.97 -41.82 -116.76
C LEU F 164 -21.97 -42.53 -115.42
N GLN F 165 -20.80 -42.66 -114.82
CA GLN F 165 -20.61 -43.51 -113.64
C GLN F 165 -20.19 -42.68 -112.44
N THR F 166 -20.42 -43.25 -111.26
CA THR F 166 -20.05 -42.64 -109.99
C THR F 166 -19.08 -43.58 -109.28
N GLN F 167 -17.93 -43.04 -108.87
CA GLN F 167 -16.93 -43.84 -108.18
C GLN F 167 -16.58 -43.18 -106.84
N LYS F 168 -17.44 -43.39 -105.85
CA LYS F 168 -17.21 -43.19 -104.43
C LYS F 168 -18.48 -43.62 -103.71
N GLU F 169 -18.35 -43.88 -102.41
CA GLU F 169 -19.49 -44.35 -101.63
C GLU F 169 -20.48 -43.21 -101.48
N VAL F 170 -21.45 -43.15 -102.41
CA VAL F 170 -22.51 -42.15 -102.37
C VAL F 170 -23.65 -42.69 -101.50
N GLU F 171 -24.25 -41.78 -100.72
CA GLU F 171 -25.36 -42.14 -99.86
C GLU F 171 -26.45 -41.09 -99.98
N VAL F 172 -27.69 -41.52 -99.76
CA VAL F 172 -28.84 -40.63 -99.69
C VAL F 172 -29.65 -40.98 -98.45
N THR F 173 -30.08 -39.95 -97.72
CA THR F 173 -30.78 -40.15 -96.45
C THR F 173 -32.06 -39.30 -96.46
N ARG F 174 -33.13 -39.87 -96.98
CA ARG F 174 -34.43 -39.22 -96.99
C ARG F 174 -35.15 -39.44 -95.67
N THR F 175 -36.11 -38.57 -95.38
CA THR F 175 -37.01 -38.71 -94.23
C THR F 175 -38.41 -38.28 -94.64
N HIS F 176 -39.35 -38.43 -93.72
CA HIS F 176 -40.74 -38.08 -94.00
C HIS F 176 -41.51 -38.03 -92.68
N LYS F 177 -42.40 -37.04 -92.56
CA LYS F 177 -43.25 -36.91 -91.39
C LYS F 177 -44.61 -36.41 -91.84
N ARG F 178 -45.62 -37.28 -91.76
CA ARG F 178 -46.99 -36.91 -92.11
C ARG F 178 -47.81 -36.90 -90.83
N GLU F 179 -48.41 -35.76 -90.51
CA GLU F 179 -49.14 -35.58 -89.26
C GLU F 179 -50.55 -35.09 -89.58
N GLY F 180 -51.56 -35.87 -89.22
CA GLY F 180 -52.94 -35.46 -89.36
C GLY F 180 -53.59 -35.34 -87.99
N SER F 181 -54.59 -34.48 -87.90
CA SER F 181 -55.27 -34.25 -86.64
C SER F 181 -56.69 -33.80 -86.91
N GLY F 182 -57.52 -33.86 -85.87
CA GLY F 182 -58.90 -33.43 -85.97
C GLY F 182 -59.65 -33.54 -84.67
N ARG F 183 -60.53 -32.57 -84.38
CA ARG F 183 -61.36 -32.58 -83.19
C ARG F 183 -62.73 -32.03 -83.57
N PHE F 184 -63.75 -32.88 -83.54
CA PHE F 184 -65.07 -32.56 -84.09
C PHE F 184 -66.06 -32.43 -82.95
N SER F 185 -66.85 -31.35 -82.96
CA SER F 185 -68.01 -31.18 -82.08
C SER F 185 -69.22 -31.01 -82.98
N LEU F 186 -69.83 -32.13 -83.37
CA LEU F 186 -70.92 -32.14 -84.36
C LEU F 186 -72.17 -32.73 -83.73
N PRO F 187 -73.04 -31.89 -83.16
CA PRO F 187 -74.36 -32.38 -82.72
C PRO F 187 -75.26 -32.62 -83.93
N GLY F 188 -75.49 -33.88 -84.27
CA GLY F 188 -76.31 -34.20 -85.41
C GLY F 188 -77.25 -35.37 -85.18
N ALA F 189 -77.27 -36.32 -86.11
CA ALA F 189 -78.14 -37.49 -86.03
C ALA F 189 -77.40 -38.76 -85.68
N THR F 190 -76.12 -38.87 -86.06
CA THR F 190 -75.34 -40.07 -85.79
C THR F 190 -74.36 -39.95 -84.65
N CYS F 191 -73.88 -38.74 -84.33
CA CYS F 191 -72.92 -38.54 -83.25
C CYS F 191 -73.18 -37.19 -82.60
N GLU F 192 -72.51 -36.97 -81.47
CA GLU F 192 -72.54 -35.69 -80.76
C GLU F 192 -71.22 -34.95 -80.88
N GLN F 193 -70.10 -35.65 -80.75
CA GLN F 193 -68.79 -35.08 -81.02
C GLN F 193 -67.82 -36.24 -81.28
N GLY F 194 -66.69 -35.92 -81.90
CA GLY F 194 -65.73 -36.96 -82.23
C GLY F 194 -64.32 -36.42 -82.33
N GLU F 195 -63.36 -37.33 -82.28
CA GLU F 195 -61.95 -37.02 -82.43
C GLU F 195 -61.31 -38.03 -83.38
N GLY F 196 -60.39 -37.53 -84.21
CA GLY F 196 -59.68 -38.38 -85.14
C GLY F 196 -58.35 -37.79 -85.54
N GLN F 197 -57.28 -38.58 -85.44
CA GLN F 197 -55.96 -38.11 -85.80
C GLN F 197 -55.07 -39.29 -86.13
N GLY F 198 -53.96 -39.01 -86.81
CA GLY F 198 -52.98 -40.02 -87.12
C GLY F 198 -51.68 -39.44 -87.65
N HIS F 199 -50.56 -39.85 -87.07
CA HIS F 199 -49.26 -39.35 -87.47
C HIS F 199 -48.30 -40.52 -87.62
N LEU F 200 -47.41 -40.44 -88.60
CA LEU F 200 -46.43 -41.48 -88.83
C LEU F 200 -45.15 -40.87 -89.33
N SER F 201 -44.03 -41.31 -88.78
CA SER F 201 -42.72 -40.93 -89.29
C SER F 201 -42.24 -41.95 -90.32
N GLN F 202 -41.09 -41.68 -90.91
CA GLN F 202 -40.52 -42.57 -91.90
C GLN F 202 -39.08 -42.16 -92.16
N LYS F 203 -38.29 -43.08 -92.71
CA LYS F 203 -36.89 -42.83 -93.00
C LYS F 203 -36.39 -43.95 -93.90
N LYS F 204 -35.37 -43.64 -94.70
CA LYS F 204 -34.67 -44.64 -95.48
C LYS F 204 -33.29 -44.11 -95.83
N THR F 205 -32.40 -45.02 -96.20
CA THR F 205 -31.01 -44.68 -96.46
C THR F 205 -30.40 -45.75 -97.34
N VAL F 206 -29.93 -45.36 -98.53
CA VAL F 206 -29.31 -46.28 -99.46
C VAL F 206 -27.86 -45.83 -99.68
N THR F 207 -27.02 -46.78 -100.08
CA THR F 207 -25.62 -46.49 -100.39
C THR F 207 -25.26 -47.20 -101.69
N ILE F 208 -25.06 -46.42 -102.74
CA ILE F 208 -24.72 -46.97 -104.06
C ILE F 208 -23.21 -47.12 -104.15
N PRO F 209 -22.70 -48.30 -104.46
CA PRO F 209 -21.25 -48.52 -104.50
C PRO F 209 -20.63 -47.91 -105.75
N SER F 210 -19.30 -47.84 -105.73
CA SER F 210 -18.55 -47.24 -106.82
C SER F 210 -18.73 -48.05 -108.11
N GLY F 211 -18.75 -47.36 -109.23
CA GLY F 211 -18.86 -48.00 -110.52
C GLY F 211 -20.27 -48.43 -110.88
N SER F 212 -21.24 -47.52 -110.71
CA SER F 212 -22.63 -47.79 -111.03
C SER F 212 -23.07 -46.83 -112.12
N THR F 213 -23.57 -47.38 -113.22
CA THR F 213 -24.01 -46.56 -114.36
C THR F 213 -25.27 -45.79 -113.99
N LEU F 214 -25.28 -44.49 -114.29
CA LEU F 214 -26.43 -43.63 -114.05
C LEU F 214 -27.21 -43.31 -115.31
N ALA F 215 -26.51 -43.09 -116.43
CA ALA F 215 -27.15 -42.78 -117.70
C ALA F 215 -26.29 -43.33 -118.82
N PHE F 216 -26.85 -43.38 -120.03
CA PHE F 216 -26.15 -43.94 -121.16
C PHE F 216 -26.71 -43.37 -122.45
N ARG F 217 -25.96 -43.57 -123.53
CA ARG F 217 -26.39 -43.21 -124.87
C ARG F 217 -26.22 -44.42 -125.77
N VAL F 218 -27.06 -44.50 -126.80
CA VAL F 218 -27.14 -45.68 -127.65
C VAL F 218 -26.60 -45.35 -129.04
N ALA F 219 -26.36 -46.40 -129.81
CA ALA F 219 -25.91 -46.28 -131.20
C ALA F 219 -26.51 -47.43 -131.98
N GLN F 220 -27.54 -47.13 -132.77
CA GLN F 220 -28.30 -48.17 -133.45
C GLN F 220 -27.44 -48.89 -134.49
N LEU F 221 -27.68 -50.18 -134.61
CA LEU F 221 -27.00 -51.02 -135.60
C LEU F 221 -28.04 -51.77 -136.43
N VAL F 222 -27.63 -52.19 -137.63
CA VAL F 222 -28.50 -52.89 -138.55
C VAL F 222 -27.83 -54.20 -138.96
N ILE F 223 -28.60 -55.30 -138.90
CA ILE F 223 -28.15 -56.60 -139.35
C ILE F 223 -29.23 -57.15 -140.28
N ASP F 224 -29.08 -56.91 -141.57
CA ASP F 224 -29.91 -57.58 -142.57
C ASP F 224 -29.19 -58.78 -143.17
N SER F 225 -27.92 -58.61 -143.49
CA SER F 225 -27.02 -59.70 -143.88
C SER F 225 -25.74 -59.71 -143.06
N ASP F 226 -25.24 -58.54 -142.67
CA ASP F 226 -24.05 -58.42 -141.83
C ASP F 226 -24.26 -57.25 -140.88
N LEU F 227 -23.42 -57.18 -139.85
CA LEU F 227 -23.56 -56.17 -138.81
C LEU F 227 -22.92 -54.85 -139.25
N ASP F 228 -23.56 -53.76 -138.85
CA ASP F 228 -23.02 -52.42 -139.10
C ASP F 228 -23.70 -51.45 -138.14
N VAL F 229 -22.90 -50.61 -137.50
CA VAL F 229 -23.40 -49.67 -136.49
C VAL F 229 -23.61 -48.31 -137.16
N LEU F 230 -24.79 -47.75 -136.98
CA LEU F 230 -25.13 -46.43 -137.49
C LEU F 230 -25.08 -45.43 -136.33
N LEU F 231 -24.02 -44.63 -136.29
CA LEU F 231 -23.86 -43.69 -135.20
C LEU F 231 -24.96 -42.63 -135.16
N PHE F 232 -25.38 -42.12 -136.32
CA PHE F 232 -26.43 -41.10 -136.39
C PHE F 232 -27.54 -41.61 -137.29
N PRO F 233 -28.36 -42.53 -136.78
CA PRO F 233 -29.44 -43.09 -137.61
C PRO F 233 -30.71 -42.26 -137.53
N ASP F 234 -31.75 -42.68 -138.24
CA ASP F 234 -33.05 -42.03 -138.21
C ASP F 234 -34.09 -42.96 -137.59
N LYS F 235 -35.26 -42.38 -137.32
CA LYS F 235 -36.37 -43.16 -136.79
C LYS F 235 -36.88 -44.12 -137.86
N LYS F 236 -37.40 -45.26 -137.41
CA LYS F 236 -37.90 -46.32 -138.30
C LYS F 236 -36.76 -46.83 -139.18
N GLN F 237 -35.64 -47.16 -138.55
CA GLN F 237 -34.52 -47.84 -139.20
C GLN F 237 -34.50 -49.26 -138.63
N ARG F 238 -35.21 -50.17 -139.30
CA ARG F 238 -35.40 -51.51 -138.77
C ARG F 238 -34.12 -52.32 -138.91
N THR F 239 -33.65 -52.87 -137.79
CA THR F 239 -32.41 -53.65 -137.81
C THR F 239 -32.56 -54.89 -138.68
N PHE F 240 -33.66 -55.60 -138.56
CA PHE F 240 -33.92 -56.80 -139.32
C PHE F 240 -34.80 -56.47 -140.53
N GLN F 241 -35.26 -57.49 -141.23
CA GLN F 241 -36.14 -57.30 -142.38
C GLN F 241 -37.59 -57.62 -142.02
N SER G 3 -47.02 -60.93 -91.69
CA SER G 3 -46.16 -61.93 -92.31
C SER G 3 -44.71 -61.73 -91.90
N ALA G 4 -44.33 -60.46 -91.69
CA ALA G 4 -43.01 -60.08 -91.20
C ALA G 4 -41.90 -60.40 -92.20
N PHE G 5 -42.26 -60.96 -93.35
CA PHE G 5 -41.31 -61.18 -94.43
C PHE G 5 -41.74 -60.53 -95.73
N GLU G 6 -43.03 -60.61 -96.08
CA GLU G 6 -43.53 -59.90 -97.25
C GLU G 6 -43.38 -58.39 -97.11
N ARG G 7 -43.35 -57.88 -95.88
CA ARG G 7 -43.10 -56.46 -95.65
C ARG G 7 -41.77 -56.04 -96.26
N VAL G 8 -40.68 -56.62 -95.77
CA VAL G 8 -39.35 -56.22 -96.23
C VAL G 8 -39.11 -56.62 -97.68
N VAL G 9 -39.66 -57.75 -98.13
CA VAL G 9 -39.49 -58.15 -99.52
C VAL G 9 -40.19 -57.15 -100.44
N ARG G 10 -41.43 -56.77 -100.09
CA ARG G 10 -42.14 -55.77 -100.89
C ARG G 10 -41.39 -54.45 -100.88
N ARG G 11 -40.84 -54.06 -99.73
CA ARG G 11 -40.08 -52.82 -99.66
C ARG G 11 -38.85 -52.86 -100.56
N VAL G 12 -38.10 -53.95 -100.52
CA VAL G 12 -36.87 -54.02 -101.30
C VAL G 12 -37.18 -54.10 -102.80
N VAL G 13 -38.27 -54.76 -103.19
CA VAL G 13 -38.65 -54.76 -104.59
C VAL G 13 -39.16 -53.39 -105.04
N GLN G 14 -39.94 -52.70 -104.20
CA GLN G 14 -40.38 -51.35 -104.51
C GLN G 14 -39.24 -50.35 -104.51
N GLU G 15 -38.11 -50.69 -103.88
CA GLU G 15 -36.92 -49.86 -103.94
C GLU G 15 -36.24 -49.91 -105.32
N LEU G 16 -36.84 -50.63 -106.27
CA LEU G 16 -36.39 -50.63 -107.65
C LEU G 16 -37.31 -49.84 -108.57
N ASP G 17 -38.39 -49.25 -108.03
CA ASP G 17 -39.37 -48.51 -108.82
C ASP G 17 -39.87 -49.33 -110.01
N HIS G 18 -40.19 -50.60 -109.74
CA HIS G 18 -40.78 -51.51 -110.73
C HIS G 18 -39.85 -51.74 -111.92
N GLY G 19 -38.56 -51.46 -111.73
CA GLY G 19 -37.58 -51.73 -112.77
C GLY G 19 -37.08 -53.17 -112.70
N GLY G 20 -37.31 -53.93 -113.76
CA GLY G 20 -37.01 -55.34 -113.75
C GLY G 20 -38.07 -56.14 -113.00
N GLU G 21 -38.36 -57.33 -113.51
CA GLU G 21 -39.44 -58.12 -112.93
C GLU G 21 -39.08 -58.64 -111.54
N PHE G 22 -38.05 -59.51 -111.46
CA PHE G 22 -37.60 -60.08 -110.19
C PHE G 22 -38.78 -60.57 -109.34
N ILE G 23 -39.45 -61.59 -109.86
CA ILE G 23 -40.58 -62.21 -109.19
C ILE G 23 -40.21 -62.49 -107.74
N PRO G 24 -40.82 -61.81 -106.79
CA PRO G 24 -40.41 -61.95 -105.38
C PRO G 24 -40.74 -63.32 -104.82
N VAL G 25 -39.96 -63.71 -103.82
CA VAL G 25 -40.13 -64.99 -103.16
C VAL G 25 -40.94 -64.79 -101.89
N THR G 26 -41.73 -65.78 -101.55
CA THR G 26 -42.58 -65.73 -100.36
C THR G 26 -42.27 -66.84 -99.37
N SER G 27 -41.82 -68.00 -99.84
CA SER G 27 -41.53 -69.14 -98.98
C SER G 27 -40.09 -69.07 -98.51
N LEU G 28 -39.89 -69.02 -97.19
CA LEU G 28 -38.53 -69.10 -96.64
C LEU G 28 -37.85 -70.40 -97.00
N GLN G 29 -38.63 -71.48 -97.17
CA GLN G 29 -38.04 -72.76 -97.56
C GLN G 29 -37.53 -72.73 -99.00
N SER G 30 -38.23 -72.03 -99.89
CA SER G 30 -37.81 -71.95 -101.28
C SER G 30 -36.82 -70.83 -101.53
N SER G 31 -36.59 -69.95 -100.55
CA SER G 31 -35.60 -68.88 -100.73
C SER G 31 -34.22 -69.46 -100.99
N THR G 32 -33.83 -70.48 -100.22
CA THR G 32 -32.55 -71.13 -100.47
C THR G 32 -32.59 -72.04 -101.69
N GLY G 33 -33.77 -72.48 -102.11
CA GLY G 33 -33.87 -73.33 -103.28
C GLY G 33 -33.83 -72.58 -104.60
N PHE G 34 -33.94 -71.25 -104.56
CA PHE G 34 -33.87 -70.44 -105.78
C PHE G 34 -32.42 -70.06 -106.02
N GLN G 35 -31.70 -70.95 -106.70
CA GLN G 35 -30.30 -70.78 -107.00
C GLN G 35 -30.12 -70.65 -108.51
N PRO G 36 -28.98 -70.15 -108.99
CA PRO G 36 -28.73 -70.17 -110.43
C PRO G 36 -28.72 -71.58 -110.98
N TYR G 37 -29.15 -71.72 -112.23
CA TYR G 37 -29.23 -72.99 -112.94
C TYR G 37 -30.24 -73.95 -112.32
N CYS G 38 -31.16 -73.43 -111.49
CA CYS G 38 -32.18 -74.25 -110.87
C CYS G 38 -33.44 -74.28 -111.71
N LEU G 39 -34.29 -75.28 -111.46
CA LEU G 39 -35.51 -75.47 -112.24
C LEU G 39 -36.72 -75.08 -111.41
N VAL G 40 -37.69 -74.44 -112.07
CA VAL G 40 -38.97 -74.11 -111.46
C VAL G 40 -40.08 -74.58 -112.38
N VAL G 41 -41.29 -74.73 -111.83
CA VAL G 41 -42.44 -75.23 -112.55
C VAL G 41 -43.58 -74.24 -112.40
N ARG G 42 -44.19 -73.86 -113.51
CA ARG G 42 -45.30 -72.92 -113.53
C ARG G 42 -46.38 -73.42 -114.48
N LYS G 43 -47.60 -73.58 -113.95
CA LYS G 43 -48.73 -74.03 -114.74
C LYS G 43 -49.28 -72.88 -115.58
N PRO G 44 -49.96 -73.19 -116.69
CA PRO G 44 -50.61 -72.12 -117.47
C PRO G 44 -51.62 -71.35 -116.65
N SER G 45 -51.70 -70.05 -116.93
CA SER G 45 -52.60 -69.16 -116.21
C SER G 45 -54.06 -69.57 -116.46
N SER G 46 -54.92 -69.22 -115.50
CA SER G 46 -56.30 -69.71 -115.57
C SER G 46 -57.12 -68.95 -116.61
N SER G 47 -57.39 -67.67 -116.38
CA SER G 47 -57.93 -66.82 -117.44
C SER G 47 -57.06 -65.60 -117.69
N TRP G 48 -56.96 -64.66 -116.75
CA TRP G 48 -56.05 -63.53 -116.89
C TRP G 48 -55.31 -63.23 -115.59
N PHE G 49 -56.00 -63.32 -114.46
CA PHE G 49 -55.52 -62.75 -113.21
C PHE G 49 -55.27 -63.75 -112.10
N TRP G 50 -55.76 -64.99 -112.22
CA TRP G 50 -55.37 -66.04 -111.29
C TRP G 50 -53.93 -66.43 -111.63
N LYS G 51 -53.01 -65.63 -111.12
CA LYS G 51 -51.60 -65.78 -111.45
C LYS G 51 -51.10 -67.14 -110.99
N PRO G 52 -50.55 -67.97 -111.88
CA PRO G 52 -49.94 -69.23 -111.43
C PRO G 52 -48.64 -68.97 -110.70
N ARG G 53 -48.66 -69.13 -109.38
CA ARG G 53 -47.48 -68.89 -108.57
C ARG G 53 -46.39 -69.90 -108.94
N TYR G 54 -45.15 -69.42 -108.94
CA TYR G 54 -44.03 -70.27 -109.30
C TYR G 54 -43.70 -71.24 -108.18
N LYS G 55 -43.48 -72.51 -108.54
CA LYS G 55 -43.10 -73.54 -107.60
C LYS G 55 -41.65 -73.91 -107.82
N CYS G 56 -40.83 -73.80 -106.78
CA CYS G 56 -39.43 -74.17 -106.89
C CYS G 56 -39.26 -75.68 -106.86
N VAL G 57 -38.33 -76.17 -107.68
CA VAL G 57 -37.95 -77.58 -107.68
C VAL G 57 -36.45 -77.64 -107.47
N ASN G 58 -36.03 -78.36 -106.42
CA ASN G 58 -34.62 -78.43 -106.05
C ASN G 58 -33.85 -79.34 -107.01
N LEU G 59 -33.76 -78.87 -108.25
CA LEU G 59 -33.09 -79.62 -109.32
C LEU G 59 -32.27 -78.66 -110.16
N SER G 60 -31.03 -79.04 -110.46
CA SER G 60 -30.16 -78.24 -111.30
C SER G 60 -30.18 -78.77 -112.73
N ILE G 61 -29.50 -78.06 -113.63
CA ILE G 61 -29.42 -78.51 -115.02
C ILE G 61 -28.18 -79.36 -115.29
N LYS G 62 -27.28 -79.48 -114.34
CA LYS G 62 -26.06 -80.26 -114.56
C LYS G 62 -26.37 -81.74 -114.76
N ASP G 63 -27.30 -82.29 -113.97
CA ASP G 63 -27.58 -83.73 -114.05
C ASP G 63 -28.60 -84.09 -115.12
N ILE G 64 -29.47 -83.16 -115.52
CA ILE G 64 -30.44 -83.47 -116.56
C ILE G 64 -29.74 -83.74 -117.89
N LEU G 65 -28.65 -83.04 -118.16
CA LEU G 65 -27.78 -83.32 -119.29
C LEU G 65 -26.60 -84.18 -118.83
N GLU G 66 -26.10 -85.02 -119.75
CA GLU G 66 -25.32 -86.19 -119.33
C GLU G 66 -24.01 -85.85 -118.63
N PRO G 67 -23.11 -85.01 -119.19
CA PRO G 67 -21.72 -85.06 -118.72
C PRO G 67 -21.42 -84.24 -117.47
N ASP G 68 -22.32 -84.25 -116.49
CA ASP G 68 -22.06 -83.81 -115.12
C ASP G 68 -21.31 -82.48 -115.07
N ALA G 69 -21.97 -81.43 -115.56
CA ALA G 69 -21.34 -80.13 -115.73
C ALA G 69 -20.79 -79.56 -114.42
N ALA G 70 -21.69 -79.22 -113.50
CA ALA G 70 -21.31 -78.60 -112.22
C ALA G 70 -20.37 -77.41 -112.43
N GLU G 71 -20.76 -76.53 -113.36
CA GLU G 71 -19.93 -75.39 -113.76
C GLU G 71 -20.73 -74.10 -113.58
N PRO G 72 -20.68 -73.48 -112.40
CA PRO G 72 -21.31 -72.17 -112.23
C PRO G 72 -20.45 -71.06 -112.78
N ASP G 73 -21.09 -70.11 -113.46
CA ASP G 73 -20.37 -69.00 -114.08
C ASP G 73 -20.86 -67.68 -113.52
N VAL G 74 -21.00 -67.59 -112.20
CA VAL G 74 -21.46 -66.36 -111.55
C VAL G 74 -20.27 -65.42 -111.41
N GLN G 75 -20.43 -64.19 -111.91
CA GLN G 75 -19.39 -63.18 -111.83
C GLN G 75 -19.89 -61.83 -111.33
N ARG G 76 -21.19 -61.63 -111.25
CA ARG G 76 -21.76 -60.35 -110.80
C ARG G 76 -21.70 -60.25 -109.29
N GLY G 77 -21.37 -59.06 -108.79
CA GLY G 77 -21.46 -58.81 -107.37
C GLY G 77 -21.23 -57.36 -106.98
N ARG G 78 -22.15 -56.79 -106.21
CA ARG G 78 -22.02 -55.46 -105.66
C ARG G 78 -22.44 -55.49 -104.19
N SER G 79 -22.56 -54.31 -103.59
CA SER G 79 -22.98 -54.19 -102.19
C SER G 79 -23.87 -52.96 -102.05
N PHE G 80 -25.18 -53.17 -102.16
CA PHE G 80 -26.15 -52.11 -101.93
C PHE G 80 -26.62 -52.15 -100.48
N HIS G 81 -26.12 -51.25 -99.66
CA HIS G 81 -26.50 -51.16 -98.26
C HIS G 81 -27.78 -50.35 -98.15
N PHE G 82 -28.76 -50.90 -97.43
CA PHE G 82 -30.08 -50.29 -97.33
C PHE G 82 -30.51 -50.28 -95.87
N TYR G 83 -31.27 -49.24 -95.50
CA TYR G 83 -31.73 -49.07 -94.13
C TYR G 83 -33.02 -48.26 -94.16
N ASP G 84 -33.87 -48.47 -93.16
CA ASP G 84 -35.11 -47.73 -93.03
C ASP G 84 -35.71 -47.95 -91.66
N ALA G 85 -36.87 -47.35 -91.43
CA ALA G 85 -37.59 -47.47 -90.17
C ALA G 85 -39.02 -47.00 -90.39
N MET G 86 -39.79 -46.97 -89.30
CA MET G 86 -41.17 -46.49 -89.35
C MET G 86 -41.69 -46.35 -87.93
N ASP G 87 -42.52 -45.34 -87.71
CA ASP G 87 -43.29 -45.20 -86.49
C ASP G 87 -44.68 -44.75 -86.88
N GLY G 88 -45.67 -45.10 -86.08
CA GLY G 88 -47.05 -44.72 -86.37
C GLY G 88 -47.88 -44.74 -85.11
N GLN G 89 -48.92 -43.90 -85.11
CA GLN G 89 -49.83 -43.84 -83.96
C GLN G 89 -51.11 -43.13 -84.40
N ILE G 90 -52.25 -43.82 -84.26
CA ILE G 90 -53.55 -43.22 -84.46
C ILE G 90 -54.35 -43.41 -83.18
N GLN G 91 -55.46 -42.69 -83.09
CA GLN G 91 -56.33 -42.79 -81.92
C GLN G 91 -57.71 -42.24 -82.27
N GLY G 92 -58.55 -42.12 -81.26
CA GLY G 92 -59.88 -41.58 -81.44
C GLY G 92 -60.62 -41.51 -80.12
N SER G 93 -61.65 -40.66 -80.10
CA SER G 93 -62.49 -40.50 -78.93
C SER G 93 -63.85 -39.97 -79.37
N VAL G 94 -64.90 -40.49 -78.75
CA VAL G 94 -66.27 -40.15 -79.11
C VAL G 94 -67.09 -40.00 -77.83
N GLU G 95 -67.86 -38.91 -77.74
CA GLU G 95 -68.83 -38.70 -76.67
C GLU G 95 -70.19 -38.66 -77.34
N LEU G 96 -70.89 -39.80 -77.33
CA LEU G 96 -72.13 -39.97 -78.06
C LEU G 96 -73.29 -40.10 -77.09
N ALA G 97 -74.30 -39.24 -77.26
CA ALA G 97 -75.47 -39.28 -76.39
C ALA G 97 -76.81 -39.22 -77.12
N ALA G 98 -76.88 -38.63 -78.31
CA ALA G 98 -78.16 -38.43 -78.98
C ALA G 98 -78.73 -39.70 -79.61
N PRO G 99 -78.00 -40.41 -80.54
CA PRO G 99 -78.61 -41.50 -81.31
C PRO G 99 -78.83 -42.78 -80.49
N GLY G 100 -79.57 -42.66 -79.40
CA GLY G 100 -79.90 -43.81 -78.59
C GLY G 100 -80.25 -43.46 -77.16
N GLN G 101 -79.95 -44.37 -76.23
CA GLN G 101 -80.17 -44.15 -74.81
C GLN G 101 -78.88 -44.23 -74.01
N ALA G 102 -77.75 -44.00 -74.65
CA ALA G 102 -76.43 -44.21 -74.06
C ALA G 102 -75.67 -42.89 -73.95
N LYS G 103 -74.69 -42.89 -73.03
CA LYS G 103 -73.68 -41.84 -72.93
C LYS G 103 -72.34 -42.53 -73.14
N ILE G 104 -71.95 -42.68 -74.40
CA ILE G 104 -70.77 -43.46 -74.76
C ILE G 104 -69.52 -42.59 -74.63
N ALA G 105 -68.56 -43.06 -73.84
CA ALA G 105 -67.27 -42.39 -73.67
C ALA G 105 -66.17 -43.43 -73.81
N GLY G 106 -65.74 -43.67 -75.04
CA GLY G 106 -64.73 -44.68 -75.29
C GLY G 106 -63.66 -44.15 -76.24
N GLY G 107 -62.63 -44.97 -76.44
CA GLY G 107 -61.53 -44.59 -77.29
C GLY G 107 -60.76 -45.81 -77.76
N ALA G 108 -59.78 -45.54 -78.64
CA ALA G 108 -58.95 -46.58 -79.20
C ALA G 108 -57.62 -45.97 -79.60
N ALA G 109 -56.63 -46.83 -79.83
CA ALA G 109 -55.30 -46.38 -80.23
C ALA G 109 -54.53 -47.55 -80.82
N VAL G 110 -53.76 -47.28 -81.87
CA VAL G 110 -52.91 -48.27 -82.52
C VAL G 110 -51.51 -47.68 -82.65
N SER G 111 -50.50 -48.48 -82.29
CA SER G 111 -49.11 -48.04 -82.40
C SER G 111 -48.25 -49.21 -82.85
N ASP G 112 -47.30 -48.92 -83.74
CA ASP G 112 -46.41 -49.94 -84.25
C ASP G 112 -45.13 -49.29 -84.75
N SER G 113 -44.17 -50.14 -85.13
CA SER G 113 -42.89 -49.68 -85.67
C SER G 113 -42.29 -50.78 -86.53
N SER G 114 -41.12 -50.48 -87.09
CA SER G 114 -40.41 -51.46 -87.92
C SER G 114 -38.95 -51.03 -88.02
N SER G 115 -38.12 -51.96 -88.50
CA SER G 115 -36.72 -51.69 -88.75
C SER G 115 -36.19 -52.74 -89.72
N THR G 116 -35.11 -52.38 -90.43
CA THR G 116 -34.50 -53.29 -91.40
C THR G 116 -33.13 -52.73 -91.76
N SER G 117 -32.19 -53.62 -92.06
CA SER G 117 -30.87 -53.25 -92.53
C SER G 117 -30.21 -54.45 -93.18
N MET G 118 -29.72 -54.27 -94.40
CA MET G 118 -29.15 -55.38 -95.16
C MET G 118 -28.12 -54.86 -96.14
N ASN G 119 -27.33 -55.78 -96.67
CA ASN G 119 -26.45 -55.55 -97.80
C ASN G 119 -26.84 -56.49 -98.93
N VAL G 120 -27.07 -55.93 -100.12
CA VAL G 120 -27.70 -56.66 -101.20
C VAL G 120 -26.70 -56.88 -102.32
N TYR G 121 -26.49 -58.14 -102.68
CA TYR G 121 -25.64 -58.56 -103.79
C TYR G 121 -26.52 -58.92 -104.98
N SER G 122 -25.89 -59.44 -106.03
CA SER G 122 -26.64 -59.84 -107.22
C SER G 122 -25.77 -60.76 -108.06
N LEU G 123 -26.36 -61.88 -108.48
CA LEU G 123 -25.67 -62.86 -109.31
C LEU G 123 -26.45 -63.07 -110.60
N SER G 124 -25.73 -63.40 -111.68
CA SER G 124 -26.36 -63.59 -112.98
C SER G 124 -25.57 -64.64 -113.76
N VAL G 125 -26.05 -64.95 -114.96
CA VAL G 125 -25.40 -65.90 -115.85
C VAL G 125 -25.39 -65.29 -117.26
N ASP G 126 -24.27 -65.46 -117.95
CA ASP G 126 -24.12 -64.84 -119.27
C ASP G 126 -24.77 -65.70 -120.35
N PRO G 127 -25.40 -65.09 -121.35
CA PRO G 127 -25.96 -65.87 -122.46
C PRO G 127 -24.93 -66.72 -123.19
N ASN G 128 -23.66 -66.28 -123.22
CA ASN G 128 -22.62 -67.06 -123.87
C ASN G 128 -22.46 -68.44 -123.24
N THR G 129 -22.48 -68.52 -121.91
CA THR G 129 -22.44 -69.81 -121.24
C THR G 129 -23.65 -70.65 -121.60
N TRP G 130 -24.82 -70.05 -121.69
CA TRP G 130 -26.01 -70.79 -122.09
C TRP G 130 -25.85 -71.39 -123.48
N GLN G 131 -25.37 -70.60 -124.44
CA GLN G 131 -25.26 -71.09 -125.81
C GLN G 131 -24.18 -72.16 -125.92
N THR G 132 -23.05 -71.99 -125.24
CA THR G 132 -22.05 -73.07 -125.23
C THR G 132 -22.62 -74.33 -124.60
N LEU G 133 -23.16 -74.23 -123.39
CA LEU G 133 -23.70 -75.39 -122.70
C LEU G 133 -24.74 -76.10 -123.55
N LEU G 134 -25.46 -75.35 -124.39
CA LEU G 134 -26.32 -75.99 -125.38
C LEU G 134 -25.51 -76.71 -126.45
N HIS G 135 -24.44 -76.07 -126.93
CA HIS G 135 -23.70 -76.64 -128.06
C HIS G 135 -22.86 -77.88 -127.71
N GLU G 136 -21.84 -77.76 -126.86
CA GLU G 136 -20.91 -78.88 -126.72
C GLU G 136 -21.58 -80.14 -126.18
N ARG G 137 -22.76 -80.01 -125.59
CA ARG G 137 -23.36 -81.11 -124.84
C ARG G 137 -24.88 -81.03 -124.89
N HIS G 138 -25.50 -82.19 -125.04
CA HIS G 138 -26.93 -82.33 -125.29
C HIS G 138 -27.63 -82.99 -124.11
N LEU G 139 -28.92 -83.28 -124.29
CA LEU G 139 -29.75 -83.83 -123.24
C LEU G 139 -29.59 -85.35 -123.15
N ARG G 140 -29.56 -85.86 -121.93
CA ARG G 140 -29.69 -87.30 -121.67
C ARG G 140 -31.17 -87.63 -121.75
N GLN G 141 -31.64 -87.93 -122.96
CA GLN G 141 -33.06 -88.12 -123.22
C GLN G 141 -33.72 -89.27 -122.44
N PRO G 142 -33.01 -90.39 -122.07
CA PRO G 142 -33.65 -91.42 -121.23
C PRO G 142 -33.69 -91.05 -119.75
N GLU G 143 -34.05 -89.81 -119.46
CA GLU G 143 -34.21 -89.31 -118.10
C GLU G 143 -35.55 -88.59 -118.04
N HIS G 144 -36.58 -89.29 -117.56
CA HIS G 144 -37.90 -88.69 -117.43
C HIS G 144 -38.61 -89.02 -116.13
N LYS G 145 -38.02 -89.81 -115.24
CA LYS G 145 -38.69 -90.10 -113.97
C LYS G 145 -38.98 -88.83 -113.20
N VAL G 146 -38.20 -87.77 -113.42
CA VAL G 146 -38.52 -86.44 -112.90
C VAL G 146 -39.28 -85.60 -113.91
N LEU G 147 -39.35 -86.04 -115.17
CA LEU G 147 -39.98 -85.25 -116.23
C LEU G 147 -41.20 -85.91 -116.87
N GLN G 148 -41.34 -87.24 -116.79
CA GLN G 148 -42.48 -87.88 -117.44
C GLN G 148 -43.79 -87.47 -116.79
N GLN G 149 -43.85 -87.46 -115.46
CA GLN G 149 -45.04 -86.92 -114.80
C GLN G 149 -45.16 -85.42 -115.04
N LEU G 150 -44.04 -84.72 -115.17
CA LEU G 150 -44.08 -83.34 -115.63
C LEU G 150 -44.64 -83.24 -117.05
N ARG G 151 -44.27 -84.18 -117.92
CA ARG G 151 -44.84 -84.22 -119.26
C ARG G 151 -46.34 -84.44 -119.21
N SER G 152 -46.81 -85.27 -118.28
CA SER G 152 -48.25 -85.41 -118.08
C SER G 152 -48.88 -84.12 -117.60
N ARG G 153 -48.19 -83.40 -116.69
CA ARG G 153 -48.70 -82.11 -116.23
C ARG G 153 -48.81 -81.11 -117.38
N GLY G 154 -47.80 -81.09 -118.25
CA GLY G 154 -47.74 -80.11 -119.30
C GLY G 154 -47.28 -78.73 -118.87
N ASP G 155 -46.87 -78.58 -117.62
CA ASP G 155 -46.46 -77.28 -117.10
C ASP G 155 -45.11 -76.86 -117.68
N ASN G 156 -45.03 -75.61 -118.11
CA ASN G 156 -43.77 -75.07 -118.63
C ASN G 156 -42.74 -74.97 -117.52
N VAL G 157 -41.51 -75.37 -117.81
CA VAL G 157 -40.41 -75.36 -116.86
C VAL G 157 -39.46 -74.23 -117.22
N TYR G 158 -38.97 -73.54 -116.20
CA TYR G 158 -38.08 -72.39 -116.37
C TYR G 158 -36.78 -72.62 -115.61
N VAL G 159 -35.80 -71.78 -115.89
CA VAL G 159 -34.53 -71.79 -115.16
C VAL G 159 -34.30 -70.40 -114.57
N VAL G 160 -33.45 -70.35 -113.55
CA VAL G 160 -33.14 -69.11 -112.86
C VAL G 160 -31.88 -68.52 -113.47
N THR G 161 -31.99 -67.29 -113.99
CA THR G 161 -30.88 -66.65 -114.67
C THR G 161 -30.23 -65.52 -113.88
N GLU G 162 -30.97 -64.85 -112.99
CA GLU G 162 -30.37 -63.87 -112.10
C GLU G 162 -30.91 -64.09 -110.69
N VAL G 163 -30.06 -63.81 -109.70
CA VAL G 163 -30.42 -63.98 -108.30
C VAL G 163 -30.04 -62.71 -107.56
N LEU G 164 -30.99 -62.16 -106.81
CA LEU G 164 -30.76 -61.02 -105.93
C LEU G 164 -30.77 -61.55 -104.51
N GLN G 165 -29.60 -61.76 -103.93
CA GLN G 165 -29.47 -62.36 -102.61
C GLN G 165 -28.65 -61.46 -101.71
N THR G 166 -28.70 -61.76 -100.41
CA THR G 166 -27.90 -61.08 -99.41
C THR G 166 -27.11 -62.10 -98.59
N GLN G 167 -25.83 -61.82 -98.38
CA GLN G 167 -25.02 -62.60 -97.45
C GLN G 167 -24.43 -61.65 -96.40
N LYS G 168 -25.24 -61.33 -95.41
CA LYS G 168 -24.94 -60.56 -94.21
C LYS G 168 -26.01 -60.89 -93.18
N GLU G 169 -25.72 -60.59 -91.93
CA GLU G 169 -26.67 -60.89 -90.85
C GLU G 169 -27.77 -59.84 -90.86
N VAL G 170 -28.68 -59.96 -91.82
CA VAL G 170 -29.85 -59.10 -91.90
C VAL G 170 -30.91 -59.61 -90.93
N GLU G 171 -31.56 -58.67 -90.26
CA GLU G 171 -32.61 -59.00 -89.29
C GLU G 171 -33.69 -57.93 -89.34
N VAL G 172 -34.88 -58.31 -88.90
CA VAL G 172 -36.02 -57.40 -88.83
C VAL G 172 -36.62 -57.49 -87.44
N THR G 173 -37.20 -56.38 -86.98
CA THR G 173 -37.84 -56.33 -85.66
C THR G 173 -39.10 -55.47 -85.78
N ARG G 174 -40.22 -56.01 -85.34
CA ARG G 174 -41.50 -55.31 -85.38
C ARG G 174 -42.14 -55.27 -84.01
N THR G 175 -43.01 -54.28 -83.80
CA THR G 175 -43.86 -54.19 -82.64
C THR G 175 -45.27 -53.85 -83.10
N HIS G 176 -46.23 -53.93 -82.18
CA HIS G 176 -47.61 -53.66 -82.52
C HIS G 176 -48.40 -53.45 -81.24
N LYS G 177 -49.23 -52.41 -81.21
CA LYS G 177 -50.01 -52.08 -80.03
C LYS G 177 -51.45 -51.83 -80.44
N ARG G 178 -52.39 -52.43 -79.72
CA ARG G 178 -53.81 -52.18 -79.90
C ARG G 178 -54.43 -51.98 -78.54
N GLU G 179 -55.14 -50.87 -78.36
CA GLU G 179 -55.77 -50.55 -77.08
C GLU G 179 -57.22 -50.14 -77.35
N GLY G 180 -58.16 -50.98 -76.94
CA GLY G 180 -59.56 -50.66 -77.02
C GLY G 180 -60.09 -50.21 -75.66
N SER G 181 -61.09 -49.34 -75.69
CA SER G 181 -61.65 -48.80 -74.46
C SER G 181 -63.12 -48.48 -74.67
N GLY G 182 -63.85 -48.36 -73.57
CA GLY G 182 -65.26 -48.02 -73.61
C GLY G 182 -65.88 -47.86 -72.25
N ARG G 183 -66.63 -46.79 -72.06
CA ARG G 183 -67.36 -46.53 -70.82
C ARG G 183 -68.79 -46.15 -71.19
N PHE G 184 -69.73 -47.06 -70.94
CA PHE G 184 -71.11 -46.91 -71.42
C PHE G 184 -72.01 -46.66 -70.23
N SER G 185 -72.80 -45.60 -70.30
CA SER G 185 -73.85 -45.30 -69.33
C SER G 185 -75.16 -45.25 -70.12
N LEU G 186 -75.79 -46.41 -70.29
CA LEU G 186 -76.96 -46.56 -71.15
C LEU G 186 -78.14 -47.07 -70.35
N PRO G 187 -78.98 -46.17 -69.84
CA PRO G 187 -80.25 -46.61 -69.25
C PRO G 187 -81.25 -47.00 -70.32
N GLY G 188 -81.48 -48.31 -70.48
CA GLY G 188 -82.38 -48.78 -71.51
C GLY G 188 -83.26 -49.94 -71.07
N ALA G 189 -83.33 -50.98 -71.90
CA ALA G 189 -84.15 -52.15 -71.63
C ALA G 189 -83.37 -53.34 -71.12
N THR G 190 -82.08 -53.44 -71.46
CA THR G 190 -81.26 -54.58 -71.07
C THR G 190 -80.22 -54.28 -70.01
N CYS G 191 -79.72 -53.05 -69.92
CA CYS G 191 -78.69 -52.69 -68.96
C CYS G 191 -78.90 -51.26 -68.50
N GLU G 192 -78.12 -50.87 -67.49
CA GLU G 192 -78.10 -49.50 -66.99
C GLU G 192 -76.79 -48.80 -67.33
N GLN G 193 -75.65 -49.46 -67.12
CA GLN G 193 -74.36 -48.96 -67.55
C GLN G 193 -73.38 -50.12 -67.63
N GLY G 194 -72.36 -49.97 -68.47
CA GLY G 194 -71.38 -51.03 -68.65
C GLY G 194 -70.06 -50.48 -69.13
N GLU G 195 -69.02 -51.31 -69.02
CA GLU G 195 -67.69 -50.97 -69.47
C GLU G 195 -67.10 -52.11 -70.27
N GLY G 196 -66.36 -51.77 -71.31
CA GLY G 196 -65.68 -52.76 -72.12
C GLY G 196 -64.37 -52.25 -72.68
N GLN G 197 -63.28 -52.96 -72.41
CA GLN G 197 -61.97 -52.54 -72.90
C GLN G 197 -61.05 -53.76 -72.97
N GLY G 198 -60.00 -53.63 -73.77
CA GLY G 198 -59.00 -54.66 -73.87
C GLY G 198 -57.84 -54.26 -74.77
N HIS G 199 -56.62 -54.46 -74.29
CA HIS G 199 -55.43 -54.08 -75.05
C HIS G 199 -54.46 -55.24 -75.10
N LEU G 200 -53.77 -55.38 -76.23
CA LEU G 200 -52.77 -56.42 -76.36
C LEU G 200 -51.54 -55.83 -77.05
N SER G 201 -50.37 -56.13 -76.50
CA SER G 201 -49.11 -55.81 -77.14
C SER G 201 -48.62 -57.03 -77.94
N GLN G 202 -47.67 -56.78 -78.84
CA GLN G 202 -47.17 -57.85 -79.70
C GLN G 202 -45.89 -57.37 -80.36
N LYS G 203 -44.97 -58.31 -80.58
CA LYS G 203 -43.72 -58.02 -81.25
C LYS G 203 -43.14 -59.32 -81.79
N LYS G 204 -42.08 -59.19 -82.57
CA LYS G 204 -41.37 -60.34 -83.11
C LYS G 204 -40.00 -59.91 -83.58
N THR G 205 -39.18 -60.90 -83.94
CA THR G 205 -37.81 -60.64 -84.37
C THR G 205 -37.36 -61.79 -85.25
N VAL G 206 -37.13 -61.52 -86.52
CA VAL G 206 -36.70 -62.52 -87.49
C VAL G 206 -35.32 -62.14 -88.01
N THR G 207 -34.42 -63.12 -88.05
CA THR G 207 -33.06 -62.91 -88.54
C THR G 207 -32.81 -63.84 -89.71
N ILE G 208 -32.52 -63.26 -90.87
CA ILE G 208 -32.27 -64.03 -92.09
C ILE G 208 -30.77 -64.33 -92.20
N PRO G 209 -30.39 -65.58 -92.38
CA PRO G 209 -28.96 -65.92 -92.47
C PRO G 209 -28.37 -65.48 -93.81
N SER G 210 -27.04 -65.48 -93.84
CA SER G 210 -26.32 -65.05 -95.03
C SER G 210 -26.54 -66.02 -96.18
N GLY G 211 -26.74 -65.48 -97.37
CA GLY G 211 -26.92 -66.28 -98.57
C GLY G 211 -28.35 -66.75 -98.78
N SER G 212 -29.30 -65.83 -98.77
CA SER G 212 -30.70 -66.13 -99.01
C SER G 212 -31.18 -65.32 -100.21
N THR G 213 -31.82 -65.99 -101.16
CA THR G 213 -32.33 -65.32 -102.36
C THR G 213 -33.55 -64.49 -102.02
N LEU G 214 -33.60 -63.25 -102.50
CA LEU G 214 -34.74 -62.37 -102.30
C LEU G 214 -35.65 -62.27 -103.52
N ALA G 215 -35.10 -62.40 -104.72
CA ALA G 215 -35.87 -62.32 -105.94
C ALA G 215 -35.11 -63.03 -107.05
N PHE G 216 -35.78 -63.22 -108.19
CA PHE G 216 -35.17 -63.92 -109.31
C PHE G 216 -35.98 -63.64 -110.57
N ARG G 217 -35.36 -63.91 -111.72
CA ARG G 217 -36.03 -63.87 -113.01
C ARG G 217 -35.74 -65.17 -113.74
N VAL G 218 -36.65 -65.53 -114.65
CA VAL G 218 -36.65 -66.84 -115.26
C VAL G 218 -36.26 -66.74 -116.73
N ALA G 219 -35.93 -67.88 -117.32
CA ALA G 219 -35.60 -67.99 -118.74
C ALA G 219 -36.22 -69.27 -119.26
N GLN G 220 -37.28 -69.14 -120.06
CA GLN G 220 -38.03 -70.29 -120.50
C GLN G 220 -37.21 -71.17 -121.45
N LEU G 221 -37.43 -72.47 -121.35
CA LEU G 221 -36.84 -73.45 -122.26
C LEU G 221 -37.95 -74.28 -122.88
N VAL G 222 -37.64 -74.91 -124.00
CA VAL G 222 -38.59 -75.75 -124.72
C VAL G 222 -37.99 -77.14 -124.88
N ILE G 223 -38.77 -78.16 -124.53
CA ILE G 223 -38.37 -79.56 -124.69
C ILE G 223 -39.48 -80.28 -125.46
N ASP G 224 -39.34 -80.34 -126.78
CA ASP G 224 -40.21 -81.16 -127.60
C ASP G 224 -39.49 -82.39 -128.13
N SER G 225 -38.28 -82.21 -128.63
CA SER G 225 -37.39 -83.31 -129.00
C SER G 225 -36.01 -83.17 -128.36
N ASP G 226 -35.50 -81.94 -128.24
CA ASP G 226 -34.26 -81.66 -127.54
C ASP G 226 -34.38 -80.28 -126.89
N LEU G 227 -33.50 -80.01 -125.92
CA LEU G 227 -33.64 -78.82 -125.10
C LEU G 227 -33.11 -77.59 -125.83
N ASP G 228 -33.79 -76.47 -125.61
CA ASP G 228 -33.37 -75.18 -126.12
C ASP G 228 -33.98 -74.10 -125.25
N VAL G 229 -33.14 -73.19 -124.76
CA VAL G 229 -33.56 -72.16 -123.82
C VAL G 229 -33.84 -70.87 -124.60
N LEU G 230 -35.01 -70.29 -124.37
CA LEU G 230 -35.39 -68.99 -124.93
C LEU G 230 -35.22 -67.96 -123.82
N LEU G 231 -34.30 -67.02 -124.01
CA LEU G 231 -33.93 -66.09 -122.95
C LEU G 231 -35.08 -65.18 -122.55
N PHE G 232 -35.99 -64.85 -123.48
CA PHE G 232 -37.13 -63.99 -123.17
C PHE G 232 -38.20 -64.16 -124.23
N PRO G 233 -38.85 -65.34 -124.27
CA PRO G 233 -39.86 -65.59 -125.30
C PRO G 233 -41.19 -64.93 -124.99
N ASP G 234 -42.19 -65.20 -125.82
CA ASP G 234 -43.52 -64.62 -125.68
C ASP G 234 -44.44 -65.57 -124.92
N LYS G 235 -45.64 -65.07 -124.62
CA LYS G 235 -46.65 -65.88 -123.96
C LYS G 235 -47.18 -66.94 -124.93
N LYS G 236 -47.72 -68.02 -124.36
CA LYS G 236 -48.23 -69.16 -125.11
C LYS G 236 -47.10 -69.82 -125.90
N GLN G 237 -46.07 -70.23 -125.18
CA GLN G 237 -44.97 -71.02 -125.74
C GLN G 237 -44.88 -72.29 -124.91
N ARG G 238 -45.64 -73.31 -125.30
CA ARG G 238 -45.76 -74.52 -124.51
C ARG G 238 -44.48 -75.33 -124.59
N THR G 239 -43.90 -75.64 -123.43
CA THR G 239 -42.65 -76.40 -123.39
C THR G 239 -42.85 -77.81 -123.94
N PHE G 240 -43.97 -78.44 -123.59
CA PHE G 240 -44.33 -79.76 -124.08
C PHE G 240 -45.23 -79.62 -125.30
N GLN G 241 -45.78 -80.74 -125.76
CA GLN G 241 -46.71 -80.73 -126.88
C GLN G 241 -48.11 -81.17 -126.44
N SER H 3 -52.83 -75.77 -76.20
CA SER H 3 -52.09 -77.01 -76.03
C SER H 3 -50.59 -76.73 -75.92
N ALA H 4 -50.22 -75.46 -75.99
CA ALA H 4 -48.86 -74.98 -75.78
C ALA H 4 -47.88 -75.49 -76.83
N PHE H 5 -48.36 -76.24 -77.81
CA PHE H 5 -47.53 -76.70 -78.92
C PHE H 5 -48.12 -76.34 -80.27
N GLU H 6 -49.45 -76.43 -80.42
CA GLU H 6 -50.08 -75.92 -81.63
C GLU H 6 -49.90 -74.41 -81.78
N ARG H 7 -49.83 -73.67 -80.68
CA ARG H 7 -49.63 -72.23 -80.75
C ARG H 7 -48.36 -71.89 -81.50
N VAL H 8 -47.22 -72.35 -81.00
CA VAL H 8 -45.93 -72.00 -81.61
C VAL H 8 -45.78 -72.63 -82.98
N VAL H 9 -46.26 -73.85 -83.19
CA VAL H 9 -46.15 -74.47 -84.51
C VAL H 9 -46.96 -73.70 -85.54
N ARG H 10 -48.18 -73.31 -85.19
CA ARG H 10 -49.00 -72.50 -86.09
C ARG H 10 -48.33 -71.16 -86.37
N ARG H 11 -47.72 -70.55 -85.35
CA ARG H 11 -47.01 -69.29 -85.56
C ARG H 11 -45.84 -69.47 -86.53
N VAL H 12 -45.06 -70.55 -86.36
CA VAL H 12 -43.93 -70.78 -87.24
C VAL H 12 -44.38 -71.02 -88.68
N VAL H 13 -45.43 -71.82 -88.87
CA VAL H 13 -45.93 -72.02 -90.23
C VAL H 13 -46.48 -70.73 -90.82
N GLN H 14 -47.17 -69.91 -90.02
CA GLN H 14 -47.66 -68.63 -90.49
C GLN H 14 -46.55 -67.65 -90.78
N GLU H 15 -45.35 -67.84 -90.21
CA GLU H 15 -44.20 -67.02 -90.55
C GLU H 15 -43.68 -67.29 -91.96
N LEU H 16 -44.38 -68.13 -92.72
CA LEU H 16 -44.09 -68.32 -94.14
C LEU H 16 -45.17 -67.73 -95.03
N ASP H 17 -46.18 -67.08 -94.46
CA ASP H 17 -47.32 -66.53 -95.20
C ASP H 17 -47.94 -67.58 -96.11
N HIS H 18 -48.19 -68.76 -95.55
CA HIS H 18 -48.78 -69.89 -96.29
C HIS H 18 -47.93 -70.30 -97.48
N GLY H 19 -46.63 -70.03 -97.40
CA GLY H 19 -45.73 -70.41 -98.48
C GLY H 19 -45.24 -71.83 -98.35
N GLY H 20 -45.47 -72.64 -99.38
CA GLY H 20 -45.14 -74.04 -99.34
C GLY H 20 -46.16 -74.84 -98.55
N GLU H 21 -46.25 -76.13 -98.90
CA GLU H 21 -47.22 -77.01 -98.24
C GLU H 21 -46.89 -77.14 -96.76
N PHE H 22 -45.76 -77.76 -96.45
CA PHE H 22 -45.26 -77.90 -95.07
C PHE H 22 -46.36 -78.29 -94.09
N ILE H 23 -46.86 -79.51 -94.30
CA ILE H 23 -47.85 -80.09 -93.39
C ILE H 23 -47.29 -80.10 -91.99
N PRO H 24 -47.83 -79.31 -91.07
CA PRO H 24 -47.25 -79.22 -89.73
C PRO H 24 -47.51 -80.47 -88.91
N VAL H 25 -46.70 -80.64 -87.87
CA VAL H 25 -46.81 -81.77 -86.97
C VAL H 25 -47.67 -81.37 -85.77
N THR H 26 -48.33 -82.35 -85.19
CA THR H 26 -49.20 -82.13 -84.03
C THR H 26 -48.80 -82.97 -82.83
N SER H 27 -48.33 -84.20 -83.05
CA SER H 27 -47.96 -85.10 -81.96
C SER H 27 -46.49 -84.89 -81.63
N LEU H 28 -46.21 -84.59 -80.36
CA LEU H 28 -44.82 -84.49 -79.93
C LEU H 28 -44.09 -85.83 -80.09
N GLN H 29 -44.82 -86.95 -80.03
CA GLN H 29 -44.19 -88.24 -80.29
C GLN H 29 -43.92 -88.45 -81.77
N SER H 30 -44.69 -87.79 -82.64
CA SER H 30 -44.53 -87.92 -84.08
C SER H 30 -43.50 -86.95 -84.63
N SER H 31 -43.04 -85.98 -83.84
CA SER H 31 -41.97 -85.11 -84.29
C SER H 31 -40.69 -85.91 -84.50
N THR H 32 -40.42 -86.88 -83.63
CA THR H 32 -39.26 -87.72 -83.80
C THR H 32 -39.43 -88.72 -84.94
N GLY H 33 -40.65 -89.19 -85.19
CA GLY H 33 -40.88 -90.16 -86.24
C GLY H 33 -40.87 -89.59 -87.65
N PHE H 34 -40.87 -88.25 -87.78
CA PHE H 34 -40.84 -87.61 -89.09
C PHE H 34 -39.40 -87.32 -89.44
N GLN H 35 -38.79 -88.24 -90.19
CA GLN H 35 -37.41 -88.13 -90.62
C GLN H 35 -37.35 -88.27 -92.15
N PRO H 36 -36.28 -87.84 -92.80
CA PRO H 36 -36.16 -88.07 -94.23
C PRO H 36 -36.17 -89.56 -94.56
N TYR H 37 -36.68 -89.89 -95.74
CA TYR H 37 -36.80 -91.26 -96.23
C TYR H 37 -37.71 -92.11 -95.35
N CYS H 38 -38.59 -91.49 -94.59
CA CYS H 38 -39.53 -92.20 -93.74
C CYS H 38 -40.88 -92.34 -94.43
N LEU H 39 -41.62 -93.38 -94.09
CA LEU H 39 -42.91 -93.65 -94.71
C LEU H 39 -44.04 -93.12 -93.84
N VAL H 40 -44.97 -92.40 -94.46
CA VAL H 40 -46.16 -91.91 -93.79
C VAL H 40 -47.38 -92.41 -94.56
N VAL H 41 -48.39 -92.86 -93.81
CA VAL H 41 -49.58 -93.49 -94.39
C VAL H 41 -50.76 -92.56 -94.16
N ARG H 42 -51.49 -92.26 -95.24
CA ARG H 42 -52.68 -91.43 -95.17
C ARG H 42 -53.79 -92.10 -95.96
N LYS H 43 -54.95 -92.22 -95.33
CA LYS H 43 -56.13 -92.78 -95.99
C LYS H 43 -56.74 -91.75 -96.93
N PRO H 44 -57.52 -92.19 -97.92
CA PRO H 44 -58.21 -91.24 -98.80
C PRO H 44 -59.17 -90.36 -98.04
N SER H 45 -59.32 -89.13 -98.54
CA SER H 45 -60.19 -88.15 -97.93
C SER H 45 -61.65 -88.62 -97.97
N SER H 46 -62.45 -88.09 -97.05
CA SER H 46 -63.83 -88.61 -96.92
C SER H 46 -64.73 -88.09 -98.02
N SER H 47 -65.04 -86.79 -98.02
CA SER H 47 -65.70 -86.18 -99.17
C SER H 47 -64.92 -85.00 -99.75
N TRP H 48 -64.80 -83.88 -99.04
CA TRP H 48 -63.94 -82.79 -99.48
C TRP H 48 -63.13 -82.18 -98.33
N PHE H 49 -63.75 -82.07 -97.16
CA PHE H 49 -63.21 -81.26 -96.06
C PHE H 49 -62.83 -82.05 -94.82
N TRP H 50 -63.22 -83.32 -94.72
CA TRP H 50 -62.72 -84.17 -93.66
C TRP H 50 -61.32 -84.64 -94.05
N LYS H 51 -60.35 -83.75 -93.90
CA LYS H 51 -58.95 -84.10 -94.14
C LYS H 51 -58.55 -85.27 -93.26
N PRO H 52 -58.07 -86.37 -93.84
CA PRO H 52 -57.47 -87.44 -93.02
C PRO H 52 -56.10 -87.03 -92.52
N ARG H 53 -55.95 -86.96 -91.20
CA ARG H 53 -54.69 -86.55 -90.61
C ARG H 53 -53.60 -87.57 -90.91
N TYR H 54 -52.41 -87.09 -91.19
CA TYR H 54 -51.31 -87.95 -91.61
C TYR H 54 -50.86 -88.83 -90.46
N LYS H 55 -50.71 -90.12 -90.75
CA LYS H 55 -50.29 -91.10 -89.75
C LYS H 55 -48.87 -91.54 -90.09
N CYS H 56 -47.91 -91.05 -89.31
CA CYS H 56 -46.52 -91.42 -89.52
C CYS H 56 -46.30 -92.89 -89.16
N VAL H 57 -45.47 -93.56 -89.95
CA VAL H 57 -45.08 -94.94 -89.71
C VAL H 57 -43.58 -94.98 -89.52
N ASN H 58 -43.12 -95.54 -88.40
CA ASN H 58 -41.70 -95.55 -88.06
C ASN H 58 -40.96 -96.60 -88.88
N LEU H 59 -40.96 -96.40 -90.19
CA LEU H 59 -40.32 -97.31 -91.13
C LEU H 59 -39.60 -96.50 -92.20
N SER H 60 -38.39 -96.92 -92.54
CA SER H 60 -37.60 -96.25 -93.57
C SER H 60 -37.73 -96.99 -94.90
N ILE H 61 -37.01 -96.51 -95.91
CA ILE H 61 -37.04 -97.13 -97.23
C ILE H 61 -35.86 -98.05 -97.47
N LYS H 62 -34.83 -98.02 -96.61
CA LYS H 62 -33.63 -98.82 -96.85
C LYS H 62 -33.92 -100.32 -96.81
N ASP H 63 -34.74 -100.76 -95.86
CA ASP H 63 -35.04 -102.18 -95.75
C ASP H 63 -36.07 -102.65 -96.78
N ILE H 64 -36.89 -101.75 -97.31
CA ILE H 64 -37.84 -102.14 -98.35
C ILE H 64 -37.09 -102.58 -99.60
N LEU H 65 -36.10 -101.81 -100.05
CA LEU H 65 -35.18 -102.24 -101.08
C LEU H 65 -34.17 -103.22 -100.48
N GLU H 66 -33.60 -104.07 -101.35
CA GLU H 66 -32.95 -105.28 -100.84
C GLU H 66 -31.59 -105.01 -100.18
N PRO H 67 -30.62 -104.35 -100.83
CA PRO H 67 -29.25 -104.43 -100.31
C PRO H 67 -28.93 -103.43 -99.21
N ASP H 68 -29.86 -103.22 -98.27
CA ASP H 68 -29.62 -102.47 -97.03
C ASP H 68 -28.86 -101.16 -97.30
N ALA H 69 -29.52 -100.28 -98.04
CA ALA H 69 -28.88 -99.05 -98.50
C ALA H 69 -28.33 -98.20 -97.36
N ALA H 70 -29.21 -97.69 -96.51
CA ALA H 70 -28.82 -96.80 -95.40
C ALA H 70 -27.93 -95.67 -95.89
N GLU H 71 -28.40 -94.95 -96.91
CA GLU H 71 -27.64 -93.89 -97.56
C GLU H 71 -28.42 -92.59 -97.53
N PRO H 72 -28.30 -91.81 -96.46
CA PRO H 72 -28.94 -90.48 -96.44
C PRO H 72 -28.11 -89.47 -97.23
N ASP H 73 -28.81 -88.56 -97.91
CA ASP H 73 -28.14 -87.55 -98.71
C ASP H 73 -28.60 -86.15 -98.34
N VAL H 74 -28.61 -85.86 -97.03
CA VAL H 74 -29.03 -84.55 -96.55
C VAL H 74 -27.87 -83.57 -96.72
N GLN H 75 -28.14 -82.45 -97.39
CA GLN H 75 -27.13 -81.43 -97.62
C GLN H 75 -27.62 -80.01 -97.35
N ARG H 76 -28.94 -79.81 -97.24
CA ARG H 76 -29.50 -78.50 -96.99
C ARG H 76 -29.33 -78.11 -95.54
N GLY H 77 -29.04 -76.83 -95.30
CA GLY H 77 -28.97 -76.31 -93.95
C GLY H 77 -28.82 -74.82 -93.85
N ARG H 78 -29.70 -74.18 -93.06
CA ARG H 78 -29.62 -72.76 -92.76
C ARG H 78 -29.82 -72.56 -91.26
N SER H 79 -29.94 -71.30 -90.86
CA SER H 79 -30.16 -70.96 -89.44
C SER H 79 -31.02 -69.70 -89.39
N PHE H 80 -32.33 -69.88 -89.22
CA PHE H 80 -33.25 -68.78 -88.99
C PHE H 80 -33.48 -68.64 -87.49
N HIS H 81 -33.13 -67.48 -86.94
CA HIS H 81 -33.35 -67.19 -85.54
C HIS H 81 -34.64 -66.39 -85.40
N PHE H 82 -35.59 -66.92 -84.63
CA PHE H 82 -36.91 -66.33 -84.52
C PHE H 82 -37.24 -66.07 -83.06
N TYR H 83 -37.93 -64.96 -82.80
CA TYR H 83 -38.26 -64.52 -81.45
C TYR H 83 -39.52 -63.68 -81.51
N ASP H 84 -40.34 -63.79 -80.47
CA ASP H 84 -41.55 -62.99 -80.38
C ASP H 84 -42.08 -63.01 -78.95
N ALA H 85 -43.15 -62.26 -78.72
CA ALA H 85 -43.81 -62.21 -77.43
C ALA H 85 -45.27 -61.85 -77.66
N MET H 86 -46.06 -61.92 -76.60
CA MET H 86 -47.48 -61.61 -76.68
C MET H 86 -48.05 -61.47 -75.27
N ASP H 87 -48.96 -60.52 -75.10
CA ASP H 87 -49.74 -60.38 -73.87
C ASP H 87 -51.01 -59.60 -74.18
N GLY H 88 -52.06 -59.91 -73.44
CA GLY H 88 -53.34 -59.23 -73.63
C GLY H 88 -54.10 -59.18 -72.32
N GLN H 89 -55.01 -58.22 -72.21
CA GLN H 89 -55.78 -58.05 -70.98
C GLN H 89 -57.09 -57.35 -71.31
N ILE H 90 -58.19 -58.09 -71.25
CA ILE H 90 -59.53 -57.53 -71.37
C ILE H 90 -60.20 -57.57 -70.01
N GLN H 91 -61.27 -56.80 -69.87
CA GLN H 91 -62.03 -56.76 -68.63
C GLN H 91 -63.44 -56.26 -68.93
N GLY H 92 -64.21 -56.04 -67.87
CA GLY H 92 -65.56 -55.55 -68.02
C GLY H 92 -66.19 -55.29 -66.68
N SER H 93 -67.22 -54.44 -66.69
CA SER H 93 -67.97 -54.12 -65.49
C SER H 93 -69.35 -53.63 -65.88
N VAL H 94 -70.37 -54.10 -65.17
CA VAL H 94 -71.76 -53.76 -65.45
C VAL H 94 -72.45 -53.46 -64.13
N GLU H 95 -73.16 -52.33 -64.07
CA GLU H 95 -73.98 -51.96 -62.92
C GLU H 95 -75.42 -52.00 -63.40
N LEU H 96 -76.04 -53.17 -63.32
CA LEU H 96 -77.37 -53.41 -63.84
C LEU H 96 -78.39 -53.33 -62.72
N ALA H 97 -79.40 -52.48 -62.90
CA ALA H 97 -80.44 -52.32 -61.88
C ALA H 97 -81.87 -52.40 -62.41
N ALA H 98 -82.14 -51.99 -63.65
CA ALA H 98 -83.50 -51.90 -64.16
C ALA H 98 -84.11 -53.26 -64.51
N PRO H 99 -83.49 -54.07 -65.45
CA PRO H 99 -84.18 -55.26 -65.98
C PRO H 99 -84.26 -56.42 -64.99
N GLY H 100 -85.01 -56.22 -63.91
CA GLY H 100 -85.21 -57.26 -62.92
C GLY H 100 -85.49 -56.71 -61.55
N GLN H 101 -84.97 -57.37 -60.52
CA GLN H 101 -85.08 -56.91 -59.15
C GLN H 101 -83.73 -56.78 -58.47
N ALA H 102 -82.66 -56.61 -59.26
CA ALA H 102 -81.29 -56.71 -58.78
C ALA H 102 -80.59 -55.36 -58.84
N LYS H 103 -79.52 -55.26 -58.05
CA LYS H 103 -78.55 -54.16 -58.12
C LYS H 103 -77.18 -54.83 -58.23
N ILE H 104 -76.79 -55.11 -59.47
CA ILE H 104 -75.64 -55.97 -59.74
C ILE H 104 -74.38 -55.14 -59.81
N ALA H 105 -73.35 -55.55 -59.06
CA ALA H 105 -72.01 -54.97 -59.14
C ALA H 105 -71.04 -56.10 -59.43
N GLY H 106 -70.64 -56.23 -60.70
CA GLY H 106 -69.80 -57.31 -61.12
C GLY H 106 -68.63 -56.83 -61.95
N GLY H 107 -67.75 -57.78 -62.28
CA GLY H 107 -66.56 -57.48 -63.06
C GLY H 107 -65.94 -58.73 -63.61
N ALA H 108 -64.90 -58.54 -64.41
CA ALA H 108 -64.17 -59.65 -65.01
C ALA H 108 -62.78 -59.15 -65.38
N ALA H 109 -61.86 -60.11 -65.55
CA ALA H 109 -60.49 -59.79 -65.92
C ALA H 109 -59.81 -61.05 -66.46
N VAL H 110 -59.31 -60.96 -67.69
CA VAL H 110 -58.57 -62.05 -68.33
C VAL H 110 -57.20 -61.53 -68.71
N SER H 111 -56.16 -62.26 -68.31
CA SER H 111 -54.78 -61.88 -68.62
C SER H 111 -54.00 -63.12 -69.01
N ASP H 112 -53.09 -62.94 -69.97
CA ASP H 112 -52.25 -64.03 -70.44
C ASP H 112 -50.99 -63.45 -71.09
N SER H 113 -50.02 -64.33 -71.31
CA SER H 113 -48.77 -63.94 -71.94
C SER H 113 -48.15 -65.17 -72.61
N SER H 114 -47.10 -64.93 -73.39
CA SER H 114 -46.40 -66.00 -74.07
C SER H 114 -45.02 -65.51 -74.46
N SER H 115 -44.17 -66.48 -74.84
CA SER H 115 -42.83 -66.18 -75.31
C SER H 115 -42.32 -67.37 -76.11
N THR H 116 -41.30 -67.12 -76.93
CA THR H 116 -40.71 -68.16 -77.77
C THR H 116 -39.39 -67.64 -78.34
N SER H 117 -38.37 -68.50 -78.33
CA SER H 117 -37.09 -68.20 -78.93
C SER H 117 -36.53 -69.50 -79.48
N MET H 118 -36.25 -69.51 -80.80
CA MET H 118 -35.98 -70.76 -81.47
C MET H 118 -35.15 -70.51 -82.72
N ASN H 119 -34.60 -71.60 -83.25
CA ASN H 119 -33.79 -71.60 -84.46
C ASN H 119 -34.30 -72.66 -85.43
N VAL H 120 -34.12 -72.39 -86.71
CA VAL H 120 -34.71 -73.21 -87.77
C VAL H 120 -33.62 -73.66 -88.73
N TYR H 121 -33.51 -74.97 -88.94
CA TYR H 121 -32.77 -75.55 -90.04
C TYR H 121 -33.75 -76.04 -91.10
N SER H 122 -33.23 -76.70 -92.13
CA SER H 122 -34.08 -77.30 -93.14
C SER H 122 -33.29 -78.39 -93.86
N LEU H 123 -33.93 -79.54 -94.07
CA LEU H 123 -33.31 -80.65 -94.77
C LEU H 123 -34.17 -81.00 -95.98
N SER H 124 -33.53 -81.59 -96.99
CA SER H 124 -34.22 -81.99 -98.21
C SER H 124 -33.47 -83.17 -98.83
N VAL H 125 -34.11 -83.79 -99.82
CA VAL H 125 -33.50 -84.87 -100.58
C VAL H 125 -33.66 -84.55 -102.07
N ASP H 126 -32.57 -84.69 -102.81
CA ASP H 126 -32.56 -84.26 -104.20
C ASP H 126 -33.29 -85.27 -105.08
N PRO H 127 -34.06 -84.82 -106.08
CA PRO H 127 -34.68 -85.78 -107.02
C PRO H 127 -33.66 -86.64 -107.76
N ASN H 128 -32.46 -86.12 -108.01
CA ASN H 128 -31.41 -86.94 -108.61
C ASN H 128 -31.06 -88.13 -107.73
N THR H 129 -31.01 -87.94 -106.41
CA THR H 129 -30.80 -89.06 -105.51
C THR H 129 -31.94 -90.08 -105.62
N TRP H 130 -33.18 -89.60 -105.74
CA TRP H 130 -34.31 -90.51 -105.92
C TRP H 130 -34.16 -91.33 -107.20
N GLN H 131 -33.79 -90.68 -108.30
CA GLN H 131 -33.69 -91.41 -109.56
C GLN H 131 -32.52 -92.38 -109.55
N THR H 132 -31.40 -92.01 -108.93
CA THR H 132 -30.30 -92.96 -108.77
C THR H 132 -30.73 -94.15 -107.93
N LEU H 133 -31.43 -93.89 -106.83
CA LEU H 133 -31.87 -94.97 -105.94
C LEU H 133 -32.81 -95.92 -106.67
N LEU H 134 -33.75 -95.38 -107.45
CA LEU H 134 -34.70 -96.24 -108.14
C LEU H 134 -34.04 -97.00 -109.29
N HIS H 135 -33.14 -96.35 -110.02
CA HIS H 135 -32.51 -97.00 -111.16
C HIS H 135 -31.40 -97.96 -110.77
N GLU H 136 -30.89 -97.88 -109.54
CA GLU H 136 -29.83 -98.77 -109.11
C GLU H 136 -30.38 -100.08 -108.55
N ARG H 137 -31.44 -100.00 -107.75
CA ARG H 137 -32.01 -101.16 -107.09
C ARG H 137 -33.52 -101.20 -107.27
N HIS H 138 -34.09 -102.36 -106.95
CA HIS H 138 -35.50 -102.64 -107.13
C HIS H 138 -36.16 -102.92 -105.77
N LEU H 139 -37.40 -103.38 -105.83
CA LEU H 139 -38.16 -103.70 -104.62
C LEU H 139 -37.95 -105.16 -104.25
N ARG H 140 -37.73 -105.40 -102.95
CA ARG H 140 -37.73 -106.75 -102.41
C ARG H 140 -39.18 -107.22 -102.36
N GLN H 141 -39.63 -107.85 -103.44
CA GLN H 141 -41.03 -108.17 -103.64
C GLN H 141 -41.65 -109.09 -102.59
N PRO H 142 -40.90 -110.04 -101.92
CA PRO H 142 -41.49 -110.83 -100.83
C PRO H 142 -41.47 -110.10 -99.50
N GLU H 143 -41.85 -108.82 -99.51
CA GLU H 143 -41.91 -108.00 -98.30
C GLU H 143 -43.28 -107.35 -98.26
N HIS H 144 -44.20 -107.98 -97.51
CA HIS H 144 -45.52 -107.41 -97.30
C HIS H 144 -46.02 -107.59 -95.87
N LYS H 145 -45.20 -108.16 -94.97
CA LYS H 145 -45.61 -108.32 -93.58
C LYS H 145 -45.93 -106.99 -92.93
N VAL H 146 -45.37 -105.89 -93.44
CA VAL H 146 -45.80 -104.54 -93.08
C VAL H 146 -46.65 -103.91 -94.17
N LEU H 147 -46.79 -104.57 -95.32
CA LEU H 147 -47.51 -104.02 -96.46
C LEU H 147 -48.76 -104.80 -96.85
N GLN H 148 -48.83 -106.11 -96.58
CA GLN H 148 -50.00 -106.88 -96.99
C GLN H 148 -51.26 -106.39 -96.29
N GLN H 149 -51.19 -106.16 -94.99
CA GLN H 149 -52.31 -105.51 -94.30
C GLN H 149 -52.49 -104.07 -94.78
N LEU H 150 -51.39 -103.37 -95.05
CA LEU H 150 -51.47 -102.06 -95.65
C LEU H 150 -52.08 -102.13 -97.05
N ARG H 151 -51.80 -103.22 -97.78
CA ARG H 151 -52.46 -103.45 -99.05
C ARG H 151 -53.96 -103.66 -98.86
N SER H 152 -54.34 -104.37 -97.79
CA SER H 152 -55.77 -104.55 -97.50
C SER H 152 -56.46 -103.23 -97.20
N ARG H 153 -55.80 -102.35 -96.43
CA ARG H 153 -56.36 -101.02 -96.23
C ARG H 153 -56.40 -100.24 -97.53
N GLY H 154 -55.39 -100.41 -98.38
CA GLY H 154 -55.32 -99.70 -99.63
C GLY H 154 -54.95 -98.23 -99.52
N ASP H 155 -54.48 -97.80 -98.34
CA ASP H 155 -54.16 -96.40 -98.15
C ASP H 155 -52.93 -96.02 -98.97
N ASN H 156 -52.98 -94.83 -99.57
CA ASN H 156 -51.85 -94.33 -100.33
C ASN H 156 -50.69 -94.02 -99.38
N VAL H 157 -49.51 -94.52 -99.73
CA VAL H 157 -48.32 -94.39 -98.90
C VAL H 157 -47.44 -93.28 -99.46
N TYR H 158 -46.88 -92.48 -98.57
CA TYR H 158 -46.04 -91.34 -98.93
C TYR H 158 -44.67 -91.50 -98.28
N VAL H 159 -43.73 -90.68 -98.74
CA VAL H 159 -42.41 -90.59 -98.14
C VAL H 159 -42.16 -89.14 -97.74
N VAL H 160 -41.27 -88.96 -96.78
CA VAL H 160 -40.90 -87.63 -96.29
C VAL H 160 -39.71 -87.14 -97.11
N THR H 161 -39.90 -86.02 -97.81
CA THR H 161 -38.88 -85.49 -98.69
C THR H 161 -38.13 -84.29 -98.11
N GLU H 162 -38.73 -83.54 -97.20
CA GLU H 162 -38.03 -82.42 -96.59
C GLU H 162 -38.45 -82.32 -95.12
N VAL H 163 -37.55 -81.79 -94.30
CA VAL H 163 -37.78 -81.67 -92.87
C VAL H 163 -37.37 -80.28 -92.42
N LEU H 164 -38.21 -79.65 -91.61
CA LEU H 164 -37.88 -78.40 -90.92
C LEU H 164 -37.77 -78.71 -89.44
N GLN H 165 -36.55 -78.70 -88.90
CA GLN H 165 -36.29 -79.07 -87.52
C GLN H 165 -35.48 -77.98 -86.84
N THR H 166 -35.39 -78.09 -85.51
CA THR H 166 -34.76 -77.09 -84.67
C THR H 166 -33.53 -77.68 -84.01
N GLN H 167 -32.42 -76.94 -84.04
CA GLN H 167 -31.18 -77.34 -83.35
C GLN H 167 -30.82 -76.25 -82.35
N LYS H 168 -31.41 -76.32 -81.17
CA LYS H 168 -31.19 -75.63 -79.88
C LYS H 168 -32.27 -76.10 -78.91
N GLU H 169 -32.11 -75.70 -77.66
CA GLU H 169 -33.12 -75.95 -76.63
C GLU H 169 -34.12 -74.80 -76.66
N VAL H 170 -35.23 -75.01 -77.34
CA VAL H 170 -36.30 -74.02 -77.40
C VAL H 170 -37.21 -74.20 -76.19
N GLU H 171 -37.68 -73.07 -75.66
CA GLU H 171 -38.59 -73.09 -74.51
C GLU H 171 -39.79 -72.22 -74.83
N VAL H 172 -40.91 -72.54 -74.18
CA VAL H 172 -42.12 -71.74 -74.27
C VAL H 172 -42.62 -71.49 -72.85
N THR H 173 -43.00 -70.24 -72.57
CA THR H 173 -43.46 -69.84 -71.24
C THR H 173 -44.80 -69.16 -71.40
N ARG H 174 -45.86 -69.80 -70.92
CA ARG H 174 -47.20 -69.25 -70.98
C ARG H 174 -47.75 -69.01 -69.58
N THR H 175 -48.69 -68.08 -69.48
CA THR H 175 -49.44 -67.83 -68.27
C THR H 175 -50.90 -67.57 -68.64
N HIS H 176 -51.77 -67.56 -67.64
CA HIS H 176 -53.18 -67.37 -67.91
C HIS H 176 -53.88 -66.99 -66.61
N LYS H 177 -54.68 -65.94 -66.65
CA LYS H 177 -55.43 -65.47 -65.48
C LYS H 177 -56.89 -65.31 -65.87
N ARG H 178 -57.79 -65.76 -65.00
CA ARG H 178 -59.22 -65.63 -65.22
C ARG H 178 -59.86 -65.14 -63.93
N GLU H 179 -60.11 -63.83 -63.85
CA GLU H 179 -60.60 -63.21 -62.63
C GLU H 179 -62.03 -62.76 -62.85
N GLY H 180 -62.97 -63.43 -62.17
CA GLY H 180 -64.37 -63.06 -62.23
C GLY H 180 -64.86 -62.62 -60.87
N SER H 181 -65.83 -61.72 -60.87
CA SER H 181 -66.38 -61.17 -59.63
C SER H 181 -67.83 -60.77 -59.86
N GLY H 182 -68.56 -60.62 -58.76
CA GLY H 182 -69.94 -60.21 -58.82
C GLY H 182 -70.57 -59.99 -57.46
N ARG H 183 -71.26 -58.88 -57.29
CA ARG H 183 -71.96 -58.56 -56.04
C ARG H 183 -73.38 -58.15 -56.40
N PHE H 184 -74.35 -58.97 -55.98
CA PHE H 184 -75.74 -58.81 -56.39
C PHE H 184 -76.57 -58.37 -55.21
N SER H 185 -77.30 -57.27 -55.36
CA SER H 185 -78.28 -56.81 -54.37
C SER H 185 -79.65 -56.96 -55.04
N LEU H 186 -80.24 -58.14 -54.88
CA LEU H 186 -81.46 -58.51 -55.60
C LEU H 186 -82.55 -58.90 -54.60
N PRO H 187 -83.34 -57.93 -54.14
CA PRO H 187 -84.52 -58.27 -53.34
C PRO H 187 -85.61 -58.87 -54.21
N GLY H 188 -85.79 -60.18 -54.13
CA GLY H 188 -86.78 -60.86 -54.95
C GLY H 188 -87.56 -61.93 -54.20
N ALA H 189 -87.60 -63.14 -54.76
CA ALA H 189 -88.32 -64.26 -54.18
C ALA H 189 -87.42 -65.24 -53.45
N THR H 190 -86.17 -65.40 -53.89
CA THR H 190 -85.25 -66.35 -53.28
C THR H 190 -84.17 -65.72 -52.43
N CYS H 191 -83.79 -64.47 -52.68
CA CYS H 191 -82.76 -63.79 -51.92
C CYS H 191 -83.08 -62.31 -51.85
N GLU H 192 -82.34 -61.58 -51.03
CA GLU H 192 -82.40 -60.12 -51.00
C GLU H 192 -81.09 -59.49 -51.46
N GLN H 193 -79.95 -60.15 -51.24
CA GLN H 193 -78.70 -59.78 -51.89
C GLN H 193 -77.78 -60.98 -51.88
N GLY H 194 -76.69 -60.88 -52.64
CA GLY H 194 -75.73 -61.97 -52.69
C GLY H 194 -74.39 -61.52 -53.24
N GLU H 195 -73.46 -62.46 -53.29
CA GLU H 195 -72.14 -62.22 -53.83
C GLU H 195 -71.57 -63.53 -54.37
N GLY H 196 -70.82 -63.42 -55.46
CA GLY H 196 -70.19 -64.58 -56.06
C GLY H 196 -68.99 -64.21 -56.91
N GLN H 197 -67.86 -64.87 -56.66
CA GLN H 197 -66.63 -64.57 -57.39
C GLN H 197 -65.75 -65.80 -57.42
N GLY H 198 -64.81 -65.81 -58.37
CA GLY H 198 -63.84 -66.87 -58.47
C GLY H 198 -62.74 -66.55 -59.46
N HIS H 199 -61.48 -66.71 -59.04
CA HIS H 199 -60.34 -66.40 -59.88
C HIS H 199 -59.32 -67.52 -59.80
N LEU H 200 -58.69 -67.82 -60.93
CA LEU H 200 -57.68 -68.87 -60.97
C LEU H 200 -56.55 -68.45 -61.91
N SER H 201 -55.32 -68.73 -61.48
CA SER H 201 -54.16 -68.53 -62.32
C SER H 201 -53.78 -69.84 -63.01
N GLN H 202 -52.82 -69.76 -63.93
CA GLN H 202 -52.36 -70.93 -64.67
C GLN H 202 -51.10 -70.56 -65.43
N LYS H 203 -50.20 -71.53 -65.57
CA LYS H 203 -48.98 -71.34 -66.32
C LYS H 203 -48.41 -72.72 -66.66
N LYS H 204 -47.38 -72.72 -67.50
CA LYS H 204 -46.70 -73.95 -67.88
C LYS H 204 -45.40 -73.59 -68.59
N THR H 205 -44.61 -74.61 -68.89
CA THR H 205 -43.31 -74.43 -69.55
C THR H 205 -42.92 -75.74 -70.22
N VAL H 206 -42.82 -75.72 -71.54
CA VAL H 206 -42.43 -76.91 -72.31
C VAL H 206 -41.12 -76.61 -73.02
N THR H 207 -40.19 -77.57 -72.96
CA THR H 207 -38.89 -77.44 -73.60
C THR H 207 -38.73 -78.57 -74.60
N ILE H 208 -38.45 -78.22 -75.86
CA ILE H 208 -38.34 -79.19 -76.94
C ILE H 208 -36.86 -79.40 -77.24
N PRO H 209 -36.39 -80.65 -77.37
CA PRO H 209 -34.98 -80.90 -77.63
C PRO H 209 -34.60 -80.62 -79.08
N SER H 210 -33.29 -80.59 -79.32
CA SER H 210 -32.77 -80.29 -80.64
C SER H 210 -33.08 -81.42 -81.61
N GLY H 211 -33.13 -81.09 -82.89
CA GLY H 211 -33.42 -82.07 -83.93
C GLY H 211 -34.84 -82.59 -83.89
N SER H 212 -35.81 -81.71 -83.65
CA SER H 212 -37.22 -82.07 -83.57
C SER H 212 -37.93 -81.52 -84.80
N THR H 213 -38.55 -82.41 -85.57
CA THR H 213 -39.20 -82.02 -86.81
C THR H 213 -40.43 -81.16 -86.52
N LEU H 214 -40.60 -80.09 -87.30
CA LEU H 214 -41.74 -79.19 -87.16
C LEU H 214 -42.72 -79.28 -88.32
N ALA H 215 -42.24 -79.49 -89.54
CA ALA H 215 -43.10 -79.62 -90.71
C ALA H 215 -42.41 -80.52 -91.73
N PHE H 216 -43.15 -80.85 -92.79
CA PHE H 216 -42.61 -81.74 -93.80
C PHE H 216 -43.48 -81.65 -95.05
N ARG H 217 -42.95 -82.18 -96.15
CA ARG H 217 -43.69 -82.37 -97.39
C ARG H 217 -43.52 -83.82 -97.84
N VAL H 218 -44.47 -84.30 -98.61
CA VAL H 218 -44.53 -85.72 -98.98
C VAL H 218 -44.32 -85.88 -100.47
N ALA H 219 -44.00 -87.10 -100.86
CA ALA H 219 -43.83 -87.47 -102.27
C ALA H 219 -44.48 -88.82 -102.48
N GLN H 220 -45.64 -88.83 -103.11
CA GLN H 220 -46.41 -90.06 -103.29
C GLN H 220 -45.67 -91.05 -104.19
N LEU H 221 -45.84 -92.32 -103.90
CA LEU H 221 -45.32 -93.41 -104.73
C LEU H 221 -46.44 -94.38 -105.05
N VAL H 222 -46.21 -95.22 -106.05
CA VAL H 222 -47.21 -96.16 -106.53
C VAL H 222 -46.63 -97.57 -106.44
N ILE H 223 -47.42 -98.50 -105.89
CA ILE H 223 -47.00 -99.89 -105.74
C ILE H 223 -48.08 -100.74 -106.41
N ASP H 224 -47.81 -101.15 -107.66
CA ASP H 224 -48.65 -102.12 -108.34
C ASP H 224 -47.89 -103.40 -108.67
N SER H 225 -46.72 -103.26 -109.27
CA SER H 225 -45.78 -104.36 -109.49
C SER H 225 -44.39 -104.04 -108.97
N ASP H 226 -43.96 -102.78 -109.09
CA ASP H 226 -42.66 -102.34 -108.59
C ASP H 226 -42.82 -100.93 -108.03
N LEU H 227 -41.82 -100.49 -107.26
CA LEU H 227 -41.88 -99.19 -106.61
C LEU H 227 -41.48 -98.10 -107.59
N ASP H 228 -42.15 -96.95 -107.46
CA ASP H 228 -41.83 -95.77 -108.25
C ASP H 228 -42.47 -94.56 -107.58
N VAL H 229 -41.66 -93.56 -107.26
CA VAL H 229 -42.12 -92.38 -106.53
C VAL H 229 -42.46 -91.29 -107.54
N LEU H 230 -43.65 -90.72 -107.41
CA LEU H 230 -44.10 -89.60 -108.23
C LEU H 230 -43.97 -88.32 -107.40
N LEU H 231 -43.00 -87.49 -107.75
CA LEU H 231 -42.76 -86.27 -106.97
C LEU H 231 -43.95 -85.32 -107.01
N PHE H 232 -44.54 -85.11 -108.18
CA PHE H 232 -45.70 -84.22 -108.33
C PHE H 232 -46.84 -85.01 -108.96
N PRO H 233 -47.50 -85.87 -108.18
CA PRO H 233 -48.58 -86.67 -108.75
C PRO H 233 -49.91 -85.93 -108.74
N ASP H 234 -50.96 -86.56 -109.26
CA ASP H 234 -52.29 -85.98 -109.26
C ASP H 234 -53.14 -86.60 -108.16
N LYS H 235 -54.27 -85.94 -107.87
CA LYS H 235 -55.17 -86.43 -106.83
C LYS H 235 -55.86 -87.70 -107.31
N LYS H 236 -56.27 -88.54 -106.34
CA LYS H 236 -56.88 -89.83 -106.63
C LYS H 236 -55.94 -90.73 -107.43
N GLN H 237 -54.65 -90.65 -107.12
CA GLN H 237 -53.65 -91.56 -107.68
C GLN H 237 -53.50 -92.71 -106.68
N ARG H 238 -54.26 -93.77 -106.90
CA ARG H 238 -54.29 -94.88 -105.96
C ARG H 238 -52.98 -95.67 -106.03
N THR H 239 -52.31 -95.79 -104.88
CA THR H 239 -51.04 -96.49 -104.83
C THR H 239 -51.22 -97.97 -105.18
N PHE H 240 -52.17 -98.63 -104.56
CA PHE H 240 -52.45 -100.04 -104.79
C PHE H 240 -53.54 -100.18 -105.86
N GLN H 241 -54.06 -101.38 -106.02
CA GLN H 241 -55.13 -101.64 -106.97
C GLN H 241 -56.42 -102.03 -106.25
N SER I 3 -57.20 -88.19 -57.16
CA SER I 3 -56.39 -89.38 -57.37
C SER I 3 -54.91 -89.05 -57.40
N ALA I 4 -54.61 -87.78 -57.71
CA ALA I 4 -53.26 -87.23 -57.71
C ALA I 4 -52.36 -87.88 -58.74
N PHE I 5 -52.89 -88.83 -59.52
CA PHE I 5 -52.16 -89.43 -60.63
C PHE I 5 -52.87 -89.23 -61.96
N GLU I 6 -54.19 -89.42 -61.99
CA GLU I 6 -54.95 -89.14 -63.21
C GLU I 6 -54.90 -87.67 -63.60
N ARG I 7 -54.72 -86.77 -62.64
CA ARG I 7 -54.60 -85.35 -62.95
C ARG I 7 -53.39 -85.11 -63.85
N VAL I 8 -52.21 -85.49 -63.39
CA VAL I 8 -51.00 -85.24 -64.17
C VAL I 8 -50.96 -86.08 -65.44
N VAL I 9 -51.50 -87.30 -65.42
CA VAL I 9 -51.52 -88.11 -66.63
C VAL I 9 -52.43 -87.48 -67.68
N ARG I 10 -53.61 -87.03 -67.28
CA ARG I 10 -54.48 -86.32 -68.22
C ARG I 10 -53.81 -85.07 -68.74
N ARG I 11 -53.10 -84.34 -67.86
CA ARG I 11 -52.41 -83.13 -68.30
C ARG I 11 -51.33 -83.44 -69.33
N VAL I 12 -50.53 -84.48 -69.09
CA VAL I 12 -49.43 -84.78 -70.01
C VAL I 12 -49.96 -85.31 -71.33
N VAL I 13 -51.04 -86.10 -71.32
CA VAL I 13 -51.62 -86.54 -72.58
C VAL I 13 -52.28 -85.37 -73.32
N GLN I 14 -52.94 -84.45 -72.60
CA GLN I 14 -53.49 -83.26 -73.23
C GLN I 14 -52.40 -82.33 -73.76
N GLU I 15 -51.19 -82.41 -73.23
CA GLU I 15 -50.05 -81.66 -73.74
C GLU I 15 -49.64 -82.09 -75.15
N LEU I 16 -50.30 -83.11 -75.70
CA LEU I 16 -50.13 -83.51 -77.08
C LEU I 16 -51.30 -83.13 -77.96
N ASP I 17 -52.32 -82.47 -77.40
CA ASP I 17 -53.53 -82.06 -78.14
C ASP I 17 -54.16 -83.25 -78.86
N HIS I 18 -54.38 -84.34 -78.12
CA HIS I 18 -54.99 -85.55 -78.65
C HIS I 18 -54.20 -86.14 -79.80
N GLY I 19 -52.89 -85.90 -79.81
CA GLY I 19 -52.02 -86.44 -80.84
C GLY I 19 -51.45 -87.79 -80.46
N GLY I 20 -51.63 -88.78 -81.33
CA GLY I 20 -51.23 -90.14 -81.02
C GLY I 20 -52.15 -90.80 -80.03
N GLU I 21 -52.28 -92.13 -80.17
CA GLU I 21 -53.21 -92.86 -79.33
C GLU I 21 -52.81 -92.78 -77.85
N PHE I 22 -51.68 -93.39 -77.49
CA PHE I 22 -51.15 -93.37 -76.14
C PHE I 22 -52.25 -93.59 -75.09
N ILE I 23 -52.80 -94.80 -75.12
CA ILE I 23 -53.77 -95.23 -74.12
C ILE I 23 -53.15 -95.01 -72.74
N PRO I 24 -53.66 -94.07 -71.96
CA PRO I 24 -53.01 -93.70 -70.70
C PRO I 24 -53.11 -94.79 -69.65
N VAL I 25 -52.16 -94.75 -68.72
CA VAL I 25 -52.12 -95.71 -67.63
C VAL I 25 -52.80 -95.09 -66.41
N THR I 26 -53.40 -95.94 -65.60
CA THR I 26 -54.09 -95.51 -64.39
C THR I 26 -53.56 -96.15 -63.13
N SER I 27 -53.09 -97.41 -63.22
CA SER I 27 -52.58 -98.13 -62.06
C SER I 27 -51.10 -97.84 -61.91
N LEU I 28 -50.72 -97.32 -60.74
CA LEU I 28 -49.30 -97.12 -60.45
C LEU I 28 -48.53 -98.43 -60.45
N GLN I 29 -49.18 -99.55 -60.11
CA GLN I 29 -48.50 -100.83 -60.18
C GLN I 29 -48.33 -101.31 -61.61
N SER I 30 -49.23 -100.89 -62.51
CA SER I 30 -49.20 -101.33 -63.90
C SER I 30 -48.26 -100.50 -64.76
N SER I 31 -47.72 -99.41 -64.23
CA SER I 31 -46.74 -98.64 -64.99
C SER I 31 -45.50 -99.47 -65.31
N THR I 32 -45.00 -100.22 -64.32
CA THR I 32 -43.87 -101.10 -64.57
C THR I 32 -44.27 -102.35 -65.34
N GLY I 33 -45.54 -102.73 -65.30
CA GLY I 33 -46.00 -103.85 -66.11
C GLY I 33 -46.16 -103.52 -67.57
N PHE I 34 -46.05 -102.24 -67.94
CA PHE I 34 -46.15 -101.82 -69.34
C PHE I 34 -44.75 -101.55 -69.85
N GLN I 35 -44.14 -102.58 -70.44
CA GLN I 35 -42.80 -102.50 -71.01
C GLN I 35 -42.86 -103.02 -72.44
N PRO I 36 -41.89 -102.67 -73.29
CA PRO I 36 -41.92 -103.18 -74.66
C PRO I 36 -41.88 -104.70 -74.69
N TYR I 37 -42.53 -105.27 -75.72
CA TYR I 37 -42.62 -106.71 -75.95
C TYR I 37 -43.47 -107.43 -74.91
N CYS I 38 -44.23 -106.68 -74.11
CA CYS I 38 -45.09 -107.28 -73.10
C CYS I 38 -46.50 -107.49 -73.64
N LEU I 39 -47.18 -108.51 -73.13
CA LEU I 39 -48.52 -108.86 -73.58
C LEU I 39 -49.57 -108.15 -72.72
N VAL I 40 -50.66 -107.74 -73.36
CA VAL I 40 -51.83 -107.20 -72.66
C VAL I 40 -53.05 -107.91 -73.20
N VAL I 41 -54.11 -107.93 -72.39
CA VAL I 41 -55.34 -108.64 -72.73
C VAL I 41 -56.50 -107.65 -72.66
N ARG I 42 -57.30 -107.60 -73.73
CA ARG I 42 -58.48 -106.77 -73.79
C ARG I 42 -59.67 -107.61 -74.21
N LYS I 43 -60.76 -107.51 -73.45
CA LYS I 43 -62.01 -108.14 -73.82
C LYS I 43 -62.75 -107.30 -74.85
N PRO I 44 -63.63 -107.92 -75.64
CA PRO I 44 -64.48 -107.14 -76.54
C PRO I 44 -65.40 -106.20 -75.77
N SER I 45 -65.69 -105.06 -76.40
CA SER I 45 -66.56 -104.06 -75.79
C SER I 45 -67.98 -104.60 -75.63
N SER I 46 -68.76 -103.94 -74.78
CA SER I 46 -70.11 -104.44 -74.50
C SER I 46 -71.05 -104.15 -75.66
N SER I 47 -71.35 -102.87 -75.91
CA SER I 47 -71.97 -102.49 -77.18
C SER I 47 -71.12 -101.47 -77.94
N TRP I 48 -70.97 -100.25 -77.42
CA TRP I 48 -70.10 -99.26 -78.04
C TRP I 48 -69.23 -98.52 -77.03
N PHE I 49 -69.80 -98.19 -75.86
CA PHE I 49 -69.21 -97.20 -74.97
C PHE I 49 -68.80 -97.73 -73.61
N TRP I 50 -69.18 -98.97 -73.26
CA TRP I 50 -68.61 -99.62 -72.08
C TRP I 50 -67.20 -100.08 -72.46
N LYS I 51 -66.29 -99.11 -72.53
CA LYS I 51 -64.97 -99.34 -73.09
C LYS I 51 -64.20 -100.33 -72.23
N PRO I 52 -63.75 -101.45 -72.80
CA PRO I 52 -62.98 -102.43 -72.01
C PRO I 52 -61.60 -101.90 -71.69
N ARG I 53 -61.37 -101.65 -70.40
CA ARG I 53 -60.06 -101.20 -69.95
C ARG I 53 -59.03 -102.28 -70.20
N TYR I 54 -57.82 -101.87 -70.57
CA TYR I 54 -56.75 -102.82 -70.86
C TYR I 54 -56.21 -103.42 -69.56
N LYS I 55 -55.96 -104.73 -69.60
CA LYS I 55 -55.40 -105.46 -68.47
C LYS I 55 -53.97 -105.86 -68.81
N CYS I 56 -53.02 -105.33 -68.06
CA CYS I 56 -51.62 -105.65 -68.30
C CYS I 56 -51.31 -107.07 -67.86
N VAL I 57 -50.49 -107.76 -68.63
CA VAL I 57 -49.99 -109.10 -68.30
C VAL I 57 -48.48 -109.02 -68.24
N ASN I 58 -47.90 -109.47 -67.12
CA ASN I 58 -46.45 -109.42 -66.93
C ASN I 58 -45.78 -110.59 -67.65
N LEU I 59 -45.87 -110.56 -68.98
CA LEU I 59 -45.35 -111.64 -69.82
C LEU I 59 -44.75 -111.04 -71.08
N SER I 60 -43.53 -111.43 -71.40
CA SER I 60 -42.85 -110.95 -72.59
C SER I 60 -43.00 -111.96 -73.73
N ILE I 61 -42.59 -111.55 -74.93
CA ILE I 61 -42.69 -112.43 -76.09
C ILE I 61 -41.41 -113.22 -76.33
N LYS I 62 -40.38 -113.05 -75.49
CA LYS I 62 -39.16 -113.82 -75.67
C LYS I 62 -39.37 -115.30 -75.38
N ASP I 63 -40.18 -115.62 -74.37
CA ASP I 63 -40.36 -117.01 -73.95
C ASP I 63 -41.41 -117.76 -74.74
N ILE I 64 -42.43 -117.08 -75.27
CA ILE I 64 -43.42 -117.77 -76.09
C ILE I 64 -42.75 -118.34 -77.33
N LEU I 65 -41.79 -117.62 -77.92
CA LEU I 65 -40.90 -118.19 -78.91
C LEU I 65 -39.84 -119.03 -78.19
N GLU I 66 -39.49 -120.17 -78.80
CA GLU I 66 -38.75 -121.18 -78.04
C GLU I 66 -37.35 -120.74 -77.62
N PRO I 67 -36.51 -120.16 -78.50
CA PRO I 67 -35.10 -120.05 -78.13
C PRO I 67 -34.72 -118.77 -77.37
N ASP I 68 -35.52 -118.39 -76.37
CA ASP I 68 -35.11 -117.48 -75.30
C ASP I 68 -34.41 -116.22 -75.84
N ALA I 69 -35.21 -115.39 -76.52
CA ALA I 69 -34.68 -114.23 -77.22
C ALA I 69 -33.87 -113.29 -76.32
N ALA I 70 -34.55 -112.61 -75.39
CA ALA I 70 -33.94 -111.59 -74.54
C ALA I 70 -33.17 -110.57 -75.38
N GLU I 71 -33.83 -110.08 -76.43
CA GLU I 71 -33.22 -109.16 -77.40
C GLU I 71 -34.10 -107.92 -77.54
N PRO I 72 -33.91 -106.91 -76.69
CA PRO I 72 -34.64 -105.65 -76.87
C PRO I 72 -33.98 -104.78 -77.94
N ASP I 73 -34.82 -104.11 -78.73
CA ASP I 73 -34.32 -103.26 -79.81
C ASP I 73 -34.82 -101.83 -79.64
N VAL I 74 -34.74 -101.30 -78.42
CA VAL I 74 -35.16 -99.93 -78.15
C VAL I 74 -34.01 -98.99 -78.51
N GLN I 75 -34.30 -98.01 -79.37
CA GLN I 75 -33.30 -97.05 -79.81
C GLN I 75 -33.77 -95.61 -79.77
N ARG I 76 -35.07 -95.37 -79.63
CA ARG I 76 -35.62 -94.03 -79.61
C ARG I 76 -35.37 -93.35 -78.28
N GLY I 77 -35.05 -92.05 -78.32
CA GLY I 77 -34.96 -91.28 -77.09
C GLY I 77 -34.79 -89.79 -77.30
N ARG I 78 -35.64 -89.00 -76.63
CA ARG I 78 -35.50 -87.55 -76.57
C ARG I 78 -35.76 -87.13 -75.12
N SER I 79 -35.76 -85.82 -74.89
CA SER I 79 -35.92 -85.29 -73.53
C SER I 79 -36.78 -84.02 -73.60
N PHE I 80 -38.08 -84.19 -73.34
CA PHE I 80 -38.98 -83.05 -73.17
C PHE I 80 -39.11 -82.73 -71.68
N HIS I 81 -38.58 -81.58 -71.28
CA HIS I 81 -38.72 -81.10 -69.92
C HIS I 81 -39.97 -80.23 -69.82
N PHE I 82 -40.88 -80.61 -68.92
CA PHE I 82 -42.16 -79.95 -68.81
C PHE I 82 -42.39 -79.48 -67.38
N TYR I 83 -42.89 -78.25 -67.25
CA TYR I 83 -43.20 -77.67 -65.95
C TYR I 83 -44.53 -76.94 -66.06
N ASP I 84 -45.23 -76.83 -64.93
CA ASP I 84 -46.46 -76.07 -64.87
C ASP I 84 -46.80 -75.77 -63.41
N ALA I 85 -47.99 -75.20 -63.21
CA ALA I 85 -48.50 -74.88 -61.88
C ALA I 85 -49.98 -74.58 -62.01
N MET I 86 -50.59 -74.19 -60.89
CA MET I 86 -52.01 -73.85 -60.88
C MET I 86 -52.35 -73.22 -59.54
N ASP I 87 -53.34 -72.34 -59.55
CA ASP I 87 -53.89 -71.74 -58.34
C ASP I 87 -55.34 -71.40 -58.61
N GLY I 88 -56.16 -71.41 -57.56
CA GLY I 88 -57.56 -71.09 -57.70
C GLY I 88 -58.19 -70.79 -56.36
N GLN I 89 -59.24 -69.97 -56.37
CA GLN I 89 -59.96 -69.62 -55.16
C GLN I 89 -61.32 -69.09 -55.53
N ILE I 90 -62.38 -69.78 -55.13
CA ILE I 90 -63.75 -69.31 -55.31
C ILE I 90 -64.39 -69.19 -53.93
N GLN I 91 -65.44 -68.37 -53.86
CA GLN I 91 -66.12 -68.12 -52.60
C GLN I 91 -67.54 -67.67 -52.89
N GLY I 92 -68.28 -67.39 -51.81
CA GLY I 92 -69.64 -66.92 -51.93
C GLY I 92 -70.17 -66.48 -50.59
N SER I 93 -71.16 -65.58 -50.64
CA SER I 93 -71.79 -65.07 -49.44
C SER I 93 -73.20 -64.61 -49.78
N VAL I 94 -74.15 -65.01 -48.95
CA VAL I 94 -75.57 -64.70 -49.16
C VAL I 94 -76.19 -64.28 -47.83
N GLU I 95 -76.87 -63.14 -47.84
CA GLU I 95 -77.68 -62.68 -46.72
C GLU I 95 -79.13 -62.95 -47.09
N LEU I 96 -79.62 -64.15 -46.79
CA LEU I 96 -80.97 -64.55 -47.12
C LEU I 96 -81.91 -64.17 -45.97
N ALA I 97 -82.85 -63.28 -46.26
CA ALA I 97 -83.76 -62.79 -45.23
C ALA I 97 -85.24 -62.81 -45.63
N ALA I 98 -85.59 -62.71 -46.90
CA ALA I 98 -86.98 -62.64 -47.30
C ALA I 98 -87.68 -64.01 -47.31
N PRO I 99 -87.17 -65.05 -48.05
CA PRO I 99 -87.93 -66.29 -48.24
C PRO I 99 -88.03 -67.18 -47.00
N GLY I 100 -88.69 -66.68 -45.97
CA GLY I 100 -88.89 -67.46 -44.77
C GLY I 100 -88.92 -66.62 -43.51
N GLN I 101 -88.41 -67.17 -42.42
CA GLN I 101 -88.31 -66.46 -41.15
C GLN I 101 -86.87 -66.36 -40.67
N ALA I 102 -85.91 -66.42 -41.59
CA ALA I 102 -84.50 -66.55 -41.23
C ALA I 102 -83.72 -65.29 -41.58
N LYS I 103 -82.74 -65.00 -40.73
CA LYS I 103 -81.74 -63.94 -40.96
C LYS I 103 -80.41 -64.67 -41.14
N ILE I 104 -80.14 -65.11 -42.36
CA ILE I 104 -79.01 -66.00 -42.62
C ILE I 104 -77.79 -65.19 -43.02
N ALA I 105 -76.68 -65.40 -42.31
CA ALA I 105 -75.39 -64.82 -42.66
C ALA I 105 -74.39 -65.95 -42.78
N GLY I 106 -74.07 -66.35 -44.01
CA GLY I 106 -73.18 -67.45 -44.25
C GLY I 106 -72.17 -67.12 -45.35
N GLY I 107 -71.15 -67.97 -45.43
CA GLY I 107 -70.11 -67.79 -46.43
C GLY I 107 -69.41 -69.11 -46.70
N ALA I 108 -68.66 -69.12 -47.80
CA ALA I 108 -67.92 -70.31 -48.21
C ALA I 108 -66.65 -69.86 -48.92
N ALA I 109 -65.70 -70.79 -49.02
CA ALA I 109 -64.43 -70.53 -49.69
C ALA I 109 -63.77 -71.85 -50.03
N VAL I 110 -63.31 -71.98 -51.28
CA VAL I 110 -62.61 -73.16 -51.77
C VAL I 110 -61.31 -72.72 -52.41
N SER I 111 -60.21 -73.40 -52.06
CA SER I 111 -58.91 -73.11 -52.63
C SER I 111 -58.16 -74.40 -52.88
N ASP I 112 -57.27 -74.37 -53.87
CA ASP I 112 -56.46 -75.53 -54.22
C ASP I 112 -55.23 -75.06 -54.98
N SER I 113 -54.33 -76.01 -55.25
CA SER I 113 -53.12 -75.72 -56.00
C SER I 113 -52.58 -77.02 -56.59
N SER I 114 -51.47 -76.90 -57.31
CA SER I 114 -50.82 -78.06 -57.92
C SER I 114 -49.40 -77.67 -58.33
N SER I 115 -48.63 -78.68 -58.71
CA SER I 115 -47.28 -78.48 -59.21
C SER I 115 -46.82 -79.77 -59.88
N THR I 116 -45.91 -79.64 -60.84
CA THR I 116 -45.37 -80.79 -61.56
C THR I 116 -44.12 -80.37 -62.33
N SER I 117 -43.11 -81.22 -62.29
CA SER I 117 -41.90 -81.06 -63.09
C SER I 117 -41.41 -82.43 -63.48
N MET I 118 -41.19 -82.64 -64.78
CA MET I 118 -40.97 -83.99 -65.28
C MET I 118 -40.17 -83.93 -66.58
N ASN I 119 -39.40 -84.99 -66.82
CA ASN I 119 -38.60 -85.19 -68.02
C ASN I 119 -38.98 -86.52 -68.66
N VAL I 120 -38.97 -86.56 -70.00
CA VAL I 120 -39.64 -87.61 -70.74
C VAL I 120 -38.74 -88.16 -71.85
N TYR I 121 -38.52 -89.47 -71.84
CA TYR I 121 -38.00 -90.22 -72.99
C TYR I 121 -39.15 -90.76 -73.83
N SER I 122 -38.82 -91.60 -74.80
CA SER I 122 -39.81 -92.29 -75.60
C SER I 122 -39.14 -93.49 -76.24
N LEU I 123 -39.69 -94.68 -75.99
CA LEU I 123 -39.12 -95.92 -76.49
C LEU I 123 -40.07 -96.55 -77.49
N SER I 124 -39.51 -97.04 -78.60
CA SER I 124 -40.31 -97.64 -79.65
C SER I 124 -39.56 -98.85 -80.21
N VAL I 125 -40.22 -99.55 -81.13
CA VAL I 125 -39.66 -100.74 -81.76
C VAL I 125 -40.00 -100.71 -83.25
N ASP I 126 -39.03 -101.07 -84.07
CA ASP I 126 -39.17 -100.93 -85.52
C ASP I 126 -39.97 -102.10 -86.10
N PRO I 127 -40.84 -101.85 -87.09
CA PRO I 127 -41.55 -102.95 -87.74
C PRO I 127 -40.65 -103.97 -88.40
N ASN I 128 -39.52 -103.54 -88.98
CA ASN I 128 -38.58 -104.48 -89.57
C ASN I 128 -38.05 -105.46 -88.53
N THR I 129 -37.86 -105.01 -87.29
CA THR I 129 -37.51 -105.94 -86.23
C THR I 129 -38.61 -106.97 -86.01
N TRP I 130 -39.87 -106.54 -86.04
CA TRP I 130 -40.97 -107.50 -85.92
C TRP I 130 -40.94 -108.54 -87.03
N GLN I 131 -40.73 -108.08 -88.28
CA GLN I 131 -40.71 -109.01 -89.40
C GLN I 131 -39.55 -110.00 -89.29
N THR I 132 -38.35 -109.50 -88.96
CA THR I 132 -37.20 -110.39 -88.82
C THR I 132 -37.41 -111.38 -87.68
N LEU I 133 -37.92 -110.90 -86.54
CA LEU I 133 -38.13 -111.78 -85.39
C LEU I 133 -39.18 -112.84 -85.70
N LEU I 134 -40.26 -112.47 -86.38
CA LEU I 134 -41.31 -113.43 -86.69
C LEU I 134 -40.83 -114.47 -87.70
N HIS I 135 -40.13 -114.04 -88.74
CA HIS I 135 -39.67 -115.00 -89.76
C HIS I 135 -38.51 -115.86 -89.29
N GLU I 136 -37.68 -115.37 -88.37
CA GLU I 136 -36.53 -116.15 -87.92
C GLU I 136 -36.97 -117.36 -87.12
N ARG I 137 -38.01 -117.23 -86.31
CA ARG I 137 -38.34 -118.22 -85.30
C ARG I 137 -39.83 -118.54 -85.33
N HIS I 138 -40.16 -119.75 -84.91
CA HIS I 138 -41.52 -120.30 -84.95
C HIS I 138 -42.13 -120.24 -83.56
N LEU I 139 -43.44 -120.45 -83.49
CA LEU I 139 -44.17 -120.45 -82.22
C LEU I 139 -43.98 -121.79 -81.52
N ARG I 140 -43.74 -121.74 -80.21
CA ARG I 140 -43.74 -122.94 -79.38
C ARG I 140 -45.18 -123.28 -79.06
N GLN I 141 -45.79 -124.14 -79.88
CA GLN I 141 -47.19 -124.50 -79.71
C GLN I 141 -47.52 -125.19 -78.39
N PRO I 142 -46.60 -126.01 -77.75
CA PRO I 142 -46.91 -126.59 -76.44
C PRO I 142 -46.70 -125.61 -75.28
N GLU I 143 -47.16 -124.38 -75.47
CA GLU I 143 -47.12 -123.35 -74.43
C GLU I 143 -48.52 -122.75 -74.38
N HIS I 144 -49.39 -123.33 -73.54
CA HIS I 144 -50.75 -122.85 -73.43
C HIS I 144 -51.26 -122.78 -71.99
N LYS I 145 -50.46 -123.16 -70.99
CA LYS I 145 -50.91 -123.05 -69.61
C LYS I 145 -51.25 -121.61 -69.26
N VAL I 146 -50.64 -120.64 -69.92
CA VAL I 146 -51.02 -119.24 -69.80
C VAL I 146 -51.93 -118.80 -70.96
N LEU I 147 -52.14 -119.66 -71.95
CA LEU I 147 -52.92 -119.31 -73.13
C LEU I 147 -54.18 -120.14 -73.31
N GLN I 148 -54.22 -121.38 -72.81
CA GLN I 148 -55.40 -122.22 -73.03
C GLN I 148 -56.63 -121.64 -72.35
N GLN I 149 -56.50 -121.18 -71.10
CA GLN I 149 -57.60 -120.46 -70.47
C GLN I 149 -57.86 -119.15 -71.19
N LEU I 150 -56.80 -118.45 -71.62
CA LEU I 150 -56.97 -117.27 -72.46
C LEU I 150 -57.71 -117.62 -73.75
N ARG I 151 -57.47 -118.80 -74.30
CA ARG I 151 -58.26 -119.26 -75.43
C ARG I 151 -59.71 -119.49 -75.05
N SER I 152 -59.95 -120.00 -73.84
CA SER I 152 -61.33 -120.21 -73.38
C SER I 152 -62.08 -118.89 -73.27
N ARG I 153 -61.45 -117.86 -72.70
CA ARG I 153 -62.05 -116.53 -72.75
C ARG I 153 -62.10 -116.01 -74.17
N GLY I 154 -61.04 -116.26 -74.95
CA GLY I 154 -60.98 -115.82 -76.32
C GLY I 154 -60.66 -114.36 -76.52
N ASP I 155 -60.24 -113.66 -75.48
CA ASP I 155 -59.96 -112.23 -75.59
C ASP I 155 -58.77 -111.97 -76.50
N ASN I 156 -58.89 -110.90 -77.30
CA ASN I 156 -57.81 -110.53 -78.19
C ASN I 156 -56.61 -110.04 -77.38
N VAL I 157 -55.40 -110.42 -77.82
CA VAL I 157 -54.17 -110.13 -77.11
C VAL I 157 -53.34 -109.15 -77.93
N TYR I 158 -52.74 -108.18 -77.26
CA TYR I 158 -51.94 -107.16 -77.91
C TYR I 158 -50.52 -107.18 -77.35
N VAL I 159 -49.66 -106.34 -77.92
CA VAL I 159 -48.30 -106.16 -77.45
C VAL I 159 -48.04 -104.67 -77.28
N VAL I 160 -47.01 -104.36 -76.49
CA VAL I 160 -46.61 -102.98 -76.25
C VAL I 160 -45.53 -102.63 -77.26
N THR I 161 -45.78 -101.58 -78.06
CA THR I 161 -44.89 -101.22 -79.15
C THR I 161 -44.32 -99.80 -79.06
N GLU I 162 -44.89 -98.93 -78.24
CA GLU I 162 -44.19 -97.71 -77.83
C GLU I 162 -44.42 -97.48 -76.35
N VAL I 163 -43.47 -96.77 -75.73
CA VAL I 163 -43.53 -96.46 -74.31
C VAL I 163 -43.10 -95.01 -74.12
N LEU I 164 -43.88 -94.27 -73.33
CA LEU I 164 -43.54 -92.90 -72.94
C LEU I 164 -43.32 -92.92 -71.43
N GLN I 165 -42.06 -92.84 -71.01
CA GLN I 165 -41.70 -92.96 -69.60
C GLN I 165 -40.80 -91.80 -69.18
N THR I 166 -40.66 -91.64 -67.87
CA THR I 166 -40.01 -90.49 -67.27
C THR I 166 -38.77 -90.92 -66.52
N GLN I 167 -37.71 -90.12 -66.61
CA GLN I 167 -36.40 -90.43 -66.02
C GLN I 167 -35.96 -89.29 -65.09
N LYS I 168 -36.51 -89.28 -63.88
CA LYS I 168 -36.28 -88.31 -62.81
C LYS I 168 -37.03 -88.78 -61.57
N GLU I 169 -36.75 -88.10 -60.47
CA GLU I 169 -37.48 -88.33 -59.21
C GLU I 169 -38.65 -87.36 -59.24
N VAL I 170 -39.57 -87.55 -60.19
CA VAL I 170 -40.60 -86.57 -60.51
C VAL I 170 -41.58 -86.46 -59.35
N GLU I 171 -42.03 -85.24 -59.09
CA GLU I 171 -42.78 -84.96 -57.88
C GLU I 171 -44.01 -84.12 -58.22
N VAL I 172 -45.09 -84.38 -57.48
CA VAL I 172 -46.33 -83.60 -57.57
C VAL I 172 -46.82 -83.32 -56.16
N THR I 173 -47.34 -82.10 -55.95
CA THR I 173 -47.82 -81.67 -54.64
C THR I 173 -49.13 -80.92 -54.83
N ARG I 174 -50.20 -81.44 -54.22
CA ARG I 174 -51.50 -80.81 -54.25
C ARG I 174 -51.92 -80.38 -52.85
N THR I 175 -52.80 -79.39 -52.79
CA THR I 175 -53.44 -78.96 -51.56
C THR I 175 -54.93 -78.77 -51.82
N HIS I 176 -55.68 -78.51 -50.76
CA HIS I 176 -57.13 -78.34 -50.88
C HIS I 176 -57.65 -77.74 -49.59
N LYS I 177 -58.64 -76.85 -49.71
CA LYS I 177 -59.21 -76.18 -48.55
C LYS I 177 -60.67 -75.89 -48.83
N ARG I 178 -61.56 -76.34 -47.95
CA ARG I 178 -62.98 -76.05 -48.04
C ARG I 178 -63.42 -75.44 -46.72
N GLU I 179 -63.85 -74.17 -46.77
CA GLU I 179 -64.22 -73.43 -45.57
C GLU I 179 -65.69 -73.03 -45.69
N GLY I 180 -66.54 -73.67 -44.91
CA GLY I 180 -67.96 -73.36 -44.90
C GLY I 180 -68.34 -72.65 -43.61
N SER I 181 -69.31 -71.75 -43.73
CA SER I 181 -69.78 -70.99 -42.59
C SER I 181 -71.28 -70.75 -42.70
N GLY I 182 -71.91 -70.51 -41.56
CA GLY I 182 -73.33 -70.23 -41.52
C GLY I 182 -73.81 -69.77 -40.16
N ARG I 183 -74.57 -68.68 -40.14
CA ARG I 183 -75.14 -68.15 -38.91
C ARG I 183 -76.61 -67.86 -39.15
N PHE I 184 -77.49 -68.60 -38.47
CA PHE I 184 -78.92 -68.57 -38.74
C PHE I 184 -79.65 -67.97 -37.55
N SER I 185 -80.21 -66.79 -37.74
CA SER I 185 -81.12 -66.17 -36.77
C SER I 185 -82.51 -66.31 -37.35
N LEU I 186 -83.15 -67.46 -37.10
CA LEU I 186 -84.44 -67.81 -37.70
C LEU I 186 -85.46 -68.04 -36.61
N PRO I 187 -86.21 -67.00 -36.22
CA PRO I 187 -87.33 -67.20 -35.29
C PRO I 187 -88.48 -67.94 -35.96
N GLY I 188 -88.65 -69.21 -35.64
CA GLY I 188 -89.68 -70.02 -36.26
C GLY I 188 -90.37 -70.96 -35.30
N ALA I 189 -90.48 -72.24 -35.69
CA ALA I 189 -91.13 -73.26 -34.89
C ALA I 189 -90.17 -74.19 -34.18
N THR I 190 -89.01 -74.47 -34.77
CA THR I 190 -88.05 -75.39 -34.19
C THR I 190 -86.82 -74.71 -33.60
N CYS I 191 -86.42 -73.54 -34.09
CA CYS I 191 -85.25 -72.83 -33.59
C CYS I 191 -85.53 -71.34 -33.60
N GLU I 192 -84.67 -70.59 -32.93
CA GLU I 192 -84.68 -69.13 -32.99
C GLU I 192 -83.33 -68.55 -33.34
N GLN I 193 -82.24 -69.18 -32.89
CA GLN I 193 -80.88 -68.81 -33.26
C GLN I 193 -80.10 -70.07 -33.55
N GLY I 194 -79.18 -69.98 -34.52
CA GLY I 194 -78.38 -71.14 -34.87
C GLY I 194 -77.13 -70.74 -35.61
N GLU I 195 -76.11 -71.60 -35.50
CA GLU I 195 -74.85 -71.44 -36.21
C GLU I 195 -74.37 -72.80 -36.68
N GLY I 196 -73.64 -72.79 -37.80
CA GLY I 196 -73.05 -74.01 -38.33
C GLY I 196 -71.90 -73.72 -39.27
N GLN I 197 -70.75 -74.34 -39.03
CA GLN I 197 -69.58 -74.12 -39.86
C GLN I 197 -68.64 -75.30 -39.73
N GLY I 198 -67.78 -75.46 -40.73
CA GLY I 198 -66.77 -76.50 -40.72
C GLY I 198 -65.77 -76.35 -41.84
N HIS I 199 -64.50 -76.40 -41.52
CA HIS I 199 -63.44 -76.26 -42.51
C HIS I 199 -62.41 -77.35 -42.33
N LEU I 200 -61.85 -77.81 -43.44
CA LEU I 200 -60.79 -78.81 -43.41
C LEU I 200 -59.80 -78.53 -44.52
N SER I 201 -58.53 -78.52 -44.17
CA SER I 201 -57.47 -78.44 -45.17
C SER I 201 -57.07 -79.84 -45.61
N GLN I 202 -56.14 -79.90 -46.55
CA GLN I 202 -55.68 -81.19 -47.06
C GLN I 202 -54.40 -80.97 -47.85
N LYS I 203 -53.60 -82.03 -47.94
CA LYS I 203 -52.33 -81.97 -48.67
C LYS I 203 -51.90 -83.39 -48.96
N LYS I 204 -51.09 -83.54 -50.00
CA LYS I 204 -50.49 -84.84 -50.33
C LYS I 204 -49.27 -84.59 -51.19
N THR I 205 -48.45 -85.63 -51.34
CA THR I 205 -47.21 -85.54 -52.12
C THR I 205 -46.85 -86.94 -52.60
N VAL I 206 -46.96 -87.14 -53.91
CA VAL I 206 -46.62 -88.41 -54.54
C VAL I 206 -45.44 -88.19 -55.48
N THR I 207 -44.45 -89.05 -55.35
CA THR I 207 -43.22 -88.91 -56.12
C THR I 207 -42.96 -90.20 -56.89
N ILE I 208 -42.86 -90.10 -58.20
CA ILE I 208 -42.67 -91.24 -59.07
C ILE I 208 -41.20 -91.38 -59.44
N PRO I 209 -40.59 -92.54 -59.25
CA PRO I 209 -39.16 -92.70 -59.54
C PRO I 209 -38.90 -92.82 -61.04
N SER I 210 -37.63 -92.74 -61.38
CA SER I 210 -37.21 -92.76 -62.78
C SER I 210 -37.58 -94.08 -63.44
N GLY I 211 -38.08 -93.99 -64.66
CA GLY I 211 -38.37 -95.19 -65.44
C GLY I 211 -39.75 -95.78 -65.16
N SER I 212 -40.79 -94.96 -65.23
CA SER I 212 -42.16 -95.42 -65.06
C SER I 212 -42.95 -95.06 -66.31
N THR I 213 -43.68 -96.04 -66.84
CA THR I 213 -44.42 -95.83 -68.08
C THR I 213 -45.66 -95.00 -67.83
N LEU I 214 -45.92 -94.02 -68.70
CA LEU I 214 -47.11 -93.18 -68.62
C LEU I 214 -48.12 -93.48 -69.72
N ALA I 215 -47.66 -93.90 -70.89
CA ALA I 215 -48.55 -94.16 -72.02
C ALA I 215 -47.91 -95.22 -72.92
N PHE I 216 -48.73 -95.80 -73.79
CA PHE I 216 -48.27 -96.87 -74.66
C PHE I 216 -49.23 -97.02 -75.83
N ARG I 217 -48.77 -97.73 -76.85
CA ARG I 217 -49.59 -98.11 -77.99
C ARG I 217 -49.49 -99.62 -78.19
N VAL I 218 -50.50 -100.18 -78.85
CA VAL I 218 -50.64 -101.62 -78.97
C VAL I 218 -50.49 -102.03 -80.43
N ALA I 219 -50.26 -103.33 -80.63
CA ALA I 219 -50.17 -103.91 -81.96
C ALA I 219 -50.78 -105.30 -81.90
N GLN I 220 -51.99 -105.43 -82.45
CA GLN I 220 -52.75 -106.67 -82.32
C GLN I 220 -52.06 -107.82 -83.07
N LEU I 221 -52.20 -109.02 -82.52
CA LEU I 221 -51.73 -110.24 -83.13
C LEU I 221 -52.87 -111.25 -83.21
N VAL I 222 -52.73 -112.22 -84.12
CA VAL I 222 -53.76 -113.21 -84.37
C VAL I 222 -53.16 -114.60 -84.14
N ILE I 223 -53.88 -115.44 -83.41
CA ILE I 223 -53.43 -116.79 -83.10
C ILE I 223 -54.57 -117.72 -83.55
N ASP I 224 -54.44 -118.28 -84.76
CA ASP I 224 -55.33 -119.32 -85.22
C ASP I 224 -54.60 -120.65 -85.35
N SER I 225 -53.46 -120.65 -86.00
CA SER I 225 -52.52 -121.77 -86.05
C SER I 225 -51.10 -121.35 -85.68
N ASP I 226 -50.70 -120.13 -86.04
CA ASP I 226 -49.39 -119.60 -85.71
C ASP I 226 -49.54 -118.13 -85.37
N LEU I 227 -48.44 -117.50 -84.95
CA LEU I 227 -48.47 -116.10 -84.55
C LEU I 227 -48.14 -115.20 -85.73
N ASP I 228 -48.83 -114.06 -85.78
CA ASP I 228 -48.56 -113.02 -86.77
C ASP I 228 -49.10 -111.71 -86.23
N VAL I 229 -48.24 -110.70 -86.16
CA VAL I 229 -48.59 -109.42 -85.56
C VAL I 229 -49.10 -108.49 -86.66
N LEU I 230 -50.30 -107.94 -86.44
CA LEU I 230 -50.88 -106.95 -87.33
C LEU I 230 -50.66 -105.58 -86.70
N LEU I 231 -49.80 -104.77 -87.31
CA LEU I 231 -49.45 -103.48 -86.74
C LEU I 231 -50.65 -102.55 -86.62
N PHE I 232 -51.63 -102.68 -87.51
CA PHE I 232 -52.81 -101.80 -87.51
C PHE I 232 -53.97 -102.51 -88.20
N PRO I 233 -54.59 -103.47 -87.52
CA PRO I 233 -55.74 -104.17 -88.12
C PRO I 233 -57.04 -103.40 -87.90
N ASP I 234 -58.14 -104.00 -88.32
CA ASP I 234 -59.47 -103.42 -88.15
C ASP I 234 -60.13 -103.92 -86.87
N LYS I 235 -61.26 -103.32 -86.54
CA LYS I 235 -62.03 -103.74 -85.38
C LYS I 235 -62.68 -105.10 -85.64
N LYS I 236 -62.99 -105.81 -84.55
CA LYS I 236 -63.59 -107.15 -84.62
C LYS I 236 -62.67 -108.13 -85.35
N GLN I 237 -61.36 -107.92 -85.22
CA GLN I 237 -60.36 -108.85 -85.72
C GLN I 237 -60.07 -109.82 -84.58
N ARG I 238 -60.73 -110.98 -84.61
CA ARG I 238 -60.65 -111.92 -83.50
C ARG I 238 -59.32 -112.67 -83.54
N THR I 239 -58.61 -112.67 -82.41
CA THR I 239 -57.32 -113.35 -82.34
C THR I 239 -57.49 -114.86 -82.51
N PHE I 240 -58.39 -115.46 -81.74
CA PHE I 240 -58.64 -116.88 -81.78
C PHE I 240 -59.79 -117.19 -82.73
N GLN I 241 -60.22 -118.44 -82.76
CA GLN I 241 -61.33 -118.85 -83.62
C GLN I 241 -62.62 -118.99 -82.81
N SER J 3 -59.67 -97.22 -36.18
CA SER J 3 -58.85 -98.41 -36.37
C SER J 3 -57.39 -98.03 -36.59
N ALA J 4 -57.17 -96.83 -37.15
CA ALA J 4 -55.84 -96.27 -37.37
C ALA J 4 -55.01 -97.10 -38.34
N PHE J 5 -55.61 -98.15 -38.91
CA PHE J 5 -54.94 -98.95 -39.93
C PHE J 5 -55.71 -98.98 -41.23
N GLU J 6 -57.03 -99.10 -41.19
CA GLU J 6 -57.84 -99.04 -42.40
C GLU J 6 -57.79 -97.67 -43.05
N ARG J 7 -57.59 -96.61 -42.27
CA ARG J 7 -57.51 -95.27 -42.85
C ARG J 7 -56.39 -95.17 -43.88
N VAL J 8 -55.16 -95.43 -43.45
CA VAL J 8 -54.01 -95.29 -44.34
C VAL J 8 -54.03 -96.35 -45.45
N VAL J 9 -54.47 -97.57 -45.15
CA VAL J 9 -54.55 -98.59 -46.20
C VAL J 9 -55.54 -98.19 -47.28
N ARG J 10 -56.72 -97.70 -46.87
CA ARG J 10 -57.70 -97.24 -47.85
C ARG J 10 -57.17 -96.05 -48.63
N ARG J 11 -56.44 -95.15 -47.96
CA ARG J 11 -55.86 -94.02 -48.68
C ARG J 11 -54.84 -94.49 -49.72
N VAL J 12 -53.99 -95.45 -49.36
CA VAL J 12 -53.01 -95.96 -50.31
C VAL J 12 -53.68 -96.63 -51.50
N VAL J 13 -54.71 -97.44 -51.25
CA VAL J 13 -55.45 -98.03 -52.37
C VAL J 13 -56.12 -96.96 -53.22
N GLN J 14 -56.65 -95.90 -52.60
CA GLN J 14 -57.25 -94.80 -53.35
C GLN J 14 -56.22 -94.01 -54.16
N GLU J 15 -54.94 -94.05 -53.76
CA GLU J 15 -53.89 -93.45 -54.58
C GLU J 15 -53.63 -94.22 -55.87
N LEU J 16 -54.41 -95.27 -56.13
CA LEU J 16 -54.38 -95.96 -57.41
C LEU J 16 -55.63 -95.72 -58.24
N ASP J 17 -56.59 -94.95 -57.73
CA ASP J 17 -57.86 -94.66 -58.41
C ASP J 17 -58.55 -95.95 -58.85
N HIS J 18 -58.65 -96.89 -57.91
CA HIS J 18 -59.29 -98.20 -58.16
C HIS J 18 -58.60 -98.96 -59.28
N GLY J 19 -57.29 -98.72 -59.45
CA GLY J 19 -56.52 -99.43 -60.45
C GLY J 19 -55.89 -100.70 -59.91
N GLY J 20 -56.08 -101.81 -60.62
CA GLY J 20 -55.61 -103.09 -60.17
C GLY J 20 -56.44 -103.65 -59.03
N GLU J 21 -56.47 -104.97 -58.93
CA GLU J 21 -57.30 -105.62 -57.93
C GLU J 21 -56.86 -105.26 -56.51
N PHE J 22 -55.69 -105.75 -56.10
CA PHE J 22 -55.09 -105.46 -54.79
C PHE J 22 -56.13 -105.49 -53.67
N ILE J 23 -56.67 -106.69 -53.45
CA ILE J 23 -57.54 -106.94 -52.30
C ILE J 23 -56.79 -106.48 -51.05
N PRO J 24 -57.21 -105.38 -50.42
CA PRO J 24 -56.44 -104.81 -49.33
C PRO J 24 -56.48 -105.68 -48.08
N VAL J 25 -55.44 -105.54 -47.27
CA VAL J 25 -55.31 -106.27 -46.02
C VAL J 25 -55.95 -105.44 -44.91
N THR J 26 -56.52 -106.13 -43.94
CA THR J 26 -57.17 -105.48 -42.81
C THR J 26 -56.58 -105.91 -41.47
N SER J 27 -56.18 -107.15 -41.33
CA SER J 27 -55.60 -107.65 -40.09
C SER J 27 -54.13 -107.26 -40.04
N LEU J 28 -53.78 -106.42 -39.05
CA LEU J 28 -52.40 -106.01 -38.89
C LEU J 28 -51.46 -107.18 -38.64
N GLN J 29 -51.94 -108.24 -38.00
CA GLN J 29 -51.12 -109.42 -37.80
C GLN J 29 -50.99 -110.24 -39.09
N SER J 30 -51.98 -110.17 -39.97
CA SER J 30 -51.95 -110.90 -41.23
C SER J 30 -51.14 -110.21 -42.31
N SER J 31 -50.69 -108.98 -42.06
CA SER J 31 -49.79 -108.33 -43.01
C SER J 31 -48.49 -109.10 -43.14
N THR J 32 -48.07 -109.77 -42.07
CA THR J 32 -46.88 -110.61 -42.13
C THR J 32 -47.16 -111.96 -42.78
N GLY J 33 -48.43 -112.37 -42.85
CA GLY J 33 -48.76 -113.66 -43.43
C GLY J 33 -48.95 -113.65 -44.93
N PHE J 34 -48.89 -112.48 -45.56
CA PHE J 34 -49.13 -112.36 -47.00
C PHE J 34 -47.78 -112.19 -47.70
N GLN J 35 -47.14 -113.31 -48.00
CA GLN J 35 -45.92 -113.37 -48.79
C GLN J 35 -46.22 -114.08 -50.10
N PRO J 36 -45.39 -113.92 -51.14
CA PRO J 36 -45.62 -114.64 -52.39
C PRO J 36 -45.56 -116.15 -52.17
N TYR J 37 -46.26 -116.87 -53.05
CA TYR J 37 -46.35 -118.33 -53.02
C TYR J 37 -47.03 -118.86 -51.75
N CYS J 38 -47.86 -118.03 -51.10
CA CYS J 38 -48.60 -118.46 -49.92
C CYS J 38 -50.05 -118.75 -50.30
N LEU J 39 -50.63 -119.74 -49.61
CA LEU J 39 -52.00 -120.16 -49.88
C LEU J 39 -52.97 -119.32 -49.05
N VAL J 40 -54.17 -119.09 -49.60
CA VAL J 40 -55.25 -118.43 -48.88
C VAL J 40 -56.52 -119.24 -49.11
N VAL J 41 -57.52 -119.02 -48.25
CA VAL J 41 -58.79 -119.72 -48.30
C VAL J 41 -59.90 -118.70 -48.41
N ARG J 42 -60.82 -118.90 -49.34
CA ARG J 42 -61.94 -118.01 -49.54
C ARG J 42 -63.19 -118.84 -49.84
N LYS J 43 -64.25 -118.58 -49.08
CA LYS J 43 -65.48 -119.35 -49.19
C LYS J 43 -66.38 -118.81 -50.30
N PRO J 44 -67.27 -119.64 -50.84
CA PRO J 44 -68.26 -119.13 -51.79
C PRO J 44 -69.15 -118.07 -51.17
N SER J 45 -69.49 -117.08 -51.98
CA SER J 45 -70.30 -115.95 -51.53
C SER J 45 -71.72 -116.43 -51.19
N SER J 46 -72.42 -115.63 -50.39
CA SER J 46 -73.75 -116.03 -49.94
C SER J 46 -74.79 -115.84 -51.05
N SER J 47 -75.10 -114.59 -51.41
CA SER J 47 -75.87 -114.33 -52.62
C SER J 47 -75.13 -113.44 -53.59
N TRP J 48 -74.91 -112.16 -53.27
CA TRP J 48 -74.10 -111.31 -54.12
C TRP J 48 -73.16 -110.41 -53.33
N PHE J 49 -73.62 -109.89 -52.19
CA PHE J 49 -72.90 -108.84 -51.49
C PHE J 49 -72.37 -109.22 -50.12
N TRP J 50 -72.73 -110.39 -49.59
CA TRP J 50 -72.08 -110.90 -48.39
C TRP J 50 -70.69 -111.36 -48.79
N LYS J 51 -69.80 -110.38 -48.96
CA LYS J 51 -68.49 -110.64 -49.55
C LYS J 51 -67.69 -111.58 -48.66
N PRO J 52 -67.23 -112.71 -49.20
CA PRO J 52 -66.39 -113.61 -48.41
C PRO J 52 -64.99 -113.04 -48.24
N ARG J 53 -64.66 -112.66 -47.00
CA ARG J 53 -63.36 -112.09 -46.72
C ARG J 53 -62.26 -113.13 -46.91
N TYR J 54 -61.16 -112.70 -47.53
CA TYR J 54 -60.03 -113.59 -47.76
C TYR J 54 -59.31 -113.87 -46.46
N LYS J 55 -59.06 -115.15 -46.19
CA LYS J 55 -58.40 -115.58 -44.96
C LYS J 55 -57.02 -116.09 -45.30
N CYS J 56 -56.01 -115.49 -44.68
CA CYS J 56 -54.63 -115.89 -44.94
C CYS J 56 -54.34 -117.25 -44.30
N VAL J 57 -53.57 -118.06 -45.02
CA VAL J 57 -53.07 -119.34 -44.51
C VAL J 57 -51.56 -119.31 -44.57
N ASN J 58 -50.92 -119.58 -43.43
CA ASN J 58 -49.46 -119.54 -43.33
C ASN J 58 -48.85 -120.84 -43.86
N LEU J 59 -49.15 -121.12 -45.12
CA LEU J 59 -48.65 -122.33 -45.80
C LEU J 59 -48.16 -121.95 -47.18
N SER J 60 -46.95 -122.38 -47.51
CA SER J 60 -46.37 -122.10 -48.81
C SER J 60 -46.64 -123.27 -49.77
N ILE J 61 -46.17 -123.12 -51.00
CA ILE J 61 -46.35 -124.17 -52.01
C ILE J 61 -45.15 -125.10 -52.09
N LYS J 62 -44.04 -124.78 -51.43
CA LYS J 62 -42.84 -125.59 -51.53
C LYS J 62 -43.03 -126.99 -50.95
N ASP J 63 -43.71 -127.10 -49.81
CA ASP J 63 -43.94 -128.41 -49.21
C ASP J 63 -45.10 -129.16 -49.85
N ILE J 64 -45.99 -128.46 -50.54
CA ILE J 64 -47.06 -129.14 -51.28
C ILE J 64 -46.48 -130.00 -52.38
N LEU J 65 -45.52 -129.47 -53.13
CA LEU J 65 -44.77 -130.21 -54.12
C LEU J 65 -43.62 -130.97 -53.45
N GLU J 66 -43.26 -132.12 -54.04
CA GLU J 66 -42.38 -133.05 -53.34
C GLU J 66 -40.97 -132.51 -53.09
N PRO J 67 -40.23 -131.98 -54.08
CA PRO J 67 -38.80 -131.76 -53.85
C PRO J 67 -38.44 -130.43 -53.21
N ASP J 68 -39.17 -130.04 -52.16
CA ASP J 68 -38.74 -128.99 -51.22
C ASP J 68 -38.24 -127.75 -51.96
N ALA J 69 -39.17 -127.08 -52.64
CA ALA J 69 -38.82 -126.05 -53.61
C ALA J 69 -37.91 -124.96 -53.03
N ALA J 70 -38.43 -124.14 -52.13
CA ALA J 70 -37.69 -123.01 -51.55
C ALA J 70 -37.02 -122.16 -52.63
N GLU J 71 -37.79 -121.83 -53.67
CA GLU J 71 -37.29 -121.10 -54.84
C GLU J 71 -38.15 -119.87 -55.09
N PRO J 72 -37.87 -118.74 -54.43
CA PRO J 72 -38.57 -117.51 -54.76
C PRO J 72 -37.99 -116.85 -56.01
N ASP J 73 -38.88 -116.24 -56.80
CA ASP J 73 -38.46 -115.59 -58.03
C ASP J 73 -38.84 -114.11 -58.02
N VAL J 74 -38.57 -113.42 -56.92
CA VAL J 74 -38.89 -112.01 -56.79
C VAL J 74 -37.87 -111.19 -57.58
N GLN J 75 -38.35 -110.39 -58.52
CA GLN J 75 -37.49 -109.51 -59.30
C GLN J 75 -38.03 -108.09 -59.42
N ARG J 76 -39.31 -107.86 -59.18
CA ARG J 76 -39.91 -106.54 -59.33
C ARG J 76 -39.59 -105.66 -58.13
N GLY J 77 -39.31 -104.39 -58.41
CA GLY J 77 -39.13 -103.42 -57.34
C GLY J 77 -38.99 -101.98 -57.79
N ARG J 78 -39.79 -101.09 -57.19
CA ARG J 78 -39.66 -99.65 -57.40
C ARG J 78 -39.78 -98.97 -56.04
N SER J 79 -39.88 -97.64 -56.08
CA SER J 79 -39.90 -96.84 -54.84
C SER J 79 -40.80 -95.62 -55.05
N PHE J 80 -42.05 -95.72 -54.61
CA PHE J 80 -42.96 -94.59 -54.58
C PHE J 80 -42.98 -94.00 -53.16
N HIS J 81 -42.70 -92.72 -53.06
CA HIS J 81 -42.76 -92.01 -51.78
C HIS J 81 -44.06 -91.22 -51.71
N PHE J 82 -44.88 -91.51 -50.71
CA PHE J 82 -46.18 -90.88 -50.55
C PHE J 82 -46.27 -90.26 -49.16
N TYR J 83 -46.71 -89.00 -49.11
CA TYR J 83 -46.84 -88.28 -47.85
C TYR J 83 -48.05 -87.36 -47.94
N ASP J 84 -48.74 -87.20 -46.83
CA ASP J 84 -49.94 -86.36 -46.81
C ASP J 84 -50.20 -85.90 -45.38
N ALA J 85 -51.27 -85.13 -45.23
CA ALA J 85 -51.71 -84.65 -43.93
C ALA J 85 -53.19 -84.31 -44.03
N MET J 86 -53.76 -83.87 -42.91
CA MET J 86 -55.18 -83.54 -42.84
C MET J 86 -55.48 -82.88 -41.51
N ASP J 87 -56.51 -82.05 -41.48
CA ASP J 87 -57.01 -81.45 -40.25
C ASP J 87 -58.47 -81.05 -40.46
N GLY J 88 -59.18 -80.84 -39.35
CA GLY J 88 -60.57 -80.47 -39.44
C GLY J 88 -60.99 -79.66 -38.24
N GLN J 89 -62.12 -78.98 -38.37
CA GLN J 89 -62.70 -78.21 -37.26
C GLN J 89 -64.18 -78.01 -37.55
N ILE J 90 -65.04 -78.67 -36.78
CA ILE J 90 -66.48 -78.55 -36.92
C ILE J 90 -67.07 -78.18 -35.57
N GLN J 91 -67.95 -77.17 -35.59
CA GLN J 91 -68.54 -76.66 -34.36
C GLN J 91 -69.96 -76.20 -34.65
N GLY J 92 -70.54 -75.48 -33.70
CA GLY J 92 -71.89 -74.98 -33.84
C GLY J 92 -72.37 -74.36 -32.55
N SER J 93 -73.48 -73.63 -32.66
CA SER J 93 -74.09 -72.99 -31.51
C SER J 93 -75.58 -72.79 -31.79
N VAL J 94 -76.38 -72.96 -30.74
CA VAL J 94 -77.84 -72.82 -30.85
C VAL J 94 -78.34 -72.09 -29.61
N GLU J 95 -79.16 -71.07 -29.81
CA GLU J 95 -79.84 -70.37 -28.72
C GLU J 95 -81.32 -70.62 -29.00
N LEU J 96 -81.90 -71.56 -28.27
CA LEU J 96 -83.27 -72.00 -28.50
C LEU J 96 -84.17 -71.55 -27.35
N ALA J 97 -85.23 -70.83 -27.69
CA ALA J 97 -86.18 -70.35 -26.68
C ALA J 97 -87.64 -70.61 -27.00
N ALA J 98 -88.04 -70.69 -28.26
CA ALA J 98 -89.45 -70.80 -28.61
C ALA J 98 -90.02 -72.20 -28.37
N PRO J 99 -89.46 -73.30 -29.00
CA PRO J 99 -90.11 -74.61 -28.92
C PRO J 99 -89.93 -75.32 -27.58
N GLY J 100 -90.45 -74.70 -26.52
CA GLY J 100 -90.37 -75.29 -25.20
C GLY J 100 -90.50 -74.27 -24.09
N GLN J 101 -89.82 -74.52 -22.97
CA GLN J 101 -89.83 -73.61 -21.83
C GLN J 101 -88.41 -73.24 -21.41
N ALA J 102 -87.45 -73.33 -22.31
CA ALA J 102 -86.04 -73.20 -21.98
C ALA J 102 -85.43 -71.95 -22.63
N LYS J 103 -84.24 -71.61 -22.15
CA LYS J 103 -83.35 -70.63 -22.77
C LYS J 103 -82.00 -71.33 -22.93
N ILE J 104 -81.85 -72.07 -24.02
CA ILE J 104 -80.71 -72.96 -24.19
C ILE J 104 -79.53 -72.17 -24.76
N ALA J 105 -78.39 -72.29 -24.11
CA ALA J 105 -77.14 -71.67 -24.57
C ALA J 105 -76.06 -72.75 -24.59
N GLY J 106 -75.92 -73.44 -25.72
CA GLY J 106 -74.99 -74.54 -25.83
C GLY J 106 -74.17 -74.46 -27.10
N GLY J 107 -73.21 -75.37 -27.20
CA GLY J 107 -72.32 -75.44 -28.35
C GLY J 107 -71.66 -76.79 -28.44
N ALA J 108 -70.82 -76.93 -29.47
CA ALA J 108 -70.10 -78.17 -29.71
C ALA J 108 -68.84 -77.86 -30.50
N ALA J 109 -67.92 -78.83 -30.54
CA ALA J 109 -66.66 -78.67 -31.25
C ALA J 109 -66.03 -80.02 -31.47
N VAL J 110 -65.67 -80.32 -32.73
CA VAL J 110 -65.00 -81.55 -33.11
C VAL J 110 -63.78 -81.20 -33.94
N SER J 111 -62.64 -81.82 -33.65
CA SER J 111 -61.41 -81.57 -34.37
C SER J 111 -60.57 -82.83 -34.44
N ASP J 112 -59.74 -82.94 -35.47
CA ASP J 112 -58.85 -84.08 -35.64
C ASP J 112 -57.78 -83.74 -36.67
N SER J 113 -56.83 -84.65 -36.82
CA SER J 113 -55.73 -84.49 -37.76
C SER J 113 -55.15 -85.85 -38.09
N SER J 114 -54.20 -85.87 -39.03
CA SER J 114 -53.54 -87.09 -39.44
C SER J 114 -52.26 -86.77 -40.18
N SER J 115 -51.41 -87.78 -40.35
CA SER J 115 -50.18 -87.65 -41.11
C SER J 115 -49.70 -89.04 -41.52
N THR J 116 -48.86 -89.09 -42.55
CA THR J 116 -48.34 -90.35 -43.08
C THR J 116 -47.17 -90.06 -44.01
N SER J 117 -46.11 -90.86 -43.88
CA SER J 117 -44.98 -90.82 -44.80
C SER J 117 -44.44 -92.24 -44.95
N MET J 118 -44.27 -92.68 -46.20
CA MET J 118 -44.05 -94.10 -46.45
C MET J 118 -43.38 -94.29 -47.80
N ASN J 119 -42.74 -95.45 -47.95
CA ASN J 119 -42.08 -95.88 -49.17
C ASN J 119 -42.45 -97.33 -49.47
N VAL J 120 -42.57 -97.65 -50.77
CA VAL J 120 -43.27 -98.85 -51.21
C VAL J 120 -42.47 -99.59 -52.27
N TYR J 121 -42.22 -100.89 -52.06
CA TYR J 121 -41.83 -101.82 -53.10
C TYR J 121 -43.05 -102.52 -53.67
N SER J 122 -42.82 -103.39 -54.65
CA SER J 122 -43.86 -104.25 -55.19
C SER J 122 -43.19 -105.46 -55.81
N LEU J 123 -43.54 -106.64 -55.34
CA LEU J 123 -42.91 -107.87 -55.80
C LEU J 123 -43.92 -108.70 -56.56
N SER J 124 -43.45 -109.38 -57.61
CA SER J 124 -44.32 -110.12 -58.50
C SER J 124 -43.71 -111.50 -58.75
N VAL J 125 -44.50 -112.36 -59.39
CA VAL J 125 -44.05 -113.68 -59.82
C VAL J 125 -44.43 -113.86 -61.28
N ASP J 126 -43.48 -114.33 -62.08
CA ASP J 126 -43.68 -114.43 -63.52
C ASP J 126 -44.52 -115.65 -63.86
N PRO J 127 -45.46 -115.53 -64.82
CA PRO J 127 -46.22 -116.71 -65.24
C PRO J 127 -45.34 -117.82 -65.81
N ASN J 128 -44.23 -117.49 -66.49
CA ASN J 128 -43.32 -118.53 -66.94
C ASN J 128 -42.71 -119.31 -65.79
N THR J 129 -42.46 -118.66 -64.65
CA THR J 129 -42.02 -119.39 -63.47
C THR J 129 -43.09 -120.39 -63.03
N TRP J 130 -44.36 -120.00 -63.05
CA TRP J 130 -45.43 -120.93 -62.73
C TRP J 130 -45.46 -122.10 -63.71
N GLN J 131 -45.27 -121.81 -65.00
CA GLN J 131 -45.30 -122.87 -66.00
C GLN J 131 -44.15 -123.86 -65.80
N THR J 132 -42.93 -123.35 -65.57
CA THR J 132 -41.80 -124.24 -65.29
C THR J 132 -42.05 -125.04 -64.01
N LEU J 133 -42.57 -124.39 -62.98
CA LEU J 133 -42.82 -125.07 -61.71
C LEU J 133 -43.84 -126.19 -61.88
N LEU J 134 -44.89 -125.94 -62.65
CA LEU J 134 -45.90 -126.98 -62.88
C LEU J 134 -45.37 -128.11 -63.76
N HIS J 135 -44.71 -127.77 -64.87
CA HIS J 135 -44.29 -128.77 -65.83
C HIS J 135 -43.09 -129.58 -65.36
N GLU J 136 -42.32 -129.07 -64.40
CA GLU J 136 -41.13 -129.80 -63.96
C GLU J 136 -41.48 -130.84 -62.91
N ARG J 137 -42.24 -130.43 -61.89
CA ARG J 137 -42.37 -131.20 -60.67
C ARG J 137 -43.83 -131.27 -60.23
N HIS J 138 -44.23 -132.44 -59.77
CA HIS J 138 -45.63 -132.80 -59.55
C HIS J 138 -46.03 -132.59 -58.10
N LEU J 139 -47.23 -133.09 -57.78
CA LEU J 139 -47.82 -132.96 -56.46
C LEU J 139 -47.56 -134.22 -55.63
N ARG J 140 -47.22 -134.04 -54.36
CA ARG J 140 -47.19 -135.13 -53.41
C ARG J 140 -48.62 -135.39 -52.96
N GLN J 141 -49.32 -136.24 -53.71
CA GLN J 141 -50.74 -136.47 -53.47
C GLN J 141 -51.08 -137.05 -52.10
N PRO J 142 -50.19 -137.84 -51.41
CA PRO J 142 -50.47 -138.24 -50.03
C PRO J 142 -50.17 -137.16 -49.01
N GLU J 143 -50.57 -135.93 -49.31
CA GLU J 143 -50.43 -134.79 -48.40
C GLU J 143 -51.83 -134.17 -48.30
N HIS J 144 -52.58 -134.57 -47.28
CA HIS J 144 -53.92 -134.07 -47.09
C HIS J 144 -54.26 -133.73 -45.65
N LYS J 145 -53.34 -133.94 -44.69
CA LYS J 145 -53.61 -133.53 -43.32
C LYS J 145 -53.88 -132.03 -43.23
N VAL J 146 -53.37 -131.25 -44.18
CA VAL J 146 -53.76 -129.85 -44.32
C VAL J 146 -54.80 -129.65 -45.41
N LEU J 147 -55.10 -130.69 -46.19
CA LEU J 147 -56.00 -130.58 -47.33
C LEU J 147 -57.25 -131.44 -47.24
N GLN J 148 -57.21 -132.57 -46.54
CA GLN J 148 -58.39 -133.43 -46.47
C GLN J 148 -59.54 -132.72 -45.77
N GLN J 149 -59.27 -132.09 -44.62
CA GLN J 149 -60.30 -131.25 -44.01
C GLN J 149 -60.62 -130.05 -44.89
N LEU J 150 -59.62 -129.52 -45.60
CA LEU J 150 -59.89 -128.49 -46.60
C LEU J 150 -60.73 -129.04 -47.74
N ARG J 151 -60.52 -130.30 -48.12
CA ARG J 151 -61.37 -130.93 -49.12
C ARG J 151 -62.81 -131.05 -48.63
N SER J 152 -63.00 -131.41 -47.37
CA SER J 152 -64.34 -131.43 -46.79
C SER J 152 -64.95 -130.03 -46.75
N ARG J 153 -64.12 -129.02 -46.48
CA ARG J 153 -64.58 -127.63 -46.57
C ARG J 153 -65.02 -127.30 -47.99
N GLY J 154 -64.25 -127.73 -48.98
CA GLY J 154 -64.54 -127.42 -50.36
C GLY J 154 -64.20 -126.01 -50.78
N ASP J 155 -63.48 -125.26 -49.94
CA ASP J 155 -63.18 -123.87 -50.24
C ASP J 155 -62.19 -123.76 -51.40
N ASN J 156 -62.42 -122.77 -52.25
CA ASN J 156 -61.47 -122.49 -53.31
C ASN J 156 -60.20 -121.89 -52.73
N VAL J 157 -59.05 -122.42 -53.13
CA VAL J 157 -57.75 -122.03 -52.59
C VAL J 157 -56.98 -121.26 -53.65
N TYR J 158 -56.33 -120.18 -53.23
CA TYR J 158 -55.62 -119.28 -54.12
C TYR J 158 -54.15 -119.20 -53.70
N VAL J 159 -53.33 -118.65 -54.58
CA VAL J 159 -51.94 -118.38 -54.29
C VAL J 159 -51.70 -116.88 -54.42
N VAL J 160 -50.68 -116.40 -53.71
CA VAL J 160 -50.33 -114.99 -53.70
C VAL J 160 -49.39 -114.73 -54.86
N THR J 161 -49.84 -113.91 -55.82
CA THR J 161 -49.05 -113.58 -56.99
C THR J 161 -48.57 -112.14 -57.01
N GLU J 162 -49.18 -111.26 -56.20
CA GLU J 162 -48.76 -109.87 -56.14
C GLU J 162 -48.68 -109.46 -54.68
N VAL J 163 -47.77 -108.52 -54.40
CA VAL J 163 -47.61 -107.99 -53.05
C VAL J 163 -47.07 -106.58 -53.14
N LEU J 164 -47.57 -105.71 -52.27
CA LEU J 164 -47.17 -104.30 -52.21
C LEU J 164 -46.82 -103.98 -50.75
N GLN J 165 -45.53 -103.86 -50.46
CA GLN J 165 -45.06 -103.74 -49.09
C GLN J 165 -44.26 -102.46 -48.89
N THR J 166 -44.04 -102.13 -47.61
CA THR J 166 -43.40 -100.88 -47.21
C THR J 166 -42.05 -101.17 -46.57
N GLN J 167 -41.03 -100.41 -46.96
CA GLN J 167 -39.66 -100.65 -46.52
C GLN J 167 -39.06 -99.39 -45.86
N LYS J 168 -39.50 -99.12 -44.63
CA LYS J 168 -39.11 -97.99 -43.77
C LYS J 168 -39.82 -98.14 -42.44
N GLU J 169 -39.55 -97.19 -41.55
CA GLU J 169 -40.35 -97.02 -40.33
C GLU J 169 -41.44 -96.01 -40.64
N VAL J 170 -42.59 -96.51 -41.09
CA VAL J 170 -43.74 -95.66 -41.37
C VAL J 170 -44.51 -95.44 -40.06
N GLU J 171 -44.97 -94.20 -39.87
CA GLU J 171 -45.70 -93.85 -38.68
C GLU J 171 -46.99 -93.15 -39.06
N VAL J 172 -47.97 -93.21 -38.14
CA VAL J 172 -49.21 -92.46 -38.25
C VAL J 172 -49.47 -91.78 -36.92
N THR J 173 -49.80 -90.49 -36.96
CA THR J 173 -50.01 -89.70 -35.75
C THR J 173 -51.37 -89.01 -35.85
N ARG J 174 -52.39 -89.63 -35.28
CA ARG J 174 -53.73 -89.08 -35.27
C ARG J 174 -53.98 -88.32 -33.97
N THR J 175 -55.02 -87.48 -34.01
CA THR J 175 -55.54 -86.80 -32.83
C THR J 175 -57.06 -86.77 -32.93
N HIS J 176 -57.70 -86.36 -31.85
CA HIS J 176 -59.16 -86.34 -31.81
C HIS J 176 -59.64 -85.52 -30.63
N LYS J 177 -60.60 -84.64 -30.88
CA LYS J 177 -61.23 -83.87 -29.81
C LYS J 177 -62.74 -83.96 -29.99
N ARG J 178 -63.47 -83.96 -28.88
CA ARG J 178 -64.93 -83.93 -28.89
C ARG J 178 -65.38 -83.04 -27.74
N GLU J 179 -65.76 -81.82 -28.07
CA GLU J 179 -66.12 -80.81 -27.07
C GLU J 179 -67.61 -80.52 -27.17
N GLY J 180 -68.36 -80.94 -26.16
CA GLY J 180 -69.79 -80.63 -26.08
C GLY J 180 -70.06 -79.75 -24.87
N SER J 181 -70.98 -78.80 -25.06
CA SER J 181 -71.28 -77.83 -24.02
C SER J 181 -72.76 -77.50 -24.05
N GLY J 182 -73.25 -76.95 -22.94
CA GLY J 182 -74.63 -76.53 -22.84
C GLY J 182 -74.99 -75.91 -21.51
N ARG J 183 -75.68 -74.78 -21.55
CA ARG J 183 -76.17 -74.10 -20.36
C ARG J 183 -77.66 -73.86 -20.53
N PHE J 184 -78.46 -74.33 -19.57
CA PHE J 184 -79.90 -74.40 -19.72
C PHE J 184 -80.58 -73.68 -18.57
N SER J 185 -81.38 -72.68 -18.89
CA SER J 185 -82.26 -72.01 -17.92
C SER J 185 -83.70 -72.31 -18.36
N LEU J 186 -84.22 -73.44 -17.89
CA LEU J 186 -85.53 -73.93 -18.32
C LEU J 186 -86.48 -73.95 -17.13
N PRO J 187 -87.34 -72.94 -17.00
CA PRO J 187 -88.43 -73.03 -16.01
C PRO J 187 -89.54 -73.94 -16.48
N GLY J 188 -89.63 -75.13 -15.90
CA GLY J 188 -90.65 -76.08 -16.31
C GLY J 188 -91.32 -76.79 -15.14
N ALA J 189 -91.44 -78.10 -15.26
CA ALA J 189 -92.07 -78.93 -14.23
C ALA J 189 -91.08 -79.74 -13.41
N THR J 190 -89.94 -80.13 -13.99
CA THR J 190 -88.96 -80.95 -13.30
C THR J 190 -87.67 -80.22 -12.96
N CYS J 191 -87.33 -79.13 -13.65
CA CYS J 191 -86.08 -78.42 -13.41
C CYS J 191 -86.32 -76.93 -13.55
N GLU J 192 -85.39 -76.15 -13.01
CA GLU J 192 -85.38 -74.70 -13.12
C GLU J 192 -84.17 -74.18 -13.88
N GLN J 193 -82.99 -74.69 -13.57
CA GLN J 193 -81.75 -74.34 -14.27
C GLN J 193 -80.86 -75.57 -14.31
N GLY J 194 -80.17 -75.76 -15.43
CA GLY J 194 -79.32 -76.92 -15.59
C GLY J 194 -78.14 -76.64 -16.48
N GLU J 195 -77.10 -77.43 -16.29
CA GLU J 195 -75.89 -77.35 -17.11
C GLU J 195 -75.38 -78.76 -17.39
N GLY J 196 -74.80 -78.93 -18.57
CA GLY J 196 -74.18 -80.19 -18.94
C GLY J 196 -73.13 -80.03 -20.01
N GLN J 197 -71.93 -80.54 -19.76
CA GLN J 197 -70.84 -80.45 -20.73
C GLN J 197 -69.77 -81.48 -20.38
N GLY J 198 -69.05 -81.90 -21.41
CA GLY J 198 -67.97 -82.84 -21.24
C GLY J 198 -67.15 -83.00 -22.50
N HIS J 199 -65.83 -82.90 -22.37
CA HIS J 199 -64.94 -82.99 -23.53
C HIS J 199 -63.82 -83.98 -23.22
N LEU J 200 -63.42 -84.73 -24.24
CA LEU J 200 -62.32 -85.66 -24.11
C LEU J 200 -61.41 -85.53 -25.32
N SER J 201 -60.11 -85.53 -25.09
CA SER J 201 -59.15 -85.62 -26.16
C SER J 201 -58.76 -87.08 -26.38
N GLN J 202 -58.11 -87.34 -27.51
CA GLN J 202 -57.72 -88.70 -27.86
C GLN J 202 -56.70 -88.64 -28.98
N LYS J 203 -55.74 -89.55 -28.93
CA LYS J 203 -54.69 -89.62 -29.95
C LYS J 203 -54.05 -91.00 -29.88
N LYS J 204 -53.17 -91.26 -30.85
CA LYS J 204 -52.47 -92.53 -30.91
C LYS J 204 -51.30 -92.39 -31.87
N THR J 205 -50.47 -93.44 -31.92
CA THR J 205 -49.30 -93.45 -32.78
C THR J 205 -48.93 -94.90 -33.04
N VAL J 206 -49.04 -95.33 -34.30
CA VAL J 206 -48.73 -96.70 -34.69
C VAL J 206 -47.57 -96.66 -35.69
N THR J 207 -46.61 -97.56 -35.48
CA THR J 207 -45.43 -97.64 -36.33
C THR J 207 -45.36 -99.04 -36.93
N ILE J 208 -45.39 -99.12 -38.25
CA ILE J 208 -45.33 -100.40 -38.95
C ILE J 208 -43.89 -100.65 -39.38
N PRO J 209 -43.30 -101.80 -39.06
CA PRO J 209 -41.91 -102.07 -39.43
C PRO J 209 -41.76 -102.33 -40.92
N SER J 210 -40.50 -102.27 -41.37
CA SER J 210 -40.19 -102.46 -42.77
C SER J 210 -40.56 -103.87 -43.23
N GLY J 211 -41.04 -103.96 -44.47
CA GLY J 211 -41.40 -105.25 -45.03
C GLY J 211 -42.72 -105.79 -44.55
N SER J 212 -43.78 -104.99 -44.64
CA SER J 212 -45.12 -105.39 -44.23
C SER J 212 -46.04 -105.28 -45.44
N THR J 213 -46.76 -106.36 -45.73
CA THR J 213 -47.63 -106.39 -46.90
C THR J 213 -48.82 -105.47 -46.70
N LEU J 214 -49.18 -104.72 -47.75
CA LEU J 214 -50.35 -103.85 -47.73
C LEU J 214 -51.48 -104.35 -48.63
N ALA J 215 -51.16 -104.95 -49.77
CA ALA J 215 -52.17 -105.42 -50.70
C ALA J 215 -51.60 -106.61 -51.46
N PHE J 216 -52.50 -107.37 -52.11
CA PHE J 216 -52.08 -108.58 -52.79
C PHE J 216 -53.11 -108.93 -53.86
N ARG J 217 -52.70 -109.81 -54.77
CA ARG J 217 -53.59 -110.39 -55.77
C ARG J 217 -53.44 -111.91 -55.75
N VAL J 218 -54.48 -112.59 -56.19
CA VAL J 218 -54.57 -114.04 -56.07
C VAL J 218 -54.61 -114.67 -57.45
N ALA J 219 -54.28 -115.96 -57.49
CA ALA J 219 -54.33 -116.75 -58.71
C ALA J 219 -54.91 -118.11 -58.38
N GLN J 220 -56.14 -118.36 -58.85
CA GLN J 220 -56.85 -119.57 -58.47
C GLN J 220 -56.19 -120.82 -59.05
N LEU J 221 -56.24 -121.89 -58.29
CA LEU J 221 -55.77 -123.20 -58.73
C LEU J 221 -56.91 -124.21 -58.62
N VAL J 222 -56.74 -125.34 -59.29
CA VAL J 222 -57.73 -126.41 -59.31
C VAL J 222 -57.08 -127.69 -58.81
N ILE J 223 -57.78 -128.39 -57.92
CA ILE J 223 -57.30 -129.66 -57.37
C ILE J 223 -58.45 -130.66 -57.54
N ASP J 224 -58.35 -131.50 -58.57
CA ASP J 224 -59.26 -132.63 -58.74
C ASP J 224 -58.51 -133.95 -58.77
N SER J 225 -57.46 -134.03 -59.57
CA SER J 225 -56.54 -135.17 -59.59
C SER J 225 -55.09 -134.74 -59.44
N ASP J 226 -54.72 -133.58 -59.99
CA ASP J 226 -53.38 -133.04 -59.87
C ASP J 226 -53.48 -131.52 -59.82
N LEU J 227 -52.40 -130.87 -59.41
CA LEU J 227 -52.39 -129.43 -59.24
C LEU J 227 -52.28 -128.72 -60.59
N ASP J 228 -52.99 -127.60 -60.70
CA ASP J 228 -52.94 -126.76 -61.89
C ASP J 228 -53.46 -125.39 -61.52
N VAL J 229 -52.71 -124.35 -61.90
CA VAL J 229 -53.03 -122.98 -61.54
C VAL J 229 -53.68 -122.29 -62.74
N LEU J 230 -54.80 -121.61 -62.49
CA LEU J 230 -55.46 -120.77 -63.49
C LEU J 230 -55.23 -119.31 -63.10
N LEU J 231 -54.38 -118.62 -63.86
CA LEU J 231 -53.98 -117.27 -63.50
C LEU J 231 -55.14 -116.29 -63.53
N PHE J 232 -56.19 -116.58 -64.29
CA PHE J 232 -57.33 -115.66 -64.45
C PHE J 232 -58.58 -116.43 -64.87
N PRO J 233 -59.10 -117.28 -63.99
CA PRO J 233 -60.28 -118.09 -64.35
C PRO J 233 -61.58 -117.30 -64.19
N ASP J 234 -62.70 -117.98 -64.38
CA ASP J 234 -64.01 -117.38 -64.25
C ASP J 234 -64.62 -117.66 -62.87
N LYS J 235 -65.76 -117.03 -62.62
CA LYS J 235 -66.46 -117.23 -61.36
C LYS J 235 -67.07 -118.62 -61.31
N LYS J 236 -67.28 -119.11 -60.08
CA LYS J 236 -67.84 -120.45 -59.85
C LYS J 236 -66.98 -121.54 -60.49
N GLN J 237 -65.67 -121.35 -60.42
CA GLN J 237 -64.71 -122.38 -60.82
C GLN J 237 -64.31 -123.10 -59.53
N ARG J 238 -65.01 -124.19 -59.23
CA ARG J 238 -64.82 -124.90 -57.98
C ARG J 238 -63.52 -125.68 -58.01
N THR J 239 -62.64 -125.39 -57.06
CA THR J 239 -61.34 -126.07 -57.02
C THR J 239 -61.50 -127.56 -56.80
N PHE J 240 -62.35 -127.95 -55.85
CA PHE J 240 -62.63 -129.34 -55.55
C PHE J 240 -63.84 -129.80 -56.34
N GLN J 241 -64.35 -130.99 -56.02
CA GLN J 241 -65.55 -131.52 -56.67
C GLN J 241 -66.70 -131.63 -55.69
N SER K 3 -60.17 -102.54 -14.05
CA SER K 3 -59.38 -103.77 -14.21
C SER K 3 -57.95 -103.45 -14.62
N ALA K 4 -57.79 -102.34 -15.34
CA ALA K 4 -56.49 -101.79 -15.73
C ALA K 4 -55.72 -102.71 -16.68
N PHE K 5 -56.30 -103.84 -17.04
CA PHE K 5 -55.73 -104.72 -18.05
C PHE K 5 -56.64 -104.91 -19.24
N GLU K 6 -57.94 -105.17 -19.02
CA GLU K 6 -58.87 -105.34 -20.11
C GLU K 6 -59.01 -104.08 -20.96
N ARG K 7 -58.78 -102.90 -20.38
CA ARG K 7 -58.83 -101.66 -21.15
C ARG K 7 -57.77 -101.69 -22.26
N VAL K 8 -56.50 -101.82 -21.87
CA VAL K 8 -55.42 -101.79 -22.85
C VAL K 8 -55.47 -103.00 -23.78
N VAL K 9 -55.85 -104.17 -23.26
CA VAL K 9 -55.95 -105.36 -24.11
C VAL K 9 -57.04 -105.18 -25.17
N ARG K 10 -58.19 -104.66 -24.75
CA ARG K 10 -59.26 -104.39 -25.70
C ARG K 10 -58.82 -103.35 -26.72
N ARG K 11 -58.08 -102.33 -26.29
CA ARG K 11 -57.54 -101.35 -27.23
C ARG K 11 -56.60 -102.01 -28.24
N VAL K 12 -55.74 -102.90 -27.78
CA VAL K 12 -54.78 -103.56 -28.66
C VAL K 12 -55.52 -104.42 -29.69
N VAL K 13 -56.51 -105.19 -29.25
CA VAL K 13 -57.28 -106.00 -30.18
C VAL K 13 -58.07 -105.14 -31.16
N GLN K 14 -58.65 -104.03 -30.69
CA GLN K 14 -59.39 -103.12 -31.56
C GLN K 14 -58.48 -102.37 -32.52
N GLU K 15 -57.18 -102.29 -32.24
CA GLU K 15 -56.22 -101.67 -33.14
C GLU K 15 -55.98 -102.50 -34.40
N LEU K 16 -56.68 -103.63 -34.54
CA LEU K 16 -56.65 -104.44 -35.75
C LEU K 16 -57.97 -104.42 -36.52
N ASP K 17 -58.92 -103.57 -36.11
CA ASP K 17 -60.26 -103.55 -36.69
C ASP K 17 -60.86 -104.96 -36.72
N HIS K 18 -60.84 -105.62 -35.57
CA HIS K 18 -61.33 -106.99 -35.43
C HIS K 18 -60.58 -107.95 -36.36
N GLY K 19 -59.31 -107.66 -36.63
CA GLY K 19 -58.52 -108.47 -37.51
C GLY K 19 -58.10 -109.80 -36.90
N GLY K 20 -58.63 -110.89 -37.42
CA GLY K 20 -58.34 -112.20 -36.89
C GLY K 20 -59.15 -112.52 -35.64
N GLU K 21 -59.20 -113.81 -35.32
CA GLU K 21 -59.90 -114.25 -34.12
C GLU K 21 -59.23 -113.66 -32.88
N PHE K 22 -57.99 -114.07 -32.62
CA PHE K 22 -57.16 -113.54 -31.54
C PHE K 22 -57.93 -113.41 -30.24
N ILE K 23 -58.31 -114.56 -29.70
CA ILE K 23 -59.02 -114.64 -28.43
C ILE K 23 -58.19 -113.96 -27.36
N PRO K 24 -58.62 -112.82 -26.84
CA PRO K 24 -57.81 -112.07 -25.89
C PRO K 24 -57.73 -112.76 -24.53
N VAL K 25 -56.67 -112.44 -23.80
CA VAL K 25 -56.42 -113.00 -22.49
C VAL K 25 -56.99 -112.05 -21.44
N THR K 26 -57.37 -112.61 -20.30
CA THR K 26 -57.93 -111.86 -19.19
C THR K 26 -57.19 -112.09 -17.88
N SER K 27 -56.72 -113.32 -17.65
CA SER K 27 -56.05 -113.67 -16.40
C SER K 27 -54.58 -113.25 -16.49
N LEU K 28 -54.12 -112.47 -15.51
CA LEU K 28 -52.72 -112.08 -15.45
C LEU K 28 -51.80 -113.29 -15.33
N GLN K 29 -52.24 -114.35 -14.65
CA GLN K 29 -51.43 -115.55 -14.56
C GLN K 29 -51.44 -116.36 -15.85
N SER K 30 -52.54 -116.32 -16.59
CA SER K 30 -52.68 -117.09 -17.81
C SER K 30 -51.98 -116.44 -19.00
N SER K 31 -51.61 -115.17 -18.89
CA SER K 31 -50.79 -114.55 -19.93
C SER K 31 -49.44 -115.27 -20.05
N THR K 32 -48.92 -115.77 -18.92
CA THR K 32 -47.70 -116.54 -18.94
C THR K 32 -47.92 -117.97 -19.44
N GLY K 33 -49.08 -118.56 -19.13
CA GLY K 33 -49.34 -119.94 -19.50
C GLY K 33 -49.73 -120.14 -20.96
N PHE K 34 -50.00 -119.06 -21.68
CA PHE K 34 -50.37 -119.15 -23.09
C PHE K 34 -49.09 -119.08 -23.93
N GLN K 35 -48.59 -120.25 -24.29
CA GLN K 35 -47.38 -120.39 -25.09
C GLN K 35 -47.68 -121.35 -26.25
N PRO K 36 -46.88 -121.33 -27.32
CA PRO K 36 -47.11 -122.28 -28.41
C PRO K 36 -46.97 -123.71 -27.91
N TYR K 37 -47.71 -124.61 -28.58
CA TYR K 37 -47.74 -126.04 -28.27
C TYR K 37 -48.37 -126.35 -26.92
N CYS K 38 -49.12 -125.40 -26.36
CA CYS K 38 -49.77 -125.59 -25.07
C CYS K 38 -51.24 -125.94 -25.26
N LEU K 39 -51.75 -126.82 -24.40
CA LEU K 39 -53.13 -127.28 -24.47
C LEU K 39 -54.04 -126.32 -23.72
N VAL K 40 -55.24 -126.12 -24.24
CA VAL K 40 -56.29 -125.37 -23.56
C VAL K 40 -57.56 -126.22 -23.54
N VAL K 41 -58.42 -125.94 -22.57
CA VAL K 41 -59.62 -126.74 -22.34
C VAL K 41 -60.84 -125.82 -22.40
N ARG K 42 -61.84 -126.22 -23.19
CA ARG K 42 -63.07 -125.46 -23.34
C ARG K 42 -64.24 -126.41 -23.41
N LYS K 43 -65.29 -126.12 -22.64
CA LYS K 43 -66.52 -126.89 -22.68
C LYS K 43 -67.40 -126.43 -23.83
N PRO K 44 -68.34 -127.26 -24.27
CA PRO K 44 -69.32 -126.80 -25.27
C PRO K 44 -70.14 -125.64 -24.75
N SER K 45 -70.55 -124.78 -25.68
CA SER K 45 -71.31 -123.58 -25.35
C SER K 45 -72.62 -123.95 -24.67
N SER K 46 -73.21 -122.97 -23.97
CA SER K 46 -74.41 -123.25 -23.19
C SER K 46 -75.64 -123.32 -24.08
N SER K 47 -76.05 -122.19 -24.67
CA SER K 47 -77.01 -122.25 -25.78
C SER K 47 -76.44 -121.59 -27.04
N TRP K 48 -76.24 -120.28 -27.04
CA TRP K 48 -75.59 -119.58 -28.16
C TRP K 48 -74.55 -118.57 -27.72
N PHE K 49 -74.83 -117.84 -26.63
CA PHE K 49 -74.08 -116.64 -26.30
C PHE K 49 -73.40 -116.67 -24.94
N TRP K 50 -73.76 -117.60 -24.06
CA TRP K 50 -73.01 -117.79 -22.81
C TRP K 50 -71.69 -118.46 -23.19
N LYS K 51 -70.78 -117.64 -23.70
CA LYS K 51 -69.54 -118.15 -24.28
C LYS K 51 -68.71 -118.84 -23.21
N PRO K 52 -68.38 -120.12 -23.37
CA PRO K 52 -67.48 -120.78 -22.40
C PRO K 52 -66.07 -120.24 -22.57
N ARG K 53 -65.63 -119.45 -21.58
CA ARG K 53 -64.32 -118.84 -21.63
C ARG K 53 -63.24 -119.92 -21.62
N TYR K 54 -62.15 -119.64 -22.32
CA TYR K 54 -61.07 -120.61 -22.45
C TYR K 54 -60.31 -120.76 -21.15
N LYS K 55 -60.06 -122.00 -20.75
CA LYS K 55 -59.28 -122.31 -19.56
C LYS K 55 -57.90 -122.76 -20.01
N CYS K 56 -56.88 -122.04 -19.57
CA CYS K 56 -55.51 -122.40 -19.92
C CYS K 56 -55.05 -123.59 -19.11
N VAL K 57 -54.29 -124.47 -19.75
CA VAL K 57 -53.68 -125.62 -19.09
C VAL K 57 -52.19 -125.57 -19.35
N ASN K 58 -51.40 -125.62 -18.27
CA ASN K 58 -49.94 -125.58 -18.38
C ASN K 58 -49.40 -126.94 -18.80
N LEU K 59 -49.77 -127.34 -20.02
CA LEU K 59 -49.45 -128.65 -20.55
C LEU K 59 -48.96 -128.50 -21.98
N SER K 60 -47.80 -129.08 -22.28
CA SER K 60 -47.24 -129.02 -23.63
C SER K 60 -47.61 -130.29 -24.40
N ILE K 61 -47.14 -130.36 -25.65
CA ILE K 61 -47.38 -131.55 -26.46
C ILE K 61 -46.16 -132.44 -26.60
N LYS K 62 -44.99 -131.98 -26.12
CA LYS K 62 -43.80 -132.82 -26.18
C LYS K 62 -43.94 -134.07 -25.32
N ASP K 63 -44.57 -133.93 -24.15
CA ASP K 63 -44.76 -135.04 -23.24
C ASP K 63 -45.86 -136.02 -23.69
N ILE K 64 -46.93 -135.51 -24.30
CA ILE K 64 -48.03 -136.39 -24.68
C ILE K 64 -47.58 -137.40 -25.72
N LEU K 65 -46.79 -136.99 -26.70
CA LEU K 65 -46.06 -137.91 -27.56
C LEU K 65 -44.85 -138.45 -26.80
N GLU K 66 -44.45 -139.68 -27.15
CA GLU K 66 -43.55 -140.43 -26.26
C GLU K 66 -42.12 -139.90 -26.23
N PRO K 67 -41.43 -139.65 -27.38
CA PRO K 67 -39.98 -139.48 -27.29
C PRO K 67 -39.52 -138.07 -26.96
N ASP K 68 -40.16 -137.41 -26.00
CA ASP K 68 -39.66 -136.19 -25.37
C ASP K 68 -39.18 -135.16 -26.41
N ALA K 69 -40.16 -134.64 -27.15
CA ALA K 69 -39.89 -133.78 -28.31
C ALA K 69 -39.01 -132.58 -27.98
N ALA K 70 -39.55 -131.64 -27.19
CA ALA K 70 -38.86 -130.39 -26.85
C ALA K 70 -38.32 -129.70 -28.10
N GLU K 71 -39.19 -129.53 -29.09
CA GLU K 71 -38.82 -128.98 -30.40
C GLU K 71 -39.74 -127.83 -30.76
N PRO K 72 -39.45 -126.61 -30.31
CA PRO K 72 -40.23 -125.45 -30.74
C PRO K 72 -39.79 -124.95 -32.12
N ASP K 73 -40.75 -124.48 -32.90
CA ASP K 73 -40.46 -124.01 -34.25
C ASP K 73 -41.00 -122.60 -34.48
N VAL K 74 -40.71 -121.69 -33.54
CA VAL K 74 -41.14 -120.30 -33.67
C VAL K 74 -40.16 -119.57 -34.58
N GLN K 75 -40.69 -118.92 -35.62
CA GLN K 75 -39.87 -118.18 -36.56
C GLN K 75 -40.44 -116.81 -36.92
N ARG K 76 -41.72 -116.56 -36.64
CA ARG K 76 -42.36 -115.29 -36.97
C ARG K 76 -41.98 -114.23 -35.95
N GLY K 77 -41.68 -113.02 -36.44
CA GLY K 77 -41.41 -111.92 -35.54
C GLY K 77 -41.27 -110.56 -36.21
N ARG K 78 -42.00 -109.57 -35.70
CA ARG K 78 -41.88 -108.19 -36.14
C ARG K 78 -41.83 -107.29 -34.91
N SER K 79 -41.93 -105.98 -35.14
CA SER K 79 -41.89 -105.01 -34.05
C SER K 79 -42.86 -103.87 -34.37
N PHE K 80 -44.08 -103.98 -33.87
CA PHE K 80 -45.06 -102.90 -33.96
C PHE K 80 -44.98 -102.05 -32.69
N HIS K 81 -44.71 -100.77 -32.87
CA HIS K 81 -44.65 -99.83 -31.75
C HIS K 81 -45.95 -99.03 -31.69
N PHE K 82 -46.61 -99.06 -30.53
CA PHE K 82 -47.91 -98.43 -30.37
C PHE K 82 -47.88 -97.47 -29.19
N TYR K 83 -48.55 -96.33 -29.36
CA TYR K 83 -48.63 -95.30 -28.34
C TYR K 83 -50.01 -94.66 -28.42
N ASP K 84 -50.46 -94.10 -27.29
CA ASP K 84 -51.73 -93.39 -27.26
C ASP K 84 -51.81 -92.57 -25.98
N ALA K 85 -52.98 -91.96 -25.78
CA ALA K 85 -53.28 -91.19 -24.58
C ALA K 85 -54.78 -90.92 -24.54
N MET K 86 -55.23 -90.33 -23.43
CA MET K 86 -56.62 -89.96 -23.26
C MET K 86 -56.75 -89.12 -22.00
N ASP K 87 -57.62 -88.11 -22.06
CA ASP K 87 -58.05 -87.37 -20.87
C ASP K 87 -59.48 -86.93 -21.07
N GLY K 88 -60.19 -86.73 -19.95
CA GLY K 88 -61.58 -86.32 -20.02
C GLY K 88 -61.92 -85.38 -18.90
N GLN K 89 -63.06 -84.70 -19.05
CA GLN K 89 -63.55 -83.81 -18.00
C GLN K 89 -65.04 -83.61 -18.24
N ILE K 90 -65.86 -84.15 -17.35
CA ILE K 90 -67.31 -84.02 -17.43
C ILE K 90 -67.82 -83.48 -16.10
N GLN K 91 -68.62 -82.42 -16.17
CA GLN K 91 -69.14 -81.79 -14.97
C GLN K 91 -70.59 -81.38 -15.21
N GLY K 92 -71.15 -80.65 -14.26
CA GLY K 92 -72.53 -80.21 -14.36
C GLY K 92 -72.91 -79.35 -13.18
N SER K 93 -74.05 -78.68 -13.33
CA SER K 93 -74.58 -77.81 -12.29
C SER K 93 -76.09 -77.70 -12.46
N VAL K 94 -76.78 -77.62 -11.33
CA VAL K 94 -78.24 -77.52 -11.31
C VAL K 94 -78.65 -76.47 -10.29
N GLU K 95 -79.53 -75.56 -10.68
CA GLU K 95 -80.11 -74.57 -9.78
C GLU K 95 -81.62 -74.82 -9.80
N LEU K 96 -82.09 -75.71 -8.92
CA LEU K 96 -83.46 -76.17 -8.91
C LEU K 96 -84.20 -75.59 -7.71
N ALA K 97 -85.35 -74.95 -7.98
CA ALA K 97 -86.15 -74.37 -6.92
C ALA K 97 -87.64 -74.70 -6.99
N ALA K 98 -88.19 -74.98 -8.16
CA ALA K 98 -89.64 -75.13 -8.31
C ALA K 98 -90.17 -76.47 -7.79
N PRO K 99 -89.70 -77.65 -8.32
CA PRO K 99 -90.36 -78.92 -8.01
C PRO K 99 -90.13 -79.43 -6.59
N GLY K 100 -90.57 -78.66 -5.61
CA GLY K 100 -90.45 -79.05 -4.22
C GLY K 100 -90.40 -77.87 -3.26
N GLN K 101 -89.74 -78.06 -2.13
CA GLN K 101 -89.54 -76.98 -1.15
C GLN K 101 -88.07 -76.59 -1.04
N ALA K 102 -87.26 -76.92 -2.04
CA ALA K 102 -85.82 -76.78 -1.98
C ALA K 102 -85.35 -75.66 -2.90
N LYS K 103 -84.13 -75.18 -2.60
CA LYS K 103 -83.39 -74.28 -3.50
C LYS K 103 -82.00 -74.92 -3.64
N ILE K 104 -81.89 -75.83 -4.60
CA ILE K 104 -80.72 -76.71 -4.70
C ILE K 104 -79.63 -76.01 -5.49
N ALA K 105 -78.44 -75.89 -4.89
CA ALA K 105 -77.25 -75.38 -5.56
C ALA K 105 -76.16 -76.43 -5.43
N GLY K 106 -76.09 -77.34 -6.42
CA GLY K 106 -75.16 -78.44 -6.36
C GLY K 106 -74.35 -78.55 -7.64
N GLY K 107 -73.41 -79.49 -7.62
CA GLY K 107 -72.54 -79.69 -8.77
C GLY K 107 -71.81 -81.01 -8.65
N ALA K 108 -71.16 -81.39 -9.76
CA ALA K 108 -70.39 -82.62 -9.82
C ALA K 108 -69.33 -82.47 -10.91
N ALA K 109 -68.34 -83.35 -10.87
CA ALA K 109 -67.25 -83.31 -11.84
C ALA K 109 -66.55 -84.66 -11.85
N VAL K 110 -66.27 -85.18 -13.05
CA VAL K 110 -65.54 -86.42 -13.23
C VAL K 110 -64.38 -86.16 -14.18
N SER K 111 -63.19 -86.62 -13.81
CA SER K 111 -62.00 -86.46 -14.63
C SER K 111 -61.13 -87.70 -14.51
N ASP K 112 -60.50 -88.07 -15.63
CA ASP K 112 -59.62 -89.23 -15.66
C ASP K 112 -58.65 -89.10 -16.82
N SER K 113 -57.71 -90.04 -16.90
CA SER K 113 -56.72 -90.06 -17.96
C SER K 113 -56.17 -91.47 -18.11
N SER K 114 -55.28 -91.64 -19.10
CA SER K 114 -54.65 -92.92 -19.35
C SER K 114 -53.45 -92.71 -20.27
N SER K 115 -52.64 -93.75 -20.40
CA SER K 115 -51.48 -93.75 -21.29
C SER K 115 -51.01 -95.18 -21.51
N THR K 116 -50.25 -95.38 -22.59
CA THR K 116 -49.72 -96.70 -22.92
C THR K 116 -48.66 -96.54 -24.00
N SER K 117 -47.59 -97.32 -23.89
CA SER K 117 -46.54 -97.41 -24.91
C SER K 117 -45.98 -98.82 -24.89
N MET K 118 -46.00 -99.50 -26.03
CA MET K 118 -45.81 -100.94 -26.04
C MET K 118 -45.31 -101.39 -27.40
N ASN K 119 -44.65 -102.55 -27.43
CA ASN K 119 -44.16 -103.19 -28.63
C ASN K 119 -44.72 -104.61 -28.73
N VAL K 120 -44.57 -105.21 -29.91
CA VAL K 120 -45.29 -106.43 -30.25
C VAL K 120 -44.40 -107.38 -31.05
N TYR K 121 -44.28 -108.63 -30.58
CA TYR K 121 -43.92 -109.77 -31.40
C TYR K 121 -45.18 -110.54 -31.78
N SER K 122 -45.03 -111.47 -32.72
CA SER K 122 -46.10 -112.40 -33.06
C SER K 122 -45.45 -113.71 -33.47
N LEU K 123 -45.68 -114.75 -32.68
CA LEU K 123 -45.08 -116.06 -32.92
C LEU K 123 -46.17 -117.04 -33.33
N SER K 124 -45.84 -117.92 -34.26
CA SER K 124 -46.79 -118.89 -34.79
C SER K 124 -46.07 -120.21 -35.05
N VAL K 125 -46.83 -121.19 -35.51
CA VAL K 125 -46.30 -122.51 -35.84
C VAL K 125 -46.81 -122.91 -37.22
N ASP K 126 -45.91 -123.45 -38.04
CA ASP K 126 -46.25 -123.77 -39.42
C ASP K 126 -47.04 -125.07 -39.49
N PRO K 127 -48.05 -125.15 -40.36
CA PRO K 127 -48.76 -126.43 -40.53
C PRO K 127 -47.88 -127.57 -41.01
N ASN K 128 -46.83 -127.29 -41.78
CA ASN K 128 -45.92 -128.34 -42.20
C ASN K 128 -45.22 -128.98 -41.01
N THR K 129 -44.84 -128.20 -40.00
CA THR K 129 -44.30 -128.78 -38.78
C THR K 129 -45.34 -129.67 -38.11
N TRP K 130 -46.61 -129.24 -38.08
CA TRP K 130 -47.67 -130.07 -37.52
C TRP K 130 -47.75 -131.42 -38.24
N GLN K 131 -47.75 -131.41 -39.57
CA GLN K 131 -47.92 -132.66 -40.29
C GLN K 131 -46.69 -133.55 -40.15
N THR K 132 -45.48 -132.97 -40.19
CA THR K 132 -44.29 -133.76 -39.95
C THR K 132 -44.34 -134.42 -38.58
N LEU K 133 -44.62 -133.62 -37.54
CA LEU K 133 -44.65 -134.14 -36.18
C LEU K 133 -45.70 -135.25 -36.03
N LEU K 134 -46.88 -135.06 -36.60
CA LEU K 134 -47.93 -136.05 -36.46
C LEU K 134 -47.59 -137.35 -37.20
N HIS K 135 -47.07 -137.25 -38.43
CA HIS K 135 -46.81 -138.45 -39.21
C HIS K 135 -45.56 -139.20 -38.75
N GLU K 136 -44.57 -138.52 -38.15
CA GLU K 136 -43.36 -139.23 -37.75
C GLU K 136 -43.51 -139.83 -36.36
N ARG K 137 -44.40 -139.27 -35.55
CA ARG K 137 -44.43 -139.52 -34.11
C ARG K 137 -45.85 -139.78 -33.65
N HIS K 138 -45.98 -140.69 -32.69
CA HIS K 138 -47.27 -141.21 -32.24
C HIS K 138 -47.57 -140.76 -30.81
N LEU K 139 -48.66 -141.29 -30.27
CA LEU K 139 -49.13 -140.92 -28.94
C LEU K 139 -48.82 -142.02 -27.93
N ARG K 140 -48.38 -141.61 -26.74
CA ARG K 140 -48.30 -142.52 -25.60
C ARG K 140 -49.70 -142.67 -25.03
N GLN K 141 -50.42 -143.69 -25.49
CA GLN K 141 -51.80 -143.92 -25.07
C GLN K 141 -51.97 -144.23 -23.58
N PRO K 142 -50.96 -144.82 -22.85
CA PRO K 142 -51.09 -144.96 -21.39
C PRO K 142 -50.74 -143.70 -20.62
N GLU K 143 -51.27 -142.56 -21.08
CA GLU K 143 -51.12 -141.27 -20.41
C GLU K 143 -52.52 -140.67 -20.32
N HIS K 144 -53.20 -140.92 -19.21
CA HIS K 144 -54.59 -140.49 -19.08
C HIS K 144 -54.94 -139.85 -17.75
N LYS K 145 -54.05 -139.85 -16.75
CA LYS K 145 -54.40 -139.17 -15.50
C LYS K 145 -54.50 -137.67 -15.68
N VAL K 146 -54.06 -137.15 -16.84
CA VAL K 146 -54.43 -135.82 -17.27
C VAL K 146 -55.55 -135.85 -18.31
N LEU K 147 -55.89 -137.03 -18.83
CA LEU K 147 -56.84 -137.17 -19.91
C LEU K 147 -58.06 -138.01 -19.58
N GLN K 148 -57.93 -139.03 -18.73
CA GLN K 148 -59.05 -139.91 -18.44
C GLN K 148 -60.20 -139.16 -17.77
N GLN K 149 -59.89 -138.38 -16.73
CA GLN K 149 -60.94 -137.53 -16.16
C GLN K 149 -61.28 -136.40 -17.12
N LEU K 150 -60.32 -135.94 -17.93
CA LEU K 150 -60.64 -135.03 -19.02
C LEU K 150 -61.55 -135.71 -20.04
N ARG K 151 -61.37 -137.02 -20.26
CA ARG K 151 -62.31 -137.76 -21.09
C ARG K 151 -63.70 -137.80 -20.46
N SER K 152 -63.77 -137.97 -19.14
CA SER K 152 -65.06 -137.97 -18.47
C SER K 152 -65.76 -136.62 -18.58
N ARG K 153 -65.02 -135.52 -18.40
CA ARG K 153 -65.61 -134.20 -18.58
C ARG K 153 -66.03 -133.98 -20.03
N GLY K 154 -65.23 -134.47 -20.98
CA GLY K 154 -65.57 -134.40 -22.38
C GLY K 154 -65.28 -133.08 -23.05
N ASP K 155 -64.58 -132.16 -22.40
CA ASP K 155 -64.25 -130.89 -23.02
C ASP K 155 -63.36 -131.09 -24.23
N ASN K 156 -63.67 -130.35 -25.30
CA ASN K 156 -62.82 -130.37 -26.49
C ASN K 156 -61.49 -129.72 -26.18
N VAL K 157 -60.40 -130.43 -26.49
CA VAL K 157 -59.05 -129.99 -26.16
C VAL K 157 -58.42 -129.37 -27.41
N TYR K 158 -57.77 -128.23 -27.24
CA TYR K 158 -57.18 -127.48 -28.34
C TYR K 158 -55.69 -127.33 -28.09
N VAL K 159 -55.00 -126.75 -29.07
CA VAL K 159 -53.60 -126.38 -28.93
C VAL K 159 -53.45 -124.92 -29.33
N VAL K 160 -52.35 -124.32 -28.89
CA VAL K 160 -52.05 -122.93 -29.19
C VAL K 160 -51.16 -122.89 -30.43
N THR K 161 -51.62 -122.17 -31.45
CA THR K 161 -50.90 -122.12 -32.72
C THR K 161 -50.26 -120.77 -33.02
N GLU K 162 -50.62 -119.72 -32.27
CA GLU K 162 -50.08 -118.39 -32.52
C GLU K 162 -50.20 -117.58 -31.23
N VAL K 163 -49.16 -116.79 -30.95
CA VAL K 163 -49.11 -115.98 -29.74
C VAL K 163 -48.57 -114.60 -30.09
N LEU K 164 -48.84 -113.62 -29.21
CA LEU K 164 -48.42 -112.23 -29.39
C LEU K 164 -47.83 -111.77 -28.06
N GLN K 165 -46.61 -111.25 -28.10
CA GLN K 165 -45.89 -110.86 -26.89
C GLN K 165 -45.42 -109.42 -26.96
N THR K 166 -45.09 -108.86 -25.80
CA THR K 166 -44.49 -107.53 -25.69
C THR K 166 -43.07 -107.67 -25.15
N GLN K 167 -42.13 -106.94 -25.76
CA GLN K 167 -40.73 -107.02 -25.41
C GLN K 167 -40.21 -105.63 -25.01
N LYS K 168 -40.51 -105.23 -23.79
CA LYS K 168 -40.17 -104.03 -23.02
C LYS K 168 -40.86 -104.12 -21.67
N GLU K 169 -40.58 -103.15 -20.81
CA GLU K 169 -41.30 -102.97 -19.55
C GLU K 169 -42.47 -102.03 -19.82
N VAL K 170 -43.54 -102.57 -20.38
CA VAL K 170 -44.72 -101.78 -20.72
C VAL K 170 -45.49 -101.45 -19.44
N GLU K 171 -46.01 -100.22 -19.39
CA GLU K 171 -46.66 -99.73 -18.18
C GLU K 171 -47.90 -98.94 -18.57
N VAL K 172 -48.81 -98.80 -17.59
CA VAL K 172 -50.03 -98.02 -17.73
C VAL K 172 -50.17 -97.12 -16.51
N THR K 173 -50.67 -95.91 -16.73
CA THR K 173 -50.89 -94.94 -15.64
C THR K 173 -52.30 -94.40 -15.76
N ARG K 174 -53.27 -95.07 -15.15
CA ARG K 174 -54.64 -94.58 -15.09
C ARG K 174 -54.86 -93.77 -13.82
N THR K 175 -55.64 -92.70 -13.95
CA THR K 175 -56.02 -91.86 -12.82
C THR K 175 -57.53 -91.72 -12.80
N HIS K 176 -58.05 -91.03 -11.80
CA HIS K 176 -59.49 -90.88 -11.65
C HIS K 176 -59.78 -89.79 -10.63
N LYS K 177 -60.70 -88.89 -10.98
CA LYS K 177 -61.20 -87.90 -10.03
C LYS K 177 -62.72 -87.90 -10.10
N ARG K 178 -63.37 -88.24 -9.00
CA ARG K 178 -64.82 -88.16 -8.88
C ARG K 178 -65.14 -87.13 -7.81
N GLU K 179 -65.97 -86.15 -8.16
CA GLU K 179 -66.28 -85.03 -7.28
C GLU K 179 -67.79 -84.88 -7.17
N GLY K 180 -68.29 -84.89 -5.93
CA GLY K 180 -69.68 -84.61 -5.67
C GLY K 180 -69.81 -83.38 -4.80
N SER K 181 -70.93 -82.67 -4.96
CA SER K 181 -71.15 -81.44 -4.22
C SER K 181 -72.64 -81.17 -4.12
N GLY K 182 -73.00 -80.24 -3.23
CA GLY K 182 -74.39 -79.88 -3.05
C GLY K 182 -74.61 -78.89 -1.93
N ARG K 183 -75.53 -77.94 -2.13
CA ARG K 183 -75.92 -76.97 -1.12
C ARG K 183 -77.43 -76.83 -1.18
N PHE K 184 -78.11 -77.40 -0.17
CA PHE K 184 -79.57 -77.49 -0.17
C PHE K 184 -80.13 -76.51 0.85
N SER K 185 -81.00 -75.61 0.39
CA SER K 185 -81.76 -74.73 1.26
C SER K 185 -83.22 -75.10 1.10
N LEU K 186 -83.66 -76.10 1.88
CA LEU K 186 -84.99 -76.69 1.73
C LEU K 186 -85.77 -76.55 3.03
N PRO K 187 -86.58 -75.50 3.16
CA PRO K 187 -87.50 -75.44 4.29
C PRO K 187 -88.68 -76.37 4.11
N GLY K 188 -88.69 -77.48 4.84
CA GLY K 188 -89.76 -78.46 4.70
C GLY K 188 -90.26 -79.02 6.00
N ALA K 189 -90.39 -80.34 6.09
CA ALA K 189 -90.90 -81.02 7.27
C ALA K 189 -89.81 -81.66 8.12
N THR K 190 -88.70 -82.07 7.51
CA THR K 190 -87.62 -82.73 8.24
C THR K 190 -86.35 -81.90 8.36
N CYS K 191 -86.11 -80.96 7.45
CA CYS K 191 -84.90 -80.14 7.48
C CYS K 191 -85.23 -78.73 7.02
N GLU K 192 -84.31 -77.81 7.29
CA GLU K 192 -84.39 -76.44 6.80
C GLU K 192 -83.26 -76.10 5.86
N GLN K 193 -82.02 -76.41 6.24
CA GLN K 193 -80.86 -76.27 5.36
C GLN K 193 -79.97 -77.48 5.54
N GLY K 194 -79.43 -77.97 4.43
CA GLY K 194 -78.57 -79.13 4.47
C GLY K 194 -77.53 -79.10 3.36
N GLU K 195 -76.48 -79.87 3.55
CA GLU K 195 -75.41 -79.99 2.58
C GLU K 195 -74.95 -81.45 2.49
N GLY K 196 -74.40 -81.80 1.33
CA GLY K 196 -73.85 -83.12 1.13
C GLY K 196 -72.87 -83.15 -0.02
N GLN K 197 -71.67 -83.65 0.23
CA GLN K 197 -70.63 -83.66 -0.79
C GLN K 197 -69.61 -84.74 -0.47
N GLY K 198 -68.89 -85.17 -1.50
CA GLY K 198 -67.80 -86.10 -1.34
C GLY K 198 -66.99 -86.26 -2.61
N HIS K 199 -65.67 -86.14 -2.49
CA HIS K 199 -64.79 -86.26 -3.64
C HIS K 199 -63.62 -87.16 -3.29
N LEU K 200 -63.28 -88.06 -4.20
CA LEU K 200 -62.18 -88.99 -3.98
C LEU K 200 -61.37 -89.12 -5.26
N SER K 201 -60.05 -88.99 -5.13
CA SER K 201 -59.16 -89.26 -6.24
C SER K 201 -58.80 -90.74 -6.25
N GLN K 202 -58.08 -91.15 -7.29
CA GLN K 202 -57.66 -92.53 -7.44
C GLN K 202 -56.63 -92.61 -8.55
N LYS K 203 -55.68 -93.53 -8.39
CA LYS K 203 -54.62 -93.70 -9.38
C LYS K 203 -54.06 -95.12 -9.22
N LYS K 204 -53.40 -95.60 -10.27
CA LYS K 204 -52.76 -96.90 -10.23
C LYS K 204 -51.71 -96.96 -11.33
N THR K 205 -50.89 -98.01 -11.26
CA THR K 205 -49.79 -98.18 -12.21
C THR K 205 -49.42 -99.66 -12.25
N VAL K 206 -49.56 -100.27 -13.42
CA VAL K 206 -49.25 -101.68 -13.61
C VAL K 206 -48.19 -101.80 -14.70
N THR K 207 -47.15 -102.59 -14.41
CA THR K 207 -46.05 -102.79 -15.35
C THR K 207 -45.98 -104.27 -15.71
N ILE K 208 -46.07 -104.55 -17.00
CA ILE K 208 -46.05 -105.93 -17.50
C ILE K 208 -44.64 -106.28 -17.94
N PRO K 209 -44.09 -107.41 -17.52
CA PRO K 209 -42.73 -107.78 -17.95
C PRO K 209 -42.70 -108.25 -19.40
N SER K 210 -41.50 -108.26 -19.96
CA SER K 210 -41.33 -108.63 -21.35
C SER K 210 -41.65 -110.10 -21.57
N GLY K 211 -42.35 -110.38 -22.67
CA GLY K 211 -42.71 -111.75 -23.01
C GLY K 211 -43.99 -112.21 -22.37
N SER K 212 -45.06 -111.43 -22.50
CA SER K 212 -46.37 -111.77 -21.97
C SER K 212 -47.35 -111.91 -23.12
N THR K 213 -48.10 -113.00 -23.14
CA THR K 213 -49.05 -113.24 -24.22
C THR K 213 -50.31 -112.42 -24.03
N LEU K 214 -50.73 -111.73 -25.09
CA LEU K 214 -51.95 -110.93 -25.08
C LEU K 214 -53.12 -111.60 -25.77
N ALA K 215 -52.87 -112.38 -26.82
CA ALA K 215 -53.94 -113.07 -27.55
C ALA K 215 -53.35 -114.33 -28.16
N PHE K 216 -54.22 -115.14 -28.75
CA PHE K 216 -53.79 -116.42 -29.30
C PHE K 216 -54.87 -116.96 -30.23
N ARG K 217 -54.52 -118.04 -30.93
CA ARG K 217 -55.44 -118.77 -31.78
C ARG K 217 -55.29 -120.26 -31.49
N VAL K 218 -56.36 -121.01 -31.76
CA VAL K 218 -56.43 -122.41 -31.37
C VAL K 218 -56.52 -123.28 -32.62
N ALA K 219 -56.25 -124.58 -32.42
CA ALA K 219 -56.33 -125.56 -33.49
C ALA K 219 -56.88 -126.85 -32.89
N GLN K 220 -58.16 -127.11 -33.14
CA GLN K 220 -58.84 -128.24 -32.51
C GLN K 220 -58.26 -129.57 -32.98
N LEU K 221 -58.23 -130.54 -32.07
CA LEU K 221 -57.78 -131.89 -32.34
C LEU K 221 -58.83 -132.89 -31.88
N VAL K 222 -58.69 -134.13 -32.33
CA VAL K 222 -59.64 -135.20 -32.04
C VAL K 222 -58.91 -136.35 -31.37
N ILE K 223 -59.52 -136.89 -30.32
CA ILE K 223 -58.98 -138.06 -29.61
C ILE K 223 -60.08 -139.10 -29.56
N ASP K 224 -60.07 -140.03 -30.52
CA ASP K 224 -60.95 -141.18 -30.49
C ASP K 224 -60.16 -142.48 -30.38
N SER K 225 -59.15 -142.64 -31.21
CA SER K 225 -58.18 -143.73 -31.11
C SER K 225 -56.75 -143.23 -31.09
N ASP K 226 -56.45 -142.15 -31.81
CA ASP K 226 -55.13 -141.54 -31.85
C ASP K 226 -55.29 -140.04 -32.01
N LEU K 227 -54.17 -139.32 -31.98
CA LEU K 227 -54.21 -137.87 -32.05
C LEU K 227 -54.20 -137.41 -33.49
N ASP K 228 -54.96 -136.36 -33.78
CA ASP K 228 -55.00 -135.74 -35.09
C ASP K 228 -55.60 -134.34 -34.93
N VAL K 229 -54.85 -133.34 -35.38
CA VAL K 229 -55.24 -131.95 -35.20
C VAL K 229 -55.91 -131.46 -36.48
N LEU K 230 -57.10 -130.87 -36.32
CA LEU K 230 -57.82 -130.25 -37.42
C LEU K 230 -57.59 -128.75 -37.34
N LEU K 231 -56.83 -128.22 -38.29
CA LEU K 231 -56.44 -126.81 -38.24
C LEU K 231 -57.64 -125.87 -38.38
N PHE K 232 -58.72 -126.31 -39.02
CA PHE K 232 -59.92 -125.50 -39.20
C PHE K 232 -61.13 -126.39 -39.30
N PRO K 233 -61.57 -126.97 -38.18
CA PRO K 233 -62.75 -127.84 -38.21
C PRO K 233 -64.04 -127.04 -38.13
N ASP K 234 -65.17 -127.74 -38.06
CA ASP K 234 -66.48 -127.10 -37.91
C ASP K 234 -66.93 -127.16 -36.46
N LYS K 235 -68.00 -126.43 -36.17
CA LYS K 235 -68.57 -126.43 -34.84
C LYS K 235 -69.22 -127.77 -34.54
N LYS K 236 -69.34 -128.10 -33.25
CA LYS K 236 -69.89 -129.37 -32.79
C LYS K 236 -69.08 -130.55 -33.33
N GLN K 237 -67.76 -130.38 -33.37
CA GLN K 237 -66.84 -131.47 -33.68
C GLN K 237 -66.27 -131.95 -32.36
N ARG K 238 -66.87 -133.02 -31.82
CA ARG K 238 -66.52 -133.49 -30.48
C ARG K 238 -65.18 -134.22 -30.52
N THR K 239 -64.25 -133.80 -29.67
CA THR K 239 -62.94 -134.45 -29.62
C THR K 239 -63.05 -135.90 -29.16
N PHE K 240 -63.79 -136.14 -28.08
CA PHE K 240 -63.99 -137.46 -27.54
C PHE K 240 -65.25 -138.08 -28.13
N GLN K 241 -65.69 -139.20 -27.57
CA GLN K 241 -66.92 -139.84 -28.02
C GLN K 241 -68.02 -139.70 -27.00
N SER L 3 -59.04 -104.22 8.16
CA SER L 3 -58.09 -105.26 8.53
C SER L 3 -56.69 -104.95 8.00
N ALA L 4 -56.61 -103.93 7.13
CA ALA L 4 -55.36 -103.42 6.59
C ALA L 4 -54.62 -104.45 5.74
N PHE L 5 -55.21 -105.63 5.58
CA PHE L 5 -54.62 -106.68 4.74
C PHE L 5 -55.59 -107.16 3.67
N GLU L 6 -56.88 -107.30 4.00
CA GLU L 6 -57.86 -107.68 3.00
C GLU L 6 -58.04 -106.61 1.94
N ARG L 7 -57.76 -105.35 2.27
CA ARG L 7 -57.85 -104.28 1.30
C ARG L 7 -56.96 -104.55 0.10
N VAL L 8 -55.65 -104.65 0.33
CA VAL L 8 -54.69 -104.82 -0.76
C VAL L 8 -54.85 -106.18 -1.42
N VAL L 9 -55.13 -107.24 -0.66
CA VAL L 9 -55.33 -108.55 -1.27
C VAL L 9 -56.54 -108.55 -2.19
N ARG L 10 -57.64 -107.94 -1.75
CA ARG L 10 -58.81 -107.83 -2.59
C ARG L 10 -58.51 -107.00 -3.83
N ARG L 11 -57.71 -105.93 -3.69
CA ARG L 11 -57.34 -105.12 -4.84
C ARG L 11 -56.52 -105.94 -5.84
N VAL L 12 -55.59 -106.76 -5.35
CA VAL L 12 -54.76 -107.58 -6.24
C VAL L 12 -55.62 -108.64 -6.94
N VAL L 13 -56.55 -109.26 -6.21
CA VAL L 13 -57.46 -110.21 -6.85
C VAL L 13 -58.33 -109.51 -7.89
N GLN L 14 -58.79 -108.30 -7.61
CA GLN L 14 -59.64 -107.54 -8.52
C GLN L 14 -58.90 -107.10 -9.78
N GLU L 15 -57.61 -106.74 -9.69
CA GLU L 15 -56.88 -106.27 -10.85
C GLU L 15 -56.59 -107.37 -11.86
N LEU L 16 -56.86 -108.63 -11.49
CA LEU L 16 -56.95 -109.71 -12.47
C LEU L 16 -58.30 -109.76 -13.17
N ASP L 17 -59.25 -108.92 -12.77
CA ASP L 17 -60.61 -108.90 -13.33
C ASP L 17 -61.24 -110.29 -13.28
N HIS L 18 -61.19 -110.91 -12.10
CA HIS L 18 -61.81 -112.20 -11.84
C HIS L 18 -61.26 -113.29 -12.76
N GLY L 19 -60.03 -113.12 -13.26
CA GLY L 19 -59.43 -114.12 -14.11
C GLY L 19 -58.66 -115.15 -13.30
N GLY L 20 -59.03 -116.41 -13.43
CA GLY L 20 -58.49 -117.45 -12.57
C GLY L 20 -59.00 -117.35 -11.15
N GLU L 21 -59.13 -118.51 -10.51
CA GLU L 21 -59.66 -118.55 -9.14
C GLU L 21 -58.79 -117.81 -8.12
N PHE L 22 -57.55 -118.26 -7.89
CA PHE L 22 -56.68 -117.65 -6.87
C PHE L 22 -57.45 -117.31 -5.60
N ILE L 23 -57.95 -118.36 -4.95
CA ILE L 23 -58.66 -118.24 -3.67
C ILE L 23 -57.74 -117.48 -2.72
N PRO L 24 -58.05 -116.23 -2.40
CA PRO L 24 -57.08 -115.39 -1.70
C PRO L 24 -56.92 -115.78 -0.24
N VAL L 25 -55.79 -115.37 0.33
CA VAL L 25 -55.49 -115.64 1.72
C VAL L 25 -55.96 -114.45 2.55
N THR L 26 -56.28 -114.72 3.82
CA THR L 26 -56.73 -113.68 4.74
C THR L 26 -55.81 -113.53 5.94
N SER L 27 -55.24 -114.62 6.42
CA SER L 27 -54.37 -114.60 7.61
C SER L 27 -52.92 -114.53 7.16
N LEU L 28 -52.20 -113.52 7.67
CA LEU L 28 -50.77 -113.42 7.42
C LEU L 28 -49.99 -114.58 8.02
N GLN L 29 -50.56 -115.27 9.01
CA GLN L 29 -49.86 -116.40 9.61
C GLN L 29 -49.86 -117.61 8.68
N SER L 30 -50.93 -117.80 7.91
CA SER L 30 -51.02 -118.90 6.97
C SER L 30 -50.45 -118.54 5.60
N SER L 31 -49.94 -117.32 5.44
CA SER L 31 -49.28 -116.96 4.19
C SER L 31 -48.04 -117.83 3.95
N THR L 32 -47.29 -118.11 5.00
CA THR L 32 -46.13 -118.99 4.87
C THR L 32 -46.54 -120.45 4.71
N GLY L 33 -47.65 -120.87 5.31
CA GLY L 33 -48.09 -122.25 5.18
C GLY L 33 -48.63 -122.60 3.81
N PHE L 34 -48.98 -121.61 3.01
CA PHE L 34 -49.48 -121.84 1.65
C PHE L 34 -48.29 -121.89 0.71
N GLN L 35 -47.72 -123.08 0.57
CA GLN L 35 -46.56 -123.32 -0.27
C GLN L 35 -46.89 -124.47 -1.23
N PRO L 36 -46.17 -124.61 -2.34
CA PRO L 36 -46.47 -125.71 -3.27
C PRO L 36 -46.29 -127.06 -2.60
N TYR L 37 -47.08 -128.03 -3.08
CA TYR L 37 -47.09 -129.41 -2.58
C TYR L 37 -47.54 -129.50 -1.13
N CYS L 38 -48.26 -128.50 -0.63
CA CYS L 38 -48.75 -128.53 0.75
C CYS L 38 -50.21 -128.93 0.78
N LEU L 39 -50.56 -129.77 1.76
CA LEU L 39 -51.93 -130.26 1.92
C LEU L 39 -52.78 -129.21 2.62
N VAL L 40 -54.03 -129.07 2.16
CA VAL L 40 -55.01 -128.24 2.83
C VAL L 40 -56.29 -129.05 3.01
N VAL L 41 -57.08 -128.66 4.00
CA VAL L 41 -58.28 -129.40 4.39
C VAL L 41 -59.47 -128.47 4.30
N ARG L 42 -60.53 -128.93 3.63
CA ARG L 42 -61.77 -128.17 3.49
C ARG L 42 -62.96 -129.10 3.68
N LYS L 43 -63.87 -128.71 4.55
CA LYS L 43 -65.10 -129.45 4.75
C LYS L 43 -66.09 -129.15 3.63
N PRO L 44 -67.06 -130.04 3.40
CA PRO L 44 -68.10 -129.74 2.42
C PRO L 44 -68.94 -128.54 2.82
N SER L 45 -69.45 -127.84 1.81
CA SER L 45 -70.29 -126.67 2.03
C SER L 45 -71.59 -127.07 2.71
N SER L 46 -72.21 -126.10 3.41
CA SER L 46 -73.37 -126.42 4.23
C SER L 46 -74.62 -126.61 3.37
N SER L 47 -75.12 -125.54 2.75
CA SER L 47 -76.18 -125.69 1.76
C SER L 47 -75.78 -125.13 0.41
N TRP L 48 -75.62 -123.81 0.26
CA TRP L 48 -75.18 -123.26 -1.01
C TRP L 48 -74.12 -122.17 -0.84
N PHE L 49 -74.26 -121.34 0.20
CA PHE L 49 -73.42 -120.16 0.35
C PHE L 49 -72.64 -120.08 1.66
N TRP L 50 -72.87 -120.99 2.60
CA TRP L 50 -72.03 -121.06 3.80
C TRP L 50 -70.69 -121.64 3.37
N LYS L 51 -69.86 -120.78 2.77
CA LYS L 51 -68.61 -121.22 2.17
C LYS L 51 -67.66 -121.72 3.24
N PRO L 52 -67.20 -122.98 3.16
CA PRO L 52 -66.18 -123.46 4.10
C PRO L 52 -64.84 -122.84 3.78
N ARG L 53 -64.37 -121.97 4.68
CA ARG L 53 -63.06 -121.36 4.51
C ARG L 53 -61.98 -122.44 4.52
N TYR L 54 -60.95 -122.21 3.71
CA TYR L 54 -59.87 -123.19 3.57
C TYR L 54 -59.02 -123.20 4.84
N LYS L 55 -58.75 -124.40 5.34
CA LYS L 55 -57.84 -124.59 6.47
C LYS L 55 -56.54 -125.16 5.94
N CYS L 56 -55.49 -124.33 5.95
CA CYS L 56 -54.18 -124.79 5.54
C CYS L 56 -53.60 -125.75 6.57
N VAL L 57 -52.88 -126.76 6.08
CA VAL L 57 -52.18 -127.72 6.94
C VAL L 57 -50.71 -127.67 6.57
N ASN L 58 -49.85 -127.45 7.58
CA ASN L 58 -48.42 -127.33 7.36
C ASN L 58 -47.78 -128.71 7.17
N LEU L 59 -48.24 -129.41 6.14
CA LEU L 59 -47.74 -130.74 5.81
C LEU L 59 -47.57 -130.83 4.30
N SER L 60 -46.42 -131.35 3.87
CA SER L 60 -46.12 -131.48 2.45
C SER L 60 -46.46 -132.89 1.97
N ILE L 61 -46.23 -133.14 0.68
CA ILE L 61 -46.49 -134.45 0.09
C ILE L 61 -45.25 -135.33 0.05
N LYS L 62 -44.10 -134.83 0.47
CA LYS L 62 -42.87 -135.62 0.40
C LYS L 62 -42.92 -136.83 1.33
N ASP L 63 -43.46 -136.66 2.53
CA ASP L 63 -43.45 -137.74 3.51
C ASP L 63 -44.63 -138.69 3.38
N ILE L 64 -45.75 -138.24 2.79
CA ILE L 64 -46.89 -139.13 2.63
C ILE L 64 -46.53 -140.28 1.68
N LEU L 65 -45.70 -140.02 0.67
CA LEU L 65 -45.06 -141.08 -0.08
C LEU L 65 -43.77 -141.49 0.62
N GLU L 66 -43.50 -142.80 0.61
CA GLU L 66 -42.54 -143.36 1.58
C GLU L 66 -41.12 -142.81 1.42
N PRO L 67 -40.51 -142.78 0.22
CA PRO L 67 -39.07 -142.55 0.18
C PRO L 67 -38.62 -141.10 0.10
N ASP L 68 -39.15 -140.23 0.97
CA ASP L 68 -38.56 -138.93 1.26
C ASP L 68 -38.31 -138.11 -0.01
N ALA L 69 -39.41 -137.72 -0.66
CA ALA L 69 -39.34 -137.06 -1.96
C ALA L 69 -38.46 -135.82 -1.96
N ALA L 70 -38.90 -134.77 -1.27
CA ALA L 70 -38.16 -133.50 -1.19
C ALA L 70 -37.70 -133.02 -2.56
N GLU L 71 -38.63 -133.02 -3.53
CA GLU L 71 -38.35 -132.65 -4.90
C GLU L 71 -39.30 -131.56 -5.37
N PRO L 72 -38.95 -130.28 -5.19
CA PRO L 72 -39.76 -129.21 -5.76
C PRO L 72 -39.40 -128.98 -7.23
N ASP L 73 -40.42 -128.64 -8.03
CA ASP L 73 -40.23 -128.44 -9.45
C ASP L 73 -40.70 -127.05 -9.89
N VAL L 74 -40.32 -126.02 -9.14
CA VAL L 74 -40.70 -124.66 -9.48
C VAL L 74 -39.82 -124.17 -10.62
N GLN L 75 -40.46 -123.71 -11.70
CA GLN L 75 -39.74 -123.23 -12.87
C GLN L 75 -40.31 -121.94 -13.46
N ARG L 76 -41.52 -121.54 -13.08
CA ARG L 76 -42.20 -120.40 -13.68
C ARG L 76 -41.92 -119.12 -12.87
N GLY L 77 -41.85 -117.99 -13.56
CA GLY L 77 -41.76 -116.71 -12.88
C GLY L 77 -41.66 -115.52 -13.80
N ARG L 78 -42.46 -114.49 -13.51
CA ARG L 78 -42.37 -113.19 -14.16
C ARG L 78 -42.31 -112.12 -13.10
N SER L 79 -42.34 -110.86 -13.52
CA SER L 79 -42.13 -109.73 -12.60
C SER L 79 -43.18 -108.65 -12.89
N PHE L 80 -44.27 -108.68 -12.13
CA PHE L 80 -45.29 -107.65 -12.19
C PHE L 80 -45.05 -106.62 -11.10
N HIS L 81 -44.88 -105.36 -11.48
CA HIS L 81 -44.77 -104.27 -10.53
C HIS L 81 -46.08 -103.50 -10.49
N PHE L 82 -46.62 -103.32 -9.30
CA PHE L 82 -47.93 -102.70 -9.12
C PHE L 82 -47.82 -101.54 -8.15
N TYR L 83 -48.60 -100.49 -8.40
CA TYR L 83 -48.60 -99.28 -7.59
C TYR L 83 -49.95 -98.60 -7.71
N ASP L 84 -50.43 -98.02 -6.62
CA ASP L 84 -51.67 -97.27 -6.62
C ASP L 84 -51.71 -96.33 -5.43
N ALA L 85 -52.80 -95.56 -5.36
CA ALA L 85 -53.02 -94.62 -4.27
C ALA L 85 -54.51 -94.32 -4.20
N MET L 86 -54.91 -93.67 -3.11
CA MET L 86 -56.33 -93.37 -2.88
C MET L 86 -56.45 -92.37 -1.75
N ASP L 87 -57.40 -91.45 -1.88
CA ASP L 87 -57.78 -90.53 -0.82
C ASP L 87 -59.21 -90.07 -1.03
N GLY L 88 -59.81 -89.52 0.01
CA GLY L 88 -61.18 -89.04 -0.07
C GLY L 88 -61.46 -87.97 0.95
N GLN L 89 -62.65 -87.37 0.84
CA GLN L 89 -63.08 -86.36 1.80
C GLN L 89 -64.60 -86.23 1.70
N ILE L 90 -65.29 -86.53 2.79
CA ILE L 90 -66.74 -86.42 2.85
C ILE L 90 -67.10 -85.56 4.06
N GLN L 91 -68.00 -84.59 3.83
CA GLN L 91 -68.41 -83.68 4.89
C GLN L 91 -69.88 -83.32 4.68
N GLY L 92 -70.45 -82.65 5.67
CA GLY L 92 -71.83 -82.24 5.60
C GLY L 92 -72.15 -81.26 6.71
N SER L 93 -73.26 -80.54 6.54
CA SER L 93 -73.71 -79.57 7.51
C SER L 93 -75.22 -79.42 7.40
N VAL L 94 -75.86 -79.15 8.54
CA VAL L 94 -77.31 -78.99 8.62
C VAL L 94 -77.62 -77.84 9.57
N GLU L 95 -78.45 -76.90 9.12
CA GLU L 95 -78.96 -75.81 9.95
C GLU L 95 -80.45 -76.09 10.13
N LEU L 96 -80.79 -76.84 11.16
CA LEU L 96 -82.14 -77.33 11.38
C LEU L 96 -82.83 -76.52 12.47
N ALA L 97 -83.99 -75.95 12.13
CA ALA L 97 -84.75 -75.15 13.09
C ALA L 97 -86.22 -75.53 13.22
N ALA L 98 -86.87 -76.02 12.16
CA ALA L 98 -88.31 -76.23 12.19
C ALA L 98 -88.72 -77.49 12.98
N PRO L 99 -88.23 -78.73 12.61
CA PRO L 99 -88.78 -79.95 13.21
C PRO L 99 -88.34 -80.18 14.66
N GLY L 100 -88.73 -79.26 15.54
CA GLY L 100 -88.43 -79.39 16.95
C GLY L 100 -88.37 -78.06 17.66
N GLN L 101 -87.63 -78.01 18.77
CA GLN L 101 -87.42 -76.78 19.53
C GLN L 101 -85.97 -76.33 19.46
N ALA L 102 -85.24 -76.71 18.42
CA ALA L 102 -83.81 -76.54 18.34
C ALA L 102 -83.42 -75.60 17.21
N LYS L 103 -82.24 -74.99 17.38
CA LYS L 103 -81.55 -74.26 16.32
C LYS L 103 -80.19 -74.92 16.17
N ILE L 104 -80.15 -75.98 15.37
CA ILE L 104 -78.99 -76.87 15.32
C ILE L 104 -77.99 -76.35 14.30
N ALA L 105 -76.73 -76.23 14.73
CA ALA L 105 -75.62 -75.91 13.83
C ALA L 105 -74.56 -76.98 14.01
N GLY L 106 -74.62 -78.02 13.18
CA GLY L 106 -73.71 -79.14 13.31
C GLY L 106 -72.96 -79.39 12.02
N GLY L 107 -72.04 -80.34 12.09
CA GLY L 107 -71.22 -80.68 10.94
C GLY L 107 -70.50 -82.00 11.15
N ALA L 108 -69.91 -82.48 10.06
CA ALA L 108 -69.16 -83.73 10.09
C ALA L 108 -68.11 -83.68 8.98
N ALA L 109 -67.10 -84.54 9.12
CA ALA L 109 -66.01 -84.58 8.15
C ALA L 109 -65.26 -85.90 8.30
N VAL L 110 -65.11 -86.63 7.21
CA VAL L 110 -64.37 -87.88 7.16
C VAL L 110 -63.30 -87.77 6.10
N SER L 111 -62.08 -88.18 6.43
CA SER L 111 -60.96 -88.14 5.51
C SER L 111 -60.05 -89.33 5.76
N ASP L 112 -59.49 -89.88 4.68
CA ASP L 112 -58.60 -91.03 4.78
C ASP L 112 -57.75 -91.11 3.53
N SER L 113 -56.85 -92.10 3.51
CA SER L 113 -55.96 -92.31 2.39
C SER L 113 -55.44 -93.74 2.41
N SER L 114 -54.67 -94.09 1.38
CA SER L 114 -54.08 -95.42 1.29
C SER L 114 -52.95 -95.37 0.27
N SER L 115 -52.11 -96.41 0.30
CA SER L 115 -51.02 -96.55 -0.64
C SER L 115 -50.58 -98.00 -0.70
N THR L 116 -49.87 -98.35 -1.76
CA THR L 116 -49.35 -99.70 -1.95
C THR L 116 -48.33 -99.68 -3.08
N SER L 117 -47.23 -100.42 -2.89
CA SER L 117 -46.24 -100.63 -3.92
C SER L 117 -45.65 -102.03 -3.74
N MET L 118 -45.73 -102.85 -4.78
CA MET L 118 -45.48 -104.28 -4.60
C MET L 118 -45.02 -104.89 -5.91
N ASN L 119 -44.15 -105.89 -5.79
CA ASN L 119 -43.66 -106.69 -6.89
C ASN L 119 -44.00 -108.16 -6.65
N VAL L 120 -44.48 -108.83 -7.70
CA VAL L 120 -45.11 -110.14 -7.58
C VAL L 120 -44.49 -111.10 -8.59
N TYR L 121 -44.07 -112.28 -8.11
CA TYR L 121 -43.69 -113.39 -8.97
C TYR L 121 -44.87 -114.38 -9.04
N SER L 122 -44.64 -115.54 -9.65
CA SER L 122 -45.65 -116.57 -9.69
C SER L 122 -44.97 -117.92 -9.94
N LEU L 123 -45.32 -118.91 -9.12
CA LEU L 123 -44.75 -120.24 -9.21
C LEU L 123 -45.86 -121.27 -9.36
N SER L 124 -45.56 -122.37 -10.04
CA SER L 124 -46.54 -123.40 -10.32
C SER L 124 -45.87 -124.77 -10.28
N VAL L 125 -46.63 -125.80 -10.65
CA VAL L 125 -46.14 -127.17 -10.74
C VAL L 125 -46.75 -127.81 -11.98
N ASP L 126 -45.95 -128.59 -12.70
CA ASP L 126 -46.40 -129.14 -13.98
C ASP L 126 -47.15 -130.46 -13.75
N PRO L 127 -48.20 -130.73 -14.56
CA PRO L 127 -48.88 -132.03 -14.45
C PRO L 127 -47.96 -133.22 -14.67
N ASN L 128 -46.95 -133.09 -15.54
CA ASN L 128 -46.00 -134.19 -15.74
C ASN L 128 -45.28 -134.56 -14.46
N THR L 129 -44.99 -133.58 -13.59
CA THR L 129 -44.43 -133.91 -12.29
C THR L 129 -45.40 -134.76 -11.49
N TRP L 130 -46.70 -134.44 -11.54
CA TRP L 130 -47.70 -135.27 -10.86
C TRP L 130 -47.71 -136.69 -11.40
N GLN L 131 -47.69 -136.83 -12.73
CA GLN L 131 -47.72 -138.16 -13.33
C GLN L 131 -46.48 -138.97 -12.96
N THR L 132 -45.30 -138.36 -13.06
CA THR L 132 -44.07 -139.05 -12.69
C THR L 132 -44.06 -139.40 -11.21
N LEU L 133 -44.55 -138.50 -10.35
CA LEU L 133 -44.60 -138.77 -8.93
C LEU L 133 -45.51 -139.95 -8.62
N LEU L 134 -46.68 -140.00 -9.27
CA LEU L 134 -47.61 -141.09 -9.02
C LEU L 134 -47.05 -142.43 -9.51
N HIS L 135 -46.46 -142.44 -10.72
CA HIS L 135 -45.90 -143.68 -11.24
C HIS L 135 -44.68 -144.15 -10.46
N GLU L 136 -43.79 -143.24 -10.05
CA GLU L 136 -42.53 -143.64 -9.44
C GLU L 136 -42.73 -144.25 -8.06
N ARG L 137 -43.57 -143.61 -7.24
CA ARG L 137 -43.58 -143.87 -5.81
C ARG L 137 -45.01 -143.77 -5.27
N HIS L 138 -45.31 -144.66 -4.32
CA HIS L 138 -46.68 -144.91 -3.86
C HIS L 138 -46.90 -144.34 -2.47
N LEU L 139 -48.07 -144.64 -1.92
CA LEU L 139 -48.45 -144.17 -0.59
C LEU L 139 -47.93 -145.11 0.48
N ARG L 140 -47.34 -144.55 1.53
CA ARG L 140 -47.02 -145.31 2.73
C ARG L 140 -48.32 -145.53 3.49
N GLN L 141 -48.96 -146.67 3.24
CA GLN L 141 -50.26 -146.95 3.83
C GLN L 141 -50.25 -146.99 5.36
N PRO L 142 -49.12 -147.36 6.07
CA PRO L 142 -49.07 -147.20 7.53
C PRO L 142 -48.68 -145.79 7.96
N GLU L 143 -49.25 -144.79 7.29
CA GLU L 143 -49.05 -143.39 7.65
C GLU L 143 -50.44 -142.76 7.68
N HIS L 144 -51.09 -142.82 8.83
CA HIS L 144 -52.42 -142.26 9.00
C HIS L 144 -52.58 -141.50 10.31
N LYS L 145 -51.49 -141.24 11.02
CA LYS L 145 -51.54 -140.51 12.28
C LYS L 145 -52.15 -139.12 12.11
N VAL L 146 -51.97 -138.52 10.93
CA VAL L 146 -52.70 -137.30 10.58
C VAL L 146 -53.91 -137.61 9.72
N LEU L 147 -54.12 -138.88 9.34
CA LEU L 147 -55.20 -139.25 8.44
C LEU L 147 -56.34 -140.01 9.10
N GLN L 148 -56.07 -140.77 10.18
CA GLN L 148 -57.17 -141.42 10.90
C GLN L 148 -58.20 -140.41 11.39
N GLN L 149 -57.77 -139.36 12.09
CA GLN L 149 -58.71 -138.33 12.48
C GLN L 149 -59.24 -137.57 11.27
N LEU L 150 -58.39 -137.37 10.25
CA LEU L 150 -58.88 -136.78 9.00
C LEU L 150 -59.90 -137.69 8.32
N ARG L 151 -59.68 -139.01 8.36
CA ARG L 151 -60.67 -139.93 7.83
C ARG L 151 -61.97 -139.86 8.60
N SER L 152 -61.89 -139.73 9.93
CA SER L 152 -63.10 -139.56 10.74
C SER L 152 -63.84 -138.29 10.38
N ARG L 153 -63.12 -137.18 10.19
CA ARG L 153 -63.76 -135.97 9.69
C ARG L 153 -64.31 -136.18 8.29
N GLY L 154 -63.56 -136.89 7.44
CA GLY L 154 -63.98 -137.13 6.08
C GLY L 154 -63.83 -135.95 5.15
N ASP L 155 -63.17 -134.88 5.60
CA ASP L 155 -63.05 -133.68 4.79
C ASP L 155 -62.15 -133.95 3.58
N ASN L 156 -62.54 -133.37 2.44
CA ASN L 156 -61.76 -133.49 1.23
C ASN L 156 -60.45 -132.73 1.38
N VAL L 157 -59.34 -133.39 1.08
CA VAL L 157 -58.00 -132.82 1.23
C VAL L 157 -57.46 -132.46 -0.15
N TYR L 158 -56.84 -131.29 -0.25
CA TYR L 158 -56.33 -130.78 -1.52
C TYR L 158 -54.82 -130.64 -1.44
N VAL L 159 -54.25 -130.12 -2.53
CA VAL L 159 -52.84 -129.74 -2.58
C VAL L 159 -52.76 -128.32 -3.14
N VAL L 160 -51.56 -127.76 -3.10
CA VAL L 160 -51.29 -126.43 -3.65
C VAL L 160 -50.54 -126.61 -4.96
N THR L 161 -51.10 -126.06 -6.05
CA THR L 161 -50.55 -126.27 -7.38
C THR L 161 -50.09 -124.98 -8.07
N GLU L 162 -50.65 -123.83 -7.72
CA GLU L 162 -50.02 -122.56 -8.10
C GLU L 162 -50.00 -121.64 -6.89
N VAL L 163 -49.05 -120.73 -6.88
CA VAL L 163 -48.85 -119.79 -5.78
C VAL L 163 -48.43 -118.45 -6.35
N LEU L 164 -48.95 -117.37 -5.77
CA LEU L 164 -48.65 -116.02 -6.18
C LEU L 164 -48.10 -115.27 -4.96
N GLN L 165 -46.79 -115.05 -4.94
CA GLN L 165 -46.12 -114.47 -3.79
C GLN L 165 -45.37 -113.21 -4.20
N THR L 166 -44.96 -112.45 -3.19
CA THR L 166 -44.26 -111.17 -3.39
C THR L 166 -42.89 -111.25 -2.74
N GLN L 167 -41.87 -110.82 -3.49
CA GLN L 167 -40.49 -110.77 -3.01
C GLN L 167 -39.92 -109.37 -3.26
N LYS L 168 -40.15 -108.49 -2.29
CA LYS L 168 -39.68 -107.14 -2.01
C LYS L 168 -40.23 -106.75 -0.65
N GLU L 169 -39.69 -105.68 -0.08
CA GLU L 169 -40.17 -105.19 1.20
C GLU L 169 -41.33 -104.25 0.93
N VAL L 170 -42.50 -104.82 0.66
CA VAL L 170 -43.67 -104.06 0.28
C VAL L 170 -44.35 -103.55 1.55
N GLU L 171 -45.07 -102.44 1.41
CA GLU L 171 -45.61 -101.76 2.57
C GLU L 171 -46.91 -101.07 2.21
N VAL L 172 -47.75 -100.88 3.23
CA VAL L 172 -49.00 -100.14 3.09
C VAL L 172 -49.07 -99.11 4.20
N THR L 173 -49.57 -97.93 3.87
CA THR L 173 -49.66 -96.81 4.83
C THR L 173 -51.07 -96.23 4.72
N ARG L 174 -51.86 -96.42 5.77
CA ARG L 174 -53.21 -95.90 5.82
C ARG L 174 -53.32 -94.73 6.78
N THR L 175 -54.48 -94.10 6.79
CA THR L 175 -54.83 -93.04 7.72
C THR L 175 -56.34 -92.97 7.83
N HIS L 176 -56.83 -92.21 8.80
CA HIS L 176 -58.27 -92.12 9.03
C HIS L 176 -58.56 -90.93 9.94
N LYS L 177 -59.56 -90.14 9.57
CA LYS L 177 -60.02 -89.03 10.40
C LYS L 177 -61.54 -89.11 10.50
N ARG L 178 -62.09 -88.75 11.66
CA ARG L 178 -63.53 -88.70 11.89
C ARG L 178 -63.83 -87.50 12.76
N GLU L 179 -64.31 -86.42 12.14
CA GLU L 179 -64.51 -85.15 12.82
C GLU L 179 -66.01 -84.87 12.92
N GLY L 180 -66.57 -85.01 14.13
CA GLY L 180 -67.95 -84.69 14.37
C GLY L 180 -68.07 -83.32 15.03
N SER L 181 -69.25 -82.73 14.91
CA SER L 181 -69.50 -81.41 15.49
C SER L 181 -70.97 -81.29 15.86
N GLY L 182 -71.26 -80.33 16.72
CA GLY L 182 -72.63 -80.08 17.14
C GLY L 182 -72.79 -78.83 17.98
N ARG L 183 -73.91 -78.13 17.79
CA ARG L 183 -74.24 -76.95 18.59
C ARG L 183 -75.76 -76.88 18.68
N PHE L 184 -76.31 -77.45 19.75
CA PHE L 184 -77.75 -77.68 19.87
C PHE L 184 -78.34 -76.67 20.84
N SER L 185 -78.76 -75.52 20.31
CA SER L 185 -79.43 -74.49 21.10
C SER L 185 -80.93 -74.82 21.06
N LEU L 186 -81.34 -75.74 21.94
CA LEU L 186 -82.71 -76.25 21.95
C LEU L 186 -83.37 -75.91 23.28
N PRO L 187 -84.14 -74.83 23.33
CA PRO L 187 -84.96 -74.57 24.52
C PRO L 187 -86.17 -75.50 24.57
N GLY L 188 -86.13 -76.49 25.47
CA GLY L 188 -87.21 -77.44 25.55
C GLY L 188 -87.64 -77.75 26.97
N ALA L 189 -87.77 -79.03 27.30
CA ALA L 189 -88.20 -79.47 28.62
C ALA L 189 -87.06 -79.93 29.51
N THR L 190 -86.02 -80.54 28.93
CA THR L 190 -84.89 -81.04 29.71
C THR L 190 -83.62 -80.23 29.53
N CYS L 191 -83.46 -79.50 28.43
CA CYS L 191 -82.26 -78.72 28.18
C CYS L 191 -82.63 -77.41 27.50
N GLU L 192 -81.72 -76.45 27.57
CA GLU L 192 -81.86 -75.18 26.86
C GLU L 192 -80.76 -74.99 25.83
N GLN L 193 -79.52 -75.31 26.18
CA GLN L 193 -78.39 -75.21 25.26
C GLN L 193 -77.47 -76.40 25.51
N GLY L 194 -76.93 -76.96 24.43
CA GLY L 194 -76.07 -78.11 24.55
C GLY L 194 -75.15 -78.26 23.36
N GLU L 195 -74.00 -78.88 23.60
CA GLU L 195 -73.01 -79.13 22.57
C GLU L 195 -72.43 -80.53 22.73
N GLY L 196 -72.10 -81.15 21.60
CA GLY L 196 -71.44 -82.43 21.60
C GLY L 196 -70.59 -82.63 20.35
N GLN L 197 -69.31 -82.96 20.53
CA GLN L 197 -68.42 -83.14 19.40
C GLN L 197 -67.25 -84.02 19.82
N GLY L 198 -66.60 -84.62 18.83
CA GLY L 198 -65.43 -85.44 19.07
C GLY L 198 -64.73 -85.83 17.79
N HIS L 199 -63.41 -85.62 17.74
CA HIS L 199 -62.63 -85.96 16.57
C HIS L 199 -61.46 -86.83 16.97
N LEU L 200 -61.16 -87.84 16.13
CA LEU L 200 -60.06 -88.75 16.40
C LEU L 200 -59.37 -89.09 15.09
N SER L 201 -58.05 -89.05 15.11
CA SER L 201 -57.26 -89.51 13.98
C SER L 201 -56.91 -90.99 14.15
N GLN L 202 -56.16 -91.51 13.18
CA GLN L 202 -55.74 -92.91 13.22
C GLN L 202 -54.68 -93.11 12.14
N LYS L 203 -53.89 -94.16 12.30
CA LYS L 203 -52.84 -94.48 11.34
C LYS L 203 -52.39 -95.92 11.59
N LYS L 204 -51.79 -96.51 10.56
CA LYS L 204 -51.16 -97.81 10.69
C LYS L 204 -50.19 -97.99 9.53
N THR L 205 -49.25 -98.93 9.70
CA THR L 205 -48.20 -99.15 8.71
C THR L 205 -47.73 -100.59 8.84
N VAL L 206 -48.12 -101.42 7.88
CA VAL L 206 -47.76 -102.84 7.88
C VAL L 206 -46.76 -103.09 6.77
N THR L 207 -45.73 -103.87 7.08
CA THR L 207 -44.71 -104.22 6.10
C THR L 207 -44.75 -105.73 5.89
N ILE L 208 -44.88 -106.14 4.63
CA ILE L 208 -44.94 -107.55 4.26
C ILE L 208 -43.58 -107.98 3.74
N PRO L 209 -42.97 -109.02 4.30
CA PRO L 209 -41.63 -109.43 3.87
C PRO L 209 -41.67 -110.18 2.54
N SER L 210 -40.48 -110.34 1.97
CA SER L 210 -40.34 -111.04 0.70
C SER L 210 -40.73 -112.50 0.84
N GLY L 211 -41.27 -113.07 -0.24
CA GLY L 211 -41.68 -114.46 -0.23
C GLY L 211 -42.91 -114.73 0.61
N SER L 212 -43.93 -113.89 0.47
CA SER L 212 -45.18 -114.03 1.21
C SER L 212 -46.30 -114.34 0.23
N THR L 213 -46.96 -115.48 0.43
CA THR L 213 -48.00 -115.92 -0.48
C THR L 213 -49.24 -115.02 -0.37
N LEU L 214 -49.80 -114.67 -1.53
CA LEU L 214 -51.02 -113.86 -1.60
C LEU L 214 -52.23 -114.68 -2.01
N ALA L 215 -52.05 -115.65 -2.89
CA ALA L 215 -53.15 -116.49 -3.34
C ALA L 215 -52.59 -117.86 -3.74
N PHE L 216 -53.49 -118.80 -3.98
CA PHE L 216 -53.10 -120.17 -4.29
C PHE L 216 -54.22 -120.85 -5.07
N ARG L 217 -53.88 -122.00 -5.63
CA ARG L 217 -54.85 -122.85 -6.31
C ARG L 217 -54.71 -124.28 -5.82
N VAL L 218 -55.78 -125.05 -5.97
CA VAL L 218 -55.87 -126.38 -5.40
C VAL L 218 -56.03 -127.41 -6.51
N ALA L 219 -55.69 -128.65 -6.17
CA ALA L 219 -55.91 -129.80 -7.06
C ALA L 219 -56.33 -130.97 -6.18
N GLN L 220 -57.63 -131.29 -6.20
CA GLN L 220 -58.17 -132.27 -5.29
C GLN L 220 -57.60 -133.67 -5.57
N LEU L 221 -57.45 -134.45 -4.51
CA LEU L 221 -57.03 -135.84 -4.60
C LEU L 221 -58.08 -136.72 -3.93
N VAL L 222 -58.01 -138.02 -4.21
CA VAL L 222 -58.94 -139.00 -3.68
C VAL L 222 -58.15 -140.09 -2.98
N ILE L 223 -58.58 -140.46 -1.77
CA ILE L 223 -57.94 -141.51 -0.98
C ILE L 223 -59.04 -142.52 -0.65
N ASP L 224 -59.15 -143.57 -1.45
CA ASP L 224 -60.01 -144.70 -1.12
C ASP L 224 -59.19 -145.95 -0.83
N SER L 225 -58.25 -146.27 -1.70
CA SER L 225 -57.27 -147.32 -1.49
C SER L 225 -55.84 -146.83 -1.71
N ASP L 226 -55.63 -145.93 -2.66
CA ASP L 226 -54.33 -145.35 -2.94
C ASP L 226 -54.51 -143.91 -3.39
N LEU L 227 -53.42 -143.15 -3.36
CA LEU L 227 -53.48 -141.72 -3.68
C LEU L 227 -53.59 -141.52 -5.18
N ASP L 228 -54.37 -140.51 -5.56
CA ASP L 228 -54.50 -140.10 -6.96
C ASP L 228 -55.08 -138.69 -6.99
N VAL L 229 -54.46 -137.82 -7.77
CA VAL L 229 -54.83 -136.41 -7.82
C VAL L 229 -55.67 -136.17 -9.08
N LEU L 230 -56.80 -135.50 -8.91
CA LEU L 230 -57.65 -135.07 -10.02
C LEU L 230 -57.42 -133.59 -10.25
N LEU L 231 -56.86 -133.24 -11.41
CA LEU L 231 -56.49 -131.86 -11.68
C LEU L 231 -57.68 -130.92 -11.69
N PHE L 232 -58.78 -131.30 -12.35
CA PHE L 232 -59.97 -130.47 -12.41
C PHE L 232 -61.19 -131.34 -12.11
N PRO L 233 -61.36 -131.73 -10.84
CA PRO L 233 -62.46 -132.64 -10.50
C PRO L 233 -63.81 -131.93 -10.43
N ASP L 234 -64.85 -132.68 -10.09
CA ASP L 234 -66.19 -132.14 -9.96
C ASP L 234 -66.59 -132.00 -8.49
N LYS L 235 -67.71 -131.32 -8.27
CA LYS L 235 -68.23 -131.16 -6.93
C LYS L 235 -68.79 -132.50 -6.43
N LYS L 236 -68.87 -132.63 -5.10
CA LYS L 236 -69.32 -133.87 -4.45
C LYS L 236 -68.43 -135.04 -4.82
N GLN L 237 -67.13 -134.77 -4.95
CA GLN L 237 -66.13 -135.82 -5.14
C GLN L 237 -65.52 -136.08 -3.77
N ARG L 238 -66.12 -137.02 -3.04
CA ARG L 238 -65.71 -137.29 -1.67
C ARG L 238 -64.39 -138.04 -1.66
N THR L 239 -63.39 -137.47 -0.99
CA THR L 239 -62.05 -138.06 -0.96
C THR L 239 -62.08 -139.43 -0.31
N PHE L 240 -62.76 -139.54 0.83
CA PHE L 240 -62.87 -140.79 1.57
C PHE L 240 -64.18 -141.50 1.21
N GLN L 241 -64.49 -142.56 1.93
CA GLN L 241 -65.72 -143.31 1.70
C GLN L 241 -66.74 -143.07 2.81
N SER M 3 -55.49 -101.74 30.99
CA SER M 3 -54.60 -102.89 31.15
C SER M 3 -53.26 -102.63 30.46
N ALA M 4 -53.27 -101.74 29.46
CA ALA M 4 -52.08 -101.30 28.74
C ALA M 4 -51.40 -102.44 28.00
N PHE M 5 -51.98 -103.63 28.03
CA PHE M 5 -51.49 -104.76 27.25
C PHE M 5 -52.56 -105.41 26.41
N GLU M 6 -53.80 -105.49 26.91
CA GLU M 6 -54.87 -106.09 26.13
C GLU M 6 -55.25 -105.26 24.92
N ARG M 7 -55.10 -103.94 24.99
CA ARG M 7 -55.42 -103.09 23.84
C ARG M 7 -54.52 -103.44 22.65
N VAL M 8 -53.21 -103.44 22.88
CA VAL M 8 -52.27 -103.69 21.78
C VAL M 8 -52.36 -105.14 21.31
N VAL M 9 -52.54 -106.09 22.22
CA VAL M 9 -52.67 -107.48 21.82
C VAL M 9 -53.93 -107.68 20.97
N ARG M 10 -55.04 -107.07 21.39
CA ARG M 10 -56.27 -107.15 20.60
C ARG M 10 -56.09 -106.52 19.23
N ARG M 11 -55.39 -105.38 19.15
CA ARG M 11 -55.13 -104.78 17.86
C ARG M 11 -54.27 -105.67 16.97
N VAL M 12 -53.25 -106.32 17.55
CA VAL M 12 -52.40 -107.21 16.76
C VAL M 12 -53.20 -108.38 16.23
N VAL M 13 -54.04 -108.99 17.07
CA VAL M 13 -54.89 -110.08 16.58
C VAL M 13 -55.89 -109.60 15.54
N GLN M 14 -56.45 -108.40 15.72
CA GLN M 14 -57.35 -107.82 14.72
C GLN M 14 -56.66 -107.51 13.41
N GLU M 15 -55.35 -107.33 13.42
CA GLU M 15 -54.57 -107.15 12.19
C GLU M 15 -54.50 -108.43 11.36
N LEU M 16 -55.18 -109.49 11.78
CA LEU M 16 -55.30 -110.72 11.01
C LEU M 16 -56.73 -111.00 10.54
N ASP M 17 -57.68 -110.11 10.85
CA ASP M 17 -59.08 -110.28 10.47
C ASP M 17 -59.62 -111.63 10.92
N HIS M 18 -59.32 -111.99 12.16
CA HIS M 18 -59.72 -113.28 12.74
C HIS M 18 -59.18 -114.45 11.94
N GLY M 19 -58.10 -114.24 11.20
CA GLY M 19 -57.46 -115.31 10.46
C GLY M 19 -56.60 -116.16 11.38
N GLY M 20 -56.92 -117.44 11.48
CA GLY M 20 -56.31 -118.30 12.47
C GLY M 20 -56.83 -118.00 13.87
N GLU M 21 -56.80 -119.02 14.72
CA GLU M 21 -57.36 -118.86 16.05
C GLU M 21 -56.49 -117.95 16.92
N PHE M 22 -55.23 -118.35 17.17
CA PHE M 22 -54.30 -117.56 17.98
C PHE M 22 -54.95 -117.02 19.25
N ILE M 23 -55.32 -117.96 20.12
CA ILE M 23 -55.88 -117.62 21.43
C ILE M 23 -54.88 -116.70 22.13
N PRO M 24 -55.19 -115.43 22.31
CA PRO M 24 -54.20 -114.47 22.77
C PRO M 24 -53.87 -114.64 24.25
N VAL M 25 -52.72 -114.10 24.62
CA VAL M 25 -52.25 -114.17 26.00
C VAL M 25 -52.69 -112.91 26.73
N THR M 26 -52.94 -113.06 28.02
CA THR M 26 -53.33 -111.96 28.87
C THR M 26 -52.39 -111.76 30.05
N SER M 27 -51.82 -112.84 30.57
CA SER M 27 -50.91 -112.78 31.70
C SER M 27 -49.50 -112.46 31.20
N LEU M 28 -48.94 -111.35 31.66
CA LEU M 28 -47.56 -111.02 31.34
C LEU M 28 -46.60 -112.09 31.85
N GLN M 29 -46.95 -112.79 32.92
CA GLN M 29 -46.11 -113.88 33.41
C GLN M 29 -46.24 -115.14 32.55
N SER M 30 -47.41 -115.34 31.95
CA SER M 30 -47.64 -116.51 31.10
C SER M 30 -47.21 -116.29 29.66
N SER M 31 -46.83 -115.07 29.29
CA SER M 31 -46.30 -114.84 27.95
C SER M 31 -45.01 -115.62 27.74
N THR M 32 -44.13 -115.63 28.73
CA THR M 32 -42.90 -116.40 28.64
C THR M 32 -43.15 -117.90 28.82
N GLY M 33 -44.27 -118.27 29.42
CA GLY M 33 -44.57 -119.69 29.64
C GLY M 33 -45.13 -120.41 28.44
N PHE M 34 -45.55 -119.67 27.41
CA PHE M 34 -46.14 -120.26 26.21
C PHE M 34 -45.04 -120.46 25.18
N GLN M 35 -44.44 -121.64 25.20
CA GLN M 35 -43.39 -122.03 24.26
C GLN M 35 -43.82 -123.31 23.55
N PRO M 36 -43.21 -123.66 22.42
CA PRO M 36 -43.57 -124.93 21.77
C PRO M 36 -43.29 -126.11 22.68
N TYR M 37 -44.10 -127.16 22.51
CA TYR M 37 -44.02 -128.40 23.28
C TYR M 37 -44.40 -128.21 24.74
N CYS M 38 -45.00 -127.07 25.08
CA CYS M 38 -45.44 -126.80 26.45
C CYS M 38 -46.88 -127.30 26.64
N LEU M 39 -47.21 -127.64 27.88
CA LEU M 39 -48.52 -128.18 28.21
C LEU M 39 -49.40 -127.10 28.83
N VAL M 40 -50.65 -127.05 28.38
CA VAL M 40 -51.64 -126.14 28.95
C VAL M 40 -52.80 -126.96 29.48
N VAL M 41 -53.55 -126.38 30.42
CA VAL M 41 -54.66 -127.05 31.07
C VAL M 41 -55.92 -126.22 30.85
N ARG M 42 -56.97 -126.87 30.37
CA ARG M 42 -58.27 -126.21 30.18
C ARG M 42 -59.36 -127.14 30.69
N LYS M 43 -60.17 -126.63 31.60
CA LYS M 43 -61.31 -127.38 32.11
C LYS M 43 -62.49 -127.27 31.14
N PRO M 44 -63.38 -128.26 31.15
CA PRO M 44 -64.55 -128.20 30.26
C PRO M 44 -65.42 -126.98 30.54
N SER M 45 -65.99 -126.43 29.47
CA SER M 45 -66.77 -125.21 29.56
C SER M 45 -67.98 -125.41 30.46
N SER M 46 -68.55 -124.30 30.94
CA SER M 46 -69.62 -124.39 31.93
C SER M 46 -70.94 -124.79 31.27
N SER M 47 -71.51 -123.91 30.44
CA SER M 47 -72.63 -124.32 29.59
C SER M 47 -72.32 -124.13 28.11
N TRP M 48 -72.16 -122.89 27.63
CA TRP M 48 -71.71 -122.66 26.27
C TRP M 48 -70.66 -121.56 26.18
N PHE M 49 -70.83 -120.50 26.98
CA PHE M 49 -70.11 -119.26 26.75
C PHE M 49 -69.28 -118.79 27.94
N TRP M 50 -69.35 -119.46 29.09
CA TRP M 50 -68.40 -119.20 30.18
C TRP M 50 -67.09 -119.86 29.79
N LYS M 51 -66.36 -119.17 28.91
CA LYS M 51 -65.19 -119.75 28.27
C LYS M 51 -64.11 -120.05 29.28
N PRO M 52 -63.66 -121.29 29.42
CA PRO M 52 -62.55 -121.60 30.33
C PRO M 52 -61.25 -121.05 29.77
N ARG M 53 -60.73 -120.01 30.43
CA ARG M 53 -59.48 -119.40 29.99
C ARG M 53 -58.34 -120.40 30.12
N TYR M 54 -57.47 -120.41 29.12
CA TYR M 54 -56.37 -121.35 29.07
C TYR M 54 -55.37 -121.05 30.18
N LYS M 55 -54.97 -122.10 30.90
CA LYS M 55 -54.06 -121.97 32.03
C LYS M 55 -52.74 -122.65 31.67
N CYS M 56 -51.68 -121.84 31.53
CA CYS M 56 -50.38 -122.38 31.17
C CYS M 56 -49.81 -123.21 32.32
N VAL M 57 -49.17 -124.32 31.96
CA VAL M 57 -48.42 -125.14 32.91
C VAL M 57 -46.99 -125.23 32.41
N ASN M 58 -46.05 -124.75 33.24
CA ASN M 58 -44.64 -124.69 32.85
C ASN M 58 -44.01 -126.08 32.87
N LEU M 59 -44.46 -126.91 31.95
CA LEU M 59 -43.97 -128.28 31.81
C LEU M 59 -43.92 -128.64 30.33
N SER M 60 -42.82 -129.25 29.91
CA SER M 60 -42.65 -129.66 28.53
C SER M 60 -42.93 -131.15 28.38
N ILE M 61 -42.79 -131.66 27.15
CA ILE M 61 -43.01 -133.07 26.89
C ILE M 61 -41.72 -133.88 26.92
N LYS M 62 -40.57 -133.22 27.05
CA LYS M 62 -39.29 -133.94 27.02
C LYS M 62 -39.16 -134.90 28.19
N ASP M 63 -39.60 -134.51 29.39
CA ASP M 63 -39.49 -135.38 30.54
C ASP M 63 -40.63 -136.39 30.63
N ILE M 64 -41.81 -136.07 30.10
CA ILE M 64 -42.88 -137.06 30.07
C ILE M 64 -42.49 -138.26 29.22
N LEU M 65 -41.90 -138.02 28.06
CA LEU M 65 -41.25 -139.06 27.28
C LEU M 65 -39.96 -139.48 27.98
N GLU M 66 -39.73 -140.79 28.04
CA GLU M 66 -38.65 -141.30 28.90
C GLU M 66 -37.27 -140.81 28.48
N PRO M 67 -36.86 -140.87 27.20
CA PRO M 67 -35.44 -140.66 26.89
C PRO M 67 -35.03 -139.21 26.67
N ASP M 68 -35.49 -138.30 27.53
CA ASP M 68 -34.89 -136.98 27.72
C ASP M 68 -34.68 -136.26 26.38
N ALA M 69 -35.80 -135.91 25.74
CA ALA M 69 -35.77 -135.44 24.37
C ALA M 69 -34.85 -134.26 24.11
N ALA M 70 -35.17 -133.09 24.68
CA ALA M 70 -34.45 -131.85 24.38
C ALA M 70 -34.28 -131.67 22.88
N GLU M 71 -35.36 -131.88 22.13
CA GLU M 71 -35.34 -131.89 20.67
C GLU M 71 -36.39 -130.94 20.11
N PRO M 72 -36.05 -129.66 19.92
CA PRO M 72 -36.94 -128.76 19.17
C PRO M 72 -36.72 -128.90 17.67
N ASP M 73 -37.79 -128.65 16.91
CA ASP M 73 -37.74 -128.78 15.46
C ASP M 73 -38.30 -127.52 14.80
N VAL M 74 -37.85 -126.36 15.23
CA VAL M 74 -38.38 -125.09 14.76
C VAL M 74 -37.73 -124.73 13.44
N GLN M 75 -38.55 -124.38 12.44
CA GLN M 75 -38.04 -124.04 11.12
C GLN M 75 -38.67 -122.79 10.51
N ARG M 76 -39.77 -122.28 11.08
CA ARG M 76 -40.47 -121.14 10.51
C ARG M 76 -39.94 -119.83 11.05
N GLY M 77 -39.87 -118.81 10.18
CA GLY M 77 -39.55 -117.48 10.64
C GLY M 77 -39.70 -116.38 9.60
N ARG M 78 -40.43 -115.33 9.96
CA ARG M 78 -40.57 -114.13 9.13
C ARG M 78 -40.31 -112.91 10.01
N SER M 79 -40.58 -111.72 9.45
CA SER M 79 -40.44 -110.46 10.19
C SER M 79 -41.43 -109.46 9.62
N PHE M 80 -42.58 -109.32 10.28
CA PHE M 80 -43.58 -108.34 9.91
C PHE M 80 -43.43 -107.11 10.79
N HIS M 81 -43.14 -105.96 10.17
CA HIS M 81 -43.00 -104.70 10.89
C HIS M 81 -44.34 -103.99 10.93
N PHE M 82 -44.81 -103.67 12.12
CA PHE M 82 -46.11 -103.06 12.31
C PHE M 82 -45.96 -101.78 13.13
N TYR M 83 -46.78 -100.78 12.82
CA TYR M 83 -46.74 -99.49 13.49
C TYR M 83 -48.13 -98.87 13.38
N ASP M 84 -48.50 -98.08 14.39
CA ASP M 84 -49.76 -97.37 14.37
C ASP M 84 -49.70 -96.21 15.34
N ALA M 85 -50.76 -95.41 15.35
CA ALA M 85 -50.87 -94.26 16.24
C ALA M 85 -52.35 -93.92 16.40
N MET M 86 -52.63 -92.98 17.30
CA MET M 86 -54.01 -92.63 17.61
C MET M 86 -54.02 -91.39 18.49
N ASP M 87 -55.10 -90.61 18.38
CA ASP M 87 -55.38 -89.52 19.29
C ASP M 87 -56.87 -89.27 19.31
N GLY M 88 -57.36 -88.60 20.35
CA GLY M 88 -58.78 -88.35 20.49
C GLY M 88 -59.03 -87.11 21.30
N GLN M 89 -60.21 -86.53 21.11
CA GLN M 89 -60.61 -85.35 21.87
C GLN M 89 -62.13 -85.24 21.82
N ILE M 90 -62.78 -85.43 22.97
CA ILE M 90 -64.22 -85.32 23.07
C ILE M 90 -64.54 -84.31 24.16
N GLN M 91 -65.42 -83.37 23.84
CA GLN M 91 -65.78 -82.31 24.77
C GLN M 91 -67.27 -82.01 24.63
N GLY M 92 -67.79 -81.23 25.57
CA GLY M 92 -69.19 -80.87 25.55
C GLY M 92 -69.47 -79.76 26.53
N SER M 93 -70.58 -79.06 26.30
CA SER M 93 -71.01 -77.97 27.16
C SER M 93 -72.53 -77.89 27.16
N VAL M 94 -73.09 -77.43 28.27
CA VAL M 94 -74.53 -77.31 28.44
C VAL M 94 -74.83 -76.03 29.20
N GLU M 95 -75.73 -75.22 28.66
CA GLU M 95 -76.21 -74.01 29.33
C GLU M 95 -77.65 -74.27 29.72
N LEU M 96 -77.85 -74.86 30.89
CA LEU M 96 -79.16 -75.32 31.33
C LEU M 96 -79.75 -74.35 32.34
N ALA M 97 -80.96 -73.88 32.06
CA ALA M 97 -81.64 -72.95 32.97
C ALA M 97 -83.09 -73.30 33.26
N ALA M 98 -83.80 -74.00 32.37
CA ALA M 98 -85.23 -74.22 32.54
C ALA M 98 -85.56 -75.30 33.58
N PRO M 99 -85.08 -76.59 33.43
CA PRO M 99 -85.56 -77.68 34.28
C PRO M 99 -85.05 -77.63 35.71
N GLY M 100 -85.41 -76.56 36.43
CA GLY M 100 -85.01 -76.43 37.83
C GLY M 100 -84.94 -74.98 38.26
N GLN M 101 -83.98 -74.67 39.14
CA GLN M 101 -83.75 -73.31 39.60
C GLN M 101 -82.29 -72.90 39.40
N ALA M 102 -81.60 -73.51 38.44
CA ALA M 102 -80.17 -73.34 38.25
C ALA M 102 -79.89 -72.61 36.95
N LYS M 103 -78.72 -71.95 36.93
CA LYS M 103 -78.14 -71.39 35.70
C LYS M 103 -76.78 -72.08 35.56
N ILE M 104 -76.78 -73.25 34.93
CA ILE M 104 -75.62 -74.12 34.91
C ILE M 104 -74.69 -73.69 33.79
N ALA M 105 -73.42 -73.50 34.12
CA ALA M 105 -72.36 -73.23 33.15
C ALA M 105 -71.27 -74.27 33.33
N GLY M 106 -71.36 -75.36 32.57
CA GLY M 106 -70.44 -76.48 32.73
C GLY M 106 -69.74 -76.83 31.44
N GLY M 107 -68.76 -77.71 31.57
CA GLY M 107 -67.98 -78.16 30.42
C GLY M 107 -67.19 -79.41 30.78
N ALA M 108 -66.66 -80.04 29.74
CA ALA M 108 -65.88 -81.26 29.92
C ALA M 108 -64.97 -81.45 28.72
N ALA M 109 -63.97 -82.31 28.88
CA ALA M 109 -63.01 -82.58 27.82
C ALA M 109 -62.27 -83.87 28.15
N VAL M 110 -62.20 -84.78 27.19
CA VAL M 110 -61.48 -86.05 27.33
C VAL M 110 -60.49 -86.15 26.19
N SER M 111 -59.24 -86.50 26.50
CA SER M 111 -58.19 -86.62 25.49
C SER M 111 -57.29 -87.80 25.85
N ASP M 112 -56.76 -88.44 24.81
CA ASP M 112 -55.85 -89.56 24.98
C ASP M 112 -55.09 -89.81 23.68
N SER M 113 -54.16 -90.76 23.73
CA SER M 113 -53.39 -91.13 22.57
C SER M 113 -52.81 -92.53 22.78
N SER M 114 -52.01 -92.98 21.82
CA SER M 114 -51.36 -94.27 21.89
C SER M 114 -50.29 -94.33 20.81
N SER M 115 -49.46 -95.38 20.90
CA SER M 115 -48.42 -95.63 19.91
C SER M 115 -47.92 -97.06 20.07
N THR M 116 -47.34 -97.59 19.00
CA THR M 116 -46.78 -98.94 19.00
C THR M 116 -45.93 -99.12 17.75
N SER M 117 -44.80 -99.80 17.89
CA SER M 117 -43.94 -100.16 16.77
C SER M 117 -43.26 -101.48 17.10
N MET M 118 -43.54 -102.50 16.29
CA MET M 118 -43.19 -103.86 16.67
C MET M 118 -42.85 -104.67 15.43
N ASN M 119 -42.17 -105.79 15.67
CA ASN M 119 -41.89 -106.82 14.68
C ASN M 119 -42.44 -108.15 15.17
N VAL M 120 -42.80 -109.01 14.22
CA VAL M 120 -43.47 -110.27 14.53
C VAL M 120 -42.69 -111.42 13.92
N TYR M 121 -42.35 -112.40 14.74
CA TYR M 121 -41.72 -113.64 14.31
C TYR M 121 -42.77 -114.75 14.40
N SER M 122 -42.38 -115.98 14.10
CA SER M 122 -43.33 -117.09 14.21
C SER M 122 -42.58 -118.37 14.51
N LEU M 123 -43.24 -119.27 15.25
CA LEU M 123 -42.68 -120.55 15.64
C LEU M 123 -43.60 -121.64 15.10
N SER M 124 -43.04 -122.82 14.85
CA SER M 124 -43.83 -123.90 14.27
C SER M 124 -43.29 -125.24 14.73
N VAL M 125 -44.14 -126.27 14.62
CA VAL M 125 -43.75 -127.65 14.81
C VAL M 125 -44.48 -128.49 13.75
N ASP M 126 -43.75 -129.41 13.13
CA ASP M 126 -44.30 -130.16 12.01
C ASP M 126 -45.12 -131.36 12.52
N PRO M 127 -46.24 -131.67 11.87
CA PRO M 127 -47.00 -132.88 12.26
C PRO M 127 -46.19 -134.15 12.10
N ASN M 128 -45.31 -134.23 11.10
CA ASN M 128 -44.43 -135.39 10.97
C ASN M 128 -43.55 -135.57 12.20
N THR M 129 -43.05 -134.47 12.77
CA THR M 129 -42.30 -134.57 14.01
C THR M 129 -43.15 -135.14 15.13
N TRP M 130 -44.40 -134.70 15.24
CA TRP M 130 -45.30 -135.26 16.24
C TRP M 130 -45.47 -136.76 16.06
N GLN M 131 -45.77 -137.19 14.84
CA GLN M 131 -46.03 -138.62 14.62
C GLN M 131 -44.78 -139.46 14.85
N THR M 132 -43.62 -139.03 14.37
CA THR M 132 -42.43 -139.83 14.61
C THR M 132 -42.07 -139.85 16.10
N LEU M 133 -42.06 -138.69 16.76
CA LEU M 133 -41.74 -138.62 18.18
C LEU M 133 -42.68 -139.50 18.99
N LEU M 134 -43.93 -139.63 18.54
CA LEU M 134 -44.82 -140.63 19.14
C LEU M 134 -44.32 -142.04 18.84
N HIS M 135 -43.80 -142.27 17.63
CA HIS M 135 -43.38 -143.61 17.25
C HIS M 135 -42.18 -144.13 18.04
N GLU M 136 -41.05 -143.42 18.06
CA GLU M 136 -39.87 -144.03 18.67
C GLU M 136 -40.05 -144.27 20.16
N ARG M 137 -40.69 -143.35 20.85
CA ARG M 137 -40.73 -143.37 22.30
C ARG M 137 -42.17 -143.39 22.82
N HIS M 138 -42.34 -143.98 23.99
CA HIS M 138 -43.65 -144.21 24.60
C HIS M 138 -43.76 -143.38 25.88
N LEU M 139 -44.81 -143.65 26.66
CA LEU M 139 -45.07 -142.88 27.87
C LEU M 139 -44.46 -143.57 29.08
N ARG M 140 -43.77 -142.79 29.91
CA ARG M 140 -43.32 -143.28 31.22
C ARG M 140 -44.55 -143.30 32.12
N GLN M 141 -45.22 -144.45 32.15
CA GLN M 141 -46.48 -144.57 32.89
C GLN M 141 -46.37 -144.32 34.40
N PRO M 142 -45.19 -144.57 35.07
CA PRO M 142 -45.06 -144.18 36.48
C PRO M 142 -44.64 -142.71 36.66
N GLU M 143 -45.26 -141.82 35.89
CA GLU M 143 -45.05 -140.38 36.00
C GLU M 143 -46.44 -139.75 36.05
N HIS M 144 -46.94 -139.54 37.26
CA HIS M 144 -48.27 -138.97 37.43
C HIS M 144 -48.38 -137.95 38.55
N LYS M 145 -47.26 -137.56 39.18
CA LYS M 145 -47.31 -136.57 40.25
C LYS M 145 -47.82 -135.23 39.75
N VAL M 146 -47.67 -134.95 38.46
CA VAL M 146 -48.34 -133.81 37.83
C VAL M 146 -49.63 -134.24 37.14
N LEU M 147 -49.91 -135.53 37.08
CA LEU M 147 -51.08 -136.06 36.39
C LEU M 147 -52.15 -136.64 37.30
N GLN M 148 -51.77 -137.17 38.48
CA GLN M 148 -52.77 -137.78 39.36
C GLN M 148 -53.81 -136.76 39.81
N GLN M 149 -53.38 -135.60 40.29
CA GLN M 149 -54.33 -134.52 40.55
C GLN M 149 -55.00 -134.07 39.26
N LEU M 150 -54.23 -134.01 38.17
CA LEU M 150 -54.80 -133.69 36.87
C LEU M 150 -55.80 -134.76 36.42
N ARG M 151 -55.52 -136.03 36.73
CA ARG M 151 -56.47 -137.09 36.42
C ARG M 151 -57.74 -136.95 37.25
N SER M 152 -57.62 -136.58 38.52
CA SER M 152 -58.79 -136.33 39.35
C SER M 152 -59.62 -135.17 38.81
N ARG M 153 -58.96 -134.10 38.36
CA ARG M 153 -59.67 -133.02 37.68
C ARG M 153 -60.26 -133.52 36.37
N GLY M 154 -59.52 -134.33 35.63
CA GLY M 154 -59.97 -134.80 34.34
C GLY M 154 -59.92 -133.77 33.24
N ASP M 155 -59.27 -132.63 33.47
CA ASP M 155 -59.25 -131.55 32.50
C ASP M 155 -58.44 -131.96 31.27
N ASN M 156 -58.97 -131.61 30.10
CA ASN M 156 -58.27 -131.90 28.86
C ASN M 156 -56.98 -131.09 28.78
N VAL M 157 -55.88 -131.76 28.43
CA VAL M 157 -54.57 -131.15 28.36
C VAL M 157 -54.15 -131.05 26.90
N TYR M 158 -53.42 -129.99 26.57
CA TYR M 158 -53.06 -129.69 25.19
C TYR M 158 -51.55 -129.47 25.10
N VAL M 159 -51.09 -129.25 23.87
CA VAL M 159 -49.71 -128.85 23.61
C VAL M 159 -49.73 -127.58 22.77
N VAL M 160 -48.64 -126.82 22.86
CA VAL M 160 -48.50 -125.57 22.13
C VAL M 160 -47.83 -125.87 20.80
N THR M 161 -48.56 -125.68 19.70
CA THR M 161 -48.06 -126.00 18.38
C THR M 161 -47.68 -124.77 17.55
N GLU M 162 -48.14 -123.59 17.93
CA GLU M 162 -47.82 -122.38 17.19
C GLU M 162 -47.54 -121.25 18.17
N VAL M 163 -46.56 -120.41 17.82
CA VAL M 163 -46.16 -119.29 18.68
C VAL M 163 -45.89 -118.09 17.78
N LEU M 164 -46.32 -116.92 18.23
CA LEU M 164 -46.12 -115.65 17.52
C LEU M 164 -45.49 -114.67 18.50
N GLN M 165 -44.20 -114.41 18.35
CA GLN M 165 -43.46 -113.58 19.29
C GLN M 165 -42.79 -112.42 18.57
N THR M 166 -42.16 -111.55 19.38
CA THR M 166 -41.51 -110.34 18.90
C THR M 166 -40.04 -110.37 19.32
N GLN M 167 -39.15 -109.95 18.41
CA GLN M 167 -37.72 -109.89 18.72
C GLN M 167 -37.20 -108.48 18.44
N LYS M 168 -37.45 -107.58 19.38
CA LYS M 168 -37.04 -106.17 19.48
C LYS M 168 -37.48 -105.66 20.85
N GLU M 169 -37.12 -104.42 21.14
CA GLU M 169 -37.59 -103.74 22.33
C GLU M 169 -38.82 -102.92 21.96
N VAL M 170 -39.95 -103.59 21.78
CA VAL M 170 -41.20 -102.92 21.50
C VAL M 170 -41.73 -102.25 22.76
N GLU M 171 -42.24 -101.03 22.60
CA GLU M 171 -42.76 -100.27 23.72
C GLU M 171 -44.09 -99.65 23.33
N VAL M 172 -44.91 -99.37 24.33
CA VAL M 172 -46.20 -98.69 24.15
C VAL M 172 -46.23 -97.48 25.07
N THR M 173 -46.74 -96.37 24.56
CA THR M 173 -46.80 -95.12 25.32
C THR M 173 -48.22 -94.57 25.20
N ARG M 174 -48.92 -94.53 26.32
CA ARG M 174 -50.29 -94.03 26.36
C ARG M 174 -50.37 -92.78 27.24
N THR M 175 -51.38 -91.96 26.95
CA THR M 175 -51.71 -90.80 27.77
C THR M 175 -53.22 -90.79 27.99
N HIS M 176 -53.67 -89.92 28.89
CA HIS M 176 -55.09 -89.85 29.22
C HIS M 176 -55.35 -88.56 29.98
N LYS M 177 -56.40 -87.85 29.58
CA LYS M 177 -56.82 -86.64 30.29
C LYS M 177 -58.31 -86.73 30.54
N ARG M 178 -58.73 -86.42 31.76
CA ARG M 178 -60.14 -86.29 32.11
C ARG M 178 -60.33 -84.92 32.74
N GLU M 179 -61.19 -84.10 32.16
CA GLU M 179 -61.39 -82.72 32.60
C GLU M 179 -62.87 -82.49 32.84
N GLY M 180 -63.23 -82.23 34.09
CA GLY M 180 -64.57 -81.84 34.45
C GLY M 180 -64.62 -80.38 34.83
N SER M 181 -65.78 -79.77 34.63
CA SER M 181 -65.95 -78.35 34.93
C SER M 181 -67.40 -78.09 35.32
N GLY M 182 -67.63 -76.96 35.96
CA GLY M 182 -68.97 -76.59 36.36
C GLY M 182 -69.05 -75.24 37.04
N ARG M 183 -70.07 -74.46 36.70
CA ARG M 183 -70.35 -73.19 37.35
C ARG M 183 -71.85 -73.08 37.54
N PHE M 184 -72.31 -73.33 38.75
CA PHE M 184 -73.73 -73.42 39.06
C PHE M 184 -74.18 -72.17 39.79
N SER M 185 -75.22 -71.52 39.27
CA SER M 185 -75.87 -70.39 39.93
C SER M 185 -77.32 -70.81 40.15
N LEU M 186 -77.57 -71.47 41.27
CA LEU M 186 -78.88 -72.08 41.54
C LEU M 186 -79.46 -71.50 42.82
N PRO M 187 -80.27 -70.45 42.71
CA PRO M 187 -81.02 -69.98 43.88
C PRO M 187 -82.20 -70.89 44.18
N GLY M 188 -82.09 -71.70 45.23
CA GLY M 188 -83.13 -72.65 45.56
C GLY M 188 -83.41 -72.75 47.05
N ALA M 189 -83.44 -73.97 47.56
CA ALA M 189 -83.71 -74.24 48.97
C ALA M 189 -82.47 -74.56 49.78
N THR M 190 -81.44 -75.16 49.16
CA THR M 190 -80.24 -75.55 49.86
C THR M 190 -79.01 -74.74 49.51
N CYS M 191 -78.97 -74.10 48.34
CA CYS M 191 -77.81 -73.32 47.91
C CYS M 191 -78.28 -72.11 47.11
N GLU M 192 -77.35 -71.20 46.87
CA GLU M 192 -77.60 -70.03 46.02
C GLU M 192 -76.74 -70.08 44.76
N GLN M 193 -75.48 -70.52 44.87
CA GLN M 193 -74.65 -70.82 43.72
C GLN M 193 -73.55 -71.77 44.16
N GLY M 194 -72.90 -72.41 43.19
CA GLY M 194 -71.84 -73.35 43.52
C GLY M 194 -70.92 -73.58 42.34
N GLU M 195 -69.75 -74.14 42.65
CA GLU M 195 -68.77 -74.50 41.64
C GLU M 195 -68.23 -75.90 41.94
N GLY M 196 -67.89 -76.62 40.88
CA GLY M 196 -67.30 -77.93 41.02
C GLY M 196 -66.55 -78.37 39.78
N GLN M 197 -65.29 -78.78 39.95
CA GLN M 197 -64.48 -79.21 38.83
C GLN M 197 -63.33 -80.05 39.33
N GLY M 198 -62.77 -80.86 38.44
CA GLY M 198 -61.59 -81.66 38.75
C GLY M 198 -61.01 -82.30 37.51
N HIS M 199 -59.71 -82.15 37.30
CA HIS M 199 -59.05 -82.68 36.13
C HIS M 199 -57.81 -83.45 36.53
N LEU M 200 -57.60 -84.60 35.90
CA LEU M 200 -56.43 -85.43 36.19
C LEU M 200 -55.83 -85.90 34.87
N SER M 201 -54.50 -85.88 34.81
CA SER M 201 -53.79 -86.50 33.70
C SER M 201 -53.36 -87.91 34.09
N GLN M 202 -52.84 -88.64 33.11
CA GLN M 202 -52.39 -90.00 33.35
C GLN M 202 -51.54 -90.44 32.17
N LYS M 203 -50.50 -91.22 32.46
CA LYS M 203 -49.55 -91.64 31.45
C LYS M 203 -48.86 -92.91 31.94
N LYS M 204 -48.47 -93.75 30.99
CA LYS M 204 -47.74 -94.96 31.32
C LYS M 204 -46.95 -95.41 30.10
N THR M 205 -46.01 -96.34 30.34
CA THR M 205 -45.13 -96.82 29.28
C THR M 205 -44.64 -98.21 29.66
N VAL M 206 -45.01 -99.22 28.89
CA VAL M 206 -44.56 -100.59 29.10
C VAL M 206 -43.67 -100.99 27.94
N THR M 207 -42.65 -101.79 28.23
CA THR M 207 -41.70 -102.24 27.21
C THR M 207 -41.60 -103.75 27.29
N ILE M 208 -41.87 -104.41 26.17
CA ILE M 208 -41.80 -105.88 26.08
C ILE M 208 -40.40 -106.29 25.65
N PRO M 209 -39.76 -107.21 26.36
CA PRO M 209 -38.43 -107.68 25.95
C PRO M 209 -38.52 -108.59 24.74
N SER M 210 -37.38 -108.75 24.07
CA SER M 210 -37.31 -109.56 22.86
C SER M 210 -37.59 -111.02 23.19
N GLY M 211 -38.42 -111.66 22.36
CA GLY M 211 -38.76 -113.05 22.54
C GLY M 211 -39.84 -113.29 23.57
N SER M 212 -40.99 -112.66 23.38
CA SER M 212 -42.15 -112.84 24.26
C SER M 212 -43.34 -113.27 23.42
N THR M 213 -43.99 -114.35 23.82
CA THR M 213 -45.09 -114.91 23.04
C THR M 213 -46.33 -114.01 23.15
N LEU M 214 -47.02 -113.84 22.04
CA LEU M 214 -48.25 -113.07 21.99
C LEU M 214 -49.50 -113.93 21.86
N ALA M 215 -49.45 -114.99 21.08
CA ALA M 215 -50.60 -115.87 20.89
C ALA M 215 -50.10 -117.29 20.64
N PHE M 216 -51.04 -118.22 20.56
CA PHE M 216 -50.67 -119.63 20.40
C PHE M 216 -51.87 -120.41 19.88
N ARG M 217 -51.58 -121.62 19.39
CA ARG M 217 -52.60 -122.59 19.04
C ARG M 217 -52.27 -123.91 19.73
N VAL M 218 -53.30 -124.73 19.94
CA VAL M 218 -53.19 -125.94 20.73
C VAL M 218 -53.49 -127.15 19.86
N ALA M 219 -53.05 -128.31 20.34
CA ALA M 219 -53.32 -129.60 19.69
C ALA M 219 -53.65 -130.61 20.77
N GLN M 220 -54.90 -131.04 20.82
CA GLN M 220 -55.37 -131.87 21.92
C GLN M 220 -54.75 -133.27 21.86
N LEU M 221 -54.51 -133.84 23.03
CA LEU M 221 -54.00 -135.20 23.17
C LEU M 221 -54.90 -135.97 24.13
N VAL M 222 -54.86 -137.30 24.00
CA VAL M 222 -55.73 -138.19 24.75
C VAL M 222 -54.88 -139.13 25.59
N ILE M 223 -55.25 -139.30 26.86
CA ILE M 223 -54.51 -140.14 27.81
C ILE M 223 -55.52 -141.11 28.42
N ASP M 224 -55.63 -142.30 27.84
CA ASP M 224 -56.38 -143.38 28.46
C ASP M 224 -55.47 -144.50 28.92
N SER M 225 -54.60 -144.97 28.06
CA SER M 225 -53.55 -145.92 28.40
C SER M 225 -52.17 -145.46 27.95
N ASP M 226 -52.09 -144.77 26.81
CA ASP M 226 -50.83 -144.24 26.29
C ASP M 226 -51.10 -142.85 25.71
N LEU M 227 -50.04 -142.17 25.30
CA LEU M 227 -50.16 -140.83 24.77
C LEU M 227 -50.39 -140.85 23.26
N ASP M 228 -51.25 -139.95 22.80
CA ASP M 228 -51.51 -139.78 21.39
C ASP M 228 -52.14 -138.40 21.19
N VAL M 229 -51.57 -137.61 20.29
CA VAL M 229 -51.99 -136.24 20.08
C VAL M 229 -52.89 -136.18 18.84
N LEU M 230 -54.04 -135.53 18.99
CA LEU M 230 -54.95 -135.28 17.88
C LEU M 230 -54.81 -133.81 17.49
N LEU M 231 -54.21 -133.55 16.33
CA LEU M 231 -53.97 -132.17 15.92
C LEU M 231 -55.25 -131.37 15.74
N PHE M 232 -56.27 -131.95 15.11
CA PHE M 232 -57.54 -131.26 14.86
C PHE M 232 -58.71 -132.15 15.26
N PRO M 233 -58.93 -132.32 16.57
CA PRO M 233 -60.02 -133.18 17.03
C PRO M 233 -61.36 -132.44 17.09
N ASP M 234 -62.37 -133.12 17.59
CA ASP M 234 -63.71 -132.57 17.74
C ASP M 234 -63.97 -132.18 19.20
N LYS M 235 -65.08 -131.48 19.40
CA LYS M 235 -65.49 -131.11 20.75
C LYS M 235 -65.97 -132.36 21.49
N LYS M 236 -65.90 -132.29 22.83
CA LYS M 236 -66.21 -133.43 23.69
C LYS M 236 -65.28 -134.60 23.34
N GLN M 237 -64.00 -134.39 23.56
CA GLN M 237 -62.99 -135.44 23.45
C GLN M 237 -62.26 -135.49 24.79
N ARG M 238 -62.81 -136.26 25.73
CA ARG M 238 -62.27 -136.29 27.08
C ARG M 238 -60.93 -137.00 27.09
N THR M 239 -59.89 -136.29 27.56
CA THR M 239 -58.55 -136.86 27.57
C THR M 239 -58.48 -138.10 28.45
N PHE M 240 -58.96 -138.00 29.69
CA PHE M 240 -58.99 -139.11 30.62
C PHE M 240 -60.32 -139.85 30.49
N GLN M 241 -60.60 -140.73 31.45
CA GLN M 241 -61.87 -141.45 31.46
C GLN M 241 -62.78 -140.93 32.56
N SER N 3 -50.37 -95.53 51.46
CA SER N 3 -49.37 -96.35 52.11
C SER N 3 -48.06 -96.33 51.32
N ALA N 4 -48.12 -95.77 50.12
CA ALA N 4 -46.96 -95.57 49.25
C ALA N 4 -46.33 -96.90 48.81
N PHE N 5 -46.91 -98.02 49.25
CA PHE N 5 -46.46 -99.34 48.82
C PHE N 5 -47.57 -100.14 48.15
N GLU N 6 -48.79 -100.10 48.71
CA GLU N 6 -49.92 -100.77 48.08
C GLU N 6 -50.26 -100.19 46.72
N ARG N 7 -50.11 -98.87 46.55
CA ARG N 7 -50.45 -98.24 45.28
C ARG N 7 -49.66 -98.83 44.13
N VAL N 8 -48.34 -98.89 44.28
CA VAL N 8 -47.49 -99.33 43.18
C VAL N 8 -47.64 -100.82 42.91
N VAL N 9 -47.76 -101.65 43.95
CA VAL N 9 -47.93 -103.08 43.72
C VAL N 9 -49.29 -103.37 43.10
N ARG N 10 -50.32 -102.64 43.52
CA ARG N 10 -51.63 -102.78 42.90
C ARG N 10 -51.58 -102.38 41.44
N ARG N 11 -50.86 -101.30 41.12
CA ARG N 11 -50.71 -100.90 39.73
C ARG N 11 -49.98 -101.96 38.92
N VAL N 12 -48.92 -102.54 39.48
CA VAL N 12 -48.17 -103.57 38.76
C VAL N 12 -49.05 -104.80 38.49
N VAL N 13 -49.81 -105.24 39.50
CA VAL N 13 -50.72 -106.36 39.27
C VAL N 13 -51.81 -106.02 38.26
N GLN N 14 -52.35 -104.80 38.31
CA GLN N 14 -53.36 -104.39 37.34
C GLN N 14 -52.80 -104.26 35.94
N GLU N 15 -51.49 -104.06 35.79
CA GLU N 15 -50.85 -104.06 34.48
C GLU N 15 -50.82 -105.45 33.84
N LEU N 16 -51.42 -106.45 34.49
CA LEU N 16 -51.58 -107.78 33.92
C LEU N 16 -53.04 -108.13 33.64
N ASP N 17 -53.96 -107.17 33.84
CA ASP N 17 -55.40 -107.41 33.67
C ASP N 17 -55.85 -108.64 34.43
N HIS N 18 -55.47 -108.71 35.72
CA HIS N 18 -55.80 -109.83 36.59
C HIS N 18 -55.25 -111.14 36.05
N GLY N 19 -54.17 -111.07 35.29
CA GLY N 19 -53.54 -112.25 34.75
C GLY N 19 -52.58 -112.90 35.73
N GLY N 20 -52.71 -114.21 35.90
CA GLY N 20 -51.92 -114.92 36.89
C GLY N 20 -52.37 -114.61 38.30
N GLU N 21 -52.14 -115.58 39.19
CA GLU N 21 -52.58 -115.41 40.58
C GLU N 21 -51.85 -114.24 41.24
N PHE N 22 -50.54 -114.38 41.43
CA PHE N 22 -49.68 -113.34 42.00
C PHE N 22 -50.35 -112.64 43.19
N ILE N 23 -50.55 -113.42 44.24
CA ILE N 23 -51.04 -112.91 45.51
C ILE N 23 -50.11 -111.77 45.94
N PRO N 24 -50.57 -110.52 45.92
CA PRO N 24 -49.68 -109.39 46.17
C PRO N 24 -49.19 -109.36 47.62
N VAL N 25 -48.00 -108.80 47.78
CA VAL N 25 -47.37 -108.67 49.08
C VAL N 25 -47.73 -107.31 49.66
N THR N 26 -47.88 -107.28 50.98
CA THR N 26 -48.24 -106.05 51.68
C THR N 26 -47.21 -105.65 52.72
N SER N 27 -46.54 -106.60 53.35
CA SER N 27 -45.53 -106.31 54.36
C SER N 27 -44.17 -106.16 53.68
N LEU N 28 -43.55 -105.00 53.88
CA LEU N 28 -42.20 -104.79 53.35
C LEU N 28 -41.20 -105.76 53.97
N GLN N 29 -41.35 -106.07 55.25
CA GLN N 29 -40.48 -107.06 55.88
C GLN N 29 -40.66 -108.44 55.27
N SER N 30 -41.88 -108.75 54.79
CA SER N 30 -42.16 -110.04 54.18
C SER N 30 -41.73 -110.11 52.73
N SER N 31 -41.46 -108.97 52.09
CA SER N 31 -41.01 -108.98 50.70
C SER N 31 -39.69 -109.73 50.56
N THR N 32 -38.75 -109.48 51.47
CA THR N 32 -37.49 -110.23 51.43
C THR N 32 -37.67 -111.68 51.85
N GLY N 33 -38.69 -111.99 52.65
CA GLY N 33 -38.92 -113.36 53.07
C GLY N 33 -39.59 -114.23 52.03
N PHE N 34 -40.16 -113.63 50.98
CA PHE N 34 -40.83 -114.38 49.92
C PHE N 34 -39.79 -114.73 48.86
N GLN N 35 -39.22 -115.92 48.99
CA GLN N 35 -38.21 -116.43 48.08
C GLN N 35 -38.65 -117.80 47.59
N PRO N 36 -38.11 -118.31 46.48
CA PRO N 36 -38.48 -119.65 46.03
C PRO N 36 -38.14 -120.70 47.08
N TYR N 37 -38.95 -121.76 47.10
CA TYR N 37 -38.82 -122.88 48.04
C TYR N 37 -39.09 -122.46 49.49
N CYS N 38 -39.75 -121.32 49.69
CA CYS N 38 -40.07 -120.87 51.04
C CYS N 38 -41.44 -121.39 51.46
N LEU N 39 -41.70 -121.38 52.76
CA LEU N 39 -42.94 -121.91 53.31
C LEU N 39 -43.82 -120.76 53.81
N VAL N 40 -45.11 -120.87 53.55
CA VAL N 40 -46.10 -119.92 54.07
C VAL N 40 -47.21 -120.71 54.73
N VAL N 41 -47.90 -120.07 55.69
CA VAL N 41 -48.94 -120.70 56.48
C VAL N 41 -50.22 -119.90 56.31
N ARG N 42 -51.31 -120.59 55.98
CA ARG N 42 -52.62 -119.97 55.85
C ARG N 42 -53.65 -120.78 56.62
N LYS N 43 -54.42 -120.09 57.46
CA LYS N 43 -55.53 -120.71 58.16
C LYS N 43 -56.74 -120.83 57.23
N PRO N 44 -57.69 -121.69 57.55
CA PRO N 44 -58.93 -121.75 56.76
C PRO N 44 -59.71 -120.45 56.84
N SER N 45 -60.42 -120.15 55.74
CA SER N 45 -61.25 -118.96 55.68
C SER N 45 -62.42 -119.07 56.65
N SER N 46 -63.00 -117.92 57.00
CA SER N 46 -64.03 -117.92 58.04
C SER N 46 -65.37 -118.44 57.50
N SER N 47 -66.01 -117.69 56.61
CA SER N 47 -67.15 -118.23 55.87
C SER N 47 -66.94 -118.17 54.36
N TRP N 48 -66.87 -116.99 53.76
CA TRP N 48 -66.58 -116.87 52.34
C TRP N 48 -65.58 -115.76 52.02
N PHE N 49 -65.66 -114.64 52.72
CA PHE N 49 -64.97 -113.42 52.32
C PHE N 49 -63.99 -112.90 53.35
N TRP N 50 -63.97 -113.45 54.57
CA TRP N 50 -62.91 -113.12 55.53
C TRP N 50 -61.67 -113.90 55.11
N LYS N 51 -61.08 -113.46 54.01
CA LYS N 51 -59.96 -114.17 53.39
C LYS N 51 -58.76 -114.18 54.33
N PRO N 52 -58.22 -115.34 54.69
CA PRO N 52 -57.04 -115.38 55.56
C PRO N 52 -55.82 -114.86 54.82
N ARG N 53 -55.31 -113.71 55.27
CA ARG N 53 -54.14 -113.12 54.65
C ARG N 53 -52.93 -114.02 54.84
N TYR N 54 -52.15 -114.18 53.77
CA TYR N 54 -50.99 -115.06 53.81
C TYR N 54 -49.91 -114.47 54.69
N LYS N 55 -49.33 -115.30 55.56
CA LYS N 55 -48.23 -114.91 56.42
C LYS N 55 -47.03 -115.77 56.08
N CYS N 56 -45.89 -115.14 55.84
CA CYS N 56 -44.69 -115.85 55.44
C CYS N 56 -44.01 -116.48 56.66
N VAL N 57 -43.41 -117.65 56.44
CA VAL N 57 -42.57 -118.30 57.43
C VAL N 57 -41.17 -118.40 56.86
N ASN N 58 -40.20 -117.85 57.57
CA ASN N 58 -38.81 -117.79 57.08
C ASN N 58 -38.16 -119.17 57.18
N LEU N 59 -38.66 -120.09 56.37
CA LEU N 59 -38.20 -121.48 56.36
C LEU N 59 -38.20 -122.01 54.93
N SER N 60 -37.13 -122.67 54.55
CA SER N 60 -37.02 -123.28 53.23
C SER N 60 -37.30 -124.77 53.33
N ILE N 61 -37.21 -125.46 52.19
CA ILE N 61 -37.43 -126.91 52.19
C ILE N 61 -36.13 -127.70 52.20
N LYS N 62 -34.97 -127.03 52.21
CA LYS N 62 -33.71 -127.75 52.19
C LYS N 62 -33.45 -128.50 53.50
N ASP N 63 -33.94 -127.97 54.62
CA ASP N 63 -33.66 -128.58 55.91
C ASP N 63 -34.75 -129.55 56.36
N ILE N 64 -35.99 -129.36 55.92
CA ILE N 64 -37.05 -130.28 56.33
C ILE N 64 -36.77 -131.69 55.82
N LEU N 65 -36.24 -131.81 54.61
CA LEU N 65 -35.66 -133.05 54.13
C LEU N 65 -34.23 -133.20 54.66
N GLU N 66 -33.79 -134.45 54.80
CA GLU N 66 -32.60 -134.71 55.60
C GLU N 66 -31.29 -134.26 54.93
N PRO N 67 -31.02 -134.58 53.65
CA PRO N 67 -29.65 -134.37 53.16
C PRO N 67 -29.35 -132.96 52.67
N ASP N 68 -29.79 -131.94 53.41
CA ASP N 68 -29.30 -130.56 53.27
C ASP N 68 -29.25 -130.11 51.80
N ALA N 69 -30.43 -129.97 51.22
CA ALA N 69 -30.56 -129.76 49.78
C ALA N 69 -29.75 -128.58 49.27
N ALA N 70 -30.15 -127.36 49.65
CA ALA N 70 -29.49 -126.13 49.20
C ALA N 70 -29.30 -126.13 47.68
N GLU N 71 -30.36 -126.53 46.96
CA GLU N 71 -30.33 -126.66 45.50
C GLU N 71 -31.44 -125.83 44.87
N PRO N 72 -31.22 -124.55 44.60
CA PRO N 72 -32.21 -123.77 43.87
C PRO N 72 -32.18 -124.07 42.38
N ASP N 73 -33.35 -124.05 41.76
CA ASP N 73 -33.46 -124.34 40.33
C ASP N 73 -34.09 -123.17 39.59
N VAL N 74 -33.61 -121.96 39.89
CA VAL N 74 -34.12 -120.76 39.23
C VAL N 74 -33.49 -120.66 37.84
N GLN N 75 -34.35 -120.60 36.81
CA GLN N 75 -33.89 -120.47 35.43
C GLN N 75 -34.67 -119.43 34.65
N ARG N 76 -35.80 -118.97 35.15
CA ARG N 76 -36.62 -117.99 34.46
C ARG N 76 -36.02 -116.60 34.60
N GLY N 77 -36.14 -115.81 33.53
CA GLY N 77 -35.66 -114.44 33.59
C GLY N 77 -36.07 -113.58 32.41
N ARG N 78 -36.62 -112.40 32.70
CA ARG N 78 -37.01 -111.42 31.70
C ARG N 78 -36.94 -110.04 32.34
N SER N 79 -36.99 -109.00 31.50
CA SER N 79 -36.86 -107.62 31.98
C SER N 79 -37.96 -106.77 31.36
N PHE N 80 -39.01 -106.50 32.13
CA PHE N 80 -40.05 -105.57 31.74
C PHE N 80 -39.75 -104.20 32.36
N HIS N 81 -39.76 -103.16 31.52
CA HIS N 81 -39.54 -101.80 31.98
C HIS N 81 -40.88 -101.07 32.02
N PHE N 82 -41.21 -100.49 33.17
CA PHE N 82 -42.51 -99.87 33.38
C PHE N 82 -42.31 -98.46 33.94
N TYR N 83 -43.20 -97.55 33.55
CA TYR N 83 -43.12 -96.16 33.96
C TYR N 83 -44.54 -95.59 33.94
N ASP N 84 -44.79 -94.61 34.81
CA ASP N 84 -46.07 -93.92 34.83
C ASP N 84 -45.94 -92.63 35.62
N ALA N 85 -47.04 -91.88 35.67
CA ALA N 85 -47.11 -90.64 36.41
C ALA N 85 -48.58 -90.28 36.61
N MET N 86 -48.82 -89.18 37.32
CA MET N 86 -50.17 -88.73 37.62
C MET N 86 -50.10 -87.36 38.26
N ASP N 87 -51.11 -86.52 38.00
CA ASP N 87 -51.34 -85.29 38.72
C ASP N 87 -52.81 -84.93 38.63
N GLY N 88 -53.28 -84.12 39.57
CA GLY N 88 -54.69 -83.75 39.61
C GLY N 88 -54.90 -82.44 40.32
N GLN N 89 -56.11 -81.91 40.19
CA GLN N 89 -56.49 -80.66 40.86
C GLN N 89 -58.00 -80.62 40.96
N ILE N 90 -58.52 -80.72 42.18
CA ILE N 90 -59.96 -80.65 42.43
C ILE N 90 -60.22 -79.51 43.40
N GLN N 91 -61.18 -78.66 43.05
CA GLN N 91 -61.47 -77.47 43.84
C GLN N 91 -62.98 -77.22 43.84
N GLY N 92 -63.37 -76.10 44.41
CA GLY N 92 -64.77 -75.73 44.48
C GLY N 92 -64.94 -74.39 45.16
N SER N 93 -66.13 -73.83 44.99
CA SER N 93 -66.48 -72.55 45.61
C SER N 93 -67.99 -72.48 45.77
N VAL N 94 -68.41 -71.91 46.90
CA VAL N 94 -69.83 -71.82 47.23
C VAL N 94 -70.11 -70.43 47.80
N GLU N 95 -71.13 -69.77 47.27
CA GLU N 95 -71.63 -68.50 47.80
C GLU N 95 -73.07 -68.76 48.25
N LEU N 96 -73.22 -69.09 49.53
CA LEU N 96 -74.50 -69.53 50.08
C LEU N 96 -75.05 -68.48 51.04
N ALA N 97 -76.29 -68.05 50.79
CA ALA N 97 -76.91 -67.03 51.63
C ALA N 97 -78.34 -67.36 52.06
N ALA N 98 -79.08 -68.17 51.32
CA ALA N 98 -80.50 -68.39 51.61
C ALA N 98 -80.73 -69.29 52.83
N PRO N 99 -80.20 -70.57 52.86
CA PRO N 99 -80.56 -71.50 53.93
C PRO N 99 -79.91 -71.18 55.28
N GLY N 100 -80.21 -70.00 55.80
CA GLY N 100 -79.70 -69.59 57.10
C GLY N 100 -79.67 -68.09 57.28
N GLN N 101 -78.80 -67.61 58.16
CA GLN N 101 -78.62 -66.18 58.38
C GLN N 101 -77.23 -65.72 57.95
N ALA N 102 -76.58 -66.47 57.06
CA ALA N 102 -75.18 -66.27 56.73
C ALA N 102 -75.01 -65.81 55.30
N LYS N 103 -73.81 -65.27 55.03
CA LYS N 103 -73.31 -65.01 53.67
C LYS N 103 -72.00 -65.77 53.57
N ILE N 104 -72.09 -67.05 53.20
CA ILE N 104 -70.96 -67.95 53.26
C ILE N 104 -70.18 -67.89 51.95
N ALA N 105 -68.89 -67.62 52.05
CA ALA N 105 -67.98 -67.66 50.90
C ALA N 105 -66.81 -68.58 51.24
N GLY N 106 -66.87 -69.82 50.75
CA GLY N 106 -65.86 -70.80 51.06
C GLY N 106 -65.29 -71.44 49.82
N GLY N 107 -64.26 -72.25 50.03
CA GLY N 107 -63.60 -72.94 48.93
C GLY N 107 -62.74 -74.07 49.42
N ALA N 108 -62.17 -74.80 48.47
CA ALA N 108 -61.30 -75.93 48.78
C ALA N 108 -60.43 -76.21 47.57
N ALA N 109 -59.38 -77.00 47.78
CA ALA N 109 -58.46 -77.35 46.71
C ALA N 109 -57.65 -78.56 47.14
N VAL N 110 -57.62 -79.59 46.29
CA VAL N 110 -56.85 -80.80 46.52
C VAL N 110 -55.95 -81.03 45.31
N SER N 111 -54.66 -81.27 45.57
CA SER N 111 -53.69 -81.53 44.52
C SER N 111 -52.70 -82.57 44.99
N ASP N 112 -52.35 -83.48 44.08
CA ASP N 112 -51.40 -84.54 44.40
C ASP N 112 -50.78 -85.05 43.12
N SER N 113 -49.71 -85.83 43.27
CA SER N 113 -48.98 -86.37 42.13
C SER N 113 -48.28 -87.66 42.54
N SER N 114 -47.84 -88.41 41.54
CA SER N 114 -47.13 -89.66 41.77
C SER N 114 -46.26 -89.97 40.57
N SER N 115 -45.29 -90.87 40.77
CA SER N 115 -44.41 -91.32 39.70
C SER N 115 -43.79 -92.64 40.11
N THR N 116 -43.31 -93.38 39.11
CA THR N 116 -42.70 -94.69 39.34
C THR N 116 -41.96 -95.12 38.09
N SER N 117 -40.77 -95.70 38.27
CA SER N 117 -40.03 -96.36 37.21
C SER N 117 -39.45 -97.65 37.77
N MET N 118 -39.61 -98.74 37.02
CA MET N 118 -39.34 -100.05 37.61
C MET N 118 -38.93 -101.03 36.51
N ASN N 119 -38.10 -101.99 36.91
CA ASN N 119 -37.74 -103.15 36.10
C ASN N 119 -38.08 -104.41 36.87
N VAL N 120 -38.43 -105.47 36.13
CA VAL N 120 -39.11 -106.63 36.72
C VAL N 120 -38.56 -107.91 36.10
N TYR N 121 -38.15 -108.86 36.95
CA TYR N 121 -37.93 -110.24 36.55
C TYR N 121 -39.15 -111.11 36.85
N SER N 122 -38.96 -112.42 36.68
CA SER N 122 -39.88 -113.43 37.18
C SER N 122 -39.10 -114.73 37.27
N LEU N 123 -39.07 -115.32 38.47
CA LEU N 123 -38.35 -116.56 38.69
C LEU N 123 -39.33 -117.66 39.02
N SER N 124 -39.03 -118.87 38.56
CA SER N 124 -39.96 -119.98 38.63
C SER N 124 -39.22 -121.25 39.00
N VAL N 125 -39.99 -122.32 39.21
CA VAL N 125 -39.47 -123.64 39.53
C VAL N 125 -40.29 -124.68 38.78
N ASP N 126 -39.61 -125.68 38.24
CA ASP N 126 -40.27 -126.63 37.35
C ASP N 126 -40.91 -127.76 38.15
N PRO N 127 -42.10 -128.22 37.74
CA PRO N 127 -42.72 -129.37 38.42
C PRO N 127 -41.86 -130.62 38.40
N ASN N 128 -41.08 -130.83 37.33
CA ASN N 128 -40.17 -131.98 37.28
C ASN N 128 -39.18 -131.95 38.42
N THR N 129 -38.66 -130.77 38.78
CA THR N 129 -37.80 -130.66 39.95
C THR N 129 -38.54 -131.10 41.21
N TRP N 130 -39.80 -130.69 41.36
CA TRP N 130 -40.56 -131.09 42.54
C TRP N 130 -40.70 -132.61 42.61
N GLN N 131 -41.09 -133.24 41.50
CA GLN N 131 -41.31 -134.68 41.53
C GLN N 131 -40.01 -135.45 41.76
N THR N 132 -38.91 -135.05 41.12
CA THR N 132 -37.66 -135.75 41.35
C THR N 132 -37.17 -135.55 42.79
N LEU N 133 -37.25 -134.32 43.31
CA LEU N 133 -36.84 -134.03 44.67
C LEU N 133 -37.66 -134.85 45.66
N LEU N 134 -38.95 -135.02 45.39
CA LEU N 134 -39.75 -135.91 46.21
C LEU N 134 -39.25 -137.34 46.12
N HIS N 135 -38.86 -137.78 44.92
CA HIS N 135 -38.37 -139.15 44.78
C HIS N 135 -37.08 -139.44 45.54
N GLU N 136 -36.02 -138.64 45.35
CA GLU N 136 -34.74 -139.06 45.92
C GLU N 136 -34.76 -139.03 47.44
N ARG N 137 -35.36 -138.01 48.02
CA ARG N 137 -35.20 -137.70 49.43
C ARG N 137 -36.57 -137.48 50.07
N HIS N 138 -36.66 -137.83 51.35
CA HIS N 138 -37.92 -137.91 52.08
C HIS N 138 -37.92 -136.96 53.27
N LEU N 139 -38.94 -137.11 54.11
CA LEU N 139 -39.15 -136.23 55.24
C LEU N 139 -38.43 -136.74 56.48
N ARG N 140 -37.83 -135.83 57.24
CA ARG N 140 -37.36 -136.14 58.59
C ARG N 140 -38.59 -136.23 59.49
N GLN N 141 -39.05 -137.46 59.71
CA GLN N 141 -40.22 -137.68 60.54
C GLN N 141 -40.07 -137.18 61.98
N PRO N 142 -38.85 -137.19 62.61
CA PRO N 142 -38.69 -136.55 63.93
C PRO N 142 -38.42 -135.05 63.82
N GLU N 143 -39.16 -134.36 62.97
CA GLU N 143 -39.06 -132.92 62.83
C GLU N 143 -40.47 -132.35 62.92
N HIS N 144 -40.91 -132.08 64.15
CA HIS N 144 -42.19 -131.42 64.38
C HIS N 144 -42.09 -130.31 65.41
N LYS N 145 -40.96 -130.17 66.11
CA LYS N 145 -40.71 -129.01 66.95
C LYS N 145 -40.96 -127.69 66.23
N VAL N 146 -40.94 -127.69 64.89
CA VAL N 146 -41.43 -126.56 64.12
C VAL N 146 -42.80 -126.84 63.51
N LEU N 147 -43.25 -128.09 63.52
CA LEU N 147 -44.49 -128.49 62.88
C LEU N 147 -45.55 -129.02 63.84
N GLN N 148 -45.17 -129.59 64.98
CA GLN N 148 -46.15 -130.14 65.91
C GLN N 148 -47.09 -129.06 66.44
N GLN N 149 -46.54 -127.90 66.80
CA GLN N 149 -47.40 -126.77 67.14
C GLN N 149 -48.15 -126.27 65.92
N LEU N 150 -47.50 -126.29 64.75
CA LEU N 150 -48.23 -126.01 63.51
C LEU N 150 -49.28 -127.08 63.24
N ARG N 151 -49.01 -128.33 63.63
CA ARG N 151 -50.03 -129.38 63.56
C ARG N 151 -51.21 -129.07 64.47
N SER N 152 -50.93 -128.57 65.68
CA SER N 152 -52.00 -128.16 66.59
C SER N 152 -52.82 -127.03 66.01
N ARG N 153 -52.16 -126.07 65.34
CA ARG N 153 -52.90 -125.07 64.57
C ARG N 153 -53.70 -125.73 63.47
N GLY N 154 -53.13 -126.74 62.82
CA GLY N 154 -53.79 -127.43 61.74
C GLY N 154 -53.84 -126.67 60.44
N ASP N 155 -53.14 -125.54 60.35
CA ASP N 155 -53.22 -124.70 59.17
C ASP N 155 -52.53 -125.37 57.98
N ASN N 156 -53.12 -125.22 56.81
CA ASN N 156 -52.53 -125.77 55.60
C ASN N 156 -51.26 -124.99 55.24
N VAL N 157 -50.19 -125.72 54.96
CA VAL N 157 -48.89 -125.14 54.66
C VAL N 157 -48.64 -125.24 53.17
N TYR N 158 -48.09 -124.17 52.59
CA TYR N 158 -47.83 -124.08 51.17
C TYR N 158 -46.33 -123.96 50.91
N VAL N 159 -45.98 -123.84 49.64
CA VAL N 159 -44.63 -123.54 49.21
C VAL N 159 -44.68 -122.40 48.23
N VAL N 160 -43.52 -121.78 47.98
CA VAL N 160 -43.41 -120.67 47.04
C VAL N 160 -42.88 -121.23 45.73
N THR N 161 -43.66 -121.06 44.66
CA THR N 161 -43.30 -121.57 43.35
C THR N 161 -43.04 -120.48 42.32
N GLU N 162 -43.56 -119.27 42.52
CA GLU N 162 -43.36 -118.17 41.59
C GLU N 162 -43.02 -116.92 42.37
N VAL N 163 -42.07 -116.14 41.85
CA VAL N 163 -41.70 -114.87 42.48
C VAL N 163 -41.46 -113.85 41.38
N LEU N 164 -41.83 -112.60 41.66
CA LEU N 164 -41.63 -111.48 40.75
C LEU N 164 -40.90 -110.38 41.53
N GLN N 165 -39.75 -109.96 41.03
CA GLN N 165 -38.88 -109.06 41.76
C GLN N 165 -38.34 -107.95 40.84
N THR N 166 -37.70 -106.97 41.46
CA THR N 166 -37.21 -105.78 40.78
C THR N 166 -35.71 -105.66 40.94
N GLN N 167 -35.02 -105.19 39.90
CA GLN N 167 -33.57 -104.93 39.93
C GLN N 167 -33.29 -103.49 39.47
N LYS N 168 -33.32 -102.57 40.44
CA LYS N 168 -32.95 -101.15 40.47
C LYS N 168 -33.17 -100.64 41.88
N GLU N 169 -32.75 -99.39 42.10
CA GLU N 169 -33.16 -98.63 43.27
C GLU N 169 -34.42 -97.87 42.88
N VAL N 170 -35.52 -98.60 42.67
CA VAL N 170 -36.75 -98.01 42.18
C VAL N 170 -37.31 -97.10 43.27
N GLU N 171 -37.94 -96.01 42.84
CA GLU N 171 -38.35 -94.97 43.76
C GLU N 171 -39.79 -94.57 43.47
N VAL N 172 -40.43 -94.00 44.48
CA VAL N 172 -41.77 -93.43 44.35
C VAL N 172 -41.75 -92.06 45.00
N THR N 173 -42.44 -91.10 44.37
CA THR N 173 -42.45 -89.73 44.86
C THR N 173 -43.89 -89.20 44.85
N ARG N 174 -44.58 -89.43 45.96
CA ARG N 174 -45.93 -88.91 46.15
C ARG N 174 -45.88 -87.55 46.82
N THR N 175 -46.88 -86.73 46.53
CA THR N 175 -47.10 -85.47 47.20
C THR N 175 -48.58 -85.35 47.54
N HIS N 176 -48.95 -84.25 48.20
CA HIS N 176 -50.33 -84.07 48.62
C HIS N 176 -50.53 -82.62 49.03
N LYS N 177 -51.63 -82.02 48.58
CA LYS N 177 -51.99 -80.67 48.99
C LYS N 177 -53.47 -80.66 49.36
N ARG N 178 -53.78 -80.19 50.56
CA ARG N 178 -55.15 -80.04 51.02
C ARG N 178 -55.32 -78.61 51.49
N GLU N 179 -56.16 -77.84 50.80
CA GLU N 179 -56.35 -76.43 51.09
C GLU N 179 -57.81 -76.20 51.46
N GLY N 180 -58.03 -75.62 52.64
CA GLY N 180 -59.36 -75.26 53.09
C GLY N 180 -59.45 -73.76 53.29
N SER N 181 -60.63 -73.21 53.05
CA SER N 181 -60.86 -71.78 53.19
C SER N 181 -62.32 -71.54 53.53
N GLY N 182 -62.58 -70.32 54.03
CA GLY N 182 -63.94 -69.94 54.39
C GLY N 182 -64.03 -68.53 54.90
N ARG N 183 -65.08 -67.81 54.49
CA ARG N 183 -65.34 -66.46 54.96
C ARG N 183 -66.81 -66.36 55.32
N PHE N 184 -67.11 -66.31 56.62
CA PHE N 184 -68.48 -66.41 57.11
C PHE N 184 -68.93 -65.05 57.62
N SER N 185 -69.95 -64.49 56.98
CA SER N 185 -70.60 -63.27 57.44
C SER N 185 -72.01 -63.69 57.88
N LEU N 186 -72.13 -64.13 59.12
CA LEU N 186 -73.36 -64.74 59.63
C LEU N 186 -73.85 -63.98 60.86
N PRO N 187 -74.73 -62.99 60.66
CA PRO N 187 -75.40 -62.39 61.81
C PRO N 187 -76.48 -63.31 62.37
N GLY N 188 -76.21 -63.93 63.51
CA GLY N 188 -77.13 -64.88 64.09
C GLY N 188 -77.33 -64.71 65.58
N ALA N 189 -77.21 -65.79 66.33
CA ALA N 189 -77.40 -65.79 67.77
C ALA N 189 -76.10 -65.88 68.56
N THR N 190 -75.11 -66.61 68.06
CA THR N 190 -73.83 -66.77 68.74
C THR N 190 -72.68 -65.99 68.13
N CYS N 191 -72.75 -65.67 66.83
CA CYS N 191 -71.68 -64.94 66.16
C CYS N 191 -72.31 -63.96 65.17
N GLU N 192 -71.52 -62.97 64.76
CA GLU N 192 -71.92 -62.00 63.75
C GLU N 192 -71.07 -62.11 62.50
N GLN N 193 -69.77 -62.36 62.65
CA GLN N 193 -68.89 -62.65 61.52
C GLN N 193 -67.81 -63.61 61.99
N GLY N 194 -67.31 -64.42 61.06
CA GLY N 194 -66.29 -65.40 61.41
C GLY N 194 -65.49 -65.84 60.21
N GLU N 195 -64.37 -66.49 60.48
CA GLU N 195 -63.52 -67.06 59.45
C GLU N 195 -62.97 -68.40 59.90
N GLY N 196 -62.66 -69.26 58.94
CA GLY N 196 -62.06 -70.54 59.22
C GLY N 196 -61.36 -71.11 58.01
N GLN N 197 -60.08 -71.49 58.16
CA GLN N 197 -59.32 -72.04 57.06
C GLN N 197 -58.16 -72.85 57.60
N GLY N 198 -57.67 -73.77 56.77
CA GLY N 198 -56.52 -74.56 57.11
C GLY N 198 -56.00 -75.35 55.94
N HIS N 199 -54.70 -75.27 55.68
CA HIS N 199 -54.09 -75.96 54.55
C HIS N 199 -52.80 -76.63 54.99
N LEU N 200 -52.55 -77.82 54.44
CA LEU N 200 -51.32 -78.54 54.74
C LEU N 200 -50.84 -79.24 53.49
N SER N 201 -49.54 -79.14 53.23
CA SER N 201 -48.91 -79.93 52.20
C SER N 201 -48.41 -81.25 52.79
N GLN N 202 -47.80 -82.08 51.95
CA GLN N 202 -47.24 -83.34 52.40
C GLN N 202 -46.37 -83.90 51.30
N LYS N 203 -45.47 -84.80 51.66
CA LYS N 203 -44.57 -85.43 50.72
C LYS N 203 -44.09 -86.75 51.31
N LYS N 204 -43.50 -87.58 50.45
CA LYS N 204 -42.79 -88.78 50.87
C LYS N 204 -42.02 -89.32 49.68
N THR N 205 -41.05 -90.17 49.98
CA THR N 205 -40.19 -90.75 48.94
C THR N 205 -39.62 -92.06 49.48
N VAL N 206 -40.04 -93.18 48.90
CA VAL N 206 -39.59 -94.49 49.30
C VAL N 206 -38.82 -95.11 48.15
N THR N 207 -37.66 -95.69 48.47
CA THR N 207 -36.81 -96.31 47.46
C THR N 207 -36.69 -97.79 47.79
N ILE N 208 -37.19 -98.64 46.88
CA ILE N 208 -37.13 -100.09 47.06
C ILE N 208 -35.87 -100.60 46.36
N PRO N 209 -35.00 -101.31 47.06
CA PRO N 209 -33.75 -101.77 46.47
C PRO N 209 -33.95 -102.99 45.58
N SER N 210 -32.88 -103.39 44.92
CA SER N 210 -32.92 -104.51 44.00
C SER N 210 -33.18 -105.82 44.75
N GLY N 211 -33.86 -106.74 44.08
CA GLY N 211 -34.15 -108.05 44.65
C GLY N 211 -35.22 -108.04 45.70
N SER N 212 -36.30 -107.30 45.46
CA SER N 212 -37.45 -107.25 46.36
C SER N 212 -38.64 -107.91 45.68
N THR N 213 -39.21 -108.92 46.34
CA THR N 213 -40.32 -109.66 45.77
C THR N 213 -41.59 -108.82 45.78
N LEU N 214 -42.34 -108.84 44.68
CA LEU N 214 -43.58 -108.08 44.54
C LEU N 214 -44.83 -108.95 44.64
N ALA N 215 -44.76 -110.20 44.17
CA ALA N 215 -45.90 -111.10 44.20
C ALA N 215 -45.40 -112.53 44.16
N PHE N 216 -46.30 -113.47 44.44
CA PHE N 216 -45.91 -114.87 44.52
C PHE N 216 -47.13 -115.76 44.27
N ARG N 217 -46.85 -117.04 44.05
CA ARG N 217 -47.88 -118.07 43.93
C ARG N 217 -47.48 -119.26 44.78
N VAL N 218 -48.48 -120.05 45.16
CA VAL N 218 -48.29 -121.13 46.13
C VAL N 218 -48.66 -122.47 45.49
N ALA N 219 -48.20 -123.53 46.14
CA ALA N 219 -48.51 -124.90 45.73
C ALA N 219 -48.66 -125.74 47.00
N GLN N 220 -49.91 -126.10 47.31
CA GLN N 220 -50.19 -126.75 48.58
C GLN N 220 -49.60 -128.16 48.63
N LEU N 221 -49.17 -128.55 49.82
CA LEU N 221 -48.68 -129.90 50.10
C LEU N 221 -49.52 -130.52 51.21
N VAL N 222 -49.34 -131.83 51.40
CA VAL N 222 -50.11 -132.59 52.37
C VAL N 222 -49.16 -133.33 53.29
N ILE N 223 -49.43 -133.27 54.60
CA ILE N 223 -48.65 -133.96 55.62
C ILE N 223 -49.62 -134.83 56.41
N ASP N 224 -49.78 -136.08 56.00
CA ASP N 224 -50.53 -137.05 56.79
C ASP N 224 -49.61 -138.11 57.38
N SER N 225 -48.76 -138.71 56.55
CA SER N 225 -47.69 -139.60 56.98
C SER N 225 -46.34 -139.21 56.42
N ASP N 226 -46.30 -138.69 55.18
CA ASP N 226 -45.07 -138.26 54.55
C ASP N 226 -45.37 -137.03 53.71
N LEU N 227 -44.33 -136.41 53.15
CA LEU N 227 -44.50 -135.17 52.41
C LEU N 227 -44.87 -135.46 50.96
N ASP N 228 -45.78 -134.64 50.44
CA ASP N 228 -46.19 -134.71 49.05
C ASP N 228 -46.87 -133.39 48.69
N VAL N 229 -46.42 -132.79 47.59
CA VAL N 229 -46.90 -131.48 47.17
C VAL N 229 -47.86 -131.65 46.00
N LEU N 230 -49.04 -131.06 46.12
CA LEU N 230 -50.02 -131.03 45.04
C LEU N 230 -49.84 -129.72 44.28
N LEU N 231 -49.47 -129.82 43.00
CA LEU N 231 -49.19 -128.61 42.22
C LEU N 231 -50.41 -127.72 42.06
N PHE N 232 -51.61 -128.29 42.15
CA PHE N 232 -52.85 -127.50 42.08
C PHE N 232 -53.98 -128.30 42.73
N PRO N 233 -54.18 -128.12 44.03
CA PRO N 233 -55.24 -128.85 44.74
C PRO N 233 -56.57 -128.12 44.72
N ASP N 234 -57.57 -128.68 45.39
CA ASP N 234 -58.88 -128.08 45.50
C ASP N 234 -59.06 -127.41 46.86
N LYS N 235 -60.15 -126.67 47.00
CA LYS N 235 -60.46 -125.98 48.24
C LYS N 235 -60.78 -126.98 49.34
N LYS N 236 -60.47 -126.60 50.59
CA LYS N 236 -60.72 -127.42 51.77
C LYS N 236 -59.96 -128.74 51.71
N GLN N 237 -58.72 -128.68 51.23
CA GLN N 237 -57.80 -129.82 51.25
C GLN N 237 -56.94 -129.67 52.50
N ARG N 238 -57.25 -130.45 53.53
CA ARG N 238 -56.56 -130.33 54.80
C ARG N 238 -55.19 -130.98 54.73
N THR N 239 -54.14 -130.20 54.98
CA THR N 239 -52.78 -130.74 54.96
C THR N 239 -52.60 -131.79 56.06
N PHE N 240 -53.10 -131.51 57.25
CA PHE N 240 -53.02 -132.43 58.38
C PHE N 240 -54.33 -133.21 58.49
N GLN N 241 -54.47 -133.98 59.57
CA GLN N 241 -55.69 -134.75 59.81
C GLN N 241 -56.49 -134.15 60.95
N SER O 3 -43.64 -85.73 71.53
CA SER O 3 -42.56 -86.54 72.07
C SER O 3 -41.40 -86.64 71.08
N ALA O 4 -41.67 -86.25 69.83
CA ALA O 4 -40.68 -86.16 68.77
C ALA O 4 -40.09 -87.52 68.39
N PHE O 5 -40.58 -88.59 69.03
CA PHE O 5 -40.17 -89.94 68.67
C PHE O 5 -41.33 -90.82 68.23
N GLU O 6 -42.46 -90.79 68.93
CA GLU O 6 -43.59 -91.60 68.53
C GLU O 6 -44.12 -91.21 67.15
N ARG O 7 -44.00 -89.94 66.77
CA ARG O 7 -44.45 -89.51 65.46
C ARG O 7 -43.71 -90.27 64.35
N VAL O 8 -42.39 -90.25 64.40
CA VAL O 8 -41.61 -90.84 63.32
C VAL O 8 -41.69 -92.37 63.32
N VAL O 9 -41.67 -93.00 64.50
CA VAL O 9 -41.78 -94.46 64.53
C VAL O 9 -43.17 -94.91 64.09
N ARG O 10 -44.20 -94.15 64.47
CA ARG O 10 -45.54 -94.46 64.00
C ARG O 10 -45.63 -94.32 62.48
N ARG O 11 -44.99 -93.28 61.92
CA ARG O 11 -44.95 -93.15 60.48
C ARG O 11 -44.23 -94.32 59.82
N VAL O 12 -43.11 -94.74 60.40
CA VAL O 12 -42.34 -95.85 59.83
C VAL O 12 -43.17 -97.14 59.84
N VAL O 13 -43.85 -97.43 60.95
CA VAL O 13 -44.70 -98.62 60.98
C VAL O 13 -45.87 -98.49 60.03
N GLN O 14 -46.48 -97.31 59.92
CA GLN O 14 -47.58 -97.10 58.99
C GLN O 14 -47.15 -97.18 57.53
N GLU O 15 -45.85 -97.01 57.25
CA GLU O 15 -45.34 -97.18 55.89
C GLU O 15 -45.33 -98.65 55.46
N LEU O 16 -45.80 -99.55 56.31
CA LEU O 16 -46.01 -100.94 55.95
C LEU O 16 -47.49 -101.29 55.78
N ASP O 17 -48.38 -100.30 55.88
CA ASP O 17 -49.82 -100.53 55.87
C ASP O 17 -50.21 -101.62 56.86
N HIS O 18 -49.87 -101.40 58.13
CA HIS O 18 -50.12 -102.34 59.23
C HIS O 18 -49.78 -103.78 58.85
N GLY O 19 -48.74 -103.97 58.04
CA GLY O 19 -48.30 -105.29 57.67
C GLY O 19 -47.25 -105.84 58.63
N GLY O 20 -47.47 -107.05 59.13
CA GLY O 20 -46.60 -107.63 60.12
C GLY O 20 -46.80 -107.02 61.50
N GLU O 21 -46.51 -107.82 62.52
CA GLU O 21 -46.70 -107.37 63.89
C GLU O 21 -45.80 -106.18 64.20
N PHE O 22 -44.48 -106.40 64.23
CA PHE O 22 -43.48 -105.35 64.39
C PHE O 22 -43.87 -104.35 65.48
N ILE O 23 -43.94 -104.87 66.70
CA ILE O 23 -44.29 -104.08 67.88
C ILE O 23 -43.33 -102.90 67.98
N PRO O 24 -43.81 -101.67 67.82
CA PRO O 24 -42.92 -100.51 67.83
C PRO O 24 -42.37 -100.22 69.22
N VAL O 25 -41.24 -99.53 69.23
CA VAL O 25 -40.56 -99.17 70.47
C VAL O 25 -40.89 -97.73 70.81
N THR O 26 -40.84 -97.42 72.10
CA THR O 26 -41.15 -96.08 72.59
C THR O 26 -40.02 -95.46 73.39
N SER O 27 -39.23 -96.27 74.09
CA SER O 27 -38.19 -95.77 74.99
C SER O 27 -36.88 -95.61 74.23
N LEU O 28 -36.27 -94.43 74.36
CA LEU O 28 -34.92 -94.25 73.84
C LEU O 28 -33.91 -95.19 74.49
N GLN O 29 -34.12 -95.55 75.76
CA GLN O 29 -33.20 -96.46 76.42
C GLN O 29 -33.45 -97.91 76.01
N SER O 30 -34.69 -98.27 75.71
CA SER O 30 -35.04 -99.63 75.33
C SER O 30 -34.80 -99.91 73.85
N SER O 31 -34.56 -98.86 73.05
CA SER O 31 -34.24 -99.09 71.64
C SER O 31 -32.93 -99.86 71.50
N THR O 32 -31.94 -99.54 72.33
CA THR O 32 -30.67 -100.25 72.28
C THR O 32 -30.76 -101.63 72.91
N GLY O 33 -31.64 -101.82 73.89
CA GLY O 33 -31.77 -103.11 74.54
C GLY O 33 -32.51 -104.16 73.74
N PHE O 34 -33.16 -103.75 72.65
CA PHE O 34 -33.90 -104.68 71.80
C PHE O 34 -32.96 -105.20 70.73
N GLN O 35 -32.40 -106.38 70.98
CA GLN O 35 -31.45 -107.03 70.09
C GLN O 35 -31.89 -108.47 69.87
N PRO O 36 -31.40 -109.14 68.82
CA PRO O 36 -31.72 -110.57 68.65
C PRO O 36 -31.25 -111.37 69.85
N TYR O 37 -32.01 -112.42 70.15
CA TYR O 37 -31.76 -113.32 71.28
C TYR O 37 -31.92 -112.64 72.62
N CYS O 38 -32.61 -111.50 72.67
CA CYS O 38 -32.84 -110.80 73.92
C CYS O 38 -34.16 -111.26 74.53
N LEU O 39 -34.28 -111.09 75.85
CA LEU O 39 -35.47 -111.51 76.58
C LEU O 39 -36.32 -110.31 76.95
N VAL O 40 -37.64 -110.46 76.79
CA VAL O 40 -38.59 -109.45 77.23
C VAL O 40 -39.60 -110.11 78.15
N VAL O 41 -40.21 -109.31 79.01
CA VAL O 41 -41.17 -109.79 79.99
C VAL O 41 -42.45 -108.99 79.86
N ARG O 42 -43.58 -109.68 79.73
CA ARG O 42 -44.87 -109.04 79.60
C ARG O 42 -45.87 -109.73 80.52
N LYS O 43 -46.67 -108.95 81.23
CA LYS O 43 -47.72 -109.48 82.07
C LYS O 43 -48.96 -109.81 81.24
N PRO O 44 -49.84 -110.67 81.76
CA PRO O 44 -51.11 -110.91 81.07
C PRO O 44 -51.97 -109.65 81.01
N SER O 45 -52.78 -109.57 79.96
CA SER O 45 -53.64 -108.42 79.75
C SER O 45 -54.66 -108.29 80.88
N SER O 46 -55.13 -107.07 81.10
CA SER O 46 -55.98 -106.81 82.27
C SER O 46 -57.39 -107.32 82.06
N SER O 47 -58.15 -106.72 81.14
CA SER O 47 -59.43 -107.29 80.75
C SER O 47 -59.50 -107.58 79.25
N TRP O 48 -59.49 -106.57 78.39
CA TRP O 48 -59.37 -106.81 76.95
C TRP O 48 -58.39 -105.85 76.27
N PHE O 49 -58.43 -104.58 76.70
CA PHE O 49 -57.78 -103.51 75.95
C PHE O 49 -56.69 -102.77 76.72
N TRP O 50 -56.57 -103.00 78.03
CA TRP O 50 -55.46 -102.42 78.79
C TRP O 50 -54.21 -103.21 78.42
N LYS O 51 -53.64 -102.85 77.28
CA LYS O 51 -52.54 -103.61 76.70
C LYS O 51 -51.34 -103.63 77.62
N PRO O 52 -50.86 -104.80 78.03
CA PRO O 52 -49.63 -104.86 78.83
C PRO O 52 -48.43 -104.48 77.98
N ARG O 53 -47.86 -103.31 78.25
CA ARG O 53 -46.73 -102.83 77.49
C ARG O 53 -45.52 -103.73 77.72
N TYR O 54 -44.70 -103.87 76.69
CA TYR O 54 -43.55 -104.78 76.75
C TYR O 54 -42.43 -104.16 77.56
N LYS O 55 -41.81 -104.98 78.41
CA LYS O 55 -40.68 -104.56 79.22
C LYS O 55 -39.43 -105.26 78.71
N CYS O 56 -38.47 -104.47 78.25
CA CYS O 56 -37.21 -105.02 77.79
C CYS O 56 -36.32 -105.41 78.98
N VAL O 57 -35.76 -106.60 78.91
CA VAL O 57 -34.81 -107.08 79.91
C VAL O 57 -33.48 -107.32 79.20
N ASN O 58 -32.44 -106.61 79.66
CA ASN O 58 -31.12 -106.69 79.02
C ASN O 58 -30.44 -108.02 79.37
N LEU O 59 -31.05 -109.11 78.89
CA LEU O 59 -30.58 -110.45 79.17
C LEU O 59 -30.66 -111.28 77.88
N SER O 60 -29.61 -112.03 77.61
CA SER O 60 -29.57 -112.89 76.43
C SER O 60 -29.86 -114.34 76.85
N ILE O 61 -29.87 -115.23 75.85
CA ILE O 61 -30.11 -116.65 76.12
C ILE O 61 -28.83 -117.44 76.30
N LYS O 62 -27.67 -116.86 75.96
CA LYS O 62 -26.41 -117.59 76.04
C LYS O 62 -26.05 -117.99 77.47
N ASP O 63 -26.25 -117.09 78.43
CA ASP O 63 -25.95 -117.43 79.82
C ASP O 63 -27.01 -118.31 80.47
N ILE O 64 -28.25 -118.29 79.96
CA ILE O 64 -29.27 -119.16 80.50
C ILE O 64 -28.95 -120.62 80.20
N LEU O 65 -28.56 -120.91 78.97
CA LEU O 65 -28.03 -122.21 78.58
C LEU O 65 -26.60 -122.37 79.09
N GLU O 66 -26.20 -123.63 79.33
CA GLU O 66 -24.96 -123.87 80.05
C GLU O 66 -23.69 -123.53 79.26
N PRO O 67 -23.47 -124.08 78.04
CA PRO O 67 -22.13 -123.96 77.46
C PRO O 67 -21.88 -122.66 76.71
N ASP O 68 -22.30 -121.53 77.29
CA ASP O 68 -21.89 -120.20 76.87
C ASP O 68 -21.93 -120.03 75.34
N ALA O 69 -23.15 -120.01 74.82
CA ALA O 69 -23.36 -120.02 73.37
C ALA O 69 -22.62 -118.89 72.65
N ALA O 70 -23.07 -117.65 72.84
CA ALA O 70 -22.50 -116.49 72.17
C ALA O 70 -22.40 -116.71 70.67
N GLU O 71 -23.51 -117.17 70.08
CA GLU O 71 -23.56 -117.52 68.65
C GLU O 71 -24.72 -116.79 67.99
N PRO O 72 -24.51 -115.55 67.53
CA PRO O 72 -25.54 -114.88 66.75
C PRO O 72 -25.53 -115.36 65.30
N ASP O 73 -26.73 -115.53 64.73
CA ASP O 73 -26.85 -116.02 63.37
C ASP O 73 -27.64 -115.04 62.51
N VAL O 74 -27.31 -113.76 62.61
CA VAL O 74 -27.97 -112.74 61.78
C VAL O 74 -27.42 -112.86 60.36
N GLN O 75 -28.33 -113.11 59.41
CA GLN O 75 -27.94 -113.25 58.02
C GLN O 75 -28.79 -112.41 57.08
N ARG O 76 -29.95 -111.92 57.51
CA ARG O 76 -30.80 -111.09 56.69
C ARG O 76 -30.27 -109.67 56.65
N GLY O 77 -30.42 -109.02 55.49
CA GLY O 77 -29.96 -107.66 55.33
C GLY O 77 -30.46 -107.01 54.05
N ARG O 78 -30.99 -105.80 54.17
CA ARG O 78 -31.52 -105.09 53.02
C ARG O 78 -31.51 -103.60 53.37
N SER O 79 -31.71 -102.74 52.38
CA SER O 79 -31.55 -101.29 52.57
C SER O 79 -32.72 -100.55 51.92
N PHE O 80 -33.69 -100.15 52.75
CA PHE O 80 -34.77 -99.27 52.32
C PHE O 80 -34.46 -97.83 52.71
N HIS O 81 -34.49 -96.94 51.73
CA HIS O 81 -34.29 -95.51 51.96
C HIS O 81 -35.64 -94.81 51.94
N PHE O 82 -35.86 -93.91 52.90
CA PHE O 82 -37.15 -93.23 53.05
C PHE O 82 -36.91 -91.75 53.30
N TYR O 83 -37.87 -90.93 52.86
CA TYR O 83 -37.81 -89.48 53.02
C TYR O 83 -39.23 -88.93 53.00
N ASP O 84 -39.45 -87.81 53.68
CA ASP O 84 -40.74 -87.13 53.65
C ASP O 84 -40.58 -85.72 54.22
N ALA O 85 -41.72 -85.03 54.32
CA ALA O 85 -41.79 -83.69 54.89
C ALA O 85 -43.25 -83.39 55.23
N MET O 86 -43.48 -82.22 55.81
CA MET O 86 -44.82 -81.81 56.20
C MET O 86 -44.78 -80.36 56.64
N ASP O 87 -45.87 -79.63 56.36
CA ASP O 87 -46.09 -78.29 56.88
C ASP O 87 -47.58 -77.98 56.86
N GLY O 88 -47.98 -76.95 57.59
CA GLY O 88 -49.38 -76.57 57.64
C GLY O 88 -49.54 -75.16 58.15
N GLN O 89 -50.78 -74.67 58.10
CA GLN O 89 -51.11 -73.34 58.61
C GLN O 89 -52.61 -73.28 58.85
N ILE O 90 -53.01 -73.08 60.11
CA ILE O 90 -54.41 -72.98 60.47
C ILE O 90 -54.61 -71.69 61.25
N GLN O 91 -55.64 -70.94 60.88
CA GLN O 91 -55.91 -69.65 61.48
C GLN O 91 -57.41 -69.41 61.54
N GLY O 92 -57.78 -68.27 62.08
CA GLY O 92 -59.18 -67.89 62.18
C GLY O 92 -59.32 -66.47 62.69
N SER O 93 -60.49 -65.89 62.42
CA SER O 93 -60.79 -64.54 62.84
C SER O 93 -62.28 -64.40 63.07
N VAL O 94 -62.66 -63.56 64.04
CA VAL O 94 -64.05 -63.36 64.41
C VAL O 94 -64.26 -61.88 64.71
N GLU O 95 -65.33 -61.32 64.14
CA GLU O 95 -65.77 -59.96 64.45
C GLU O 95 -67.14 -60.08 65.11
N LEU O 96 -67.14 -60.19 66.45
CA LEU O 96 -68.34 -60.49 67.21
C LEU O 96 -68.82 -59.27 67.96
N ALA O 97 -70.11 -58.95 67.79
CA ALA O 97 -70.69 -57.80 68.49
C ALA O 97 -72.02 -58.08 69.17
N ALA O 98 -72.81 -59.05 68.71
CA ALA O 98 -74.17 -59.23 69.21
C ALA O 98 -74.24 -59.91 70.57
N PRO O 99 -73.71 -61.18 70.74
CA PRO O 99 -73.99 -61.96 71.96
C PRO O 99 -73.26 -61.44 73.20
N GLY O 100 -73.57 -60.21 73.59
CA GLY O 100 -72.98 -59.62 74.78
C GLY O 100 -72.95 -58.11 74.72
N GLN O 101 -71.88 -57.51 75.26
CA GLN O 101 -71.69 -56.07 75.20
C GLN O 101 -70.35 -55.72 74.56
N ALA O 102 -69.78 -56.61 73.79
CA ALA O 102 -68.41 -56.49 73.30
C ALA O 102 -68.37 -56.26 71.80
N LYS O 103 -67.25 -55.70 71.35
CA LYS O 103 -66.88 -55.62 69.93
C LYS O 103 -65.54 -56.35 69.81
N ILE O 104 -65.61 -57.67 69.65
CA ILE O 104 -64.42 -58.51 69.74
C ILE O 104 -63.73 -58.52 68.38
N ALA O 105 -62.43 -58.22 68.39
CA ALA O 105 -61.58 -58.29 67.20
C ALA O 105 -60.35 -59.11 67.55
N GLY O 106 -60.43 -60.42 67.35
CA GLY O 106 -59.35 -61.31 67.71
C GLY O 106 -59.04 -62.29 66.60
N GLY O 107 -57.96 -63.03 66.79
CA GLY O 107 -57.53 -64.00 65.80
C GLY O 107 -56.52 -64.97 66.39
N ALA O 108 -56.13 -65.94 65.57
CA ALA O 108 -55.18 -66.95 65.97
C ALA O 108 -54.50 -67.52 64.72
N ALA O 109 -53.41 -68.24 64.94
CA ALA O 109 -52.67 -68.85 63.84
C ALA O 109 -51.79 -69.96 64.39
N VAL O 110 -51.81 -71.11 63.74
CA VAL O 110 -50.98 -72.26 64.10
C VAL O 110 -50.20 -72.70 62.87
N SER O 111 -48.90 -72.90 63.05
CA SER O 111 -48.03 -73.33 61.96
C SER O 111 -46.95 -74.26 62.50
N ASP O 112 -46.60 -75.27 61.72
CA ASP O 112 -45.58 -76.23 62.13
C ASP O 112 -44.99 -76.89 60.89
N SER O 113 -44.02 -77.78 61.13
CA SER O 113 -43.37 -78.51 60.06
C SER O 113 -42.72 -79.77 60.62
N SER O 114 -42.12 -80.55 59.72
CA SER O 114 -41.41 -81.77 60.11
C SER O 114 -40.52 -82.20 58.96
N SER O 115 -39.62 -83.14 59.26
CA SER O 115 -38.74 -83.73 58.25
C SER O 115 -38.17 -85.02 58.81
N THR O 116 -37.74 -85.91 57.91
CA THR O 116 -37.22 -87.21 58.30
C THR O 116 -36.54 -87.87 57.10
N SER O 117 -35.48 -88.62 57.35
CA SER O 117 -34.79 -89.40 56.32
C SER O 117 -33.90 -90.44 56.98
N MET O 118 -34.01 -91.69 56.54
CA MET O 118 -33.31 -92.78 57.20
C MET O 118 -33.08 -93.93 56.23
N ASN O 119 -32.29 -94.90 56.68
CA ASN O 119 -32.09 -96.19 56.02
C ASN O 119 -32.36 -97.32 57.01
N VAL O 120 -32.70 -98.49 56.49
CA VAL O 120 -33.30 -99.55 57.30
C VAL O 120 -32.76 -100.91 56.89
N TYR O 121 -32.26 -101.68 57.87
CA TYR O 121 -32.03 -103.12 57.71
C TYR O 121 -33.22 -103.91 58.22
N SER O 122 -33.08 -105.23 58.21
CA SER O 122 -33.99 -106.14 58.88
C SER O 122 -33.22 -107.42 59.18
N LEU O 123 -33.00 -107.69 60.46
CA LEU O 123 -32.26 -108.86 60.88
C LEU O 123 -33.20 -109.86 61.52
N SER O 124 -32.97 -111.14 61.23
CA SER O 124 -33.89 -112.19 61.66
C SER O 124 -33.08 -113.36 62.20
N VAL O 125 -33.79 -114.35 62.73
CA VAL O 125 -33.20 -115.60 63.19
C VAL O 125 -33.98 -116.75 62.60
N ASP O 126 -33.27 -117.74 62.07
CA ASP O 126 -33.92 -118.83 61.37
C ASP O 126 -34.46 -119.86 62.36
N PRO O 127 -35.63 -120.44 62.10
CA PRO O 127 -36.13 -121.51 62.98
C PRO O 127 -35.19 -122.71 63.06
N ASN O 128 -34.46 -123.01 61.98
CA ASN O 128 -33.48 -124.08 62.04
C ASN O 128 -32.36 -123.78 63.04
N THR O 129 -31.93 -122.53 63.15
CA THR O 129 -30.99 -122.17 64.20
C THR O 129 -31.59 -122.39 65.58
N TRP O 130 -32.88 -122.06 65.75
CA TRP O 130 -33.54 -122.30 67.02
C TRP O 130 -33.55 -123.79 67.36
N GLN O 131 -33.86 -124.64 66.39
CA GLN O 131 -33.92 -126.07 66.67
C GLN O 131 -32.53 -126.66 66.93
N THR O 132 -31.51 -126.20 66.19
CA THR O 132 -30.15 -126.65 66.50
C THR O 132 -29.75 -126.26 67.91
N LEU O 133 -30.03 -124.99 68.29
CA LEU O 133 -29.70 -124.51 69.62
C LEU O 133 -30.44 -125.30 70.69
N LEU O 134 -31.72 -125.61 70.46
CA LEU O 134 -32.49 -126.31 71.47
C LEU O 134 -32.04 -127.76 71.61
N HIS O 135 -31.80 -128.45 70.51
CA HIS O 135 -31.43 -129.86 70.59
C HIS O 135 -29.99 -130.10 71.03
N GLU O 136 -29.04 -129.29 70.58
CA GLU O 136 -27.65 -129.51 70.96
C GLU O 136 -27.44 -129.25 72.44
N ARG O 137 -28.11 -128.22 72.96
CA ARG O 137 -27.74 -127.58 74.22
C ARG O 137 -29.00 -127.26 75.03
N HIS O 138 -28.88 -127.43 76.34
CA HIS O 138 -30.02 -127.51 77.24
C HIS O 138 -30.01 -126.36 78.25
N LEU O 139 -30.92 -126.46 79.22
CA LEU O 139 -31.14 -125.42 80.23
C LEU O 139 -30.30 -125.69 81.46
N ARG O 140 -29.64 -124.64 81.97
CA ARG O 140 -29.01 -124.68 83.28
C ARG O 140 -30.10 -124.45 84.32
N GLN O 141 -30.69 -125.55 84.79
CA GLN O 141 -31.86 -125.47 85.66
C GLN O 141 -31.60 -124.76 87.00
N PRO O 142 -30.37 -124.80 87.62
CA PRO O 142 -30.13 -124.03 88.85
C PRO O 142 -29.86 -122.54 88.58
N GLU O 143 -30.68 -121.95 87.71
CA GLU O 143 -30.56 -120.53 87.37
C GLU O 143 -31.94 -119.91 87.52
N HIS O 144 -32.19 -119.31 88.68
CA HIS O 144 -33.42 -118.58 88.94
C HIS O 144 -33.21 -117.27 89.69
N LYS O 145 -31.97 -116.88 89.97
CA LYS O 145 -31.72 -115.61 90.63
C LYS O 145 -32.29 -114.44 89.84
N VAL O 146 -32.43 -114.60 88.52
CA VAL O 146 -33.17 -113.66 87.69
C VAL O 146 -34.56 -114.17 87.37
N LEU O 147 -34.85 -115.44 87.64
CA LEU O 147 -36.13 -116.05 87.28
C LEU O 147 -37.01 -116.43 88.45
N GLN O 148 -36.45 -116.68 89.64
CA GLN O 148 -37.29 -117.08 90.76
C GLN O 148 -38.28 -116.00 91.15
N GLN O 149 -37.82 -114.74 91.23
CA GLN O 149 -38.75 -113.63 91.38
C GLN O 149 -39.66 -113.52 90.16
N LEU O 150 -39.10 -113.72 88.97
CA LEU O 150 -39.90 -113.74 87.76
C LEU O 150 -40.89 -114.90 87.78
N ARG O 151 -40.50 -116.04 88.36
CA ARG O 151 -41.44 -117.15 88.55
C ARG O 151 -42.56 -116.78 89.52
N SER O 152 -42.22 -116.05 90.59
CA SER O 152 -43.25 -115.59 91.51
C SER O 152 -44.22 -114.65 90.83
N ARG O 153 -43.73 -113.74 89.98
CA ARG O 153 -44.62 -112.97 89.13
C ARG O 153 -45.37 -113.88 88.17
N GLY O 154 -44.68 -114.87 87.59
CA GLY O 154 -45.29 -115.77 86.64
C GLY O 154 -45.52 -115.21 85.26
N ASP O 155 -44.96 -114.04 84.96
CA ASP O 155 -45.16 -113.41 83.67
C ASP O 155 -44.51 -114.23 82.57
N ASN O 156 -45.18 -114.31 81.42
CA ASN O 156 -44.64 -115.02 80.28
C ASN O 156 -43.41 -114.29 79.75
N VAL O 157 -42.37 -115.04 79.40
CA VAL O 157 -41.13 -114.48 78.89
C VAL O 157 -41.02 -114.82 77.41
N TYR O 158 -40.60 -113.84 76.61
CA TYR O 158 -40.49 -113.98 75.17
C TYR O 158 -39.04 -113.77 74.76
N VAL O 159 -38.75 -114.08 73.50
CA VAL O 159 -37.44 -113.81 72.91
C VAL O 159 -37.66 -112.96 71.66
N VAL O 160 -36.60 -112.26 71.27
CA VAL O 160 -36.63 -111.38 70.11
C VAL O 160 -36.20 -112.19 68.89
N THR O 161 -37.05 -112.23 67.87
CA THR O 161 -36.78 -112.95 66.64
C THR O 161 -36.66 -112.05 65.42
N GLU O 162 -36.96 -110.76 65.56
CA GLU O 162 -36.91 -109.83 64.44
C GLU O 162 -36.57 -108.45 64.96
N VAL O 163 -35.74 -107.72 64.21
CA VAL O 163 -35.35 -106.37 64.57
C VAL O 163 -35.29 -105.51 63.33
N LEU O 164 -35.62 -104.23 63.48
CA LEU O 164 -35.55 -103.24 62.41
C LEU O 164 -34.76 -102.05 62.94
N GLN O 165 -33.62 -101.76 62.32
CA GLN O 165 -32.71 -100.74 62.80
C GLN O 165 -32.30 -99.79 61.67
N THR O 166 -31.77 -98.64 62.06
CA THR O 166 -31.39 -97.58 61.13
C THR O 166 -29.87 -97.45 61.09
N GLN O 167 -29.32 -97.36 59.87
CA GLN O 167 -27.87 -97.32 59.67
C GLN O 167 -27.48 -96.11 58.81
N LYS O 168 -27.34 -94.95 59.47
CA LYS O 168 -26.83 -93.64 59.04
C LYS O 168 -26.96 -92.65 60.18
N GLU O 169 -26.46 -91.45 59.94
CA GLU O 169 -26.66 -90.31 60.82
C GLU O 169 -28.07 -89.78 60.57
N VAL O 170 -29.06 -90.41 61.19
CA VAL O 170 -30.45 -90.08 60.99
C VAL O 170 -30.89 -89.04 62.02
N GLU O 171 -31.71 -88.10 61.58
CA GLU O 171 -32.14 -87.00 62.43
C GLU O 171 -33.58 -86.65 62.11
N VAL O 172 -34.23 -85.94 63.04
CA VAL O 172 -35.56 -85.40 62.84
C VAL O 172 -35.57 -83.96 63.35
N THR O 173 -36.28 -83.09 62.63
CA THR O 173 -36.37 -81.67 62.99
C THR O 173 -37.83 -81.24 62.92
N ARG O 174 -38.31 -80.67 64.02
CA ARG O 174 -39.67 -80.16 64.12
C ARG O 174 -39.66 -78.67 64.48
N THR O 175 -40.78 -78.02 64.24
CA THR O 175 -41.00 -76.63 64.64
C THR O 175 -42.45 -76.47 65.06
N HIS O 176 -42.79 -75.27 65.52
CA HIS O 176 -44.14 -74.98 65.99
C HIS O 176 -44.28 -73.48 66.17
N LYS O 177 -45.45 -72.95 65.80
CA LYS O 177 -45.75 -71.53 65.97
C LYS O 177 -47.20 -71.39 66.40
N ARG O 178 -47.43 -70.91 67.61
CA ARG O 178 -48.77 -70.68 68.13
C ARG O 178 -48.93 -69.21 68.43
N GLU O 179 -49.89 -68.57 67.76
CA GLU O 179 -50.10 -67.12 67.88
C GLU O 179 -51.53 -66.88 68.31
N GLY O 180 -51.70 -66.13 69.39
CA GLY O 180 -53.02 -65.72 69.85
C GLY O 180 -53.16 -64.21 69.79
N SER O 181 -54.42 -63.76 69.70
CA SER O 181 -54.71 -62.33 69.62
C SER O 181 -56.08 -62.07 70.21
N GLY O 182 -56.32 -60.81 70.57
CA GLY O 182 -57.60 -60.41 71.12
C GLY O 182 -57.70 -58.93 71.38
N ARG O 183 -58.81 -58.32 70.96
CA ARG O 183 -59.06 -56.90 71.18
C ARG O 183 -60.54 -56.73 71.49
N PHE O 184 -60.85 -56.52 72.76
CA PHE O 184 -62.23 -56.46 73.24
C PHE O 184 -62.55 -55.03 73.66
N SER O 185 -63.58 -54.45 73.03
CA SER O 185 -64.13 -53.16 73.42
C SER O 185 -65.52 -53.42 73.96
N LEU O 186 -65.60 -53.74 75.25
CA LEU O 186 -66.85 -54.19 75.87
C LEU O 186 -67.25 -53.23 76.98
N PRO O 187 -68.14 -52.29 76.69
CA PRO O 187 -68.71 -51.47 77.78
C PRO O 187 -69.70 -52.27 78.61
N GLY O 188 -69.30 -52.66 79.81
CA GLY O 188 -70.14 -53.49 80.65
C GLY O 188 -70.10 -53.12 82.12
N ALA O 189 -69.96 -54.13 82.98
CA ALA O 189 -69.95 -53.95 84.42
C ALA O 189 -68.57 -54.03 85.05
N THR O 190 -67.67 -54.83 84.48
CA THR O 190 -66.34 -55.01 85.04
C THR O 190 -65.22 -54.37 84.22
N CYS O 191 -65.42 -54.16 82.92
CA CYS O 191 -64.40 -53.57 82.06
C CYS O 191 -65.08 -52.73 81.00
N GLU O 192 -64.30 -51.87 80.35
CA GLU O 192 -64.76 -51.10 79.21
C GLU O 192 -63.96 -51.42 77.95
N GLN O 193 -62.65 -51.50 78.06
CA GLN O 193 -61.78 -51.83 76.94
C GLN O 193 -60.63 -52.70 77.45
N GLY O 194 -60.28 -53.72 76.67
CA GLY O 194 -59.19 -54.60 77.04
C GLY O 194 -58.63 -55.33 75.84
N GLU O 195 -57.42 -55.84 76.02
CA GLU O 195 -56.73 -56.59 74.98
C GLU O 195 -56.01 -57.79 75.60
N GLY O 196 -55.85 -58.84 74.81
CA GLY O 196 -55.12 -60.01 75.25
C GLY O 196 -54.52 -60.78 74.09
N GLN O 197 -53.21 -61.02 74.14
CA GLN O 197 -52.54 -61.75 73.08
C GLN O 197 -51.25 -62.34 73.61
N GLY O 198 -50.77 -63.38 72.93
CA GLY O 198 -49.52 -64.02 73.28
C GLY O 198 -49.14 -65.11 72.31
N HIS O 199 -47.88 -65.10 71.85
CA HIS O 199 -47.42 -66.06 70.86
C HIS O 199 -46.10 -66.67 71.33
N LEU O 200 -45.88 -67.92 70.98
CA LEU O 200 -44.64 -68.59 71.32
C LEU O 200 -44.19 -69.45 70.14
N SER O 201 -42.91 -69.34 69.79
CA SER O 201 -42.30 -70.24 68.83
C SER O 201 -41.61 -71.39 69.58
N GLN O 202 -41.38 -72.48 68.86
CA GLN O 202 -40.77 -73.65 69.47
C GLN O 202 -40.26 -74.57 68.37
N LYS O 203 -39.19 -75.29 68.68
CA LYS O 203 -38.61 -76.25 67.75
C LYS O 203 -37.74 -77.22 68.53
N LYS O 204 -37.15 -78.17 67.81
CA LYS O 204 -36.23 -79.12 68.41
C LYS O 204 -35.48 -79.85 67.31
N THR O 205 -34.59 -80.74 67.72
CA THR O 205 -33.78 -81.52 66.79
C THR O 205 -33.27 -82.74 67.53
N VAL O 206 -33.69 -83.93 67.09
CA VAL O 206 -33.30 -85.19 67.71
C VAL O 206 -32.52 -86.00 66.68
N THR O 207 -31.48 -86.69 67.15
CA THR O 207 -30.61 -87.46 66.27
C THR O 207 -30.48 -88.88 66.82
N ILE O 208 -30.69 -89.87 65.96
CA ILE O 208 -30.59 -91.27 66.34
C ILE O 208 -29.29 -91.83 65.81
N PRO O 209 -28.52 -92.57 66.61
CA PRO O 209 -27.28 -93.19 66.12
C PRO O 209 -27.57 -94.42 65.27
N SER O 210 -26.55 -94.85 64.54
CA SER O 210 -26.69 -96.01 63.67
C SER O 210 -26.86 -97.28 64.48
N GLY O 211 -27.69 -98.18 63.97
CA GLY O 211 -27.94 -99.45 64.63
C GLY O 211 -28.82 -99.32 65.86
N SER O 212 -29.99 -98.70 65.70
CA SER O 212 -30.95 -98.52 66.78
C SER O 212 -32.26 -99.21 66.38
N THR O 213 -32.69 -100.16 67.20
CA THR O 213 -33.88 -100.95 66.88
C THR O 213 -35.12 -100.07 66.88
N LEU O 214 -35.97 -100.22 65.86
CA LEU O 214 -37.21 -99.47 65.74
C LEU O 214 -38.45 -100.31 66.04
N ALA O 215 -38.43 -101.58 65.70
CA ALA O 215 -39.55 -102.48 65.97
C ALA O 215 -39.01 -103.89 66.12
N PHE O 216 -39.86 -104.80 66.60
CA PHE O 216 -39.42 -106.17 66.85
C PHE O 216 -40.63 -107.09 66.85
N ARG O 217 -40.33 -108.38 66.75
CA ARG O 217 -41.32 -109.45 66.88
C ARG O 217 -40.81 -110.46 67.89
N VAL O 218 -41.74 -111.17 68.51
CA VAL O 218 -41.42 -112.05 69.64
C VAL O 218 -41.79 -113.49 69.29
N ALA O 219 -41.23 -114.41 70.07
CA ALA O 219 -41.56 -115.83 69.96
C ALA O 219 -41.60 -116.40 71.38
N GLN O 220 -42.81 -116.65 71.87
CA GLN O 220 -42.99 -117.07 73.25
C GLN O 220 -42.35 -118.43 73.50
N LEU O 221 -41.84 -118.61 74.71
CA LEU O 221 -41.29 -119.88 75.17
C LEU O 221 -42.01 -120.32 76.44
N VAL O 222 -41.79 -121.58 76.82
CA VAL O 222 -42.46 -122.19 77.96
C VAL O 222 -41.40 -122.76 78.90
N ILE O 223 -41.59 -122.52 80.21
CA ILE O 223 -40.70 -123.04 81.24
C ILE O 223 -41.58 -123.76 82.26
N ASP O 224 -41.74 -125.07 82.10
CA ASP O 224 -42.36 -125.89 83.13
C ASP O 224 -41.34 -126.83 83.78
N SER O 225 -40.58 -127.54 82.97
CA SER O 225 -39.43 -128.32 83.41
C SER O 225 -38.18 -128.01 82.61
N ASP O 226 -38.32 -127.76 81.31
CA ASP O 226 -37.19 -127.44 80.44
C ASP O 226 -37.65 -126.37 79.45
N LEU O 227 -36.70 -125.81 78.72
CA LEU O 227 -36.98 -124.72 77.79
C LEU O 227 -37.46 -125.26 76.46
N ASP O 228 -38.43 -124.55 75.87
CA ASP O 228 -38.93 -124.87 74.54
C ASP O 228 -39.61 -123.63 73.98
N VAL O 229 -39.30 -123.31 72.73
CA VAL O 229 -39.79 -122.09 72.09
C VAL O 229 -40.95 -122.44 71.18
N LEU O 230 -42.07 -121.74 71.36
CA LEU O 230 -43.23 -121.86 70.49
C LEU O 230 -43.27 -120.65 69.58
N LEU O 231 -43.00 -120.86 68.29
CA LEU O 231 -42.85 -119.74 67.37
C LEU O 231 -44.13 -118.93 67.21
N PHE O 232 -45.28 -119.58 67.03
CA PHE O 232 -46.56 -118.88 66.88
C PHE O 232 -47.56 -119.48 67.85
N PRO O 233 -47.42 -119.22 69.13
CA PRO O 233 -48.30 -119.86 70.12
C PRO O 233 -49.69 -119.23 70.15
N ASP O 234 -50.54 -119.70 71.05
CA ASP O 234 -51.87 -119.17 71.23
C ASP O 234 -51.92 -118.27 72.47
N LYS O 235 -53.02 -117.54 72.61
CA LYS O 235 -53.20 -116.70 73.77
C LYS O 235 -53.49 -117.57 74.98
N LYS O 236 -53.31 -117.00 76.18
CA LYS O 236 -53.44 -117.76 77.44
C LYS O 236 -52.49 -118.94 77.46
N GLN O 237 -51.30 -118.77 76.89
CA GLN O 237 -50.25 -119.78 76.94
C GLN O 237 -49.32 -119.41 78.08
N ARG O 238 -49.51 -120.06 79.22
CA ARG O 238 -48.77 -119.71 80.43
C ARG O 238 -47.40 -120.35 80.41
N THR O 239 -46.35 -119.53 80.46
CA THR O 239 -44.99 -120.06 80.44
C THR O 239 -44.72 -120.96 81.63
N PHE O 240 -45.11 -120.51 82.83
CA PHE O 240 -44.95 -121.28 84.04
C PHE O 240 -46.23 -122.10 84.32
N GLN O 241 -46.29 -122.68 85.51
CA GLN O 241 -47.46 -123.47 85.90
C GLN O 241 -48.38 -122.66 86.80
N SER P 3 -35.35 -72.82 88.27
CA SER P 3 -34.30 -73.67 88.82
C SER P 3 -33.18 -73.90 87.80
N ALA P 4 -33.54 -73.73 86.52
CA ALA P 4 -32.59 -73.80 85.40
C ALA P 4 -31.98 -75.19 85.24
N PHE P 5 -32.40 -76.15 86.06
CA PHE P 5 -31.94 -77.53 85.93
C PHE P 5 -33.09 -78.51 85.78
N GLU P 6 -34.20 -78.30 86.50
CA GLU P 6 -35.37 -79.16 86.32
C GLU P 6 -36.01 -78.98 84.96
N ARG P 7 -35.89 -77.79 84.35
CA ARG P 7 -36.44 -77.56 83.03
C ARG P 7 -35.87 -78.55 82.01
N VAL P 8 -34.54 -78.52 81.85
CA VAL P 8 -33.90 -79.36 80.84
C VAL P 8 -34.00 -80.84 81.19
N VAL P 9 -33.87 -81.20 82.46
CA VAL P 9 -33.97 -82.61 82.84
C VAL P 9 -35.38 -83.14 82.59
N ARG P 10 -36.40 -82.35 82.93
CA ARG P 10 -37.77 -82.75 82.66
C ARG P 10 -38.02 -82.87 81.17
N ARG P 11 -37.46 -81.95 80.38
CA ARG P 11 -37.59 -82.05 78.92
C ARG P 11 -36.92 -83.31 78.39
N VAL P 12 -35.75 -83.66 78.93
CA VAL P 12 -35.06 -84.87 78.50
C VAL P 12 -35.87 -86.11 78.82
N VAL P 13 -36.43 -86.19 80.03
CA VAL P 13 -37.28 -87.34 80.37
C VAL P 13 -38.53 -87.37 79.51
N GLN P 14 -39.13 -86.20 79.22
CA GLN P 14 -40.30 -86.13 78.36
C GLN P 14 -40.00 -86.52 76.92
N GLU P 15 -38.76 -86.36 76.45
CA GLU P 15 -38.36 -86.82 75.13
C GLU P 15 -38.21 -88.35 75.07
N LEU P 16 -38.62 -89.05 76.13
CA LEU P 16 -38.77 -90.49 76.09
C LEU P 16 -40.23 -90.93 76.03
N ASP P 17 -41.16 -89.97 76.05
CA ASP P 17 -42.59 -90.26 76.14
C ASP P 17 -42.89 -91.21 77.29
N HIS P 18 -42.32 -90.91 78.46
CA HIS P 18 -42.54 -91.67 79.68
C HIS P 18 -42.12 -93.13 79.54
N GLY P 19 -41.19 -93.40 78.64
CA GLY P 19 -40.69 -94.75 78.45
C GLY P 19 -39.54 -95.07 79.37
N GLY P 20 -39.67 -96.14 80.14
CA GLY P 20 -38.68 -96.48 81.14
C GLY P 20 -38.80 -95.60 82.37
N GLU P 21 -38.43 -96.18 83.52
CA GLU P 21 -38.57 -95.46 84.78
C GLU P 21 -37.69 -94.22 84.81
N PHE P 22 -36.37 -94.41 84.82
CA PHE P 22 -35.40 -93.32 84.78
C PHE P 22 -35.79 -92.17 85.72
N ILE P 23 -35.81 -92.50 87.02
CA ILE P 23 -36.13 -91.53 88.06
C ILE P 23 -35.18 -90.33 87.91
N PRO P 24 -35.68 -89.17 87.50
CA PRO P 24 -34.80 -88.03 87.25
C PRO P 24 -34.19 -87.49 88.54
N VAL P 25 -33.01 -86.89 88.38
CA VAL P 25 -32.27 -86.32 89.49
C VAL P 25 -32.60 -84.84 89.60
N THR P 26 -32.60 -84.34 90.81
CA THR P 26 -32.88 -82.93 91.08
C THR P 26 -31.71 -82.20 91.71
N SER P 27 -30.95 -82.89 92.57
CA SER P 27 -29.79 -82.29 93.22
C SER P 27 -28.61 -82.29 92.25
N LEU P 28 -28.25 -81.11 91.75
CA LEU P 28 -27.12 -81.01 90.84
C LEU P 28 -25.83 -81.52 91.45
N GLN P 29 -25.67 -81.40 92.77
CA GLN P 29 -24.48 -81.94 93.42
C GLN P 29 -24.55 -83.46 93.53
N SER P 30 -25.75 -84.03 93.57
CA SER P 30 -25.92 -85.47 93.71
C SER P 30 -25.88 -86.20 92.38
N SER P 31 -25.85 -85.47 91.25
CA SER P 31 -25.70 -86.12 89.96
C SER P 31 -24.37 -86.87 89.88
N THR P 32 -23.33 -86.30 90.48
CA THR P 32 -22.04 -86.97 90.51
C THR P 32 -22.04 -88.22 91.38
N GLY P 33 -22.82 -88.22 92.47
CA GLY P 33 -22.87 -89.38 93.34
C GLY P 33 -23.69 -90.53 92.80
N PHE P 34 -24.46 -90.31 91.74
CA PHE P 34 -25.27 -91.36 91.13
C PHE P 34 -24.43 -92.05 90.07
N GLN P 35 -23.81 -93.17 90.46
CA GLN P 35 -22.98 -93.97 89.59
C GLN P 35 -23.41 -95.43 89.70
N PRO P 36 -23.08 -96.28 88.73
CA PRO P 36 -23.43 -97.70 88.86
C PRO P 36 -22.79 -98.32 90.09
N TYR P 37 -23.49 -99.31 90.65
CA TYR P 37 -23.08 -100.04 91.85
C TYR P 37 -23.10 -99.18 93.11
N CYS P 38 -23.76 -98.02 93.06
CA CYS P 38 -23.86 -97.14 94.21
C CYS P 38 -25.21 -97.32 94.89
N LEU P 39 -25.20 -97.28 96.22
CA LEU P 39 -26.40 -97.52 97.01
C LEU P 39 -27.19 -96.22 97.17
N VAL P 40 -28.52 -96.35 97.20
CA VAL P 40 -29.40 -95.24 97.53
C VAL P 40 -30.34 -95.69 98.63
N VAL P 41 -30.87 -94.73 99.38
CA VAL P 41 -31.73 -94.99 100.53
C VAL P 41 -33.07 -94.32 100.29
N ARG P 42 -34.15 -95.08 100.46
CA ARG P 42 -35.51 -94.57 100.29
C ARG P 42 -36.39 -95.06 101.43
N LYS P 43 -37.10 -94.13 102.05
CA LYS P 43 -38.05 -94.46 103.10
C LYS P 43 -39.37 -94.93 102.50
N PRO P 44 -40.17 -95.67 103.26
CA PRO P 44 -41.51 -96.02 102.80
C PRO P 44 -42.38 -94.79 102.60
N SER P 45 -43.30 -94.90 101.64
CA SER P 45 -44.18 -93.78 101.30
C SER P 45 -45.10 -93.46 102.48
N SER P 46 -45.62 -92.24 102.48
CA SER P 46 -46.40 -91.79 103.63
C SER P 46 -47.83 -92.33 103.59
N SER P 47 -48.64 -91.91 102.61
CA SER P 47 -49.92 -92.56 102.38
C SER P 47 -50.07 -93.11 100.97
N TRP P 48 -50.20 -92.26 99.95
CA TRP P 48 -50.19 -92.71 98.56
C TRP P 48 -49.41 -91.79 97.64
N PHE P 49 -49.51 -90.48 97.85
CA PHE P 49 -48.88 -89.51 96.94
C PHE P 49 -47.65 -88.82 97.51
N TRP P 50 -47.44 -88.84 98.83
CA TRP P 50 -46.26 -88.19 99.40
C TRP P 50 -45.05 -89.04 99.05
N LYS P 51 -44.57 -88.84 97.83
CA LYS P 51 -43.52 -89.66 97.26
C LYS P 51 -42.23 -89.51 98.06
N PRO P 52 -41.67 -90.59 98.60
CA PRO P 52 -40.36 -90.51 99.26
C PRO P 52 -39.27 -90.31 98.21
N ARG P 53 -38.73 -89.09 98.15
CA ARG P 53 -37.70 -88.79 97.18
C ARG P 53 -36.44 -89.59 97.49
N TYR P 54 -35.76 -90.00 96.43
CA TYR P 54 -34.57 -90.84 96.57
C TYR P 54 -33.41 -90.04 97.11
N LYS P 55 -32.74 -90.59 98.12
CA LYS P 55 -31.57 -89.96 98.73
C LYS P 55 -30.32 -90.69 98.26
N CYS P 56 -29.40 -89.95 97.66
CA CYS P 56 -28.16 -90.54 97.19
C CYS P 56 -27.25 -90.88 98.36
N VAL P 57 -26.52 -91.98 98.23
CA VAL P 57 -25.47 -92.37 99.16
C VAL P 57 -24.20 -92.62 98.37
N ASN P 58 -23.12 -91.96 98.76
CA ASN P 58 -21.84 -92.08 98.05
C ASN P 58 -21.07 -93.30 98.55
N LEU P 59 -21.71 -94.46 98.41
CA LEU P 59 -21.15 -95.72 98.86
C LEU P 59 -21.40 -96.79 97.81
N SER P 60 -20.37 -97.56 97.48
CA SER P 60 -20.48 -98.63 96.50
C SER P 60 -20.62 -99.98 97.20
N ILE P 61 -20.80 -101.04 96.41
CA ILE P 61 -20.93 -102.37 96.97
C ILE P 61 -19.61 -103.12 97.04
N LYS P 62 -18.55 -102.60 96.43
CA LYS P 62 -17.27 -103.31 96.41
C LYS P 62 -16.70 -103.49 97.80
N ASP P 63 -16.73 -102.45 98.64
CA ASP P 63 -16.21 -102.55 99.99
C ASP P 63 -17.13 -103.32 100.92
N ILE P 64 -18.44 -103.32 100.65
CA ILE P 64 -19.36 -104.13 101.44
C ILE P 64 -19.00 -105.60 101.34
N LEU P 65 -18.63 -106.06 100.15
CA LEU P 65 -18.11 -107.41 99.98
C LEU P 65 -16.64 -107.44 100.37
N GLU P 66 -16.18 -108.63 100.78
CA GLU P 66 -14.88 -108.71 101.46
C GLU P 66 -13.69 -108.43 100.53
N PRO P 67 -13.56 -109.07 99.35
CA PRO P 67 -12.27 -109.01 98.66
C PRO P 67 -12.09 -107.81 97.75
N ASP P 68 -12.51 -106.62 98.18
CA ASP P 68 -12.21 -105.35 97.51
C ASP P 68 -12.44 -105.44 95.99
N ALA P 69 -13.72 -105.59 95.64
CA ALA P 69 -14.11 -105.94 94.28
C ALA P 69 -13.57 -104.97 93.22
N ALA P 70 -14.05 -103.73 93.24
CA ALA P 70 -13.65 -102.70 92.27
C ALA P 70 -13.71 -103.23 90.84
N GLU P 71 -14.85 -103.82 90.48
CA GLU P 71 -15.04 -104.47 89.18
C GLU P 71 -16.26 -103.89 88.47
N PRO P 72 -16.11 -102.81 87.72
CA PRO P 72 -17.23 -102.29 86.92
C PRO P 72 -17.36 -103.05 85.61
N ASP P 73 -18.62 -103.22 85.17
CA ASP P 73 -18.91 -103.94 83.94
C ASP P 73 -19.67 -103.05 82.96
N VAL P 74 -19.21 -101.82 82.77
CA VAL P 74 -19.87 -100.88 81.87
C VAL P 74 -19.52 -101.26 80.43
N GLN P 75 -20.55 -101.46 79.61
CA GLN P 75 -20.37 -101.78 78.20
C GLN P 75 -21.29 -101.02 77.26
N ARG P 76 -22.35 -100.39 77.77
CA ARG P 76 -23.35 -99.74 76.95
C ARG P 76 -22.86 -98.41 76.42
N GLY P 77 -23.26 -98.08 75.19
CA GLY P 77 -23.01 -96.76 74.65
C GLY P 77 -23.68 -96.46 73.33
N ARG P 78 -24.39 -95.34 73.27
CA ARG P 78 -24.94 -94.79 72.03
C ARG P 78 -24.92 -93.27 72.13
N SER P 79 -25.23 -92.60 71.02
CA SER P 79 -24.97 -91.17 70.88
C SER P 79 -26.22 -90.46 70.39
N PHE P 80 -26.99 -89.88 71.31
CA PHE P 80 -28.13 -89.04 70.98
C PHE P 80 -27.75 -87.58 71.12
N HIS P 81 -27.89 -86.82 70.03
CA HIS P 81 -27.62 -85.39 70.04
C HIS P 81 -28.93 -84.63 70.04
N PHE P 82 -29.06 -83.69 70.96
CA PHE P 82 -30.31 -82.96 71.17
C PHE P 82 -30.08 -81.47 71.01
N TYR P 83 -31.08 -80.79 70.47
CA TYR P 83 -31.05 -79.34 70.31
C TYR P 83 -32.48 -78.83 70.24
N ASP P 84 -32.71 -77.64 70.76
CA ASP P 84 -34.02 -77.01 70.70
C ASP P 84 -33.90 -75.54 71.06
N ALA P 85 -35.05 -74.86 71.08
CA ALA P 85 -35.11 -73.46 71.43
C ALA P 85 -36.54 -73.12 71.84
N MET P 86 -36.74 -71.91 72.32
CA MET P 86 -38.05 -71.46 72.76
C MET P 86 -38.02 -69.96 73.00
N ASP P 87 -39.10 -69.29 72.64
CA ASP P 87 -39.33 -67.90 73.01
C ASP P 87 -40.83 -67.64 73.06
N GLY P 88 -41.23 -66.63 73.81
CA GLY P 88 -42.64 -66.28 73.93
C GLY P 88 -42.80 -64.85 74.34
N GLN P 89 -43.99 -64.30 74.08
CA GLN P 89 -44.27 -62.92 74.44
C GLN P 89 -45.77 -62.73 74.56
N ILE P 90 -46.25 -62.58 75.79
CA ILE P 90 -47.64 -62.20 76.05
C ILE P 90 -47.65 -60.74 76.48
N GLN P 91 -48.84 -60.14 76.41
CA GLN P 91 -49.00 -58.74 76.79
C GLN P 91 -50.48 -58.45 76.99
N GLY P 92 -50.80 -57.18 77.18
CA GLY P 92 -52.17 -56.76 77.37
C GLY P 92 -52.27 -55.27 77.52
N SER P 93 -53.49 -54.76 77.35
CA SER P 93 -53.77 -53.35 77.54
C SER P 93 -55.23 -53.20 77.97
N VAL P 94 -55.47 -52.27 78.89
CA VAL P 94 -56.79 -52.06 79.45
C VAL P 94 -57.06 -50.56 79.51
N GLU P 95 -58.19 -50.14 78.95
CA GLU P 95 -58.67 -48.76 79.05
C GLU P 95 -60.00 -48.83 79.80
N LEU P 96 -59.93 -48.80 81.12
CA LEU P 96 -61.08 -49.01 81.98
C LEU P 96 -61.54 -47.69 82.59
N ALA P 97 -62.83 -47.37 82.39
CA ALA P 97 -63.37 -46.12 82.92
C ALA P 97 -64.70 -46.29 83.66
N ALA P 98 -65.51 -47.28 83.37
CA ALA P 98 -66.84 -47.39 83.96
C ALA P 98 -66.82 -47.90 85.40
N PRO P 99 -66.28 -49.14 85.69
CA PRO P 99 -66.45 -49.74 87.02
C PRO P 99 -65.61 -49.10 88.11
N GLY P 100 -65.84 -47.81 88.35
CA GLY P 100 -65.12 -47.11 89.39
C GLY P 100 -65.13 -45.61 89.20
N GLN P 101 -64.06 -44.94 89.63
CA GLN P 101 -63.90 -43.50 89.44
C GLN P 101 -62.61 -43.18 88.70
N ALA P 102 -62.09 -44.10 87.91
CA ALA P 102 -60.78 -43.99 87.29
C ALA P 102 -60.89 -44.00 85.77
N LYS P 103 -59.82 -43.51 85.14
CA LYS P 103 -59.60 -43.64 83.69
C LYS P 103 -58.25 -44.34 83.57
N ILE P 104 -58.27 -45.66 83.64
CA ILE P 104 -57.04 -46.45 83.77
C ILE P 104 -56.43 -46.66 82.39
N ALA P 105 -55.14 -46.36 82.27
CA ALA P 105 -54.37 -46.65 81.06
C ALA P 105 -53.16 -47.48 81.47
N GLY P 106 -53.31 -48.80 81.41
CA GLY P 106 -52.26 -49.70 81.87
C GLY P 106 -51.98 -50.79 80.84
N GLY P 107 -50.87 -51.49 81.08
CA GLY P 107 -50.46 -52.56 80.20
C GLY P 107 -49.44 -53.45 80.88
N ALA P 108 -49.05 -54.51 80.16
CA ALA P 108 -48.07 -55.45 80.67
C ALA P 108 -47.41 -56.15 79.49
N ALA P 109 -46.29 -56.80 79.75
CA ALA P 109 -45.55 -57.53 78.73
C ALA P 109 -44.57 -58.47 79.40
N VAL P 110 -44.62 -59.74 79.04
CA VAL P 110 -43.72 -60.77 79.57
C VAL P 110 -43.00 -61.42 78.39
N SER P 111 -41.68 -61.47 78.45
CA SER P 111 -40.87 -62.06 77.39
C SER P 111 -39.79 -62.93 78.01
N ASP P 112 -39.51 -64.06 77.35
CA ASP P 112 -38.48 -64.97 77.83
C ASP P 112 -37.99 -65.82 76.66
N SER P 113 -36.94 -66.59 76.92
CA SER P 113 -36.36 -67.46 75.90
C SER P 113 -35.57 -68.58 76.60
N SER P 114 -35.04 -69.49 75.78
CA SER P 114 -34.26 -70.61 76.29
C SER P 114 -33.45 -71.22 75.15
N SER P 115 -32.52 -72.09 75.52
CA SER P 115 -31.72 -72.83 74.55
C SER P 115 -31.13 -74.05 75.24
N THR P 116 -30.69 -75.02 74.44
CA THR P 116 -30.12 -76.25 74.95
C THR P 116 -29.46 -77.02 73.81
N SER P 117 -28.33 -77.66 74.12
CA SER P 117 -27.64 -78.55 73.19
C SER P 117 -26.87 -79.58 74.01
N MET P 118 -26.99 -80.85 73.64
CA MET P 118 -26.51 -81.91 74.52
C MET P 118 -26.20 -83.16 73.71
N ASN P 119 -25.32 -83.99 74.26
CA ASN P 119 -24.97 -85.31 73.75
C ASN P 119 -24.94 -86.30 74.90
N VAL P 120 -25.46 -87.51 74.64
CA VAL P 120 -25.82 -88.45 75.71
C VAL P 120 -25.36 -89.85 75.36
N TYR P 121 -24.61 -90.49 76.28
CA TYR P 121 -24.41 -91.92 76.35
C TYR P 121 -25.36 -92.54 77.39
N SER P 122 -25.18 -93.84 77.64
CA SER P 122 -25.93 -94.55 78.66
C SER P 122 -25.12 -95.79 79.01
N LEU P 123 -25.11 -96.13 80.29
CA LEU P 123 -24.34 -97.26 80.79
C LEU P 123 -25.26 -98.21 81.53
N SER P 124 -24.91 -99.49 81.52
CA SER P 124 -25.77 -100.53 82.07
C SER P 124 -24.92 -101.56 82.79
N VAL P 125 -25.58 -102.49 83.46
CA VAL P 125 -24.94 -103.62 84.11
C VAL P 125 -25.71 -104.89 83.78
N ASP P 126 -24.99 -105.92 83.36
CA ASP P 126 -25.63 -107.15 82.91
C ASP P 126 -26.09 -107.98 84.12
N PRO P 127 -27.30 -108.54 84.09
CA PRO P 127 -27.75 -109.34 85.23
C PRO P 127 -26.93 -110.62 85.43
N ASN P 128 -26.29 -111.13 84.38
CA ASN P 128 -25.34 -112.22 84.57
C ASN P 128 -24.17 -111.78 85.45
N THR P 129 -23.75 -110.52 85.33
CA THR P 129 -22.73 -110.01 86.25
C THR P 129 -23.25 -109.98 87.68
N TRP P 130 -24.52 -109.62 87.88
CA TRP P 130 -25.09 -109.70 89.21
C TRP P 130 -25.09 -111.13 89.75
N GLN P 131 -25.46 -112.09 88.91
CA GLN P 131 -25.44 -113.49 89.31
C GLN P 131 -24.04 -113.93 89.73
N THR P 132 -23.04 -113.67 88.88
CA THR P 132 -21.67 -114.06 89.19
C THR P 132 -21.16 -113.35 90.44
N LEU P 133 -21.46 -112.07 90.58
CA LEU P 133 -21.01 -111.30 91.74
C LEU P 133 -21.62 -111.86 93.02
N LEU P 134 -22.91 -112.23 92.97
CA LEU P 134 -23.57 -112.74 94.16
C LEU P 134 -23.05 -114.12 94.54
N HIS P 135 -22.85 -115.01 93.56
CA HIS P 135 -22.40 -116.35 93.92
C HIS P 135 -20.92 -116.45 94.20
N GLU P 136 -20.10 -115.51 93.72
CA GLU P 136 -18.66 -115.60 93.96
C GLU P 136 -18.31 -115.23 95.40
N ARG P 137 -19.02 -114.26 95.97
CA ARG P 137 -18.69 -113.71 97.27
C ARG P 137 -19.92 -113.54 98.13
N HIS P 138 -19.71 -113.52 99.44
CA HIS P 138 -20.76 -113.37 100.44
C HIS P 138 -20.65 -111.98 101.07
N LEU P 139 -21.56 -111.70 102.01
CA LEU P 139 -21.59 -110.41 102.69
C LEU P 139 -20.61 -110.42 103.86
N ARG P 140 -19.83 -109.34 103.97
CA ARG P 140 -19.02 -109.12 105.16
C ARG P 140 -19.96 -108.65 106.26
N GLN P 141 -20.50 -109.61 107.02
CA GLN P 141 -21.48 -109.31 108.05
C GLN P 141 -21.01 -108.33 109.13
N PRO P 142 -19.70 -108.27 109.52
CA PRO P 142 -19.26 -107.25 110.47
C PRO P 142 -19.02 -105.89 109.83
N GLU P 143 -19.97 -105.44 109.00
CA GLU P 143 -19.93 -104.13 108.36
C GLU P 143 -21.32 -103.52 108.54
N HIS P 144 -21.55 -102.89 109.69
CA HIS P 144 -22.87 -102.38 110.00
C HIS P 144 -22.89 -101.01 110.65
N LYS P 145 -21.73 -100.41 110.92
CA LYS P 145 -21.72 -99.04 111.43
C LYS P 145 -22.26 -98.07 110.39
N VAL P 146 -22.43 -98.53 109.16
CA VAL P 146 -23.25 -97.81 108.18
C VAL P 146 -24.65 -98.41 108.05
N LEU P 147 -24.92 -99.55 108.68
CA LEU P 147 -26.18 -100.26 108.51
C LEU P 147 -27.04 -100.32 109.76
N GLN P 148 -26.47 -100.34 110.96
CA GLN P 148 -27.29 -100.36 112.17
C GLN P 148 -28.10 -99.07 112.35
N GLN P 149 -27.54 -97.92 111.98
CA GLN P 149 -28.40 -96.74 111.88
C GLN P 149 -29.43 -96.94 110.78
N LEU P 150 -29.01 -97.46 109.63
CA LEU P 150 -29.92 -97.77 108.55
C LEU P 150 -30.92 -98.85 108.97
N ARG P 151 -30.47 -99.83 109.76
CA ARG P 151 -31.38 -100.84 110.29
C ARG P 151 -32.40 -100.24 111.24
N SER P 152 -31.97 -99.29 112.07
CA SER P 152 -32.89 -98.60 112.97
C SER P 152 -33.93 -97.82 112.18
N ARG P 153 -33.51 -97.09 111.15
CA ARG P 153 -34.49 -96.50 110.23
C ARG P 153 -35.24 -97.58 109.47
N GLY P 154 -34.53 -98.63 109.05
CA GLY P 154 -35.14 -99.70 108.31
C GLY P 154 -35.51 -99.37 106.89
N ASP P 155 -35.01 -98.25 106.36
CA ASP P 155 -35.37 -97.84 105.01
C ASP P 155 -34.82 -98.80 103.97
N ASN P 156 -35.63 -99.08 102.97
CA ASN P 156 -35.21 -99.99 101.89
C ASN P 156 -34.10 -99.36 101.08
N VAL P 157 -33.11 -100.16 100.70
CA VAL P 157 -31.94 -99.71 99.97
C VAL P 157 -31.99 -100.30 98.57
N TYR P 158 -31.37 -99.61 97.62
CA TYR P 158 -31.36 -100.02 96.22
C TYR P 158 -29.94 -99.95 95.68
N VAL P 159 -29.77 -100.46 94.46
CA VAL P 159 -28.53 -100.31 93.71
C VAL P 159 -28.86 -99.61 92.40
N VAL P 160 -27.83 -99.01 91.79
CA VAL P 160 -27.98 -98.26 90.56
C VAL P 160 -27.61 -99.17 89.39
N THR P 161 -28.61 -99.51 88.58
CA THR P 161 -28.41 -100.38 87.43
C THR P 161 -28.41 -99.64 86.10
N GLU P 162 -28.88 -98.40 86.06
CA GLU P 162 -28.91 -97.63 84.83
C GLU P 162 -28.48 -96.20 85.12
N VAL P 163 -27.70 -95.63 84.21
CA VAL P 163 -27.30 -94.23 84.28
C VAL P 163 -27.35 -93.64 82.88
N LEU P 164 -27.79 -92.39 82.79
CA LEU P 164 -27.86 -91.65 81.53
C LEU P 164 -27.14 -90.33 81.74
N GLN P 165 -25.88 -90.26 81.32
CA GLN P 165 -25.02 -89.13 81.60
C GLN P 165 -24.67 -88.38 80.32
N THR P 166 -24.31 -87.11 80.51
CA THR P 166 -23.97 -86.21 79.41
C THR P 166 -22.48 -85.95 79.43
N GLN P 167 -21.83 -86.07 78.27
CA GLN P 167 -20.38 -86.04 78.14
C GLN P 167 -19.98 -84.95 77.13
N LYS P 168 -20.13 -83.70 77.55
CA LYS P 168 -19.87 -82.58 76.66
C LYS P 168 -20.08 -81.30 77.45
N GLU P 169 -19.46 -80.22 77.00
CA GLU P 169 -19.66 -78.91 77.61
C GLU P 169 -21.06 -78.44 77.24
N VAL P 170 -22.07 -79.04 77.87
CA VAL P 170 -23.46 -78.70 77.60
C VAL P 170 -23.83 -77.48 78.45
N GLU P 171 -24.65 -76.62 77.87
CA GLU P 171 -24.96 -75.35 78.52
C GLU P 171 -26.37 -74.92 78.14
N VAL P 172 -26.94 -74.06 78.98
CA VAL P 172 -28.26 -73.48 78.75
C VAL P 172 -28.16 -71.97 78.99
N THR P 173 -28.97 -71.20 78.25
CA THR P 173 -29.02 -69.75 78.42
C THR P 173 -30.49 -69.35 78.46
N ARG P 174 -30.93 -68.89 79.62
CA ARG P 174 -32.30 -68.43 79.81
C ARG P 174 -32.33 -66.92 80.03
N THR P 175 -33.38 -66.29 79.53
CA THR P 175 -33.63 -64.88 79.75
C THR P 175 -35.08 -64.71 80.18
N HIS P 176 -35.42 -63.52 80.68
CA HIS P 176 -36.76 -63.31 81.22
C HIS P 176 -37.02 -61.82 81.35
N LYS P 177 -38.18 -61.39 80.88
CA LYS P 177 -38.59 -59.99 80.99
C LYS P 177 -39.93 -59.94 81.72
N ARG P 178 -40.11 -58.94 82.58
CA ARG P 178 -41.39 -58.67 83.22
C ARG P 178 -41.63 -57.17 83.20
N GLU P 179 -42.48 -56.72 82.28
CA GLU P 179 -42.73 -55.30 82.07
C GLU P 179 -44.16 -54.99 82.49
N GLY P 180 -44.31 -54.08 83.44
CA GLY P 180 -45.62 -53.62 83.87
C GLY P 180 -45.70 -52.11 83.76
N SER P 181 -46.91 -51.60 83.59
CA SER P 181 -47.12 -50.17 83.44
C SER P 181 -48.53 -49.82 83.91
N GLY P 182 -48.75 -48.53 84.12
CA GLY P 182 -50.05 -48.05 84.53
C GLY P 182 -50.15 -46.54 84.57
N ARG P 183 -51.29 -46.00 84.16
CA ARG P 183 -51.56 -44.56 84.20
C ARG P 183 -52.98 -44.36 84.66
N PHE P 184 -53.14 -43.93 85.91
CA PHE P 184 -54.46 -43.85 86.55
C PHE P 184 -54.85 -42.40 86.73
N SER P 185 -55.99 -42.02 86.15
CA SER P 185 -56.60 -40.71 86.37
C SER P 185 -57.91 -40.97 87.11
N LEU P 186 -57.83 -41.01 88.44
CA LEU P 186 -58.94 -41.45 89.29
C LEU P 186 -59.32 -40.34 90.26
N PRO P 187 -60.28 -39.50 89.88
CA PRO P 187 -60.83 -38.53 90.85
C PRO P 187 -61.70 -39.21 91.88
N GLY P 188 -61.19 -39.36 93.10
CA GLY P 188 -61.91 -40.06 94.14
C GLY P 188 -61.84 -39.38 95.49
N ALA P 189 -61.48 -40.13 96.52
CA ALA P 189 -61.41 -39.63 97.89
C ALA P 189 -59.99 -39.45 98.41
N THR P 190 -59.07 -40.34 98.04
CA THR P 190 -57.69 -40.26 98.52
C THR P 190 -56.71 -39.74 97.50
N CYS P 191 -56.97 -39.91 96.20
CA CYS P 191 -56.08 -39.43 95.15
C CYS P 191 -56.91 -38.94 93.97
N GLU P 192 -56.26 -38.19 93.09
CA GLU P 192 -56.89 -37.72 91.86
C GLU P 192 -56.17 -38.26 90.62
N GLN P 193 -54.84 -38.26 90.63
CA GLN P 193 -54.06 -38.79 89.52
C GLN P 193 -52.85 -39.53 90.08
N GLY P 194 -52.53 -40.66 89.46
CA GLY P 194 -51.40 -41.45 89.91
C GLY P 194 -50.85 -42.31 88.80
N GLU P 195 -49.62 -42.80 89.02
CA GLU P 195 -48.96 -43.69 88.08
C GLU P 195 -48.26 -44.80 88.82
N GLY P 196 -48.15 -45.96 88.17
CA GLY P 196 -47.41 -47.08 88.72
C GLY P 196 -46.86 -47.99 87.64
N GLN P 197 -45.56 -48.26 87.68
CA GLN P 197 -44.94 -49.12 86.69
C GLN P 197 -43.63 -49.67 87.23
N GLY P 198 -43.17 -50.75 86.61
CA GLY P 198 -41.88 -51.34 86.95
C GLY P 198 -41.54 -52.49 86.04
N HIS P 199 -40.31 -52.50 85.52
CA HIS P 199 -39.86 -53.55 84.62
C HIS P 199 -38.49 -54.03 85.06
N LEU P 200 -38.26 -55.34 84.93
CA LEU P 200 -36.98 -55.92 85.33
C LEU P 200 -36.59 -57.00 84.33
N SER P 201 -35.33 -57.01 83.94
CA SER P 201 -34.77 -58.07 83.13
C SER P 201 -34.12 -59.12 84.04
N GLN P 202 -33.81 -60.28 83.44
CA GLN P 202 -33.22 -61.37 84.20
C GLN P 202 -32.70 -62.41 83.23
N LYS P 203 -31.55 -62.99 83.56
CA LYS P 203 -30.96 -64.04 82.73
C LYS P 203 -29.99 -64.85 83.58
N LYS P 204 -29.57 -65.99 83.04
CA LYS P 204 -28.59 -66.83 83.70
C LYS P 204 -27.99 -67.77 82.66
N THR P 205 -26.94 -68.48 83.08
CA THR P 205 -26.21 -69.38 82.19
C THR P 205 -25.53 -70.44 83.04
N VAL P 206 -25.92 -71.69 82.86
CA VAL P 206 -25.36 -72.81 83.60
C VAL P 206 -24.76 -73.81 82.61
N THR P 207 -23.55 -74.27 82.91
CA THR P 207 -22.84 -75.21 82.04
C THR P 207 -22.54 -76.47 82.83
N ILE P 208 -23.08 -77.59 82.36
CA ILE P 208 -22.89 -78.88 83.01
C ILE P 208 -21.67 -79.57 82.41
N PRO P 209 -20.70 -79.99 83.23
CA PRO P 209 -19.49 -80.60 82.70
C PRO P 209 -19.72 -82.02 82.17
N SER P 210 -18.75 -82.50 81.40
CA SER P 210 -18.85 -83.80 80.78
C SER P 210 -18.90 -84.90 81.84
N GLY P 211 -19.86 -85.81 81.70
CA GLY P 211 -19.98 -86.93 82.61
C GLY P 211 -20.79 -86.63 83.85
N SER P 212 -22.03 -86.18 83.67
CA SER P 212 -22.94 -85.90 84.77
C SER P 212 -24.22 -86.70 84.58
N THR P 213 -24.56 -87.52 85.57
CA THR P 213 -25.73 -88.39 85.47
C THR P 213 -27.01 -87.56 85.51
N LEU P 214 -27.97 -87.93 84.66
CA LEU P 214 -29.26 -87.24 84.58
C LEU P 214 -30.42 -88.06 85.14
N ALA P 215 -30.38 -89.38 84.98
CA ALA P 215 -31.46 -90.24 85.44
C ALA P 215 -30.89 -91.61 85.78
N PHE P 216 -31.67 -92.41 86.50
CA PHE P 216 -31.18 -93.70 86.96
C PHE P 216 -32.37 -94.64 87.16
N ARG P 217 -32.06 -95.93 87.14
CA ARG P 217 -33.02 -96.98 87.49
C ARG P 217 -32.41 -97.84 88.58
N VAL P 218 -33.26 -98.34 89.48
CA VAL P 218 -32.81 -99.00 90.69
C VAL P 218 -33.21 -100.47 90.65
N ALA P 219 -32.59 -101.25 91.54
CA ALA P 219 -32.88 -102.67 91.70
C ALA P 219 -32.83 -103.00 93.18
N GLN P 220 -33.98 -103.27 93.77
CA GLN P 220 -34.08 -103.45 95.21
C GLN P 220 -33.36 -104.72 95.66
N LEU P 221 -32.79 -104.66 96.86
CA LEU P 221 -32.14 -105.79 97.50
C LEU P 221 -32.74 -106.02 98.88
N VAL P 222 -32.47 -107.20 99.44
CA VAL P 222 -33.02 -107.60 100.73
C VAL P 222 -31.88 -108.01 101.65
N ILE P 223 -31.95 -107.58 102.90
CA ILE P 223 -30.95 -107.91 103.92
C ILE P 223 -31.72 -108.45 105.13
N ASP P 224 -31.84 -109.77 105.22
CA ASP P 224 -32.38 -110.40 106.42
C ASP P 224 -31.32 -111.23 107.13
N SER P 225 -30.64 -112.10 106.41
CA SER P 225 -29.48 -112.84 106.90
C SER P 225 -28.28 -112.70 105.98
N ASP P 226 -28.50 -112.65 104.66
CA ASP P 226 -27.44 -112.48 103.69
C ASP P 226 -27.97 -111.60 102.56
N LEU P 227 -27.08 -111.19 101.67
CA LEU P 227 -27.43 -110.25 100.62
C LEU P 227 -28.06 -110.98 99.43
N ASP P 228 -29.07 -110.34 98.84
CA ASP P 228 -29.69 -110.83 97.62
C ASP P 228 -30.41 -109.66 96.97
N VAL P 229 -30.15 -109.46 95.68
CA VAL P 229 -30.72 -108.35 94.93
C VAL P 229 -31.87 -108.87 94.08
N LEU P 230 -33.00 -108.19 94.15
CA LEU P 230 -34.17 -108.50 93.33
C LEU P 230 -34.28 -107.43 92.25
N LEU P 231 -34.05 -107.82 90.99
CA LEU P 231 -34.03 -106.86 89.90
C LEU P 231 -35.38 -106.18 89.70
N PHE P 232 -36.47 -106.81 90.12
CA PHE P 232 -37.82 -106.28 89.93
C PHE P 232 -38.79 -106.92 90.91
N PRO P 233 -38.66 -106.59 92.20
CA PRO P 233 -39.54 -107.20 93.20
C PRO P 233 -40.90 -106.51 93.28
N ASP P 234 -41.72 -106.92 94.24
CA ASP P 234 -43.04 -106.36 94.44
C ASP P 234 -43.00 -105.27 95.51
N LYS P 235 -44.11 -104.54 95.62
CA LYS P 235 -44.19 -103.45 96.58
C LYS P 235 -44.27 -103.97 98.00
N LYS P 236 -43.91 -103.10 98.95
CA LYS P 236 -43.87 -103.44 100.38
C LYS P 236 -42.94 -104.62 100.65
N GLN P 237 -41.88 -104.71 99.86
CA GLN P 237 -40.83 -105.71 100.07
C GLN P 237 -39.78 -105.07 100.98
N ARG P 238 -39.87 -105.35 102.28
CA ARG P 238 -38.99 -104.71 103.25
C ARG P 238 -37.61 -105.35 103.18
N THR P 239 -36.58 -104.50 103.02
CA THR P 239 -35.21 -105.00 102.96
C THR P 239 -34.82 -105.70 104.25
N PHE P 240 -35.09 -105.07 105.39
CA PHE P 240 -34.82 -105.65 106.70
C PHE P 240 -36.06 -106.38 107.20
N GLN P 241 -36.04 -106.76 108.47
CA GLN P 241 -37.18 -107.44 109.07
C GLN P 241 -38.06 -106.44 109.84
N SER Q 3 -26.17 -57.41 101.85
CA SER Q 3 -24.96 -57.97 102.45
C SER Q 3 -23.92 -58.28 101.38
N ALA Q 4 -24.35 -58.25 100.12
CA ALA Q 4 -23.50 -58.42 98.94
C ALA Q 4 -22.88 -59.82 98.87
N PHE Q 5 -23.20 -60.68 99.82
CA PHE Q 5 -22.77 -62.06 99.79
C PHE Q 5 -23.92 -63.04 99.96
N GLU Q 6 -24.92 -62.70 100.77
CA GLU Q 6 -26.08 -63.57 100.93
C GLU Q 6 -26.88 -63.70 99.65
N ARG Q 7 -26.92 -62.66 98.82
CA ARG Q 7 -27.67 -62.74 97.56
C ARG Q 7 -27.12 -63.85 96.67
N VAL Q 8 -25.80 -63.82 96.44
CA VAL Q 8 -25.21 -64.78 95.52
C VAL Q 8 -25.19 -66.20 96.09
N VAL Q 9 -24.94 -66.36 97.39
CA VAL Q 9 -24.94 -67.70 97.96
C VAL Q 9 -26.37 -68.26 97.99
N ARG Q 10 -27.36 -67.40 98.24
CA ARG Q 10 -28.75 -67.85 98.16
C ARG Q 10 -29.10 -68.26 96.73
N ARG Q 11 -28.62 -67.51 95.74
CA ARG Q 11 -28.85 -67.89 94.35
C ARG Q 11 -28.18 -69.22 94.03
N VAL Q 12 -26.96 -69.44 94.53
CA VAL Q 12 -26.25 -70.69 94.28
C VAL Q 12 -27.00 -71.87 94.88
N VAL Q 13 -27.49 -71.73 96.11
CA VAL Q 13 -28.28 -72.80 96.71
C VAL Q 13 -29.60 -73.00 95.97
N GLN Q 14 -30.24 -71.92 95.51
CA GLN Q 14 -31.46 -72.03 94.73
C GLN Q 14 -31.25 -72.67 93.38
N GLU Q 15 -30.02 -72.63 92.84
CA GLU Q 15 -29.69 -73.31 91.60
C GLU Q 15 -29.64 -74.83 91.77
N LEU Q 16 -30.00 -75.34 92.94
CA LEU Q 16 -30.16 -76.77 93.18
C LEU Q 16 -31.61 -77.17 93.38
N ASP Q 17 -32.55 -76.23 93.29
CA ASP Q 17 -33.97 -76.47 93.56
C ASP Q 17 -34.17 -77.15 94.90
N HIS Q 18 -33.47 -76.63 95.93
CA HIS Q 18 -33.51 -77.18 97.28
C HIS Q 18 -33.06 -78.63 97.30
N GLY Q 19 -32.21 -79.01 96.36
CA GLY Q 19 -31.69 -80.37 96.30
C GLY Q 19 -30.57 -80.60 97.29
N GLY Q 20 -30.77 -81.52 98.22
CA GLY Q 20 -29.81 -81.77 99.27
C GLY Q 20 -29.86 -80.71 100.36
N GLU Q 21 -29.40 -81.09 101.54
CA GLU Q 21 -29.38 -80.18 102.67
C GLU Q 21 -28.49 -78.98 102.38
N PHE Q 22 -27.18 -79.23 102.24
CA PHE Q 22 -26.19 -78.24 101.83
C PHE Q 22 -26.38 -76.91 102.58
N ILE Q 23 -26.19 -76.99 103.89
CA ILE Q 23 -26.33 -75.84 104.77
C ILE Q 23 -25.42 -74.72 104.28
N PRO Q 24 -25.98 -73.61 103.78
CA PRO Q 24 -25.14 -72.53 103.25
C PRO Q 24 -24.46 -71.75 104.37
N VAL Q 25 -23.37 -71.08 103.99
CA VAL Q 25 -22.59 -70.27 104.91
C VAL Q 25 -23.03 -68.82 104.77
N THR Q 26 -22.92 -68.08 105.85
CA THR Q 26 -23.27 -66.67 105.87
C THR Q 26 -22.13 -65.77 106.29
N SER Q 27 -21.25 -66.24 107.18
CA SER Q 27 -20.14 -65.44 107.68
C SER Q 27 -18.96 -65.56 106.72
N LEU Q 28 -18.49 -64.41 106.23
CA LEU Q 28 -17.34 -64.40 105.33
C LEU Q 28 -16.09 -65.00 105.95
N GLN Q 29 -15.87 -64.80 107.25
CA GLN Q 29 -14.71 -65.39 107.90
C GLN Q 29 -14.87 -66.90 108.08
N SER Q 30 -16.11 -67.37 108.23
CA SER Q 30 -16.37 -68.79 108.45
C SER Q 30 -16.30 -69.60 107.18
N SER Q 31 -16.21 -68.96 106.02
CA SER Q 31 -16.05 -69.71 104.77
C SER Q 31 -14.74 -70.50 104.77
N THR Q 32 -13.67 -69.87 105.25
CA THR Q 32 -12.38 -70.56 105.32
C THR Q 32 -12.34 -71.64 106.39
N GLY Q 33 -13.15 -71.50 107.44
CA GLY Q 33 -13.13 -72.46 108.53
C GLY Q 33 -13.89 -73.74 108.25
N PHE Q 34 -14.68 -73.78 107.18
CA PHE Q 34 -15.47 -74.96 106.84
C PHE Q 34 -14.68 -75.81 105.86
N GLN Q 35 -13.88 -76.71 106.42
CA GLN Q 35 -13.09 -77.67 105.65
C GLN Q 35 -13.51 -79.08 106.05
N PRO Q 36 -13.22 -80.09 105.23
CA PRO Q 36 -13.58 -81.46 105.62
C PRO Q 36 -12.85 -81.88 106.89
N TYR Q 37 -13.49 -82.80 107.64
CA TYR Q 37 -12.97 -83.33 108.90
C TYR Q 37 -12.93 -82.28 110.01
N CYS Q 38 -13.60 -81.14 109.82
CA CYS Q 38 -13.65 -80.11 110.84
C CYS Q 38 -14.89 -80.27 111.70
N LEU Q 39 -14.79 -79.83 112.96
CA LEU Q 39 -15.89 -79.94 113.91
C LEU Q 39 -16.72 -78.66 113.90
N VAL Q 40 -18.03 -78.82 114.06
CA VAL Q 40 -18.93 -77.68 114.27
C VAL Q 40 -19.77 -77.99 115.50
N VAL Q 41 -20.27 -76.92 116.14
CA VAL Q 41 -21.02 -77.03 117.38
C VAL Q 41 -22.38 -76.35 117.17
N ARG Q 42 -23.44 -77.08 117.48
CA ARG Q 42 -24.80 -76.55 117.39
C ARG Q 42 -25.55 -76.90 118.67
N LYS Q 43 -26.18 -75.89 119.27
CA LYS Q 43 -27.03 -76.11 120.42
C LYS Q 43 -28.37 -76.70 119.98
N PRO Q 44 -29.09 -77.34 120.89
CA PRO Q 44 -30.44 -77.80 120.57
C PRO Q 44 -31.36 -76.63 120.27
N SER Q 45 -32.33 -76.88 119.39
CA SER Q 45 -33.29 -75.86 119.00
C SER Q 45 -34.15 -75.46 120.19
N SER Q 46 -34.72 -74.25 120.13
CA SER Q 46 -35.45 -73.74 121.28
C SER Q 46 -36.83 -74.38 121.38
N SER Q 47 -37.73 -74.09 120.43
CA SER Q 47 -38.96 -74.87 120.31
C SER Q 47 -39.11 -75.49 118.92
N TRP Q 48 -39.31 -74.68 117.88
CA TRP Q 48 -39.37 -75.21 116.52
C TRP Q 48 -38.60 -74.35 115.51
N PHE Q 49 -38.68 -73.02 115.66
CA PHE Q 49 -38.24 -72.11 114.62
C PHE Q 49 -37.11 -71.18 115.04
N TRP Q 50 -36.76 -71.13 116.33
CA TRP Q 50 -35.53 -70.46 116.75
C TRP Q 50 -34.38 -71.38 116.39
N LYS Q 51 -34.11 -71.46 115.09
CA LYS Q 51 -33.16 -72.41 114.54
C LYS Q 51 -31.76 -72.10 115.06
N PRO Q 52 -31.08 -73.03 115.72
CA PRO Q 52 -29.72 -72.77 116.19
C PRO Q 52 -28.75 -72.69 115.02
N ARG Q 53 -28.28 -71.48 114.73
CA ARG Q 53 -27.36 -71.29 113.63
C ARG Q 53 -26.04 -71.99 113.92
N TYR Q 54 -25.51 -72.65 112.88
CA TYR Q 54 -24.29 -73.43 113.05
C TYR Q 54 -23.11 -72.52 113.31
N LYS Q 55 -22.29 -72.88 114.30
CA LYS Q 55 -21.12 -72.10 114.68
C LYS Q 55 -19.87 -72.89 114.33
N CYS Q 56 -19.09 -72.36 113.40
CA CYS Q 56 -17.88 -73.05 112.96
C CYS Q 56 -16.84 -73.05 114.07
N VAL Q 57 -16.14 -74.18 114.19
CA VAL Q 57 -15.02 -74.31 115.11
C VAL Q 57 -13.80 -74.73 114.30
N ASN Q 58 -12.73 -73.95 114.40
CA ASN Q 58 -11.49 -74.22 113.65
C ASN Q 58 -10.72 -75.36 114.30
N LEU Q 59 -11.32 -76.55 114.25
CA LEU Q 59 -10.77 -77.72 114.93
C LEU Q 59 -10.96 -78.94 114.03
N SER Q 60 -9.91 -79.76 113.93
CA SER Q 60 -9.97 -80.97 113.13
C SER Q 60 -10.09 -82.19 114.03
N ILE Q 61 -10.11 -83.38 113.42
CA ILE Q 61 -10.23 -84.63 114.17
C ILE Q 61 -8.91 -85.37 114.29
N LYS Q 62 -7.88 -84.95 113.56
CA LYS Q 62 -6.58 -85.60 113.64
C LYS Q 62 -5.96 -85.47 115.03
N ASP Q 63 -6.16 -84.33 115.70
CA ASP Q 63 -5.70 -84.20 117.07
C ASP Q 63 -6.54 -84.98 118.07
N ILE Q 64 -7.84 -85.13 117.82
CA ILE Q 64 -8.69 -85.88 118.74
C ILE Q 64 -8.22 -87.33 118.83
N LEU Q 65 -7.92 -87.96 117.70
CA LEU Q 65 -7.26 -89.26 117.74
C LEU Q 65 -5.80 -89.10 118.15
N GLU Q 66 -5.27 -90.16 118.78
CA GLU Q 66 -3.96 -90.04 119.41
C GLU Q 66 -2.81 -89.94 118.41
N PRO Q 67 -2.70 -90.82 117.39
CA PRO Q 67 -1.45 -90.84 116.62
C PRO Q 67 -1.43 -89.94 115.40
N ASP Q 68 -1.90 -88.70 115.54
CA ASP Q 68 -1.65 -87.62 114.58
C ASP Q 68 -1.89 -88.06 113.13
N ALA Q 69 -3.14 -88.42 112.84
CA ALA Q 69 -3.50 -89.00 111.55
C ALA Q 69 -3.11 -88.12 110.37
N ALA Q 70 -3.68 -86.92 110.27
CA ALA Q 70 -3.43 -86.00 109.16
C ALA Q 70 -3.64 -86.69 107.81
N GLU Q 71 -4.83 -87.28 107.63
CA GLU Q 71 -5.14 -88.11 106.47
C GLU Q 71 -6.43 -87.63 105.81
N PRO Q 72 -6.35 -86.67 104.89
CA PRO Q 72 -7.53 -86.28 104.12
C PRO Q 72 -7.77 -87.23 102.96
N ASP Q 73 -9.06 -87.49 102.68
CA ASP Q 73 -9.43 -88.40 101.60
C ASP Q 73 -10.33 -87.70 100.59
N VAL Q 74 -9.95 -86.51 100.17
CA VAL Q 74 -10.72 -85.76 99.17
C VAL Q 74 -10.49 -86.37 97.79
N GLN Q 75 -11.57 -86.76 97.13
CA GLN Q 75 -11.49 -87.33 95.78
C GLN Q 75 -12.54 -86.79 94.82
N ARG Q 76 -13.59 -86.15 95.31
CA ARG Q 76 -14.65 -85.63 94.46
C ARG Q 76 -14.21 -84.35 93.76
N GLY Q 77 -14.61 -84.20 92.50
CA GLY Q 77 -14.30 -82.99 91.77
C GLY Q 77 -15.00 -82.88 90.42
N ARG Q 78 -15.65 -81.73 90.18
CA ARG Q 78 -16.32 -81.44 88.93
C ARG Q 78 -16.07 -79.99 88.55
N SER Q 79 -16.82 -79.50 87.58
CA SER Q 79 -16.64 -78.12 87.10
C SER Q 79 -17.99 -77.59 86.60
N PHE Q 80 -18.70 -76.86 87.46
CA PHE Q 80 -19.91 -76.16 87.06
C PHE Q 80 -19.58 -74.68 86.85
N HIS Q 81 -19.86 -74.18 85.66
CA HIS Q 81 -19.68 -72.77 85.35
C HIS Q 81 -21.04 -72.09 85.34
N PHE Q 82 -21.18 -71.05 86.16
CA PHE Q 82 -22.46 -70.36 86.32
C PHE Q 82 -22.28 -68.87 86.03
N TYR Q 83 -23.26 -68.29 85.36
CA TYR Q 83 -23.26 -66.87 85.05
C TYR Q 83 -24.69 -66.37 85.10
N ASP Q 84 -24.86 -65.09 85.43
CA ASP Q 84 -26.18 -64.47 85.42
C ASP Q 84 -26.01 -62.95 85.40
N ALA Q 85 -27.15 -62.27 85.50
CA ALA Q 85 -27.20 -60.82 85.59
C ALA Q 85 -28.58 -60.44 86.11
N MET Q 86 -28.80 -59.13 86.25
CA MET Q 86 -30.09 -58.65 86.71
C MET Q 86 -30.18 -57.15 86.46
N ASP Q 87 -31.38 -56.69 86.12
CA ASP Q 87 -31.68 -55.28 85.97
C ASP Q 87 -33.10 -55.06 86.47
N GLY Q 88 -33.34 -53.89 87.06
CA GLY Q 88 -34.66 -53.56 87.55
C GLY Q 88 -34.80 -52.07 87.71
N GLN Q 89 -36.01 -51.57 87.48
CA GLN Q 89 -36.26 -50.14 87.57
C GLN Q 89 -37.76 -49.93 87.74
N ILE Q 90 -38.17 -49.37 88.89
CA ILE Q 90 -39.54 -48.97 89.12
C ILE Q 90 -39.56 -47.47 89.36
N GLN Q 91 -40.76 -46.90 89.34
CA GLN Q 91 -40.92 -45.47 89.58
C GLN Q 91 -42.36 -45.21 90.00
N GLY Q 92 -42.71 -43.94 90.08
CA GLY Q 92 -44.05 -43.55 90.46
C GLY Q 92 -44.26 -42.07 90.26
N SER Q 93 -45.52 -41.68 90.16
CA SER Q 93 -45.90 -40.28 90.01
C SER Q 93 -47.34 -40.11 90.46
N VAL Q 94 -47.58 -39.03 91.20
CA VAL Q 94 -48.90 -38.72 91.74
C VAL Q 94 -49.11 -37.21 91.66
N GLU Q 95 -50.19 -36.79 91.02
CA GLU Q 95 -50.57 -35.38 90.96
C GLU Q 95 -51.83 -35.27 91.82
N LEU Q 96 -51.64 -35.01 93.11
CA LEU Q 96 -52.71 -35.02 94.09
C LEU Q 96 -53.17 -33.60 94.40
N ALA Q 97 -54.48 -33.37 94.25
CA ALA Q 97 -55.03 -32.04 94.53
C ALA Q 97 -56.28 -32.05 95.41
N ALA Q 98 -57.06 -33.13 95.45
CA ALA Q 98 -58.34 -33.12 96.13
C ALA Q 98 -58.23 -33.23 97.65
N PRO Q 99 -57.61 -34.32 98.22
CA PRO Q 99 -57.71 -34.58 99.67
C PRO Q 99 -56.91 -33.62 100.54
N GLY Q 100 -57.29 -32.35 100.52
CA GLY Q 100 -56.66 -31.35 101.35
C GLY Q 100 -56.64 -29.97 100.72
N GLN Q 101 -55.57 -29.21 100.97
CA GLN Q 101 -55.39 -27.89 100.38
C GLN Q 101 -54.15 -27.85 99.49
N ALA Q 102 -53.69 -28.99 99.02
CA ALA Q 102 -52.41 -29.12 98.35
C ALA Q 102 -52.57 -29.31 96.85
N LYS Q 103 -51.49 -29.00 96.13
CA LYS Q 103 -51.34 -29.32 94.71
C LYS Q 103 -49.98 -30.01 94.60
N ILE Q 104 -49.98 -31.33 94.82
CA ILE Q 104 -48.75 -32.09 94.98
C ILE Q 104 -48.35 -32.69 93.65
N ALA Q 105 -47.10 -32.47 93.24
CA ALA Q 105 -46.53 -33.07 92.05
C ALA Q 105 -45.18 -33.68 92.42
N GLY Q 106 -45.19 -34.97 92.76
CA GLY Q 106 -43.99 -35.65 93.19
C GLY Q 106 -43.76 -36.92 92.39
N GLY Q 107 -42.60 -37.54 92.66
CA GLY Q 107 -42.23 -38.77 91.97
C GLY Q 107 -41.17 -39.51 92.72
N ALA Q 108 -40.81 -40.68 92.18
CA ALA Q 108 -39.78 -41.53 92.77
C ALA Q 108 -39.22 -42.43 91.69
N ALA Q 109 -38.09 -43.07 92.00
CA ALA Q 109 -37.44 -43.97 91.06
C ALA Q 109 -36.40 -44.81 91.80
N VAL Q 110 -36.39 -46.12 91.51
CA VAL Q 110 -35.43 -47.04 92.09
C VAL Q 110 -34.81 -47.85 90.95
N SER Q 111 -33.47 -47.94 90.96
CA SER Q 111 -32.75 -48.69 89.95
C SER Q 111 -31.59 -49.43 90.59
N ASP Q 112 -31.35 -50.65 90.12
CA ASP Q 112 -30.26 -51.47 90.64
C ASP Q 112 -29.86 -52.51 89.60
N SER Q 113 -28.75 -53.19 89.87
CA SER Q 113 -28.22 -54.20 88.98
C SER Q 113 -27.37 -55.19 89.78
N SER Q 114 -26.96 -56.26 89.10
CA SER Q 114 -26.12 -57.28 89.73
C SER Q 114 -25.41 -58.06 88.64
N SER Q 115 -24.36 -58.79 89.05
CA SER Q 115 -23.61 -59.65 88.15
C SER Q 115 -22.86 -60.68 88.97
N THR Q 116 -22.54 -61.81 88.33
CA THR Q 116 -21.82 -62.90 88.99
C THR Q 116 -21.32 -63.87 87.92
N SER Q 117 -20.08 -64.31 88.07
CA SER Q 117 -19.50 -65.36 87.23
C SER Q 117 -18.53 -66.17 88.07
N MET Q 118 -18.71 -67.49 88.08
CA MET Q 118 -17.99 -68.33 89.02
C MET Q 118 -17.91 -69.76 88.49
N ASN Q 119 -17.02 -70.53 89.10
CA ASN Q 119 -16.87 -71.96 88.86
C ASN Q 119 -16.96 -72.70 90.19
N VAL Q 120 -17.49 -73.91 90.15
CA VAL Q 120 -17.88 -74.62 91.37
C VAL Q 120 -17.25 -76.01 91.38
N TYR Q 121 -16.61 -76.35 92.49
CA TYR Q 121 -16.12 -77.69 92.80
C TYR Q 121 -16.95 -78.29 93.92
N SER Q 122 -16.61 -79.51 94.32
CA SER Q 122 -17.25 -80.16 95.45
C SER Q 122 -16.36 -81.27 95.97
N LEU Q 123 -16.04 -81.22 97.26
CA LEU Q 123 -15.16 -82.19 97.88
C LEU Q 123 -15.88 -82.92 99.01
N SER Q 124 -15.86 -84.24 98.96
CA SER Q 124 -16.62 -85.07 99.89
C SER Q 124 -15.70 -86.12 100.50
N VAL Q 125 -16.29 -86.98 101.32
CA VAL Q 125 -15.56 -88.03 102.02
C VAL Q 125 -16.36 -89.33 101.97
N ASP Q 126 -15.67 -90.45 101.80
CA ASP Q 126 -16.33 -91.73 101.62
C ASP Q 126 -16.73 -92.32 102.98
N PRO Q 127 -17.90 -92.97 103.08
CA PRO Q 127 -18.27 -93.63 104.34
C PRO Q 127 -17.30 -94.72 104.76
N ASN Q 128 -16.69 -95.44 103.82
CA ASN Q 128 -15.72 -96.47 104.18
C ASN Q 128 -14.49 -95.88 104.87
N THR Q 129 -14.10 -94.66 104.51
CA THR Q 129 -13.05 -93.97 105.24
C THR Q 129 -13.45 -93.71 106.67
N TRP Q 130 -14.71 -93.30 106.90
CA TRP Q 130 -15.22 -93.16 108.26
C TRP Q 130 -15.13 -94.49 109.00
N GLN Q 131 -15.52 -95.58 108.34
CA GLN Q 131 -15.49 -96.90 108.94
C GLN Q 131 -14.09 -97.29 109.39
N THR Q 132 -13.10 -97.21 108.50
CA THR Q 132 -11.75 -97.59 108.88
C THR Q 132 -11.16 -96.62 109.91
N LEU Q 133 -11.41 -95.32 109.73
CA LEU Q 133 -10.93 -94.30 110.65
C LEU Q 133 -11.39 -94.60 112.07
N LEU Q 134 -12.63 -95.07 112.22
CA LEU Q 134 -13.09 -95.51 113.53
C LEU Q 134 -12.46 -96.82 113.94
N HIS Q 135 -12.25 -97.74 112.98
CA HIS Q 135 -11.70 -99.05 113.33
C HIS Q 135 -10.29 -99.01 113.90
N GLU Q 136 -9.28 -98.64 113.09
CA GLU Q 136 -7.90 -98.80 113.57
C GLU Q 136 -7.58 -97.87 114.74
N ARG Q 137 -8.24 -96.72 114.83
CA ARG Q 137 -7.73 -95.61 115.61
C ARG Q 137 -8.84 -94.89 116.39
N HIS Q 138 -8.57 -94.68 117.69
CA HIS Q 138 -9.55 -94.39 118.73
C HIS Q 138 -9.38 -92.96 119.28
N LEU Q 139 -10.08 -92.73 120.40
CA LEU Q 139 -10.14 -91.41 121.04
C LEU Q 139 -9.12 -91.29 122.16
N ARG Q 140 -8.54 -90.10 122.29
CA ARG Q 140 -7.81 -89.69 123.50
C ARG Q 140 -8.83 -89.29 124.56
N GLN Q 141 -9.11 -90.19 125.49
CA GLN Q 141 -10.01 -89.86 126.58
C GLN Q 141 -9.48 -88.75 127.51
N PRO Q 142 -8.12 -88.55 127.68
CA PRO Q 142 -7.63 -87.39 128.43
C PRO Q 142 -7.50 -86.13 127.57
N GLU Q 143 -8.52 -85.86 126.76
CA GLU Q 143 -8.54 -84.68 125.88
C GLU Q 143 -9.93 -84.05 126.02
N HIS Q 144 -10.03 -83.06 126.91
CA HIS Q 144 -11.28 -82.35 127.08
C HIS Q 144 -11.12 -80.85 127.29
N LYS Q 145 -9.90 -80.31 127.18
CA LYS Q 145 -9.74 -78.86 127.24
C LYS Q 145 -10.60 -78.15 126.21
N VAL Q 146 -10.80 -78.74 125.04
CA VAL Q 146 -11.75 -78.23 124.07
C VAL Q 146 -13.11 -78.89 124.19
N LEU Q 147 -13.26 -79.90 125.06
CA LEU Q 147 -14.48 -80.66 125.17
C LEU Q 147 -15.15 -80.57 126.54
N GLN Q 148 -14.40 -80.32 127.61
CA GLN Q 148 -15.01 -80.30 128.94
C GLN Q 148 -16.02 -79.17 129.07
N GLN Q 149 -15.67 -77.97 128.62
CA GLN Q 149 -16.68 -76.91 128.55
C GLN Q 149 -17.75 -77.24 127.53
N LEU Q 150 -17.37 -77.87 126.41
CA LEU Q 150 -18.35 -78.39 125.48
C LEU Q 150 -19.24 -79.45 126.13
N ARG Q 151 -18.67 -80.27 127.01
CA ARG Q 151 -19.47 -81.23 127.76
C ARG Q 151 -20.44 -80.52 128.71
N SER Q 152 -19.99 -79.45 129.37
CA SER Q 152 -20.87 -78.69 130.25
C SER Q 152 -22.02 -78.06 129.47
N ARG Q 153 -21.74 -77.46 128.32
CA ARG Q 153 -22.81 -77.00 127.45
C ARG Q 153 -23.62 -78.17 126.90
N GLY Q 154 -22.95 -79.27 126.58
CA GLY Q 154 -23.63 -80.47 126.12
C GLY Q 154 -24.14 -80.42 124.70
N ASP Q 155 -23.69 -79.44 123.91
CA ASP Q 155 -24.18 -79.29 122.55
C ASP Q 155 -23.73 -80.45 121.67
N ASN Q 156 -24.63 -80.87 120.77
CA ASN Q 156 -24.31 -81.93 119.83
C ASN Q 156 -23.24 -81.44 118.86
N VAL Q 157 -22.26 -82.28 118.59
CA VAL Q 157 -21.11 -81.93 117.76
C VAL Q 157 -21.20 -82.70 116.45
N TYR Q 158 -20.92 -82.02 115.35
CA TYR Q 158 -20.97 -82.59 114.01
C TYR Q 158 -19.59 -82.55 113.38
N VAL Q 159 -19.45 -83.26 112.27
CA VAL Q 159 -18.26 -83.19 111.44
C VAL Q 159 -18.67 -82.77 110.04
N VAL Q 160 -17.71 -82.22 109.30
CA VAL Q 160 -17.95 -81.74 107.95
C VAL Q 160 -17.68 -82.87 106.98
N THR Q 161 -18.75 -83.41 106.38
CA THR Q 161 -18.65 -84.53 105.47
C THR Q 161 -18.75 -84.14 104.00
N GLU Q 162 -19.03 -82.87 103.70
CA GLU Q 162 -19.19 -82.43 102.32
C GLU Q 162 -19.00 -80.92 102.29
N VAL Q 163 -18.27 -80.44 101.28
CA VAL Q 163 -18.06 -79.01 101.09
C VAL Q 163 -18.28 -78.68 99.63
N LEU Q 164 -18.79 -77.47 99.37
CA LEU Q 164 -18.91 -76.91 98.04
C LEU Q 164 -18.04 -75.65 98.02
N GLN Q 165 -16.82 -75.77 97.51
CA GLN Q 165 -15.86 -74.68 97.53
C GLN Q 165 -15.43 -74.34 96.11
N THR Q 166 -15.11 -73.06 95.90
CA THR Q 166 -14.81 -72.52 94.59
C THR Q 166 -13.42 -71.89 94.60
N GLN Q 167 -12.63 -72.18 93.56
CA GLN Q 167 -11.34 -71.52 93.37
C GLN Q 167 -11.23 -70.95 91.96
N LYS Q 168 -11.78 -69.74 91.80
CA LYS Q 168 -11.64 -68.78 90.71
C LYS Q 168 -11.86 -67.39 91.31
N GLU Q 169 -11.38 -66.37 90.59
CA GLU Q 169 -11.50 -65.00 91.06
C GLU Q 169 -12.89 -64.49 90.73
N VAL Q 170 -13.88 -64.90 91.52
CA VAL Q 170 -15.25 -64.46 91.36
C VAL Q 170 -15.41 -63.08 91.96
N GLU Q 171 -16.25 -62.26 91.32
CA GLU Q 171 -16.54 -60.92 91.82
C GLU Q 171 -18.03 -60.66 91.67
N VAL Q 172 -18.54 -59.77 92.54
CA VAL Q 172 -19.93 -59.34 92.47
C VAL Q 172 -19.96 -57.82 92.41
N THR Q 173 -20.71 -57.27 91.46
CA THR Q 173 -20.77 -55.83 91.23
C THR Q 173 -22.22 -55.40 91.26
N ARG Q 174 -22.64 -54.82 92.38
CA ARG Q 174 -24.00 -54.30 92.54
C ARG Q 174 -23.99 -52.78 92.41
N THR Q 175 -25.18 -52.23 92.24
CA THR Q 175 -25.40 -50.79 92.22
C THR Q 175 -26.78 -50.51 92.82
N HIS Q 176 -27.08 -49.23 93.02
CA HIS Q 176 -28.34 -48.84 93.63
C HIS Q 176 -28.57 -47.35 93.43
N LYS Q 177 -29.78 -47.00 93.01
CA LYS Q 177 -30.18 -45.60 92.88
C LYS Q 177 -31.55 -45.44 93.51
N ARG Q 178 -31.73 -44.39 94.32
CA ARG Q 178 -33.01 -44.05 94.90
C ARG Q 178 -33.22 -42.55 94.75
N GLU Q 179 -34.12 -42.17 93.85
CA GLU Q 179 -34.34 -40.77 93.50
C GLU Q 179 -35.74 -40.37 93.95
N GLY Q 180 -35.82 -39.61 95.04
CA GLY Q 180 -37.08 -39.10 95.53
C GLY Q 180 -37.25 -37.64 95.16
N SER Q 181 -38.46 -37.28 94.74
CA SER Q 181 -38.73 -35.92 94.31
C SER Q 181 -40.13 -35.52 94.77
N GLY Q 182 -40.36 -34.21 94.85
CA GLY Q 182 -41.65 -33.70 95.25
C GLY Q 182 -41.76 -32.20 95.12
N ARG Q 183 -42.90 -31.72 94.64
CA ARG Q 183 -43.18 -30.30 94.50
C ARG Q 183 -44.53 -30.02 95.15
N PHE Q 184 -44.52 -29.26 96.24
CA PHE Q 184 -45.70 -29.07 97.08
C PHE Q 184 -46.19 -27.65 96.94
N SER Q 185 -47.45 -27.50 96.54
CA SER Q 185 -48.14 -26.20 96.52
C SER Q 185 -49.37 -26.36 97.41
N LEU Q 186 -49.19 -26.15 98.71
CA LEU Q 186 -50.23 -26.41 99.70
C LEU Q 186 -50.47 -25.15 100.53
N PRO Q 187 -51.35 -24.27 100.08
CA PRO Q 187 -51.73 -23.13 100.91
C PRO Q 187 -52.61 -23.56 102.08
N GLY Q 188 -52.05 -23.58 103.28
CA GLY Q 188 -52.77 -24.03 104.44
C GLY Q 188 -52.56 -23.17 105.67
N ALA Q 189 -52.21 -23.80 106.79
CA ALA Q 189 -52.01 -23.10 108.06
C ALA Q 189 -50.54 -22.91 108.41
N THR Q 190 -49.68 -23.87 108.06
CA THR Q 190 -48.26 -23.78 108.38
C THR Q 190 -47.38 -23.47 107.20
N CYS Q 191 -47.76 -23.85 105.99
CA CYS Q 191 -46.96 -23.59 104.79
C CYS Q 191 -47.90 -23.19 103.65
N GLU Q 192 -47.31 -22.59 102.62
CA GLU Q 192 -48.03 -22.24 101.40
C GLU Q 192 -47.47 -22.93 100.17
N GLN Q 193 -46.15 -22.97 100.03
CA GLN Q 193 -45.49 -23.68 98.96
C GLN Q 193 -44.15 -24.20 99.45
N GLY Q 194 -43.80 -25.41 99.04
CA GLY Q 194 -42.57 -26.02 99.51
C GLY Q 194 -42.09 -27.10 98.57
N GLU Q 195 -40.84 -27.51 98.79
CA GLU Q 195 -40.23 -28.58 98.02
C GLU Q 195 -39.44 -29.50 98.95
N GLY Q 196 -39.30 -30.76 98.54
CA GLY Q 196 -38.52 -31.72 99.27
C GLY Q 196 -38.09 -32.88 98.39
N GLN Q 197 -36.79 -33.15 98.35
CA GLN Q 197 -36.26 -34.21 97.50
C GLN Q 197 -34.91 -34.65 98.02
N GLY Q 198 -34.51 -35.85 97.59
CA GLY Q 198 -33.20 -36.38 97.92
C GLY Q 198 -32.89 -37.64 97.15
N HIS Q 199 -31.71 -37.68 96.51
CA HIS Q 199 -31.32 -38.82 95.70
C HIS Q 199 -29.89 -39.22 96.04
N LEU Q 200 -29.65 -40.53 96.09
CA LEU Q 200 -28.32 -41.04 96.39
C LEU Q 200 -28.06 -42.27 95.55
N SER Q 201 -26.84 -42.37 95.03
CA SER Q 201 -26.40 -43.57 94.33
C SER Q 201 -25.66 -44.48 95.29
N GLN Q 202 -25.23 -45.65 94.79
CA GLN Q 202 -24.50 -46.60 95.60
C GLN Q 202 -23.87 -47.64 94.68
N LYS Q 203 -22.76 -48.20 95.14
CA LYS Q 203 -22.04 -49.22 94.38
C LYS Q 203 -21.16 -49.99 95.35
N LYS Q 204 -20.79 -51.20 94.96
CA LYS Q 204 -19.81 -51.99 95.70
C LYS Q 204 -19.30 -53.11 94.80
N THR Q 205 -18.18 -53.70 95.19
CA THR Q 205 -17.55 -54.74 94.39
C THR Q 205 -16.73 -55.62 95.34
N VAL Q 206 -17.24 -56.81 95.63
CA VAL Q 206 -16.57 -57.76 96.51
C VAL Q 206 -16.02 -58.90 95.66
N THR Q 207 -14.80 -59.32 95.96
CA THR Q 207 -14.13 -60.38 95.21
C THR Q 207 -13.72 -61.48 96.19
N ILE Q 208 -14.21 -62.69 95.96
CA ILE Q 208 -13.90 -63.83 96.81
C ILE Q 208 -12.69 -64.56 96.23
N PRO Q 209 -11.65 -64.82 97.02
CA PRO Q 209 -10.46 -65.49 96.49
C PRO Q 209 -10.69 -66.97 96.27
N SER Q 210 -9.68 -67.61 95.69
CA SER Q 210 -9.76 -69.03 95.36
C SER Q 210 -9.89 -69.87 96.61
N GLY Q 211 -10.66 -70.96 96.52
CA GLY Q 211 -10.78 -71.91 97.60
C GLY Q 211 -11.61 -71.41 98.76
N SER Q 212 -12.85 -71.01 98.50
CA SER Q 212 -13.75 -70.51 99.53
C SER Q 212 -14.99 -71.40 99.59
N THR Q 213 -15.27 -71.95 100.77
CA THR Q 213 -16.41 -72.83 100.94
C THR Q 213 -17.70 -72.02 100.87
N LEU Q 214 -18.70 -72.57 100.18
CA LEU Q 214 -20.01 -71.94 100.04
C LEU Q 214 -21.10 -72.64 100.86
N ALA Q 215 -21.04 -73.96 100.96
CA ALA Q 215 -22.02 -74.72 101.73
C ALA Q 215 -21.32 -75.96 102.29
N PHE Q 216 -22.04 -76.69 103.14
CA PHE Q 216 -21.46 -77.87 103.77
C PHE Q 216 -22.57 -78.78 104.24
N ARG Q 217 -22.18 -80.00 104.62
CA ARG Q 217 -23.08 -80.99 105.19
C ARG Q 217 -22.44 -81.58 106.44
N VAL Q 218 -23.27 -82.11 107.33
CA VAL Q 218 -22.83 -82.53 108.65
C VAL Q 218 -23.06 -84.02 108.81
N ALA Q 219 -22.45 -84.57 109.86
CA ALA Q 219 -22.60 -85.97 110.23
C ALA Q 219 -22.41 -86.10 111.72
N GLN Q 220 -23.51 -86.21 112.46
CA GLN Q 220 -23.46 -86.20 113.92
C GLN Q 220 -22.75 -87.42 114.46
N LEU Q 221 -22.04 -87.24 115.57
CA LEU Q 221 -21.38 -88.32 116.29
C LEU Q 221 -21.86 -88.34 117.73
N VAL Q 222 -21.42 -89.35 118.47
CA VAL Q 222 -21.84 -89.56 119.85
C VAL Q 222 -20.62 -89.70 120.74
N ILE Q 223 -20.63 -88.98 121.87
CA ILE Q 223 -19.57 -89.07 122.87
C ILE Q 223 -20.24 -89.34 124.21
N ASP Q 224 -20.32 -90.61 124.59
CA ASP Q 224 -20.71 -90.97 125.95
C ASP Q 224 -19.56 -91.67 126.68
N SER Q 225 -18.93 -92.63 126.04
CA SER Q 225 -17.71 -93.26 126.51
C SER Q 225 -16.61 -93.27 125.46
N ASP Q 226 -16.97 -93.43 124.19
CA ASP Q 226 -16.01 -93.43 123.09
C ASP Q 226 -16.69 -92.82 121.87
N LEU Q 227 -15.91 -92.56 120.83
CA LEU Q 227 -16.40 -91.87 119.64
C LEU Q 227 -17.02 -92.85 118.66
N ASP Q 228 -18.08 -92.41 118.00
CA ASP Q 228 -18.71 -93.17 116.93
C ASP Q 228 -19.50 -92.18 116.09
N VAL Q 229 -19.34 -92.28 114.76
CA VAL Q 229 -19.92 -91.33 113.83
C VAL Q 229 -21.20 -91.93 113.26
N LEU Q 230 -22.28 -91.14 113.28
CA LEU Q 230 -23.55 -91.52 112.68
C LEU Q 230 -23.77 -90.65 111.46
N LEU Q 231 -23.63 -91.25 110.27
CA LEU Q 231 -23.75 -90.48 109.03
C LEU Q 231 -25.15 -89.92 108.82
N PHE Q 232 -26.16 -90.47 109.49
CA PHE Q 232 -27.55 -90.07 109.29
C PHE Q 232 -28.39 -90.48 110.49
N PRO Q 233 -28.20 -89.81 111.63
CA PRO Q 233 -29.00 -90.14 112.82
C PRO Q 233 -30.35 -89.46 112.81
N ASP Q 234 -31.11 -89.61 113.89
CA ASP Q 234 -32.42 -88.99 114.04
C ASP Q 234 -32.33 -87.74 114.91
N LYS Q 235 -33.45 -87.03 114.98
CA LYS Q 235 -33.52 -85.82 115.79
C LYS Q 235 -33.49 -86.17 117.29
N LYS Q 236 -33.08 -85.21 118.09
CA LYS Q 236 -32.97 -85.37 119.55
C LYS Q 236 -32.06 -86.54 119.91
N GLN Q 237 -30.96 -86.67 119.17
CA GLN Q 237 -29.91 -87.64 119.49
C GLN Q 237 -28.81 -86.89 120.22
N ARG Q 238 -28.85 -86.92 121.55
CA ARG Q 238 -27.93 -86.14 122.36
C ARG Q 238 -26.54 -86.79 122.33
N THR Q 239 -25.55 -86.03 121.86
CA THR Q 239 -24.20 -86.57 121.76
C THR Q 239 -23.63 -86.95 123.13
N PHE Q 240 -23.78 -86.07 124.10
CA PHE Q 240 -23.33 -86.31 125.46
C PHE Q 240 -24.46 -86.92 126.28
N GLN Q 241 -24.28 -86.98 127.60
CA GLN Q 241 -25.32 -87.48 128.48
C GLN Q 241 -26.04 -86.33 129.19
N SER R 3 -16.18 -39.12 111.69
CA SER R 3 -15.13 -39.86 112.37
C SER R 3 -14.14 -40.45 111.37
N ALA R 4 -14.63 -40.74 110.16
CA ALA R 4 -13.81 -41.21 109.04
C ALA R 4 -13.16 -42.55 109.32
N PHE R 5 -13.46 -43.16 110.47
CA PHE R 5 -12.95 -44.48 110.81
C PHE R 5 -14.06 -45.46 111.17
N GLU R 6 -15.10 -44.99 111.89
CA GLU R 6 -16.22 -45.86 112.20
C GLU R 6 -17.06 -46.20 110.98
N ARG R 7 -17.11 -45.30 109.98
CA ARG R 7 -17.90 -45.57 108.79
C ARG R 7 -17.40 -46.82 108.07
N VAL R 8 -16.10 -46.86 107.77
CA VAL R 8 -15.55 -47.97 107.03
C VAL R 8 -15.54 -49.26 107.86
N VAL R 9 -15.27 -49.16 109.17
CA VAL R 9 -15.32 -50.35 110.02
C VAL R 9 -16.72 -50.92 110.07
N ARG R 10 -17.72 -50.05 110.24
CA ARG R 10 -19.11 -50.51 110.23
C ARG R 10 -19.47 -51.15 108.89
N ARG R 11 -19.02 -50.55 107.79
CA ARG R 11 -19.31 -51.11 106.48
C ARG R 11 -18.66 -52.47 106.29
N VAL R 12 -17.41 -52.63 106.70
CA VAL R 12 -16.73 -53.91 106.50
C VAL R 12 -17.32 -54.99 107.38
N VAL R 13 -17.74 -54.65 108.61
CA VAL R 13 -18.43 -55.65 109.43
C VAL R 13 -19.81 -55.97 108.86
N GLN R 14 -20.53 -54.97 108.34
CA GLN R 14 -21.81 -55.21 107.67
C GLN R 14 -21.66 -56.05 106.42
N GLU R 15 -20.49 -56.04 105.79
CA GLU R 15 -20.21 -56.88 104.63
C GLU R 15 -20.09 -58.36 105.00
N LEU R 16 -20.32 -58.70 106.26
CA LEU R 16 -20.40 -60.09 106.71
C LEU R 16 -21.81 -60.51 107.10
N ASP R 17 -22.80 -59.61 106.97
CA ASP R 17 -24.16 -59.84 107.45
C ASP R 17 -24.16 -60.35 108.88
N HIS R 18 -23.62 -59.53 109.79
CA HIS R 18 -23.47 -59.85 111.22
C HIS R 18 -22.95 -61.28 111.43
N GLY R 19 -22.05 -61.73 110.55
CA GLY R 19 -21.46 -63.04 110.69
C GLY R 19 -20.28 -63.04 111.64
N GLY R 20 -20.32 -63.88 112.66
CA GLY R 20 -19.29 -63.92 113.66
C GLY R 20 -19.34 -62.72 114.59
N GLU R 21 -18.76 -62.90 115.77
CA GLU R 21 -18.73 -61.82 116.76
C GLU R 21 -17.94 -60.63 116.23
N PHE R 22 -16.64 -60.82 116.05
CA PHE R 22 -15.74 -59.82 115.47
C PHE R 22 -15.98 -58.44 116.08
N ILE R 23 -15.69 -58.34 117.37
CA ILE R 23 -15.79 -57.09 118.11
C ILE R 23 -14.97 -56.04 117.38
N PRO R 24 -15.60 -55.03 116.78
CA PRO R 24 -14.86 -54.06 115.98
C PRO R 24 -14.05 -53.11 116.85
N VAL R 25 -13.02 -52.54 116.24
CA VAL R 25 -12.14 -51.60 116.91
C VAL R 25 -12.60 -50.19 116.58
N THR R 26 -12.45 -49.29 117.54
CA THR R 26 -12.80 -47.89 117.37
C THR R 26 -11.61 -46.96 117.51
N SER R 27 -10.72 -47.23 118.45
CA SER R 27 -9.52 -46.42 118.65
C SER R 27 -8.47 -46.83 117.64
N LEU R 28 -8.13 -45.91 116.73
CA LEU R 28 -7.16 -46.21 115.69
C LEU R 28 -5.80 -46.60 116.24
N GLN R 29 -5.37 -45.98 117.34
CA GLN R 29 -4.11 -46.37 117.96
C GLN R 29 -4.16 -47.79 118.51
N SER R 30 -5.34 -48.25 118.89
CA SER R 30 -5.51 -49.60 119.45
C SER R 30 -5.49 -50.67 118.37
N SER R 31 -5.57 -50.30 117.09
CA SER R 31 -5.49 -51.28 116.02
C SER R 31 -4.14 -51.99 116.03
N THR R 32 -3.06 -51.24 116.27
CA THR R 32 -1.74 -51.84 116.33
C THR R 32 -1.57 -52.74 117.55
N GLY R 33 -2.24 -52.41 118.66
CA GLY R 33 -2.12 -53.23 119.86
C GLY R 33 -2.92 -54.51 119.84
N PHE R 34 -3.83 -54.66 118.88
CA PHE R 34 -4.66 -55.86 118.76
C PHE R 34 -3.93 -56.85 117.87
N GLN R 35 -3.19 -57.76 118.50
CA GLN R 35 -2.46 -58.82 117.82
C GLN R 35 -2.79 -60.15 118.50
N PRO R 36 -2.57 -61.28 117.84
CA PRO R 36 -2.83 -62.57 118.50
C PRO R 36 -1.97 -62.74 119.73
N TYR R 37 -2.49 -63.52 120.68
CA TYR R 37 -1.86 -63.81 121.97
C TYR R 37 -1.74 -62.57 122.86
N CYS R 38 -2.49 -61.51 122.56
CA CYS R 38 -2.47 -60.30 123.38
C CYS R 38 -3.64 -60.30 124.36
N LEU R 39 -3.44 -59.62 125.48
CA LEU R 39 -4.45 -59.57 126.54
C LEU R 39 -5.31 -58.32 126.38
N VAL R 40 -6.61 -58.46 126.68
CA VAL R 40 -7.51 -57.33 126.76
C VAL R 40 -8.25 -57.42 128.09
N VAL R 41 -8.73 -56.27 128.57
CA VAL R 41 -9.39 -56.18 129.86
C VAL R 41 -10.79 -55.61 129.65
N ARG R 42 -11.78 -56.29 130.21
CA ARG R 42 -13.17 -55.84 130.13
C ARG R 42 -13.80 -55.92 131.51
N LYS R 43 -14.30 -54.79 132.00
CA LYS R 43 -14.97 -54.75 133.28
C LYS R 43 -16.39 -55.30 133.16
N PRO R 44 -16.93 -55.85 134.25
CA PRO R 44 -18.28 -56.44 134.19
C PRO R 44 -19.34 -55.41 133.82
N SER R 45 -20.32 -55.85 133.03
CA SER R 45 -21.37 -54.97 132.55
C SER R 45 -22.17 -54.41 133.73
N SER R 46 -22.77 -53.23 133.52
CA SER R 46 -23.38 -52.50 134.63
C SER R 46 -24.72 -53.12 135.02
N SER R 47 -25.74 -53.02 134.15
CA SER R 47 -26.96 -53.76 134.37
C SER R 47 -27.31 -54.67 133.20
N TRP R 48 -27.63 -54.11 132.02
CA TRP R 48 -27.86 -54.94 130.84
C TRP R 48 -27.22 -54.38 129.59
N PHE R 49 -27.23 -53.05 129.44
CA PHE R 49 -26.90 -52.43 128.16
C PHE R 49 -25.77 -51.40 128.23
N TRP R 50 -25.29 -51.06 129.42
CA TRP R 50 -24.10 -50.23 129.54
C TRP R 50 -22.91 -51.10 129.17
N LYS R 51 -22.69 -51.24 127.88
CA LYS R 51 -21.70 -52.16 127.36
C LYS R 51 -20.30 -51.73 127.79
N PRO R 52 -19.55 -52.58 128.50
CA PRO R 52 -18.18 -52.23 128.85
C PRO R 52 -17.28 -52.27 127.62
N ARG R 53 -16.79 -51.10 127.22
CA ARG R 53 -15.90 -51.01 126.07
C ARG R 53 -14.63 -51.80 126.34
N TYR R 54 -14.21 -52.58 125.35
CA TYR R 54 -13.01 -53.40 125.50
C TYR R 54 -11.77 -52.51 125.53
N LYS R 55 -10.89 -52.78 126.50
CA LYS R 55 -9.69 -52.00 126.71
C LYS R 55 -8.47 -52.84 126.36
N CYS R 56 -7.82 -52.51 125.25
CA CYS R 56 -6.66 -53.27 124.82
C CYS R 56 -5.49 -53.05 125.78
N VAL R 57 -4.76 -54.13 126.05
CA VAL R 57 -3.55 -54.09 126.85
C VAL R 57 -2.41 -54.62 125.99
N ASN R 58 -1.34 -53.84 125.89
CA ASN R 58 -0.20 -54.20 125.04
C ASN R 58 0.71 -55.21 125.77
N LEU R 59 0.12 -56.35 126.11
CA LEU R 59 0.82 -57.40 126.84
C LEU R 59 0.54 -58.73 126.17
N SER R 60 1.60 -59.50 125.94
CA SER R 60 1.48 -60.81 125.32
C SER R 60 1.49 -61.90 126.39
N ILE R 61 1.24 -63.14 125.96
CA ILE R 61 1.21 -64.27 126.89
C ILE R 61 2.53 -65.03 126.95
N LYS R 62 3.50 -64.67 126.11
CA LYS R 62 4.78 -65.36 126.16
C LYS R 62 5.50 -65.13 127.47
N ASP R 63 5.40 -63.92 128.03
CA ASP R 63 6.11 -63.61 129.27
C ASP R 63 5.35 -64.04 130.52
N ILE R 64 4.02 -64.11 130.47
CA ILE R 64 3.27 -64.49 131.67
C ILE R 64 3.60 -65.93 132.07
N LEU R 65 3.75 -66.83 131.11
CA LEU R 65 4.36 -68.13 131.33
C LEU R 65 5.88 -67.98 131.34
N GLU R 66 6.54 -68.87 132.11
CA GLU R 66 7.92 -68.56 132.52
C GLU R 66 8.93 -68.64 131.38
N PRO R 67 9.01 -69.73 130.57
CA PRO R 67 10.20 -69.89 129.73
C PRO R 67 10.14 -69.17 128.39
N ASP R 68 9.68 -67.92 128.39
CA ASP R 68 9.83 -67.01 127.24
C ASP R 68 9.42 -67.67 125.92
N ALA R 69 8.11 -67.96 125.81
CA ALA R 69 7.59 -68.73 124.68
C ALA R 69 7.96 -68.12 123.34
N ALA R 70 7.43 -66.94 123.03
CA ALA R 70 7.67 -66.26 121.76
C ALA R 70 7.42 -67.17 120.57
N GLU R 71 6.29 -67.88 120.59
CA GLU R 71 5.94 -68.87 119.58
C GLU R 71 4.58 -68.54 118.97
N PRO R 72 4.54 -67.74 117.91
CA PRO R 72 3.27 -67.50 117.21
C PRO R 72 2.92 -68.67 116.30
N ASP R 73 1.62 -68.98 116.24
CA ASP R 73 1.15 -70.08 115.40
C ASP R 73 0.11 -69.58 114.41
N VAL R 74 0.41 -68.47 113.74
CA VAL R 74 -0.51 -67.91 112.74
C VAL R 74 -0.36 -68.70 111.45
N GLN R 75 -1.46 -69.26 110.94
CA GLN R 75 -1.45 -70.03 109.72
C GLN R 75 -2.60 -69.70 108.77
N ARG R 76 -3.64 -69.01 109.24
CA ARG R 76 -4.78 -68.67 108.41
C ARG R 76 -4.44 -67.54 107.45
N GLY R 77 -5.00 -67.59 106.25
CA GLY R 77 -4.82 -66.51 105.31
C GLY R 77 -5.68 -66.61 104.05
N ARG R 78 -6.37 -65.52 103.72
CA ARG R 78 -7.10 -65.39 102.46
C ARG R 78 -7.09 -63.92 102.07
N SER R 79 -7.54 -63.64 100.84
CA SER R 79 -7.43 -62.30 100.28
C SER R 79 -8.78 -61.88 99.71
N PHE R 80 -9.55 -61.14 100.51
CA PHE R 80 -10.79 -60.53 100.07
C PHE R 80 -10.51 -59.08 99.66
N HIS R 81 -10.94 -58.72 98.46
CA HIS R 81 -10.82 -57.34 97.98
C HIS R 81 -12.20 -56.68 98.03
N PHE R 82 -12.27 -55.49 98.59
CA PHE R 82 -13.53 -54.79 98.75
C PHE R 82 -13.39 -53.36 98.24
N TYR R 83 -14.46 -52.85 97.64
CA TYR R 83 -14.48 -51.51 97.07
C TYR R 83 -15.93 -51.06 97.01
N ASP R 84 -16.15 -49.76 97.18
CA ASP R 84 -17.49 -49.20 97.07
C ASP R 84 -17.38 -47.70 96.84
N ALA R 85 -18.54 -47.07 96.69
CA ALA R 85 -18.63 -45.63 96.50
C ALA R 85 -20.05 -45.19 96.86
N MET R 86 -20.24 -43.88 96.98
CA MET R 86 -21.53 -43.34 97.38
C MET R 86 -21.52 -41.83 97.18
N ASP R 87 -22.69 -41.27 96.86
CA ASP R 87 -22.89 -39.83 96.81
C ASP R 87 -24.35 -39.53 97.08
N GLY R 88 -24.64 -38.29 97.44
CA GLY R 88 -26.00 -37.89 97.76
C GLY R 88 -26.25 -36.45 97.40
N GLN R 89 -27.53 -36.09 97.33
CA GLN R 89 -27.92 -34.71 97.06
C GLN R 89 -29.30 -34.48 97.64
N ILE R 90 -29.37 -33.69 98.71
CA ILE R 90 -30.62 -33.36 99.37
C ILE R 90 -30.76 -31.85 99.43
N GLN R 91 -31.93 -31.36 99.04
CA GLN R 91 -32.18 -29.92 98.99
C GLN R 91 -33.64 -29.66 99.33
N GLY R 92 -34.05 -28.40 99.19
CA GLY R 92 -35.41 -28.01 99.46
C GLY R 92 -35.60 -26.53 99.27
N SER R 93 -36.86 -26.13 99.16
CA SER R 93 -37.22 -24.73 98.99
C SER R 93 -38.57 -24.48 99.63
N VAL R 94 -38.77 -23.25 100.11
CA VAL R 94 -40.00 -22.86 100.79
C VAL R 94 -40.39 -21.47 100.32
N GLU R 95 -41.67 -21.30 99.97
CA GLU R 95 -42.25 -19.99 99.62
C GLU R 95 -43.41 -19.78 100.58
N LEU R 96 -43.12 -19.21 101.74
CA LEU R 96 -44.07 -19.08 102.82
C LEU R 96 -44.53 -17.63 102.99
N ALA R 97 -45.86 -17.44 103.04
CA ALA R 97 -46.40 -16.08 103.17
C ALA R 97 -47.44 -15.90 104.27
N ALA R 98 -48.24 -16.92 104.59
CA ALA R 98 -49.38 -16.72 105.49
C ALA R 98 -49.01 -16.67 106.96
N PRO R 99 -48.36 -17.74 107.56
CA PRO R 99 -48.25 -17.83 109.02
C PRO R 99 -47.33 -16.79 109.65
N GLY R 100 -47.73 -15.53 109.55
CA GLY R 100 -46.98 -14.44 110.13
C GLY R 100 -47.11 -13.17 109.31
N GLN R 101 -46.01 -12.45 109.15
CA GLN R 101 -45.96 -11.26 108.31
C GLN R 101 -44.82 -11.33 107.31
N ALA R 102 -44.36 -12.52 106.96
CA ALA R 102 -43.15 -12.72 106.18
C ALA R 102 -43.48 -13.25 104.79
N LYS R 103 -42.58 -12.93 103.85
CA LYS R 103 -42.58 -13.50 102.50
C LYS R 103 -41.22 -14.19 102.35
N ILE R 104 -41.15 -15.44 102.78
CA ILE R 104 -39.88 -16.14 102.91
C ILE R 104 -39.54 -16.83 101.59
N ALA R 105 -38.35 -16.55 101.06
CA ALA R 105 -37.82 -17.19 99.87
C ALA R 105 -36.44 -17.72 100.21
N GLY R 106 -36.35 -18.99 100.59
CA GLY R 106 -35.10 -19.57 101.01
C GLY R 106 -34.89 -20.95 100.42
N GLY R 107 -33.72 -21.52 100.71
CA GLY R 107 -33.37 -22.84 100.23
C GLY R 107 -32.24 -23.42 101.04
N ALA R 108 -31.92 -24.68 100.74
CA ALA R 108 -30.86 -25.40 101.42
C ALA R 108 -30.38 -26.52 100.51
N ALA R 109 -29.20 -27.07 100.85
CA ALA R 109 -28.61 -28.13 100.06
C ALA R 109 -27.55 -28.84 100.91
N VAL R 110 -27.56 -30.17 100.86
CA VAL R 110 -26.57 -31.01 101.53
C VAL R 110 -26.02 -31.99 100.51
N SER R 111 -24.70 -32.14 100.47
CA SER R 111 -24.05 -33.05 99.54
C SER R 111 -22.86 -33.71 100.23
N ASP R 112 -22.60 -34.96 99.86
CA ASP R 112 -21.48 -35.71 100.42
C ASP R 112 -21.11 -36.84 99.49
N SER R 113 -19.98 -37.48 99.77
CA SER R 113 -19.48 -38.59 98.97
C SER R 113 -18.53 -39.42 99.80
N SER R 114 -18.15 -40.57 99.26
CA SER R 114 -17.23 -41.48 99.93
C SER R 114 -16.62 -42.42 98.91
N SER R 115 -15.52 -43.05 99.32
CA SER R 115 -14.86 -44.06 98.49
C SER R 115 -14.01 -44.94 99.39
N THR R 116 -13.71 -46.15 98.92
CA THR R 116 -12.91 -47.10 99.69
C THR R 116 -12.42 -48.20 98.77
N SER R 117 -11.17 -48.62 98.98
CA SER R 117 -10.59 -49.78 98.34
C SER R 117 -9.64 -50.44 99.31
N MET R 118 -9.78 -51.75 99.49
CA MET R 118 -9.06 -52.42 100.59
C MET R 118 -8.95 -53.90 100.28
N ASN R 119 -8.02 -54.54 101.00
CA ASN R 119 -7.81 -55.98 100.97
C ASN R 119 -7.75 -56.53 102.40
N VAL R 120 -8.15 -57.79 102.56
CA VAL R 120 -8.40 -58.35 103.88
C VAL R 120 -7.75 -59.71 104.00
N TYR R 121 -6.97 -59.91 105.06
CA TYR R 121 -6.56 -61.24 105.52
C TYR R 121 -7.41 -61.68 106.70
N SER R 122 -7.06 -62.81 107.28
CA SER R 122 -7.65 -63.27 108.53
C SER R 122 -6.67 -64.22 109.19
N LEU R 123 -6.29 -63.90 110.42
CA LEU R 123 -5.31 -64.68 111.16
C LEU R 123 -5.96 -65.23 112.43
N SER R 124 -5.74 -66.52 112.67
CA SER R 124 -6.34 -67.19 113.81
C SER R 124 -5.30 -68.10 114.44
N VAL R 125 -5.66 -68.69 115.57
CA VAL R 125 -4.82 -69.66 116.27
C VAL R 125 -5.64 -70.90 116.57
N ASP R 126 -5.07 -72.07 116.32
CA ASP R 126 -5.79 -73.31 116.51
C ASP R 126 -5.92 -73.63 118.00
N PRO R 127 -7.03 -74.21 118.44
CA PRO R 127 -7.13 -74.64 119.84
C PRO R 127 -6.10 -75.67 120.23
N ASN R 128 -5.54 -76.41 119.26
CA ASN R 128 -4.40 -77.26 119.54
C ASN R 128 -3.24 -76.48 120.12
N THR R 129 -2.96 -75.30 119.58
CA THR R 129 -1.90 -74.47 120.14
C THR R 129 -2.21 -74.10 121.58
N TRP R 130 -3.45 -73.72 121.87
CA TRP R 130 -3.83 -73.39 123.24
C TRP R 130 -3.63 -74.57 124.17
N GLN R 131 -4.05 -75.77 123.76
CA GLN R 131 -3.97 -76.92 124.66
C GLN R 131 -2.53 -77.36 124.88
N THR R 132 -1.72 -77.42 123.82
CA THR R 132 -0.31 -77.72 124.01
C THR R 132 0.36 -76.66 124.88
N LEU R 133 0.06 -75.39 124.64
CA LEU R 133 0.67 -74.30 125.38
C LEU R 133 0.34 -74.39 126.87
N LEU R 134 -0.92 -74.67 127.20
CA LEU R 134 -1.28 -74.76 128.61
C LEU R 134 -0.69 -76.00 129.26
N HIS R 135 -0.79 -77.16 128.60
CA HIS R 135 -0.37 -78.40 129.23
C HIS R 135 1.15 -78.55 129.32
N GLU R 136 1.91 -77.93 128.42
CA GLU R 136 3.37 -78.12 128.45
C GLU R 136 4.01 -77.35 129.59
N ARG R 137 3.53 -76.14 129.86
CA ARG R 137 4.17 -75.22 130.78
C ARG R 137 3.13 -74.48 131.61
N HIS R 138 3.59 -73.87 132.69
CA HIS R 138 2.71 -73.33 133.73
C HIS R 138 2.87 -71.82 133.84
N LEU R 139 2.29 -71.26 134.89
CA LEU R 139 2.34 -69.83 135.15
C LEU R 139 3.43 -69.51 136.16
N ARG R 140 4.21 -68.46 135.89
CA ARG R 140 5.10 -67.90 136.91
C ARG R 140 4.21 -67.15 137.90
N GLN R 141 4.05 -67.72 139.08
CA GLN R 141 3.19 -67.10 140.08
C GLN R 141 3.73 -65.77 140.63
N PRO R 142 5.08 -65.53 140.73
CA PRO R 142 5.57 -64.22 141.19
C PRO R 142 5.55 -63.15 140.09
N GLU R 143 4.46 -63.09 139.34
CA GLU R 143 4.23 -62.06 138.33
C GLU R 143 2.82 -61.53 138.56
N HIS R 144 2.70 -60.55 139.45
CA HIS R 144 1.40 -59.97 139.77
C HIS R 144 1.41 -58.46 139.90
N LYS R 145 2.55 -57.80 139.76
CA LYS R 145 2.56 -56.34 139.79
C LYS R 145 1.74 -55.74 138.66
N VAL R 146 1.48 -56.52 137.60
CA VAL R 146 0.50 -56.16 136.59
C VAL R 146 -0.85 -56.81 136.86
N LEU R 147 -0.94 -57.66 137.87
CA LEU R 147 -2.16 -58.41 138.17
C LEU R 147 -2.77 -58.09 139.52
N GLN R 148 -1.98 -57.65 140.51
CA GLN R 148 -2.54 -57.31 141.82
C GLN R 148 -3.58 -56.21 141.72
N GLN R 149 -3.28 -55.13 140.98
CA GLN R 149 -4.31 -54.14 140.72
C GLN R 149 -5.43 -54.70 139.86
N LEU R 150 -5.07 -55.55 138.89
CA LEU R 150 -6.09 -56.24 138.10
C LEU R 150 -6.91 -57.19 138.95
N ARG R 151 -6.27 -57.86 139.92
CA ARG R 151 -7.02 -58.68 140.86
C ARG R 151 -7.97 -57.85 141.71
N SER R 152 -7.51 -56.66 142.15
CA SER R 152 -8.36 -55.80 142.96
C SER R 152 -9.57 -55.31 142.17
N ARG R 153 -9.37 -54.90 140.92
CA ARG R 153 -10.52 -54.56 140.08
C ARG R 153 -11.30 -55.80 139.69
N GLY R 154 -10.60 -56.93 139.55
CA GLY R 154 -11.27 -58.19 139.31
C GLY R 154 -11.88 -58.36 137.93
N ASP R 155 -11.42 -57.61 136.95
CA ASP R 155 -12.01 -57.67 135.61
C ASP R 155 -11.70 -59.01 134.95
N ASN R 156 -12.65 -59.48 134.16
CA ASN R 156 -12.42 -60.64 133.32
C ASN R 156 -11.41 -60.28 132.23
N VAL R 157 -10.37 -61.10 132.07
CA VAL R 157 -9.30 -60.85 131.12
C VAL R 157 -9.40 -61.85 129.98
N TYR R 158 -9.20 -61.37 128.77
CA TYR R 158 -9.37 -62.17 127.56
C TYR R 158 -8.08 -62.16 126.75
N VAL R 159 -7.90 -63.19 125.94
CA VAL R 159 -6.81 -63.27 124.98
C VAL R 159 -7.38 -63.01 123.60
N VAL R 160 -6.49 -62.71 122.65
CA VAL R 160 -6.87 -62.44 121.27
C VAL R 160 -6.58 -63.69 120.46
N THR R 161 -7.63 -64.32 119.93
CA THR R 161 -7.51 -65.57 119.20
C THR R 161 -7.79 -65.41 117.71
N GLU R 162 -8.09 -64.22 117.22
CA GLU R 162 -8.54 -64.03 115.85
C GLU R 162 -8.44 -62.54 115.52
N VAL R 163 -7.79 -62.24 114.40
CA VAL R 163 -7.59 -60.85 113.97
C VAL R 163 -7.85 -60.74 112.48
N LEU R 164 -8.47 -59.64 112.07
CA LEU R 164 -8.75 -59.33 110.68
C LEU R 164 -8.01 -58.04 110.33
N GLN R 165 -7.08 -58.12 109.39
CA GLN R 165 -6.20 -56.99 109.08
C GLN R 165 -6.17 -56.74 107.58
N THR R 166 -5.67 -55.56 107.22
CA THR R 166 -5.54 -55.12 105.84
C THR R 166 -4.07 -54.87 105.53
N GLN R 167 -3.62 -55.30 104.35
CA GLN R 167 -2.24 -55.10 103.92
C GLN R 167 -2.20 -54.51 102.51
N LYS R 168 -2.31 -53.18 102.45
CA LYS R 168 -2.17 -52.25 101.33
C LYS R 168 -2.30 -50.84 101.89
N GLU R 169 -1.93 -49.86 101.07
CA GLU R 169 -2.17 -48.46 101.40
C GLU R 169 -3.64 -48.18 101.14
N VAL R 170 -4.49 -48.53 102.10
CA VAL R 170 -5.92 -48.33 101.96
C VAL R 170 -6.26 -46.92 102.44
N GLU R 171 -7.21 -46.29 101.74
CA GLU R 171 -7.50 -44.89 101.99
C GLU R 171 -8.97 -44.61 101.67
N VAL R 172 -9.47 -43.51 102.23
CA VAL R 172 -10.84 -43.06 102.01
C VAL R 172 -10.81 -41.55 101.76
N THR R 173 -11.69 -41.08 100.88
CA THR R 173 -11.78 -39.66 100.55
C THR R 173 -13.25 -39.24 100.68
N ARG R 174 -13.60 -38.69 101.83
CA ARG R 174 -14.94 -38.18 102.06
C ARG R 174 -14.98 -36.67 101.83
N THR R 175 -16.17 -36.16 101.58
CA THR R 175 -16.42 -34.73 101.45
C THR R 175 -17.71 -34.39 102.18
N HIS R 176 -18.09 -33.11 102.14
CA HIS R 176 -19.30 -32.66 102.80
C HIS R 176 -19.62 -31.25 102.31
N LYS R 177 -20.89 -31.00 102.04
CA LYS R 177 -21.34 -29.67 101.62
C LYS R 177 -22.58 -29.31 102.42
N ARG R 178 -22.57 -28.12 103.02
CA ARG R 178 -23.72 -27.60 103.74
C ARG R 178 -24.01 -26.21 103.21
N GLU R 179 -25.22 -25.98 102.72
CA GLU R 179 -25.60 -24.71 102.11
C GLU R 179 -26.84 -24.18 102.79
N GLY R 180 -26.76 -22.95 103.30
CA GLY R 180 -27.92 -22.26 103.83
C GLY R 180 -28.22 -21.04 102.98
N SER R 181 -29.52 -20.72 102.85
CA SER R 181 -29.94 -19.59 102.05
C SER R 181 -31.28 -19.08 102.58
N GLY R 182 -31.60 -17.84 102.20
CA GLY R 182 -32.87 -17.27 102.61
C GLY R 182 -33.02 -15.79 102.30
N ARG R 183 -34.22 -15.39 101.88
CA ARG R 183 -34.58 -13.99 101.71
C ARG R 183 -35.87 -13.74 102.44
N PHE R 184 -35.85 -12.87 103.44
CA PHE R 184 -37.00 -12.62 104.30
C PHE R 184 -37.51 -11.22 104.02
N SER R 185 -38.73 -11.13 103.48
CA SER R 185 -39.42 -9.86 103.27
C SER R 185 -40.57 -9.83 104.25
N LEU R 186 -40.30 -9.37 105.47
CA LEU R 186 -41.27 -9.41 106.56
C LEU R 186 -41.49 -8.01 107.12
N PRO R 187 -42.58 -7.36 106.74
CA PRO R 187 -42.96 -6.12 107.43
C PRO R 187 -43.64 -6.41 108.76
N GLY R 188 -42.92 -6.19 109.85
CA GLY R 188 -43.47 -6.49 111.17
C GLY R 188 -43.20 -5.42 112.20
N ALA R 189 -42.70 -5.83 113.37
CA ALA R 189 -42.42 -4.92 114.47
C ALA R 189 -40.93 -4.64 114.67
N THR R 190 -40.07 -5.62 114.41
CA THR R 190 -38.64 -5.45 114.62
C THR R 190 -37.82 -5.38 113.34
N CYS R 191 -38.33 -5.90 112.22
CA CYS R 191 -37.60 -5.90 110.96
C CYS R 191 -38.55 -5.60 109.82
N GLU R 192 -37.98 -5.15 108.70
CA GLU R 192 -38.73 -4.91 107.48
C GLU R 192 -38.26 -5.80 106.34
N GLN R 193 -36.95 -5.94 106.16
CA GLN R 193 -36.36 -6.81 105.16
C GLN R 193 -35.09 -7.42 105.73
N GLY R 194 -34.87 -8.70 105.45
CA GLY R 194 -33.70 -9.38 105.96
C GLY R 194 -33.29 -10.53 105.07
N GLU R 195 -32.02 -10.91 105.19
CA GLU R 195 -31.46 -12.04 104.46
C GLU R 195 -30.52 -12.82 105.37
N GLY R 196 -30.51 -14.14 105.18
CA GLY R 196 -29.60 -15.00 105.92
C GLY R 196 -29.16 -16.20 105.10
N GLN R 197 -27.84 -16.37 104.96
CA GLN R 197 -27.31 -17.48 104.19
C GLN R 197 -25.90 -17.80 104.67
N GLY R 198 -25.50 -19.04 104.45
CA GLY R 198 -24.14 -19.47 104.76
C GLY R 198 -23.86 -20.86 104.23
N HIS R 199 -22.73 -21.03 103.54
CA HIS R 199 -22.35 -22.31 102.99
C HIS R 199 -20.90 -22.61 103.32
N LEU R 200 -20.61 -23.87 103.63
CA LEU R 200 -19.27 -24.28 103.98
C LEU R 200 -18.97 -25.62 103.34
N SER R 201 -17.74 -25.77 102.84
CA SER R 201 -17.29 -27.04 102.33
C SER R 201 -16.50 -27.79 103.41
N GLN R 202 -16.14 -29.03 103.11
CA GLN R 202 -15.37 -29.86 104.03
C GLN R 202 -14.89 -31.08 103.28
N LYS R 203 -13.72 -31.57 103.66
CA LYS R 203 -13.10 -32.72 103.00
C LYS R 203 -12.03 -33.26 103.93
N LYS R 204 -11.67 -34.53 103.71
CA LYS R 204 -10.59 -35.15 104.46
C LYS R 204 -10.13 -36.40 103.73
N THR R 205 -9.02 -36.95 104.20
CA THR R 205 -8.43 -38.15 103.59
C THR R 205 -7.56 -38.83 104.63
N VAL R 206 -7.84 -40.10 104.92
CA VAL R 206 -7.09 -40.88 105.88
C VAL R 206 -6.58 -42.13 105.19
N THR R 207 -5.30 -42.45 105.43
CA THR R 207 -4.68 -43.62 104.81
C THR R 207 -4.20 -44.56 105.91
N ILE R 208 -4.69 -45.79 105.90
CA ILE R 208 -4.33 -46.80 106.89
C ILE R 208 -3.20 -47.65 106.32
N PRO R 209 -2.10 -47.82 107.05
CA PRO R 209 -0.98 -48.62 106.54
C PRO R 209 -1.27 -50.11 106.62
N SER R 210 -0.42 -50.88 105.94
CA SER R 210 -0.59 -52.33 105.88
C SER R 210 -0.42 -52.94 107.27
N GLY R 211 -1.23 -53.95 107.56
CA GLY R 211 -1.14 -54.66 108.81
C GLY R 211 -1.79 -53.93 109.98
N SER R 212 -3.05 -53.55 109.82
CA SER R 212 -3.81 -52.87 110.88
C SER R 212 -5.04 -53.70 111.20
N THR R 213 -5.26 -53.98 112.48
CA THR R 213 -6.38 -54.80 112.90
C THR R 213 -7.68 -54.02 112.82
N LEU R 214 -8.74 -54.66 112.30
CA LEU R 214 -10.07 -54.07 112.24
C LEU R 214 -11.05 -54.69 113.21
N ALA R 215 -10.97 -56.01 113.41
CA ALA R 215 -11.86 -56.69 114.34
C ALA R 215 -11.08 -57.80 115.02
N PHE R 216 -11.67 -58.40 116.06
CA PHE R 216 -11.00 -59.45 116.81
C PHE R 216 -12.03 -60.30 117.53
N ARG R 217 -11.61 -61.50 117.91
CA ARG R 217 -12.38 -62.42 118.73
C ARG R 217 -11.56 -62.81 119.94
N VAL R 218 -12.23 -63.01 121.07
CA VAL R 218 -11.55 -63.22 122.34
C VAL R 218 -11.87 -64.60 122.87
N ALA R 219 -11.06 -65.05 123.82
CA ALA R 219 -11.25 -66.33 124.49
C ALA R 219 -10.94 -66.14 125.96
N GLN R 220 -11.98 -66.23 126.80
CA GLN R 220 -11.84 -65.93 128.22
C GLN R 220 -10.94 -66.95 128.92
N LEU R 221 -10.19 -66.48 129.90
CA LEU R 221 -9.37 -67.32 130.76
C LEU R 221 -9.76 -67.09 132.22
N VAL R 222 -9.34 -68.00 133.09
CA VAL R 222 -9.68 -67.96 134.50
C VAL R 222 -8.40 -68.00 135.32
N ILE R 223 -8.33 -67.14 136.34
CA ILE R 223 -7.19 -67.09 137.26
C ILE R 223 -7.75 -67.19 138.67
N ASP R 224 -7.71 -68.39 139.24
CA ASP R 224 -7.99 -68.57 140.66
C ASP R 224 -6.77 -69.07 141.41
N SER R 225 -6.14 -70.11 140.91
CA SER R 225 -4.87 -70.61 141.40
C SER R 225 -3.85 -70.81 140.29
N ASP R 226 -4.30 -71.25 139.11
CA ASP R 226 -3.43 -71.45 137.96
C ASP R 226 -4.18 -70.98 136.71
N LEU R 227 -3.45 -70.86 135.62
CA LEU R 227 -4.01 -70.34 134.38
C LEU R 227 -4.77 -71.43 133.63
N ASP R 228 -5.87 -71.03 133.01
CA ASP R 228 -6.64 -71.91 132.14
C ASP R 228 -7.56 -71.05 131.29
N VAL R 229 -7.51 -71.27 129.98
CA VAL R 229 -8.30 -70.48 129.03
C VAL R 229 -9.52 -71.29 128.61
N LEU R 230 -10.69 -70.67 128.69
CA LEU R 230 -11.93 -71.25 128.20
C LEU R 230 -12.23 -70.64 126.84
N LEU R 231 -12.09 -71.45 125.79
CA LEU R 231 -12.27 -70.94 124.43
C LEU R 231 -13.69 -70.40 124.20
N PHE R 232 -14.66 -70.84 124.99
CA PHE R 232 -16.01 -70.30 124.93
C PHE R 232 -16.71 -70.57 126.27
N PRO R 233 -16.79 -69.56 127.12
CA PRO R 233 -17.42 -69.73 128.43
C PRO R 233 -18.89 -69.35 128.44
N ASP R 234 -19.47 -69.31 129.63
CA ASP R 234 -20.79 -68.75 129.87
C ASP R 234 -20.67 -67.38 130.52
N LYS R 235 -21.79 -66.66 130.55
CA LYS R 235 -21.81 -65.31 131.12
C LYS R 235 -21.70 -65.38 132.65
N LYS R 236 -21.22 -64.30 133.25
CA LYS R 236 -20.94 -64.25 134.69
C LYS R 236 -19.93 -65.33 135.11
N GLN R 237 -18.92 -65.54 134.26
CA GLN R 237 -17.80 -66.40 134.60
C GLN R 237 -16.64 -65.48 135.02
N ARG R 238 -16.49 -65.30 136.33
CA ARG R 238 -15.49 -64.39 136.85
C ARG R 238 -14.11 -65.02 136.78
N THR R 239 -13.16 -64.30 136.16
CA THR R 239 -11.80 -64.81 136.03
C THR R 239 -11.17 -65.01 137.40
N PHE R 240 -11.27 -64.03 138.28
CA PHE R 240 -10.77 -64.11 139.64
C PHE R 240 -11.84 -64.68 140.55
N GLN R 241 -11.60 -64.62 141.86
CA GLN R 241 -12.56 -65.10 142.83
C GLN R 241 -13.47 -63.96 143.31
N SER S 3 -5.81 -19.96 118.34
CA SER S 3 -4.52 -20.47 118.79
C SER S 3 -3.76 -21.11 117.63
N ALA S 4 -4.50 -21.53 116.60
CA ALA S 4 -3.95 -22.10 115.38
C ALA S 4 -3.21 -23.41 115.63
N PHE S 5 -3.23 -23.90 116.86
CA PHE S 5 -2.68 -25.20 117.22
C PHE S 5 -3.72 -26.12 117.83
N GLU S 6 -4.58 -25.60 118.70
CA GLU S 6 -5.66 -26.42 119.25
C GLU S 6 -6.65 -26.87 118.19
N ARG S 7 -6.77 -26.13 117.09
CA ARG S 7 -7.66 -26.54 116.01
C ARG S 7 -7.25 -27.90 115.45
N VAL S 8 -6.00 -28.00 114.95
CA VAL S 8 -5.55 -29.24 114.35
C VAL S 8 -5.38 -30.33 115.41
N VAL S 9 -5.02 -29.98 116.64
CA VAL S 9 -4.89 -30.98 117.69
C VAL S 9 -6.26 -31.59 118.00
N ARG S 10 -7.28 -30.75 118.16
CA ARG S 10 -8.63 -31.26 118.39
C ARG S 10 -9.09 -32.11 117.21
N ARG S 11 -8.78 -31.67 115.98
CA ARG S 11 -9.18 -32.44 114.81
C ARG S 11 -8.51 -33.81 114.80
N VAL S 12 -7.21 -33.88 115.09
CA VAL S 12 -6.51 -35.16 115.02
C VAL S 12 -6.93 -36.08 116.15
N VAL S 13 -7.24 -35.53 117.33
CA VAL S 13 -7.78 -36.38 118.39
C VAL S 13 -9.18 -36.88 118.06
N GLN S 14 -10.05 -36.01 117.52
CA GLN S 14 -11.37 -36.45 117.07
C GLN S 14 -11.29 -37.41 115.90
N GLU S 15 -10.16 -37.46 115.19
CA GLU S 15 -9.93 -38.41 114.11
C GLU S 15 -9.85 -39.85 114.63
N LEU S 16 -9.89 -40.03 115.95
CA LEU S 16 -9.99 -41.36 116.55
C LEU S 16 -11.37 -41.65 117.10
N ASP S 17 -12.33 -40.75 116.89
CA ASP S 17 -13.68 -40.85 117.47
C ASP S 17 -13.60 -41.10 118.97
N HIS S 18 -12.91 -40.20 119.67
CA HIS S 18 -12.66 -40.28 121.12
C HIS S 18 -12.25 -41.68 121.56
N GLY S 19 -11.52 -42.39 120.70
CA GLY S 19 -11.00 -43.69 121.07
C GLY S 19 -9.70 -43.56 121.83
N GLY S 20 -9.68 -44.06 123.06
CA GLY S 20 -8.57 -43.81 123.95
C GLY S 20 -8.53 -42.38 124.45
N GLU S 21 -7.92 -42.19 125.61
CA GLU S 21 -7.89 -40.86 126.22
C GLU S 21 -7.00 -39.90 125.45
N PHE S 22 -5.70 -40.20 125.31
CA PHE S 22 -4.75 -39.32 124.62
C PHE S 22 -4.92 -37.87 125.03
N ILE S 23 -4.57 -37.61 126.30
CA ILE S 23 -4.57 -36.27 126.86
C ILE S 23 -3.84 -35.34 125.89
N PRO S 24 -4.54 -34.44 125.22
CA PRO S 24 -3.90 -33.61 124.19
C PRO S 24 -2.98 -32.57 124.81
N VAL S 25 -2.00 -32.16 124.01
CA VAL S 25 -1.04 -31.15 124.42
C VAL S 25 -1.51 -29.80 123.91
N THR S 26 -1.18 -28.76 124.64
CA THR S 26 -1.53 -27.38 124.27
C THR S 26 -0.31 -26.48 124.18
N SER S 27 0.68 -26.65 125.04
CA SER S 27 1.87 -25.82 125.05
C SER S 27 2.81 -26.28 123.93
N LEU S 28 3.07 -25.39 122.97
CA LEU S 28 4.07 -25.70 121.94
C LEU S 28 5.43 -26.01 122.54
N GLN S 29 5.75 -25.43 123.69
CA GLN S 29 7.01 -25.73 124.35
C GLN S 29 6.98 -27.11 125.01
N SER S 30 5.81 -27.56 125.44
CA SER S 30 5.67 -28.85 126.11
C SER S 30 5.56 -30.02 125.13
N SER S 31 5.45 -29.73 123.83
CA SER S 31 5.44 -30.81 122.85
C SER S 31 6.76 -31.55 122.85
N THR S 32 7.86 -30.84 123.10
CA THR S 32 9.16 -31.50 123.20
C THR S 32 9.34 -32.20 124.55
N GLY S 33 8.74 -31.67 125.62
CA GLY S 33 8.94 -32.25 126.94
C GLY S 33 8.15 -33.51 127.21
N PHE S 34 7.17 -33.82 126.36
CA PHE S 34 6.37 -35.04 126.53
C PHE S 34 7.05 -36.16 125.75
N GLN S 35 7.94 -36.86 126.42
CA GLN S 35 8.71 -37.96 125.84
C GLN S 35 8.48 -39.17 126.75
N PRO S 36 8.68 -40.40 126.28
CA PRO S 36 8.53 -41.55 127.18
C PRO S 36 9.50 -41.48 128.35
N TYR S 37 9.05 -42.03 129.48
CA TYR S 37 9.81 -42.08 130.73
C TYR S 37 9.99 -40.70 131.37
N CYS S 38 9.22 -39.71 130.93
CA CYS S 38 9.31 -38.37 131.49
C CYS S 38 8.20 -38.17 132.53
N LEU S 39 8.59 -37.61 133.68
CA LEU S 39 7.67 -37.41 134.79
C LEU S 39 6.79 -36.19 134.55
N VAL S 40 5.51 -36.32 134.85
CA VAL S 40 4.57 -35.20 134.82
C VAL S 40 3.91 -35.10 136.18
N VAL S 41 3.46 -33.89 136.51
CA VAL S 41 2.90 -33.58 137.82
C VAL S 41 1.49 -33.05 137.63
N ARG S 42 0.52 -33.60 138.38
CA ARG S 42 -0.86 -33.15 138.34
C ARG S 42 -1.40 -33.07 139.76
N LYS S 43 -1.98 -31.92 140.09
CA LYS S 43 -2.62 -31.73 141.38
C LYS S 43 -3.99 -32.40 141.39
N PRO S 44 -4.52 -32.71 142.57
CA PRO S 44 -5.89 -33.24 142.64
C PRO S 44 -6.91 -32.22 142.15
N SER S 45 -8.00 -32.72 141.60
CA SER S 45 -9.07 -31.88 141.10
C SER S 45 -9.73 -31.11 142.24
N SER S 46 -10.36 -29.98 141.91
CA SER S 46 -10.90 -29.12 142.95
C SER S 46 -12.17 -29.72 143.55
N SER S 47 -13.26 -29.79 142.77
CA SER S 47 -14.41 -30.59 143.18
C SER S 47 -14.74 -31.67 142.16
N TRP S 48 -15.20 -31.30 140.96
CA TRP S 48 -15.37 -32.27 139.89
C TRP S 48 -14.87 -31.77 138.54
N PHE S 49 -15.11 -30.49 138.25
CA PHE S 49 -14.96 -29.96 136.90
C PHE S 49 -13.83 -28.98 136.72
N TRP S 50 -13.23 -28.47 137.81
CA TRP S 50 -11.98 -27.72 137.69
C TRP S 50 -10.87 -28.72 137.43
N LYS S 51 -10.87 -29.24 136.21
CA LYS S 51 -9.97 -30.33 135.84
C LYS S 51 -8.53 -29.85 135.91
N PRO S 52 -7.67 -30.48 136.71
CA PRO S 52 -6.27 -30.04 136.82
C PRO S 52 -5.51 -30.36 135.54
N ARG S 53 -5.12 -29.32 134.82
CA ARG S 53 -4.32 -29.49 133.62
C ARG S 53 -2.97 -30.09 133.99
N TYR S 54 -2.43 -30.90 133.10
CA TYR S 54 -1.18 -31.60 133.37
C TYR S 54 -0.01 -30.65 133.21
N LYS S 55 0.87 -30.63 134.23
CA LYS S 55 2.11 -29.87 134.17
C LYS S 55 3.24 -30.82 133.85
N CYS S 56 3.83 -30.66 132.66
CA CYS S 56 4.97 -31.47 132.28
C CYS S 56 6.21 -31.06 133.07
N VAL S 57 7.03 -32.04 133.42
CA VAL S 57 8.30 -31.81 134.09
C VAL S 57 9.40 -32.43 133.25
N ASN S 58 10.43 -31.65 132.94
CA ASN S 58 11.54 -32.12 132.11
C ASN S 58 12.51 -32.97 132.94
N LEU S 59 11.99 -34.10 133.41
CA LEU S 59 12.74 -35.01 134.27
C LEU S 59 12.41 -36.45 133.87
N SER S 60 13.45 -37.27 133.74
CA SER S 60 13.27 -38.66 133.35
C SER S 60 13.37 -39.57 134.58
N ILE S 61 13.18 -40.87 134.36
CA ILE S 61 13.27 -41.84 135.45
C ILE S 61 14.63 -42.50 135.55
N LYS S 62 15.51 -42.31 134.56
CA LYS S 62 16.82 -42.95 134.61
C LYS S 62 17.65 -42.47 135.79
N ASP S 63 17.46 -41.21 136.21
CA ASP S 63 18.21 -40.66 137.33
C ASP S 63 17.60 -41.03 138.68
N ILE S 64 16.28 -41.05 138.79
CA ILE S 64 15.66 -41.31 140.09
C ILE S 64 16.03 -42.72 140.58
N LEU S 65 16.13 -43.68 139.67
CA LEU S 65 16.79 -44.94 139.93
C LEU S 65 18.30 -44.78 139.81
N GLU S 66 19.04 -45.44 140.70
CA GLU S 66 20.45 -45.09 140.88
C GLU S 66 21.31 -45.36 139.66
N PRO S 67 21.29 -46.57 139.04
CA PRO S 67 22.35 -46.89 138.08
C PRO S 67 22.13 -46.37 136.67
N ASP S 68 21.75 -45.09 136.54
CA ASP S 68 21.82 -44.33 135.29
C ASP S 68 21.29 -45.14 134.10
N ALA S 69 19.99 -45.41 134.15
CA ALA S 69 19.35 -46.34 133.22
C ALA S 69 19.65 -46.03 131.76
N ALA S 70 19.06 -44.95 131.24
CA ALA S 70 19.21 -44.58 129.83
C ALA S 70 18.90 -45.77 128.91
N GLU S 71 17.76 -46.41 129.16
CA GLU S 71 17.35 -47.61 128.44
C GLU S 71 15.94 -47.42 127.90
N PRO S 72 15.78 -46.79 126.74
CA PRO S 72 14.45 -46.72 126.11
C PRO S 72 14.11 -48.02 125.39
N ASP S 73 12.84 -48.40 125.47
CA ASP S 73 12.38 -49.63 124.85
C ASP S 73 11.29 -49.33 123.81
N VAL S 74 11.53 -48.33 122.97
CA VAL S 74 10.58 -47.96 121.93
C VAL S 74 10.62 -49.01 120.83
N GLN S 75 9.46 -49.60 120.52
CA GLN S 75 9.34 -50.58 119.46
C GLN S 75 8.13 -50.39 118.56
N ARG S 76 7.16 -49.58 118.96
CA ARG S 76 5.95 -49.38 118.19
C ARG S 76 6.18 -48.37 117.07
N GLY S 77 5.51 -48.58 115.95
CA GLY S 77 5.59 -47.64 114.84
C GLY S 77 4.68 -47.95 113.68
N ARG S 78 3.95 -46.94 113.20
CA ARG S 78 3.11 -47.05 112.02
C ARG S 78 3.07 -45.70 111.33
N SER S 79 2.38 -45.64 110.18
CA SER S 79 2.37 -44.43 109.36
C SER S 79 0.95 -44.17 108.87
N PHE S 80 0.20 -43.36 109.63
CA PHE S 80 -1.10 -42.87 109.19
C PHE S 80 -0.91 -41.51 108.53
N HIS S 81 -1.35 -41.39 107.28
CA HIS S 81 -1.29 -40.13 106.55
C HIS S 81 -2.66 -39.49 106.55
N PHE S 82 -2.73 -38.26 107.05
CA PHE S 82 -4.01 -37.55 107.18
C PHE S 82 -3.92 -36.22 106.45
N TYR S 83 -5.02 -35.85 105.79
CA TYR S 83 -5.10 -34.60 105.04
C TYR S 83 -6.56 -34.15 105.03
N ASP S 84 -6.77 -32.84 104.95
CA ASP S 84 -8.12 -32.29 104.93
C ASP S 84 -8.08 -30.85 104.46
N ALA S 85 -9.23 -30.20 104.53
CA ALA S 85 -9.37 -28.79 104.19
C ALA S 85 -10.65 -28.28 104.84
N MET S 86 -10.99 -27.02 104.54
CA MET S 86 -12.19 -26.41 105.06
C MET S 86 -12.42 -25.07 104.36
N ASP S 87 -13.68 -24.69 104.24
CA ASP S 87 -14.07 -23.41 103.68
C ASP S 87 -15.34 -22.93 104.37
N GLY S 88 -15.60 -21.64 104.29
CA GLY S 88 -16.81 -21.09 104.88
C GLY S 88 -17.06 -19.68 104.38
N GLN S 89 -18.33 -19.30 104.36
CA GLN S 89 -18.71 -17.95 103.95
C GLN S 89 -20.10 -17.66 104.50
N ILE S 90 -20.19 -16.72 105.44
CA ILE S 90 -21.44 -16.31 106.04
C ILE S 90 -21.62 -14.82 105.80
N GLN S 91 -22.83 -14.43 105.42
CA GLN S 91 -23.13 -13.04 105.12
C GLN S 91 -24.58 -12.76 105.48
N GLY S 92 -25.03 -11.55 105.17
CA GLY S 92 -26.40 -11.15 105.45
C GLY S 92 -26.67 -9.75 104.97
N SER S 93 -27.95 -9.39 104.98
CA SER S 93 -28.39 -8.07 104.58
C SER S 93 -29.70 -7.74 105.27
N VAL S 94 -29.88 -6.47 105.62
CA VAL S 94 -31.08 -6.02 106.32
C VAL S 94 -31.46 -4.65 105.79
N GLU S 95 -32.70 -4.51 105.34
CA GLU S 95 -33.27 -3.23 104.93
C GLU S 95 -34.33 -2.87 105.97
N LEU S 96 -33.89 -2.22 107.03
CA LEU S 96 -34.76 -1.90 108.17
C LEU S 96 -35.19 -0.45 108.10
N ALA S 97 -36.51 -0.23 108.12
CA ALA S 97 -37.05 1.13 108.05
C ALA S 97 -38.07 1.47 109.12
N ALA S 98 -38.88 0.52 109.60
CA ALA S 98 -39.98 0.84 110.51
C ALA S 98 -39.51 1.08 111.95
N PRO S 99 -38.82 0.11 112.63
CA PRO S 99 -38.54 0.25 114.07
C PRO S 99 -37.54 1.35 114.41
N GLY S 100 -37.89 2.59 114.08
CA GLY S 100 -37.04 3.73 114.40
C GLY S 100 -37.27 4.90 113.47
N GLN S 101 -36.23 5.69 113.25
CA GLN S 101 -36.28 6.81 112.32
C GLN S 101 -35.30 6.65 111.17
N ALA S 102 -34.82 5.42 110.94
CA ALA S 102 -33.75 5.15 110.00
C ALA S 102 -34.25 4.33 108.82
N LYS S 103 -33.49 4.42 107.72
CA LYS S 103 -33.62 3.53 106.57
C LYS S 103 -32.26 2.85 106.41
N ILE S 104 -32.08 1.76 107.14
CA ILE S 104 -30.75 1.14 107.29
C ILE S 104 -30.50 0.21 106.09
N ALA S 105 -29.36 0.40 105.43
CA ALA S 105 -28.90 -0.48 104.36
C ALA S 105 -27.51 -0.97 104.73
N GLY S 106 -27.45 -2.10 105.43
CA GLY S 106 -26.18 -2.62 105.91
C GLY S 106 -25.97 -4.05 105.46
N GLY S 107 -24.76 -4.55 105.74
CA GLY S 107 -24.39 -5.90 105.37
C GLY S 107 -23.20 -6.37 106.17
N ALA S 108 -22.88 -7.65 105.98
CA ALA S 108 -21.75 -8.26 106.67
C ALA S 108 -21.26 -9.45 105.85
N ALA S 109 -20.06 -9.90 106.16
CA ALA S 109 -19.47 -11.03 105.45
C ALA S 109 -18.32 -11.59 106.26
N VAL S 110 -18.35 -12.90 106.53
CA VAL S 110 -17.30 -13.60 107.25
C VAL S 110 -16.85 -14.78 106.40
N SER S 111 -15.54 -14.93 106.24
CA SER S 111 -14.97 -16.01 105.45
C SER S 111 -13.69 -16.51 106.11
N ASP S 112 -13.35 -17.77 105.84
CA ASP S 112 -12.15 -18.36 106.39
C ASP S 112 -11.81 -19.62 105.61
N SER S 113 -10.71 -20.26 106.02
CA SER S 113 -10.28 -21.52 105.41
C SER S 113 -9.28 -22.20 106.34
N SER S 114 -8.81 -23.36 105.91
CA SER S 114 -7.82 -24.11 106.66
C SER S 114 -7.22 -25.18 105.77
N SER S 115 -6.11 -25.77 106.22
CA SER S 115 -5.46 -26.85 105.51
C SER S 115 -4.56 -27.60 106.48
N THR S 116 -4.25 -28.85 106.13
CA THR S 116 -3.37 -29.68 106.95
C THR S 116 -2.95 -30.90 106.13
N SER S 117 -1.69 -31.26 106.24
CA SER S 117 -1.15 -32.50 105.67
C SER S 117 -0.07 -33.01 106.60
N MET S 118 -0.27 -34.21 107.14
CA MET S 118 0.54 -34.66 108.26
C MET S 118 0.53 -36.18 108.33
N ASN S 119 1.52 -36.71 109.05
CA ASN S 119 1.67 -38.14 109.31
C ASN S 119 1.70 -38.39 110.82
N VAL S 120 1.42 -39.63 111.21
CA VAL S 120 1.33 -40.00 112.62
C VAL S 120 2.07 -41.30 112.86
N TYR S 121 2.97 -41.30 113.83
CA TYR S 121 3.54 -42.51 114.40
C TYR S 121 3.04 -42.67 115.84
N SER S 122 3.54 -43.70 116.53
CA SER S 122 3.17 -43.93 117.91
C SER S 122 4.25 -44.79 118.56
N LEU S 123 4.77 -44.31 119.69
CA LEU S 123 5.78 -45.04 120.45
C LEU S 123 5.22 -45.37 121.83
N SER S 124 5.48 -46.59 122.28
CA SER S 124 4.91 -47.08 123.53
C SER S 124 5.99 -47.82 124.32
N VAL S 125 5.62 -48.28 125.52
CA VAL S 125 6.51 -49.01 126.40
C VAL S 125 5.80 -50.27 126.88
N ASP S 126 6.53 -51.39 126.85
CA ASP S 126 5.94 -52.67 127.22
C ASP S 126 5.79 -52.76 128.74
N PRO S 127 4.68 -53.34 129.23
CA PRO S 127 4.55 -53.53 130.68
C PRO S 127 5.62 -54.41 131.29
N ASN S 128 6.12 -55.41 130.55
CA ASN S 128 7.18 -56.25 131.08
C ASN S 128 8.47 -55.47 131.30
N THR S 129 8.76 -54.48 130.45
CA THR S 129 9.90 -53.62 130.70
C THR S 129 9.74 -52.85 132.01
N TRP S 130 8.56 -52.32 132.29
CA TRP S 130 8.30 -51.69 133.58
C TRP S 130 8.50 -52.69 134.71
N GLN S 131 7.98 -53.91 134.55
CA GLN S 131 8.11 -54.94 135.57
C GLN S 131 9.57 -55.22 135.90
N THR S 132 10.38 -55.52 134.90
CA THR S 132 11.79 -55.80 135.17
C THR S 132 12.50 -54.57 135.73
N LEU S 133 12.35 -53.42 135.08
CA LEU S 133 13.04 -52.22 135.53
C LEU S 133 12.73 -51.91 136.99
N LEU S 134 11.50 -52.20 137.43
CA LEU S 134 11.19 -52.11 138.85
C LEU S 134 11.91 -53.19 139.65
N HIS S 135 11.94 -54.42 139.13
CA HIS S 135 12.40 -55.54 139.94
C HIS S 135 13.92 -55.61 140.16
N GLU S 136 14.75 -55.33 139.17
CA GLU S 136 16.19 -55.41 139.47
C GLU S 136 16.65 -54.26 140.36
N ARG S 137 16.18 -53.05 140.09
CA ARG S 137 16.84 -51.85 140.59
C ARG S 137 15.83 -50.93 141.25
N HIS S 138 16.29 -50.21 142.28
CA HIS S 138 15.42 -49.59 143.28
C HIS S 138 15.54 -48.07 143.25
N LEU S 139 14.97 -47.45 144.27
CA LEU S 139 14.96 -45.99 144.39
C LEU S 139 16.22 -45.49 145.07
N ARG S 140 16.77 -44.40 144.56
CA ARG S 140 17.82 -43.66 145.27
C ARG S 140 17.13 -42.78 146.31
N GLN S 141 16.96 -43.32 147.51
CA GLN S 141 16.25 -42.58 148.56
C GLN S 141 16.95 -41.30 148.99
N PRO S 142 18.32 -41.13 148.85
CA PRO S 142 18.93 -39.82 149.04
C PRO S 142 18.89 -38.96 147.77
N GLU S 143 17.75 -38.96 147.10
CA GLU S 143 17.52 -38.13 145.92
C GLU S 143 16.09 -37.59 146.04
N HIS S 144 15.96 -36.43 146.66
CA HIS S 144 14.67 -35.80 146.84
C HIS S 144 14.70 -34.29 146.65
N LYS S 145 15.81 -33.73 146.14
CA LYS S 145 15.89 -32.30 145.92
C LYS S 145 14.86 -31.81 144.92
N VAL S 146 14.34 -32.70 144.08
CA VAL S 146 13.18 -32.41 143.27
C VAL S 146 11.91 -32.98 143.90
N LEU S 147 12.02 -33.73 144.99
CA LEU S 147 10.88 -34.41 145.58
C LEU S 147 10.49 -33.90 146.97
N GLN S 148 11.44 -33.41 147.78
CA GLN S 148 11.08 -32.86 149.08
C GLN S 148 10.08 -31.73 148.96
N GLN S 149 10.36 -30.75 148.11
CA GLN S 149 9.35 -29.74 147.82
C GLN S 149 8.10 -30.39 147.24
N LEU S 150 8.26 -31.25 146.22
CA LEU S 150 7.11 -31.92 145.63
C LEU S 150 6.36 -32.75 146.67
N ARG S 151 7.07 -33.31 147.67
CA ARG S 151 6.39 -33.97 148.77
C ARG S 151 5.57 -32.99 149.59
N SER S 152 6.09 -31.79 149.83
CA SER S 152 5.32 -30.78 150.54
C SER S 152 4.08 -30.37 149.76
N ARG S 153 4.20 -30.23 148.43
CA ARG S 153 3.04 -29.91 147.60
C ARG S 153 2.03 -31.05 147.64
N GLY S 154 2.51 -32.30 147.64
CA GLY S 154 1.64 -33.45 147.68
C GLY S 154 1.03 -33.84 146.37
N ASP S 155 1.40 -33.18 145.27
CA ASP S 155 0.80 -33.48 143.98
C ASP S 155 1.24 -34.85 143.49
N ASN S 156 0.28 -35.62 142.99
CA ASN S 156 0.56 -36.94 142.43
C ASN S 156 1.39 -36.82 141.17
N VAL S 157 2.40 -37.67 141.03
CA VAL S 157 3.33 -37.63 139.90
C VAL S 157 3.08 -38.84 139.02
N TYR S 158 3.11 -38.64 137.72
CA TYR S 158 2.85 -39.68 136.73
C TYR S 158 4.07 -39.85 135.83
N VAL S 159 3.96 -40.83 134.92
CA VAL S 159 4.97 -41.06 133.90
C VAL S 159 4.29 -41.06 132.54
N VAL S 160 5.11 -41.07 131.49
CA VAL S 160 4.61 -41.12 130.11
C VAL S 160 4.79 -42.54 129.60
N THR S 161 3.68 -43.19 129.27
CA THR S 161 3.70 -44.56 128.78
C THR S 161 3.36 -44.68 127.30
N GLU S 162 2.93 -43.61 126.65
CA GLU S 162 2.51 -43.66 125.27
C GLU S 162 2.69 -42.26 124.69
N VAL S 163 3.19 -42.20 123.46
CA VAL S 163 3.45 -40.92 122.80
C VAL S 163 3.09 -41.04 121.33
N LEU S 164 2.43 -40.01 120.80
CA LEU S 164 1.98 -39.97 119.41
C LEU S 164 2.60 -38.75 118.77
N GLN S 165 3.62 -38.96 117.94
CA GLN S 165 4.40 -37.88 117.37
C GLN S 165 4.29 -37.86 115.86
N THR S 166 4.74 -36.75 115.27
CA THR S 166 4.78 -36.56 113.83
C THR S 166 6.20 -36.20 113.42
N GLN S 167 6.72 -36.87 112.40
CA GLN S 167 8.05 -36.53 111.88
C GLN S 167 7.98 -36.33 110.36
N LYS S 168 7.47 -35.17 109.97
CA LYS S 168 7.39 -34.57 108.64
C LYS S 168 7.15 -33.09 108.83
N GLU S 169 7.34 -32.32 107.77
CA GLU S 169 7.16 -30.87 107.84
C GLU S 169 5.67 -30.58 107.69
N VAL S 170 4.94 -30.66 108.79
CA VAL S 170 3.52 -30.37 108.78
C VAL S 170 3.32 -28.87 108.89
N GLU S 171 2.40 -28.36 108.09
CA GLU S 171 2.18 -26.92 107.98
C GLU S 171 0.70 -26.66 107.80
N VAL S 172 0.23 -25.53 108.34
CA VAL S 172 -1.18 -25.19 108.35
C VAL S 172 -1.37 -23.75 107.89
N THR S 173 -2.40 -23.52 107.07
CA THR S 173 -2.63 -22.22 106.45
C THR S 173 -4.06 -21.77 106.78
N ARG S 174 -4.22 -21.10 107.91
CA ARG S 174 -5.50 -20.48 108.24
C ARG S 174 -5.56 -19.08 107.63
N THR S 175 -6.77 -18.66 107.31
CA THR S 175 -7.05 -17.31 106.83
C THR S 175 -8.38 -16.85 107.42
N HIS S 176 -8.67 -15.56 107.24
CA HIS S 176 -9.89 -15.01 107.82
C HIS S 176 -10.17 -13.67 107.17
N LYS S 177 -11.41 -13.49 106.70
CA LYS S 177 -11.83 -12.23 106.11
C LYS S 177 -13.16 -11.84 106.73
N ARG S 178 -13.20 -10.70 107.40
CA ARG S 178 -14.41 -10.19 108.04
C ARG S 178 -14.74 -8.84 107.43
N GLU S 179 -15.87 -8.75 106.74
CA GLU S 179 -16.27 -7.55 106.02
C GLU S 179 -17.61 -7.08 106.56
N GLY S 180 -17.67 -5.80 106.94
CA GLY S 180 -18.90 -5.18 107.38
C GLY S 180 -19.17 -3.92 106.59
N SER S 181 -20.46 -3.58 106.46
CA SER S 181 -20.85 -2.38 105.73
C SER S 181 -22.16 -1.86 106.29
N GLY S 182 -22.43 -0.59 106.06
CA GLY S 182 -23.65 0.03 106.52
C GLY S 182 -23.88 1.42 105.97
N ARG S 183 -25.13 1.72 105.62
CA ARG S 183 -25.52 3.05 105.14
C ARG S 183 -26.81 3.44 105.84
N PHE S 184 -26.74 4.47 106.68
CA PHE S 184 -27.85 4.85 107.54
C PHE S 184 -28.44 6.15 107.03
N SER S 185 -29.74 6.15 106.73
CA SER S 185 -30.49 7.36 106.40
C SER S 185 -31.50 7.56 107.52
N LEU S 186 -31.07 8.23 108.58
CA LEU S 186 -31.88 8.38 109.79
C LEU S 186 -32.12 9.85 110.08
N PRO S 187 -33.26 10.40 109.66
CA PRO S 187 -33.66 11.72 110.15
C PRO S 187 -34.19 11.65 111.57
N GLY S 188 -33.41 12.12 112.54
CA GLY S 188 -33.81 12.00 113.93
C GLY S 188 -33.49 13.24 114.75
N ALA S 189 -32.90 13.03 115.93
CA ALA S 189 -32.58 14.11 116.85
C ALA S 189 -31.10 14.45 116.90
N THR S 190 -30.22 13.49 116.62
CA THR S 190 -28.78 13.70 116.70
C THR S 190 -28.07 13.65 115.35
N CYS S 191 -28.63 12.95 114.36
CA CYS S 191 -28.00 12.81 113.05
C CYS S 191 -29.06 12.83 111.98
N GLU S 192 -28.62 13.06 110.74
CA GLU S 192 -29.48 13.02 109.57
C GLU S 192 -29.10 11.90 108.61
N GLN S 193 -27.81 11.78 108.29
CA GLN S 193 -27.31 10.68 107.47
C GLN S 193 -25.98 10.22 108.04
N GLY S 194 -25.81 8.90 108.12
CA GLY S 194 -24.59 8.33 108.66
C GLY S 194 -24.17 7.10 107.90
N GLU S 195 -22.87 6.86 107.90
CA GLU S 195 -22.27 5.70 107.24
C GLU S 195 -21.13 5.16 108.08
N GLY S 196 -21.01 3.84 108.10
CA GLY S 196 -19.94 3.19 108.83
C GLY S 196 -19.64 1.79 108.34
N GLN S 197 -18.37 1.52 108.04
CA GLN S 197 -17.96 0.20 107.57
C GLN S 197 -16.51 -0.03 107.94
N GLY S 198 -16.14 -1.31 108.03
CA GLY S 198 -14.77 -1.68 108.32
C GLY S 198 -14.51 -3.16 108.13
N HIS S 199 -13.46 -3.49 107.39
CA HIS S 199 -13.11 -4.87 107.11
C HIS S 199 -11.62 -5.08 107.33
N LEU S 200 -11.27 -6.30 107.73
CA LEU S 200 -9.88 -6.66 107.92
C LEU S 200 -9.66 -8.10 107.47
N SER S 201 -8.56 -8.33 106.76
CA SER S 201 -8.12 -9.68 106.46
C SER S 201 -7.11 -10.14 107.50
N GLN S 202 -6.86 -11.44 107.53
CA GLN S 202 -5.95 -12.01 108.51
C GLN S 202 -5.60 -13.43 108.09
N LYS S 203 -4.38 -13.85 108.42
CA LYS S 203 -3.92 -15.19 108.12
C LYS S 203 -2.66 -15.45 108.95
N LYS S 204 -2.16 -16.68 108.84
CA LYS S 204 -0.92 -17.04 109.51
C LYS S 204 -0.39 -18.33 108.90
N THR S 205 0.78 -18.75 109.37
CA THR S 205 1.48 -19.89 108.79
C THR S 205 2.38 -20.50 109.86
N VAL S 206 2.00 -21.66 110.36
CA VAL S 206 2.77 -22.36 111.39
C VAL S 206 3.31 -23.66 110.79
N THR S 207 4.53 -23.99 111.16
CA THR S 207 5.18 -25.22 110.71
C THR S 207 5.74 -25.95 111.92
N ILE S 208 5.23 -27.15 112.18
CA ILE S 208 5.69 -27.96 113.31
C ILE S 208 6.80 -28.89 112.83
N PRO S 209 7.96 -28.88 113.47
CA PRO S 209 9.09 -29.68 113.00
C PRO S 209 8.89 -31.17 113.28
N SER S 210 9.75 -31.97 112.65
CA SER S 210 9.66 -33.42 112.78
C SER S 210 9.96 -33.87 114.20
N GLY S 211 9.16 -34.80 114.70
CA GLY S 211 9.35 -35.33 116.03
C GLY S 211 8.76 -34.48 117.13
N SER S 212 7.48 -34.15 117.02
CA SER S 212 6.78 -33.35 118.02
C SER S 212 5.63 -34.16 118.59
N THR S 213 5.58 -34.25 119.91
CA THR S 213 4.52 -35.01 120.58
C THR S 213 3.18 -34.30 120.43
N LEU S 214 2.13 -35.07 120.17
CA LEU S 214 0.78 -34.54 120.05
C LEU S 214 -0.10 -34.91 121.24
N ALA S 215 0.08 -36.10 121.79
CA ALA S 215 -0.70 -36.55 122.94
C ALA S 215 0.15 -37.54 123.74
N PHE S 216 -0.40 -38.02 124.85
CA PHE S 216 0.34 -38.93 125.71
C PHE S 216 -0.64 -39.68 126.60
N ARG S 217 -0.12 -40.69 127.28
CA ARG S 217 -0.86 -41.45 128.29
C ARG S 217 0.01 -41.58 129.53
N VAL S 218 -0.66 -41.74 130.67
CA VAL S 218 0.02 -41.69 131.97
C VAL S 218 -0.13 -43.03 132.67
N ALA S 219 0.75 -43.26 133.64
CA ALA S 219 0.71 -44.44 134.50
C ALA S 219 1.13 -44.02 135.89
N GLN S 220 0.17 -43.92 136.80
CA GLN S 220 0.43 -43.38 138.13
C GLN S 220 1.37 -44.30 138.91
N LEU S 221 2.22 -43.68 139.72
CA LEU S 221 3.11 -44.39 140.63
C LEU S 221 2.84 -43.93 142.05
N VAL S 222 3.28 -44.74 143.02
CA VAL S 222 3.08 -44.46 144.44
C VAL S 222 4.44 -44.39 145.12
N ILE S 223 4.64 -43.34 145.91
CA ILE S 223 5.89 -43.15 146.65
C ILE S 223 5.49 -42.93 148.12
N ASP S 224 5.57 -43.98 148.92
CA ASP S 224 5.39 -43.88 150.36
C ASP S 224 6.65 -44.31 151.11
N SER S 225 7.22 -45.44 150.71
CA SER S 225 8.53 -45.91 151.16
C SER S 225 9.44 -46.26 150.01
N ASP S 226 8.91 -46.78 148.92
CA ASP S 226 9.67 -47.13 147.74
C ASP S 226 8.83 -46.80 146.50
N LEU S 227 9.40 -47.06 145.32
CA LEU S 227 8.72 -46.73 144.09
C LEU S 227 7.96 -47.95 143.55
N ASP S 228 6.77 -47.70 143.03
CA ASP S 228 5.96 -48.71 142.38
C ASP S 228 4.95 -48.02 141.49
N VAL S 229 4.88 -48.46 140.23
CA VAL S 229 4.02 -47.84 139.24
C VAL S 229 2.80 -48.73 139.03
N LEU S 230 1.62 -48.13 139.14
CA LEU S 230 0.36 -48.81 138.88
C LEU S 230 -0.08 -48.44 137.47
N LEU S 231 -0.04 -49.41 136.55
CA LEU S 231 -0.33 -49.14 135.15
C LEU S 231 -1.78 -48.72 134.93
N PHE S 232 -2.69 -49.06 135.84
CA PHE S 232 -4.11 -48.74 135.70
C PHE S 232 -4.76 -48.68 137.06
N PRO S 233 -4.42 -47.65 137.86
CA PRO S 233 -4.97 -47.55 139.22
C PRO S 233 -6.35 -46.93 139.25
N ASP S 234 -6.86 -46.68 140.45
CA ASP S 234 -8.14 -46.02 140.65
C ASP S 234 -7.93 -44.56 141.06
N LYS S 235 -9.04 -43.81 141.05
CA LYS S 235 -8.98 -42.40 141.39
C LYS S 235 -8.87 -42.26 142.91
N LYS S 236 -8.43 -41.09 143.37
CA LYS S 236 -8.15 -40.88 144.80
C LYS S 236 -7.09 -41.87 145.31
N GLN S 237 -6.09 -42.14 144.49
CA GLN S 237 -4.92 -42.90 144.90
C GLN S 237 -3.78 -41.91 145.11
N ARG S 238 -3.56 -41.52 146.36
CA ARG S 238 -2.56 -40.51 146.67
C ARG S 238 -1.16 -41.11 146.60
N THR S 239 -0.26 -40.44 145.87
CA THR S 239 1.10 -40.93 145.73
C THR S 239 1.84 -40.90 147.06
N PHE S 240 1.82 -39.76 147.74
CA PHE S 240 2.47 -39.59 149.02
C PHE S 240 1.48 -39.90 150.14
N GLN S 241 1.86 -39.57 151.37
CA GLN S 241 0.98 -39.77 152.52
C GLN S 241 0.44 -38.43 153.01
N SER T 3 4.31 0.09 119.77
CA SER T 3 5.69 -0.12 120.20
C SER T 3 6.45 -0.99 119.20
N ALA T 4 5.70 -1.63 118.30
CA ALA T 4 6.26 -2.45 117.22
C ALA T 4 7.04 -3.65 117.73
N PHE T 5 7.06 -3.86 119.04
CA PHE T 5 7.68 -5.05 119.63
C PHE T 5 6.69 -5.86 120.44
N GLU T 6 5.85 -5.23 121.26
CA GLU T 6 4.85 -5.95 122.01
C GLU T 6 3.81 -6.61 121.12
N ARG T 7 3.60 -6.09 119.91
CA ARG T 7 2.67 -6.71 118.97
C ARG T 7 3.09 -8.15 118.67
N VAL T 8 4.29 -8.32 118.11
CA VAL T 8 4.75 -9.65 117.74
C VAL T 8 4.99 -10.51 118.98
N VAL T 9 5.44 -9.92 120.09
CA VAL T 9 5.64 -10.70 121.31
C VAL T 9 4.33 -11.27 121.82
N ARG T 10 3.28 -10.43 121.88
CA ARG T 10 1.97 -10.91 122.29
C ARG T 10 1.45 -11.96 121.31
N ARG T 11 1.69 -11.77 120.02
CA ARG T 11 1.25 -12.77 119.03
C ARG T 11 1.94 -14.11 119.28
N VAL T 12 3.25 -14.10 119.53
CA VAL T 12 3.98 -15.33 119.75
C VAL T 12 3.51 -16.02 121.03
N VAL T 13 3.32 -15.27 122.11
CA VAL T 13 2.83 -15.88 123.34
C VAL T 13 1.41 -16.41 123.17
N GLN T 14 0.53 -15.68 122.47
CA GLN T 14 -0.84 -16.12 122.23
C GLN T 14 -0.92 -17.31 121.29
N GLU T 15 0.13 -17.56 120.49
CA GLU T 15 0.17 -18.74 119.64
C GLU T 15 0.40 -20.02 120.43
N LEU T 16 0.42 -19.94 121.76
CA LEU T 16 0.52 -21.11 122.61
C LEU T 16 -0.76 -21.38 123.40
N ASP T 17 -1.83 -20.63 123.14
CA ASP T 17 -3.08 -20.71 123.90
C ASP T 17 -2.81 -20.58 125.40
N HIS T 18 -1.96 -19.60 125.74
CA HIS T 18 -1.51 -19.39 127.12
C HIS T 18 -0.86 -20.65 127.69
N GLY T 19 -0.20 -21.43 126.84
CA GLY T 19 0.49 -22.61 127.28
C GLY T 19 1.83 -22.30 127.92
N GLY T 20 2.00 -22.71 129.18
CA GLY T 20 3.20 -22.38 129.92
C GLY T 20 3.23 -20.92 130.33
N GLU T 21 3.99 -20.65 131.39
CA GLU T 21 4.10 -19.29 131.90
C GLU T 21 4.73 -18.37 130.86
N PHE T 22 6.00 -18.61 130.55
CA PHE T 22 6.75 -17.86 129.52
C PHE T 22 6.53 -16.36 129.66
N ILE T 23 7.00 -15.83 130.79
CA ILE T 23 6.95 -14.39 131.04
C ILE T 23 7.60 -13.65 129.88
N PRO T 24 6.84 -12.92 129.09
CA PRO T 24 7.40 -12.30 127.88
C PRO T 24 8.34 -11.15 128.22
N VAL T 25 9.21 -10.85 127.25
CA VAL T 25 10.16 -9.76 127.38
C VAL T 25 9.58 -8.52 126.72
N THR T 26 9.91 -7.37 127.28
CA THR T 26 9.43 -6.09 126.75
C THR T 26 10.56 -5.13 126.42
N SER T 27 11.64 -5.14 127.20
CA SER T 27 12.76 -4.23 126.98
C SER T 27 13.65 -4.79 125.88
N LEU T 28 13.76 -4.04 124.77
CA LEU T 28 14.64 -4.46 123.67
C LEU T 28 16.08 -4.61 124.12
N GLN T 29 16.52 -3.81 125.09
CA GLN T 29 17.88 -3.94 125.60
C GLN T 29 18.02 -5.15 126.53
N SER T 30 16.90 -5.63 127.08
CA SER T 30 16.93 -6.77 127.99
C SER T 30 16.75 -8.10 127.30
N SER T 31 16.53 -8.11 125.98
CA SER T 31 16.41 -9.37 125.26
C SER T 31 17.70 -10.16 125.33
N THR T 32 18.84 -9.48 125.23
CA THR T 32 20.14 -10.16 125.30
C THR T 32 20.50 -10.59 126.71
N GLY T 33 20.09 -9.83 127.72
CA GLY T 33 20.43 -10.17 129.10
C GLY T 33 19.68 -11.35 129.66
N PHE T 34 18.61 -11.80 128.99
CA PHE T 34 17.81 -12.94 129.44
C PHE T 34 18.43 -14.20 128.85
N GLN T 35 19.34 -14.81 129.60
CA GLN T 35 20.04 -16.02 129.18
C GLN T 35 19.91 -17.05 130.29
N PRO T 36 20.12 -18.34 129.99
CA PRO T 36 20.03 -19.35 131.05
C PRO T 36 21.08 -19.13 132.13
N TYR T 37 20.77 -19.62 133.33
CA TYR T 37 21.62 -19.49 134.51
C TYR T 37 21.85 -18.03 134.92
N CYS T 38 20.98 -17.12 134.49
CA CYS T 38 21.11 -15.72 134.86
C CYS T 38 20.13 -15.37 135.97
N LEU T 39 20.53 -14.44 136.83
CA LEU T 39 19.72 -14.02 137.96
C LEU T 39 18.80 -12.89 137.56
N VAL T 40 17.55 -12.93 138.01
CA VAL T 40 16.60 -11.84 137.85
C VAL T 40 16.05 -11.48 139.22
N VAL T 41 15.61 -10.23 139.36
CA VAL T 41 15.16 -9.70 140.63
C VAL T 41 13.71 -9.26 140.50
N ARG T 42 12.87 -9.71 141.42
CA ARG T 42 11.47 -9.34 141.46
C ARG T 42 11.06 -9.03 142.89
N LYS T 43 10.52 -7.84 143.12
CA LYS T 43 10.02 -7.46 144.42
C LYS T 43 8.68 -8.14 144.68
N PRO T 44 8.27 -8.23 145.95
CA PRO T 44 6.94 -8.76 146.25
C PRO T 44 5.85 -7.86 145.68
N SER T 45 4.73 -8.50 145.33
CA SER T 45 3.59 -7.79 144.75
C SER T 45 3.00 -6.82 145.77
N SER T 46 2.28 -5.81 145.26
CA SER T 46 1.78 -4.76 146.14
C SER T 46 0.56 -5.23 146.93
N SER T 47 -0.57 -5.46 146.25
CA SER T 47 -1.69 -6.13 146.91
C SER T 47 -2.11 -7.39 146.17
N TRP T 48 -2.66 -7.29 144.95
CA TRP T 48 -2.98 -8.47 144.17
C TRP T 48 -2.61 -8.33 142.70
N PHE T 49 -2.82 -7.14 142.13
CA PHE T 49 -2.75 -6.95 140.69
C PHE T 49 -1.73 -5.92 140.24
N TRP T 50 -1.13 -5.16 141.16
CA TRP T 50 0.02 -4.32 140.83
C TRP T 50 1.23 -5.25 140.72
N LYS T 51 1.21 -6.08 139.69
CA LYS T 51 2.20 -7.13 139.52
C LYS T 51 3.58 -6.53 139.33
N PRO T 52 4.57 -6.93 140.12
CA PRO T 52 5.93 -6.40 139.95
C PRO T 52 6.54 -6.91 138.65
N ARG T 53 6.89 -5.98 137.77
CA ARG T 53 7.54 -6.34 136.52
C ARG T 53 8.91 -6.95 136.80
N TYR T 54 9.33 -7.87 135.95
CA TYR T 54 10.59 -8.56 136.14
C TYR T 54 11.75 -7.68 135.71
N LYS T 55 12.77 -7.59 136.56
CA LYS T 55 13.97 -6.81 136.27
C LYS T 55 15.12 -7.77 136.00
N CYS T 56 15.61 -7.77 134.77
CA CYS T 56 16.75 -8.61 134.42
C CYS T 56 18.02 -8.09 135.07
N VAL T 57 18.87 -9.01 135.52
CA VAL T 57 20.17 -8.68 136.06
C VAL T 57 21.22 -9.47 135.28
N ASN T 58 22.24 -8.78 134.78
CA ASN T 58 23.30 -9.42 134.02
C ASN T 58 24.30 -10.09 134.95
N LEU T 59 23.80 -11.08 135.69
CA LEU T 59 24.59 -11.81 136.66
C LEU T 59 24.30 -13.30 136.52
N SER T 60 25.36 -14.11 136.51
CA SER T 60 25.22 -15.55 136.36
C SER T 60 25.38 -16.25 137.71
N ILE T 61 25.27 -17.58 137.70
CA ILE T 61 25.42 -18.36 138.92
C ILE T 61 26.81 -18.97 139.06
N LYS T 62 27.62 -18.95 138.01
CA LYS T 62 28.94 -19.57 138.07
C LYS T 62 29.85 -18.87 139.07
N ASP T 63 29.76 -17.55 139.17
CA ASP T 63 30.61 -16.80 140.09
C ASP T 63 30.18 -16.93 141.54
N ILE T 64 28.88 -17.02 141.81
CA ILE T 64 28.41 -17.20 143.18
C ILE T 64 28.95 -18.52 143.75
N LEU T 65 28.94 -19.58 142.94
CA LEU T 65 29.68 -20.79 143.28
C LEU T 65 31.17 -20.50 143.15
N GLU T 66 31.97 -21.09 144.05
CA GLU T 66 33.38 -20.70 144.14
C GLU T 66 34.19 -21.07 142.92
N PRO T 67 34.20 -22.32 142.43
CA PRO T 67 35.26 -22.72 141.50
C PRO T 67 34.96 -22.45 140.03
N ASP T 68 34.44 -21.27 139.71
CA ASP T 68 34.39 -20.75 138.34
C ASP T 68 33.78 -21.77 137.37
N ALA T 69 32.49 -22.06 137.60
CA ALA T 69 31.81 -23.14 136.89
C ALA T 69 31.89 -23.03 135.38
N ALA T 70 31.25 -22.01 134.81
CA ALA T 70 31.21 -21.80 133.37
C ALA T 70 30.79 -23.08 132.63
N GLU T 71 29.72 -23.70 133.12
CA GLU T 71 29.25 -25.00 132.63
C GLU T 71 27.80 -24.91 132.21
N PRO T 72 27.52 -24.51 130.97
CA PRO T 72 26.14 -24.54 130.48
C PRO T 72 25.76 -25.93 130.01
N ASP T 73 24.52 -26.31 130.29
CA ASP T 73 24.03 -27.64 129.94
C ASP T 73 22.82 -27.55 129.02
N VAL T 74 22.90 -26.69 128.00
CA VAL T 74 21.81 -26.53 127.04
C VAL T 74 21.82 -27.71 126.07
N GLN T 75 20.68 -28.40 125.97
CA GLN T 75 20.54 -29.53 125.07
C GLN T 75 19.25 -29.51 124.27
N ARG T 76 18.28 -28.70 124.66
CA ARG T 76 17.00 -28.61 123.96
C ARG T 76 17.16 -27.83 122.67
N GLY T 77 16.42 -28.25 121.64
CA GLY T 77 16.45 -27.55 120.37
C GLY T 77 15.40 -27.99 119.37
N ARG T 78 14.68 -27.03 118.80
CA ARG T 78 13.70 -27.29 117.76
C ARG T 78 13.67 -26.10 116.80
N SER T 79 12.78 -26.15 115.82
CA SER T 79 12.69 -25.10 114.80
C SER T 79 11.22 -24.95 114.39
N PHE T 80 10.53 -23.98 115.01
CA PHE T 80 9.20 -23.60 114.60
C PHE T 80 9.29 -22.41 113.65
N HIS T 81 8.77 -22.58 112.44
CA HIS T 81 8.75 -21.51 111.44
C HIS T 81 7.36 -20.91 111.37
N PHE T 82 7.28 -19.58 111.47
CA PHE T 82 6.00 -18.90 111.53
C PHE T 82 5.97 -17.74 110.54
N TYR T 83 4.79 -17.51 109.96
CA TYR T 83 4.54 -16.40 109.05
C TYR T 83 3.09 -15.96 109.21
N ASP T 84 2.82 -14.70 108.89
CA ASP T 84 1.45 -14.19 108.93
C ASP T 84 1.36 -12.90 108.12
N ALA T 85 0.21 -12.25 108.23
CA ALA T 85 -0.05 -10.96 107.62
C ALA T 85 -1.28 -10.36 108.27
N MET T 86 -1.58 -9.10 107.92
CA MET T 86 -2.74 -8.40 108.46
C MET T 86 -2.90 -7.09 107.71
N ASP T 87 -4.15 -6.67 107.53
CA ASP T 87 -4.47 -5.34 107.02
C ASP T 87 -5.84 -4.93 107.53
N GLY T 88 -6.14 -3.64 107.45
CA GLY T 88 -7.41 -3.13 107.94
C GLY T 88 -7.82 -1.89 107.18
N GLN T 89 -9.09 -1.54 107.30
CA GLN T 89 -9.63 -0.34 106.65
C GLN T 89 -10.93 0.03 107.34
N ILE T 90 -10.95 1.20 107.98
CA ILE T 90 -12.14 1.70 108.64
C ILE T 90 -12.38 3.13 108.18
N GLN T 91 -13.62 3.43 107.82
CA GLN T 91 -13.99 4.74 107.32
C GLN T 91 -15.39 5.10 107.79
N GLY T 92 -15.84 6.29 107.43
CA GLY T 92 -17.16 6.74 107.79
C GLY T 92 -17.46 8.09 107.21
N SER T 93 -18.75 8.40 107.10
CA SER T 93 -19.20 9.68 106.57
C SER T 93 -20.51 10.05 107.24
N VAL T 94 -20.70 11.35 107.46
CA VAL T 94 -21.89 11.88 108.13
C VAL T 94 -22.37 13.10 107.37
N GLU T 95 -23.65 13.14 107.04
CA GLU T 95 -24.30 14.29 106.43
C GLU T 95 -25.29 14.84 107.47
N LEU T 96 -24.80 15.72 108.32
CA LEU T 96 -25.57 16.22 109.45
C LEU T 96 -26.05 17.64 109.17
N ALA T 97 -27.36 17.85 109.26
CA ALA T 97 -27.94 19.17 109.03
C ALA T 97 -28.94 19.62 110.08
N ALA T 98 -29.63 18.71 110.77
CA ALA T 98 -30.70 19.09 111.68
C ALA T 98 -30.19 19.66 113.01
N PRO T 99 -29.35 18.91 113.83
CA PRO T 99 -29.05 19.36 115.18
C PRO T 99 -28.08 20.55 115.24
N GLY T 100 -28.52 21.68 114.69
CA GLY T 100 -27.72 22.88 114.73
C GLY T 100 -28.02 23.82 113.58
N GLN T 101 -27.02 24.60 113.16
CA GLN T 101 -27.15 25.48 112.00
C GLN T 101 -26.13 25.13 110.92
N ALA T 102 -25.67 23.89 110.89
CA ALA T 102 -24.59 23.46 110.01
C ALA T 102 -25.10 22.49 108.96
N LYS T 103 -24.41 22.47 107.82
CA LYS T 103 -24.59 21.47 106.77
C LYS T 103 -23.25 20.74 106.64
N ILE T 104 -23.07 19.71 107.47
CA ILE T 104 -21.78 19.05 107.61
C ILE T 104 -21.67 17.92 106.60
N ALA T 105 -20.60 17.92 105.81
CA ALA T 105 -20.29 16.86 104.86
C ALA T 105 -18.83 16.48 105.03
N GLY T 106 -18.56 15.57 105.98
CA GLY T 106 -17.20 15.18 106.28
C GLY T 106 -17.02 13.68 106.18
N GLY T 107 -15.76 13.25 106.35
CA GLY T 107 -15.42 11.85 106.26
C GLY T 107 -14.14 11.55 106.98
N ALA T 108 -13.81 10.26 107.03
CA ALA T 108 -12.60 9.80 107.69
C ALA T 108 -12.22 8.45 107.11
N ALA T 109 -10.97 8.05 107.36
CA ALA T 109 -10.46 6.77 106.85
C ALA T 109 -9.21 6.39 107.63
N VAL T 110 -9.16 5.14 108.09
CA VAL T 110 -8.01 4.59 108.79
C VAL T 110 -7.63 3.28 108.12
N SER T 111 -6.33 3.06 107.94
CA SER T 111 -5.83 1.84 107.32
C SER T 111 -4.43 1.54 107.81
N ASP T 112 -4.09 0.25 107.89
CA ASP T 112 -2.77 -0.16 108.34
C ASP T 112 -2.51 -1.57 107.85
N SER T 113 -1.31 -2.08 108.18
CA SER T 113 -0.92 -3.44 107.83
C SER T 113 0.20 -3.89 108.75
N SER T 114 0.61 -5.15 108.59
CA SER T 114 1.68 -5.71 109.38
C SER T 114 2.16 -7.00 108.73
N SER T 115 3.33 -7.47 109.18
CA SER T 115 3.90 -8.72 108.71
C SER T 115 4.92 -9.21 109.74
N THR T 116 5.21 -10.50 109.69
CA THR T 116 6.13 -11.11 110.65
C THR T 116 6.52 -12.49 110.16
N SER T 117 7.80 -12.86 110.35
CA SER T 117 8.29 -14.20 110.06
C SER T 117 9.51 -14.47 110.93
N MET T 118 9.62 -15.70 111.43
CA MET T 118 10.71 -16.04 112.33
C MET T 118 10.86 -17.55 112.42
N ASN T 119 12.01 -17.97 112.94
CA ASN T 119 12.28 -19.34 113.35
C ASN T 119 12.63 -19.34 114.84
N VAL T 120 12.32 -20.43 115.51
CA VAL T 120 12.30 -20.44 116.97
C VAL T 120 13.03 -21.67 117.50
N TYR T 121 13.99 -21.47 118.39
CA TYR T 121 14.57 -22.50 119.24
C TYR T 121 13.85 -22.57 120.58
N SER T 122 14.35 -23.44 121.45
CA SER T 122 13.96 -23.48 122.85
C SER T 122 15.06 -24.18 123.61
N LEU T 123 15.64 -23.49 124.59
CA LEU T 123 16.74 -24.01 125.36
C LEU T 123 16.28 -24.14 126.81
N SER T 124 16.79 -25.17 127.49
CA SER T 124 16.36 -25.45 128.85
C SER T 124 17.52 -26.06 129.62
N VAL T 125 17.32 -26.21 130.93
CA VAL T 125 18.31 -26.78 131.83
C VAL T 125 17.62 -27.83 132.70
N ASP T 126 18.27 -28.98 132.85
CA ASP T 126 17.64 -30.12 133.50
C ASP T 126 17.72 -29.99 135.01
N PRO T 127 16.67 -30.42 135.74
CA PRO T 127 16.76 -30.41 137.21
C PRO T 127 17.89 -31.25 137.75
N ASN T 128 18.27 -32.33 137.05
CA ASN T 128 19.45 -33.09 137.43
C ASN T 128 20.68 -32.21 137.54
N THR T 129 20.89 -31.33 136.56
CA THR T 129 22.01 -30.41 136.62
C THR T 129 21.90 -29.49 137.83
N TRP T 130 20.69 -29.02 138.16
CA TRP T 130 20.55 -28.17 139.33
C TRP T 130 20.95 -28.90 140.61
N GLN T 131 20.47 -30.13 140.78
CA GLN T 131 20.78 -30.84 142.02
C GLN T 131 22.26 -31.21 142.09
N THR T 132 22.85 -31.63 140.97
CA THR T 132 24.29 -31.91 140.96
C THR T 132 25.09 -30.66 141.25
N LEU T 133 24.71 -29.53 140.65
CA LEU T 133 25.40 -28.26 140.87
C LEU T 133 25.34 -27.85 142.33
N LEU T 134 24.15 -27.96 142.93
CA LEU T 134 24.00 -27.58 144.33
C LEU T 134 24.82 -28.49 145.24
N HIS T 135 24.84 -29.79 144.97
CA HIS T 135 25.51 -30.72 145.87
C HIS T 135 27.03 -30.73 145.72
N GLU T 136 27.56 -30.62 144.49
CA GLU T 136 28.99 -30.79 144.30
C GLU T 136 29.77 -29.57 144.77
N ARG T 137 29.17 -28.39 144.68
CA ARG T 137 29.87 -27.15 144.93
C ARG T 137 29.02 -26.23 145.81
N HIS T 138 29.70 -25.37 146.56
CA HIS T 138 29.16 -24.71 147.74
C HIS T 138 29.01 -23.21 147.46
N LEU T 139 28.61 -22.46 148.47
CA LEU T 139 28.37 -21.02 148.34
C LEU T 139 29.58 -20.22 148.76
N ARG T 140 29.88 -19.15 148.02
CA ARG T 140 30.77 -18.10 148.51
C ARG T 140 29.98 -17.24 149.48
N GLN T 141 30.00 -17.60 150.77
CA GLN T 141 29.31 -16.80 151.76
C GLN T 141 29.89 -15.39 151.92
N PRO T 142 31.23 -15.14 151.70
CA PRO T 142 31.74 -13.76 151.69
C PRO T 142 31.59 -13.08 150.33
N GLU T 143 30.44 -13.24 149.71
CA GLU T 143 30.13 -12.61 148.43
C GLU T 143 28.76 -11.93 148.59
N HIS T 144 28.79 -10.66 148.97
CA HIS T 144 27.56 -9.90 149.11
C HIS T 144 27.64 -8.49 148.57
N LYS T 145 28.80 -8.05 148.04
CA LYS T 145 28.87 -6.72 147.45
C LYS T 145 27.84 -6.55 146.33
N VAL T 146 27.44 -7.65 145.68
CA VAL T 146 26.31 -7.63 144.75
C VAL T 146 25.02 -8.11 145.42
N LEU T 147 25.09 -8.63 146.65
CA LEU T 147 23.94 -9.22 147.31
C LEU T 147 23.56 -8.56 148.63
N GLN T 148 24.51 -7.90 149.32
CA GLN T 148 24.18 -7.27 150.59
C GLN T 148 23.14 -6.17 150.42
N GLN T 149 23.30 -5.35 149.37
CA GLN T 149 22.24 -4.39 149.06
C GLN T 149 20.96 -5.09 148.62
N LEU T 150 21.09 -6.21 147.91
CA LEU T 150 19.92 -7.03 147.60
C LEU T 150 19.29 -7.59 148.88
N ARG T 151 20.12 -7.94 149.87
CA ARG T 151 19.60 -8.35 151.16
C ARG T 151 18.84 -7.21 151.84
N SER T 152 19.36 -5.98 151.73
CA SER T 152 18.66 -4.82 152.27
C SER T 152 17.32 -4.62 151.58
N ARG T 153 17.26 -4.78 150.26
CA ARG T 153 15.99 -4.75 149.56
C ARG T 153 15.08 -5.88 150.03
N GLY T 154 15.65 -7.07 150.23
CA GLY T 154 14.88 -8.23 150.60
C GLY T 154 14.10 -8.87 149.48
N ASP T 155 14.31 -8.42 148.25
CA ASP T 155 13.55 -8.95 147.12
C ASP T 155 13.96 -10.38 146.82
N ASN T 156 12.97 -11.18 146.40
CA ASN T 156 13.23 -12.55 146.02
C ASN T 156 14.01 -12.59 144.70
N VAL T 157 15.05 -13.41 144.65
CA VAL T 157 15.92 -13.51 143.49
C VAL T 157 15.63 -14.83 142.78
N TYR T 158 15.43 -14.75 141.47
CA TYR T 158 15.09 -15.91 140.66
C TYR T 158 16.23 -16.20 139.68
N VAL T 159 16.12 -17.33 138.99
CA VAL T 159 17.05 -17.71 137.94
C VAL T 159 16.27 -18.04 136.68
N VAL T 160 16.96 -18.00 135.55
CA VAL T 160 16.37 -18.33 134.25
C VAL T 160 16.63 -19.81 133.98
N THR T 161 15.55 -20.57 133.84
CA THR T 161 15.64 -22.00 133.59
C THR T 161 15.44 -22.37 132.12
N GLU T 162 14.98 -21.44 131.28
CA GLU T 162 14.80 -21.71 129.86
C GLU T 162 14.68 -20.39 129.12
N VAL T 163 14.93 -20.45 127.81
CA VAL T 163 14.78 -19.28 126.95
C VAL T 163 14.13 -19.72 125.65
N LEU T 164 13.53 -18.77 124.94
CA LEU T 164 12.96 -18.98 123.62
C LEU T 164 13.50 -17.88 122.72
N GLN T 165 14.26 -18.26 121.69
CA GLN T 165 14.99 -17.32 120.87
C GLN T 165 14.69 -17.52 119.39
N THR T 166 15.15 -16.57 118.58
CA THR T 166 14.92 -16.56 117.14
C THR T 166 16.27 -16.61 116.43
N GLN T 167 16.36 -17.43 115.39
CA GLN T 167 17.62 -17.62 114.65
C GLN T 167 17.43 -17.31 113.17
N LYS T 168 17.39 -16.02 112.85
CA LYS T 168 17.37 -15.39 111.53
C LYS T 168 17.36 -13.89 111.75
N GLU T 169 17.55 -13.15 110.66
CA GLU T 169 17.29 -11.71 110.66
C GLU T 169 15.79 -11.53 110.47
N VAL T 170 15.04 -11.63 111.55
CA VAL T 170 13.60 -11.49 111.50
C VAL T 170 13.25 -10.01 111.37
N GLU T 171 12.10 -9.75 110.76
CA GLU T 171 11.74 -8.37 110.43
C GLU T 171 10.24 -8.16 110.65
N VAL T 172 9.88 -6.91 110.92
CA VAL T 172 8.49 -6.49 110.99
C VAL T 172 8.33 -5.23 110.14
N THR T 173 7.24 -5.16 109.40
CA THR T 173 7.00 -4.04 108.48
C THR T 173 5.60 -3.51 108.74
N ARG T 174 5.50 -2.48 109.57
CA ARG T 174 4.23 -1.87 109.89
C ARG T 174 4.05 -0.57 109.10
N THR T 175 2.84 -0.38 108.58
CA THR T 175 2.45 0.85 107.91
C THR T 175 1.23 1.42 108.62
N HIS T 176 0.87 2.65 108.27
CA HIS T 176 -0.23 3.33 108.95
C HIS T 176 -0.55 4.60 108.19
N LYS T 177 -1.83 4.98 108.20
CA LYS T 177 -2.26 6.24 107.62
C LYS T 177 -3.65 6.57 108.15
N ARG T 178 -3.81 7.78 108.69
CA ARG T 178 -5.07 8.25 109.22
C ARG T 178 -5.52 9.46 108.41
N GLU T 179 -6.73 9.39 107.87
CA GLU T 179 -7.25 10.43 106.98
C GLU T 179 -8.48 11.05 107.63
N GLY T 180 -8.44 12.36 107.84
CA GLY T 180 -9.58 13.10 108.33
C GLY T 180 -10.05 14.11 107.30
N SER T 181 -11.35 14.39 107.31
CA SER T 181 -11.93 15.31 106.35
C SER T 181 -13.12 16.01 106.99
N GLY T 182 -13.51 17.14 106.40
CA GLY T 182 -14.67 17.88 106.88
C GLY T 182 -15.03 19.05 105.99
N ARG T 183 -16.33 19.31 105.84
CA ARG T 183 -16.83 20.46 105.09
C ARG T 183 -18.04 21.00 105.85
N PHE T 184 -17.91 22.23 106.34
CA PHE T 184 -18.90 22.81 107.24
C PHE T 184 -19.50 24.06 106.60
N SER T 185 -20.81 24.04 106.38
CA SER T 185 -21.55 25.20 105.91
C SER T 185 -22.51 25.57 107.04
N LEU T 186 -22.02 26.38 107.98
CA LEU T 186 -22.76 26.69 109.21
C LEU T 186 -22.96 28.20 109.33
N PRO T 187 -24.08 28.71 108.83
CA PRO T 187 -24.41 30.12 109.09
C PRO T 187 -24.91 30.30 110.52
N GLY T 188 -24.08 30.90 111.37
CA GLY T 188 -24.44 31.07 112.76
C GLY T 188 -24.05 32.42 113.34
N ALA T 189 -23.41 32.40 114.50
CA ALA T 189 -23.01 33.63 115.20
C ALA T 189 -21.53 33.94 115.08
N THR T 190 -20.68 32.92 115.04
CA THR T 190 -19.24 33.13 114.96
C THR T 190 -18.64 32.81 113.59
N CYS T 191 -19.28 31.95 112.79
CA CYS T 191 -18.77 31.60 111.48
C CYS T 191 -19.94 31.42 110.52
N GLU T 192 -19.63 31.45 109.23
CA GLU T 192 -20.60 31.19 108.18
C GLU T 192 -20.24 29.96 107.37
N GLN T 193 -18.96 29.78 107.02
CA GLN T 193 -18.48 28.61 106.33
C GLN T 193 -17.11 28.24 106.88
N GLY T 194 -16.81 26.95 106.90
CA GLY T 194 -15.54 26.48 107.41
C GLY T 194 -15.20 25.10 106.89
N GLU T 195 -13.90 24.82 106.85
CA GLU T 195 -13.38 23.53 106.41
C GLU T 195 -12.18 23.15 107.26
N GLY T 196 -12.08 21.86 107.56
CA GLY T 196 -10.97 21.33 108.32
C GLY T 196 -10.65 19.89 108.00
N GLN T 197 -9.40 19.60 107.67
CA GLN T 197 -8.99 18.25 107.33
C GLN T 197 -7.49 18.09 107.57
N GLY T 198 -7.04 16.85 107.64
CA GLY T 198 -5.64 16.55 107.79
C GLY T 198 -5.36 15.07 107.84
N HIS T 199 -4.34 14.62 107.10
CA HIS T 199 -4.00 13.22 107.05
C HIS T 199 -2.49 13.05 107.21
N LEU T 200 -2.10 12.01 107.95
CA LEU T 200 -0.69 11.70 108.12
C LEU T 200 -0.49 10.20 107.90
N SER T 201 0.52 9.86 107.10
CA SER T 201 0.94 8.48 106.96
C SER T 201 2.03 8.15 107.97
N GLN T 202 2.43 6.88 108.01
CA GLN T 202 3.44 6.45 108.95
C GLN T 202 3.91 5.07 108.55
N LYS T 203 5.16 4.76 108.90
CA LYS T 203 5.77 3.48 108.58
C LYS T 203 6.97 3.28 109.48
N LYS T 204 7.29 2.02 109.74
CA LYS T 204 8.51 1.68 110.49
C LYS T 204 8.89 0.25 110.16
N THR T 205 10.14 -0.09 110.47
CA THR T 205 10.67 -1.42 110.17
C THR T 205 11.77 -1.74 111.15
N VAL T 206 11.56 -2.77 111.96
CA VAL T 206 12.54 -3.23 112.93
C VAL T 206 13.09 -4.57 112.47
N THR T 207 14.33 -4.85 112.86
CA THR T 207 14.99 -6.11 112.50
C THR T 207 15.73 -6.64 113.72
N ILE T 208 15.28 -7.77 114.25
CA ILE T 208 15.88 -8.38 115.43
C ILE T 208 16.94 -9.37 114.98
N PRO T 209 18.16 -9.29 115.52
CA PRO T 209 19.21 -10.22 115.12
C PRO T 209 19.00 -11.60 115.73
N SER T 210 19.76 -12.57 115.23
CA SER T 210 19.61 -13.95 115.64
C SER T 210 20.01 -14.13 117.11
N GLY T 211 19.45 -15.15 117.74
CA GLY T 211 19.75 -15.46 119.13
C GLY T 211 19.28 -14.40 120.12
N SER T 212 18.06 -13.93 119.95
CA SER T 212 17.46 -12.95 120.85
C SER T 212 16.32 -13.61 121.60
N THR T 213 16.37 -13.52 122.93
CA THR T 213 15.38 -14.20 123.77
C THR T 213 14.02 -13.51 123.68
N LEU T 214 12.97 -14.30 123.53
CA LEU T 214 11.60 -13.80 123.50
C LEU T 214 10.84 -14.04 124.80
N ALA T 215 11.10 -15.15 125.48
CA ALA T 215 10.39 -15.49 126.71
C ALA T 215 11.33 -16.28 127.61
N PHE T 216 10.96 -16.39 128.88
CA PHE T 216 11.78 -17.08 129.86
C PHE T 216 10.90 -17.60 130.99
N ARG T 217 11.44 -18.57 131.72
CA ARG T 217 10.79 -19.15 132.88
C ARG T 217 11.74 -19.07 134.06
N VAL T 218 11.18 -18.98 135.26
CA VAL T 218 11.96 -18.70 136.46
C VAL T 218 11.93 -19.91 137.39
N ALA T 219 12.87 -19.91 138.33
CA ALA T 219 12.98 -20.96 139.34
C ALA T 219 13.55 -20.33 140.60
N GLN T 220 12.69 -20.13 141.60
CA GLN T 220 13.07 -19.38 142.79
C GLN T 220 14.10 -20.14 143.62
N LEU T 221 14.98 -19.39 144.27
CA LEU T 221 15.93 -19.91 145.23
C LEU T 221 15.77 -19.17 146.56
N VAL T 222 16.28 -19.79 147.62
CA VAL T 222 16.14 -19.26 148.97
C VAL T 222 17.52 -19.03 149.57
N ILE T 223 17.71 -17.89 150.23
CA ILE T 223 18.97 -17.54 150.87
C ILE T 223 18.65 -17.17 152.32
N ASP T 224 18.73 -18.14 153.22
CA ASP T 224 18.67 -17.86 154.64
C ASP T 224 20.04 -17.97 155.30
N SER T 225 20.70 -19.11 155.10
CA SER T 225 22.10 -19.31 155.48
C SER T 225 22.91 -19.89 154.33
N ASP T 226 22.28 -20.65 153.44
CA ASP T 226 22.93 -21.22 152.26
C ASP T 226 21.96 -21.15 151.09
N LEU T 227 22.43 -21.59 149.93
CA LEU T 227 21.60 -21.53 148.73
C LEU T 227 20.88 -22.84 148.50
N ASP T 228 19.63 -22.72 148.03
CA ASP T 228 18.82 -23.88 147.66
C ASP T 228 17.75 -23.40 146.70
N VAL T 229 17.54 -24.15 145.63
CA VAL T 229 16.63 -23.76 144.56
C VAL T 229 15.34 -24.55 144.68
N LEU T 230 14.22 -23.84 144.62
CA LEU T 230 12.88 -24.45 144.57
C LEU T 230 12.35 -24.27 143.14
N LEU T 231 12.25 -25.38 142.42
CA LEU T 231 11.94 -25.30 140.99
C LEU T 231 10.56 -24.71 140.71
N PHE T 232 9.63 -24.80 141.65
CA PHE T 232 8.27 -24.26 141.48
C PHE T 232 7.64 -24.04 142.84
N PRO T 233 8.08 -23.00 143.56
CA PRO T 233 7.64 -22.83 144.95
C PRO T 233 6.25 -22.25 145.05
N ASP T 234 5.82 -22.00 146.28
CA ASP T 234 4.53 -21.37 146.57
C ASP T 234 4.70 -19.85 146.65
N LYS T 235 3.57 -19.16 146.67
CA LYS T 235 3.59 -17.71 146.76
C LYS T 235 4.03 -17.28 148.16
N LYS T 236 4.53 -16.04 148.24
CA LYS T 236 5.03 -15.47 149.50
C LYS T 236 6.13 -16.33 150.11
N GLN T 237 6.99 -16.88 149.25
CA GLN T 237 8.17 -17.61 149.69
C GLN T 237 9.34 -16.62 149.71
N ARG T 238 9.64 -16.09 150.90
CA ARG T 238 10.65 -15.05 151.03
C ARG T 238 12.03 -15.67 150.94
N THR T 239 12.82 -15.21 149.96
CA THR T 239 14.17 -15.73 149.79
C THR T 239 15.04 -15.46 151.01
N PHE T 240 15.05 -14.22 151.49
CA PHE T 240 15.83 -13.82 152.64
C PHE T 240 15.01 -14.01 153.92
N GLN T 241 15.52 -13.50 155.03
CA GLN T 241 14.81 -13.58 156.30
C GLN T 241 14.08 -12.28 156.61
N SER U 3 14.58 20.69 116.76
CA SER U 3 15.90 20.35 117.31
C SER U 3 16.55 19.23 116.49
N ALA U 4 15.71 18.40 115.88
CA ALA U 4 16.16 17.33 114.98
C ALA U 4 17.06 16.31 115.69
N PHE U 5 17.15 16.39 117.01
CA PHE U 5 17.90 15.41 117.79
C PHE U 5 17.03 14.69 118.81
N GLU U 6 16.22 15.43 119.57
CA GLU U 6 15.30 14.79 120.51
C GLU U 6 14.27 13.92 119.83
N ARG U 7 13.89 14.24 118.58
CA ARG U 7 12.86 13.46 117.90
C ARG U 7 13.30 12.01 117.72
N VAL U 8 14.48 11.82 117.11
CA VAL U 8 14.94 10.46 116.82
C VAL U 8 15.31 9.72 118.10
N VAL U 9 15.95 10.38 119.05
CA VAL U 9 16.33 9.72 120.30
C VAL U 9 15.08 9.30 121.07
N ARG U 10 14.07 10.18 121.13
CA ARG U 10 12.81 9.84 121.78
C ARG U 10 12.13 8.69 121.08
N ARG U 11 12.17 8.66 119.74
CA ARG U 11 11.59 7.53 119.01
C ARG U 11 12.32 6.23 119.33
N VAL U 12 13.64 6.28 119.42
CA VAL U 12 14.40 5.07 119.75
C VAL U 12 14.06 4.57 121.15
N VAL U 13 13.98 5.47 122.13
CA VAL U 13 13.61 5.05 123.47
C VAL U 13 12.17 4.54 123.52
N GLN U 14 11.26 5.16 122.78
CA GLN U 14 9.89 4.69 122.69
C GLN U 14 9.78 3.33 122.01
N GLU U 15 10.74 2.98 121.15
CA GLU U 15 10.77 1.67 120.51
C GLU U 15 11.07 0.55 121.49
N LEU U 16 11.29 0.88 122.76
CA LEU U 16 11.43 -0.11 123.81
C LEU U 16 10.19 -0.24 124.67
N ASP U 17 9.12 0.48 124.35
CA ASP U 17 7.89 0.52 125.15
C ASP U 17 8.20 0.83 126.60
N HIS U 18 8.99 1.88 126.82
CA HIS U 18 9.40 2.31 128.16
C HIS U 18 10.15 1.22 128.90
N GLY U 19 10.78 0.31 128.14
CA GLY U 19 11.52 -0.78 128.74
C GLY U 19 12.88 -0.36 129.26
N GLY U 20 13.12 -0.58 130.55
CA GLY U 20 14.35 -0.16 131.17
C GLY U 20 14.42 1.34 131.36
N GLU U 21 15.37 1.76 132.19
CA GLU U 21 15.54 3.19 132.44
C GLU U 21 16.14 3.87 131.20
N PHE U 22 17.37 3.50 130.86
CA PHE U 22 18.08 3.98 129.66
C PHE U 22 17.84 5.47 129.43
N ILE U 23 18.29 6.26 130.39
CA ILE U 23 18.16 7.71 130.38
C ILE U 23 18.69 8.25 129.06
N PRO U 24 17.83 8.81 128.21
CA PRO U 24 18.28 9.32 126.92
C PRO U 24 19.13 10.58 127.08
N VAL U 25 19.98 10.81 126.08
CA VAL U 25 20.87 11.94 126.07
C VAL U 25 20.24 13.07 125.26
N THR U 26 20.57 14.30 125.61
CA THR U 26 20.05 15.47 124.92
C THR U 26 21.14 16.32 124.29
N SER U 27 22.33 16.36 124.88
CA SER U 27 23.44 17.15 124.35
C SER U 27 24.20 16.33 123.33
N LEU U 28 24.15 16.76 122.07
CA LEU U 28 24.93 16.09 121.02
C LEU U 28 26.41 16.14 121.31
N GLN U 29 26.88 17.14 122.06
CA GLN U 29 28.28 17.18 122.46
C GLN U 29 28.58 16.16 123.55
N SER U 30 27.62 15.86 124.40
CA SER U 30 27.80 14.93 125.50
C SER U 30 27.63 13.48 125.09
N SER U 31 27.21 13.22 123.84
CA SER U 31 27.12 11.85 123.37
C SER U 31 28.48 11.17 123.38
N THR U 32 29.53 11.88 122.94
CA THR U 32 30.88 11.33 123.00
C THR U 32 31.39 11.24 124.43
N GLY U 33 30.93 12.10 125.33
CA GLY U 33 31.37 12.06 126.71
C GLY U 33 30.73 10.96 127.54
N PHE U 34 29.66 10.34 127.03
CA PHE U 34 28.99 9.25 127.75
C PHE U 34 29.61 7.93 127.29
N GLN U 35 30.54 7.44 128.10
CA GLN U 35 31.25 6.19 127.83
C GLN U 35 31.25 5.36 129.10
N PRO U 36 31.50 4.05 129.03
CA PRO U 36 31.55 3.24 130.24
C PRO U 36 32.63 3.72 131.19
N TYR U 37 32.38 3.53 132.49
CA TYR U 37 33.27 3.92 133.58
C TYR U 37 33.43 5.43 133.72
N CYS U 38 32.55 6.20 133.08
CA CYS U 38 32.60 7.66 133.18
C CYS U 38 31.69 8.13 134.30
N LEU U 39 32.04 9.27 134.89
CA LEU U 39 31.31 9.82 136.03
C LEU U 39 30.31 10.87 135.56
N VAL U 40 29.16 10.92 136.22
CA VAL U 40 28.17 11.96 136.00
C VAL U 40 27.84 12.59 137.35
N VAL U 41 27.32 13.82 137.30
CA VAL U 41 27.01 14.60 138.50
C VAL U 41 25.52 14.94 138.46
N ARG U 42 24.83 14.65 139.56
CA ARG U 42 23.40 14.94 139.68
C ARG U 42 23.13 15.51 141.06
N LYS U 43 22.63 16.74 141.09
CA LYS U 43 22.18 17.36 142.32
C LYS U 43 20.80 16.82 142.70
N PRO U 44 20.49 16.76 144.00
CA PRO U 44 19.19 16.22 144.43
C PRO U 44 18.03 17.04 143.89
N SER U 45 16.93 16.34 143.60
CA SER U 45 15.75 16.95 143.02
C SER U 45 15.21 18.05 143.93
N SER U 46 14.48 18.99 143.33
CA SER U 46 14.06 20.17 144.08
C SER U 46 12.95 19.83 145.07
N SER U 47 11.76 19.50 144.56
CA SER U 47 10.72 18.92 145.43
C SER U 47 10.27 17.55 144.93
N TRP U 48 9.61 17.48 143.77
CA TRP U 48 9.31 16.19 143.15
C TRP U 48 9.56 16.19 141.65
N PHE U 49 9.23 17.30 140.98
CA PHE U 49 9.10 17.30 139.54
C PHE U 49 10.06 18.24 138.81
N TRP U 50 10.89 18.99 139.53
CA TRP U 50 12.00 19.70 138.91
C TRP U 50 13.15 18.72 138.77
N LYS U 51 13.02 17.85 137.78
CA LYS U 51 13.96 16.74 137.60
C LYS U 51 15.35 17.28 137.32
N PRO U 52 16.35 16.96 138.13
CA PRO U 52 17.73 17.40 137.85
C PRO U 52 18.29 16.65 136.65
N ARG U 53 18.46 17.38 135.55
CA ARG U 53 19.03 16.77 134.35
C ARG U 53 20.47 16.35 134.61
N TYR U 54 20.90 15.30 133.93
CA TYR U 54 22.20 14.71 134.19
C TYR U 54 23.30 15.54 133.54
N LYS U 55 24.35 15.81 134.31
CA LYS U 55 25.51 16.57 133.84
C LYS U 55 26.67 15.60 133.66
N CYS U 56 27.02 15.35 132.40
CA CYS U 56 28.13 14.46 132.09
C CYS U 56 29.45 15.09 132.51
N VAL U 57 30.34 14.28 133.07
CA VAL U 57 31.69 14.69 133.42
C VAL U 57 32.67 13.78 132.69
N ASN U 58 33.61 14.38 131.96
CA ASN U 58 34.59 13.63 131.19
C ASN U 58 35.70 13.12 132.10
N LEU U 59 35.32 12.25 133.03
CA LEU U 59 36.24 11.69 134.02
C LEU U 59 36.00 10.20 134.16
N SER U 60 37.07 9.42 134.12
CA SER U 60 36.98 7.98 134.27
C SER U 60 37.28 7.57 135.71
N ILE U 61 37.14 6.29 136.00
CA ILE U 61 37.42 5.78 137.35
C ILE U 61 38.81 5.18 137.47
N LYS U 62 39.50 4.93 136.35
CA LYS U 62 40.83 4.32 136.42
C LYS U 62 41.82 5.21 137.15
N ASP U 63 41.78 6.52 136.89
CA ASP U 63 42.66 7.46 137.57
C ASP U 63 42.36 7.61 139.06
N ILE U 64 41.08 7.61 139.44
CA ILE U 64 40.73 7.72 140.85
C ILE U 64 41.32 6.56 141.63
N LEU U 65 41.23 5.34 141.10
CA LEU U 65 41.93 4.20 141.64
C LEU U 65 43.43 4.35 141.39
N GLU U 66 44.23 3.94 142.39
CA GLU U 66 45.67 4.24 142.30
C GLU U 66 46.38 3.54 141.15
N PRO U 67 46.28 2.21 140.97
CA PRO U 67 47.20 1.56 140.03
C PRO U 67 46.73 1.57 138.58
N ASP U 68 46.22 2.70 138.10
CA ASP U 68 46.04 2.98 136.68
C ASP U 68 45.43 1.80 135.92
N ALA U 69 44.18 1.50 136.27
CA ALA U 69 43.50 0.31 135.74
C ALA U 69 43.47 0.28 134.22
N ALA U 70 42.73 1.21 133.61
CA ALA U 70 42.56 1.24 132.15
C ALA U 70 42.10 -0.12 131.63
N GLU U 71 41.09 -0.68 132.28
CA GLU U 71 40.61 -2.04 132.00
C GLU U 71 39.13 -1.99 131.66
N PRO U 72 38.77 -1.73 130.40
CA PRO U 72 37.36 -1.82 130.01
C PRO U 72 36.96 -3.26 129.74
N ASP U 73 35.77 -3.62 130.23
CA ASP U 73 35.29 -4.99 130.10
C ASP U 73 33.99 -5.02 129.32
N VAL U 74 33.92 -4.29 128.21
CA VAL U 74 32.74 -4.31 127.35
C VAL U 74 32.72 -5.62 126.58
N GLN U 75 31.63 -6.38 126.73
CA GLN U 75 31.48 -7.65 126.06
C GLN U 75 30.12 -7.84 125.40
N ARG U 76 29.14 -7.03 125.73
CA ARG U 76 27.81 -7.11 125.13
C ARG U 76 27.85 -6.52 123.72
N GLY U 77 27.11 -7.15 122.81
CA GLY U 77 27.03 -6.65 121.46
C GLY U 77 25.97 -7.32 120.59
N ARG U 78 25.15 -6.50 119.93
CA ARG U 78 24.15 -6.96 118.99
C ARG U 78 23.96 -5.88 117.94
N SER U 79 23.10 -6.17 116.96
CA SER U 79 22.85 -5.24 115.85
C SER U 79 21.35 -5.20 115.57
N PHE U 80 20.67 -4.20 116.11
CA PHE U 80 19.28 -3.93 115.78
C PHE U 80 19.23 -2.90 114.65
N HIS U 81 18.58 -3.26 113.55
CA HIS U 81 18.40 -2.36 112.42
C HIS U 81 17.01 -1.74 112.51
N PHE U 82 16.93 -0.43 112.31
CA PHE U 82 15.69 0.30 112.43
C PHE U 82 15.54 1.26 111.26
N TYR U 83 14.29 1.52 110.87
CA TYR U 83 13.98 2.44 109.79
C TYR U 83 12.54 2.87 109.93
N ASP U 84 12.25 4.12 109.54
CA ASP U 84 10.89 4.62 109.59
C ASP U 84 10.79 5.84 108.67
N ALA U 85 9.56 6.33 108.52
CA ALA U 85 9.29 7.51 107.72
C ALA U 85 8.02 8.18 108.26
N MET U 86 7.70 9.34 107.72
CA MET U 86 6.53 10.09 108.17
C MET U 86 6.30 11.25 107.20
N ASP U 87 5.02 11.59 107.02
CA ASP U 87 4.62 12.78 106.29
C ASP U 87 3.20 13.17 106.70
N GLY U 88 2.81 14.39 106.41
CA GLY U 88 1.51 14.88 106.80
C GLY U 88 1.10 16.08 105.97
N GLN U 89 -0.16 16.46 106.12
CA GLN U 89 -0.68 17.64 105.41
C GLN U 89 -1.94 18.10 106.14
N ILE U 90 -1.90 19.29 106.71
CA ILE U 90 -3.04 19.86 107.42
C ILE U 90 -3.35 21.22 106.81
N GLN U 91 -4.61 21.41 106.47
CA GLN U 91 -5.03 22.65 105.82
C GLN U 91 -6.38 23.08 106.39
N GLY U 92 -6.92 24.15 105.83
CA GLY U 92 -8.20 24.67 106.25
C GLY U 92 -8.63 25.82 105.39
N SER U 93 -9.95 26.07 105.39
CA SER U 93 -10.52 27.17 104.63
C SER U 93 -11.74 27.69 105.37
N VAL U 94 -11.88 29.01 105.40
CA VAL U 94 -12.98 29.67 106.09
C VAL U 94 -13.52 30.78 105.19
N GLU U 95 -14.82 30.74 104.92
CA GLU U 95 -15.51 31.81 104.20
C GLU U 95 -16.45 32.45 105.22
N LEU U 96 -15.95 33.45 105.91
CA LEU U 96 -16.65 34.08 107.03
C LEU U 96 -17.28 35.39 106.58
N ALA U 97 -18.58 35.55 106.86
CA ALA U 97 -19.29 36.76 106.46
C ALA U 97 -20.13 37.40 107.54
N ALA U 98 -20.63 36.64 108.52
CA ALA U 98 -21.61 37.18 109.48
C ALA U 98 -20.98 38.05 110.57
N PRO U 99 -19.99 37.56 111.37
CA PRO U 99 -19.52 38.31 112.54
C PRO U 99 -18.67 39.53 112.19
N GLY U 100 -19.29 40.52 111.55
CA GLY U 100 -18.61 41.74 111.17
C GLY U 100 -19.19 42.29 109.89
N GLN U 101 -18.35 42.95 109.08
CA GLN U 101 -18.74 43.43 107.76
C GLN U 101 -17.76 42.94 106.69
N ALA U 102 -17.05 41.86 106.97
CA ALA U 102 -15.99 41.35 106.11
C ALA U 102 -16.48 40.17 105.29
N LYS U 103 -15.92 40.05 104.08
CA LYS U 103 -16.12 38.89 103.20
C LYS U 103 -14.77 38.19 103.18
N ILE U 104 -14.53 37.33 104.17
CA ILE U 104 -13.22 36.75 104.38
C ILE U 104 -13.10 35.45 103.61
N ALA U 105 -12.07 35.35 102.76
CA ALA U 105 -11.74 34.13 102.06
C ALA U 105 -10.26 33.83 102.30
N GLY U 106 -10.00 33.00 103.31
CA GLY U 106 -8.63 32.70 103.70
C GLY U 106 -8.34 31.23 103.58
N GLY U 107 -7.07 30.88 103.83
CA GLY U 107 -6.63 29.51 103.77
C GLY U 107 -5.30 29.33 104.44
N ALA U 108 -4.95 28.07 104.69
CA ALA U 108 -3.69 27.72 105.31
C ALA U 108 -3.34 26.30 104.94
N ALA U 109 -2.07 25.93 105.16
CA ALA U 109 -1.60 24.59 104.84
C ALA U 109 -0.29 24.35 105.58
N VAL U 110 -0.20 23.22 106.28
CA VAL U 110 1.00 22.80 106.99
C VAL U 110 1.39 21.43 106.49
N SER U 111 2.66 21.27 106.10
CA SER U 111 3.15 20.00 105.60
C SER U 111 4.58 19.79 106.08
N ASP U 112 4.95 18.52 106.28
CA ASP U 112 6.28 18.17 106.73
C ASP U 112 6.53 16.70 106.44
N SER U 113 7.75 16.27 106.72
CA SER U 113 8.14 14.87 106.53
C SER U 113 9.33 14.56 107.41
N SER U 114 9.82 13.33 107.32
CA SER U 114 10.97 12.89 108.09
C SER U 114 11.45 11.55 107.54
N SER U 115 12.63 11.15 107.99
CA SER U 115 13.21 9.86 107.64
C SER U 115 14.33 9.54 108.61
N THR U 116 14.56 8.25 108.84
CA THR U 116 15.59 7.80 109.77
C THR U 116 15.91 6.34 109.49
N SER U 117 17.18 5.98 109.66
CA SER U 117 17.63 4.59 109.55
C SER U 117 18.92 4.44 110.32
N MET U 118 19.00 3.43 111.18
CA MET U 118 20.13 3.34 112.10
C MET U 118 20.35 1.90 112.53
N ASN U 119 21.55 1.63 113.02
CA ASN U 119 21.95 0.36 113.59
C ASN U 119 22.49 0.59 115.00
N VAL U 120 22.21 -0.36 115.90
CA VAL U 120 22.36 -0.13 117.33
C VAL U 120 23.05 -1.32 117.99
N TYR U 121 24.16 -1.05 118.69
CA TYR U 121 24.76 -1.98 119.64
C TYR U 121 24.19 -1.77 121.05
N SER U 122 24.83 -2.41 122.02
CA SER U 122 24.57 -2.16 123.43
C SER U 122 25.77 -2.69 124.20
N LEU U 123 26.40 -1.83 124.98
CA LEU U 123 27.58 -2.19 125.76
C LEU U 123 27.22 -2.21 127.23
N SER U 124 27.85 -3.12 127.96
CA SER U 124 27.53 -3.32 129.37
C SER U 124 28.82 -3.54 130.15
N VAL U 125 28.72 -3.43 131.47
CA VAL U 125 29.81 -3.77 132.38
C VAL U 125 29.27 -4.76 133.40
N ASP U 126 30.01 -5.84 133.61
CA ASP U 126 29.52 -6.92 134.45
C ASP U 126 29.67 -6.56 135.93
N PRO U 127 28.70 -6.92 136.77
CA PRO U 127 28.86 -6.66 138.21
C PRO U 127 30.07 -7.36 138.82
N ASN U 128 30.49 -8.49 138.27
CA ASN U 128 31.72 -9.12 138.72
C ASN U 128 32.93 -8.21 138.53
N THR U 129 33.01 -7.52 137.39
CA THR U 129 34.10 -6.57 137.19
C THR U 129 34.05 -5.47 138.23
N TRP U 130 32.86 -4.95 138.54
CA TRP U 130 32.75 -3.91 139.56
C TRP U 130 33.23 -4.41 140.91
N GLN U 131 32.75 -5.59 141.34
CA GLN U 131 33.13 -6.10 142.65
C GLN U 131 34.62 -6.39 142.74
N THR U 132 35.21 -7.01 141.72
CA THR U 132 36.64 -7.29 141.78
C THR U 132 37.45 -5.99 141.73
N LEU U 133 37.05 -5.05 140.87
CA LEU U 133 37.76 -3.79 140.76
C LEU U 133 37.77 -3.05 142.09
N LEU U 134 36.64 -3.06 142.80
CA LEU U 134 36.61 -2.50 144.15
C LEU U 134 37.48 -3.30 145.10
N HIS U 135 37.46 -4.64 144.98
CA HIS U 135 38.11 -5.48 145.98
C HIS U 135 39.63 -5.44 145.94
N GLU U 136 40.27 -5.61 144.78
CA GLU U 136 41.72 -5.64 144.80
C GLU U 136 42.32 -4.25 145.05
N ARG U 137 41.70 -3.21 144.50
CA ARG U 137 42.32 -1.89 144.48
C ARG U 137 41.39 -0.87 145.12
N HIS U 138 42.01 0.14 145.74
CA HIS U 138 41.34 1.04 146.67
C HIS U 138 41.37 2.48 146.15
N LEU U 139 40.98 3.40 147.03
CA LEU U 139 40.81 4.81 146.68
C LEU U 139 42.10 5.59 146.89
N ARG U 140 42.37 6.54 146.00
CA ARG U 140 43.37 7.59 146.23
C ARG U 140 42.70 8.69 147.05
N GLN U 141 42.82 8.60 148.37
CA GLN U 141 42.21 9.60 149.24
C GLN U 141 42.78 11.01 149.04
N PRO U 142 44.09 11.21 148.65
CA PRO U 142 44.57 12.56 148.32
C PRO U 142 44.27 12.96 146.88
N GLU U 143 43.05 12.68 146.42
CA GLU U 143 42.60 13.07 145.09
C GLU U 143 41.25 13.75 145.26
N HIS U 144 41.28 15.07 145.44
CA HIS U 144 40.06 15.83 145.62
C HIS U 144 40.02 17.15 144.88
N LYS U 145 41.08 17.51 144.14
CA LYS U 145 41.02 18.72 143.33
C LYS U 145 39.86 18.68 142.33
N VAL U 146 39.44 17.48 141.93
CA VAL U 146 38.20 17.31 141.18
C VAL U 146 37.04 16.91 142.07
N LEU U 147 37.30 16.60 143.34
CA LEU U 147 36.27 16.10 144.25
C LEU U 147 35.99 17.00 145.45
N GLN U 148 36.98 17.76 145.93
CA GLN U 148 36.76 18.59 147.11
C GLN U 148 35.69 19.63 146.87
N GLN U 149 35.73 20.31 145.72
CA GLN U 149 34.61 21.17 145.36
C GLN U 149 33.33 20.36 145.15
N LEU U 150 33.45 19.20 144.52
CA LEU U 150 32.30 18.30 144.41
C LEU U 150 31.80 17.87 145.78
N ARG U 151 32.71 17.72 146.75
CA ARG U 151 32.29 17.47 148.13
C ARG U 151 31.54 18.68 148.70
N SER U 152 32.01 19.88 148.39
CA SER U 152 31.33 21.10 148.86
C SER U 152 29.92 21.19 148.30
N ARG U 153 29.73 20.87 147.02
CA ARG U 153 28.39 20.82 146.46
C ARG U 153 27.57 19.70 147.12
N GLY U 154 28.22 18.57 147.39
CA GLY U 154 27.52 17.43 147.95
C GLY U 154 26.67 16.66 146.97
N ASP U 155 26.82 16.92 145.68
CA ASP U 155 26.01 16.25 144.67
C ASP U 155 26.36 14.77 144.61
N ASN U 156 25.34 13.94 144.42
CA ASN U 156 25.55 12.51 144.26
C ASN U 156 26.21 12.24 142.91
N VAL U 157 27.18 11.34 142.91
CA VAL U 157 27.96 11.02 141.72
C VAL U 157 27.72 9.57 141.35
N TYR U 158 27.65 9.29 140.05
CA TYR U 158 27.32 7.97 139.54
C TYR U 158 28.42 7.48 138.61
N VAL U 159 28.17 6.32 138.02
CA VAL U 159 29.01 5.76 136.98
C VAL U 159 28.11 5.29 135.83
N VAL U 160 28.73 5.10 134.67
CA VAL U 160 28.02 4.66 133.47
C VAL U 160 28.17 3.15 133.36
N THR U 161 27.04 2.44 133.38
CA THR U 161 27.03 0.99 133.30
C THR U 161 26.42 0.46 132.01
N GLU U 162 25.68 1.28 131.26
CA GLU U 162 25.04 0.85 130.04
C GLU U 162 25.27 1.89 128.95
N VAL U 163 25.53 1.42 127.74
CA VAL U 163 25.74 2.31 126.59
C VAL U 163 24.97 1.76 125.41
N LEU U 164 24.21 2.62 124.74
CA LEU U 164 23.50 2.29 123.52
C LEU U 164 23.99 3.23 122.43
N GLN U 165 24.71 2.67 121.45
CA GLN U 165 25.42 3.47 120.46
C GLN U 165 25.09 3.00 119.05
N THR U 166 25.46 3.84 118.08
CA THR U 166 25.32 3.55 116.66
C THR U 166 26.70 3.51 116.02
N GLN U 167 26.82 2.78 114.90
CA GLN U 167 28.12 2.53 114.26
C GLN U 167 27.99 2.80 112.76
N LYS U 168 27.09 3.70 112.39
CA LYS U 168 26.83 3.94 110.97
C LYS U 168 26.55 5.42 110.77
N GLU U 169 26.71 5.86 109.53
CA GLU U 169 26.46 7.26 109.17
C GLU U 169 24.95 7.47 109.14
N VAL U 170 24.35 7.54 110.32
CA VAL U 170 22.91 7.63 110.44
C VAL U 170 22.49 9.08 110.27
N GLU U 171 21.45 9.29 109.46
CA GLU U 171 21.12 10.63 109.00
C GLU U 171 19.61 10.80 108.96
N VAL U 172 19.17 12.06 109.03
CA VAL U 172 17.77 12.43 108.99
C VAL U 172 17.60 13.56 107.98
N THR U 173 16.46 13.57 107.27
CA THR U 173 16.12 14.64 106.34
C THR U 173 14.71 15.12 106.68
N ARG U 174 14.62 16.10 107.57
CA ARG U 174 13.34 16.72 107.88
C ARG U 174 13.05 17.86 106.89
N THR U 175 11.78 18.09 106.65
CA THR U 175 11.31 19.22 105.84
C THR U 175 10.13 19.86 106.54
N HIS U 176 9.79 21.07 106.12
CA HIS U 176 8.71 21.81 106.77
C HIS U 176 8.33 22.99 105.88
N LYS U 177 7.05 23.30 105.83
CA LYS U 177 6.55 24.45 105.07
C LYS U 177 5.22 24.88 105.66
N ARG U 178 5.11 26.16 105.98
CA ARG U 178 3.88 26.73 106.53
C ARG U 178 3.34 27.74 105.54
N GLU U 179 2.11 27.52 105.07
CA GLU U 179 1.50 28.34 104.03
C GLU U 179 0.35 29.13 104.65
N GLY U 180 0.37 30.45 104.46
CA GLY U 180 -0.71 31.30 104.89
C GLY U 180 -1.38 31.96 103.69
N SER U 181 -2.67 32.23 103.84
CA SER U 181 -3.43 32.86 102.77
C SER U 181 -4.57 33.67 103.38
N GLY U 182 -5.10 34.61 102.60
CA GLY U 182 -6.21 35.42 103.06
C GLY U 182 -6.68 36.44 102.05
N ARG U 183 -8.01 36.54 101.88
CA ARG U 183 -8.62 37.55 101.05
C ARG U 183 -9.73 38.22 101.86
N PHE U 184 -9.60 39.53 102.07
CA PHE U 184 -10.48 40.26 102.97
C PHE U 184 -11.15 41.39 102.22
N SER U 185 -12.47 41.47 102.34
CA SER U 185 -13.27 42.58 101.81
C SER U 185 -14.14 43.08 102.95
N LEU U 186 -13.59 44.01 103.73
CA LEU U 186 -14.24 44.49 104.96
C LEU U 186 -14.45 45.99 104.86
N PRO U 187 -15.61 46.43 104.38
CA PRO U 187 -15.95 47.85 104.43
C PRO U 187 -16.25 48.30 105.85
N GLY U 188 -15.33 49.05 106.46
CA GLY U 188 -15.52 49.47 107.84
C GLY U 188 -15.08 50.90 108.11
N ALA U 189 -14.33 51.09 109.19
CA ALA U 189 -13.86 52.40 109.60
C ALA U 189 -12.41 52.67 109.24
N THR U 190 -11.57 51.64 109.20
CA THR U 190 -10.16 51.79 108.89
C THR U 190 -9.75 51.20 107.55
N CYS U 191 -10.49 50.24 107.01
CA CYS U 191 -10.15 49.60 105.75
C CYS U 191 -11.41 49.31 104.96
N GLU U 192 -11.24 49.04 103.67
CA GLU U 192 -12.33 48.63 102.80
C GLU U 192 -12.15 47.20 102.29
N GLN U 193 -10.93 46.82 101.94
CA GLN U 193 -10.60 45.44 101.66
C GLN U 193 -9.11 45.25 101.91
N GLY U 194 -8.69 44.00 102.09
CA GLY U 194 -7.31 43.73 102.39
C GLY U 194 -6.89 42.35 101.92
N GLU U 195 -5.57 42.18 101.82
CA GLU U 195 -4.98 40.90 101.47
C GLU U 195 -3.79 40.63 102.38
N GLY U 196 -3.60 39.36 102.71
CA GLY U 196 -2.47 38.95 103.51
C GLY U 196 -2.14 37.48 103.33
N GLN U 197 -0.88 37.19 103.02
CA GLN U 197 -0.44 35.82 102.82
C GLN U 197 1.08 35.75 102.93
N GLY U 198 1.57 34.58 103.34
CA GLY U 198 2.99 34.34 103.43
C GLY U 198 3.32 32.90 103.69
N HIS U 199 4.22 32.34 102.88
CA HIS U 199 4.61 30.94 103.03
C HIS U 199 6.13 30.85 103.09
N LEU U 200 6.63 29.93 103.91
CA LEU U 200 8.06 29.74 104.05
C LEU U 200 8.38 28.25 104.03
N SER U 201 9.36 27.88 103.23
CA SER U 201 9.85 26.51 103.22
C SER U 201 10.99 26.36 104.24
N GLN U 202 11.37 25.11 104.49
CA GLN U 202 12.42 24.82 105.46
C GLN U 202 12.79 23.36 105.35
N LYS U 203 14.04 23.06 105.68
CA LYS U 203 14.53 21.68 105.75
C LYS U 203 15.87 21.69 106.46
N LYS U 204 16.34 20.48 106.78
CA LYS U 204 17.66 20.33 107.39
C LYS U 204 18.08 18.87 107.26
N THR U 205 19.35 18.62 107.56
CA THR U 205 19.92 17.27 107.43
C THR U 205 21.08 17.16 108.39
N VAL U 206 20.97 16.25 109.35
CA VAL U 206 22.03 15.99 110.33
C VAL U 206 22.46 14.54 110.20
N THR U 207 23.78 14.34 110.24
CA THR U 207 24.35 13.00 110.09
C THR U 207 25.16 12.68 111.34
N ILE U 208 24.71 11.69 112.10
CA ILE U 208 25.39 11.27 113.33
C ILE U 208 26.42 10.22 112.97
N PRO U 209 27.69 10.42 113.33
CA PRO U 209 28.74 9.47 112.97
C PRO U 209 28.73 8.23 113.87
N SER U 210 29.65 7.32 113.56
CA SER U 210 29.72 6.06 114.28
C SER U 210 30.16 6.27 115.72
N GLY U 211 29.80 5.32 116.59
CA GLY U 211 30.22 5.35 117.97
C GLY U 211 29.66 6.51 118.77
N SER U 212 28.38 6.80 118.63
CA SER U 212 27.73 7.89 119.32
C SER U 212 26.72 7.32 120.32
N THR U 213 26.94 7.61 121.60
CA THR U 213 26.04 7.10 122.63
C THR U 213 24.68 7.76 122.53
N LEU U 214 23.61 6.96 122.64
CA LEU U 214 22.25 7.46 122.58
C LEU U 214 21.55 7.47 123.93
N ALA U 215 21.82 6.49 124.78
CA ALA U 215 21.23 6.41 126.10
C ALA U 215 22.21 5.73 127.04
N PHE U 216 21.90 5.75 128.33
CA PHE U 216 22.79 5.18 129.33
C PHE U 216 22.00 4.84 130.58
N ARG U 217 22.62 4.01 131.42
CA ARG U 217 22.12 3.70 132.75
C ARG U 217 23.24 3.91 133.74
N VAL U 218 22.86 4.19 134.99
CA VAL U 218 23.81 4.61 136.01
C VAL U 218 23.80 3.61 137.17
N ALA U 219 24.84 3.72 138.01
CA ALA U 219 24.98 2.90 139.20
C ALA U 219 25.55 3.76 140.31
N GLN U 220 24.73 4.08 141.31
CA GLN U 220 25.12 5.02 142.34
C GLN U 220 26.22 4.44 143.23
N LEU U 221 27.11 5.32 143.68
CA LEU U 221 28.18 4.97 144.60
C LEU U 221 28.20 5.95 145.77
N VAL U 222 28.80 5.50 146.87
CA VAL U 222 28.81 6.27 148.12
C VAL U 222 30.24 6.60 148.49
N ILE U 223 30.48 7.83 148.92
CA ILE U 223 31.82 8.32 149.29
C ILE U 223 31.69 8.94 150.68
N ASP U 224 32.02 8.16 151.70
CA ASP U 224 32.12 8.70 153.05
C ASP U 224 33.56 8.69 153.56
N SER U 225 34.21 7.54 153.50
CA SER U 225 35.63 7.39 153.78
C SER U 225 36.37 6.67 152.67
N ASP U 226 35.72 5.69 152.03
CA ASP U 226 36.29 4.95 150.91
C ASP U 226 35.19 4.77 149.87
N LEU U 227 35.57 4.33 148.68
CA LEU U 227 34.64 4.20 147.58
C LEU U 227 33.88 2.89 147.66
N ASP U 228 32.60 2.93 147.31
CA ASP U 228 31.75 1.76 147.27
C ASP U 228 30.55 2.06 146.39
N VAL U 229 30.28 1.18 145.43
CA VAL U 229 29.22 1.37 144.45
C VAL U 229 28.05 0.46 144.79
N LEU U 230 26.84 1.01 144.78
CA LEU U 230 25.62 0.27 145.04
C LEU U 230 24.87 0.10 143.73
N LEU U 231 24.82 -1.13 143.22
CA LEU U 231 24.12 -1.38 141.96
C LEU U 231 22.62 -1.12 142.06
N PHE U 232 22.01 -1.45 143.20
CA PHE U 232 20.57 -1.24 143.39
C PHE U 232 20.36 -0.43 144.67
N PRO U 233 20.63 0.88 144.62
CA PRO U 233 20.45 1.71 145.81
C PRO U 233 19.02 2.21 145.96
N ASP U 234 18.79 3.02 146.99
CA ASP U 234 17.49 3.62 147.23
C ASP U 234 17.56 5.14 147.05
N LYS U 235 16.39 5.76 147.00
CA LYS U 235 16.32 7.21 146.88
C LYS U 235 16.80 7.87 148.17
N LYS U 236 17.32 9.09 148.03
CA LYS U 236 17.89 9.84 149.15
C LYS U 236 19.04 9.07 149.80
N GLN U 237 19.84 8.39 148.99
CA GLN U 237 21.07 7.74 149.43
C GLN U 237 22.20 8.72 149.16
N ARG U 238 22.50 9.56 150.15
CA ARG U 238 23.46 10.63 149.97
C ARG U 238 24.88 10.07 149.86
N THR U 239 25.57 10.42 148.78
CA THR U 239 26.93 9.92 148.56
C THR U 239 27.87 10.43 149.64
N PHE U 240 27.87 11.73 149.89
CA PHE U 240 28.72 12.34 150.90
C PHE U 240 27.97 12.41 152.23
N GLN U 241 28.52 13.16 153.18
CA GLN U 241 27.87 13.35 154.47
C GLN U 241 27.32 14.76 154.59
N SER V 3 23.76 40.07 110.42
CA SER V 3 25.18 39.90 110.69
C SER V 3 25.75 38.72 109.91
N ALA V 4 24.86 37.83 109.47
CA ALA V 4 25.21 36.67 108.65
C ALA V 4 26.13 35.69 109.38
N PHE V 5 26.41 35.97 110.65
CA PHE V 5 27.21 35.09 111.49
C PHE V 5 26.43 34.60 112.71
N GLU V 6 25.72 35.49 113.39
CA GLU V 6 24.88 35.07 114.51
C GLU V 6 23.76 34.13 114.06
N ARG V 7 23.33 34.23 112.80
CA ARG V 7 22.28 33.34 112.30
C ARG V 7 22.71 31.89 112.39
N VAL V 8 23.80 31.54 111.70
CA VAL V 8 24.25 30.16 111.65
C VAL V 8 24.74 29.68 113.01
N VAL V 9 25.38 30.56 113.79
CA VAL V 9 25.84 30.17 115.13
C VAL V 9 24.64 29.87 116.02
N ARG V 10 23.62 30.72 116.00
CA ARG V 10 22.43 30.45 116.77
C ARG V 10 21.76 29.15 116.33
N ARG V 11 21.73 28.90 115.02
CA ARG V 11 21.14 27.66 114.52
C ARG V 11 21.92 26.44 115.00
N VAL V 12 23.25 26.48 114.93
CA VAL V 12 24.05 25.31 115.30
C VAL V 12 23.98 25.07 116.81
N VAL V 13 23.92 26.13 117.62
CA VAL V 13 23.72 25.93 119.05
C VAL V 13 22.32 25.41 119.36
N GLN V 14 21.29 25.93 118.68
CA GLN V 14 19.95 25.40 118.82
C GLN V 14 19.84 23.95 118.36
N GLU V 15 20.75 23.49 117.51
CA GLU V 15 20.79 22.11 117.07
C GLU V 15 21.23 21.15 118.16
N LEU V 16 21.37 21.64 119.40
CA LEU V 16 21.60 20.81 120.56
C LEU V 16 20.43 20.84 121.55
N ASP V 17 19.34 21.53 121.20
CA ASP V 17 18.19 21.72 122.10
C ASP V 17 18.63 22.29 123.45
N HIS V 18 19.49 23.30 123.40
CA HIS V 18 19.99 23.99 124.59
C HIS V 18 20.73 23.04 125.53
N GLY V 19 21.34 21.99 124.97
CA GLY V 19 22.13 21.07 125.75
C GLY V 19 23.58 21.50 125.83
N GLY V 20 24.12 21.53 127.03
CA GLY V 20 25.47 22.02 127.24
C GLY V 20 25.53 23.55 127.17
N GLU V 21 26.45 24.11 127.94
CA GLU V 21 26.56 25.56 128.02
C GLU V 21 26.94 26.16 126.67
N PHE V 22 28.16 25.89 126.21
CA PHE V 22 28.67 26.38 124.92
C PHE V 22 28.29 27.84 124.69
N ILE V 23 28.85 28.70 125.53
CA ILE V 23 28.74 30.15 125.35
C ILE V 23 29.12 30.48 123.92
N PRO V 24 28.17 30.91 123.09
CA PRO V 24 28.46 31.09 121.66
C PRO V 24 29.40 32.26 121.41
N VAL V 25 30.13 32.15 120.31
CA VAL V 25 31.07 33.19 119.90
C VAL V 25 30.38 34.10 118.92
N THR V 26 30.76 35.36 118.93
CA THR V 26 30.17 36.37 118.06
C THR V 26 31.20 37.06 117.18
N SER V 27 32.43 37.21 117.65
CA SER V 27 33.46 37.92 116.92
C SER V 27 34.25 36.92 116.08
N LEU V 28 34.27 37.14 114.76
CA LEU V 28 35.18 36.39 113.90
C LEU V 28 36.63 36.56 114.32
N GLN V 29 36.97 37.71 114.91
CA GLN V 29 38.33 37.90 115.41
C GLN V 29 38.58 37.09 116.67
N SER V 30 37.57 36.91 117.51
CA SER V 30 37.70 36.12 118.72
C SER V 30 37.46 34.63 118.47
N SER V 31 36.93 34.27 117.31
CA SER V 31 36.78 32.85 116.97
C SER V 31 38.14 32.16 116.90
N THR V 32 39.13 32.84 116.31
CA THR V 32 40.47 32.28 116.26
C THR V 32 41.18 32.37 117.61
N GLY V 33 40.79 33.32 118.46
CA GLY V 33 41.43 33.46 119.75
C GLY V 33 40.91 32.52 120.82
N PHE V 34 39.79 31.84 120.56
CA PHE V 34 39.21 30.89 121.52
C PHE V 34 39.82 29.52 121.25
N GLN V 35 40.90 29.21 121.97
CA GLN V 35 41.60 27.95 121.88
C GLN V 35 41.72 27.35 123.27
N PRO V 36 41.94 26.05 123.39
CA PRO V 36 42.13 25.46 124.73
C PRO V 36 43.33 26.07 125.44
N TYR V 37 43.24 26.12 126.77
CA TYR V 37 44.26 26.67 127.66
C TYR V 37 44.39 28.18 127.53
N CYS V 38 43.43 28.85 126.89
CA CYS V 38 43.45 30.30 126.76
C CYS V 38 42.70 30.94 127.92
N LEU V 39 43.09 32.16 128.26
CA LEU V 39 42.50 32.89 129.37
C LEU V 39 41.46 33.87 128.84
N VAL V 40 40.30 33.91 129.49
CA VAL V 40 39.25 34.87 129.17
C VAL V 40 38.95 35.70 130.41
N VAL V 41 38.47 36.92 130.19
CA VAL V 41 38.17 37.86 131.25
C VAL V 41 36.70 38.23 131.17
N ARG V 42 36.00 38.13 132.30
CA ARG V 42 34.58 38.44 132.37
C ARG V 42 34.31 39.23 133.64
N LYS V 43 33.68 40.38 133.50
CA LYS V 43 33.39 41.25 134.63
C LYS V 43 32.14 40.80 135.37
N PRO V 44 32.01 41.14 136.65
CA PRO V 44 30.79 40.79 137.38
C PRO V 44 29.57 41.43 136.77
N SER V 45 28.45 40.71 136.87
CA SER V 45 27.18 41.18 136.32
C SER V 45 26.71 42.42 137.07
N SER V 46 25.81 43.18 136.44
CA SER V 46 25.38 44.44 137.04
C SER V 46 24.38 44.20 138.17
N SER V 47 23.18 43.72 137.84
CA SER V 47 22.30 43.17 138.88
C SER V 47 21.90 41.73 138.56
N TRP V 48 21.10 41.50 137.51
CA TRP V 48 20.78 40.14 137.09
C TRP V 48 20.81 39.97 135.58
N PHE V 49 20.33 40.99 134.85
CA PHE V 49 20.04 40.85 133.43
C PHE V 49 21.07 41.50 132.52
N TRP V 50 21.85 42.47 132.99
CA TRP V 50 22.93 43.03 132.20
C TRP V 50 24.04 41.99 132.16
N LYS V 51 23.83 40.96 131.33
CA LYS V 51 24.73 39.83 131.29
C LYS V 51 26.10 40.26 130.78
N PRO V 52 27.16 40.09 131.55
CA PRO V 52 28.50 40.52 131.10
C PRO V 52 29.01 39.60 130.00
N ARG V 53 29.23 40.16 128.81
CA ARG V 53 29.76 39.40 127.70
C ARG V 53 31.20 38.97 128.01
N TYR V 54 31.53 37.74 127.63
CA TYR V 54 32.87 37.23 127.84
C TYR V 54 33.85 37.91 126.89
N LYS V 55 34.97 38.37 127.45
CA LYS V 55 35.99 39.07 126.69
C LYS V 55 37.22 38.17 126.59
N CYS V 56 37.61 37.83 125.36
CA CYS V 56 38.73 36.91 125.16
C CYS V 56 40.06 37.64 125.31
N VAL V 57 41.04 36.92 125.84
CA VAL V 57 42.42 37.41 125.92
C VAL V 57 43.31 36.37 125.25
N ASN V 58 44.12 36.81 124.28
CA ASN V 58 45.00 35.91 123.54
C ASN V 58 46.24 35.55 124.38
N LEU V 59 45.99 34.86 125.48
CA LEU V 59 47.04 34.49 126.41
C LEU V 59 46.81 33.06 126.89
N SER V 60 47.87 32.26 126.92
CA SER V 60 47.77 30.87 127.35
C SER V 60 48.24 30.72 128.79
N ILE V 61 48.15 29.50 129.31
CA ILE V 61 48.57 29.22 130.68
C ILE V 61 50.01 28.75 130.77
N LYS V 62 50.64 28.41 129.65
CA LYS V 62 51.98 27.84 129.69
C LYS V 62 53.00 28.81 130.26
N ASP V 63 52.91 30.10 129.91
CA ASP V 63 53.84 31.09 130.45
C ASP V 63 53.54 31.45 131.89
N ILE V 64 52.29 31.30 132.34
CA ILE V 64 51.96 31.58 133.73
C ILE V 64 52.71 30.65 134.67
N LEU V 65 52.72 29.36 134.38
CA LEU V 65 53.57 28.41 135.08
C LEU V 65 55.00 28.51 134.56
N GLU V 66 55.97 28.37 135.48
CA GLU V 66 57.33 28.81 135.16
C GLU V 66 57.99 27.99 134.05
N PRO V 67 57.97 26.65 134.05
CA PRO V 67 58.83 25.93 133.10
C PRO V 67 58.21 25.71 131.72
N ASP V 68 57.56 26.73 131.16
CA ASP V 68 57.21 26.79 129.74
C ASP V 68 56.56 25.49 129.25
N ALA V 69 55.35 25.24 129.76
CA ALA V 69 54.67 23.97 129.51
C ALA V 69 54.54 23.64 128.03
N ALA V 70 53.74 24.42 127.31
CA ALA V 70 53.47 24.19 125.89
C ALA V 70 53.07 22.73 125.64
N GLU V 71 52.16 22.22 126.46
CA GLU V 71 51.74 20.82 126.42
C GLU V 71 50.23 20.74 126.26
N PRO V 72 49.73 20.80 125.02
CA PRO V 72 48.30 20.57 124.80
C PRO V 72 47.96 19.09 124.81
N ASP V 73 46.87 18.75 125.49
CA ASP V 73 46.45 17.36 125.60
C ASP V 73 45.07 17.17 124.99
N VAL V 74 44.85 17.72 123.80
CA VAL V 74 43.58 17.58 123.11
C VAL V 74 43.46 16.16 122.57
N GLN V 75 42.39 15.47 122.93
CA GLN V 75 42.16 14.10 122.48
C GLN V 75 40.78 13.88 121.89
N ARG V 76 39.84 14.79 122.12
CA ARG V 76 38.49 14.64 121.60
C ARG V 76 38.47 14.87 120.09
N GLY V 77 37.61 14.13 119.41
CA GLY V 77 37.44 14.29 117.98
C GLY V 77 36.26 13.53 117.44
N ARG V 78 35.40 14.21 116.68
CA ARG V 78 34.23 13.59 116.07
C ARG V 78 33.79 14.48 114.91
N SER V 79 32.92 13.94 114.05
CA SER V 79 32.58 14.61 112.79
C SER V 79 31.06 14.56 112.59
N PHE V 80 30.41 15.68 112.89
CA PHE V 80 28.99 15.85 112.60
C PHE V 80 28.83 16.66 111.33
N HIS V 81 28.11 16.10 110.36
CA HIS V 81 27.81 16.80 109.11
C HIS V 81 26.41 17.40 109.20
N PHE V 82 26.32 18.72 109.09
CA PHE V 82 25.06 19.43 109.26
C PHE V 82 24.74 20.21 108.00
N TYR V 83 23.45 20.24 107.64
CA TYR V 83 22.99 20.93 106.45
C TYR V 83 21.57 21.41 106.68
N ASP V 84 21.21 22.52 106.03
CA ASP V 84 19.86 23.05 106.11
C ASP V 84 19.66 24.09 105.02
N ALA V 85 18.49 24.73 105.06
CA ALA V 85 18.14 25.80 104.13
C ALA V 85 16.98 26.58 104.73
N MET V 86 16.49 27.55 103.97
CA MET V 86 15.38 28.38 104.42
C MET V 86 14.89 29.22 103.25
N ASP V 87 13.59 29.49 103.24
CA ASP V 87 12.96 30.34 102.24
C ASP V 87 11.83 31.10 102.89
N GLY V 88 11.40 32.20 102.28
CA GLY V 88 10.29 32.98 102.80
C GLY V 88 9.79 33.96 101.78
N GLN V 89 8.49 34.25 101.85
CA GLN V 89 7.87 35.21 100.93
C GLN V 89 6.54 35.65 101.52
N ILE V 90 6.43 36.94 101.82
CA ILE V 90 5.17 37.54 102.30
C ILE V 90 4.85 38.73 101.42
N GLN V 91 3.60 39.16 101.47
CA GLN V 91 3.14 40.28 100.67
C GLN V 91 1.85 40.83 101.27
N GLY V 92 1.24 41.77 100.54
CA GLY V 92 -0.01 42.37 100.98
C GLY V 92 -0.55 43.31 99.93
N SER V 93 -1.86 43.58 100.04
CA SER V 93 -2.53 44.47 99.11
C SER V 93 -3.72 45.11 99.82
N VAL V 94 -3.90 46.42 99.59
CA VAL V 94 -4.95 47.19 100.24
C VAL V 94 -5.59 48.11 99.20
N GLU V 95 -6.93 48.12 99.16
CA GLU V 95 -7.69 49.05 98.34
C GLU V 95 -8.53 49.88 99.31
N LEU V 96 -7.97 50.99 99.78
CA LEU V 96 -8.57 51.81 100.82
C LEU V 96 -9.19 53.07 100.21
N ALA V 97 -10.47 53.31 100.53
CA ALA V 97 -11.16 54.47 99.98
C ALA V 97 -11.87 55.34 101.02
N ALA V 98 -12.45 54.77 102.07
CA ALA V 98 -13.30 55.55 102.98
C ALA V 98 -12.52 56.43 103.95
N PRO V 99 -11.58 55.87 104.80
CA PRO V 99 -10.99 56.67 105.89
C PRO V 99 -10.04 57.76 105.39
N GLY V 100 -10.56 58.67 104.60
CA GLY V 100 -9.79 59.77 104.06
C GLY V 100 -10.42 60.32 102.79
N GLN V 101 -9.59 60.81 101.88
CA GLN V 101 -10.05 61.28 100.58
C GLN V 101 -9.29 60.60 99.43
N ALA V 102 -8.79 59.39 99.66
CA ALA V 102 -7.90 58.72 98.73
C ALA V 102 -8.54 57.46 98.17
N LYS V 103 -8.04 57.05 97.00
CA LYS V 103 -8.32 55.74 96.41
C LYS V 103 -6.97 55.02 96.32
N ILE V 104 -6.60 54.36 97.40
CA ILE V 104 -5.24 53.83 97.54
C ILE V 104 -5.18 52.44 96.93
N ALA V 105 -4.25 52.24 96.01
CA ALA V 105 -3.95 50.93 95.43
C ALA V 105 -2.45 50.68 95.59
N GLY V 106 -2.09 49.96 96.64
CA GLY V 106 -0.69 49.73 96.95
C GLY V 106 -0.43 48.25 97.24
N GLY V 107 0.86 47.93 97.33
CA GLY V 107 1.28 46.57 97.60
C GLY V 107 2.68 46.54 98.18
N ALA V 108 3.07 45.35 98.63
CA ALA V 108 4.38 45.15 99.21
C ALA V 108 4.76 43.68 99.03
N ALA V 109 6.05 43.39 99.23
CA ALA V 109 6.56 42.04 99.09
C ALA V 109 7.93 41.95 99.75
N VAL V 110 8.14 40.90 100.55
CA VAL V 110 9.41 40.62 101.19
C VAL V 110 9.81 39.19 100.86
N SER V 111 11.05 39.01 100.43
CA SER V 111 11.55 37.69 100.07
C SER V 111 13.00 37.56 100.51
N ASP V 112 13.40 36.33 100.82
CA ASP V 112 14.77 36.05 101.23
C ASP V 112 15.04 34.56 101.13
N SER V 113 16.28 34.18 101.40
CA SER V 113 16.68 32.78 101.39
C SER V 113 17.94 32.64 102.24
N SER V 114 18.34 31.38 102.46
CA SER V 114 19.54 31.08 103.22
C SER V 114 19.97 29.65 102.93
N SER V 115 21.23 29.36 103.24
CA SER V 115 21.76 28.01 103.11
C SER V 115 22.99 27.88 104.00
N THR V 116 23.33 26.65 104.34
CA THR V 116 24.49 26.37 105.19
C THR V 116 24.85 24.90 105.07
N SER V 117 26.14 24.62 104.92
CA SER V 117 26.66 23.27 104.91
C SER V 117 28.01 23.27 105.62
N MET V 118 28.16 22.40 106.60
CA MET V 118 29.35 22.43 107.45
C MET V 118 29.59 21.06 108.05
N ASN V 119 30.81 20.87 108.54
CA ASN V 119 31.21 19.73 109.35
C ASN V 119 31.74 20.23 110.67
N VAL V 120 31.36 19.56 111.75
CA VAL V 120 31.61 20.06 113.09
C VAL V 120 32.48 19.07 113.86
N TYR V 121 33.59 19.56 114.39
CA TYR V 121 34.48 18.81 115.26
C TYR V 121 34.23 19.23 116.70
N SER V 122 35.03 18.70 117.63
CA SER V 122 34.89 19.05 119.04
C SER V 122 36.15 18.63 119.78
N LEU V 123 36.72 19.56 120.54
CA LEU V 123 37.91 19.30 121.34
C LEU V 123 37.63 19.63 122.80
N SER V 124 38.31 18.93 123.69
CA SER V 124 38.16 19.13 125.12
C SER V 124 39.50 18.90 125.80
N VAL V 125 39.52 19.12 127.11
CA VAL V 125 40.71 18.85 127.93
C VAL V 125 40.26 18.08 129.17
N ASP V 126 40.99 17.03 129.50
CA ASP V 126 40.58 16.15 130.58
C ASP V 126 40.91 16.77 131.93
N PRO V 127 40.06 16.57 132.95
CA PRO V 127 40.42 17.06 134.29
C PRO V 127 41.69 16.44 134.85
N ASN V 128 42.06 15.24 134.40
CA ASN V 128 43.32 14.65 134.81
C ASN V 128 44.52 15.52 134.43
N THR V 129 44.52 16.06 133.21
CA THR V 129 45.58 16.96 132.81
C THR V 129 45.61 18.21 133.68
N TRP V 130 44.44 18.77 133.99
CA TRP V 130 44.37 19.92 134.87
C TRP V 130 44.98 19.61 136.24
N GLN V 131 44.60 18.47 136.82
CA GLN V 131 45.10 18.15 138.16
C GLN V 131 46.59 17.88 138.15
N THR V 132 47.10 17.13 137.16
CA THR V 132 48.53 16.86 137.14
C THR V 132 49.33 18.12 136.87
N LEU V 133 48.84 18.99 135.97
CA LEU V 133 49.51 20.24 135.67
C LEU V 133 49.56 21.15 136.91
N LEU V 134 48.47 21.23 137.65
CA LEU V 134 48.47 22.04 138.86
C LEU V 134 49.40 21.45 139.92
N HIS V 135 49.41 20.13 140.06
CA HIS V 135 50.20 19.51 141.12
C HIS V 135 51.70 19.52 140.84
N GLU V 136 52.13 19.36 139.59
CA GLU V 136 53.57 19.29 139.33
C GLU V 136 54.22 20.67 139.43
N ARG V 137 53.50 21.71 139.03
CA ARG V 137 54.08 23.02 138.80
C ARG V 137 53.22 24.10 139.43
N HIS V 138 53.86 25.22 139.76
CA HIS V 138 53.24 26.33 140.49
C HIS V 138 53.24 27.58 139.63
N LEU V 139 52.87 28.70 140.26
CA LEU V 139 52.75 29.97 139.57
C LEU V 139 54.05 30.76 139.64
N ARG V 140 54.43 31.37 138.52
CA ARG V 140 55.48 32.38 138.52
C ARG V 140 54.87 33.66 139.07
N GLN V 141 54.99 33.84 140.39
CA GLN V 141 54.33 34.94 141.08
C GLN V 141 54.74 36.34 140.60
N PRO V 142 55.99 36.59 140.08
CA PRO V 142 56.31 37.90 139.51
C PRO V 142 55.81 38.06 138.07
N GLU V 143 54.56 37.65 137.82
CA GLU V 143 53.92 37.83 136.53
C GLU V 143 52.57 38.48 136.80
N HIS V 144 52.57 39.82 136.86
CA HIS V 144 51.34 40.56 137.10
C HIS V 144 51.17 41.78 136.21
N LYS V 145 52.18 42.17 135.43
CA LYS V 145 52.00 43.29 134.53
C LYS V 145 50.95 43.01 133.47
N VAL V 146 50.54 41.75 133.31
CA VAL V 146 49.31 41.42 132.60
C VAL V 146 48.17 41.10 133.56
N LEU V 147 48.43 41.06 134.87
CA LEU V 147 47.44 40.70 135.87
C LEU V 147 47.24 41.75 136.96
N GLN V 148 48.24 42.59 137.23
CA GLN V 148 48.10 43.61 138.26
C GLN V 148 47.02 44.63 137.89
N GLN V 149 47.00 45.07 136.63
CA GLN V 149 45.87 45.89 136.19
C GLN V 149 44.58 45.07 136.17
N LEU V 150 44.67 43.78 135.85
CA LEU V 150 43.52 42.91 136.03
C LEU V 150 43.15 42.77 137.51
N ARG V 151 44.15 42.78 138.39
CA ARG V 151 43.87 42.77 139.83
C ARG V 151 43.12 44.02 140.24
N SER V 152 43.51 45.19 139.71
CA SER V 152 42.77 46.42 139.97
C SER V 152 41.36 46.35 139.41
N ARG V 153 41.20 45.80 138.21
CA ARG V 153 39.87 45.54 137.68
C ARG V 153 39.13 44.54 138.56
N GLY V 154 39.84 43.51 139.02
CA GLY V 154 39.23 42.48 139.84
C GLY V 154 38.34 41.51 139.10
N ASP V 155 38.32 41.58 137.78
CA ASP V 155 37.46 40.69 137.00
C ASP V 155 37.94 39.25 137.12
N ASN V 156 36.98 38.34 137.29
CA ASN V 156 37.31 36.92 137.38
C ASN V 156 37.84 36.42 136.05
N VAL V 157 38.97 35.73 136.10
CA VAL V 157 39.62 35.20 134.90
C VAL V 157 39.36 33.71 134.83
N TYR V 158 39.01 33.23 133.63
CA TYR V 158 38.67 31.84 133.40
C TYR V 158 39.67 31.22 132.44
N VAL V 159 39.47 29.94 132.16
CA VAL V 159 40.22 29.23 131.13
C VAL V 159 39.24 28.70 130.11
N VAL V 160 39.78 28.10 129.05
CA VAL V 160 38.99 27.46 128.02
C VAL V 160 39.20 25.96 128.13
N THR V 161 38.11 25.21 128.28
CA THR V 161 38.18 23.78 128.57
C THR V 161 37.49 22.90 127.53
N GLU V 162 36.49 23.40 126.81
CA GLU V 162 36.03 22.73 125.60
C GLU V 162 35.87 23.75 124.49
N VAL V 163 36.10 23.31 123.26
CA VAL V 163 35.89 24.14 122.07
C VAL V 163 35.16 23.31 121.03
N LEU V 164 34.22 23.93 120.34
CA LEU V 164 33.50 23.32 119.23
C LEU V 164 33.91 24.09 117.97
N GLN V 165 34.78 23.49 117.17
CA GLN V 165 35.32 24.14 115.99
C GLN V 165 35.14 23.25 114.77
N THR V 166 35.40 23.83 113.60
CA THR V 166 35.20 23.17 112.31
C THR V 166 36.49 23.19 111.52
N GLN V 167 36.83 22.04 110.92
CA GLN V 167 37.91 21.95 109.93
C GLN V 167 37.34 21.35 108.65
N LYS V 168 36.74 22.20 107.83
CA LYS V 168 36.18 22.13 106.48
C LYS V 168 35.77 23.54 106.11
N GLU V 169 35.70 23.79 104.80
CA GLU V 169 35.40 25.13 104.30
C GLU V 169 33.90 25.34 104.30
N VAL V 170 33.38 25.93 105.36
CA VAL V 170 31.96 26.21 105.48
C VAL V 170 31.64 27.49 104.74
N GLU V 171 30.48 27.51 104.09
CA GLU V 171 30.04 28.66 103.32
C GLU V 171 28.60 28.97 103.67
N VAL V 172 28.26 30.26 103.65
CA VAL V 172 26.90 30.72 103.91
C VAL V 172 26.51 31.72 102.83
N THR V 173 25.30 31.57 102.30
CA THR V 173 24.81 32.41 101.22
C THR V 173 23.39 32.86 101.57
N ARG V 174 23.14 34.16 101.43
CA ARG V 174 21.83 34.74 101.69
C ARG V 174 21.38 35.58 100.51
N THR V 175 20.13 36.04 100.59
CA THR V 175 19.57 37.01 99.66
C THR V 175 18.49 37.79 100.38
N HIS V 176 17.94 38.80 99.70
CA HIS V 176 16.92 39.65 100.31
C HIS V 176 16.27 40.49 99.22
N LYS V 177 14.96 40.66 99.32
CA LYS V 177 14.20 41.47 98.37
C LYS V 177 13.09 42.18 99.11
N ARG V 178 13.05 43.50 99.03
CA ARG V 178 11.98 44.29 99.61
C ARG V 178 11.40 45.18 98.52
N GLU V 179 10.12 44.96 98.19
CA GLU V 179 9.47 45.64 97.08
C GLU V 179 8.29 46.43 97.62
N GLY V 180 8.34 47.75 97.46
CA GLY V 180 7.23 48.61 97.84
C GLY V 180 6.52 49.11 96.60
N SER V 181 5.23 49.43 96.76
CA SER V 181 4.42 49.92 95.67
C SER V 181 3.36 50.86 96.21
N GLY V 182 2.82 51.71 95.33
CA GLY V 182 1.79 52.63 95.73
C GLY V 182 1.20 53.43 94.58
N ARG V 183 -0.12 53.50 94.52
CA ARG V 183 -0.84 54.33 93.55
C ARG V 183 -1.98 55.02 94.27
N PHE V 184 -1.82 56.33 94.51
CA PHE V 184 -2.76 57.09 95.31
C PHE V 184 -3.54 58.03 94.41
N SER V 185 -4.86 57.96 94.49
CA SER V 185 -5.76 58.90 93.81
C SER V 185 -6.53 59.62 94.92
N LEU V 186 -5.95 60.71 95.41
CA LEU V 186 -6.45 61.41 96.59
C LEU V 186 -6.78 62.85 96.25
N PRO V 187 -8.04 63.13 95.89
CA PRO V 187 -8.47 64.52 95.75
C PRO V 187 -8.67 65.16 97.13
N GLY V 188 -7.76 66.03 97.53
CA GLY V 188 -7.84 66.65 98.83
C GLY V 188 -7.47 68.13 98.82
N ALA V 189 -6.65 68.54 99.80
CA ALA V 189 -6.24 69.93 99.93
C ALA V 189 -4.82 70.20 99.45
N THR V 190 -3.93 69.21 99.53
CA THR V 190 -2.55 69.38 99.12
C THR V 190 -2.18 68.68 97.81
N CYS V 191 -2.92 67.65 97.41
CA CYS V 191 -2.62 66.92 96.20
C CYS V 191 -3.92 66.44 95.56
N GLU V 192 -3.80 65.92 94.35
CA GLU V 192 -4.91 65.30 93.64
C GLU V 192 -4.69 63.81 93.41
N GLN V 193 -3.44 63.41 93.14
CA GLN V 193 -3.06 62.01 93.10
C GLN V 193 -1.56 61.91 93.32
N GLY V 194 -1.10 60.71 93.68
CA GLY V 194 0.31 60.50 93.91
C GLY V 194 0.71 59.06 93.72
N GLU V 195 2.00 58.85 93.51
CA GLU V 195 2.56 57.51 93.37
C GLU V 195 3.89 57.44 94.12
N GLY V 196 4.17 56.28 94.68
CA GLY V 196 5.41 56.08 95.40
C GLY V 196 5.78 54.61 95.52
N GLN V 197 7.00 54.26 95.14
CA GLN V 197 7.46 52.88 95.19
C GLN V 197 8.97 52.85 95.24
N GLY V 198 9.50 51.74 95.75
CA GLY V 198 10.94 51.53 95.78
C GLY V 198 11.30 50.12 96.17
N HIS V 199 12.17 49.48 95.38
CA HIS V 199 12.56 48.11 95.63
C HIS V 199 14.08 48.00 95.57
N LEU V 200 14.64 47.19 96.47
CA LEU V 200 16.07 46.97 96.51
C LEU V 200 16.36 45.51 96.82
N SER V 201 17.25 44.91 96.04
CA SER V 201 17.74 43.58 96.33
C SER V 201 18.95 43.67 97.24
N GLN V 202 19.39 42.51 97.73
CA GLN V 202 20.55 42.44 98.61
C GLN V 202 20.95 40.99 98.77
N LYS V 203 22.25 40.77 98.91
CA LYS V 203 22.79 39.42 99.10
C LYS V 203 24.22 39.54 99.61
N LYS V 204 24.74 38.43 100.12
CA LYS V 204 26.12 38.40 100.59
C LYS V 204 26.60 36.96 100.63
N THR V 205 27.90 36.79 100.84
CA THR V 205 28.52 35.47 100.83
C THR V 205 29.75 35.51 101.73
N VAL V 206 29.68 34.81 102.85
CA VAL V 206 30.79 34.72 103.80
C VAL V 206 31.27 33.28 103.84
N THR V 207 32.58 33.10 103.78
CA THR V 207 33.18 31.77 103.82
C THR V 207 34.17 31.72 104.98
N ILE V 208 33.86 30.90 105.98
CA ILE V 208 34.71 30.76 107.16
C ILE V 208 35.71 29.63 106.92
N PRO V 209 37.00 29.87 107.10
CA PRO V 209 38.00 28.83 106.85
C PRO V 209 38.04 27.79 107.97
N SER V 210 38.78 26.72 107.71
CA SER V 210 38.87 25.61 108.65
C SER V 210 39.57 26.05 109.93
N GLY V 211 39.25 25.35 111.03
CA GLY V 211 39.87 25.64 112.31
C GLY V 211 39.34 26.89 112.98
N SER V 212 38.03 27.12 112.88
CA SER V 212 37.38 28.29 113.48
C SER V 212 36.47 27.81 114.59
N THR V 213 36.64 28.39 115.79
CA THR V 213 35.86 27.97 116.94
C THR V 213 34.47 28.58 116.90
N LEU V 214 33.46 27.78 117.21
CA LEU V 214 32.07 28.22 117.22
C LEU V 214 31.51 28.38 118.62
N ALA V 215 32.00 27.63 119.59
CA ALA V 215 31.51 27.70 120.96
C ALA V 215 32.61 27.23 121.91
N PHE V 216 32.45 27.54 123.19
CA PHE V 216 33.46 27.22 124.18
C PHE V 216 32.82 27.11 125.54
N ARG V 217 33.57 26.54 126.49
CA ARG V 217 33.18 26.45 127.88
C ARG V 217 34.36 26.86 128.75
N VAL V 218 34.06 27.33 129.96
CA VAL V 218 35.07 27.91 130.83
C VAL V 218 35.18 27.09 132.10
N ALA V 219 36.26 27.35 132.84
CA ALA V 219 36.50 26.71 134.13
C ALA V 219 37.21 27.72 135.03
N GLN V 220 36.49 28.23 136.02
CA GLN V 220 36.99 29.33 136.82
C GLN V 220 38.19 28.93 137.66
N LEU V 221 39.15 29.84 137.78
CA LEU V 221 40.31 29.68 138.65
C LEU V 221 40.32 30.82 139.67
N VAL V 222 41.00 30.58 140.79
CA VAL V 222 41.05 31.52 141.90
C VAL V 222 42.51 31.89 142.15
N ILE V 223 42.76 33.19 142.33
CA ILE V 223 44.11 33.71 142.61
C ILE V 223 44.00 34.53 143.90
N ASP V 224 44.28 33.88 145.03
CA ASP V 224 44.43 34.61 146.29
C ASP V 224 45.89 34.65 146.73
N SER V 225 46.54 33.51 146.79
CA SER V 225 47.97 33.40 147.02
C SER V 225 48.66 32.53 145.98
N ASP V 226 47.99 31.48 145.50
CA ASP V 226 48.52 30.58 144.50
C ASP V 226 47.42 30.26 143.50
N LEU V 227 47.79 29.57 142.43
CA LEU V 227 46.84 29.25 141.37
C LEU V 227 46.09 27.96 141.69
N ASP V 228 44.79 27.96 141.41
CA ASP V 228 43.95 26.78 141.58
C ASP V 228 42.69 26.98 140.76
N VAL V 229 42.34 25.96 139.97
CA VAL V 229 41.20 26.02 139.06
C VAL V 229 40.05 25.23 139.66
N LEU V 230 38.87 25.85 139.71
CA LEU V 230 37.65 25.18 140.13
C LEU V 230 36.83 24.87 138.89
N LEU V 231 36.72 23.59 138.54
CA LEU V 231 36.05 23.20 137.32
C LEU V 231 34.58 23.55 137.31
N PHE V 232 33.95 23.68 138.48
CA PHE V 232 32.52 23.98 138.57
C PHE V 232 32.21 24.67 139.89
N PRO V 233 32.66 25.93 140.05
CA PRO V 233 32.42 26.63 141.31
C PRO V 233 31.04 27.27 141.35
N ASP V 234 30.77 28.02 142.41
CA ASP V 234 29.50 28.71 142.57
C ASP V 234 29.61 30.17 142.11
N LYS V 235 28.47 30.82 141.98
CA LYS V 235 28.44 32.22 141.57
C LYS V 235 28.94 33.09 142.72
N LYS V 236 29.38 34.30 142.38
CA LYS V 236 30.00 35.21 143.34
C LYS V 236 31.23 34.60 143.99
N GLN V 237 32.01 33.87 143.19
CA GLN V 237 33.31 33.34 143.62
C GLN V 237 34.38 34.22 142.98
N ARG V 238 34.83 35.22 143.73
CA ARG V 238 35.77 36.19 143.20
C ARG V 238 37.16 35.59 143.11
N THR V 239 37.80 35.75 141.94
CA THR V 239 39.15 35.20 141.75
C THR V 239 40.15 35.88 142.68
N PHE V 240 40.14 37.21 142.73
CA PHE V 240 41.02 37.98 143.57
C PHE V 240 40.34 38.25 144.91
N GLN V 241 40.96 39.13 145.71
CA GLN V 241 40.40 39.48 147.00
C GLN V 241 39.69 40.83 146.95
N SER W 3 31.86 58.49 99.45
CA SER W 3 33.27 58.36 99.78
C SER W 3 33.88 57.12 99.14
N ALA W 4 33.02 56.13 98.88
CA ALA W 4 33.40 54.89 98.21
C ALA W 4 34.41 54.07 99.02
N PHE W 5 34.75 54.54 100.22
CA PHE W 5 35.63 53.81 101.12
C PHE W 5 34.96 53.49 102.45
N GLU W 6 34.28 54.47 103.05
CA GLU W 6 33.56 54.21 104.30
C GLU W 6 32.43 53.20 104.11
N ARG W 7 31.87 53.09 102.91
CA ARG W 7 30.79 52.14 102.67
C ARG W 7 31.25 50.72 102.97
N VAL W 8 32.27 50.26 102.25
CA VAL W 8 32.74 48.88 102.42
C VAL W 8 33.37 48.68 103.79
N VAL W 9 34.05 49.68 104.34
CA VAL W 9 34.65 49.54 105.67
C VAL W 9 33.56 49.35 106.72
N ARG W 10 32.51 50.17 106.65
CA ARG W 10 31.38 50.01 107.58
C ARG W 10 30.71 48.67 107.39
N ARG W 11 30.58 48.21 106.14
CA ARG W 11 29.99 46.90 105.90
C ARG W 11 30.83 45.78 106.54
N VAL W 12 32.15 45.85 106.39
CA VAL W 12 33.02 44.83 106.98
C VAL W 12 32.93 44.85 108.50
N VAL W 13 32.95 46.03 109.11
CA VAL W 13 32.82 46.10 110.56
C VAL W 13 31.46 45.62 111.02
N GLN W 14 30.39 45.91 110.28
CA GLN W 14 29.06 45.42 110.61
C GLN W 14 28.94 43.91 110.43
N GLU W 15 29.78 43.31 109.58
CA GLU W 15 29.84 41.86 109.45
C GLU W 15 30.41 41.19 110.70
N LEU W 16 30.78 41.96 111.71
CA LEU W 16 31.23 41.44 112.99
C LEU W 16 30.18 41.56 114.09
N ASP W 17 29.02 42.14 113.78
CA ASP W 17 27.98 42.42 114.78
C ASP W 17 28.56 43.22 115.96
N HIS W 18 29.43 44.17 115.63
CA HIS W 18 30.10 45.02 116.63
C HIS W 18 30.86 44.20 117.66
N GLY W 19 31.28 43.00 117.28
CA GLY W 19 32.10 42.17 118.15
C GLY W 19 33.57 42.55 118.05
N GLY W 20 34.18 42.87 119.17
CA GLY W 20 35.53 43.39 119.17
C GLY W 20 35.58 44.85 118.75
N GLU W 21 36.53 45.57 119.32
CA GLU W 21 36.60 47.01 119.11
C GLU W 21 36.83 47.36 117.63
N PHE W 22 38.02 47.03 117.11
CA PHE W 22 38.39 47.29 115.73
C PHE W 22 37.96 48.69 115.27
N ILE W 23 38.58 49.69 115.90
CA ILE W 23 38.37 51.08 115.51
C ILE W 23 38.69 51.20 114.02
N PRO W 24 37.69 51.41 113.18
CA PRO W 24 37.92 51.39 111.73
C PRO W 24 38.71 52.60 111.26
N VAL W 25 39.35 52.42 110.11
CA VAL W 25 40.16 53.47 109.52
C VAL W 25 39.34 54.18 108.46
N THR W 26 39.54 55.48 108.35
CA THR W 26 38.84 56.29 107.37
C THR W 26 39.77 56.98 106.38
N SER W 27 41.02 57.22 106.77
CA SER W 27 42.00 57.81 105.88
C SER W 27 42.68 56.70 105.08
N LEU W 28 42.39 56.63 103.78
CA LEU W 28 43.03 55.63 102.93
C LEU W 28 44.54 55.78 102.92
N GLN W 29 45.04 57.00 103.12
CA GLN W 29 46.49 57.20 103.22
C GLN W 29 47.03 56.65 104.53
N SER W 30 46.22 56.65 105.59
CA SER W 30 46.65 56.17 106.89
C SER W 30 46.51 54.66 107.04
N SER W 31 45.93 53.98 106.05
CA SER W 31 45.86 52.53 106.10
C SER W 31 47.25 51.91 106.11
N THR W 32 48.18 52.47 105.34
CA THR W 32 49.55 51.98 105.33
C THR W 32 50.27 52.28 106.65
N GLY W 33 49.94 53.38 107.31
CA GLY W 33 50.61 53.73 108.55
C GLY W 33 50.15 52.96 109.77
N PHE W 34 49.02 52.27 109.68
CA PHE W 34 48.49 51.51 110.80
C PHE W 34 49.03 50.09 110.72
N GLN W 35 50.25 49.92 111.21
CA GLN W 35 50.92 48.62 111.27
C GLN W 35 51.15 48.24 112.72
N PRO W 36 51.38 46.97 113.03
CA PRO W 36 51.65 46.59 114.42
C PRO W 36 52.90 47.26 114.96
N TYR W 37 52.91 47.46 116.28
CA TYR W 37 53.99 48.13 117.01
C TYR W 37 54.16 49.59 116.59
N CYS W 38 53.13 50.19 116.00
CA CYS W 38 53.18 51.60 115.63
C CYS W 38 52.43 52.44 116.65
N LEU W 39 52.92 53.65 116.89
CA LEU W 39 52.35 54.55 117.87
C LEU W 39 51.25 55.39 117.24
N VAL W 40 50.18 55.62 117.99
CA VAL W 40 49.12 56.54 117.60
C VAL W 40 48.86 57.49 118.76
N VAL W 41 48.28 58.64 118.45
CA VAL W 41 48.08 59.71 119.42
C VAL W 41 46.62 60.14 119.40
N ARG W 42 46.03 60.26 120.59
CA ARG W 42 44.65 60.70 120.74
C ARG W 42 44.56 61.71 121.87
N LYS W 43 43.82 62.79 121.63
CA LYS W 43 43.56 63.79 122.65
C LYS W 43 42.40 63.35 123.54
N PRO W 44 42.29 63.91 124.75
CA PRO W 44 41.12 63.63 125.59
C PRO W 44 39.85 64.17 124.96
N SER W 45 38.74 63.48 125.25
CA SER W 45 37.43 63.86 124.73
C SER W 45 36.98 65.18 125.36
N SER W 46 36.08 65.86 124.67
CA SER W 46 35.67 67.20 125.13
C SER W 46 34.69 67.11 126.30
N SER W 47 33.48 66.62 126.07
CA SER W 47 32.59 66.27 127.18
C SER W 47 32.20 64.80 127.15
N TRP W 48 31.39 64.37 126.17
CA TRP W 48 31.19 62.95 125.93
C TRP W 48 31.07 62.65 124.44
N PHE W 49 30.54 63.60 123.68
CA PHE W 49 30.18 63.37 122.29
C PHE W 49 31.26 63.76 121.28
N TRP W 50 32.08 64.76 121.57
CA TRP W 50 33.17 65.15 120.67
C TRP W 50 34.25 64.09 120.77
N LYS W 51 33.97 62.94 120.16
CA LYS W 51 34.89 61.82 120.20
C LYS W 51 36.19 62.19 119.50
N PRO W 52 37.34 62.11 120.17
CA PRO W 52 38.60 62.44 119.51
C PRO W 52 38.96 61.39 118.48
N ARG W 53 39.02 61.81 117.21
CA ARG W 53 39.42 60.91 116.15
C ARG W 53 40.87 60.49 116.34
N TYR W 54 41.14 59.22 116.05
CA TYR W 54 42.49 58.69 116.22
C TYR W 54 43.40 59.21 115.11
N LYS W 55 44.59 59.67 115.51
CA LYS W 55 45.55 60.25 114.57
C LYS W 55 46.75 59.32 114.48
N CYS W 56 47.04 58.84 113.28
CA CYS W 56 48.14 57.92 113.09
C CYS W 56 49.48 58.66 113.16
N VAL W 57 50.48 57.99 113.72
CA VAL W 57 51.85 58.46 113.74
C VAL W 57 52.73 57.38 113.15
N ASN W 58 53.52 57.73 112.14
CA ASN W 58 54.38 56.78 111.43
C ASN W 58 55.69 56.57 112.22
N LEU W 59 55.53 56.03 113.43
CA LEU W 59 56.66 55.78 114.30
C LEU W 59 56.46 54.43 114.99
N SER W 60 57.52 53.62 115.01
CA SER W 60 57.47 52.31 115.63
C SER W 60 58.04 52.37 117.04
N ILE W 61 58.02 51.22 117.72
CA ILE W 61 58.56 51.15 119.08
C ILE W 61 60.01 50.68 119.11
N LYS W 62 60.57 50.29 117.97
CA LYS W 62 61.95 49.78 117.95
C LYS W 62 62.96 50.88 118.28
N ASP W 63 62.77 52.08 117.75
CA ASP W 63 63.74 53.15 117.95
C ASP W 63 63.54 53.91 119.25
N ILE W 64 62.32 53.95 119.78
CA ILE W 64 62.10 54.65 121.04
C ILE W 64 62.84 53.95 122.18
N LEU W 65 62.93 52.63 122.15
CA LEU W 65 63.82 51.88 123.01
C LEU W 65 65.21 51.79 122.38
N GLU W 66 66.24 51.80 123.24
CA GLU W 66 67.60 52.06 122.76
C GLU W 66 68.12 51.00 121.78
N PRO W 67 68.08 49.69 122.09
CA PRO W 67 68.87 48.75 121.27
C PRO W 67 68.17 48.23 120.02
N ASP W 68 67.53 49.12 119.25
CA ASP W 68 67.17 48.85 117.85
C ASP W 68 66.44 47.51 117.69
N ALA W 69 65.24 47.45 118.27
CA ALA W 69 64.51 46.19 118.39
C ALA W 69 64.33 45.46 117.06
N ALA W 70 63.51 46.02 116.16
CA ALA W 70 63.22 45.43 114.86
C ALA W 70 62.82 43.96 115.00
N GLU W 71 61.93 43.68 115.95
CA GLU W 71 61.49 42.32 116.25
C GLU W 71 59.96 42.24 116.21
N PRO W 72 59.38 42.01 115.03
CA PRO W 72 57.93 41.75 114.97
C PRO W 72 57.63 40.30 115.31
N ASP W 73 56.52 40.10 116.04
CA ASP W 73 56.13 38.76 116.47
C ASP W 73 54.75 38.39 115.93
N VAL W 74 54.51 38.65 114.66
CA VAL W 74 53.24 38.33 114.04
C VAL W 74 53.15 36.83 113.84
N GLN W 75 52.08 36.22 114.37
CA GLN W 75 51.87 34.79 114.25
C GLN W 75 50.44 34.42 113.88
N ARG W 76 49.50 35.35 113.95
CA ARG W 76 48.10 35.07 113.67
C ARG W 76 47.83 35.14 112.17
N GLY W 77 46.96 34.26 111.68
CA GLY W 77 46.60 34.28 110.28
C GLY W 77 45.44 33.39 109.90
N ARG W 78 44.48 33.96 109.18
CA ARG W 78 43.35 33.22 108.62
C ARG W 78 42.96 33.88 107.31
N SER W 79 41.91 33.33 106.67
CA SER W 79 41.46 33.84 105.36
C SER W 79 39.93 33.76 105.31
N PHE W 80 39.29 34.87 105.65
CA PHE W 80 37.84 35.01 105.48
C PHE W 80 37.56 35.61 104.12
N HIS W 81 36.75 34.92 103.32
CA HIS W 81 36.35 35.41 102.01
C HIS W 81 34.95 35.97 102.08
N PHE W 82 34.78 37.22 101.65
CA PHE W 82 33.52 37.92 101.77
C PHE W 82 33.11 38.49 100.41
N TYR W 83 31.80 38.56 100.18
CA TYR W 83 31.25 39.02 98.92
C TYR W 83 29.84 39.52 99.19
N ASP W 84 29.41 40.53 98.43
CA ASP W 84 28.04 41.03 98.52
C ASP W 84 27.74 41.88 97.29
N ALA W 85 26.50 42.33 97.20
CA ALA W 85 26.05 43.19 96.11
C ALA W 85 24.78 43.91 96.56
N MET W 86 24.30 44.81 95.71
CA MET W 86 23.12 45.60 96.02
C MET W 86 22.70 46.38 94.79
N ASP W 87 21.40 46.60 94.65
CA ASP W 87 20.84 47.51 93.65
C ASP W 87 19.49 48.00 94.14
N GLY W 88 19.01 49.08 93.54
CA GLY W 88 17.75 49.67 93.96
C GLY W 88 17.15 50.52 92.87
N GLN W 89 15.90 50.92 93.09
CA GLN W 89 15.20 51.80 92.15
C GLN W 89 14.05 52.47 92.89
N ILE W 90 14.16 53.78 93.08
CA ILE W 90 13.12 54.57 93.74
C ILE W 90 12.65 55.65 92.78
N GLN W 91 11.33 55.77 92.66
CA GLN W 91 10.74 56.70 91.72
C GLN W 91 9.49 57.30 92.33
N GLY W 92 8.76 58.07 91.52
CA GLY W 92 7.53 58.69 91.97
C GLY W 92 6.89 59.46 90.84
N SER W 93 5.60 59.76 91.03
CA SER W 93 4.84 60.51 90.04
C SER W 93 3.69 61.23 90.74
N VAL W 94 3.46 62.47 90.33
CA VAL W 94 2.42 63.31 90.92
C VAL W 94 1.71 64.07 89.80
N GLU W 95 0.39 64.04 89.81
CA GLU W 95 -0.45 64.83 88.90
C GLU W 95 -1.25 65.77 89.79
N LEU W 96 -0.71 66.96 90.03
CA LEU W 96 -1.27 67.91 90.97
C LEU W 96 -1.92 69.07 90.22
N ALA W 97 -3.18 69.33 90.52
CA ALA W 97 -3.92 70.41 89.87
C ALA W 97 -4.70 71.32 90.81
N ALA W 98 -5.13 70.84 91.98
CA ALA W 98 -6.00 71.63 92.85
C ALA W 98 -5.27 72.75 93.59
N PRO W 99 -4.20 72.47 94.40
CA PRO W 99 -3.64 73.48 95.30
C PRO W 99 -2.80 74.54 94.60
N GLY W 100 -3.43 75.28 93.69
CA GLY W 100 -2.76 76.36 93.01
C GLY W 100 -3.41 76.74 91.70
N GLN W 101 -2.60 77.09 90.70
CA GLN W 101 -3.08 77.42 89.37
C GLN W 101 -2.43 76.54 88.30
N ALA W 102 -1.87 75.40 88.71
CA ALA W 102 -1.05 74.58 87.84
C ALA W 102 -1.74 73.25 87.55
N LYS W 103 -1.23 72.56 86.53
CA LYS W 103 -1.55 71.16 86.23
C LYS W 103 -0.20 70.45 86.09
N ILE W 104 0.34 70.02 87.22
CA ILE W 104 1.72 69.54 87.28
C ILE W 104 1.77 68.09 86.82
N ALA W 105 2.62 67.81 85.83
CA ALA W 105 2.89 66.46 85.35
C ALA W 105 4.39 66.21 85.48
N GLY W 106 4.81 65.71 86.64
CA GLY W 106 6.22 65.51 86.91
C GLY W 106 6.51 64.11 87.41
N GLY W 107 7.80 63.83 87.53
CA GLY W 107 8.25 62.53 88.00
C GLY W 107 9.72 62.57 88.35
N ALA W 108 10.19 61.46 88.93
CA ALA W 108 11.58 61.33 89.34
C ALA W 108 11.94 59.85 89.38
N ALA W 109 13.23 59.59 89.44
CA ALA W 109 13.73 58.22 89.49
C ALA W 109 15.16 58.22 90.02
N VAL W 110 15.44 57.33 90.96
CA VAL W 110 16.77 57.17 91.54
C VAL W 110 17.17 55.71 91.43
N SER W 111 18.41 55.46 91.04
CA SER W 111 18.93 54.10 90.91
C SER W 111 20.40 54.07 91.29
N ASP W 112 20.85 52.91 91.76
CA ASP W 112 22.25 52.74 92.13
C ASP W 112 22.56 51.25 92.24
N SER W 113 23.82 50.95 92.54
CA SER W 113 24.27 49.57 92.70
C SER W 113 25.58 49.58 93.48
N SER W 114 26.11 48.38 93.71
CA SER W 114 27.39 48.22 94.41
C SER W 114 27.87 46.79 94.23
N SER W 115 29.15 46.59 94.55
CA SER W 115 29.75 45.26 94.55
C SER W 115 31.02 45.30 95.39
N THR W 116 31.42 44.14 95.89
CA THR W 116 32.61 44.02 96.73
C THR W 116 32.95 42.54 96.90
N SER W 117 34.25 42.24 96.91
CA SER W 117 34.75 40.90 97.16
C SER W 117 36.19 40.99 97.64
N MET W 118 36.50 40.33 98.76
CA MET W 118 37.82 40.46 99.35
C MET W 118 38.17 39.19 100.11
N ASN W 119 39.39 39.18 100.65
CA ASN W 119 39.86 38.21 101.62
C ASN W 119 40.48 38.95 102.80
N VAL W 120 40.24 38.42 104.00
CA VAL W 120 40.56 39.14 105.23
C VAL W 120 41.50 38.29 106.08
N TYR W 121 42.63 38.88 106.46
CA TYR W 121 43.58 38.28 107.37
C TYR W 121 43.44 38.94 108.75
N SER W 122 44.33 38.58 109.68
CA SER W 122 44.34 39.19 111.00
C SER W 122 45.68 38.91 111.65
N LEU W 123 46.35 39.98 112.08
CA LEU W 123 47.64 39.88 112.76
C LEU W 123 47.51 40.47 114.16
N SER W 124 48.27 39.88 115.10
CA SER W 124 48.21 40.31 116.49
C SER W 124 49.59 40.17 117.11
N VAL W 125 49.72 40.63 118.35
CA VAL W 125 50.96 40.54 119.11
C VAL W 125 50.63 39.95 120.48
N ASP W 126 51.47 39.02 120.93
CA ASP W 126 51.20 38.29 122.16
C ASP W 126 51.57 39.15 123.37
N PRO W 127 50.76 39.13 124.43
CA PRO W 127 51.12 39.89 125.64
C PRO W 127 52.43 39.44 126.27
N ASN W 128 52.80 38.17 126.13
CA ASN W 128 54.10 37.71 126.62
C ASN W 128 55.24 38.42 125.92
N THR W 129 55.13 38.63 124.61
CA THR W 129 56.13 39.41 123.90
C THR W 129 56.20 40.83 124.45
N TRP W 130 55.05 41.44 124.75
CA TRP W 130 55.05 42.77 125.33
C TRP W 130 55.77 42.80 126.68
N GLN W 131 55.44 41.85 127.56
CA GLN W 131 56.04 41.86 128.89
C GLN W 131 57.55 41.59 128.84
N THR W 132 58.00 40.66 128.01
CA THR W 132 59.45 40.46 127.90
C THR W 132 60.12 41.68 127.27
N LEU W 133 59.53 42.23 126.20
CA LEU W 133 60.09 43.39 125.54
C LEU W 133 60.26 44.55 126.53
N LEU W 134 59.30 44.70 127.44
CA LEU W 134 59.47 45.65 128.53
C LEU W 134 60.60 45.23 129.46
N HIS W 135 60.73 43.92 129.72
CA HIS W 135 61.76 43.45 130.66
C HIS W 135 63.18 43.70 130.21
N GLU W 136 63.65 43.06 129.12
CA GLU W 136 65.09 43.07 128.86
C GLU W 136 65.61 44.48 128.60
N ARG W 137 64.84 45.31 127.91
CA ARG W 137 65.35 46.59 127.42
C ARG W 137 64.41 47.73 127.79
N HIS W 138 65.00 48.88 128.07
CA HIS W 138 64.34 50.03 128.67
C HIS W 138 64.19 51.16 127.65
N LEU W 139 63.72 52.30 128.14
CA LEU W 139 63.49 53.48 127.31
C LEU W 139 64.75 54.31 127.16
N ARG W 140 65.01 54.79 125.95
CA ARG W 140 66.05 55.79 125.71
C ARG W 140 65.48 57.15 126.09
N GLN W 141 65.71 57.55 127.34
CA GLN W 141 65.16 58.78 127.89
C GLN W 141 65.63 60.06 127.20
N PRO W 142 66.89 60.15 126.61
CA PRO W 142 67.29 61.36 125.89
C PRO W 142 66.74 61.42 124.46
N GLU W 143 65.50 60.96 124.29
CA GLU W 143 64.78 61.07 123.04
C GLU W 143 63.41 61.67 123.38
N HIS W 144 63.29 62.99 123.24
CA HIS W 144 62.02 63.66 123.52
C HIS W 144 61.61 64.74 122.54
N LYS W 145 62.44 65.11 121.57
CA LYS W 145 62.02 66.22 120.70
C LYS W 145 60.83 65.82 119.83
N VAL W 146 60.51 64.53 119.78
CA VAL W 146 59.22 64.06 119.26
C VAL W 146 58.22 63.80 120.39
N LEU W 147 58.65 63.84 121.64
CA LEU W 147 57.79 63.63 122.80
C LEU W 147 57.67 64.84 123.71
N GLN W 148 58.67 65.73 123.75
CA GLN W 148 58.61 66.88 124.65
C GLN W 148 57.43 67.77 124.32
N GLN W 149 57.24 68.11 123.04
CA GLN W 149 56.03 68.85 122.66
C GLN W 149 54.80 67.95 122.72
N LEU W 150 54.97 66.65 122.49
CA LEU W 150 53.88 65.72 122.80
C LEU W 150 53.56 65.72 124.28
N ARG W 151 54.59 65.87 125.12
CA ARG W 151 54.37 66.05 126.55
C ARG W 151 53.61 67.34 126.84
N SER W 152 53.95 68.42 126.14
CA SER W 152 53.24 69.69 126.32
C SER W 152 51.78 69.57 125.91
N ARG W 153 51.50 68.92 124.77
CA ARG W 153 50.12 68.60 124.44
C ARG W 153 49.52 67.65 125.47
N GLY W 154 50.33 66.70 125.94
CA GLY W 154 49.88 65.77 126.95
C GLY W 154 48.96 64.67 126.47
N ASP W 155 48.80 64.53 125.16
CA ASP W 155 47.89 63.53 124.62
C ASP W 155 48.38 62.13 124.92
N ASN W 156 47.45 61.26 125.30
CA ASN W 156 47.79 59.88 125.58
C ASN W 156 48.22 59.17 124.30
N VAL W 157 49.26 58.36 124.40
CA VAL W 157 49.83 57.66 123.26
C VAL W 157 49.47 56.18 123.37
N TYR W 158 49.23 55.55 122.23
CA TYR W 158 48.81 54.16 122.17
C TYR W 158 49.72 53.38 121.23
N VAL W 159 49.56 52.06 121.23
CA VAL W 159 50.23 51.18 120.30
C VAL W 159 49.19 50.41 119.50
N VAL W 160 49.63 49.81 118.41
CA VAL W 160 48.78 48.96 117.58
C VAL W 160 49.05 47.51 117.96
N THR W 161 48.03 46.83 118.49
CA THR W 161 48.19 45.50 119.03
C THR W 161 47.46 44.41 118.24
N GLU W 162 46.34 44.73 117.57
CA GLU W 162 45.83 43.86 116.53
C GLU W 162 45.56 44.69 115.28
N VAL W 163 45.70 44.05 114.12
CA VAL W 163 45.43 44.69 112.84
C VAL W 163 44.68 43.70 111.97
N LEU W 164 43.70 44.19 111.22
CA LEU W 164 42.90 43.38 110.31
C LEU W 164 43.09 43.94 108.91
N GLN W 165 43.81 43.20 108.06
CA GLN W 165 44.17 43.67 106.74
C GLN W 165 43.69 42.69 105.68
N THR W 166 43.86 43.10 104.42
CA THR W 166 43.54 42.28 103.27
C THR W 166 44.77 42.13 102.39
N GLN W 167 44.97 40.93 101.85
CA GLN W 167 46.05 40.66 100.90
C GLN W 167 45.47 39.92 99.70
N LYS W 168 44.93 40.69 98.75
CA LYS W 168 44.35 40.41 97.43
C LYS W 168 43.97 41.76 96.81
N GLU W 169 43.62 41.71 95.53
CA GLU W 169 43.23 42.91 94.80
C GLU W 169 41.73 43.13 94.96
N VAL W 170 41.33 43.65 96.11
CA VAL W 170 39.94 44.00 96.36
C VAL W 170 39.62 45.29 95.62
N GLU W 171 38.42 45.34 95.06
CA GLU W 171 37.97 46.50 94.30
C GLU W 171 36.48 46.72 94.54
N VAL W 172 36.04 47.95 94.32
CA VAL W 172 34.64 48.33 94.50
C VAL W 172 34.19 49.06 93.24
N THR W 173 32.92 48.85 92.86
CA THR W 173 32.34 49.50 91.68
C THR W 173 30.97 50.03 92.07
N ARG W 174 30.86 51.34 92.21
CA ARG W 174 29.60 52.00 92.50
C ARG W 174 29.05 52.68 91.25
N THR W 175 27.74 52.90 91.23
CA THR W 175 27.06 53.62 90.18
C THR W 175 25.96 54.47 90.81
N HIS W 176 25.40 55.38 90.01
CA HIS W 176 24.35 56.27 90.52
C HIS W 176 23.65 56.93 89.34
N LYS W 177 22.32 56.83 89.33
CA LYS W 177 21.50 57.52 88.33
C LYS W 177 20.47 58.36 89.06
N ARG W 178 20.40 59.64 88.73
CA ARG W 178 19.40 60.55 89.27
C ARG W 178 18.66 61.18 88.12
N GLU W 179 17.35 60.98 88.05
CA GLU W 179 16.54 61.45 86.93
C GLU W 179 15.41 62.33 87.47
N GLY W 180 15.30 63.53 86.92
CA GLY W 180 14.20 64.42 87.25
C GLY W 180 13.31 64.61 86.03
N SER W 181 12.07 65.01 86.27
CA SER W 181 11.12 65.24 85.19
C SER W 181 10.10 66.27 85.65
N GLY W 182 9.43 66.89 84.67
CA GLY W 182 8.41 67.87 84.98
C GLY W 182 7.70 68.43 83.77
N ARG W 183 6.41 68.70 83.91
CA ARG W 183 5.61 69.36 82.88
C ARG W 183 4.57 70.21 83.59
N PHE W 184 4.62 71.52 83.39
CA PHE W 184 3.81 72.46 84.15
C PHE W 184 2.97 73.30 83.20
N SER W 185 1.67 73.26 83.37
CA SER W 185 0.73 74.12 82.63
C SER W 185 0.00 74.97 83.66
N LEU W 186 0.61 76.09 84.02
CA LEU W 186 0.12 76.94 85.11
C LEU W 186 -0.24 78.32 84.56
N PRO W 187 -1.52 78.56 84.31
CA PRO W 187 -1.96 79.94 84.04
C PRO W 187 -2.00 80.76 85.32
N GLY W 188 -1.04 81.66 85.50
CA GLY W 188 -0.98 82.44 86.71
C GLY W 188 -0.65 83.90 86.47
N ALA W 189 0.27 84.45 87.27
CA ALA W 189 0.67 85.85 87.18
C ALA W 189 2.01 86.04 86.50
N THR W 190 2.92 85.07 86.60
CA THR W 190 4.25 85.20 86.03
C THR W 190 4.56 84.23 84.90
N CYS W 191 3.79 83.15 84.75
CA CYS W 191 4.07 82.16 83.72
C CYS W 191 2.74 81.65 83.16
N GLU W 192 2.83 81.04 81.97
CA GLU W 192 1.68 80.41 81.33
C GLU W 192 1.89 78.91 81.14
N GLN W 193 3.07 78.50 80.69
CA GLN W 193 3.40 77.09 80.55
C GLN W 193 4.91 76.93 80.69
N GLY W 194 5.33 75.83 81.33
CA GLY W 194 6.73 75.61 81.56
C GLY W 194 7.05 74.14 81.73
N GLU W 195 8.34 73.83 81.53
CA GLU W 195 8.85 72.48 81.72
C GLU W 195 10.19 72.55 82.43
N GLY W 196 10.48 71.53 83.23
CA GLY W 196 11.74 71.45 83.93
C GLY W 196 12.16 70.03 84.24
N GLN W 197 13.38 69.67 83.83
CA GLN W 197 13.90 68.33 84.09
C GLN W 197 15.41 68.38 84.01
N GLY W 198 16.04 67.37 84.64
CA GLY W 198 17.47 67.21 84.56
C GLY W 198 17.92 65.89 85.14
N HIS W 199 18.74 65.15 84.40
CA HIS W 199 19.21 63.84 84.84
C HIS W 199 20.71 63.75 84.64
N LEU W 200 21.38 63.03 85.55
CA LEU W 200 22.82 62.86 85.47
C LEU W 200 23.18 61.46 85.92
N SER W 201 24.13 60.84 85.24
CA SER W 201 24.66 59.56 85.63
C SER W 201 25.97 59.75 86.40
N GLN W 202 26.44 58.67 87.02
CA GLN W 202 27.69 58.72 87.76
C GLN W 202 28.17 57.30 88.00
N LYS W 203 29.47 57.16 88.25
CA LYS W 203 30.10 55.86 88.41
C LYS W 203 31.52 56.09 88.91
N LYS W 204 32.04 55.10 89.63
CA LYS W 204 33.42 55.16 90.10
C LYS W 204 33.91 53.75 90.37
N THR W 205 35.23 53.64 90.58
CA THR W 205 35.86 52.34 90.80
C THR W 205 37.17 52.56 91.55
N VAL W 206 37.28 51.99 92.74
CA VAL W 206 38.48 52.08 93.56
C VAL W 206 39.00 50.67 93.82
N THR W 207 40.31 50.51 93.72
CA THR W 207 40.95 49.21 93.93
C THR W 207 41.98 49.34 95.05
N ILE W 208 41.80 48.56 96.11
CA ILE W 208 42.69 48.59 97.27
C ILE W 208 43.71 47.47 97.13
N PRO W 209 45.00 47.76 97.27
CA PRO W 209 46.02 46.72 97.10
C PRO W 209 46.17 45.84 98.33
N SER W 210 47.04 44.84 98.19
CA SER W 210 47.26 43.87 99.26
C SER W 210 47.95 44.52 100.46
N GLY W 211 47.74 43.95 101.64
CA GLY W 211 48.37 44.43 102.84
C GLY W 211 47.91 45.82 103.26
N SER W 212 46.60 46.06 103.21
CA SER W 212 46.02 47.34 103.58
C SER W 212 45.22 47.18 104.85
N THR W 213 45.55 47.97 105.87
CA THR W 213 44.86 47.88 107.15
C THR W 213 43.42 48.34 107.02
N LEU W 214 42.50 47.55 107.56
CA LEU W 214 41.08 47.89 107.59
C LEU W 214 40.61 48.35 108.96
N ALA W 215 41.18 47.80 110.03
CA ALA W 215 40.83 48.18 111.39
C ALA W 215 42.00 47.84 112.30
N PHE W 216 41.89 48.26 113.57
CA PHE W 216 42.96 48.03 114.52
C PHE W 216 42.41 48.17 115.93
N ARG W 217 43.19 47.69 116.89
CA ARG W 217 42.91 47.87 118.31
C ARG W 217 44.16 48.38 119.01
N VAL W 218 43.97 49.10 120.10
CA VAL W 218 45.04 49.84 120.74
C VAL W 218 45.28 49.30 122.15
N ALA W 219 46.42 49.68 122.71
CA ALA W 219 46.77 49.32 124.08
C ALA W 219 47.54 50.49 124.68
N GLN W 220 46.90 51.22 125.58
CA GLN W 220 47.47 52.44 126.13
C GLN W 220 48.73 52.14 126.95
N LEU W 221 49.68 53.05 126.88
CA LEU W 221 50.89 53.00 127.69
C LEU W 221 51.02 54.29 128.48
N VAL W 222 51.77 54.22 129.58
CA VAL W 222 51.94 55.34 130.49
C VAL W 222 53.43 55.62 130.64
N ILE W 223 53.81 56.89 130.48
CA ILE W 223 55.20 57.32 130.68
C ILE W 223 55.14 58.54 131.61
N ASP W 224 55.30 58.30 132.91
CA ASP W 224 55.50 59.39 133.86
C ASP W 224 56.98 59.65 134.09
N SER W 225 57.74 58.59 134.31
CA SER W 225 59.20 58.61 134.34
C SER W 225 59.81 57.55 133.42
N ASP W 226 59.17 56.39 133.31
CA ASP W 226 59.62 55.31 132.44
C ASP W 226 58.41 54.69 131.77
N LEU W 227 58.65 53.94 130.69
CA LEU W 227 57.58 53.39 129.89
C LEU W 227 56.94 52.20 130.60
N ASP W 228 55.63 52.06 130.41
CA ASP W 228 54.88 50.90 130.88
C ASP W 228 53.58 50.83 130.09
N VAL W 229 53.28 49.65 129.56
CA VAL W 229 52.11 49.45 128.71
C VAL W 229 51.01 48.79 129.53
N LEU W 230 49.81 49.36 129.47
CA LEU W 230 48.62 48.81 130.11
C LEU W 230 47.71 48.29 129.01
N LEU W 231 47.59 46.97 128.91
CA LEU W 231 46.80 46.36 127.84
C LEU W 231 45.33 46.72 127.91
N PHE W 232 44.85 47.15 129.07
CA PHE W 232 43.42 47.47 129.25
C PHE W 232 43.24 48.36 130.48
N PRO W 233 43.67 49.62 130.38
CA PRO W 233 43.52 50.54 131.52
C PRO W 233 42.14 51.15 131.59
N ASP W 234 41.94 52.07 132.54
CA ASP W 234 40.67 52.76 132.71
C ASP W 234 40.70 54.11 131.99
N LYS W 235 39.52 54.73 131.92
CA LYS W 235 39.40 56.02 131.25
C LYS W 235 40.02 57.11 132.12
N LYS W 236 40.44 58.20 131.48
CA LYS W 236 41.13 59.30 132.17
C LYS W 236 42.42 58.81 132.82
N GLN W 237 43.10 57.86 132.19
CA GLN W 237 44.42 57.41 132.61
C GLN W 237 45.44 58.21 131.80
N ARG W 238 45.94 59.29 132.38
CA ARG W 238 46.82 60.20 131.66
C ARG W 238 48.21 59.59 131.54
N THR W 239 48.71 59.50 130.31
CA THR W 239 50.03 58.93 130.07
C THR W 239 51.12 59.76 130.73
N PHE W 240 51.07 61.09 130.54
CA PHE W 240 52.04 62.00 131.10
C PHE W 240 51.54 62.52 132.45
N GLN W 241 52.24 63.51 132.99
CA GLN W 241 51.86 64.10 134.26
C GLN W 241 51.23 65.47 134.08
N SER X 3 38.68 74.73 85.29
CA SER X 3 40.14 74.78 85.32
C SER X 3 40.73 73.44 84.88
N ALA X 4 39.88 72.40 84.87
CA ALA X 4 40.24 71.07 84.40
C ALA X 4 41.34 70.43 85.25
N PHE X 5 41.72 71.09 86.34
CA PHE X 5 42.71 70.56 87.27
C PHE X 5 42.17 70.47 88.69
N GLU X 6 41.41 71.45 89.15
CA GLU X 6 40.84 71.40 90.48
C GLU X 6 39.76 70.33 90.62
N ARG X 7 39.03 70.04 89.55
CA ARG X 7 37.97 69.03 89.63
C ARG X 7 38.52 67.69 90.05
N VAL X 8 39.55 67.21 89.34
CA VAL X 8 40.11 65.90 89.63
C VAL X 8 40.83 65.89 90.98
N VAL X 9 41.52 66.98 91.34
CA VAL X 9 42.21 67.03 92.62
C VAL X 9 41.21 66.97 93.76
N ARG X 10 40.14 67.75 93.67
CA ARG X 10 39.10 67.70 94.71
C ARG X 10 38.46 66.33 94.76
N ARG X 11 38.24 65.69 93.61
CA ARG X 11 37.67 64.35 93.62
C ARG X 11 38.60 63.36 94.32
N VAL X 12 39.90 63.43 94.04
CA VAL X 12 40.85 62.52 94.68
C VAL X 12 40.90 62.74 96.19
N VAL X 13 40.93 64.00 96.63
CA VAL X 13 40.93 64.26 98.07
C VAL X 13 39.62 63.83 98.71
N GLN X 14 38.49 64.02 98.03
CA GLN X 14 37.20 63.58 98.55
C GLN X 14 37.06 62.06 98.56
N GLU X 15 37.86 61.35 97.77
CA GLU X 15 37.91 59.89 97.85
C GLU X 15 38.60 59.39 99.11
N LEU X 16 38.94 60.30 100.03
CA LEU X 16 39.40 59.93 101.36
C LEU X 16 38.41 60.30 102.46
N ASP X 17 37.24 60.83 102.09
CA ASP X 17 36.24 61.29 103.04
C ASP X 17 36.84 62.28 104.04
N HIS X 18 37.59 63.26 103.51
CA HIS X 18 38.26 64.28 104.32
C HIS X 18 39.21 63.66 105.33
N GLY X 19 39.83 62.54 104.98
CA GLY X 19 40.77 61.89 105.85
C GLY X 19 42.17 62.47 105.73
N GLY X 20 42.71 62.95 106.84
CA GLY X 20 44.01 63.60 106.84
C GLY X 20 43.96 64.99 106.24
N GLU X 21 44.95 65.80 106.61
CA GLU X 21 45.02 67.16 106.10
C GLU X 21 45.20 67.15 104.59
N PHE X 22 46.35 66.66 104.12
CA PHE X 22 46.64 66.50 102.70
C PHE X 22 46.28 67.76 101.90
N ILE X 23 46.99 68.83 102.22
CA ILE X 23 46.82 70.12 101.55
C ILE X 23 46.94 69.92 100.05
N PRO X 24 45.86 70.06 99.29
CA PRO X 24 45.90 69.79 97.85
C PRO X 24 46.64 70.90 97.10
N VAL X 25 47.14 70.53 95.93
CA VAL X 25 47.85 71.46 95.06
C VAL X 25 46.85 72.04 94.07
N THR X 26 47.11 73.27 93.67
CA THR X 26 46.24 73.96 92.71
C THR X 26 46.98 74.38 91.46
N SER X 27 48.25 74.76 91.58
CA SER X 27 49.05 75.19 90.43
C SER X 27 49.85 74.00 89.92
N LEU X 28 49.62 73.63 88.66
CA LEU X 28 50.31 72.47 88.08
C LEU X 28 51.82 72.66 88.04
N GLN X 29 52.31 73.91 87.98
CA GLN X 29 53.75 74.12 87.97
C GLN X 29 54.37 73.86 89.34
N SER X 30 53.59 74.05 90.41
CA SER X 30 54.07 73.84 91.77
C SER X 30 53.88 72.41 92.24
N SER X 31 53.14 71.60 91.49
CA SER X 31 53.02 70.19 91.84
C SER X 31 54.37 69.49 91.76
N THR X 32 55.15 69.77 90.71
CA THR X 32 56.47 69.17 90.60
C THR X 32 57.46 69.80 91.57
N GLY X 33 57.19 71.02 92.05
CA GLY X 33 58.03 71.62 93.06
C GLY X 33 57.79 71.12 94.46
N PHE X 34 56.67 70.45 94.71
CA PHE X 34 56.35 69.91 96.02
C PHE X 34 56.94 68.52 96.13
N GLN X 35 58.18 68.45 96.59
CA GLN X 35 58.90 67.20 96.79
C GLN X 35 59.28 67.09 98.27
N PRO X 36 59.61 65.89 98.76
CA PRO X 36 60.04 65.78 100.16
C PRO X 36 61.27 66.63 100.44
N TYR X 37 61.34 67.13 101.67
CA TYR X 37 62.42 67.98 102.17
C TYR X 37 62.46 69.34 101.49
N CYS X 38 61.38 69.74 100.83
CA CYS X 38 61.33 71.05 100.17
C CYS X 38 60.60 72.06 101.05
N LEU X 39 61.19 73.23 101.22
CA LEU X 39 60.64 74.28 102.06
C LEU X 39 59.42 74.90 101.40
N VAL X 40 58.45 75.32 102.22
CA VAL X 40 57.34 76.14 101.76
C VAL X 40 57.23 77.35 102.68
N VAL X 41 56.58 78.40 102.18
CA VAL X 41 56.43 79.65 102.91
C VAL X 41 54.93 79.97 102.98
N ARG X 42 54.46 80.28 104.18
CA ARG X 42 53.05 80.61 104.40
C ARG X 42 52.95 81.72 105.42
N LYS X 43 52.33 82.83 105.03
CA LYS X 43 52.16 83.98 105.89
C LYS X 43 51.09 83.73 106.94
N PRO X 44 51.11 84.48 108.04
CA PRO X 44 50.04 84.34 109.04
C PRO X 44 48.69 84.77 108.46
N SER X 45 47.64 84.14 109.00
CA SER X 45 46.28 84.41 108.53
C SER X 45 45.87 85.83 108.90
N SER X 46 44.85 86.33 108.20
CA SER X 46 44.43 87.72 108.40
C SER X 46 43.58 87.86 109.66
N SER X 47 42.35 87.32 109.64
CA SER X 47 41.58 87.19 110.88
C SER X 47 41.18 85.75 111.15
N TRP X 48 40.28 85.17 110.35
CA TRP X 48 39.92 83.77 110.50
C TRP X 48 39.80 83.03 109.18
N PHE X 49 39.23 83.70 108.17
CA PHE X 49 38.76 83.01 106.97
C PHE X 49 39.58 83.33 105.72
N TRP X 50 40.30 84.45 105.69
CA TRP X 50 41.20 84.73 104.57
C TRP X 50 42.42 83.83 104.72
N LYS X 51 42.22 82.57 104.38
CA LYS X 51 43.24 81.55 104.60
C LYS X 51 44.44 81.82 103.72
N PRO X 52 45.63 82.02 104.28
CA PRO X 52 46.83 82.26 103.46
C PRO X 52 47.22 80.99 102.72
N ARG X 53 47.09 81.02 101.40
CA ARG X 53 47.41 79.87 100.57
C ARG X 53 48.91 79.57 100.66
N TYR X 54 49.23 78.29 100.66
CA TYR X 54 50.62 77.86 100.79
C TYR X 54 51.39 78.17 99.50
N LYS X 55 52.59 78.71 99.66
CA LYS X 55 53.44 79.10 98.55
C LYS X 55 54.64 78.17 98.48
N CYS X 56 54.85 77.57 97.31
CA CYS X 56 55.96 76.64 97.14
C CYS X 56 57.28 77.38 97.02
N VAL X 57 58.33 76.78 97.59
CA VAL X 57 59.69 77.28 97.47
C VAL X 57 60.56 76.13 96.99
N ASN X 58 61.30 76.37 95.91
CA ASN X 58 62.18 75.34 95.33
C ASN X 58 63.53 75.33 96.05
N LEU X 59 63.48 74.98 97.34
CA LEU X 59 64.65 74.95 98.18
C LEU X 59 64.58 73.74 99.09
N SER X 60 65.70 73.01 99.21
CA SER X 60 65.76 71.83 100.06
C SER X 60 66.43 72.16 101.38
N ILE X 61 66.47 71.19 102.29
CA ILE X 61 67.11 71.37 103.59
C ILE X 61 68.53 70.81 103.63
N LYS X 62 68.94 70.06 102.61
CA LYS X 62 70.30 69.52 102.59
C LYS X 62 71.35 70.61 102.54
N ASP X 63 71.12 71.66 101.75
CA ASP X 63 72.09 72.75 101.64
C ASP X 63 72.10 73.67 102.85
N ILE X 64 70.98 73.81 103.55
CA ILE X 64 70.94 74.68 104.73
C ILE X 64 71.91 74.17 105.79
N LEU X 65 71.90 72.87 106.06
CA LEU X 65 72.91 72.23 106.90
C LEU X 65 74.19 72.03 106.11
N GLU X 66 75.31 71.90 106.84
CA GLU X 66 76.61 72.15 106.23
C GLU X 66 77.06 71.06 105.26
N PRO X 67 77.14 69.77 105.64
CA PRO X 67 77.90 68.84 104.80
C PRO X 67 77.11 68.23 103.66
N ASP X 68 76.29 69.03 102.97
CA ASP X 68 75.63 68.64 101.71
C ASP X 68 75.04 67.23 101.81
N ALA X 69 74.05 67.09 102.70
CA ALA X 69 73.51 65.78 103.05
C ALA X 69 73.00 65.00 101.85
N ALA X 70 71.96 65.52 101.18
CA ALA X 70 71.35 64.87 100.02
C ALA X 70 71.01 63.41 100.33
N GLU X 71 70.22 63.21 101.39
CA GLU X 71 69.89 61.88 101.89
C GLU X 71 68.38 61.72 101.98
N PRO X 72 67.72 61.35 100.88
CA PRO X 72 66.29 61.08 100.94
C PRO X 72 66.01 59.70 101.51
N ASP X 73 64.93 59.59 102.28
CA ASP X 73 64.57 58.32 102.88
C ASP X 73 63.14 57.91 102.52
N VAL X 74 62.80 57.96 101.23
CA VAL X 74 61.48 57.52 100.79
C VAL X 74 61.40 56.00 100.91
N GLN X 75 60.44 55.52 101.69
CA GLN X 75 60.25 54.08 101.88
C GLN X 75 58.80 53.63 101.76
N ARG X 76 57.85 54.56 101.84
CA ARG X 76 56.43 54.22 101.72
C ARG X 76 56.07 54.02 100.26
N GLY X 77 55.15 53.09 100.02
CA GLY X 77 54.70 52.83 98.66
C GLY X 77 53.49 51.91 98.56
N ARG X 78 52.49 52.34 97.80
CA ARG X 78 51.32 51.51 97.51
C ARG X 78 50.84 51.86 96.11
N SER X 79 49.79 51.15 95.67
CA SER X 79 49.27 51.32 94.31
C SER X 79 47.74 51.27 94.36
N PHE X 80 47.12 52.44 94.46
CA PHE X 80 45.67 52.55 94.36
C PHE X 80 45.28 52.88 92.93
N HIS X 81 44.41 52.07 92.36
CA HIS X 81 43.87 52.32 91.03
C HIS X 81 42.48 52.94 91.16
N PHE X 82 42.28 54.09 90.52
CA PHE X 82 41.03 54.83 90.65
C PHE X 82 40.50 55.17 89.27
N TYR X 83 39.18 55.16 89.14
CA TYR X 83 38.51 55.39 87.87
C TYR X 83 37.09 55.86 88.16
N ASP X 84 36.61 56.80 87.34
CA ASP X 84 35.25 57.29 87.46
C ASP X 84 34.85 58.00 86.18
N ALA X 85 33.58 58.39 86.11
CA ALA X 85 33.05 59.11 84.97
C ALA X 85 31.90 59.98 85.45
N MET X 86 31.29 60.70 84.52
CA MET X 86 30.17 61.57 84.84
C MET X 86 29.45 61.97 83.57
N ASP X 87 28.13 61.82 83.56
CA ASP X 87 27.27 62.32 82.51
C ASP X 87 26.20 63.21 83.13
N GLY X 88 25.72 64.17 82.37
CA GLY X 88 24.67 65.07 82.87
C GLY X 88 23.96 65.75 81.73
N GLN X 89 22.73 66.17 82.00
CA GLN X 89 21.92 66.88 81.00
C GLN X 89 20.75 67.55 81.70
N ILE X 90 20.61 68.86 81.50
CA ILE X 90 19.45 69.59 81.96
C ILE X 90 18.89 70.37 80.77
N GLN X 91 17.63 70.79 80.89
CA GLN X 91 16.97 71.54 79.83
C GLN X 91 15.75 72.24 80.39
N GLY X 92 15.00 72.87 79.50
CA GLY X 92 13.78 73.55 79.89
C GLY X 92 13.02 74.04 78.68
N SER X 93 11.73 74.28 78.88
CA SER X 93 10.86 74.80 77.83
C SER X 93 9.77 75.63 78.47
N VAL X 94 9.46 76.77 77.85
CA VAL X 94 8.48 77.71 78.38
C VAL X 94 7.60 78.20 77.24
N GLU X 95 6.29 78.15 77.44
CA GLU X 95 5.31 78.71 76.51
C GLU X 95 4.57 79.79 77.27
N LEU X 96 5.11 81.00 77.26
CA LEU X 96 4.62 82.10 78.07
C LEU X 96 3.88 83.12 77.19
N ALA X 97 2.63 83.42 77.56
CA ALA X 97 1.84 84.39 76.81
C ALA X 97 1.14 85.44 77.67
N ALA X 98 0.83 85.16 78.93
CA ALA X 98 0.04 86.08 79.73
C ALA X 98 0.83 87.30 80.22
N PRO X 99 1.95 87.13 81.00
CA PRO X 99 2.60 88.28 81.66
C PRO X 99 3.38 89.17 80.69
N GLY X 100 2.66 89.78 79.74
CA GLY X 100 3.28 90.68 78.79
C GLY X 100 2.47 90.82 77.53
N GLN X 101 3.15 90.96 76.38
CA GLN X 101 2.50 91.04 75.08
C GLN X 101 3.10 90.04 74.09
N ALA X 102 3.76 89.00 74.59
CA ALA X 102 4.54 88.09 73.76
C ALA X 102 3.91 86.71 73.72
N LYS X 103 4.28 85.96 72.68
CA LYS X 103 4.02 84.51 72.58
C LYS X 103 5.39 83.85 72.49
N ILE X 104 5.98 83.60 73.66
CA ILE X 104 7.37 83.16 73.74
C ILE X 104 7.45 81.65 73.51
N ALA X 105 8.29 81.24 72.57
CA ALA X 105 8.56 79.83 72.30
C ALA X 105 10.07 79.64 72.33
N GLY X 106 10.62 79.39 73.52
CA GLY X 106 12.05 79.25 73.67
C GLY X 106 12.39 78.05 74.53
N GLY X 107 13.69 77.80 74.65
CA GLY X 107 14.17 76.68 75.45
C GLY X 107 15.65 76.82 75.73
N ALA X 108 16.17 75.82 76.44
CA ALA X 108 17.59 75.77 76.79
C ALA X 108 17.99 74.33 77.02
N ALA X 109 19.30 74.08 77.02
CA ALA X 109 19.82 72.74 77.21
C ALA X 109 21.31 72.83 77.53
N VAL X 110 21.73 72.14 78.59
CA VAL X 110 23.13 72.07 78.98
C VAL X 110 23.52 70.59 79.07
N SER X 111 24.62 70.23 78.42
CA SER X 111 25.10 68.86 78.43
C SER X 111 26.62 68.86 78.59
N ASP X 112 27.12 67.91 79.37
CA ASP X 112 28.54 67.80 79.61
C ASP X 112 28.87 66.39 80.04
N SER X 113 30.17 66.09 80.11
CA SER X 113 30.65 64.79 80.54
C SER X 113 32.06 64.93 81.09
N SER X 114 32.62 63.81 81.52
CA SER X 114 33.98 63.79 82.06
C SER X 114 34.46 62.35 82.10
N SER X 115 35.75 62.19 82.37
CA SER X 115 36.37 60.88 82.54
C SER X 115 37.67 61.05 83.30
N THR X 116 38.15 59.96 83.90
CA THR X 116 39.39 59.97 84.64
C THR X 116 39.84 58.53 84.88
N SER X 117 41.14 58.31 84.82
CA SER X 117 41.75 57.03 85.14
C SER X 117 43.17 57.30 85.61
N MET X 118 43.52 56.79 86.80
CA MET X 118 44.76 57.20 87.43
C MET X 118 45.22 56.13 88.41
N ASN X 119 46.49 56.23 88.79
CA ASN X 119 47.11 55.41 89.81
C ASN X 119 47.88 56.31 90.77
N VAL X 120 47.96 55.88 92.03
CA VAL X 120 48.40 56.75 93.12
C VAL X 120 49.44 56.04 93.97
N TYR X 121 50.57 56.70 94.20
CA TYR X 121 51.58 56.30 95.17
C TYR X 121 51.35 57.06 96.49
N SER X 122 52.28 56.86 97.42
CA SER X 122 52.30 57.62 98.67
C SER X 122 53.68 57.49 99.27
N LEU X 123 54.37 58.62 99.43
CA LEU X 123 55.71 58.64 99.97
C LEU X 123 55.73 59.54 101.20
N SER X 124 56.42 59.08 102.24
CA SER X 124 56.51 59.82 103.50
C SER X 124 57.94 59.75 104.00
N VAL X 125 58.17 60.38 105.16
CA VAL X 125 59.49 60.41 105.78
C VAL X 125 59.37 59.98 107.24
N ASP X 126 60.26 59.07 107.65
CA ASP X 126 60.25 58.57 109.01
C ASP X 126 60.88 59.61 109.94
N PRO X 127 60.28 59.86 111.12
CA PRO X 127 60.86 60.86 112.02
C PRO X 127 62.16 60.40 112.67
N ASN X 128 62.51 59.12 112.61
CA ASN X 128 63.86 58.72 113.00
C ASN X 128 64.92 59.32 112.08
N THR X 129 64.66 59.36 110.78
CA THR X 129 65.54 60.11 109.89
C THR X 129 65.56 61.59 110.26
N TRP X 130 64.43 62.13 110.70
CA TRP X 130 64.40 63.51 111.18
C TRP X 130 65.31 63.70 112.39
N GLN X 131 65.26 62.77 113.36
CA GLN X 131 66.07 62.97 114.55
C GLN X 131 67.56 62.82 114.23
N THR X 132 67.92 61.85 113.38
CA THR X 132 69.29 61.80 112.89
C THR X 132 69.69 63.13 112.26
N LEU X 133 68.98 63.52 111.19
CA LEU X 133 69.33 64.72 110.43
C LEU X 133 69.42 65.95 111.33
N LEU X 134 68.61 66.00 112.39
CA LEU X 134 68.62 67.17 113.25
C LEU X 134 69.78 67.14 114.24
N HIS X 135 70.13 65.97 114.79
CA HIS X 135 71.25 66.02 115.74
C HIS X 135 72.64 66.00 115.10
N GLU X 136 72.95 65.05 114.20
CA GLU X 136 74.37 65.02 113.81
C GLU X 136 74.75 66.15 112.84
N ARG X 137 73.78 66.97 112.44
CA ARG X 137 74.09 68.16 111.64
C ARG X 137 73.35 69.38 112.18
N HIS X 138 73.96 70.54 111.98
CA HIS X 138 73.48 71.81 112.50
C HIS X 138 73.24 72.80 111.35
N LEU X 139 73.02 74.06 111.72
CA LEU X 139 72.69 75.10 110.76
C LEU X 139 73.93 75.88 110.34
N ARG X 140 74.03 76.14 109.03
CA ARG X 140 75.00 77.11 108.52
C ARG X 140 74.43 78.50 108.76
N GLN X 141 74.78 79.08 109.90
CA GLN X 141 74.25 80.39 110.27
C GLN X 141 74.65 81.52 109.32
N PRO X 142 75.81 81.45 108.56
CA PRO X 142 76.05 82.43 107.50
C PRO X 142 75.40 82.05 106.17
N GLU X 143 74.15 81.61 106.23
CA GLU X 143 73.35 81.28 105.05
C GLU X 143 72.00 81.96 105.24
N HIS X 144 71.87 83.19 104.74
CA HIS X 144 70.64 83.94 104.94
C HIS X 144 70.17 84.71 103.71
N LYS X 145 70.88 84.67 102.58
CA LYS X 145 70.40 85.40 101.41
C LYS X 145 69.03 84.90 100.98
N VAL X 146 68.72 83.63 101.23
CA VAL X 146 67.38 83.11 101.04
C VAL X 146 66.55 83.19 102.32
N LEU X 147 67.16 83.64 103.42
CA LEU X 147 66.48 83.71 104.71
C LEU X 147 66.41 85.10 105.31
N GLN X 148 67.38 85.99 105.03
CA GLN X 148 67.37 87.30 105.66
C GLN X 148 66.17 88.13 105.22
N GLN X 149 65.90 88.20 103.92
CA GLN X 149 64.65 88.80 103.48
C GLN X 149 63.45 87.99 103.94
N LEU X 150 63.58 86.67 103.95
CA LEU X 150 62.54 85.83 104.55
C LEU X 150 62.38 86.14 106.03
N ARG X 151 63.47 86.47 106.72
CA ARG X 151 63.37 86.94 108.10
C ARG X 151 62.63 88.27 108.18
N SER X 152 62.87 89.17 107.23
CA SER X 152 62.14 90.43 107.19
C SER X 152 60.64 90.20 106.98
N ARG X 153 60.28 89.26 106.11
CA ARG X 153 58.87 88.89 105.97
C ARG X 153 58.33 88.32 107.28
N GLY X 154 59.13 87.51 107.96
CA GLY X 154 58.71 86.87 109.18
C GLY X 154 57.79 85.69 108.99
N ASP X 155 57.59 85.25 107.75
CA ASP X 155 56.69 84.14 107.48
C ASP X 155 57.25 82.83 108.03
N ASN X 156 56.35 82.02 108.59
CA ASN X 156 56.76 80.71 109.11
C ASN X 156 56.98 79.75 107.96
N VAL X 157 58.10 79.03 108.01
CA VAL X 157 58.50 78.10 106.96
C VAL X 157 58.24 76.67 107.42
N TYR X 158 57.87 75.82 106.48
CA TYR X 158 57.55 74.42 106.75
C TYR X 158 58.43 73.53 105.90
N VAL X 159 58.35 72.23 106.16
CA VAL X 159 59.00 71.22 105.33
C VAL X 159 57.94 70.24 104.87
N VAL X 160 58.26 69.51 103.80
CA VAL X 160 57.36 68.53 103.23
C VAL X 160 57.67 67.18 103.87
N THR X 161 56.68 66.60 104.55
CA THR X 161 56.84 65.33 105.23
C THR X 161 56.09 64.18 104.54
N GLU X 162 55.27 64.48 103.54
CA GLU X 162 54.46 63.47 102.88
C GLU X 162 54.08 63.97 101.50
N VAL X 163 54.11 63.07 100.53
CA VAL X 163 53.82 63.42 99.14
C VAL X 163 53.01 62.30 98.50
N LEU X 164 52.01 62.69 97.71
CA LEU X 164 51.15 61.75 97.01
C LEU X 164 51.22 62.07 95.52
N GLN X 165 51.64 61.08 94.72
CA GLN X 165 51.89 61.30 93.31
C GLN X 165 51.37 60.14 92.47
N THR X 166 51.39 60.35 91.15
CA THR X 166 50.99 59.36 90.16
C THR X 166 52.22 58.83 89.47
N GLN X 167 52.14 57.62 88.92
CA GLN X 167 53.26 56.97 88.25
C GLN X 167 52.84 56.53 86.85
N LYS X 168 51.72 57.08 86.36
CA LYS X 168 51.18 56.70 85.07
C LYS X 168 50.75 57.96 84.33
N GLU X 169 50.77 57.87 83.00
CA GLU X 169 50.35 58.97 82.14
C GLU X 169 48.83 58.99 82.15
N VAL X 170 48.25 59.74 83.09
CA VAL X 170 46.81 59.76 83.28
C VAL X 170 46.20 60.72 82.26
N GLU X 171 44.91 60.56 82.02
CA GLU X 171 44.20 61.40 81.07
C GLU X 171 42.90 61.89 81.68
N VAL X 172 42.60 63.15 81.44
CA VAL X 172 41.31 63.74 81.80
C VAL X 172 40.72 64.39 80.55
N THR X 173 39.45 64.12 80.30
CA THR X 173 38.76 64.66 79.12
C THR X 173 37.40 65.18 79.55
N ARG X 174 37.06 66.38 79.10
CA ARG X 174 35.78 66.99 79.39
C ARG X 174 35.14 67.48 78.09
N THR X 175 33.81 67.57 78.11
CA THR X 175 33.05 68.17 77.03
C THR X 175 32.04 69.14 77.64
N HIS X 176 31.42 69.96 76.79
CA HIS X 176 30.49 70.98 77.26
C HIS X 176 29.73 71.53 76.06
N LYS X 177 28.49 71.91 76.29
CA LYS X 177 27.66 72.52 75.25
C LYS X 177 26.50 73.25 75.91
N ARG X 178 26.17 74.43 75.40
CA ARG X 178 25.09 75.24 75.95
C ARG X 178 24.22 75.71 74.79
N GLU X 179 23.02 75.15 74.68
CA GLU X 179 22.11 75.42 73.57
C GLU X 179 21.00 76.33 74.05
N GLY X 180 20.99 77.57 73.57
CA GLY X 180 19.91 78.49 73.82
C GLY X 180 19.04 78.63 72.59
N SER X 181 17.75 78.85 72.83
CA SER X 181 16.79 78.96 71.75
C SER X 181 15.70 79.95 72.12
N GLY X 182 14.98 80.44 71.12
CA GLY X 182 13.91 81.38 71.36
C GLY X 182 13.13 81.76 70.12
N ARG X 183 11.82 81.91 70.27
CA ARG X 183 10.94 82.38 69.20
C ARG X 183 9.87 83.26 69.83
N PHE X 184 10.00 84.56 69.65
CA PHE X 184 9.14 85.53 70.33
C PHE X 184 8.27 86.24 69.30
N SER X 185 6.97 86.22 69.52
CA SER X 185 6.00 86.96 68.72
C SER X 185 5.31 87.95 69.65
N LEU X 186 5.91 89.14 69.78
CA LEU X 186 5.47 90.13 70.75
C LEU X 186 5.00 91.39 70.05
N PRO X 187 3.69 91.54 69.83
CA PRO X 187 3.18 92.83 69.35
C PRO X 187 3.19 93.87 70.46
N GLY X 188 4.11 94.83 70.37
CA GLY X 188 4.24 95.84 71.39
C GLY X 188 4.51 97.23 70.84
N ALA X 189 5.50 97.91 71.41
CA ALA X 189 5.86 99.26 71.00
C ALA X 189 7.15 99.33 70.20
N THR X 190 8.11 98.44 70.46
CA THR X 190 9.39 98.47 69.77
C THR X 190 9.55 97.38 68.73
N CYS X 191 8.86 96.25 68.85
CA CYS X 191 8.97 95.16 67.91
C CYS X 191 7.62 94.48 67.75
N GLU X 192 7.50 93.67 66.70
CA GLU X 192 6.33 92.84 66.48
C GLU X 192 6.63 91.37 66.71
N GLN X 193 7.82 90.90 66.33
CA GLN X 193 8.28 89.57 66.67
C GLN X 193 9.79 89.54 66.53
N GLY X 194 10.41 88.55 67.17
CA GLY X 194 11.86 88.42 67.11
C GLY X 194 12.29 87.03 67.51
N GLU X 195 13.54 86.71 67.15
CA GLU X 195 14.13 85.42 67.47
C GLU X 195 15.57 85.62 67.94
N GLY X 196 15.95 84.88 68.98
CA GLY X 196 17.30 84.93 69.48
C GLY X 196 17.77 83.60 70.02
N GLN X 197 18.89 83.09 69.52
CA GLN X 197 19.40 81.80 69.95
C GLN X 197 20.91 81.76 69.73
N GLY X 198 21.56 80.85 70.45
CA GLY X 198 22.98 80.65 70.32
C GLY X 198 23.47 79.41 71.03
N HIS X 199 24.25 78.58 70.34
CA HIS X 199 24.76 77.34 70.92
C HIS X 199 26.25 77.23 70.63
N LEU X 200 26.99 76.74 71.62
CA LEU X 200 28.43 76.56 71.47
C LEU X 200 28.84 75.29 72.18
N SER X 201 29.72 74.52 71.55
CA SER X 201 30.33 73.36 72.18
C SER X 201 31.70 73.72 72.75
N GLN X 202 32.26 72.80 73.52
CA GLN X 202 33.56 73.03 74.14
C GLN X 202 34.08 71.71 74.68
N LYS X 203 35.39 71.53 74.61
CA LYS X 203 36.04 70.33 75.12
C LYS X 203 37.52 70.63 75.33
N LYS X 204 38.17 69.74 76.08
CA LYS X 204 39.60 69.86 76.32
C LYS X 204 40.13 68.52 76.80
N THR X 205 41.45 68.43 76.90
CA THR X 205 42.12 67.18 77.29
C THR X 205 43.48 67.54 77.87
N VAL X 206 43.75 67.12 79.09
CA VAL X 206 45.01 67.40 79.79
C VAL X 206 45.66 66.07 80.15
N THR X 207 46.99 66.06 80.15
CA THR X 207 47.76 64.87 80.49
C THR X 207 48.71 65.21 81.62
N ILE X 208 48.55 64.52 82.75
CA ILE X 208 49.45 64.72 83.89
C ILE X 208 50.57 63.69 83.82
N PRO X 209 51.83 64.11 83.83
CA PRO X 209 52.94 63.16 83.70
C PRO X 209 53.18 62.38 84.98
N SER X 210 53.91 61.28 84.84
CA SER X 210 54.23 60.45 85.99
C SER X 210 55.12 61.20 86.97
N GLY X 211 54.90 60.95 88.25
CA GLY X 211 55.66 61.63 89.29
C GLY X 211 55.24 63.07 89.48
N SER X 212 53.94 63.30 89.60
CA SER X 212 53.38 64.64 89.81
C SER X 212 52.62 64.65 91.12
N THR X 213 52.96 65.58 92.01
CA THR X 213 52.38 65.62 93.33
C THR X 213 50.93 66.10 93.27
N LEU X 214 50.06 65.42 94.02
CA LEU X 214 48.67 65.85 94.15
C LEU X 214 48.37 66.51 95.49
N ALA X 215 49.00 66.06 96.56
CA ALA X 215 48.80 66.65 97.88
C ALA X 215 50.07 66.49 98.70
N PHE X 216 50.08 67.08 99.89
CA PHE X 216 51.25 67.03 100.75
C PHE X 216 50.84 67.37 102.17
N ARG X 217 51.77 67.17 103.10
CA ARG X 217 51.61 67.55 104.49
C ARG X 217 52.89 68.23 104.96
N VAL X 218 52.75 69.08 105.97
CA VAL X 218 53.83 69.97 106.40
C VAL X 218 54.23 69.63 107.83
N ALA X 219 55.41 70.10 108.21
CA ALA X 219 55.93 69.96 109.56
C ALA X 219 56.70 71.22 109.90
N GLN X 220 56.09 72.09 110.70
CA GLN X 220 56.67 73.41 110.98
C GLN X 220 57.99 73.29 111.71
N LEU X 221 58.91 74.21 111.39
CA LEU X 221 60.17 74.33 112.09
C LEU X 221 60.30 75.75 112.65
N VAL X 222 61.14 75.89 113.67
CA VAL X 222 61.35 77.16 114.34
C VAL X 222 62.85 77.46 114.34
N ILE X 223 63.20 78.70 113.97
CA ILE X 223 64.59 79.14 113.96
C ILE X 223 64.61 80.50 114.68
N ASP X 224 64.90 80.48 115.98
CA ASP X 224 65.17 81.72 116.70
C ASP X 224 66.67 81.97 116.80
N SER X 225 67.43 80.95 117.11
CA SER X 225 68.89 80.94 117.05
C SER X 225 69.42 79.75 116.25
N ASP X 226 68.77 78.60 116.35
CA ASP X 226 69.14 77.40 115.61
C ASP X 226 67.88 76.73 115.10
N LEU X 227 68.06 75.74 114.23
CA LEU X 227 66.93 75.08 113.59
C LEU X 227 66.38 73.97 114.49
N ASP X 228 65.05 73.86 114.50
CA ASP X 228 64.37 72.79 115.22
C ASP X 228 62.99 72.62 114.61
N VAL X 229 62.62 71.37 114.34
CA VAL X 229 61.37 71.06 113.65
C VAL X 229 60.35 70.58 114.68
N LEU X 230 59.15 71.14 114.62
CA LEU X 230 58.03 70.73 115.47
C LEU X 230 57.04 69.95 114.61
N LEU X 231 56.91 68.65 114.89
CA LEU X 231 56.11 67.79 114.02
C LEU X 231 54.64 68.17 114.02
N PHE X 232 54.02 68.34 115.19
CA PHE X 232 52.60 68.69 115.28
C PHE X 232 52.48 69.96 116.10
N PRO X 233 52.86 71.10 115.53
CA PRO X 233 52.89 72.34 116.30
C PRO X 233 51.51 72.92 116.53
N ASP X 234 51.43 73.97 117.33
CA ASP X 234 50.18 74.66 117.61
C ASP X 234 50.12 76.00 116.89
N LYS X 235 48.92 76.55 116.81
CA LYS X 235 48.72 77.82 116.12
C LYS X 235 49.45 78.94 116.85
N LYS X 236 49.86 79.95 116.09
CA LYS X 236 50.65 81.07 116.60
C LYS X 236 51.98 80.56 117.15
N GLN X 237 52.78 79.96 116.28
CA GLN X 237 54.14 79.54 116.60
C GLN X 237 55.06 80.21 115.59
N ARG X 238 55.53 81.41 115.93
CA ARG X 238 56.33 82.20 115.02
C ARG X 238 57.73 81.61 114.90
N THR X 239 58.16 81.32 113.67
CA THR X 239 59.47 80.75 113.45
C THR X 239 60.58 81.70 113.90
N PHE X 240 60.50 82.96 113.47
CA PHE X 240 61.46 83.98 113.84
C PHE X 240 60.98 84.72 115.08
N GLN X 241 61.64 85.84 115.39
CA GLN X 241 61.24 86.66 116.52
C GLN X 241 60.69 88.02 116.04
N SER Y 3 44.07 88.72 67.40
CA SER Y 3 45.47 88.58 67.76
C SER Y 3 45.96 87.15 67.53
N ALA Y 4 45.08 86.19 67.83
CA ALA Y 4 45.33 84.76 67.59
C ALA Y 4 46.51 84.23 68.40
N PHE Y 5 47.06 85.04 69.29
CA PHE Y 5 48.15 84.63 70.16
C PHE Y 5 47.82 84.81 71.62
N GLU Y 6 47.10 85.88 71.98
CA GLU Y 6 46.67 86.08 73.36
C GLU Y 6 45.60 85.09 73.79
N ARG Y 7 44.78 84.59 72.86
CA ARG Y 7 43.74 83.64 73.22
C ARG Y 7 44.34 82.35 73.79
N VAL Y 8 45.28 81.77 73.06
CA VAL Y 8 45.87 80.51 73.51
C VAL Y 8 46.74 80.70 74.75
N VAL Y 9 47.47 81.82 74.84
CA VAL Y 9 48.28 82.06 76.02
C VAL Y 9 47.40 82.24 77.26
N ARG Y 10 46.31 82.99 77.12
CA ARG Y 10 45.37 83.16 78.23
C ARG Y 10 44.76 81.84 78.62
N ARG Y 11 44.44 80.99 77.63
CA ARG Y 11 43.91 79.66 77.95
C ARG Y 11 44.93 78.84 78.73
N VAL Y 12 46.20 78.89 78.32
CA VAL Y 12 47.24 78.14 79.02
C VAL Y 12 47.39 78.63 80.46
N VAL Y 13 47.39 79.94 80.67
CA VAL Y 13 47.46 80.47 82.03
C VAL Y 13 46.23 80.10 82.84
N GLN Y 14 45.05 80.11 82.23
CA GLN Y 14 43.82 79.73 82.91
C GLN Y 14 43.78 78.24 83.25
N GLU Y 15 44.54 77.41 82.52
CA GLU Y 15 44.64 76.00 82.85
C GLU Y 15 45.42 75.75 84.14
N LEU Y 16 45.82 76.81 84.84
CA LEU Y 16 46.42 76.70 86.16
C LEU Y 16 45.51 77.19 87.27
N ASP Y 17 44.30 77.64 86.94
CA ASP Y 17 43.39 78.27 87.89
C ASP Y 17 44.08 79.41 88.63
N HIS Y 18 44.83 80.22 87.88
CA HIS Y 18 45.56 81.37 88.41
C HIS Y 18 46.56 80.98 89.49
N GLY Y 19 47.06 79.74 89.43
CA GLY Y 19 48.08 79.31 90.34
C GLY Y 19 49.45 79.81 89.93
N GLY Y 20 50.12 80.52 90.83
CA GLY Y 20 51.39 81.14 90.51
C GLY Y 20 51.23 82.37 89.64
N GLU Y 21 52.21 83.27 89.73
CA GLU Y 21 52.13 84.53 89.01
C GLU Y 21 52.11 84.33 87.50
N PHE Y 22 53.24 83.89 86.94
CA PHE Y 22 53.39 83.67 85.50
C PHE Y 22 52.86 84.84 84.68
N ILE Y 23 53.55 85.96 84.79
CA ILE Y 23 53.30 87.12 83.92
C ILE Y 23 53.34 86.63 82.48
N PRO Y 24 52.19 86.58 81.80
CA PRO Y 24 52.15 86.02 80.45
C PRO Y 24 52.88 86.90 79.44
N VAL Y 25 53.26 86.27 78.34
CA VAL Y 25 53.93 86.95 77.25
C VAL Y 25 52.87 87.41 76.25
N THR Y 26 53.11 88.57 75.67
CA THR Y 26 52.22 89.13 74.67
C THR Y 26 52.91 89.33 73.33
N SER Y 27 54.20 89.69 73.34
CA SER Y 27 54.97 89.86 72.12
C SER Y 27 55.58 88.52 71.71
N LEU Y 28 55.05 87.93 70.64
CA LEU Y 28 55.64 86.71 70.11
C LEU Y 28 57.10 86.89 69.72
N GLN Y 29 57.49 88.12 69.34
CA GLN Y 29 58.89 88.41 69.11
C GLN Y 29 59.70 88.34 70.40
N SER Y 30 59.10 88.70 71.53
CA SER Y 30 59.79 88.73 72.81
C SER Y 30 59.74 87.39 73.53
N SER Y 31 59.06 86.39 72.97
CA SER Y 31 59.08 85.06 73.56
C SER Y 31 60.49 84.49 73.56
N THR Y 32 61.23 84.70 72.47
CA THR Y 32 62.62 84.26 72.42
C THR Y 32 63.52 85.05 73.37
N GLY Y 33 63.19 86.32 73.62
CA GLY Y 33 64.00 87.12 74.53
C GLY Y 33 63.81 86.80 75.99
N PHE Y 34 62.75 86.06 76.33
CA PHE Y 34 62.49 85.66 77.72
C PHE Y 34 63.15 84.31 77.95
N GLN Y 35 64.40 84.36 78.42
CA GLN Y 35 65.18 83.17 78.71
C GLN Y 35 65.74 83.30 80.13
N PRO Y 36 66.14 82.21 80.78
CA PRO Y 36 66.66 82.33 82.14
C PRO Y 36 67.91 83.20 82.18
N TYR Y 37 68.09 83.87 83.33
CA TYR Y 37 69.21 84.78 83.60
C TYR Y 37 69.19 86.01 82.69
N CYS Y 38 68.05 86.33 82.07
CA CYS Y 38 67.92 87.52 81.25
C CYS Y 38 67.28 88.64 82.06
N LEU Y 39 67.69 89.88 81.76
CA LEU Y 39 67.20 91.05 82.49
C LEU Y 39 65.95 91.59 81.82
N VAL Y 40 65.03 92.12 82.62
CA VAL Y 40 63.87 92.84 82.14
C VAL Y 40 63.75 94.14 82.93
N VAL Y 41 63.05 95.11 82.35
CA VAL Y 41 62.90 96.44 82.92
C VAL Y 41 61.41 96.72 83.11
N ARG Y 42 61.04 97.16 84.31
CA ARG Y 42 59.65 97.48 84.63
C ARG Y 42 59.61 98.78 85.41
N LYS Y 43 58.91 99.77 84.88
CA LYS Y 43 58.80 101.08 85.49
C LYS Y 43 57.78 101.07 86.64
N PRO Y 44 57.90 102.00 87.59
CA PRO Y 44 56.90 102.08 88.65
C PRO Y 44 55.52 102.40 88.11
N SER Y 45 54.51 101.82 88.77
CA SER Y 45 53.12 102.02 88.38
C SER Y 45 52.69 103.46 88.66
N SER Y 46 51.60 103.88 87.99
CA SER Y 46 51.19 105.27 88.10
C SER Y 46 50.48 105.55 89.42
N SER Y 47 49.27 105.00 89.61
CA SER Y 47 48.64 105.02 90.93
C SER Y 47 48.31 103.62 91.42
N TRP Y 48 47.39 102.91 90.78
CA TRP Y 48 47.11 101.52 91.15
C TRP Y 48 46.96 100.60 89.94
N PHE Y 49 46.30 101.08 88.89
CA PHE Y 49 45.83 100.20 87.83
C PHE Y 49 46.36 100.56 86.44
N TRP Y 50 47.26 101.53 86.32
CA TRP Y 50 48.05 101.69 85.10
C TRP Y 50 49.23 100.72 85.20
N LYS Y 51 48.91 99.44 85.02
CA LYS Y 51 49.90 98.39 85.22
C LYS Y 51 51.06 98.57 84.25
N PRO Y 52 52.28 98.74 84.74
CA PRO Y 52 53.43 98.89 83.84
C PRO Y 52 53.78 97.56 83.18
N ARG Y 53 53.61 97.51 81.86
CA ARG Y 53 53.88 96.28 81.12
C ARG Y 53 55.37 95.98 81.15
N TYR Y 54 55.70 94.70 81.33
CA TYR Y 54 57.08 94.28 81.41
C TYR Y 54 57.76 94.39 80.05
N LYS Y 55 58.96 94.97 80.04
CA LYS Y 55 59.71 95.20 78.82
C LYS Y 55 60.94 94.32 78.82
N CYS Y 56 61.04 93.43 77.84
CA CYS Y 56 62.17 92.51 77.76
C CYS Y 56 63.43 93.22 77.32
N VAL Y 57 64.55 92.83 77.90
CA VAL Y 57 65.87 93.30 77.49
C VAL Y 57 66.71 92.08 77.14
N ASN Y 58 67.31 92.08 75.95
CA ASN Y 58 68.10 90.95 75.48
C ASN Y 58 69.53 91.01 76.04
N LEU Y 59 69.60 91.03 77.37
CA LEU Y 59 70.87 91.11 78.08
C LEU Y 59 70.87 90.08 79.20
N SER Y 60 71.94 89.32 79.30
CA SER Y 60 72.06 88.29 80.33
C SER Y 60 72.85 88.82 81.52
N ILE Y 61 73.02 87.97 82.54
CA ILE Y 61 73.76 88.34 83.73
C ILE Y 61 75.21 87.87 83.70
N LYS Y 62 75.59 87.05 82.73
CA LYS Y 62 76.95 86.52 82.66
C LYS Y 62 77.98 87.62 82.43
N ASP Y 63 77.71 88.56 81.53
CA ASP Y 63 78.66 89.63 81.27
C ASP Y 63 78.67 90.70 82.35
N ILE Y 64 77.57 90.89 83.07
CA ILE Y 64 77.55 91.87 84.14
C ILE Y 64 78.56 91.54 85.23
N LEU Y 65 78.61 90.29 85.66
CA LEU Y 65 79.67 89.80 86.53
C LEU Y 65 80.96 89.61 85.74
N GLU Y 66 82.09 89.88 86.40
CA GLU Y 66 83.35 90.03 85.67
C GLU Y 66 83.81 88.75 84.98
N PRO Y 67 83.88 87.58 85.65
CA PRO Y 67 84.61 86.46 85.02
C PRO Y 67 83.76 85.57 84.12
N ASP Y 68 82.87 86.16 83.31
CA ASP Y 68 82.22 85.51 82.17
C ASP Y 68 81.68 84.12 82.53
N ALA Y 69 80.70 84.12 83.44
CA ALA Y 69 80.17 82.86 83.96
C ALA Y 69 79.64 81.95 82.87
N ALA Y 70 78.60 82.39 82.16
CA ALA Y 70 77.95 81.59 81.12
C ALA Y 70 77.60 80.19 81.63
N GLU Y 71 76.93 80.15 82.79
CA GLU Y 71 76.66 78.90 83.52
C GLU Y 71 75.16 78.76 83.73
N PRO Y 72 74.44 78.18 82.78
CA PRO Y 72 73.02 77.88 83.00
C PRO Y 72 72.85 76.59 83.80
N ASP Y 73 71.97 76.66 84.80
CA ASP Y 73 71.76 75.50 85.68
C ASP Y 73 70.30 75.06 85.66
N VAL Y 74 69.73 74.96 84.46
CA VAL Y 74 68.35 74.51 84.31
C VAL Y 74 68.31 73.00 84.49
N GLN Y 75 67.47 72.54 85.42
CA GLN Y 75 67.32 71.11 85.68
C GLN Y 75 65.87 70.66 85.70
N ARG Y 76 64.91 71.58 85.83
CA ARG Y 76 63.50 71.22 85.83
C ARG Y 76 63.07 70.76 84.46
N GLY Y 77 62.23 69.73 84.42
CA GLY Y 77 61.61 69.31 83.18
C GLY Y 77 60.54 68.27 83.34
N ARG Y 78 59.37 68.52 82.74
CA ARG Y 78 58.27 67.58 82.71
C ARG Y 78 57.63 67.65 81.33
N SER Y 79 56.46 67.03 81.19
CA SER Y 79 55.75 67.04 79.90
C SER Y 79 54.25 67.00 80.16
N PHE Y 80 53.63 68.18 80.14
CA PHE Y 80 52.17 68.29 80.11
C PHE Y 80 51.71 68.42 78.67
N HIS Y 81 50.82 67.54 78.25
CA HIS Y 81 50.24 67.60 76.91
C HIS Y 81 48.80 68.10 77.01
N PHE Y 82 48.47 69.12 76.21
CA PHE Y 82 47.19 69.78 76.30
C PHE Y 82 46.50 69.77 74.94
N TYR Y 83 45.18 69.72 74.96
CA TYR Y 83 44.37 69.73 73.75
C TYR Y 83 43.02 70.35 74.09
N ASP Y 84 42.40 70.99 73.09
CA ASP Y 84 41.07 71.56 73.26
C ASP Y 84 40.46 71.86 71.91
N ALA Y 85 39.24 72.37 71.93
CA ALA Y 85 38.52 72.77 70.73
C ALA Y 85 37.39 73.70 71.15
N MET Y 86 36.78 74.37 70.17
CA MET Y 86 35.71 75.32 70.44
C MET Y 86 35.02 75.68 69.14
N ASP Y 87 33.70 75.80 69.20
CA ASP Y 87 32.90 76.31 68.09
C ASP Y 87 31.60 76.89 68.65
N GLY Y 88 31.03 77.84 67.92
CA GLY Y 88 29.79 78.46 68.34
C GLY Y 88 29.01 78.95 67.14
N GLN Y 89 27.73 79.21 67.36
CA GLN Y 89 26.86 79.69 66.28
C GLN Y 89 25.66 80.39 66.89
N ILE Y 90 25.57 81.70 66.67
CA ILE Y 90 24.40 82.47 67.07
C ILE Y 90 23.75 83.02 65.80
N GLN Y 91 22.52 83.51 65.95
CA GLN Y 91 21.78 84.07 64.83
C GLN Y 91 20.66 84.94 65.36
N GLY Y 92 19.81 85.40 64.45
CA GLY Y 92 18.68 86.23 64.81
C GLY Y 92 17.75 86.42 63.65
N SER Y 93 16.50 86.75 63.97
CA SER Y 93 15.49 87.03 62.96
C SER Y 93 14.45 87.97 63.55
N VAL Y 94 14.04 88.95 62.74
CA VAL Y 94 13.11 89.98 63.17
C VAL Y 94 12.16 90.29 62.03
N GLU Y 95 10.86 90.24 62.31
CA GLU Y 95 9.83 90.66 61.37
C GLU Y 95 9.15 91.88 62.00
N LEU Y 96 9.72 93.05 61.75
CA LEU Y 96 9.28 94.29 62.38
C LEU Y 96 8.43 95.10 61.41
N ALA Y 97 7.20 95.41 61.82
CA ALA Y 97 6.29 96.18 60.97
C ALA Y 97 5.59 97.34 61.67
N ALA Y 98 5.39 97.29 62.98
CA ALA Y 98 4.63 98.32 63.67
C ALA Y 98 5.40 99.63 63.88
N PRO Y 99 6.59 99.63 64.57
CA PRO Y 99 7.21 100.88 65.00
C PRO Y 99 7.85 101.68 63.85
N GLY Y 100 7.02 102.24 62.98
CA GLY Y 100 7.51 103.09 61.92
C GLY Y 100 6.67 103.02 60.66
N GLN Y 101 7.32 103.08 59.50
CA GLN Y 101 6.65 102.95 58.22
C GLN Y 101 7.22 101.79 57.41
N ALA Y 102 7.80 100.80 58.07
CA ALA Y 102 8.54 99.73 57.43
C ALA Y 102 7.91 98.38 57.71
N LYS Y 103 8.25 97.41 56.86
CA LYS Y 103 7.95 95.99 57.07
C LYS Y 103 9.28 95.26 56.90
N ILE Y 104 10.03 95.18 58.00
CA ILE Y 104 11.43 94.75 57.94
C ILE Y 104 11.51 93.24 58.14
N ALA Y 105 12.22 92.57 57.23
CA ALA Y 105 12.51 91.14 57.35
C ALA Y 105 14.02 90.97 57.21
N GLY Y 106 14.71 90.81 58.33
CA GLY Y 106 16.15 90.71 58.33
C GLY Y 106 16.64 89.56 59.20
N GLY Y 107 17.93 89.27 59.09
CA GLY Y 107 18.53 88.20 59.85
C GLY Y 107 20.03 88.41 59.98
N ALA Y 108 20.63 87.56 60.81
CA ALA Y 108 22.07 87.60 61.03
C ALA Y 108 22.53 86.23 61.47
N ALA Y 109 23.85 86.02 61.42
CA ALA Y 109 24.44 84.74 61.82
C ALA Y 109 25.93 84.93 62.04
N VAL Y 110 26.43 84.45 63.17
CA VAL Y 110 27.85 84.52 63.52
C VAL Y 110 28.30 83.12 63.93
N SER Y 111 29.43 82.68 63.38
CA SER Y 111 29.98 81.38 63.71
C SER Y 111 31.50 81.44 63.68
N ASP Y 112 32.14 80.56 64.44
CA ASP Y 112 33.59 80.51 64.52
C ASP Y 112 34.02 79.15 65.03
N SER Y 113 35.33 78.92 65.01
CA SER Y 113 35.91 77.67 65.49
C SER Y 113 37.34 77.92 65.91
N SER Y 114 37.90 76.96 66.66
CA SER Y 114 39.27 77.06 67.13
C SER Y 114 39.82 75.66 67.37
N SER Y 115 41.13 75.56 67.43
CA SER Y 115 41.81 74.31 67.72
C SER Y 115 43.21 74.61 68.24
N THR Y 116 43.76 73.69 69.02
CA THR Y 116 45.08 73.85 69.61
C THR Y 116 45.57 72.51 70.11
N SER Y 117 46.86 72.23 69.88
CA SER Y 117 47.53 71.06 70.42
C SER Y 117 48.95 71.44 70.77
N MET Y 118 49.37 71.15 71.99
CA MET Y 118 50.62 71.68 72.50
C MET Y 118 51.21 70.74 73.54
N ASN Y 119 52.52 70.86 73.74
CA ASN Y 119 53.26 70.19 74.79
C ASN Y 119 54.15 71.20 75.50
N VAL Y 120 54.33 71.00 76.80
CA VAL Y 120 54.87 72.04 77.67
C VAL Y 120 56.00 71.48 78.54
N TYR Y 121 57.14 72.14 78.54
CA TYR Y 121 58.20 71.95 79.54
C TYR Y 121 58.09 73.02 80.62
N SER Y 122 59.04 73.01 81.54
CA SER Y 122 59.16 74.05 82.55
C SER Y 122 60.60 74.09 83.02
N LEU Y 123 61.21 75.26 82.91
CA LEU Y 123 62.60 75.46 83.32
C LEU Y 123 62.63 76.46 84.46
N SER Y 124 63.51 76.19 85.42
CA SER Y 124 63.67 77.05 86.58
C SER Y 124 65.15 77.09 86.97
N VAL Y 125 65.45 77.89 87.98
CA VAL Y 125 66.81 78.03 88.48
C VAL Y 125 66.79 77.99 90.00
N ASP Y 126 67.70 77.22 90.58
CA ASP Y 126 67.68 76.99 92.01
C ASP Y 126 68.25 78.19 92.76
N PRO Y 127 67.70 78.54 93.93
CA PRO Y 127 68.28 79.63 94.72
C PRO Y 127 69.71 79.39 95.16
N ASN Y 128 70.14 78.12 95.24
CA ASN Y 128 71.54 77.84 95.55
C ASN Y 128 72.48 78.38 94.48
N THR Y 129 72.12 78.23 93.21
CA THR Y 129 72.90 78.84 92.14
C THR Y 129 72.96 80.35 92.29
N TRP Y 130 71.83 80.97 92.65
CA TRP Y 130 71.83 82.41 92.89
C TRP Y 130 72.77 82.79 94.02
N GLN Y 131 72.75 82.04 95.14
CA GLN Y 131 73.58 82.44 96.26
C GLN Y 131 75.07 82.26 95.94
N THR Y 132 75.45 81.15 95.31
CA THR Y 132 76.83 81.02 94.87
C THR Y 132 77.22 82.14 93.92
N LEU Y 133 76.43 82.33 92.86
CA LEU Y 133 76.67 83.36 91.87
C LEU Y 133 76.84 84.73 92.52
N LEU Y 134 76.13 84.97 93.62
CA LEU Y 134 76.32 86.20 94.37
C LEU Y 134 77.64 86.20 95.14
N HIS Y 135 77.95 85.09 95.82
CA HIS Y 135 79.11 85.09 96.70
C HIS Y 135 80.45 85.04 95.97
N GLU Y 136 80.77 83.96 95.24
CA GLU Y 136 82.17 83.84 94.80
C GLU Y 136 82.54 84.86 93.72
N ARG Y 137 81.56 85.42 93.04
CA ARG Y 137 81.84 86.36 91.95
C ARG Y 137 80.98 87.61 92.12
N HIS Y 138 81.55 88.74 91.72
CA HIS Y 138 81.03 90.07 92.03
C HIS Y 138 80.64 90.83 90.78
N LEU Y 139 80.34 92.12 90.98
CA LEU Y 139 79.82 92.99 89.91
C LEU Y 139 80.94 93.80 89.27
N ARG Y 140 80.84 94.00 87.96
CA ARG Y 140 81.68 94.95 87.24
C ARG Y 140 81.12 96.36 87.44
N GLN Y 141 81.72 97.09 88.37
CA GLN Y 141 81.29 98.47 88.60
C GLN Y 141 81.56 99.41 87.42
N PRO Y 142 82.59 99.18 86.53
CA PRO Y 142 82.71 100.00 85.31
C PRO Y 142 81.86 99.48 84.15
N GLU Y 143 80.60 99.15 84.44
CA GLU Y 143 79.66 98.67 83.44
C GLU Y 143 78.35 99.42 83.64
N HIS Y 144 78.22 100.56 82.94
CA HIS Y 144 77.00 101.35 83.04
C HIS Y 144 76.51 101.94 81.73
N LYS Y 145 77.23 101.74 80.61
CA LYS Y 145 76.74 102.30 79.36
C LYS Y 145 75.39 101.70 78.98
N VAL Y 146 75.09 100.50 79.47
CA VAL Y 146 73.75 99.93 79.37
C VAL Y 146 72.93 100.21 80.62
N LEU Y 147 73.54 100.73 81.68
CA LEU Y 147 72.87 100.96 82.95
C LEU Y 147 72.79 102.43 83.36
N GLN Y 148 73.70 103.28 82.89
CA GLN Y 148 73.67 104.68 83.31
C GLN Y 148 72.40 105.38 82.85
N GLN Y 149 72.01 105.17 81.58
CA GLN Y 149 70.70 105.65 81.14
C GLN Y 149 69.58 104.92 81.87
N LEU Y 150 69.76 103.62 82.14
CA LEU Y 150 68.82 102.91 82.97
C LEU Y 150 68.79 103.46 84.39
N ARG Y 151 69.95 103.90 84.90
CA ARG Y 151 69.99 104.56 86.20
C ARG Y 151 69.23 105.87 86.18
N SER Y 152 69.36 106.66 85.10
CA SER Y 152 68.58 107.88 84.96
C SER Y 152 67.08 107.58 84.89
N ARG Y 153 66.70 106.51 84.17
CA ARG Y 153 65.32 106.06 84.20
C ARG Y 153 64.93 105.64 85.62
N GLY Y 154 65.83 104.96 86.31
CA GLY Y 154 65.58 104.51 87.66
C GLY Y 154 64.65 103.32 87.78
N ASP Y 155 64.31 102.68 86.67
CA ASP Y 155 63.37 101.58 86.69
C ASP Y 155 63.98 100.37 87.40
N ASN Y 156 63.13 99.66 88.15
CA ASN Y 156 63.58 98.46 88.84
C ASN Y 156 63.89 97.36 87.82
N VAL Y 157 64.99 96.66 88.03
CA VAL Y 157 65.46 95.63 87.11
C VAL Y 157 65.20 94.27 87.74
N TYR Y 158 64.92 93.28 86.89
CA TYR Y 158 64.55 91.94 87.33
C TYR Y 158 65.34 90.91 86.53
N VAL Y 159 65.25 89.67 86.99
CA VAL Y 159 65.84 88.53 86.29
C VAL Y 159 64.75 87.49 86.05
N VAL Y 160 65.02 86.58 85.12
CA VAL Y 160 64.09 85.51 84.77
C VAL Y 160 64.48 84.27 85.55
N THR Y 161 63.56 83.75 86.36
CA THR Y 161 63.83 82.60 87.19
C THR Y 161 62.99 81.37 86.83
N GLU Y 162 61.99 81.51 85.96
CA GLU Y 162 61.16 80.37 85.58
C GLU Y 162 60.75 80.56 84.12
N VAL Y 163 60.79 79.47 83.37
CA VAL Y 163 60.42 79.51 81.95
C VAL Y 163 59.50 78.34 81.65
N LEU Y 164 58.34 78.63 81.06
CA LEU Y 164 57.38 77.62 80.62
C LEU Y 164 57.28 77.72 79.10
N GLN Y 165 57.80 76.71 78.41
CA GLN Y 165 57.97 76.78 76.96
C GLN Y 165 57.32 75.59 76.27
N THR Y 166 57.27 75.68 74.94
CA THR Y 166 56.73 74.64 74.07
C THR Y 166 57.88 74.01 73.28
N GLN Y 167 57.82 72.69 73.11
CA GLN Y 167 58.92 71.91 72.53
C GLN Y 167 58.42 71.05 71.37
N LYS Y 168 57.51 71.60 70.59
CA LYS Y 168 56.82 70.83 69.54
C LYS Y 168 56.32 71.78 68.48
N GLU Y 169 55.93 71.21 67.34
CA GLU Y 169 55.37 71.96 66.24
C GLU Y 169 53.88 72.16 66.50
N VAL Y 170 53.57 73.14 67.34
CA VAL Y 170 52.20 73.37 67.76
C VAL Y 170 51.48 74.19 66.70
N GLU Y 171 50.15 74.05 66.67
CA GLU Y 171 49.34 74.67 65.63
C GLU Y 171 48.13 75.33 66.27
N VAL Y 172 47.68 76.41 65.65
CA VAL Y 172 46.41 77.06 65.98
C VAL Y 172 45.67 77.35 64.69
N THR Y 173 44.38 77.04 64.68
CA THR Y 173 43.55 77.22 63.48
C THR Y 173 42.23 77.86 63.90
N ARG Y 174 42.06 79.13 63.54
CA ARG Y 174 40.83 79.85 63.81
C ARG Y 174 40.11 80.18 62.50
N THR Y 175 38.78 80.22 62.57
CA THR Y 175 37.95 80.65 61.46
C THR Y 175 36.94 81.67 61.99
N HIS Y 176 36.18 82.26 61.07
CA HIS Y 176 35.24 83.30 61.44
C HIS Y 176 34.29 83.54 60.28
N LYS Y 177 33.01 83.74 60.59
CA LYS Y 177 32.00 84.06 59.59
C LYS Y 177 31.02 85.05 60.19
N ARG Y 178 30.76 86.15 59.48
CA ARG Y 178 29.78 87.14 59.91
C ARG Y 178 28.81 87.35 58.76
N GLU Y 179 27.58 86.85 58.91
CA GLU Y 179 26.57 86.89 57.86
C GLU Y 179 25.46 87.85 58.29
N GLY Y 180 25.36 88.99 57.60
CA GLY Y 180 24.29 89.94 57.84
C GLY Y 180 23.35 89.97 56.66
N SER Y 181 22.06 90.11 56.94
CA SER Y 181 21.04 90.09 55.90
C SER Y 181 19.93 91.07 56.28
N GLY Y 182 19.13 91.43 55.28
CA GLY Y 182 18.03 92.34 55.51
C GLY Y 182 17.17 92.56 54.28
N ARG Y 183 15.87 92.80 54.50
CA ARG Y 183 14.92 93.11 53.44
C ARG Y 183 13.94 94.14 53.97
N PHE Y 184 13.98 95.35 53.44
CA PHE Y 184 13.21 96.46 53.97
C PHE Y 184 12.10 96.82 52.99
N SER Y 185 10.86 96.83 53.48
CA SER Y 185 9.71 97.31 52.73
C SER Y 185 9.17 98.50 53.51
N LEU Y 186 9.71 99.69 53.22
CA LEU Y 186 9.43 100.89 54.00
C LEU Y 186 8.89 101.99 53.08
N PRO Y 187 7.58 102.04 52.87
CA PRO Y 187 6.99 103.19 52.17
C PRO Y 187 6.95 104.41 53.06
N GLY Y 188 7.85 105.36 52.81
CA GLY Y 188 7.92 106.56 53.64
C GLY Y 188 8.12 107.83 52.86
N ALA Y 189 9.10 108.63 53.27
CA ALA Y 189 9.39 109.91 52.63
C ALA Y 189 10.62 109.87 51.72
N THR Y 190 11.56 108.98 52.00
CA THR Y 190 12.79 108.91 51.21
C THR Y 190 12.87 107.70 50.29
N CYS Y 191 12.23 106.58 50.63
CA CYS Y 191 12.28 105.38 49.81
C CYS Y 191 10.95 104.64 49.91
N GLU Y 192 10.80 103.61 49.08
CA GLU Y 192 9.66 102.71 49.14
C GLU Y 192 10.03 101.33 49.64
N GLN Y 193 11.17 100.80 49.22
CA GLN Y 193 11.71 99.55 49.74
C GLN Y 193 13.20 99.51 49.47
N GLY Y 194 13.92 98.73 50.28
CA GLY Y 194 15.35 98.62 50.13
C GLY Y 194 15.86 97.29 50.64
N GLU Y 195 17.09 96.98 50.25
CA GLU Y 195 17.75 95.76 50.68
C GLU Y 195 19.18 96.07 51.09
N GLY Y 196 19.68 95.32 52.07
CA GLY Y 196 21.05 95.46 52.52
C GLY Y 196 21.57 94.21 53.20
N GLN Y 197 22.71 93.72 52.74
CA GLN Y 197 23.30 92.51 53.32
C GLN Y 197 24.78 92.46 52.98
N GLY Y 198 25.49 91.61 53.69
CA GLY Y 198 26.90 91.37 53.43
C GLY Y 198 27.51 90.34 54.36
N HIS Y 199 28.28 89.42 53.81
CA HIS Y 199 28.89 88.36 54.59
C HIS Y 199 30.35 88.23 54.22
N LEU Y 200 31.19 87.89 55.21
CA LEU Y 200 32.60 87.70 54.98
C LEU Y 200 33.11 86.58 55.87
N SER Y 201 33.89 85.67 55.30
CA SER Y 201 34.55 84.64 56.06
C SER Y 201 35.93 85.12 56.51
N GLN Y 202 36.64 84.26 57.23
CA GLN Y 202 37.97 84.58 57.70
C GLN Y 202 38.65 83.30 58.15
N LYS Y 203 39.98 83.33 58.17
CA LYS Y 203 40.78 82.19 58.60
C LYS Y 203 42.18 82.68 58.93
N LYS Y 204 42.89 81.90 59.73
CA LYS Y 204 44.30 82.14 60.00
C LYS Y 204 44.89 80.89 60.63
N THR Y 205 46.22 80.81 60.59
CA THR Y 205 46.94 79.64 61.10
C THR Y 205 48.35 80.08 61.46
N VAL Y 206 48.64 80.13 62.75
CA VAL Y 206 49.96 80.53 63.24
C VAL Y 206 50.67 79.29 63.77
N THR Y 207 51.99 79.27 63.61
CA THR Y 207 52.81 78.14 64.06
C THR Y 207 53.89 78.66 64.99
N ILE Y 208 53.97 78.08 66.18
CA ILE Y 208 55.00 78.44 67.15
C ILE Y 208 56.08 77.36 67.18
N PRO Y 209 57.34 77.71 66.98
CA PRO Y 209 58.40 76.70 66.95
C PRO Y 209 58.77 76.23 68.36
N SER Y 210 59.53 75.14 68.39
CA SER Y 210 59.94 74.54 69.65
C SER Y 210 60.89 75.49 70.39
N GLY Y 211 60.63 75.67 71.68
CA GLY Y 211 61.46 76.54 72.50
C GLY Y 211 61.04 77.99 72.47
N SER Y 212 59.77 78.25 72.78
CA SER Y 212 59.24 79.61 72.87
C SER Y 212 58.64 79.81 74.25
N THR Y 213 59.06 80.87 74.94
CA THR Y 213 58.60 81.10 76.30
C THR Y 213 57.17 81.63 76.31
N LEU Y 214 56.34 81.04 77.15
CA LEU Y 214 54.95 81.47 77.33
C LEU Y 214 54.73 82.26 78.61
N ALA Y 215 55.46 81.94 79.67
CA ALA Y 215 55.29 82.61 80.95
C ALA Y 215 56.64 82.64 81.66
N PHE Y 216 56.76 83.53 82.65
CA PHE Y 216 58.00 83.67 83.39
C PHE Y 216 57.70 84.27 84.76
N ARG Y 217 58.69 84.16 85.65
CA ARG Y 217 58.66 84.80 86.95
C ARG Y 217 59.91 85.64 87.12
N VAL Y 218 59.83 86.65 87.98
CA VAL Y 218 60.91 87.61 88.16
C VAL Y 218 61.45 87.49 89.58
N ALA Y 219 62.65 88.03 89.77
CA ALA Y 219 63.30 88.08 91.08
C ALA Y 219 64.04 89.40 91.17
N GLN Y 220 63.47 90.36 91.90
CA GLN Y 220 64.01 91.71 91.93
C GLN Y 220 65.39 91.73 92.59
N LEU Y 221 66.25 92.60 92.08
CA LEU Y 221 67.58 92.83 92.63
C LEU Y 221 67.76 94.32 92.87
N VAL Y 222 68.72 94.65 93.73
CA VAL Y 222 68.97 96.03 94.14
C VAL Y 222 70.38 96.43 93.73
N ILE Y 223 70.51 97.62 93.16
CA ILE Y 223 71.81 98.18 92.76
C ILE Y 223 71.92 99.54 93.44
N ASP Y 224 72.53 99.56 94.63
CA ASP Y 224 72.88 100.82 95.27
C ASP Y 224 74.39 100.98 95.38
N SER Y 225 75.08 99.95 95.84
CA SER Y 225 76.53 99.86 95.83
C SER Y 225 77.04 98.58 95.19
N ASP Y 226 76.32 97.47 95.35
CA ASP Y 226 76.68 96.20 94.76
C ASP Y 226 75.40 95.41 94.50
N LEU Y 227 75.52 94.34 93.73
CA LEU Y 227 74.36 93.56 93.32
C LEU Y 227 73.90 92.64 94.45
N ASP Y 228 72.59 92.51 94.57
CA ASP Y 228 71.97 91.63 95.56
C ASP Y 228 70.55 91.30 95.12
N VAL Y 229 70.28 90.03 94.92
CA VAL Y 229 68.99 89.57 94.41
C VAL Y 229 68.08 89.25 95.59
N LEU Y 230 66.88 89.81 95.57
CA LEU Y 230 65.87 89.57 96.59
C LEU Y 230 64.79 88.67 96.01
N LEU Y 231 64.79 87.40 96.42
CA LEU Y 231 63.81 86.45 95.91
C LEU Y 231 62.38 86.81 96.29
N PHE Y 232 62.16 87.30 97.52
CA PHE Y 232 60.83 87.66 97.98
C PHE Y 232 60.86 89.08 98.51
N PRO Y 233 60.93 90.08 97.62
CA PRO Y 233 60.98 91.47 98.07
C PRO Y 233 59.58 92.04 98.32
N ASP Y 234 59.52 93.31 98.71
CA ASP Y 234 58.27 94.01 98.92
C ASP Y 234 58.06 95.07 97.84
N LYS Y 235 56.85 95.63 97.82
CA LYS Y 235 56.53 96.66 96.85
C LYS Y 235 57.27 97.96 97.20
N LYS Y 236 57.44 98.80 96.18
CA LYS Y 236 58.15 100.08 96.33
C LYS Y 236 59.59 99.87 96.82
N GLN Y 237 60.19 98.75 96.43
CA GLN Y 237 61.59 98.46 96.71
C GLN Y 237 62.39 98.97 95.53
N ARG Y 238 62.89 100.20 95.64
CA ARG Y 238 63.57 100.84 94.53
C ARG Y 238 64.97 100.25 94.36
N THR Y 239 65.29 99.83 93.13
CA THR Y 239 66.59 99.22 92.86
C THR Y 239 67.71 100.24 93.05
N PHE Y 240 67.57 101.42 92.45
CA PHE Y 240 68.58 102.46 92.53
C PHE Y 240 68.27 103.40 93.70
N GLN Y 241 68.99 104.51 93.76
CA GLN Y 241 68.73 105.53 94.78
C GLN Y 241 68.12 106.78 94.17
N SER Z 3 47.27 98.81 47.67
CA SER Z 3 48.72 98.81 47.76
C SER Z 3 49.28 97.40 47.72
N ALA Z 4 48.53 96.46 48.29
CA ALA Z 4 48.87 95.04 48.31
C ALA Z 4 50.16 94.77 49.09
N PHE Z 5 50.71 95.81 49.72
CA PHE Z 5 51.89 95.67 50.57
C PHE Z 5 51.61 96.09 52.00
N GLU Z 6 50.99 97.25 52.22
CA GLU Z 6 50.67 97.68 53.57
C GLU Z 6 49.64 96.79 54.23
N ARG Z 7 48.77 96.15 53.46
CA ARG Z 7 47.76 95.26 54.03
C ARG Z 7 48.43 94.12 54.80
N VAL Z 8 49.33 93.39 54.14
CA VAL Z 8 49.97 92.24 54.79
C VAL Z 8 50.94 92.68 55.88
N VAL Z 9 51.62 93.81 55.71
CA VAL Z 9 52.51 94.30 56.75
C VAL Z 9 51.71 94.66 58.00
N ARG Z 10 50.59 95.37 57.82
CA ARG Z 10 49.73 95.69 58.96
C ARG Z 10 49.20 94.43 59.61
N ARG Z 11 48.82 93.43 58.80
CA ARG Z 11 48.35 92.18 59.37
C ARG Z 11 49.43 91.49 60.20
N VAL Z 12 50.66 91.45 59.69
CA VAL Z 12 51.75 90.81 60.41
C VAL Z 12 52.03 91.53 61.73
N VAL Z 13 52.07 92.87 61.71
CA VAL Z 13 52.28 93.60 62.95
C VAL Z 13 51.11 93.41 63.91
N GLN Z 14 49.88 93.36 63.40
CA GLN Z 14 48.71 93.13 64.24
C GLN Z 14 48.68 91.73 64.83
N GLU Z 15 49.34 90.76 64.19
CA GLU Z 15 49.47 89.42 64.75
C GLU Z 15 50.34 89.40 66.01
N LEU Z 16 50.92 90.54 66.38
CA LEU Z 16 51.62 90.68 67.65
C LEU Z 16 50.78 91.35 68.72
N ASP Z 17 49.53 91.71 68.40
CA ASP Z 17 48.66 92.45 69.32
C ASP Z 17 49.33 93.70 69.84
N HIS Z 18 49.96 94.45 68.93
CA HIS Z 18 50.69 95.68 69.25
C HIS Z 18 51.81 95.43 70.26
N GLY Z 19 52.32 94.19 70.30
CA GLY Z 19 53.43 93.87 71.17
C GLY Z 19 54.75 94.32 70.60
N GLY Z 20 55.48 95.15 71.34
CA GLY Z 20 56.72 95.71 70.85
C GLY Z 20 56.50 96.79 69.83
N GLU Z 21 57.49 97.69 69.72
CA GLU Z 21 57.40 98.80 68.79
C GLU Z 21 57.33 98.31 67.35
N PHE Z 22 58.40 97.70 66.87
CA PHE Z 22 58.48 97.12 65.53
C PHE Z 22 57.92 98.07 64.47
N ILE Z 23 58.63 99.19 64.32
CA ILE Z 23 58.30 100.19 63.31
C ILE Z 23 58.16 99.51 61.95
N PRO Z 24 56.97 99.43 61.39
CA PRO Z 24 56.78 98.72 60.13
C PRO Z 24 57.37 99.48 58.95
N VAL Z 25 57.64 98.73 57.89
CA VAL Z 25 58.20 99.29 56.68
C VAL Z 25 57.09 99.43 55.65
N THR Z 26 57.23 100.44 54.79
CA THR Z 26 56.21 100.71 53.78
C THR Z 26 56.77 100.77 52.37
N SER Z 27 58.05 101.13 52.22
CA SER Z 27 58.69 101.19 50.92
C SER Z 27 59.35 99.85 50.62
N LEU Z 28 58.82 99.11 49.64
CA LEU Z 28 59.44 97.85 49.25
C LEU Z 28 60.87 98.05 48.76
N GLN Z 29 61.18 99.22 48.19
CA GLN Z 29 62.56 99.50 47.82
C GLN Z 29 63.43 99.71 49.05
N SER Z 30 62.90 100.32 50.11
CA SER Z 30 63.64 100.55 51.33
C SER Z 30 63.55 99.40 52.32
N SER Z 31 62.74 98.37 52.01
CA SER Z 31 62.70 97.20 52.87
C SER Z 31 64.05 96.49 52.89
N THR Z 32 64.72 96.44 51.75
CA THR Z 32 66.03 95.78 51.66
C THR Z 32 67.11 96.62 52.32
N GLY Z 33 66.94 97.94 52.40
CA GLY Z 33 67.93 98.78 53.04
C GLY Z 33 67.90 98.75 54.55
N PHE Z 34 66.87 98.11 55.13
CA PHE Z 34 66.75 98.00 56.58
C PHE Z 34 67.43 96.71 57.02
N GLN Z 35 68.69 96.84 57.41
CA GLN Z 35 69.52 95.73 57.87
C GLN Z 35 70.15 96.13 59.20
N PRO Z 36 70.64 95.17 59.99
CA PRO Z 36 71.29 95.54 61.26
C PRO Z 36 72.51 96.42 61.03
N TYR Z 37 72.78 97.28 62.02
CA TYR Z 37 73.89 98.23 61.99
C TYR Z 37 73.75 99.26 60.88
N CYS Z 38 72.55 99.48 60.36
CA CYS Z 38 72.31 100.48 59.33
C CYS Z 38 71.75 101.75 59.96
N LEU Z 39 72.16 102.90 59.41
CA LEU Z 39 71.76 104.19 59.94
C LEU Z 39 70.43 104.63 59.31
N VAL Z 40 69.55 105.20 60.12
CA VAL Z 40 68.33 105.83 59.64
C VAL Z 40 68.26 107.23 60.23
N VAL Z 41 67.54 108.11 59.55
CA VAL Z 41 67.47 109.53 59.92
C VAL Z 41 66.01 109.92 60.05
N ARG Z 42 65.68 110.55 61.19
CA ARG Z 42 64.34 111.05 61.43
C ARG Z 42 64.42 112.49 61.93
N LYS Z 43 63.63 113.36 61.30
CA LYS Z 43 63.49 114.73 61.76
C LYS Z 43 62.61 114.78 63.01
N PRO Z 44 62.71 115.85 63.80
CA PRO Z 44 61.80 116.01 64.94
C PRO Z 44 60.36 116.14 64.49
N SER Z 45 59.45 115.65 65.34
CA SER Z 45 58.03 115.70 65.05
C SER Z 45 57.55 117.15 65.00
N SER Z 46 56.44 117.37 64.31
CA SER Z 46 55.98 118.74 64.08
C SER Z 46 55.37 119.35 65.33
N SER Z 47 54.23 118.84 65.79
CA SER Z 47 53.73 119.20 67.11
C SER Z 47 53.52 117.98 68.00
N TRP Z 48 52.54 117.12 67.70
CA TRP Z 48 52.35 115.90 68.47
C TRP Z 48 51.93 114.74 67.59
N PHE Z 49 51.23 115.03 66.49
CA PHE Z 49 50.57 114.01 65.68
C PHE Z 49 51.18 113.83 64.30
N TRP Z 50 51.95 114.80 63.80
CA TRP Z 50 52.61 114.66 62.51
C TRP Z 50 53.87 113.83 62.71
N LYS Z 51 53.68 112.51 62.70
CA LYS Z 51 54.80 111.58 62.87
C LYS Z 51 55.82 111.78 61.75
N PRO Z 52 57.07 112.07 62.05
CA PRO Z 52 58.09 112.14 61.00
C PRO Z 52 58.46 110.74 60.53
N ARG Z 53 58.10 110.44 59.28
CA ARG Z 53 58.34 109.11 58.73
C ARG Z 53 59.83 108.80 58.71
N TYR Z 54 60.17 107.57 59.09
CA TYR Z 54 61.56 107.16 59.14
C TYR Z 54 62.09 107.00 57.72
N LYS Z 55 63.25 107.61 57.47
CA LYS Z 55 63.89 107.58 56.15
C LYS Z 55 65.13 106.71 56.22
N CYS Z 56 65.15 105.64 55.43
CA CYS Z 56 66.29 104.74 55.42
C CYS Z 56 67.49 105.41 54.78
N VAL Z 57 68.67 105.14 55.34
CA VAL Z 57 69.95 105.58 54.78
C VAL Z 57 70.80 104.34 54.56
N ASN Z 58 71.36 104.21 53.36
CA ASN Z 58 72.16 103.03 53.00
C ASN Z 58 73.59 103.18 53.50
N LEU Z 59 73.71 103.43 54.81
CA LEU Z 59 75.01 103.63 55.44
C LEU Z 59 75.11 102.76 56.69
N SER Z 60 76.20 102.02 56.80
CA SER Z 60 76.42 101.15 57.94
C SER Z 60 77.30 101.85 58.98
N ILE Z 61 77.58 101.14 60.07
CA ILE Z 61 78.41 101.69 61.14
C ILE Z 61 79.87 101.22 61.05
N LYS Z 62 80.20 100.32 60.14
CA LYS Z 62 81.56 99.83 60.04
C LYS Z 62 82.52 100.91 59.57
N ASP Z 63 82.11 101.74 58.61
CA ASP Z 63 82.99 102.75 58.05
C ASP Z 63 83.06 104.02 58.89
N ILE Z 64 82.03 104.32 59.67
CA ILE Z 64 82.07 105.52 60.49
C ILE Z 64 83.18 105.42 61.55
N LEU Z 65 83.42 104.22 62.07
CA LEU Z 65 84.60 103.95 62.87
C LEU Z 65 85.75 103.52 61.96
N GLU Z 66 86.99 103.82 62.41
CA GLU Z 66 88.10 103.85 61.46
C GLU Z 66 88.46 102.49 60.87
N PRO Z 67 88.68 101.42 61.67
CA PRO Z 67 89.34 100.24 61.09
C PRO Z 67 88.42 99.23 60.42
N ASP Z 68 87.45 99.69 59.63
CA ASP Z 68 86.67 98.84 58.73
C ASP Z 68 86.13 97.60 59.45
N ALA Z 69 85.21 97.83 60.38
CA ALA Z 69 84.72 96.80 61.29
C ALA Z 69 84.22 95.56 60.55
N ALA Z 70 83.11 95.69 59.82
CA ALA Z 70 82.50 94.59 59.10
C ALA Z 70 82.32 93.35 59.99
N GLU Z 71 81.74 93.58 61.17
CA GLU Z 71 81.56 92.54 62.18
C GLU Z 71 80.09 92.44 62.59
N PRO Z 72 79.29 91.66 61.87
CA PRO Z 72 77.90 91.43 62.31
C PRO Z 72 77.83 90.35 63.38
N ASP Z 73 76.91 90.55 64.33
CA ASP Z 73 76.75 89.60 65.43
C ASP Z 73 75.32 89.08 65.49
N VAL Z 74 74.77 88.70 64.34
CA VAL Z 74 73.40 88.18 64.29
C VAL Z 74 73.39 86.76 64.82
N GLN Z 75 72.52 86.50 65.81
CA GLN Z 75 72.41 85.18 66.40
C GLN Z 75 70.96 84.72 66.61
N ARG Z 76 70.00 85.63 66.54
CA ARG Z 76 68.59 85.27 66.76
C ARG Z 76 68.03 84.56 65.54
N GLY Z 77 67.16 83.58 65.79
CA GLY Z 77 66.51 82.88 64.71
C GLY Z 77 65.41 81.93 65.15
N ARG Z 78 64.24 82.04 64.51
CA ARG Z 78 63.13 81.12 64.74
C ARG Z 78 62.37 80.94 63.42
N SER Z 79 61.28 80.18 63.47
CA SER Z 79 60.48 79.88 62.29
C SER Z 79 59.00 79.94 62.65
N PHE Z 80 58.40 81.12 62.44
CA PHE Z 80 56.96 81.28 62.57
C PHE Z 80 56.33 81.19 61.18
N HIS Z 81 55.39 80.27 61.02
CA HIS Z 81 54.69 80.08 59.75
C HIS Z 81 53.29 80.67 59.87
N PHE Z 82 52.92 81.53 58.92
CA PHE Z 82 51.66 82.25 58.98
C PHE Z 82 50.90 82.02 57.68
N TYR Z 83 49.57 81.97 57.80
CA TYR Z 83 48.68 81.75 56.67
C TYR Z 83 47.31 82.28 57.03
N ASP Z 84 46.60 82.79 56.03
CA ASP Z 84 45.24 83.26 56.23
C ASP Z 84 44.55 83.39 54.87
N ALA Z 85 43.26 83.71 54.91
CA ALA Z 85 42.46 83.89 53.71
C ALA Z 85 41.25 84.74 54.06
N MET Z 86 40.68 85.38 53.04
CA MET Z 86 39.51 86.24 53.23
C MET Z 86 38.64 86.18 51.98
N ASP Z 87 37.37 86.51 52.17
CA ASP Z 87 36.44 86.78 51.07
C ASP Z 87 35.25 87.55 51.62
N GLY Z 88 34.53 88.23 50.75
CA GLY Z 88 33.38 89.01 51.17
C GLY Z 88 32.49 89.33 50.00
N GLN Z 89 31.23 89.61 50.29
CA GLN Z 89 30.27 89.97 49.25
C GLN Z 89 29.14 90.77 49.88
N ILE Z 90 29.11 92.07 49.62
CA ILE Z 90 28.00 92.93 50.00
C ILE Z 90 27.24 93.31 48.73
N GLN Z 91 25.99 93.71 48.92
CA GLN Z 91 25.15 94.08 47.79
C GLN Z 91 24.02 94.98 48.28
N GLY Z 92 23.06 95.24 47.39
CA GLY Z 92 21.92 96.05 47.73
C GLY Z 92 20.97 96.14 46.56
N SER Z 93 19.74 96.56 46.87
CA SER Z 93 18.71 96.72 45.86
C SER Z 93 17.68 97.73 46.37
N VAL Z 94 17.24 98.61 45.48
CA VAL Z 94 16.28 99.65 45.81
C VAL Z 94 15.25 99.74 44.71
N GLU Z 95 13.98 99.64 45.07
CA GLU Z 95 12.86 99.84 44.14
C GLU Z 95 12.13 101.09 44.63
N LEU Z 96 12.60 102.25 44.17
CA LEU Z 96 12.12 103.54 44.64
C LEU Z 96 11.17 104.16 43.63
N ALA Z 97 9.97 104.50 44.09
CA ALA Z 97 8.96 105.10 43.22
C ALA Z 97 8.25 106.31 43.82
N ALA Z 98 8.19 106.46 45.14
CA ALA Z 98 7.42 107.53 45.75
C ALA Z 98 8.10 108.90 45.65
N PRO Z 99 9.35 109.09 46.18
CA PRO Z 99 9.92 110.44 46.30
C PRO Z 99 10.39 111.04 44.96
N GLY Z 100 9.45 111.24 44.06
CA GLY Z 100 9.76 111.88 42.79
C GLY Z 100 8.87 111.42 41.65
N GLN Z 101 9.47 111.25 40.47
CA GLN Z 101 8.75 110.77 39.29
C GLN Z 101 9.37 109.49 38.72
N ALA Z 102 10.29 108.88 39.47
CA ALA Z 102 11.09 107.78 38.97
C ALA Z 102 10.55 106.44 39.46
N LYS Z 103 10.81 105.40 38.66
CA LYS Z 103 10.63 104.00 39.05
C LYS Z 103 12.02 103.36 38.95
N ILE Z 104 12.80 103.48 40.01
CA ILE Z 104 14.20 103.10 39.98
C ILE Z 104 14.32 101.61 40.29
N ALA Z 105 15.02 100.89 39.42
CA ALA Z 105 15.32 99.47 39.63
C ALA Z 105 16.82 99.29 39.46
N GLY Z 106 17.56 99.38 40.57
CA GLY Z 106 19.00 99.30 40.52
C GLY Z 106 19.53 98.22 41.44
N GLY Z 107 20.84 98.06 41.42
CA GLY Z 107 21.50 97.07 42.25
C GLY Z 107 22.99 97.36 42.33
N ALA Z 108 23.66 96.62 43.20
CA ALA Z 108 25.09 96.76 43.39
C ALA Z 108 25.64 95.47 43.99
N ALA Z 109 26.95 95.31 43.89
CA ALA Z 109 27.63 94.14 44.45
C ALA Z 109 29.13 94.40 44.48
N VAL Z 110 29.75 94.08 45.62
CA VAL Z 110 31.19 94.19 45.79
C VAL Z 110 31.71 92.85 46.30
N SER Z 111 32.75 92.33 45.65
CA SER Z 111 33.33 91.05 46.03
C SER Z 111 34.84 91.12 45.89
N ASP Z 112 35.53 90.49 46.84
CA ASP Z 112 36.98 90.47 46.84
C ASP Z 112 37.47 89.26 47.62
N SER Z 113 38.79 89.14 47.71
CA SER Z 113 39.41 88.03 48.43
C SER Z 113 40.87 88.39 48.72
N SER Z 114 41.56 87.46 49.36
CA SER Z 114 42.97 87.63 49.68
C SER Z 114 43.55 86.28 50.06
N SER Z 115 44.88 86.24 50.17
CA SER Z 115 45.59 85.04 50.59
C SER Z 115 47.00 85.43 51.00
N THR Z 116 47.63 84.56 51.80
CA THR Z 116 49.00 84.78 52.25
C THR Z 116 49.54 83.49 52.84
N SER Z 117 50.78 83.16 52.49
CA SER Z 117 51.52 82.08 53.12
C SER Z 117 52.97 82.52 53.24
N MET Z 118 53.51 82.45 54.45
CA MET Z 118 54.81 83.06 54.71
C MET Z 118 55.44 82.42 55.94
N ASN Z 119 56.74 82.66 56.08
CA ASN Z 119 57.50 82.27 57.25
C ASN Z 119 58.21 83.48 57.82
N VAL Z 120 58.38 83.51 59.14
CA VAL Z 120 58.89 84.68 59.83
C VAL Z 120 60.11 84.29 60.65
N TYR Z 121 61.23 84.94 60.37
CA TYR Z 121 62.44 84.86 61.16
C TYR Z 121 62.63 86.16 61.93
N SER Z 122 63.77 86.29 62.62
CA SER Z 122 64.04 87.48 63.40
C SER Z 122 65.53 87.56 63.71
N LEU Z 123 66.12 88.70 63.43
CA LEU Z 123 67.53 88.96 63.72
C LEU Z 123 67.65 90.19 64.59
N SER Z 124 68.67 90.19 65.46
CA SER Z 124 68.90 91.30 66.36
C SER Z 124 70.39 91.39 66.66
N VAL Z 125 70.75 92.34 67.52
CA VAL Z 125 72.13 92.54 67.94
C VAL Z 125 72.15 92.70 69.47
N ASP Z 126 73.12 92.07 70.10
CA ASP Z 126 73.17 92.05 71.56
C ASP Z 126 73.75 93.37 72.09
N PRO Z 127 73.21 93.89 73.20
CA PRO Z 127 73.80 95.11 73.79
C PRO Z 127 75.25 94.94 74.22
N ASN Z 128 75.65 93.73 74.60
CA ASN Z 128 77.06 93.50 74.95
C ASN Z 128 77.98 93.77 73.77
N THR Z 129 77.56 93.39 72.56
CA THR Z 129 78.32 93.74 71.37
C THR Z 129 78.42 95.25 71.19
N TRP Z 130 77.33 95.98 71.46
CA TRP Z 130 77.39 97.43 71.42
C TRP Z 130 78.41 97.97 72.42
N GLN Z 131 78.41 97.41 73.64
CA GLN Z 131 79.37 97.85 74.65
C GLN Z 131 80.81 97.61 74.20
N THR Z 132 81.11 96.42 73.71
CA THR Z 132 82.45 96.13 73.22
C THR Z 132 82.82 97.05 72.07
N LEU Z 133 81.92 97.23 71.11
CA LEU Z 133 82.20 98.05 69.94
C LEU Z 133 82.47 99.50 70.33
N LEU Z 134 81.68 100.05 71.24
CA LEU Z 134 81.85 101.44 71.63
C LEU Z 134 83.13 101.64 72.43
N HIS Z 135 83.39 100.76 73.40
CA HIS Z 135 84.56 100.96 74.25
C HIS Z 135 85.88 100.60 73.58
N GLU Z 136 85.87 99.71 72.59
CA GLU Z 136 87.15 99.32 71.97
C GLU Z 136 87.66 100.39 71.02
N ARG Z 137 86.75 101.10 70.35
CA ARG Z 137 87.10 101.88 69.18
C ARG Z 137 86.30 103.18 69.14
N HIS Z 138 86.84 104.17 68.44
CA HIS Z 138 86.34 105.53 68.46
C HIS Z 138 85.86 105.96 67.07
N LEU Z 139 85.54 107.25 66.96
CA LEU Z 139 84.95 107.82 65.76
C LEU Z 139 85.99 108.51 64.90
N ARG Z 140 85.84 108.40 63.58
CA ARG Z 140 86.57 109.23 62.64
C ARG Z 140 85.94 110.61 62.65
N GLN Z 141 86.45 111.49 63.51
CA GLN Z 141 85.90 112.85 63.59
C GLN Z 141 86.09 113.65 62.30
N PRO Z 142 87.13 113.38 61.42
CA PRO Z 142 87.18 114.02 60.10
C PRO Z 142 86.37 113.26 59.05
N GLU Z 143 85.17 112.82 59.42
CA GLU Z 143 84.25 112.14 58.51
C GLU Z 143 82.88 112.75 58.73
N HIS Z 144 82.57 113.80 57.98
CA HIS Z 144 81.29 114.47 58.09
C HIS Z 144 80.64 114.82 56.77
N LYS Z 145 81.27 114.52 55.62
CA LYS Z 145 80.62 114.86 54.36
C LYS Z 145 79.32 114.07 54.18
N VAL Z 146 79.15 112.99 54.92
CA VAL Z 146 77.85 112.33 55.06
C VAL Z 146 77.12 112.76 56.32
N LEU Z 147 77.72 113.63 57.13
CA LEU Z 147 77.16 114.06 58.41
C LEU Z 147 77.10 115.56 58.60
N GLN Z 148 78.00 116.32 57.95
CA GLN Z 148 78.00 117.78 58.13
C GLN Z 148 76.71 118.40 57.63
N GLN Z 149 76.22 117.97 56.47
CA GLN Z 149 74.89 118.39 56.06
C GLN Z 149 73.84 117.84 57.01
N LEU Z 150 73.99 116.59 57.45
CA LEU Z 150 73.12 116.06 58.50
C LEU Z 150 73.23 116.86 59.78
N ARG Z 151 74.43 117.38 60.08
CA ARG Z 151 74.58 118.30 61.20
C ARG Z 151 73.77 119.57 60.97
N SER Z 152 73.78 120.09 59.74
CA SER Z 152 72.99 121.27 59.43
C SER Z 152 71.49 121.01 59.62
N ARG Z 153 71.00 119.85 59.17
CA ARG Z 153 69.62 119.49 59.45
C ARG Z 153 69.40 119.32 60.95
N GLY Z 154 70.36 118.71 61.64
CA GLY Z 154 70.22 118.46 63.06
C GLY Z 154 69.30 117.30 63.40
N ASP Z 155 68.86 116.54 62.40
CA ASP Z 155 67.95 115.44 62.64
C ASP Z 155 68.62 114.34 63.46
N ASN Z 156 67.86 113.75 64.38
CA ASN Z 156 68.38 112.65 65.17
C ASN Z 156 68.58 111.42 64.30
N VAL Z 157 69.76 110.82 64.39
CA VAL Z 157 70.12 109.67 63.57
C VAL Z 157 70.08 108.42 64.46
N TYR Z 158 69.51 107.35 63.92
CA TYR Z 158 69.31 106.12 64.67
C TYR Z 158 70.02 104.97 63.97
N VAL Z 159 70.16 103.86 64.68
CA VAL Z 159 70.70 102.62 64.13
C VAL Z 159 69.66 101.52 64.31
N VAL Z 160 69.81 100.48 63.49
CA VAL Z 160 68.89 99.34 63.50
C VAL Z 160 69.47 98.29 64.44
N THR Z 161 68.68 97.91 65.46
CA THR Z 161 69.12 96.94 66.45
C THR Z 161 68.38 95.61 66.37
N GLU Z 162 67.29 95.54 65.62
CA GLU Z 162 66.50 94.31 65.53
C GLU Z 162 65.81 94.29 64.18
N VAL Z 163 65.79 93.10 63.56
CA VAL Z 163 65.23 92.94 62.22
C VAL Z 163 64.33 91.72 62.20
N LEU Z 164 63.14 91.87 61.63
CA LEU Z 164 62.23 90.76 61.38
C LEU Z 164 62.10 90.64 59.86
N GLN Z 165 62.71 89.61 59.30
CA GLN Z 165 62.70 89.39 57.85
C GLN Z 165 62.19 88.00 57.52
N THR Z 166 61.81 87.82 56.27
CA THR Z 166 61.31 86.56 55.75
C THR Z 166 62.20 86.10 54.62
N GLN Z 167 62.69 84.86 54.70
CA GLN Z 167 63.44 84.26 53.59
C GLN Z 167 62.80 82.92 53.21
N LYS Z 168 61.71 83.01 52.44
CA LYS Z 168 60.96 82.00 51.71
C LYS Z 168 60.23 82.73 50.59
N GLU Z 169 59.80 81.96 49.59
CA GLU Z 169 59.10 82.53 48.44
C GLU Z 169 57.66 82.81 48.83
N VAL Z 170 57.42 83.97 49.42
CA VAL Z 170 56.10 84.36 49.87
C VAL Z 170 55.41 85.14 48.77
N GLU Z 171 54.07 85.16 48.81
CA GLU Z 171 53.30 85.83 47.78
C GLU Z 171 51.93 86.20 48.31
N VAL Z 172 51.27 87.12 47.61
CA VAL Z 172 49.91 87.56 47.93
C VAL Z 172 49.13 87.65 46.64
N THR Z 173 47.82 87.35 46.70
CA THR Z 173 46.94 87.38 45.53
C THR Z 173 45.63 88.04 45.94
N ARG Z 174 45.42 89.27 45.48
CA ARG Z 174 44.18 89.98 45.73
C ARG Z 174 43.31 90.04 44.48
N THR Z 175 42.01 90.13 44.69
CA THR Z 175 41.03 90.34 43.62
C THR Z 175 40.04 91.40 44.10
N HIS Z 176 39.21 91.87 43.17
CA HIS Z 176 38.25 92.91 43.50
C HIS Z 176 37.23 93.02 42.38
N LYS Z 177 35.95 93.12 42.76
CA LYS Z 177 34.87 93.29 41.79
C LYS Z 177 34.00 94.45 42.23
N ARG Z 178 33.54 95.25 41.27
CA ARG Z 178 32.62 96.35 41.51
C ARG Z 178 31.53 96.29 40.45
N GLU Z 179 30.31 95.95 40.86
CA GLU Z 179 29.21 95.74 39.92
C GLU Z 179 28.14 96.78 40.18
N GLY Z 180 27.92 97.67 39.23
CA GLY Z 180 26.84 98.65 39.30
C GLY Z 180 25.73 98.27 38.34
N SER Z 181 24.52 98.67 38.69
CA SER Z 181 23.35 98.39 37.85
C SER Z 181 22.31 99.47 38.09
N GLY Z 182 21.38 99.59 37.14
CA GLY Z 182 20.32 100.57 37.26
C GLY Z 182 19.29 100.52 36.15
N ARG Z 183 18.02 100.65 36.51
CA ARG Z 183 16.93 100.77 35.54
C ARG Z 183 16.00 101.86 36.02
N PHE Z 184 15.94 102.96 35.26
CA PHE Z 184 15.24 104.16 35.70
C PHE Z 184 14.10 104.44 34.73
N SER Z 185 12.88 104.56 35.26
CA SER Z 185 11.70 104.97 34.51
C SER Z 185 11.18 106.23 35.18
N LEU Z 186 11.68 107.38 34.75
CA LEU Z 186 11.39 108.67 35.37
C LEU Z 186 10.81 109.63 34.35
N PRO Z 187 9.47 109.62 34.18
CA PRO Z 187 8.85 110.63 33.32
C PRO Z 187 8.86 112.01 33.96
N GLY Z 188 9.72 112.89 33.47
CA GLY Z 188 9.85 114.23 34.04
C GLY Z 188 9.99 115.31 33.00
N ALA Z 189 11.01 116.16 33.15
CA ALA Z 189 11.26 117.27 32.25
C ALA Z 189 12.41 117.05 31.30
N THR Z 190 13.44 116.30 31.72
CA THR Z 190 14.61 116.05 30.89
C THR Z 190 14.68 114.65 30.32
N CYS Z 191 14.11 113.65 30.97
CA CYS Z 191 14.14 112.28 30.50
C CYS Z 191 12.82 111.59 30.83
N GLU Z 192 12.58 110.46 30.20
CA GLU Z 192 11.39 109.64 30.45
C GLU Z 192 11.75 108.29 31.05
N GLN Z 193 12.71 107.59 30.46
CA GLN Z 193 13.30 106.41 31.09
C GLN Z 193 14.71 106.21 30.52
N GLY Z 194 15.59 105.70 31.37
CA GLY Z 194 16.97 105.50 30.98
C GLY Z 194 17.62 104.43 31.84
N GLU Z 195 18.77 103.97 31.37
CA GLU Z 195 19.52 102.90 32.05
C GLU Z 195 20.99 103.27 32.14
N GLY Z 196 21.60 102.96 33.27
CA GLY Z 196 23.02 103.17 33.47
C GLY Z 196 23.65 102.11 34.34
N GLN Z 197 24.69 101.46 33.84
CA GLN Z 197 25.35 100.40 34.59
C GLN Z 197 26.81 100.31 34.16
N GLY Z 198 27.63 99.75 35.03
CA GLY Z 198 29.02 99.52 34.73
C GLY Z 198 29.72 98.67 35.78
N HIS Z 199 30.46 97.65 35.36
CA HIS Z 199 31.15 96.78 36.28
C HIS Z 199 32.59 96.57 35.80
N LEU Z 200 33.48 96.29 36.74
CA LEU Z 200 34.88 96.05 36.41
C LEU Z 200 35.47 95.09 37.44
N SER Z 201 36.26 94.13 36.96
CA SER Z 201 37.00 93.25 37.85
C SER Z 201 38.42 93.80 38.04
N GLN Z 202 39.20 93.09 38.84
CA GLN Z 202 40.57 93.50 39.13
C GLN Z 202 41.28 92.35 39.83
N LYS Z 203 42.59 92.28 39.63
CA LYS Z 203 43.40 91.22 40.23
C LYS Z 203 44.85 91.68 40.21
N LYS Z 204 45.63 91.15 41.15
CA LYS Z 204 47.07 91.39 41.17
C LYS Z 204 47.73 90.28 41.97
N THR Z 205 49.05 90.18 41.82
CA THR Z 205 49.82 89.13 42.49
C THR Z 205 51.24 89.64 42.67
N VAL Z 206 51.69 89.74 43.91
CA VAL Z 206 53.02 90.22 44.24
C VAL Z 206 53.77 89.13 44.99
N THR Z 207 55.02 88.89 44.59
CA THR Z 207 55.86 87.89 45.21
C THR Z 207 57.08 88.56 45.80
N ILE Z 208 57.25 88.43 47.12
CA ILE Z 208 58.36 89.04 47.84
C ILE Z 208 59.51 88.05 47.94
N PRO Z 209 60.73 88.45 47.58
CA PRO Z 209 61.86 87.51 47.60
C PRO Z 209 62.34 87.20 49.00
N SER Z 210 63.19 86.18 49.08
CA SER Z 210 63.72 85.73 50.36
C SER Z 210 64.65 86.77 50.97
N GLY Z 211 64.52 86.99 52.26
CA GLY Z 211 65.35 87.94 52.97
C GLY Z 211 64.90 89.37 52.81
N SER Z 212 63.64 89.64 53.13
CA SER Z 212 63.07 90.98 53.03
C SER Z 212 62.64 91.43 54.42
N THR Z 213 63.19 92.55 54.88
CA THR Z 213 62.87 93.04 56.21
C THR Z 213 61.43 93.55 56.26
N LEU Z 214 60.70 93.15 57.29
CA LEU Z 214 59.31 93.55 57.48
C LEU Z 214 59.15 94.63 58.54
N ALA Z 215 59.98 94.62 59.58
CA ALA Z 215 59.92 95.62 60.63
C ALA Z 215 61.29 95.72 61.28
N PHE Z 216 61.46 96.72 62.14
CA PHE Z 216 62.75 96.95 62.77
C PHE Z 216 62.54 97.76 64.05
N ARG Z 217 63.58 97.76 64.87
CA ARG Z 217 63.63 98.57 66.08
C ARG Z 217 64.90 99.42 66.05
N VAL Z 218 64.80 100.64 66.58
CA VAL Z 218 65.87 101.61 66.48
C VAL Z 218 66.54 101.76 67.85
N ALA Z 219 67.74 102.34 67.82
CA ALA Z 219 68.50 102.63 69.04
C ALA Z 219 69.21 103.96 68.84
N GLN Z 220 68.70 105.00 69.50
CA GLN Z 220 69.21 106.35 69.28
C GLN Z 220 70.65 106.48 69.76
N LEU Z 221 71.42 107.29 69.02
CA LEU Z 221 72.78 107.65 69.40
C LEU Z 221 72.88 109.16 69.50
N VAL Z 222 73.98 109.62 70.11
CA VAL Z 222 74.23 111.04 70.32
C VAL Z 222 75.59 111.40 69.75
N ILE Z 223 75.65 112.50 69.02
CA ILE Z 223 76.90 113.02 68.46
C ILE Z 223 77.03 114.46 68.93
N ASP Z 224 77.72 114.67 70.05
CA ASP Z 224 78.05 116.01 70.50
C ASP Z 224 79.54 116.30 70.29
N SER Z 225 80.40 115.45 70.81
CA SER Z 225 81.84 115.46 70.54
C SER Z 225 82.35 114.10 70.09
N ASP Z 226 81.78 113.01 70.62
CA ASP Z 226 82.18 111.66 70.26
C ASP Z 226 80.91 110.81 70.16
N LEU Z 227 81.06 109.58 69.68
CA LEU Z 227 79.91 108.72 69.44
C LEU Z 227 79.50 108.00 70.72
N ASP Z 228 78.20 107.84 70.89
CA ASP Z 228 77.63 107.11 72.02
C ASP Z 228 76.19 106.77 71.68
N VAL Z 229 75.83 105.51 71.86
CA VAL Z 229 74.49 105.03 71.54
C VAL Z 229 73.72 104.82 72.84
N LEU Z 230 72.50 105.35 72.87
CA LEU Z 230 71.60 105.18 74.01
C LEU Z 230 70.52 104.18 73.62
N LEU Z 231 70.48 103.04 74.30
CA LEU Z 231 69.54 101.98 73.93
C LEU Z 231 68.09 102.38 74.15
N PHE Z 232 67.82 103.27 75.09
CA PHE Z 232 66.45 103.68 75.41
C PHE Z 232 66.44 105.08 76.02
N PRO Z 233 66.79 106.10 75.24
CA PRO Z 233 66.79 107.47 75.78
C PRO Z 233 65.40 108.06 75.87
N ASP Z 234 65.31 109.33 76.27
CA ASP Z 234 64.05 110.02 76.42
C ASP Z 234 63.79 110.92 75.21
N LYS Z 235 62.56 111.41 75.13
CA LYS Z 235 62.16 112.26 74.02
C LYS Z 235 62.85 113.61 74.11
N LYS Z 236 62.99 114.28 72.95
CA LYS Z 236 63.75 115.53 72.86
C LYS Z 236 65.21 115.34 73.29
N GLN Z 237 65.78 114.19 72.92
CA GLN Z 237 67.20 113.93 73.10
C GLN Z 237 67.88 114.22 71.76
N ARG Z 238 68.30 115.47 71.58
CA ARG Z 238 68.87 115.90 70.30
C ARG Z 238 70.24 115.29 70.12
N THR Z 239 70.43 114.60 68.99
CA THR Z 239 71.71 113.95 68.72
C THR Z 239 72.84 114.96 68.60
N PHE Z 240 72.62 116.03 67.84
CA PHE Z 240 73.59 117.08 67.66
C PHE Z 240 73.37 118.18 68.70
N GLN Z 241 74.06 119.30 68.53
CA GLN Z 241 73.90 120.44 69.43
C GLN Z 241 73.24 121.62 68.71
N SER AA 3 48.88 106.16 26.36
CA SER AA 3 50.33 106.20 26.22
C SER AA 3 50.93 104.80 26.34
N ALA AA 4 50.20 103.91 27.03
CA ALA AA 4 50.58 102.51 27.19
C ALA AA 4 51.88 102.34 27.95
N PHE AA 5 52.45 103.44 28.44
CA PHE AA 5 53.65 103.41 29.28
C PHE AA 5 53.42 104.03 30.64
N GLU AA 6 52.79 105.20 30.70
CA GLU AA 6 52.53 105.85 31.98
C GLU AA 6 51.58 105.03 32.86
N ARG AA 7 50.66 104.28 32.26
CA ARG AA 7 49.73 103.46 33.03
C ARG AA 7 50.48 102.45 33.88
N VAL AA 8 51.35 101.65 33.25
CA VAL AA 8 52.02 100.58 33.97
C VAL AA 8 53.06 101.12 34.95
N VAL AA 9 53.79 102.17 34.58
CA VAL AA 9 54.77 102.72 35.52
C VAL AA 9 54.07 103.37 36.70
N ARG AA 10 52.93 104.04 36.46
CA ARG AA 10 52.16 104.57 37.56
C ARG AA 10 51.67 103.46 38.48
N ARG AA 11 51.22 102.35 37.89
CA ARG AA 11 50.77 101.21 38.70
C ARG AA 11 51.92 100.65 39.54
N VAL AA 12 53.10 100.48 38.94
CA VAL AA 12 54.20 99.84 39.67
C VAL AA 12 54.71 100.77 40.77
N VAL AA 13 54.76 102.07 40.53
CA VAL AA 13 55.16 102.98 41.61
C VAL AA 13 54.07 103.08 42.68
N GLN AA 14 52.79 103.02 42.30
CA GLN AA 14 51.71 102.97 43.28
C GLN AA 14 51.74 101.69 44.11
N GLU AA 15 52.33 100.61 43.58
CA GLU AA 15 52.55 99.40 44.34
C GLU AA 15 53.56 99.59 45.47
N LEU AA 16 54.16 100.77 45.56
CA LEU AA 16 54.98 101.17 46.70
C LEU AA 16 54.20 101.96 47.73
N ASP AA 17 52.90 102.20 47.50
CA ASP AA 17 52.09 103.09 48.34
C ASP AA 17 52.78 104.44 48.53
N HIS AA 18 53.17 105.05 47.41
CA HIS AA 18 53.90 106.33 47.38
C HIS AA 18 55.02 106.38 48.40
N GLY AA 19 55.68 105.25 48.64
CA GLY AA 19 56.81 105.20 49.54
C GLY AA 19 58.11 105.50 48.82
N GLY AA 20 58.86 106.47 49.32
CA GLY AA 20 60.09 106.90 48.67
C GLY AA 20 59.81 107.77 47.46
N GLU AA 21 60.79 108.61 47.13
CA GLU AA 21 60.64 109.52 46.01
C GLU AA 21 60.49 108.76 44.71
N PHE AA 22 61.55 108.06 44.28
CA PHE AA 22 61.54 107.20 43.11
C PHE AA 22 60.86 107.88 41.91
N ILE AA 23 61.49 108.96 41.47
CA ILE AA 23 61.00 109.74 40.33
C ILE AA 23 60.82 108.81 39.14
N PRO AA 24 59.59 108.62 38.66
CA PRO AA 24 59.35 107.68 37.56
C PRO AA 24 59.87 108.21 36.23
N VAL AA 25 60.04 107.29 35.30
CA VAL AA 25 60.53 107.61 33.97
C VAL AA 25 59.34 107.65 33.01
N THR AA 26 59.23 108.75 32.28
CA THR AA 26 58.13 108.95 31.36
C THR AA 26 58.53 108.78 29.90
N SER AA 27 59.74 109.20 29.54
CA SER AA 27 60.22 109.08 28.17
C SER AA 27 60.77 107.68 27.95
N LEU AA 28 60.11 106.91 27.08
CA LEU AA 28 60.58 105.58 26.74
C LEU AA 28 62.00 105.59 26.19
N GLN AA 29 62.38 106.65 25.46
CA GLN AA 29 63.74 106.72 24.92
C GLN AA 29 64.76 107.07 26.00
N SER AA 30 64.35 107.80 27.04
CA SER AA 30 65.25 108.24 28.09
C SER AA 30 65.42 107.21 29.20
N SER AA 31 64.70 106.09 29.13
CA SER AA 31 64.86 105.06 30.15
C SER AA 31 66.27 104.49 30.13
N THR AA 32 66.86 104.33 28.95
CA THR AA 32 68.22 103.83 28.84
C THR AA 32 69.25 104.83 29.34
N GLY AA 33 68.99 106.13 29.20
CA GLY AA 33 69.93 107.13 29.65
C GLY AA 33 69.97 107.32 31.15
N PHE AA 34 69.00 106.75 31.87
CA PHE AA 34 68.95 106.88 33.33
C PHE AA 34 69.70 105.69 33.92
N GLN AA 35 70.99 105.89 34.16
CA GLN AA 35 71.88 104.87 34.70
C GLN AA 35 72.63 105.44 35.89
N PRO AA 36 73.21 104.61 36.76
CA PRO AA 36 73.96 105.17 37.89
C PRO AA 36 75.14 106.00 37.42
N TYR AA 37 75.49 107.00 38.24
CA TYR AA 37 76.59 107.92 37.98
C TYR AA 37 76.33 108.81 36.77
N CYS AA 38 75.09 108.88 36.30
CA CYS AA 38 74.74 109.73 35.16
C CYS AA 38 74.18 111.06 35.65
N LEU AA 39 74.41 112.11 34.87
CA LEU AA 39 73.98 113.45 35.23
C LEU AA 39 72.59 113.73 34.67
N VAL AA 40 71.78 114.45 35.44
CA VAL AA 40 70.51 114.98 34.97
C VAL AA 40 70.44 116.44 35.36
N VAL AA 41 69.61 117.19 34.63
CA VAL AA 41 69.52 118.64 34.78
C VAL AA 41 68.06 119.03 34.94
N ARG AA 42 67.77 119.86 35.94
CA ARG AA 42 66.43 120.39 36.16
C ARG AA 42 66.53 121.89 36.41
N LYS AA 43 65.66 122.66 35.76
CA LYS AA 43 65.56 124.09 36.02
C LYS AA 43 64.80 124.34 37.31
N PRO AA 44 64.97 125.51 37.92
CA PRO AA 44 64.19 125.84 39.11
C PRO AA 44 62.70 125.92 38.79
N SER AA 45 61.90 125.58 39.80
CA SER AA 45 60.45 125.63 39.67
C SER AA 45 59.97 127.06 39.47
N SER AA 46 58.81 127.21 38.84
CA SER AA 46 58.35 128.55 38.46
C SER AA 46 57.81 129.32 39.66
N SER AA 47 56.67 128.87 40.22
CA SER AA 47 56.23 129.40 41.51
C SER AA 47 56.07 128.31 42.55
N TRP AA 48 55.12 127.38 42.38
CA TRP AA 48 55.00 126.24 43.28
C TRP AA 48 54.76 124.93 42.56
N PHE AA 49 53.96 124.96 41.49
CA PHE AA 49 53.42 123.74 40.91
C PHE AA 49 53.69 123.57 39.42
N TRP AA 50 54.28 124.56 38.76
CA TRP AA 50 54.80 124.35 37.40
C TRP AA 50 56.07 123.51 37.54
N LYS AA 51 55.87 122.23 37.83
CA LYS AA 51 56.96 121.36 38.22
C LYS AA 51 57.93 121.16 37.07
N PRO AA 52 59.21 121.52 37.22
CA PRO AA 52 60.18 121.30 36.14
C PRO AA 52 60.50 119.81 36.03
N ARG AA 53 60.04 119.20 34.95
CA ARG AA 53 60.27 117.79 34.71
C ARG AA 53 61.75 117.53 34.46
N TYR AA 54 62.25 116.44 35.05
CA TYR AA 54 63.67 116.12 34.97
C TYR AA 54 64.06 115.80 33.53
N LYS AA 55 65.22 116.31 33.12
CA LYS AA 55 65.73 116.11 31.77
C LYS AA 55 66.98 115.25 31.84
N CYS AA 56 66.98 114.16 31.08
CA CYS AA 56 68.10 113.22 31.09
C CYS AA 56 69.28 113.78 30.31
N VAL AA 57 70.47 113.56 30.82
CA VAL AA 57 71.72 113.88 30.12
C VAL AA 57 72.57 112.61 30.08
N ASN AA 58 72.96 112.20 28.87
CA ASN AA 58 73.73 110.98 28.69
C ASN AA 58 75.23 111.24 28.93
N LEU AA 59 75.53 111.62 30.17
CA LEU AA 59 76.89 111.92 30.58
C LEU AA 59 77.16 111.30 31.95
N SER AA 60 78.32 110.66 32.09
CA SER AA 60 78.73 110.07 33.36
C SER AA 60 79.66 111.03 34.11
N ILE AA 61 80.06 110.62 35.31
CA ILE AA 61 80.97 111.43 36.10
C ILE AA 61 82.43 111.04 35.92
N LYS AA 62 82.71 109.90 35.28
CA LYS AA 62 84.09 109.43 35.15
C LYS AA 62 84.94 110.38 34.31
N ASP AA 63 84.40 110.90 33.21
CA ASP AA 63 85.15 111.85 32.41
C ASP AA 63 85.11 113.26 32.98
N ILE AA 64 84.16 113.57 33.85
CA ILE AA 64 84.17 114.87 34.51
C ILE AA 64 85.38 115.01 35.43
N LEU AA 65 85.66 113.97 36.21
CA LEU AA 65 86.89 113.86 36.99
C LEU AA 65 88.03 113.38 36.10
N GLU AA 66 89.26 113.65 36.53
CA GLU AA 66 90.40 113.51 35.62
C GLU AA 66 90.79 112.06 35.32
N PRO AA 67 91.08 111.19 36.31
CA PRO AA 67 91.74 109.94 35.97
C PRO AA 67 90.80 108.81 35.52
N ASP AA 68 89.82 109.13 34.67
CA ASP AA 68 89.05 108.14 33.92
C ASP AA 68 88.56 106.99 34.81
N ALA AA 69 87.64 107.33 35.69
CA ALA AA 69 87.20 106.42 36.75
C ALA AA 69 86.70 105.08 36.22
N ALA AA 70 85.56 105.08 35.53
CA ALA AA 70 84.92 103.87 35.03
C ALA AA 70 84.81 102.80 36.11
N GLU AA 71 84.34 103.20 37.29
CA GLU AA 71 84.26 102.33 38.46
C GLU AA 71 82.84 102.33 39.02
N PRO AA 72 81.97 101.45 38.51
CA PRO AA 72 80.64 101.32 39.11
C PRO AA 72 80.67 100.41 40.34
N ASP AA 73 79.87 100.77 41.33
CA ASP AA 73 79.82 100.00 42.58
C ASP AA 73 78.40 99.50 42.86
N VAL AA 74 77.75 98.94 41.84
CA VAL AA 74 76.40 98.41 42.00
C VAL AA 74 76.47 97.07 42.71
N GLN AA 75 75.75 96.93 43.82
CA GLN AA 75 75.75 95.69 44.60
C GLN AA 75 74.36 95.24 45.04
N ARG AA 76 73.35 96.10 44.97
CA ARG AA 76 72.02 95.77 45.44
C ARG AA 76 71.31 94.86 44.45
N GLY AA 77 70.52 93.92 44.98
CA GLY AA 77 69.77 93.01 44.13
C GLY AA 77 68.81 92.09 44.86
N ARG AA 78 67.58 92.04 44.36
CA ARG AA 78 66.49 91.23 44.90
C ARG AA 78 65.75 90.59 43.75
N SER AA 79 64.55 90.08 44.02
CA SER AA 79 63.71 89.50 42.97
C SER AA 79 62.24 89.72 43.33
N PHE AA 80 61.67 90.79 42.78
CA PHE AA 80 60.25 91.07 42.90
C PHE AA 80 59.54 90.69 41.61
N HIS AA 81 58.57 89.79 41.71
CA HIS AA 81 57.73 89.42 40.57
C HIS AA 81 56.34 90.00 40.79
N PHE AA 82 55.85 90.74 39.81
CA PHE AA 82 54.57 91.42 39.92
C PHE AA 82 53.70 91.08 38.71
N TYR AA 83 52.40 90.95 38.95
CA TYR AA 83 51.45 90.58 37.90
C TYR AA 83 50.09 91.15 38.27
N ASP AA 84 49.31 91.51 37.26
CA ASP AA 84 47.96 92.02 37.48
C ASP AA 84 47.17 91.95 36.18
N ALA AA 85 45.88 92.22 36.29
CA ALA AA 85 44.99 92.25 35.13
C ALA AA 85 43.81 93.14 35.48
N MET AA 86 43.00 93.45 34.46
CA MET AA 86 41.87 94.36 34.64
C MET AA 86 40.98 94.28 33.42
N ASP AA 87 39.67 94.43 33.63
CA ASP AA 87 38.71 94.60 32.55
C ASP AA 87 37.54 95.45 33.04
N GLY AA 88 36.85 96.08 32.12
CA GLY AA 88 35.74 96.95 32.47
C GLY AA 88 34.70 96.95 31.37
N GLN AA 89 33.48 97.34 31.74
CA GLN AA 89 32.38 97.41 30.78
C GLN AA 89 31.30 98.31 31.34
N ILE AA 90 31.03 99.42 30.65
CA ILE AA 90 29.90 100.29 30.97
C ILE AA 90 29.04 100.42 29.73
N GLN AA 91 27.78 100.79 29.95
CA GLN AA 91 26.84 100.95 28.85
C GLN AA 91 25.69 101.84 29.31
N GLY AA 92 24.73 102.04 28.41
CA GLY AA 92 23.58 102.86 28.73
C GLY AA 92 22.52 102.75 27.66
N SER AA 93 21.30 103.14 28.02
CA SER AA 93 20.18 103.17 27.10
C SER AA 93 19.19 104.20 27.58
N VAL AA 94 18.74 105.05 26.64
CA VAL AA 94 17.83 106.15 26.95
C VAL AA 94 16.69 106.14 25.95
N GLU AA 95 15.46 106.22 26.44
CA GLU AA 95 14.27 106.32 25.61
C GLU AA 95 13.60 107.64 25.97
N LEU AA 96 13.90 108.68 25.18
CA LEU AA 96 13.45 110.03 25.46
C LEU AA 96 12.33 110.42 24.49
N ALA AA 97 11.20 110.87 25.05
CA ALA AA 97 10.05 111.23 24.20
C ALA AA 97 9.47 112.61 24.47
N ALA AA 98 9.44 113.09 25.72
CA ALA AA 98 8.73 114.34 26.03
C ALA AA 98 9.49 115.59 25.61
N PRO AA 99 10.77 115.82 26.10
CA PRO AA 99 11.42 117.13 25.90
C PRO AA 99 11.83 117.39 24.45
N GLY AA 100 10.84 117.45 23.56
CA GLY AA 100 11.07 117.73 22.16
C GLY AA 100 9.99 117.13 21.28
N GLN AA 101 10.35 116.79 20.05
CA GLN AA 101 9.44 116.11 19.13
C GLN AA 101 9.98 114.74 18.72
N ALA AA 102 10.77 114.12 19.58
CA ALA AA 102 11.54 112.93 19.22
C ALA AA 102 11.10 111.72 20.03
N LYS AA 103 11.35 110.55 19.45
CA LYS AA 103 11.30 109.25 20.15
C LYS AA 103 12.70 108.68 20.04
N ILE AA 104 13.58 109.07 20.96
CA ILE AA 104 15.00 108.77 20.86
C ILE AA 104 15.26 107.39 21.45
N ALA AA 105 15.86 106.50 20.67
CA ALA AA 105 16.27 105.18 21.12
C ALA AA 105 17.75 105.03 20.82
N GLY AA 106 18.60 105.32 21.82
CA GLY AA 106 20.03 105.28 21.63
C GLY AA 106 20.70 104.41 22.68
N GLY AA 107 21.96 104.09 22.42
CA GLY AA 107 22.74 103.27 23.33
C GLY AA 107 24.22 103.49 23.12
N ALA AA 108 25.00 102.98 24.07
CA ALA AA 108 26.45 103.10 24.02
C ALA AA 108 27.06 101.98 24.85
N ALA AA 109 28.35 101.75 24.66
CA ALA AA 109 29.06 100.71 25.39
C ALA AA 109 30.56 100.96 25.27
N VAL AA 110 31.27 100.82 26.38
CA VAL AA 110 32.72 100.97 26.42
C VAL AA 110 33.29 99.76 27.14
N SER AA 111 34.35 99.17 26.57
CA SER AA 111 34.98 98.00 27.15
C SER AA 111 36.48 98.07 26.88
N ASP AA 112 37.26 97.57 27.84
CA ASP AA 112 38.71 97.57 27.72
C ASP AA 112 39.28 96.51 28.65
N SER AA 113 40.59 96.31 28.56
CA SER AA 113 41.29 95.35 29.39
C SER AA 113 42.76 95.73 29.48
N SER AA 114 43.50 94.93 30.25
CA SER AA 114 44.93 95.15 30.43
C SER AA 114 45.55 93.89 31.02
N SER AA 115 46.88 93.82 30.93
CA SER AA 115 47.64 92.74 31.53
C SER AA 115 49.08 93.20 31.71
N THR AA 116 49.79 92.54 32.61
CA THR AA 116 51.19 92.87 32.89
C THR AA 116 51.82 91.76 33.72
N SER AA 117 53.03 91.37 33.35
CA SER AA 117 53.85 90.47 34.14
C SER AA 117 55.30 90.90 33.99
N MET AA 118 55.97 91.12 35.11
CA MET AA 118 57.29 91.76 35.06
C MET AA 118 58.06 91.43 36.34
N ASN AA 119 59.38 91.63 36.25
CA ASN AA 119 60.31 91.34 37.33
C ASN AA 119 61.16 92.57 37.61
N VAL AA 120 61.57 92.72 38.87
CA VAL AA 120 62.21 93.93 39.35
C VAL AA 120 63.46 93.59 40.16
N TYR AA 121 64.59 94.16 39.76
CA TYR AA 121 65.75 94.34 40.63
C TYR AA 121 65.79 95.79 41.09
N SER AA 122 66.84 96.14 41.83
CA SER AA 122 67.06 97.52 42.23
C SER AA 122 68.55 97.73 42.43
N LEU AA 123 69.10 98.77 41.80
CA LEU AA 123 70.50 99.07 41.88
C LEU AA 123 70.69 100.38 42.64
N SER AA 124 71.67 100.37 43.54
CA SER AA 124 71.93 101.52 44.40
C SER AA 124 73.43 101.79 44.40
N VAL AA 125 73.80 102.91 45.01
CA VAL AA 125 75.20 103.28 45.19
C VAL AA 125 75.40 103.74 46.62
N ASP AA 126 76.44 103.22 47.27
CA ASP AA 126 76.64 103.49 48.68
C ASP AA 126 77.24 104.88 48.88
N PRO AA 127 76.82 105.60 49.92
CA PRO AA 127 77.46 106.90 50.20
C PRO AA 127 78.94 106.79 50.49
N ASN AA 128 79.42 105.63 50.98
CA ASN AA 128 80.85 105.44 51.18
C ASN AA 128 81.63 105.55 49.88
N THR AA 129 81.12 104.98 48.78
CA THR AA 129 81.77 105.16 47.49
C THR AA 129 81.83 106.62 47.10
N TRP AA 130 80.71 107.35 47.24
CA TRP AA 130 80.71 108.77 46.92
C TRP AA 130 81.76 109.52 47.73
N GLN AA 131 81.81 109.30 49.04
CA GLN AA 131 82.75 110.06 49.85
C GLN AA 131 84.20 109.70 49.53
N THR AA 132 84.54 108.41 49.47
CA THR AA 132 85.92 108.07 49.17
C THR AA 132 86.32 108.61 47.80
N LEU AA 133 85.44 108.46 46.81
CA LEU AA 133 85.74 108.92 45.45
C LEU AA 133 85.98 110.41 45.43
N LEU AA 134 85.14 111.19 46.11
CA LEU AA 134 85.35 112.63 46.11
C LEU AA 134 86.65 113.01 46.80
N HIS AA 135 87.02 112.31 47.88
CA HIS AA 135 88.29 112.66 48.51
C HIS AA 135 89.53 112.24 47.73
N GLU AA 136 89.56 111.09 47.04
CA GLU AA 136 90.82 110.78 46.34
C GLU AA 136 91.06 111.74 45.18
N ARG AA 137 90.03 112.03 44.40
CA ARG AA 137 90.17 112.70 43.13
C ARG AA 137 89.25 113.90 43.03
N HIS AA 138 89.66 114.85 42.20
CA HIS AA 138 89.08 116.18 42.10
C HIS AA 138 88.53 116.43 40.71
N LEU AA 139 88.19 117.69 40.44
CA LEU AA 139 87.60 118.10 39.18
C LEU AA 139 88.68 118.50 38.18
N ARG AA 140 88.50 118.10 36.93
CA ARG AA 140 89.24 118.68 35.82
C ARG AA 140 88.58 120.00 35.49
N GLN AA 141 89.07 121.08 36.12
CA GLN AA 141 88.41 122.38 36.03
C GLN AA 141 88.29 122.96 34.62
N PRO AA 142 89.20 122.64 33.63
CA PRO AA 142 88.96 123.09 32.25
C PRO AA 142 88.00 122.18 31.49
N GLU AA 143 86.90 121.80 32.13
CA GLU AA 143 85.84 121.00 31.51
C GLU AA 143 84.54 121.74 31.73
N HIS AA 144 84.15 122.56 30.75
CA HIS AA 144 82.90 123.29 30.82
C HIS AA 144 82.15 123.28 29.50
N LYS AA 145 82.61 122.54 28.50
CA LYS AA 145 81.94 122.50 27.20
C LYS AA 145 80.53 121.96 27.31
N VAL AA 146 80.25 121.15 28.34
CA VAL AA 146 78.89 120.80 28.70
C VAL AA 146 78.42 121.58 29.92
N LEU AA 147 79.30 122.38 30.53
CA LEU AA 147 78.99 123.10 31.76
C LEU AA 147 78.97 124.61 31.62
N GLN AA 148 79.81 125.19 30.76
CA GLN AA 148 79.86 126.64 30.63
C GLN AA 148 78.53 127.20 30.15
N GLN AA 149 77.93 126.60 29.12
CA GLN AA 149 76.59 126.98 28.73
C GLN AA 149 75.57 126.53 29.77
N LEU AA 150 75.80 125.37 30.40
CA LEU AA 150 74.99 124.97 31.54
C LEU AA 150 75.14 125.97 32.69
N ARG AA 151 76.34 126.56 32.84
CA ARG AA 151 76.51 127.65 33.78
C ARG AA 151 75.72 128.88 33.35
N SER AA 152 75.63 129.12 32.04
CA SER AA 152 74.83 130.24 31.55
C SER AA 152 73.36 130.07 31.90
N ARG AA 153 72.81 128.87 31.73
CA ARG AA 153 71.49 128.59 32.30
C ARG AA 153 71.53 128.63 33.81
N GLY AA 154 72.57 128.06 34.41
CA GLY AA 154 72.66 127.99 35.86
C GLY AA 154 71.81 126.92 36.50
N ASP AA 155 71.19 126.05 35.71
CA ASP AA 155 70.32 125.02 36.24
C ASP AA 155 71.11 124.05 37.12
N ASN AA 156 70.49 123.65 38.23
CA ASN AA 156 71.13 122.73 39.15
C ASN AA 156 71.29 121.36 38.51
N VAL AA 157 72.45 120.75 38.70
CA VAL AA 157 72.78 119.45 38.11
C VAL AA 157 72.65 118.38 39.19
N TYR AA 158 72.13 117.22 38.81
CA TYR AA 158 71.90 116.12 39.72
C TYR AA 158 72.54 114.86 39.17
N VAL AA 159 72.82 113.92 40.06
CA VAL AA 159 73.33 112.61 39.69
C VAL AA 159 72.26 111.57 39.97
N VAL AA 160 72.50 110.35 39.50
CA VAL AA 160 71.59 109.23 39.71
C VAL AA 160 72.16 108.34 40.80
N THR AA 161 71.43 108.18 41.89
CA THR AA 161 71.87 107.39 43.03
C THR AA 161 71.00 106.16 43.28
N GLU AA 162 69.98 105.92 42.46
CA GLU AA 162 69.10 104.78 42.65
C GLU AA 162 68.50 104.40 41.31
N VAL AA 163 68.43 103.09 41.05
CA VAL AA 163 67.91 102.59 39.78
C VAL AA 163 67.01 101.40 40.06
N LEU AA 164 65.83 101.39 39.43
CA LEU AA 164 64.90 100.28 39.46
C LEU AA 164 64.57 99.93 38.02
N GLN AA 165 65.07 98.78 37.55
CA GLN AA 165 65.00 98.42 36.15
C GLN AA 165 64.28 97.09 35.95
N THR AA 166 63.86 96.85 34.72
CA THR AA 166 63.14 95.66 34.32
C THR AA 166 64.03 94.81 33.41
N GLN AA 167 64.22 93.55 33.78
CA GLN AA 167 65.16 92.65 33.12
C GLN AA 167 64.47 91.35 32.69
N LYS AA 168 63.70 91.44 31.61
CA LYS AA 168 62.90 90.35 31.06
C LYS AA 168 62.30 90.82 29.74
N GLU AA 169 61.74 89.88 29.00
CA GLU AA 169 60.87 90.21 27.86
C GLU AA 169 59.46 90.39 28.41
N VAL AA 170 59.18 91.59 28.92
CA VAL AA 170 57.90 91.89 29.54
C VAL AA 170 56.99 92.54 28.51
N GLU AA 171 55.69 92.36 28.67
CA GLU AA 171 54.72 92.83 27.69
C GLU AA 171 53.55 93.48 28.40
N VAL AA 172 52.85 94.35 27.66
CA VAL AA 172 51.57 94.89 28.06
C VAL AA 172 50.59 94.70 26.91
N THR AA 173 49.38 94.23 27.23
CA THR AA 173 48.40 93.90 26.20
C THR AA 173 47.10 94.62 26.54
N ARG AA 174 46.84 95.73 25.86
CA ARG AA 174 45.60 96.48 26.04
C ARG AA 174 44.64 96.21 24.90
N THR AA 175 43.38 96.53 25.15
CA THR AA 175 42.32 96.50 24.14
C THR AA 175 41.32 97.60 24.47
N HIS AA 176 40.44 97.90 23.50
CA HIS AA 176 39.51 99.00 23.69
C HIS AA 176 38.37 98.86 22.69
N LYS AA 177 37.14 98.96 23.20
CA LYS AA 177 35.96 98.96 22.35
C LYS AA 177 35.12 100.17 22.71
N ARG AA 178 34.76 100.97 21.70
CA ARG AA 178 33.86 102.10 21.87
C ARG AA 178 32.70 101.91 20.91
N GLU AA 179 31.47 101.94 21.45
CA GLU AA 179 30.28 101.66 20.67
C GLU AA 179 29.30 102.81 20.82
N GLY AA 180 28.85 103.36 19.70
CA GLY AA 180 27.80 104.36 19.69
C GLY AA 180 26.61 103.87 18.90
N SER AA 181 25.42 104.29 19.32
CA SER AA 181 24.19 103.85 18.67
C SER AA 181 23.12 104.91 18.85
N GLY AA 182 22.07 104.81 18.04
CA GLY AA 182 20.96 105.73 18.14
C GLY AA 182 19.90 105.53 17.08
N ARG AA 183 18.64 105.59 17.49
CA ARG AA 183 17.50 105.49 16.58
C ARG AA 183 16.55 106.63 16.88
N PHE AA 184 16.45 107.58 15.96
CA PHE AA 184 15.71 108.82 16.20
C PHE AA 184 14.46 108.84 15.35
N SER AA 185 13.31 108.99 16.00
CA SER AA 185 12.04 109.23 15.32
C SER AA 185 11.56 110.60 15.78
N LEU AA 186 12.01 111.64 15.08
CA LEU AA 186 11.80 113.02 15.49
C LEU AA 186 11.15 113.82 14.37
N PRO AA 187 9.83 113.79 14.28
CA PRO AA 187 9.14 114.68 13.34
C PRO AA 187 9.15 116.12 13.84
N GLY AA 188 9.98 116.96 13.22
CA GLY AA 188 10.11 118.33 13.66
C GLY AA 188 10.09 119.33 12.52
N ALA AA 189 11.08 120.23 12.50
CA ALA AA 189 11.18 121.26 11.47
C ALA AA 189 12.22 120.96 10.41
N THR AA 190 13.31 120.27 10.77
CA THR AA 190 14.35 119.94 9.81
C THR AA 190 14.43 118.46 9.47
N CYS AA 191 13.95 117.57 10.33
CA CYS AA 191 14.02 116.13 10.09
C CYS AA 191 12.72 115.49 10.55
N GLU AA 192 12.47 114.28 10.07
CA GLU AA 192 11.33 113.48 10.49
C GLU AA 192 11.75 112.17 11.12
N GLN AA 193 12.77 111.50 10.57
CA GLN AA 193 13.31 110.28 11.14
C GLN AA 193 14.80 110.22 10.81
N GLY AA 194 15.56 109.54 11.65
CA GLY AA 194 16.99 109.45 11.45
C GLY AA 194 17.64 108.40 12.32
N GLU AA 195 18.90 108.10 11.98
CA GLU AA 195 19.71 107.16 12.74
C GLU AA 195 21.14 107.65 12.79
N GLY AA 196 21.87 107.21 13.83
CA GLY AA 196 23.27 107.53 13.96
C GLY AA 196 23.99 106.55 14.86
N GLN AA 197 25.08 105.96 14.38
CA GLN AA 197 25.82 104.98 15.16
C GLN AA 197 27.21 104.83 14.59
N GLY AA 198 28.12 104.33 15.43
CA GLY AA 198 29.47 104.02 15.00
C GLY AA 198 30.28 103.39 16.11
N HIS AA 199 30.96 102.29 15.81
CA HIS AA 199 31.77 101.60 16.79
C HIS AA 199 33.15 101.32 16.22
N LEU AA 200 34.18 101.52 17.04
CA LEU AA 200 35.55 101.32 16.61
C LEU AA 200 36.31 100.58 17.70
N SER AA 201 37.09 99.58 17.29
CA SER AA 201 37.94 98.84 18.21
C SER AA 201 39.34 99.46 18.23
N GLN AA 202 40.20 98.88 19.07
CA GLN AA 202 41.58 99.32 19.20
C GLN AA 202 42.33 98.30 20.03
N LYS AA 203 43.63 98.18 19.75
CA LYS AA 203 44.47 97.20 20.44
C LYS AA 203 45.92 97.59 20.21
N LYS AA 204 46.77 97.26 21.18
CA LYS AA 204 48.19 97.54 21.08
C LYS AA 204 48.95 96.60 22.00
N THR AA 205 50.27 96.56 21.81
CA THR AA 205 51.14 95.70 22.61
C THR AA 205 52.56 96.27 22.56
N VAL AA 206 53.08 96.66 23.71
CA VAL AA 206 54.43 97.18 23.82
C VAL AA 206 55.26 96.21 24.66
N THR AA 207 56.46 95.93 24.19
CA THR AA 207 57.35 94.98 24.85
C THR AA 207 58.63 95.70 25.28
N ILE AA 208 58.90 95.67 26.58
CA ILE AA 208 60.08 96.35 27.14
C ILE AA 208 61.21 95.33 27.27
N PRO AA 209 62.38 95.60 26.69
CA PRO AA 209 63.50 94.65 26.79
C PRO AA 209 64.16 94.69 28.16
N SER AA 210 65.03 93.71 28.38
CA SER AA 210 65.70 93.57 29.68
C SER AA 210 66.63 94.74 29.95
N GLY AA 211 66.55 95.27 31.16
CA GLY AA 211 67.43 96.34 31.57
C GLY AA 211 66.97 97.73 31.17
N SER AA 212 65.75 98.09 31.56
CA SER AA 212 65.19 99.41 31.27
C SER AA 212 64.83 100.08 32.58
N THR AA 213 65.42 101.25 32.83
CA THR AA 213 65.18 101.96 34.08
C THR AA 213 63.74 102.44 34.16
N LEU AA 214 63.10 102.23 35.31
CA LEU AA 214 61.73 102.65 35.55
C LEU AA 214 61.62 103.87 36.45
N ALA AA 215 62.33 103.87 37.58
CA ALA AA 215 62.33 105.00 38.49
C ALA AA 215 63.75 105.22 38.98
N PHE AA 216 63.98 106.38 39.60
CA PHE AA 216 65.33 106.73 40.04
C PHE AA 216 65.24 107.78 41.14
N ARG AA 217 66.37 107.97 41.81
CA ARG AA 217 66.52 109.01 42.83
C ARG AA 217 67.78 109.81 42.53
N VAL AA 218 67.79 111.07 42.98
CA VAL AA 218 68.85 112.00 42.63
C VAL AA 218 69.56 112.47 43.90
N ALA AA 219 70.75 113.04 43.69
CA ALA AA 219 71.55 113.60 44.77
C ALA AA 219 72.22 114.85 44.26
N GLN AA 220 71.73 116.01 44.69
CA GLN AA 220 72.22 117.28 44.19
C GLN AA 220 73.68 117.51 44.56
N LEU AA 221 74.42 118.17 43.66
CA LEU AA 221 75.78 118.58 43.91
C LEU AA 221 75.92 120.07 43.65
N VAL AA 222 77.05 120.63 44.10
CA VAL AA 222 77.29 122.07 44.04
C VAL AA 222 78.58 122.32 43.26
N ILE AA 223 78.55 123.30 42.36
CA ILE AA 223 79.72 123.71 41.59
C ILE AA 223 79.85 125.22 41.78
N ASP AA 224 80.66 125.63 42.74
CA ASP AA 224 81.03 127.03 42.91
C ASP AA 224 82.53 127.24 42.68
N SER AA 225 83.35 126.43 43.32
CA SER AA 225 84.78 126.38 43.09
C SER AA 225 85.27 124.97 42.81
N ASP AA 226 84.67 123.96 43.44
CA ASP AA 226 85.01 122.56 43.23
C ASP AA 226 83.76 121.72 43.46
N LEU AA 227 83.82 120.46 43.05
CA LEU AA 227 82.66 119.58 43.09
C LEU AA 227 82.45 119.02 44.49
N ASP AA 228 81.19 118.91 44.89
CA ASP AA 228 80.81 118.32 46.16
C ASP AA 228 79.34 117.94 46.08
N VAL AA 229 79.02 116.73 46.50
CA VAL AA 229 77.67 116.18 46.38
C VAL AA 229 76.99 116.25 47.74
N LEU AA 230 75.75 116.73 47.74
CA LEU AA 230 74.91 116.78 48.93
C LEU AA 230 73.84 115.71 48.81
N LEU AA 231 73.94 114.67 49.64
CA LEU AA 231 73.02 113.54 49.54
C LEU AA 231 71.59 113.90 49.91
N PHE AA 232 71.38 114.97 50.67
CA PHE AA 232 70.04 115.40 51.06
C PHE AA 232 70.02 116.91 51.31
N PRO AA 233 70.19 117.71 50.26
CA PRO AA 233 70.24 119.16 50.45
C PRO AA 233 68.87 119.78 50.64
N ASP AA 234 68.82 121.10 50.71
CA ASP AA 234 67.58 121.84 50.90
C ASP AA 234 67.11 122.44 49.58
N LYS AA 235 65.87 122.92 49.58
CA LYS AA 235 65.31 123.57 48.41
C LYS AA 235 65.99 124.92 48.19
N LYS AA 236 65.98 125.38 46.94
CA LYS AA 236 66.62 126.64 46.55
C LYS AA 236 68.11 126.62 46.86
N GLN AA 237 68.75 125.47 46.66
CA GLN AA 237 70.19 125.33 46.77
C GLN AA 237 70.75 125.39 45.35
N ARG AA 238 71.28 126.55 44.98
CA ARG AA 238 71.73 126.78 43.62
C ARG AA 238 73.12 126.18 43.43
N THR AA 239 73.27 125.32 42.42
CA THR AA 239 74.54 124.67 42.16
C THR AA 239 75.61 125.69 41.78
N PHE AA 240 75.29 126.57 40.83
CA PHE AA 240 76.17 127.65 40.43
C PHE AA 240 75.88 128.88 41.27
N GLN AA 241 76.44 130.02 40.87
CA GLN AA 241 76.17 131.28 41.56
C GLN AA 241 75.24 132.17 40.73
N SER BA 3 48.41 109.63 4.12
CA SER BA 3 49.78 109.53 3.65
C SER BA 3 50.39 108.18 4.03
N ALA BA 4 49.72 107.48 4.95
CA ALA BA 4 50.10 106.14 5.38
C ALA BA 4 51.46 106.11 6.06
N PHE BA 5 52.07 107.28 6.26
CA PHE BA 5 53.33 107.38 6.99
C PHE BA 5 53.23 108.24 8.22
N GLU BA 6 52.64 109.43 8.11
CA GLU BA 6 52.45 110.26 9.29
C GLU BA 6 51.50 109.62 10.30
N ARG BA 7 50.62 108.73 9.84
CA ARG BA 7 49.80 107.95 10.77
C ARG BA 7 50.67 107.15 11.73
N VAL BA 8 51.45 106.21 11.18
CA VAL BA 8 52.25 105.33 12.02
C VAL BA 8 53.37 106.09 12.73
N VAL BA 9 53.98 107.07 12.07
CA VAL BA 9 55.02 107.85 12.71
C VAL BA 9 54.44 108.64 13.89
N ARG BA 10 53.27 109.24 13.70
CA ARG BA 10 52.62 109.97 14.78
C ARG BA 10 52.28 109.05 15.94
N ARG BA 11 51.79 107.84 15.64
CA ARG BA 11 51.50 106.88 16.72
C ARG BA 11 52.78 106.49 17.45
N VAL BA 12 53.86 106.24 16.73
CA VAL BA 12 55.12 105.86 17.36
C VAL BA 12 55.63 106.97 18.28
N VAL BA 13 55.59 108.22 17.82
CA VAL BA 13 56.00 109.32 18.68
C VAL BA 13 55.05 109.50 19.86
N GLN BA 14 53.75 109.31 19.66
CA GLN BA 14 52.78 109.39 20.74
C GLN BA 14 52.94 108.26 21.76
N GLU BA 15 53.60 107.16 21.38
CA GLU BA 15 53.93 106.11 22.33
C GLU BA 15 55.05 106.51 23.29
N LEU BA 16 55.44 107.79 23.28
CA LEU BA 16 56.36 108.34 24.26
C LEU BA 16 55.71 109.35 25.18
N ASP BA 17 54.41 109.61 25.01
CA ASP BA 17 53.70 110.63 25.78
C ASP BA 17 54.40 111.98 25.73
N HIS BA 18 54.81 112.36 24.51
CA HIS BA 18 55.52 113.62 24.27
C HIS BA 18 56.81 113.71 25.06
N GLY BA 19 57.38 112.56 25.43
CA GLY BA 19 58.64 112.54 26.14
C GLY BA 19 59.80 112.80 25.20
N GLY BA 20 60.57 113.84 25.49
CA GLY BA 20 61.65 114.23 24.61
C GLY BA 20 61.14 114.93 23.35
N GLU BA 21 62.01 115.76 22.78
CA GLU BA 21 61.65 116.51 21.58
C GLU BA 21 61.35 115.55 20.43
N PHE BA 22 62.38 114.83 19.98
CA PHE BA 22 62.26 113.80 18.93
C PHE BA 22 61.45 114.30 17.75
N ILE BA 23 62.01 115.30 17.07
CA ILE BA 23 61.40 115.86 15.87
C ILE BA 23 61.19 114.74 14.86
N PRO BA 24 59.95 114.36 14.58
CA PRO BA 24 59.70 113.22 13.69
C PRO BA 24 60.01 113.57 12.24
N VAL BA 25 60.24 112.52 11.46
CA VAL BA 25 60.54 112.66 10.05
C VAL BA 25 59.25 112.56 9.26
N THR BA 26 59.21 113.23 8.12
CA THR BA 26 58.04 113.22 7.25
C THR BA 26 58.38 112.75 5.84
N SER BA 27 59.55 113.12 5.32
CA SER BA 27 59.98 112.72 4.00
C SER BA 27 60.70 111.38 4.08
N LEU BA 28 60.10 110.34 3.48
CA LEU BA 28 60.74 109.04 3.44
C LEU BA 28 62.07 109.08 2.73
N GLN BA 29 62.22 109.93 1.73
CA GLN BA 29 63.52 110.09 1.08
C GLN BA 29 64.54 110.70 2.03
N SER BA 30 64.09 111.54 2.97
CA SER BA 30 64.97 112.17 3.93
C SER BA 30 65.22 111.29 5.15
N SER BA 31 64.46 110.20 5.31
CA SER BA 31 64.69 109.31 6.44
C SER BA 31 66.08 108.69 6.37
N THR BA 32 66.52 108.29 5.18
CA THR BA 32 67.85 107.74 5.02
C THR BA 32 68.93 108.79 5.22
N GLY BA 33 68.64 110.06 4.92
CA GLY BA 33 69.62 111.11 5.12
C GLY BA 33 69.77 111.57 6.55
N PHE BA 34 68.85 111.16 7.44
CA PHE BA 34 68.91 111.52 8.85
C PHE BA 34 69.73 110.46 9.58
N GLN BA 35 71.03 110.70 9.68
CA GLN BA 35 71.97 109.82 10.35
C GLN BA 35 72.78 110.62 11.36
N PRO BA 36 73.42 109.98 12.33
CA PRO BA 36 74.25 110.73 13.27
C PRO BA 36 75.38 111.46 12.56
N TYR BA 37 75.81 112.57 13.15
CA TYR BA 37 76.85 113.45 12.61
C TYR BA 37 76.47 114.06 11.27
N CYS BA 38 75.17 114.18 10.98
CA CYS BA 38 74.72 114.81 9.75
C CYS BA 38 74.19 116.21 10.03
N LEU BA 39 74.41 117.11 9.08
CA LEU BA 39 74.01 118.51 9.23
C LEU BA 39 72.59 118.71 8.74
N VAL BA 40 71.82 119.48 9.49
CA VAL BA 40 70.48 119.88 9.08
C VAL BA 40 70.39 121.40 9.22
N VAL BA 41 69.50 122.00 8.42
CA VAL BA 41 69.41 123.45 8.30
C VAL BA 41 67.98 123.87 8.60
N ARG BA 42 67.83 124.89 9.45
CA ARG BA 42 66.52 125.47 9.76
C ARG BA 42 66.63 126.99 9.71
N LYS BA 43 65.68 127.61 9.02
CA LYS BA 43 65.57 129.07 9.00
C LYS BA 43 64.88 129.54 10.27
N PRO BA 44 65.06 130.81 10.64
CA PRO BA 44 64.33 131.36 11.79
C PRO BA 44 62.83 131.34 11.55
N SER BA 45 62.08 131.22 12.65
CA SER BA 45 60.63 131.13 12.58
C SER BA 45 60.04 132.44 12.05
N SER BA 46 58.83 132.34 11.50
CA SER BA 46 58.23 133.51 10.85
C SER BA 46 57.77 134.54 11.88
N SER BA 47 56.74 134.20 12.66
CA SER BA 47 56.46 134.97 13.87
C SER BA 47 56.47 134.09 15.11
N TRP BA 48 55.51 133.17 15.27
CA TRP BA 48 55.52 132.23 16.38
C TRP BA 48 55.16 130.81 15.96
N PHE BA 49 54.20 130.67 15.04
CA PHE BA 49 53.58 129.38 14.77
C PHE BA 49 53.82 128.84 13.37
N TRP BA 50 54.26 129.67 12.43
CA TRP BA 50 54.70 129.18 11.12
C TRP BA 50 56.05 128.49 11.32
N LYS BA 51 55.99 127.29 11.86
CA LYS BA 51 57.19 126.58 12.28
C LYS BA 51 58.04 126.23 11.07
N PRO BA 52 59.30 126.67 11.02
CA PRO BA 52 60.17 126.29 9.89
C PRO BA 52 60.57 124.83 10.00
N ARG BA 53 60.02 124.01 9.11
CA ARG BA 53 60.32 122.59 9.11
C ARG BA 53 61.79 122.36 8.76
N TYR BA 54 62.38 121.34 9.40
CA TYR BA 54 63.79 121.05 9.21
C TYR BA 54 64.03 120.49 7.81
N LYS BA 55 65.06 121.00 7.15
CA LYS BA 55 65.44 120.54 5.82
C LYS BA 55 66.76 119.81 5.93
N CYS BA 56 66.75 118.50 5.66
CA CYS BA 56 67.93 117.69 5.81
C CYS BA 56 68.98 118.04 4.75
N VAL BA 57 70.24 118.02 5.15
CA VAL BA 57 71.37 118.18 4.25
C VAL BA 57 72.23 116.93 4.35
N ASN BA 58 72.50 116.29 3.21
CA ASN BA 58 73.28 115.05 3.18
C ASN BA 58 74.78 115.36 3.27
N LEU BA 59 75.16 116.00 4.37
CA LEU BA 59 76.55 116.39 4.61
C LEU BA 59 76.91 116.04 6.04
N SER BA 60 78.05 115.36 6.21
CA SER BA 60 78.52 114.94 7.52
C SER BA 60 79.50 115.97 8.08
N ILE BA 61 79.97 115.73 9.30
CA ILE BA 61 80.96 116.61 9.92
C ILE BA 61 82.38 116.14 9.71
N LYS BA 62 82.59 114.93 9.19
CA LYS BA 62 83.94 114.42 9.02
C LYS BA 62 84.73 115.20 7.99
N ASP BA 63 84.06 115.75 6.98
CA ASP BA 63 84.74 116.49 5.93
C ASP BA 63 84.85 117.97 6.24
N ILE BA 64 83.94 118.52 7.05
CA ILE BA 64 84.11 119.90 7.52
C ILE BA 64 85.40 120.02 8.31
N LEU BA 65 85.67 119.07 9.18
CA LEU BA 65 86.98 118.90 9.79
C LEU BA 65 87.94 118.37 8.73
N GLU BA 66 89.24 118.71 8.89
CA GLU BA 66 90.16 118.51 7.77
C GLU BA 66 90.54 117.04 7.53
N PRO BA 67 91.06 116.29 8.52
CA PRO BA 67 91.71 115.03 8.16
C PRO BA 67 90.76 113.84 8.04
N ASP BA 68 89.61 114.03 7.40
CA ASP BA 68 88.70 112.94 7.04
C ASP BA 68 88.44 112.00 8.23
N ALA BA 69 87.74 112.55 9.23
CA ALA BA 69 87.56 111.85 10.50
C ALA BA 69 86.93 110.47 10.34
N ALA BA 70 85.68 110.42 9.88
CA ALA BA 70 84.94 109.17 9.70
C ALA BA 70 85.01 108.30 10.96
N GLU BA 71 84.65 108.90 12.10
CA GLU BA 71 84.74 108.26 13.41
C GLU BA 71 83.38 108.29 14.09
N PRO BA 72 82.53 107.30 13.84
CA PRO BA 72 81.25 107.22 14.58
C PRO BA 72 81.44 106.60 15.95
N ASP BA 73 80.71 107.13 16.93
CA ASP BA 73 80.81 106.64 18.30
C ASP BA 73 79.45 106.13 18.77
N VAL BA 74 78.78 105.34 17.94
CA VAL BA 74 77.48 104.79 18.28
C VAL BA 74 77.66 103.67 19.30
N GLN BA 75 76.98 103.79 20.44
CA GLN BA 75 77.04 102.77 21.47
C GLN BA 75 75.68 102.40 22.04
N ARG BA 76 74.65 103.22 21.81
CA ARG BA 76 73.31 102.94 22.31
C ARG BA 76 72.62 101.89 21.43
N GLY BA 77 71.88 100.99 22.07
CA GLY BA 77 71.13 100.00 21.35
C GLY BA 77 70.19 99.20 22.24
N ARG BA 78 68.93 99.10 21.82
CA ARG BA 78 67.92 98.37 22.57
C ARG BA 78 67.04 97.58 21.60
N SER BA 79 65.91 97.09 22.10
CA SER BA 79 64.96 96.35 21.26
C SER BA 79 63.56 96.54 21.83
N PHE BA 80 62.83 97.52 21.28
CA PHE BA 80 61.43 97.73 21.62
C PHE BA 80 60.55 97.18 20.51
N HIS BA 81 59.76 96.16 20.83
CA HIS BA 81 58.82 95.57 19.89
C HIS BA 81 57.44 96.16 20.12
N PHE BA 82 56.80 96.62 19.05
CA PHE BA 82 55.51 97.28 19.16
C PHE BA 82 54.55 96.70 18.12
N TYR BA 83 53.29 96.57 18.52
CA TYR BA 83 52.25 96.01 17.67
C TYR BA 83 50.92 96.69 18.01
N ASP BA 84 50.09 96.87 16.99
CA ASP BA 84 48.78 97.46 17.20
C ASP BA 84 47.86 97.10 16.03
N ALA BA 85 46.62 97.55 16.14
CA ALA BA 85 45.62 97.36 15.10
C ALA BA 85 44.54 98.42 15.27
N MET BA 86 43.56 98.42 14.37
CA MET BA 86 42.48 99.38 14.45
C MET BA 86 41.34 98.91 13.55
N ASP BA 87 40.11 99.16 14.02
CA ASP BA 87 38.90 98.84 13.27
C ASP BA 87 37.89 99.95 13.52
N GLY BA 88 36.96 100.13 12.60
CA GLY BA 88 35.91 101.12 12.77
C GLY BA 88 34.82 100.93 11.75
N GLN BA 89 33.62 101.38 12.10
CA GLN BA 89 32.48 101.31 11.19
C GLN BA 89 31.41 102.28 11.68
N ILE BA 90 31.12 103.30 10.87
CA ILE BA 90 30.03 104.23 11.15
C ILE BA 90 29.06 104.18 9.98
N GLN BA 91 27.84 104.68 10.22
CA GLN BA 91 26.81 104.68 9.19
C GLN BA 91 25.73 105.68 9.57
N GLY BA 92 24.64 105.66 8.82
CA GLY BA 92 23.51 106.52 9.11
C GLY BA 92 22.34 106.18 8.20
N SER BA 93 21.16 106.60 8.64
CA SER BA 93 19.93 106.39 7.88
C SER BA 93 18.97 107.53 8.16
N VAL BA 94 18.39 108.06 7.10
CA VAL BA 94 17.46 109.19 7.20
C VAL BA 94 16.26 108.91 6.31
N GLU BA 95 15.06 109.03 6.89
CA GLU BA 95 13.80 108.93 6.15
C GLU BA 95 13.11 110.27 6.34
N LEU BA 96 13.42 111.21 5.44
CA LEU BA 96 12.97 112.60 5.57
C LEU BA 96 11.85 112.87 4.58
N ALA BA 97 10.72 113.34 5.10
CA ALA BA 97 9.56 113.62 4.26
C ALA BA 97 8.91 114.98 4.50
N ALA BA 98 9.03 115.58 5.69
CA ALA BA 98 8.33 116.81 6.00
C ALA BA 98 8.95 118.04 5.33
N PRO BA 99 10.26 118.37 5.58
CA PRO BA 99 10.81 119.65 5.09
C PRO BA 99 11.06 119.67 3.57
N GLY BA 100 9.99 119.51 2.81
CA GLY BA 100 10.10 119.55 1.36
C GLY BA 100 8.96 118.81 0.68
N GLN BA 101 9.23 118.23 -0.48
CA GLN BA 101 8.26 117.44 -1.22
C GLN BA 101 8.76 116.03 -1.50
N ALA BA 102 9.80 115.60 -0.79
CA ALA BA 102 10.49 114.35 -1.05
C ALA BA 102 10.14 113.28 -0.03
N LYS BA 103 10.36 112.03 -0.42
CA LYS BA 103 10.34 110.87 0.48
C LYS BA 103 11.71 110.23 0.36
N ILE BA 104 12.67 110.74 1.13
CA ILE BA 104 14.08 110.37 0.97
C ILE BA 104 14.35 109.09 1.75
N ALA BA 105 14.94 108.10 1.08
CA ALA BA 105 15.39 106.87 1.71
C ALA BA 105 16.84 106.65 1.31
N GLY BA 106 17.77 107.12 2.14
CA GLY BA 106 19.18 107.02 1.85
C GLY BA 106 19.96 106.46 3.01
N GLY BA 107 21.26 106.26 2.77
CA GLY BA 107 22.14 105.73 3.78
C GLY BA 107 23.59 106.00 3.43
N ALA BA 108 24.46 105.63 4.37
CA ALA BA 108 25.90 105.79 4.18
C ALA BA 108 26.62 104.79 5.07
N ALA BA 109 27.91 104.59 4.80
CA ALA BA 109 28.71 103.65 5.57
C ALA BA 109 30.18 103.93 5.30
N VAL BA 110 30.97 104.05 6.36
CA VAL BA 110 32.41 104.22 6.28
C VAL BA 110 33.07 103.14 7.13
N SER BA 111 34.08 102.48 6.58
CA SER BA 111 34.80 101.43 7.29
C SER BA 111 36.26 101.46 6.88
N ASP BA 112 37.13 101.14 7.83
CA ASP BA 112 38.56 101.11 7.58
C ASP BA 112 39.24 100.23 8.63
N SER BA 113 40.54 100.05 8.45
CA SER BA 113 41.34 99.25 9.38
C SER BA 113 42.79 99.68 9.27
N SER BA 114 43.65 99.03 10.06
CA SER BA 114 45.07 99.32 10.06
C SER BA 114 45.81 98.20 10.76
N SER BA 115 47.13 98.18 10.57
CA SER BA 115 48.00 97.23 11.24
C SER BA 115 49.43 97.73 11.16
N THR BA 116 50.25 97.27 12.10
CA THR BA 116 51.66 97.65 12.17
C THR BA 116 52.37 96.71 13.14
N SER BA 117 53.59 96.30 12.77
CA SER BA 117 54.42 95.46 13.62
C SER BA 117 55.88 95.77 13.33
N MET BA 118 56.63 96.15 14.36
CA MET BA 118 57.96 96.69 14.14
C MET BA 118 58.80 96.52 15.39
N ASN BA 119 60.10 96.74 15.21
CA ASN BA 119 61.07 96.82 16.30
C ASN BA 119 61.77 98.17 16.23
N VAL BA 120 62.27 98.62 17.38
CA VAL BA 120 62.82 99.96 17.51
C VAL BA 120 64.21 99.88 18.09
N TYR BA 121 65.17 100.51 17.42
CA TYR BA 121 66.51 100.70 17.96
C TYR BA 121 66.68 102.17 18.34
N SER BA 122 67.87 102.52 18.83
CA SER BA 122 68.16 103.91 19.17
C SER BA 122 69.66 104.08 19.26
N LEU BA 123 70.19 105.03 18.48
CA LEU BA 123 71.60 105.36 18.50
C LEU BA 123 71.79 106.81 18.92
N SER BA 124 72.87 107.07 19.65
CA SER BA 124 73.17 108.40 20.14
C SER BA 124 74.67 108.62 20.11
N VAL BA 125 75.08 109.83 20.46
CA VAL BA 125 76.50 110.20 20.49
C VAL BA 125 76.81 110.85 21.83
N ASP BA 126 77.90 110.42 22.45
CA ASP BA 126 78.28 110.94 23.76
C ASP BA 126 78.84 112.35 23.62
N PRO BA 127 78.43 113.29 24.48
CA PRO BA 127 78.95 114.66 24.35
C PRO BA 127 80.43 114.78 24.68
N ASN BA 128 81.00 113.85 25.44
CA ASN BA 128 82.45 113.85 25.62
C ASN BA 128 83.18 113.62 24.30
N THR BA 129 82.61 112.82 23.41
CA THR BA 129 83.16 112.70 22.07
C THR BA 129 83.10 114.03 21.32
N TRP BA 130 82.00 114.77 21.48
CA TRP BA 130 81.92 116.11 20.89
C TRP BA 130 83.03 117.00 21.42
N GLN BA 131 83.25 116.99 22.73
CA GLN BA 131 84.27 117.84 23.33
C GLN BA 131 85.67 117.47 22.84
N THR BA 132 86.00 116.17 22.82
CA THR BA 132 87.34 115.77 22.39
C THR BA 132 87.54 116.03 20.90
N LEU BA 133 86.48 115.83 20.09
CA LEU BA 133 86.57 116.13 18.66
C LEU BA 133 86.79 117.61 18.42
N LEU BA 134 86.07 118.46 19.16
CA LEU BA 134 86.26 119.90 19.02
C LEU BA 134 87.66 120.33 19.43
N HIS BA 135 88.18 119.79 20.54
CA HIS BA 135 89.47 120.23 21.04
C HIS BA 135 90.65 119.71 20.22
N GLU BA 136 90.65 118.43 19.84
CA GLU BA 136 91.84 117.84 19.23
C GLU BA 136 92.12 118.45 17.86
N ARG BA 137 91.09 119.00 17.21
CA ARG BA 137 91.15 119.30 15.80
C ARG BA 137 90.30 120.53 15.49
N HIS BA 138 90.73 121.30 14.50
CA HIS BA 138 90.17 122.61 14.19
C HIS BA 138 89.39 122.56 12.87
N LEU BA 139 88.94 123.74 12.44
CA LEU BA 139 88.04 123.85 11.30
C LEU BA 139 88.80 124.24 10.03
N ARG BA 140 88.38 123.68 8.90
CA ARG BA 140 88.81 124.16 7.59
C ARG BA 140 88.07 125.45 7.29
N GLN BA 141 88.71 126.58 7.59
CA GLN BA 141 88.13 127.88 7.26
C GLN BA 141 87.99 128.11 5.76
N PRO BA 142 88.82 127.48 4.85
CA PRO BA 142 88.55 127.57 3.41
C PRO BA 142 87.56 126.51 2.93
N GLU BA 143 86.47 126.34 3.67
CA GLU BA 143 85.40 125.43 3.30
C GLU BA 143 84.09 126.22 3.37
N HIS BA 144 83.76 126.88 2.27
CA HIS BA 144 82.53 127.66 2.20
C HIS BA 144 81.75 127.51 0.91
N LYS BA 145 82.25 126.73 -0.07
CA LYS BA 145 81.46 126.53 -1.28
C LYS BA 145 80.11 125.89 -0.97
N VAL BA 146 80.02 125.14 0.13
CA VAL BA 146 78.72 124.69 0.65
C VAL BA 146 78.23 125.57 1.79
N LEU BA 147 79.06 126.49 2.28
CA LEU BA 147 78.72 127.31 3.43
C LEU BA 147 78.61 128.79 3.14
N GLN BA 148 79.32 129.31 2.13
CA GLN BA 148 79.26 130.74 1.85
C GLN BA 148 77.85 131.17 1.43
N GLN BA 149 77.19 130.39 0.56
CA GLN BA 149 75.79 130.67 0.28
C GLN BA 149 74.93 130.36 1.51
N LEU BA 150 75.29 129.33 2.28
CA LEU BA 150 74.63 129.10 3.56
C LEU BA 150 74.85 130.25 4.51
N ARG BA 151 76.01 130.91 4.43
CA ARG BA 151 76.22 132.14 5.18
C ARG BA 151 75.32 133.25 4.66
N SER BA 152 75.09 133.31 3.35
CA SER BA 152 74.19 134.31 2.80
C SER BA 152 72.76 134.11 3.28
N ARG BA 153 72.29 132.86 3.36
CA ARG BA 153 70.99 132.61 3.96
C ARG BA 153 71.01 132.96 5.44
N GLY BA 154 72.11 132.66 6.13
CA GLY BA 154 72.20 132.89 7.55
C GLY BA 154 71.44 131.91 8.40
N ASP BA 155 70.92 130.84 7.81
CA ASP BA 155 70.13 129.87 8.55
C ASP BA 155 71.00 129.12 9.56
N ASN BA 156 70.44 128.90 10.75
CA ASN BA 156 71.14 128.17 11.79
C ASN BA 156 71.30 126.72 11.38
N VAL BA 157 72.51 126.18 11.56
CA VAL BA 157 72.85 124.82 11.18
C VAL BA 157 72.91 123.96 12.42
N TYR BA 158 72.35 122.75 12.32
CA TYR BA 158 72.27 121.82 13.43
C TYR BA 158 72.85 120.48 13.01
N VAL BA 159 73.36 119.74 13.99
CA VAL BA 159 73.87 118.40 13.77
C VAL BA 159 72.94 117.40 14.44
N VAL BA 160 72.98 116.16 13.96
CA VAL BA 160 72.16 115.08 14.49
C VAL BA 160 72.93 114.41 15.61
N THR BA 161 72.39 114.48 16.83
CA THR BA 161 73.02 113.91 18.01
C THR BA 161 72.38 112.61 18.47
N GLU BA 162 71.28 112.20 17.85
CA GLU BA 162 70.59 110.98 18.25
C GLU BA 162 69.65 110.58 17.12
N VAL BA 163 69.43 109.28 16.97
CA VAL BA 163 68.54 108.76 15.94
C VAL BA 163 67.76 107.58 16.51
N LEU BA 164 66.48 107.50 16.17
CA LEU BA 164 65.62 106.36 16.49
C LEU BA 164 65.23 105.72 15.18
N GLN BA 165 65.79 104.55 14.89
CA GLN BA 165 65.57 103.87 13.63
C GLN BA 165 65.16 102.43 13.88
N THR BA 166 64.45 101.87 12.90
CA THR BA 166 64.00 100.49 12.94
C THR BA 166 64.86 99.64 12.01
N GLN BA 167 65.21 98.43 12.46
CA GLN BA 167 65.92 97.47 11.62
C GLN BA 167 65.17 96.15 11.68
N LYS BA 168 64.12 96.05 10.86
CA LYS BA 168 63.23 94.91 10.65
C LYS BA 168 62.28 95.28 9.53
N GLU BA 169 61.56 94.28 9.03
CA GLU BA 169 60.61 94.51 7.93
C GLU BA 169 59.24 94.82 8.51
N VAL BA 170 58.99 96.11 8.73
CA VAL BA 170 57.69 96.59 9.19
C VAL BA 170 56.81 96.88 7.99
N GLU BA 171 55.56 96.45 8.06
CA GLU BA 171 54.60 96.66 6.99
C GLU BA 171 53.34 97.27 7.55
N VAL BA 172 52.67 98.08 6.73
CA VAL BA 172 51.40 98.68 7.08
C VAL BA 172 50.39 98.34 5.98
N THR BA 173 49.18 97.96 6.39
CA THR BA 173 48.14 97.52 5.45
C THR BA 173 46.85 98.27 5.81
N ARG BA 174 46.65 99.42 5.17
CA ARG BA 174 45.44 100.21 5.37
C ARG BA 174 44.39 99.82 4.33
N THR BA 175 43.12 99.90 4.75
CA THR BA 175 41.99 99.72 3.86
C THR BA 175 41.04 100.89 4.06
N HIS BA 176 40.00 100.94 3.23
CA HIS BA 176 39.04 102.04 3.28
C HIS BA 176 37.83 101.67 2.45
N LYS BA 177 36.64 102.01 2.95
CA LYS BA 177 35.40 101.76 2.24
C LYS BA 177 34.43 102.89 2.53
N ARG BA 178 34.07 103.65 1.50
CA ARG BA 178 33.09 104.72 1.62
C ARG BA 178 31.91 104.37 0.73
N GLU BA 179 30.71 104.33 1.31
CA GLU BA 179 29.51 103.91 0.61
C GLU BA 179 28.45 105.00 0.73
N GLY BA 180 27.87 105.40 -0.40
CA GLY BA 180 26.77 106.35 -0.41
C GLY BA 180 25.55 105.72 -1.03
N SER BA 181 24.38 106.22 -0.65
CA SER BA 181 23.11 105.70 -1.17
C SER BA 181 22.08 106.81 -1.15
N GLY BA 182 21.03 106.63 -1.96
CA GLY BA 182 19.94 107.59 -2.00
C GLY BA 182 18.78 107.14 -2.85
N ARG BA 183 17.56 107.28 -2.31
CA ARG BA 183 16.34 106.98 -3.06
C ARG BA 183 15.37 108.13 -2.83
N PHE BA 184 15.25 109.00 -3.83
CA PHE BA 184 14.48 110.24 -3.70
C PHE BA 184 13.16 110.08 -4.45
N SER BA 185 12.06 110.36 -3.76
CA SER BA 185 10.74 110.41 -4.37
C SER BA 185 10.19 111.81 -4.10
N LEU BA 186 10.53 112.74 -4.98
CA LEU BA 186 10.20 114.16 -4.79
C LEU BA 186 9.40 114.67 -5.98
N PRO BA 187 8.07 114.66 -5.87
CA PRO BA 187 7.25 115.34 -6.88
C PRO BA 187 7.32 116.85 -6.70
N GLY BA 188 8.05 117.54 -7.58
CA GLY BA 188 8.22 118.97 -7.46
C GLY BA 188 8.13 119.70 -8.78
N ALA BA 189 9.11 120.56 -9.06
CA ALA BA 189 9.15 121.35 -10.27
C ALA BA 189 10.13 120.85 -11.31
N THR BA 190 11.22 120.20 -10.88
CA THR BA 190 12.25 119.72 -11.79
C THR BA 190 12.32 118.21 -11.90
N CYS BA 191 11.85 117.46 -10.91
CA CYS BA 191 11.91 116.01 -10.93
C CYS BA 191 10.65 115.43 -10.30
N GLU BA 192 10.43 114.14 -10.55
CA GLU BA 192 9.36 113.39 -9.91
C GLU BA 192 9.89 112.40 -8.88
N GLN BA 193 10.93 111.66 -9.24
CA GLN BA 193 11.67 110.84 -8.27
C GLN BA 193 13.07 110.62 -8.82
N GLY BA 194 14.01 110.30 -7.93
CA GLY BA 194 15.39 110.13 -8.35
C GLY BA 194 16.13 109.16 -7.47
N GLU BA 195 17.26 108.69 -7.99
CA GLU BA 195 18.16 107.82 -7.26
C GLU BA 195 19.59 108.26 -7.51
N GLY BA 196 20.43 108.10 -6.48
CA GLY BA 196 21.83 108.42 -6.60
C GLY BA 196 22.68 107.73 -5.55
N GLN BA 197 23.73 107.04 -5.98
CA GLN BA 197 24.59 106.32 -5.07
C GLN BA 197 25.96 106.12 -5.72
N GLY BA 198 26.96 105.93 -4.88
CA GLY BA 198 28.31 105.68 -5.34
C GLY BA 198 29.23 105.27 -4.21
N HIS BA 199 29.96 104.17 -4.42
CA HIS BA 199 30.86 103.66 -3.38
C HIS BA 199 32.19 103.28 -4.01
N LEU BA 200 33.27 103.47 -3.26
CA LEU BA 200 34.60 103.09 -3.72
C LEU BA 200 35.38 102.49 -2.56
N SER BA 201 36.05 101.37 -2.82
CA SER BA 201 36.98 100.81 -1.86
C SER BA 201 38.37 101.37 -2.11
N GLN BA 202 39.30 101.01 -1.22
CA GLN BA 202 40.68 101.46 -1.35
C GLN BA 202 41.56 100.58 -0.47
N LYS BA 203 42.84 100.58 -0.78
CA LYS BA 203 43.80 99.76 -0.04
C LYS BA 203 45.21 100.22 -0.42
N LYS BA 204 46.14 100.02 0.51
CA LYS BA 204 47.55 100.25 0.23
C LYS BA 204 48.38 99.42 1.19
N THR BA 205 49.63 99.19 0.81
CA THR BA 205 50.53 98.35 1.60
C THR BA 205 51.96 98.81 1.33
N VAL BA 206 52.62 99.34 2.36
CA VAL BA 206 53.99 99.83 2.25
C VAL BA 206 54.88 98.99 3.16
N THR BA 207 56.14 98.82 2.74
CA THR BA 207 57.12 98.07 3.53
C THR BA 207 58.32 98.97 3.77
N ILE BA 208 58.67 99.16 5.04
CA ILE BA 208 59.84 99.97 5.41
C ILE BA 208 61.01 99.05 5.69
N PRO BA 209 62.11 99.15 4.95
CA PRO BA 209 63.23 98.24 5.13
C PRO BA 209 64.02 98.55 6.38
N SER BA 210 64.88 97.59 6.75
CA SER BA 210 65.69 97.72 7.96
C SER BA 210 66.64 98.90 7.86
N GLY BA 211 66.74 99.66 8.94
CA GLY BA 211 67.63 100.81 8.98
C GLY BA 211 67.02 102.06 8.41
N SER BA 212 65.84 102.45 8.89
CA SER BA 212 65.15 103.66 8.45
C SER BA 212 64.88 104.53 9.66
N THR BA 213 65.26 105.81 9.57
CA THR BA 213 65.10 106.73 10.68
C THR BA 213 63.65 107.13 10.86
N LEU BA 214 63.18 107.12 12.11
CA LEU BA 214 61.84 107.59 12.47
C LEU BA 214 61.86 108.96 13.13
N ALA BA 215 62.85 109.24 13.98
CA ALA BA 215 62.93 110.50 14.68
C ALA BA 215 64.40 110.83 14.93
N PHE BA 216 64.66 112.10 15.25
CA PHE BA 216 66.02 112.56 15.46
C PHE BA 216 66.00 113.74 16.41
N ARG BA 217 67.15 113.99 17.03
CA ARG BA 217 67.36 115.12 17.91
C ARG BA 217 68.56 115.92 17.43
N VAL BA 218 68.48 117.24 17.55
CA VAL BA 218 69.47 118.14 16.98
C VAL BA 218 70.33 118.74 18.08
N ALA BA 219 71.42 119.37 17.66
CA ALA BA 219 72.34 120.05 18.57
C ALA BA 219 72.94 121.23 17.84
N GLN BA 220 72.59 122.44 18.26
CA GLN BA 220 72.99 123.64 17.55
C GLN BA 220 74.49 123.91 17.71
N LEU BA 221 75.07 124.45 16.65
CA LEU BA 221 76.45 124.92 16.66
C LEU BA 221 76.49 126.37 16.21
N VAL BA 222 77.59 127.04 16.53
CA VAL BA 222 77.77 128.45 16.20
C VAL BA 222 79.03 128.61 15.35
N ILE BA 223 78.92 129.37 14.27
CA ILE BA 223 80.04 129.62 13.36
C ILE BA 223 80.16 131.14 13.24
N ASP BA 224 81.10 131.72 13.98
CA ASP BA 224 81.44 133.12 13.81
C ASP BA 224 82.88 133.29 13.33
N SER BA 225 83.82 132.65 14.00
CA SER BA 225 85.21 132.53 13.56
C SER BA 225 85.69 131.09 13.54
N ASP BA 226 85.22 130.27 14.48
CA ASP BA 226 85.54 128.85 14.52
C ASP BA 226 84.31 128.09 14.98
N LEU BA 227 84.35 126.77 14.82
CA LEU BA 227 83.19 125.93 15.13
C LEU BA 227 83.09 125.68 16.63
N ASP BA 228 81.85 125.67 17.12
CA ASP BA 228 81.58 125.37 18.52
C ASP BA 228 80.13 124.92 18.63
N VAL BA 229 79.92 123.77 19.26
CA VAL BA 229 78.59 123.17 19.38
C VAL BA 229 78.06 123.42 20.78
N LEU BA 230 76.83 123.90 20.87
CA LEU BA 230 76.15 124.12 22.14
C LEU BA 230 75.11 123.02 22.31
N LEU BA 231 75.28 122.20 23.35
CA LEU BA 231 74.39 121.05 23.54
C LEU BA 231 72.94 121.46 23.76
N PHE BA 232 72.69 122.47 24.60
CA PHE BA 232 71.34 122.96 24.84
C PHE BA 232 71.36 124.48 24.88
N PRO BA 233 71.45 125.12 23.71
CA PRO BA 233 71.53 126.58 23.67
C PRO BA 233 70.17 127.24 23.85
N ASP BA 234 70.13 128.56 23.86
CA ASP BA 234 68.90 129.31 24.00
C ASP BA 234 68.30 129.64 22.63
N LYS BA 235 67.07 130.16 22.65
CA LYS BA 235 66.41 130.56 21.42
C LYS BA 235 67.05 131.82 20.84
N LYS BA 236 66.87 132.00 19.54
CA LYS BA 236 67.41 133.15 18.80
C LYS BA 236 68.93 133.22 18.93
N GLN BA 237 69.56 132.06 18.99
CA GLN BA 237 71.03 131.95 19.01
C GLN BA 237 71.48 131.83 17.56
N ARG BA 238 71.78 132.96 16.94
CA ARG BA 238 72.12 133.00 15.53
C ARG BA 238 73.50 132.37 15.31
N THR BA 239 73.58 131.43 14.37
CA THR BA 239 74.84 130.74 14.11
C THR BA 239 75.87 131.69 13.52
N PHE BA 240 75.49 132.42 12.47
CA PHE BA 240 76.39 133.32 11.78
C PHE BA 240 76.25 134.74 12.33
N GLN BA 241 76.89 135.70 11.67
CA GLN BA 241 76.79 137.09 12.06
C GLN BA 241 76.00 137.90 11.04
N SER CA 3 45.90 108.95 -18.28
CA SER CA 3 47.25 108.90 -18.85
C SER CA 3 47.98 107.63 -18.42
N ALA CA 4 47.48 107.01 -17.35
CA ALA CA 4 47.99 105.75 -16.82
C ALA CA 4 49.42 105.88 -16.31
N PHE CA 5 49.96 107.09 -16.32
CA PHE CA 5 51.27 107.37 -15.75
C PHE CA 5 51.21 108.43 -14.66
N GLU CA 6 50.53 109.55 -14.90
CA GLU CA 6 50.40 110.58 -13.88
C GLU CA 6 49.63 110.09 -12.68
N ARG CA 7 48.73 109.12 -12.85
CA ARG CA 7 48.02 108.54 -11.72
C ARG CA 7 49.00 107.92 -10.72
N VAL CA 8 49.77 106.93 -11.17
CA VAL CA 8 50.68 106.22 -10.28
C VAL CA 8 51.82 107.13 -9.81
N VAL CA 9 52.31 108.02 -10.68
CA VAL CA 9 53.36 108.94 -10.26
C VAL CA 9 52.86 109.88 -9.17
N ARG CA 10 51.66 110.43 -9.34
CA ARG CA 10 51.08 111.28 -8.31
C ARG CA 10 50.87 110.51 -7.02
N ARG CA 11 50.43 109.25 -7.12
CA ARG CA 11 50.26 108.44 -5.92
C ARG CA 11 51.58 108.21 -5.20
N VAL CA 12 52.64 107.92 -5.96
CA VAL CA 12 53.95 107.68 -5.36
C VAL CA 12 54.47 108.93 -4.68
N VAL CA 13 54.35 110.10 -5.32
CA VAL CA 13 54.79 111.33 -4.68
C VAL CA 13 53.92 111.67 -3.47
N GLN CA 14 52.61 111.39 -3.53
CA GLN CA 14 51.73 111.62 -2.40
C GLN CA 14 51.99 110.66 -1.25
N GLU CA 15 52.65 109.53 -1.51
CA GLU CA 15 53.06 108.62 -0.44
C GLU CA 15 54.23 109.17 0.36
N LEU CA 16 54.61 110.43 0.15
CA LEU CA 16 55.58 111.13 0.97
C LEU CA 16 54.97 112.30 1.74
N ASP CA 17 53.64 112.47 1.67
CA ASP CA 17 52.95 113.61 2.28
C ASP CA 17 53.60 114.93 1.85
N HIS CA 18 53.79 115.08 0.53
CA HIS CA 18 54.44 116.27 -0.04
C HIS CA 18 55.84 116.48 0.55
N GLY CA 19 56.51 115.40 0.90
CA GLY CA 19 57.84 115.49 1.49
C GLY CA 19 58.93 115.69 0.45
N GLY CA 20 59.66 116.80 0.57
CA GLY CA 20 60.71 117.12 -0.38
C GLY CA 20 60.16 117.69 -1.67
N GLU CA 21 61.06 118.33 -2.42
CA GLU CA 21 60.68 118.89 -3.71
C GLU CA 21 60.23 117.79 -4.67
N PHE CA 22 61.17 116.92 -5.06
CA PHE CA 22 60.91 115.76 -5.91
C PHE CA 22 60.00 116.11 -7.09
N ILE CA 23 60.55 116.95 -7.97
CA ILE CA 23 59.87 117.32 -9.21
C ILE CA 23 59.57 116.04 -9.98
N PRO CA 24 58.30 115.64 -10.08
CA PRO CA 24 57.97 114.36 -10.73
C PRO CA 24 58.16 114.43 -12.23
N VAL CA 25 58.30 113.25 -12.83
CA VAL CA 25 58.45 113.12 -14.26
C VAL CA 25 57.08 112.88 -14.88
N THR CA 26 56.92 113.35 -16.10
CA THR CA 26 55.67 113.17 -16.84
C THR CA 26 55.87 112.46 -18.17
N SER CA 27 57.01 112.65 -18.80
CA SER CA 27 57.31 111.99 -20.07
C SER CA 27 58.04 110.68 -19.79
N LEU CA 28 57.42 109.56 -20.18
CA LEU CA 28 58.09 108.28 -20.06
C LEU CA 28 59.36 108.22 -20.90
N GLN CA 29 59.40 108.96 -22.01
CA GLN CA 29 60.63 109.05 -22.79
C GLN CA 29 61.72 109.80 -22.03
N SER CA 30 61.33 110.74 -21.17
CA SER CA 30 62.28 111.52 -20.38
C SER CA 30 62.67 110.85 -19.08
N SER CA 31 62.08 109.69 -18.77
CA SER CA 31 62.48 108.96 -17.57
C SER CA 31 63.93 108.49 -17.67
N THR CA 32 64.37 108.12 -18.88
CA THR CA 32 65.74 107.70 -19.08
C THR CA 32 66.72 108.86 -19.04
N GLY CA 33 66.32 110.03 -19.51
CA GLY CA 33 67.21 111.17 -19.53
C GLY CA 33 67.48 111.80 -18.19
N PHE CA 34 66.62 111.54 -17.20
CA PHE CA 34 66.79 112.10 -15.86
C PHE CA 34 67.71 111.17 -15.07
N GLN CA 35 69.00 111.36 -15.23
CA GLN CA 35 70.03 110.59 -14.56
C GLN CA 35 70.91 111.54 -13.76
N PRO CA 36 71.67 111.06 -12.77
CA PRO CA 36 72.54 111.97 -12.01
C PRO CA 36 73.57 112.64 -12.91
N TYR CA 37 73.97 113.84 -12.50
CA TYR CA 37 74.93 114.68 -13.22
C TYR CA 37 74.45 115.08 -14.61
N CYS CA 38 73.13 115.06 -14.84
CA CYS CA 38 72.58 115.49 -16.11
C CYS CA 38 72.03 116.91 -16.00
N LEU CA 39 71.99 117.60 -17.14
CA LEU CA 39 71.59 119.00 -17.18
C LEU CA 39 70.13 119.12 -17.58
N VAL CA 40 69.42 120.09 -16.98
CA VAL CA 40 68.05 120.40 -17.35
C VAL CA 40 67.96 121.90 -17.63
N VAL CA 41 66.93 122.28 -18.36
CA VAL CA 41 66.73 123.68 -18.79
C VAL CA 41 65.35 124.14 -18.34
N ARG CA 42 65.31 125.26 -17.64
CA ARG CA 42 64.07 125.90 -17.25
C ARG CA 42 64.13 127.39 -17.55
N LYS CA 43 63.12 127.89 -18.25
CA LYS CA 43 62.99 129.32 -18.49
C LYS CA 43 62.40 130.00 -17.26
N PRO CA 44 62.58 131.31 -17.12
CA PRO CA 44 61.93 132.03 -16.03
C PRO CA 44 60.42 131.97 -16.14
N SER CA 45 59.76 131.98 -14.99
CA SER CA 45 58.31 131.91 -14.93
C SER CA 45 57.69 133.16 -15.54
N SER CA 46 56.41 133.07 -15.91
CA SER CA 46 55.78 134.17 -16.65
C SER CA 46 55.43 135.33 -15.72
N SER CA 47 54.46 135.13 -14.82
CA SER CA 47 54.23 136.11 -13.76
C SER CA 47 54.35 135.51 -12.37
N TRP CA 48 53.46 134.57 -11.99
CA TRP CA 48 53.57 133.91 -10.70
C TRP CA 48 53.34 132.41 -10.78
N PHE CA 49 52.38 131.99 -11.60
CA PHE CA 49 51.86 130.64 -11.53
C PHE CA 49 51.97 129.85 -12.83
N TRP CA 50 52.28 130.49 -13.95
CA TRP CA 50 52.49 129.78 -15.21
C TRP CA 50 53.83 129.07 -15.10
N LYS CA 51 53.80 127.90 -14.47
CA LYS CA 51 55.02 127.19 -14.10
C LYS CA 51 55.79 126.75 -15.34
N PRO CA 52 57.03 127.17 -15.52
CA PRO CA 52 57.84 126.65 -16.64
C PRO CA 52 58.26 125.23 -16.35
N ARG CA 53 57.65 124.29 -17.06
CA ARG CA 53 57.93 122.87 -16.85
C ARG CA 53 59.37 122.55 -17.20
N TYR CA 54 60.00 121.71 -16.38
CA TYR CA 54 61.39 121.34 -16.58
C TYR CA 54 61.54 120.50 -17.83
N LYS CA 55 62.52 120.87 -18.66
CA LYS CA 55 62.82 120.15 -19.89
C LYS CA 55 64.19 119.50 -19.75
N CYS CA 56 64.24 118.18 -19.92
CA CYS CA 56 65.49 117.46 -19.75
C CYS CA 56 66.37 117.59 -20.98
N VAL CA 57 67.67 117.76 -20.75
CA VAL CA 57 68.67 117.78 -21.81
C VAL CA 57 69.63 116.63 -21.58
N ASN CA 58 69.79 115.78 -22.58
CA ASN CA 58 70.64 114.60 -22.46
C ASN CA 58 72.11 114.99 -22.56
N LEU CA 59 72.56 115.73 -21.55
CA LEU CA 59 73.93 116.23 -21.48
C LEU CA 59 74.44 116.07 -20.07
N SER CA 60 75.62 115.46 -19.92
CA SER CA 60 76.23 115.23 -18.63
C SER CA 60 77.20 116.36 -18.29
N ILE CA 61 77.87 116.24 -17.14
CA ILE CA 61 78.85 117.24 -16.73
C ILE CA 61 80.29 116.79 -16.95
N LYS CA 62 80.51 115.53 -17.31
CA LYS CA 62 81.87 115.05 -17.51
C LYS CA 62 82.51 115.70 -18.74
N ASP CA 63 81.71 116.12 -19.71
CA ASP CA 63 82.24 116.71 -20.93
C ASP CA 63 82.38 118.22 -20.85
N ILE CA 64 81.52 118.91 -20.09
CA ILE CA 64 81.64 120.36 -19.97
C ILE CA 64 82.97 120.71 -19.30
N LEU CA 65 83.48 119.84 -18.44
CA LEU CA 65 84.86 119.87 -17.98
C LEU CA 65 85.74 119.02 -18.90
N GLU CA 66 87.03 119.38 -18.96
CA GLU CA 66 87.86 118.93 -20.08
C GLU CA 66 88.23 117.45 -20.01
N PRO CA 67 88.82 116.92 -18.91
CA PRO CA 67 89.46 115.60 -19.02
C PRO CA 67 88.54 114.41 -18.83
N ASP CA 68 87.34 114.46 -19.42
CA ASP CA 68 86.44 113.30 -19.53
C ASP CA 68 86.31 112.56 -18.20
N ALA CA 69 85.68 113.24 -17.24
CA ALA CA 69 85.60 112.75 -15.87
C ALA CA 69 85.00 111.36 -15.77
N ALA CA 70 83.72 111.22 -16.14
CA ALA CA 70 83.01 109.95 -16.06
C ALA CA 70 83.17 109.29 -14.70
N GLU CA 71 82.86 110.07 -13.65
CA GLU CA 71 83.04 109.63 -12.26
C GLU CA 71 81.73 109.79 -11.50
N PRO CA 72 80.83 108.82 -11.59
CA PRO CA 72 79.60 108.88 -10.78
C PRO CA 72 79.88 108.43 -9.34
N ASP CA 73 79.27 109.15 -8.40
CA ASP CA 73 79.46 108.85 -6.99
C ASP CA 73 78.14 108.52 -6.30
N VAL CA 74 77.34 107.67 -6.94
CA VAL CA 74 76.07 107.24 -6.37
C VAL CA 74 76.35 106.15 -5.34
N GLN CA 75 75.89 106.35 -4.10
CA GLN CA 75 76.09 105.38 -3.03
C GLN CA 75 74.81 105.09 -2.26
N ARG CA 76 73.78 105.91 -2.38
CA ARG CA 76 72.53 105.71 -1.65
C ARG CA 76 71.71 104.61 -2.32
N GLY CA 77 71.02 103.83 -1.49
CA GLY CA 77 70.15 102.79 -2.00
C GLY CA 77 69.32 102.10 -0.93
N ARG CA 78 68.03 101.94 -1.17
CA ARG CA 78 67.12 101.28 -0.24
C ARG CA 78 66.22 100.33 -1.01
N SER CA 79 65.18 99.85 -0.33
CA SER CA 79 64.20 98.94 -0.96
C SER CA 79 62.85 99.19 -0.30
N PHE CA 80 62.03 100.02 -0.94
CA PHE CA 80 60.67 100.24 -0.50
C PHE CA 80 59.71 99.51 -1.43
N HIS CA 81 58.90 98.63 -0.88
CA HIS CA 81 57.90 97.90 -1.66
C HIS CA 81 56.54 98.51 -1.43
N PHE CA 82 55.88 98.94 -2.50
CA PHE CA 82 54.62 99.64 -2.42
C PHE CA 82 53.55 98.88 -3.20
N TYR CA 83 52.35 98.87 -2.66
CA TYR CA 83 51.23 98.14 -3.27
C TYR CA 83 49.95 98.87 -2.91
N ASP CA 84 49.02 98.92 -3.86
CA ASP CA 84 47.71 99.52 -3.63
C ASP CA 84 46.73 99.01 -4.66
N ALA CA 85 45.45 99.32 -4.44
CA ALA CA 85 44.38 98.95 -5.36
C ALA CA 85 43.25 99.95 -5.19
N MET CA 86 42.24 99.82 -6.05
CA MET CA 86 41.13 100.76 -6.05
C MET CA 86 40.04 100.23 -6.96
N ASP CA 87 38.78 100.50 -6.60
CA ASP CA 87 37.64 100.23 -7.46
C ASP CA 87 36.47 101.10 -7.01
N GLY CA 88 35.52 101.30 -7.91
CA GLY CA 88 34.39 102.16 -7.61
C GLY CA 88 33.21 101.83 -8.49
N GLN CA 89 32.04 102.37 -8.11
CA GLN CA 89 30.82 102.14 -8.88
C GLN CA 89 29.81 103.21 -8.49
N ILE CA 90 29.42 104.04 -9.46
CA ILE CA 90 28.35 105.01 -9.26
C ILE CA 90 27.27 104.72 -10.31
N GLN CA 91 26.07 105.23 -10.04
CA GLN CA 91 24.95 105.02 -10.94
C GLN CA 91 23.87 106.06 -10.65
N GLY CA 92 22.72 105.88 -11.28
CA GLY CA 92 21.60 106.79 -11.07
C GLY CA 92 20.39 106.33 -11.86
N SER CA 93 19.23 106.84 -11.46
CA SER CA 93 17.98 106.54 -12.13
C SER CA 93 16.97 107.62 -11.82
N VAL CA 94 16.25 108.06 -12.86
CA VAL CA 94 15.29 109.16 -12.73
C VAL CA 94 14.03 108.78 -13.50
N GLU CA 95 12.87 108.92 -12.85
CA GLU CA 95 11.57 108.77 -13.49
C GLU CA 95 10.95 110.17 -13.52
N LEU CA 96 11.26 110.91 -14.59
CA LEU CA 96 10.85 112.30 -14.72
C LEU CA 96 9.62 112.42 -15.58
N ALA CA 97 8.56 113.03 -15.03
CA ALA CA 97 7.32 113.20 -15.77
C ALA CA 97 6.73 114.60 -15.70
N ALA CA 98 7.00 115.39 -14.67
CA ALA CA 98 6.37 116.70 -14.53
C ALA CA 98 6.93 117.76 -15.47
N PRO CA 99 8.28 118.06 -15.45
CA PRO CA 99 8.80 119.20 -16.21
C PRO CA 99 8.86 118.98 -17.72
N GLY CA 100 7.71 118.67 -18.32
CA GLY CA 100 7.64 118.49 -19.75
C GLY CA 100 6.51 117.56 -20.17
N GLN CA 101 6.60 117.01 -21.37
CA GLN CA 101 5.62 116.06 -21.88
C GLN CA 101 6.20 114.65 -21.93
N ALA CA 102 7.22 114.37 -21.13
CA ALA CA 102 7.98 113.14 -21.20
C ALA CA 102 7.71 112.27 -19.97
N LYS CA 103 7.94 110.96 -20.16
CA LYS CA 103 7.97 109.97 -19.07
C LYS CA 103 9.31 109.25 -19.23
N ILE CA 104 10.35 109.82 -18.63
CA ILE CA 104 11.72 109.36 -18.85
C ILE CA 104 12.05 108.28 -17.83
N ALA CA 105 12.51 107.12 -18.33
CA ALA CA 105 12.96 106.02 -17.49
C ALA CA 105 14.33 105.58 -17.97
N GLY CA 106 15.37 106.24 -17.45
CA GLY CA 106 16.73 105.95 -17.88
C GLY CA 106 17.64 105.78 -16.68
N GLY CA 107 18.89 105.41 -16.99
CA GLY CA 107 19.88 105.19 -15.95
C GLY CA 107 21.28 105.36 -16.48
N ALA CA 108 22.24 105.24 -15.57
CA ALA CA 108 23.65 105.35 -15.91
C ALA CA 108 24.45 104.51 -14.93
N ALA CA 109 25.72 104.28 -15.29
CA ALA CA 109 26.61 103.49 -14.44
C ALA CA 109 28.05 103.72 -14.89
N VAL CA 110 28.92 104.06 -13.93
CA VAL CA 110 30.34 104.22 -14.16
C VAL CA 110 31.09 103.37 -13.13
N SER CA 111 32.08 102.62 -13.59
CA SER CA 111 32.86 101.75 -12.72
C SER CA 111 34.24 101.55 -13.31
N ASP CA 112 35.24 101.40 -12.44
CA ASP CA 112 36.62 101.23 -12.88
C ASP CA 112 37.41 100.56 -11.76
N SER CA 113 38.70 100.37 -12.02
CA SER CA 113 39.61 99.78 -11.06
C SER CA 113 41.03 100.19 -11.38
N SER CA 114 41.97 99.78 -10.51
CA SER CA 114 43.38 100.09 -10.70
C SER CA 114 44.21 99.18 -9.80
N SER CA 115 45.50 99.10 -10.09
CA SER CA 115 46.44 98.33 -9.30
C SER CA 115 47.84 98.82 -9.57
N THR CA 116 48.76 98.51 -8.65
CA THR CA 116 50.16 98.90 -8.76
C THR CA 116 50.98 98.13 -7.74
N SER CA 117 52.15 97.66 -8.16
CA SER CA 117 53.10 97.00 -7.27
C SER CA 117 54.51 97.30 -7.75
N MET CA 118 55.29 97.97 -6.91
CA MET CA 118 56.51 98.61 -7.37
C MET CA 118 57.53 98.70 -6.24
N ASN CA 119 58.78 98.92 -6.63
CA ASN CA 119 59.90 99.09 -5.71
C ASN CA 119 60.61 100.41 -5.97
N VAL CA 120 61.47 100.81 -5.03
CA VAL CA 120 62.06 102.15 -5.04
C VAL CA 120 63.51 102.08 -4.57
N TYR CA 121 64.42 102.59 -5.41
CA TYR CA 121 65.74 103.05 -4.98
C TYR CA 121 65.73 104.55 -4.75
N SER CA 122 66.85 105.07 -4.28
CA SER CA 122 67.07 106.50 -4.19
C SER CA 122 68.55 106.77 -4.38
N LEU CA 123 68.90 107.47 -5.45
CA LEU CA 123 70.29 107.76 -5.76
C LEU CA 123 70.53 109.25 -5.58
N SER CA 124 71.63 109.58 -4.92
CA SER CA 124 71.96 110.96 -4.61
C SER CA 124 73.45 111.18 -4.85
N VAL CA 125 73.85 112.44 -4.78
CA VAL CA 125 75.25 112.83 -4.95
C VAL CA 125 75.64 113.74 -3.78
N ASP CA 126 76.78 113.48 -3.18
CA ASP CA 126 77.19 114.19 -1.99
C ASP CA 126 77.70 115.59 -2.34
N PRO CA 127 77.41 116.60 -1.51
CA PRO CA 127 77.99 117.93 -1.76
C PRO CA 127 79.51 117.94 -1.71
N ASN CA 128 80.13 117.03 -0.97
CA ASN CA 128 81.58 116.91 -1.01
C ASN CA 128 82.09 116.63 -2.42
N THR CA 129 81.42 115.74 -3.15
CA THR CA 129 81.82 115.47 -4.52
C THR CA 129 81.70 116.73 -5.38
N TRP CA 130 80.61 117.49 -5.23
CA TRP CA 130 80.47 118.73 -5.97
C TRP CA 130 81.60 119.69 -5.68
N GLN CA 131 81.91 119.90 -4.39
CA GLN CA 131 82.92 120.88 -4.04
C GLN CA 131 84.32 120.46 -4.48
N THR CA 132 84.68 119.18 -4.30
CA THR CA 132 86.00 118.74 -4.73
C THR CA 132 86.10 118.74 -6.25
N LEU CA 133 85.01 118.39 -6.94
CA LEU CA 133 85.00 118.37 -8.38
C LEU CA 133 85.20 119.77 -8.95
N LEU CA 134 84.52 120.76 -8.37
CA LEU CA 134 84.70 122.13 -8.83
C LEU CA 134 86.09 122.66 -8.48
N HIS CA 135 86.56 122.39 -7.26
CA HIS CA 135 87.84 122.95 -6.83
C HIS CA 135 89.03 122.36 -7.55
N GLU CA 136 89.02 121.06 -7.86
CA GLU CA 136 90.20 120.44 -8.47
C GLU CA 136 90.31 120.79 -9.95
N ARG CA 137 89.19 121.11 -10.59
CA ARG CA 137 89.11 121.08 -12.04
C ARG CA 137 88.13 122.14 -12.54
N HIS CA 138 88.41 122.65 -13.74
CA HIS CA 138 87.77 123.86 -14.26
C HIS CA 138 86.99 123.55 -15.54
N LEU CA 139 86.54 124.63 -16.19
CA LEU CA 139 85.60 124.55 -17.31
C LEU CA 139 86.31 124.74 -18.63
N ARG CA 140 85.84 124.04 -19.67
CA ARG CA 140 86.19 124.34 -21.05
C ARG CA 140 85.43 125.58 -21.48
N GLN CA 141 86.07 126.73 -21.36
CA GLN CA 141 85.43 127.98 -21.74
C GLN CA 141 85.10 128.08 -23.23
N PRO CA 142 85.87 127.44 -24.19
CA PRO CA 142 85.46 127.42 -25.59
C PRO CA 142 84.45 126.33 -25.92
N GLU CA 143 83.44 126.18 -25.06
CA GLU CA 143 82.36 125.22 -25.26
C GLU CA 143 81.04 125.96 -25.08
N HIS CA 144 80.45 126.39 -26.19
CA HIS CA 144 79.15 127.02 -26.16
C HIS CA 144 78.20 126.59 -27.27
N LYS CA 145 78.61 125.68 -28.15
CA LYS CA 145 77.71 125.23 -29.20
C LYS CA 145 76.45 124.59 -28.65
N VAL CA 146 76.49 124.12 -27.40
CA VAL CA 146 75.28 123.77 -26.67
C VAL CA 146 74.86 124.86 -25.69
N LEU CA 147 75.72 125.87 -25.47
CA LEU CA 147 75.45 126.93 -24.51
C LEU CA 147 75.24 128.30 -25.14
N GLN CA 148 75.80 128.57 -26.33
CA GLN CA 148 75.65 129.89 -26.94
C GLN CA 148 74.19 130.15 -27.31
N GLN CA 149 73.53 129.19 -27.93
CA GLN CA 149 72.08 129.32 -28.11
C GLN CA 149 71.37 129.34 -26.77
N LEU CA 150 71.85 128.55 -25.81
CA LEU CA 150 71.34 128.65 -24.44
C LEU CA 150 71.68 130.00 -23.82
N ARG CA 151 72.82 130.58 -24.18
CA ARG CA 151 73.16 131.92 -23.70
C ARG CA 151 72.18 132.95 -24.23
N SER CA 152 71.82 132.87 -25.52
CA SER CA 152 70.81 133.76 -26.07
C SER CA 152 69.44 133.53 -25.43
N ARG CA 153 69.09 132.25 -25.19
CA ARG CA 153 67.86 131.96 -24.46
C ARG CA 153 67.92 132.51 -23.04
N GLY CA 154 69.09 132.40 -22.40
CA GLY CA 154 69.25 132.87 -21.05
C GLY CA 154 68.61 132.01 -19.98
N ASP CA 155 68.12 130.83 -20.33
CA ASP CA 155 67.45 129.97 -19.37
C ASP CA 155 68.43 129.47 -18.32
N ASN CA 156 67.99 129.46 -17.07
CA ASN CA 156 68.80 128.92 -15.99
C ASN CA 156 68.91 127.41 -16.12
N VAL CA 157 70.13 126.91 -15.99
CA VAL CA 157 70.43 125.50 -16.17
C VAL CA 157 70.69 124.86 -14.81
N TYR CA 158 70.20 123.65 -14.61
CA TYR CA 158 70.30 122.94 -13.35
C TYR CA 158 70.85 121.54 -13.60
N VAL CA 159 71.44 120.96 -12.56
CA VAL CA 159 71.92 119.59 -12.61
C VAL CA 159 70.97 118.70 -11.82
N VAL CA 160 71.17 117.39 -11.95
CA VAL CA 160 70.37 116.41 -11.24
C VAL CA 160 71.19 115.89 -10.06
N THR CA 161 70.64 116.04 -8.86
CA THR CA 161 71.33 115.63 -7.64
C THR CA 161 70.64 114.47 -6.93
N GLU CA 162 69.44 114.08 -7.33
CA GLU CA 162 68.72 113.01 -6.66
C GLU CA 162 67.88 112.28 -7.71
N VAL CA 163 67.84 110.95 -7.60
CA VAL CA 163 67.07 110.12 -8.51
C VAL CA 163 66.33 109.07 -7.70
N LEU CA 164 65.03 108.92 -7.99
CA LEU CA 164 64.19 107.89 -7.37
C LEU CA 164 63.66 107.00 -8.49
N GLN CA 165 64.12 105.75 -8.51
CA GLN CA 165 63.84 104.85 -9.61
C GLN CA 165 63.21 103.55 -9.11
N THR CA 166 62.73 102.75 -10.05
CA THR CA 166 62.07 101.48 -9.76
C THR CA 166 62.92 100.34 -10.32
N GLN CA 167 63.01 99.25 -9.57
CA GLN CA 167 63.85 98.11 -9.94
C GLN CA 167 63.03 96.81 -9.95
N LYS CA 168 62.24 96.64 -11.00
CA LYS CA 168 61.36 95.50 -11.28
C LYS CA 168 60.64 95.76 -12.59
N GLU CA 169 59.86 94.77 -13.01
CA GLU CA 169 58.89 94.95 -14.08
C GLU CA 169 57.57 95.34 -13.44
N VAL CA 170 57.46 96.61 -13.03
CA VAL CA 170 56.23 97.13 -12.44
C VAL CA 170 55.16 97.23 -13.52
N GLU CA 171 53.94 96.86 -13.14
CA GLU CA 171 52.82 96.87 -14.08
C GLU CA 171 51.68 97.66 -13.48
N VAL CA 172 50.94 98.34 -14.35
CA VAL CA 172 49.73 99.05 -13.99
C VAL CA 172 48.59 98.54 -14.85
N THR CA 173 47.46 98.22 -14.22
CA THR CA 173 46.33 97.61 -14.92
C THR CA 173 45.07 98.38 -14.55
N ARG CA 174 44.59 99.20 -15.47
CA ARG CA 174 43.34 99.91 -15.30
C ARG CA 174 42.23 99.22 -16.10
N THR CA 175 41.00 99.43 -15.65
CA THR CA 175 39.80 99.03 -16.38
C THR CA 175 38.83 100.20 -16.36
N HIS CA 176 37.83 100.14 -17.24
CA HIS CA 176 36.86 101.23 -17.33
C HIS CA 176 35.68 100.78 -18.15
N LYS CA 177 34.48 101.16 -17.71
CA LYS CA 177 33.26 100.91 -18.47
C LYS CA 177 32.20 101.89 -18.01
N ARG CA 178 31.64 102.64 -18.96
CA ARG CA 178 30.60 103.63 -18.69
C ARG CA 178 29.34 103.20 -19.42
N GLU CA 179 28.21 103.21 -18.72
CA GLU CA 179 26.95 102.72 -19.24
C GLU CA 179 25.92 103.85 -19.21
N GLY CA 180 25.37 104.17 -20.37
CA GLY CA 180 24.28 105.14 -20.46
C GLY CA 180 23.03 104.45 -20.99
N SER CA 181 21.88 104.90 -20.49
CA SER CA 181 20.61 104.30 -20.89
C SER CA 181 19.51 105.34 -20.79
N GLY CA 182 18.41 105.08 -21.50
CA GLY CA 182 17.27 105.98 -21.48
C GLY CA 182 16.08 105.44 -22.25
N ARG CA 183 14.88 105.61 -21.69
CA ARG CA 183 13.64 105.20 -22.33
C ARG CA 183 12.67 106.37 -22.27
N PHE CA 184 12.42 107.01 -23.41
CA PHE CA 184 11.68 108.26 -23.47
C PHE CA 184 10.30 107.99 -24.08
N SER CA 185 9.26 108.12 -23.27
CA SER CA 185 7.88 108.07 -23.74
C SER CA 185 7.34 109.49 -23.62
N LEU CA 186 7.58 110.30 -24.66
CA LEU CA 186 7.27 111.72 -24.64
C LEU CA 186 6.33 112.06 -25.77
N PRO CA 187 5.02 112.08 -25.50
CA PRO CA 187 4.07 112.58 -26.52
C PRO CA 187 4.14 114.09 -26.65
N GLY CA 188 4.73 114.58 -27.73
CA GLY CA 188 4.88 116.01 -27.93
C GLY CA 188 4.63 116.46 -29.35
N ALA CA 189 5.53 117.28 -29.88
CA ALA CA 189 5.41 117.81 -31.23
C ALA CA 189 6.35 117.16 -32.23
N THR CA 190 7.52 116.70 -31.79
CA THR CA 190 8.49 116.07 -32.67
C THR CA 190 8.61 114.56 -32.50
N CYS CA 191 8.30 114.02 -31.32
CA CYS CA 191 8.40 112.59 -31.07
C CYS CA 191 7.24 112.16 -30.18
N GLU CA 192 6.99 110.86 -30.17
CA GLU CA 192 6.00 110.25 -29.28
C GLU CA 192 6.62 109.25 -28.33
N GLN CA 193 7.45 108.35 -28.83
CA GLN CA 193 8.20 107.42 -28.00
C GLN CA 193 9.63 107.35 -28.54
N GLY CA 194 10.59 107.13 -27.64
CA GLY CA 194 11.97 107.09 -28.03
C GLY CA 194 12.81 106.30 -27.05
N GLU CA 195 13.97 105.87 -27.52
CA GLU CA 195 14.93 105.13 -26.71
C GLU CA 195 16.34 105.44 -27.21
N GLY CA 196 17.24 105.65 -26.26
CA GLY CA 196 18.63 105.94 -26.59
C GLY CA 196 19.58 105.51 -25.50
N GLN CA 197 20.62 104.77 -25.88
CA GLN CA 197 21.57 104.25 -24.92
C GLN CA 197 22.91 104.00 -25.60
N GLY CA 198 23.95 103.85 -24.79
CA GLY CA 198 25.27 103.56 -25.30
C GLY CA 198 26.29 103.31 -24.20
N HIS CA 199 27.06 102.24 -24.31
CA HIS CA 199 28.05 101.90 -23.31
C HIS CA 199 29.32 101.39 -23.98
N LEU CA 200 30.47 101.68 -23.36
CA LEU CA 200 31.74 101.21 -23.87
C LEU CA 200 32.63 100.81 -22.71
N SER CA 201 33.31 99.68 -22.85
CA SER CA 201 34.33 99.29 -21.90
C SER CA 201 35.69 99.76 -22.39
N GLN CA 202 36.69 99.69 -21.51
CA GLN CA 202 38.03 100.18 -21.83
C GLN CA 202 38.98 99.72 -20.76
N LYS CA 203 40.23 99.45 -21.17
CA LYS CA 203 41.27 99.02 -20.25
C LYS CA 203 42.62 99.20 -20.92
N LYS CA 204 43.67 99.01 -20.12
CA LYS CA 204 45.04 99.08 -20.63
C LYS CA 204 45.96 98.44 -19.62
N THR CA 205 47.22 98.25 -20.02
CA THR CA 205 48.21 97.61 -19.17
C THR CA 205 49.59 98.03 -19.65
N VAL CA 206 50.34 98.73 -18.80
CA VAL CA 206 51.68 99.18 -19.11
C VAL CA 206 52.66 98.49 -18.17
N THR CA 207 53.90 98.32 -18.65
CA THR CA 207 54.96 97.70 -17.86
C THR CA 207 56.19 98.59 -17.95
N ILE CA 208 56.63 99.11 -16.82
CA ILE CA 208 57.79 100.01 -16.77
C ILE CA 208 59.02 99.21 -16.41
N PRO CA 209 60.10 99.30 -17.19
CA PRO CA 209 61.29 98.49 -16.93
C PRO CA 209 62.09 99.03 -15.75
N SER CA 210 63.03 98.18 -15.30
CA SER CA 210 63.86 98.51 -14.15
C SER CA 210 64.77 99.70 -14.46
N GLY CA 211 64.94 100.57 -13.48
CA GLY CA 211 65.81 101.73 -13.62
C GLY CA 211 65.18 102.87 -14.39
N SER CA 212 63.98 103.26 -13.99
CA SER CA 212 63.26 104.36 -14.60
C SER CA 212 63.07 105.46 -13.56
N THR CA 213 63.53 106.67 -13.88
CA THR CA 213 63.47 107.77 -12.93
C THR CA 213 62.03 108.23 -12.76
N LEU CA 214 61.63 108.45 -11.50
CA LEU CA 214 60.29 108.93 -11.19
C LEU CA 214 60.27 110.38 -10.70
N ALA CA 215 61.28 110.79 -9.95
CA ALA CA 215 61.37 112.16 -9.46
C ALA CA 215 62.85 112.53 -9.37
N PHE CA 216 63.11 113.80 -9.09
CA PHE CA 216 64.49 114.29 -9.02
C PHE CA 216 64.51 115.62 -8.29
N ARG CA 217 65.71 116.02 -7.90
CA ARG CA 217 65.96 117.33 -7.32
C ARG CA 217 67.09 118.00 -8.10
N VAL CA 218 67.13 119.33 -8.04
CA VAL CA 218 68.04 120.10 -8.86
C VAL CA 218 68.99 120.88 -7.97
N ALA CA 219 70.12 121.29 -8.57
CA ALA CA 219 71.10 122.13 -7.90
C ALA CA 219 71.57 123.18 -8.89
N GLN CA 220 71.08 124.40 -8.72
CA GLN CA 220 71.35 125.46 -9.68
C GLN CA 220 72.84 125.80 -9.72
N LEU CA 221 73.31 126.11 -10.93
CA LEU CA 221 74.67 126.58 -11.16
C LEU CA 221 74.62 127.89 -11.93
N VAL CA 222 75.69 128.67 -11.80
CA VAL CA 222 75.78 130.00 -12.40
C VAL CA 222 76.96 130.01 -13.36
N ILE CA 223 76.74 130.60 -14.54
CA ILE CA 223 77.76 130.70 -15.59
C ILE CA 223 77.87 132.19 -15.95
N ASP CA 224 78.78 132.90 -15.30
CA ASP CA 224 79.10 134.26 -15.68
C ASP CA 224 80.48 134.36 -16.31
N SER CA 225 81.48 133.81 -15.64
CA SER CA 225 82.82 133.65 -16.18
C SER CA 225 83.33 132.22 -16.04
N ASP CA 226 82.96 131.54 -14.96
CA ASP CA 226 83.35 130.16 -14.73
C ASP CA 226 82.15 129.43 -14.12
N LEU CA 227 82.32 128.13 -13.88
CA LEU CA 227 81.22 127.33 -13.36
C LEU CA 227 81.25 127.33 -11.83
N ASP CA 228 80.05 127.36 -11.25
CA ASP CA 228 79.87 127.29 -9.80
C ASP CA 228 78.44 126.89 -9.52
N VAL CA 229 78.28 125.85 -8.70
CA VAL CA 229 76.96 125.29 -8.40
C VAL CA 229 76.51 125.80 -7.03
N LEU CA 230 75.28 126.31 -6.98
CA LEU CA 230 74.66 126.77 -5.74
C LEU CA 230 73.69 125.69 -5.28
N LEU CA 231 74.04 125.00 -4.18
CA LEU CA 231 73.24 123.87 -3.73
C LEU CA 231 71.83 124.27 -3.30
N PHE CA 232 71.64 125.54 -2.92
CA PHE CA 232 70.33 126.01 -2.47
C PHE CA 232 70.25 127.53 -2.63
N PRO CA 233 70.20 128.00 -3.88
CA PRO CA 233 70.21 129.45 -4.11
C PRO CA 233 68.86 130.08 -3.87
N ASP CA 234 68.76 131.38 -4.14
CA ASP CA 234 67.50 132.11 -4.02
C ASP CA 234 66.84 132.24 -5.39
N LYS CA 235 65.57 132.62 -5.37
CA LYS CA 235 64.81 132.76 -6.61
C LYS CA 235 65.33 133.95 -7.42
N LYS CA 236 65.10 133.88 -8.73
CA LYS CA 236 65.57 134.91 -9.67
C LYS CA 236 67.09 135.05 -9.62
N GLN CA 237 67.78 133.93 -9.49
CA GLN CA 237 69.24 133.90 -9.56
C GLN CA 237 69.60 133.55 -10.99
N ARG CA 238 69.89 134.57 -11.79
CA ARG CA 238 70.13 134.38 -13.23
C ARG CA 238 71.48 133.70 -13.45
N THR CA 239 71.47 132.61 -14.21
CA THR CA 239 72.70 131.87 -14.49
C THR CA 239 73.66 132.71 -15.33
N PHE CA 240 73.18 133.27 -16.42
CA PHE CA 240 73.97 134.10 -17.30
C PHE CA 240 73.81 135.56 -16.89
N GLN CA 241 74.29 136.48 -17.73
CA GLN CA 241 74.16 137.90 -17.47
C GLN CA 241 73.14 138.53 -18.42
N SER DA 3 41.65 104.40 -40.72
CA SER DA 3 43.04 104.23 -41.11
C SER DA 3 43.72 103.17 -40.26
N ALA DA 4 43.19 102.95 -39.06
CA ALA DA 4 43.67 101.93 -38.12
C ALA DA 4 45.11 102.17 -37.69
N PHE DA 5 45.70 103.30 -38.09
CA PHE DA 5 47.08 103.61 -37.79
C PHE DA 5 47.24 104.85 -36.93
N GLU DA 6 46.59 105.96 -37.30
CA GLU DA 6 46.64 107.15 -36.46
C GLU DA 6 45.90 106.93 -35.15
N ARG DA 7 44.98 105.97 -35.09
CA ARG DA 7 44.34 105.63 -33.83
C ARG DA 7 45.36 105.15 -32.80
N VAL DA 8 46.08 104.07 -33.13
CA VAL DA 8 47.06 103.52 -32.20
C VAL DA 8 48.24 104.46 -32.00
N VAL DA 9 48.65 105.19 -33.04
CA VAL DA 9 49.75 106.15 -32.88
C VAL DA 9 49.35 107.27 -31.92
N ARG DA 10 48.15 107.81 -32.09
CA ARG DA 10 47.66 108.84 -31.18
C ARG DA 10 47.51 108.30 -29.77
N ARG DA 11 47.09 107.04 -29.64
CA ARG DA 11 47.02 106.42 -28.31
C ARG DA 11 48.39 106.34 -27.67
N VAL DA 12 49.40 105.94 -28.44
CA VAL DA 12 50.76 105.85 -27.93
C VAL DA 12 51.28 107.21 -27.50
N VAL DA 13 51.04 108.24 -28.31
CA VAL DA 13 51.47 109.58 -27.93
C VAL DA 13 50.71 110.09 -26.70
N GLN DA 14 49.41 109.81 -26.61
CA GLN DA 14 48.63 110.14 -25.42
C GLN DA 14 49.14 109.41 -24.18
N GLU DA 15 49.75 108.24 -24.35
CA GLU DA 15 50.40 107.54 -23.25
C GLU DA 15 51.64 108.27 -22.74
N LEU DA 16 51.92 109.46 -23.27
CA LEU DA 16 52.90 110.36 -22.70
C LEU DA 16 52.28 111.58 -22.05
N ASP DA 17 50.96 111.71 -22.08
CA ASP DA 17 50.24 112.85 -21.53
C ASP DA 17 50.78 114.17 -22.10
N HIS DA 18 50.94 114.20 -23.42
CA HIS DA 18 51.47 115.36 -24.14
C HIS DA 18 52.86 115.74 -23.63
N GLY DA 19 53.63 114.74 -23.18
CA GLY DA 19 54.97 114.99 -22.70
C GLY DA 19 56.00 114.98 -23.81
N GLY DA 20 56.66 116.11 -24.04
CA GLY DA 20 57.62 116.22 -25.11
C GLY DA 20 56.96 116.46 -26.46
N GLU DA 21 57.75 117.00 -27.39
CA GLU DA 21 57.25 117.26 -28.73
C GLU DA 21 56.84 115.96 -29.41
N PHE DA 22 57.82 115.11 -29.69
CA PHE DA 22 57.61 113.77 -30.25
C PHE DA 22 56.63 113.80 -31.42
N ILE DA 23 57.05 114.49 -32.47
CA ILE DA 23 56.26 114.63 -33.69
C ILE DA 23 55.87 113.25 -34.21
N PRO DA 24 54.59 112.89 -34.18
CA PRO DA 24 54.18 111.56 -34.65
C PRO DA 24 54.24 111.46 -36.16
N VAL DA 25 54.34 110.22 -36.63
CA VAL DA 25 54.39 109.94 -38.06
C VAL DA 25 53.03 109.42 -38.50
N THR DA 26 52.73 109.60 -39.77
CA THR DA 26 51.47 109.15 -40.36
C THR DA 26 51.67 108.19 -41.51
N SER DA 27 52.77 108.32 -42.25
CA SER DA 27 53.04 107.46 -43.40
C SER DA 27 53.97 106.34 -42.97
N LEU DA 28 53.47 105.10 -43.01
CA LEU DA 28 54.33 103.95 -42.77
C LEU DA 28 55.35 103.77 -43.88
N GLN DA 29 55.14 104.39 -45.03
CA GLN DA 29 56.20 104.48 -46.03
C GLN DA 29 57.30 105.42 -45.57
N SER DA 30 56.96 106.43 -44.78
CA SER DA 30 57.94 107.34 -44.20
C SER DA 30 58.34 106.93 -42.79
N SER DA 31 57.66 105.95 -42.19
CA SER DA 31 58.07 105.46 -40.88
C SER DA 31 59.45 104.83 -40.94
N THR DA 32 59.72 104.06 -41.99
CA THR DA 32 61.05 103.48 -42.17
C THR DA 32 62.08 104.52 -42.59
N GLY DA 33 61.64 105.63 -43.20
CA GLY DA 33 62.56 106.67 -43.61
C GLY DA 33 62.98 107.62 -42.51
N PHE DA 34 62.31 107.56 -41.36
CA PHE DA 34 62.65 108.43 -40.23
C PHE DA 34 63.62 107.68 -39.32
N GLN DA 35 64.89 107.72 -39.68
CA GLN DA 35 65.96 107.13 -38.88
C GLN DA 35 66.81 108.26 -38.30
N PRO DA 36 67.64 108.00 -37.30
CA PRO DA 36 68.54 109.05 -36.81
C PRO DA 36 69.50 109.50 -37.90
N TYR DA 37 69.90 110.77 -37.81
CA TYR DA 37 70.79 111.43 -38.75
C TYR DA 37 70.16 111.60 -40.13
N CYS DA 38 68.83 111.47 -40.24
CA CYS DA 38 68.13 111.66 -41.50
C CYS DA 38 67.61 113.09 -41.61
N LEU DA 39 67.63 113.62 -42.82
CA LEU DA 39 67.20 115.00 -43.06
C LEU DA 39 65.69 115.06 -43.21
N VAL DA 40 65.10 116.11 -42.65
CA VAL DA 40 63.68 116.40 -42.80
C VAL DA 40 63.53 117.84 -43.27
N VAL DA 41 62.59 118.06 -44.18
CA VAL DA 41 62.40 119.36 -44.82
C VAL DA 41 60.99 119.86 -44.50
N ARG DA 42 60.90 121.09 -44.00
CA ARG DA 42 59.62 121.71 -43.68
C ARG DA 42 59.58 123.12 -44.25
N LYS DA 43 58.46 123.47 -44.87
CA LYS DA 43 58.25 124.82 -45.36
C LYS DA 43 57.77 125.73 -44.24
N PRO DA 44 57.93 127.04 -44.37
CA PRO DA 44 57.43 127.96 -43.36
C PRO DA 44 55.91 127.89 -43.24
N SER DA 45 55.42 128.15 -42.03
CA SER DA 45 54.00 128.07 -41.73
C SER DA 45 53.22 129.13 -42.51
N SER DA 46 51.93 128.88 -42.70
CA SER DA 46 51.13 129.78 -43.53
C SER DA 46 50.78 131.05 -42.78
N SER DA 47 49.93 130.95 -41.76
CA SER DA 47 49.76 132.06 -40.82
C SER DA 47 50.05 131.65 -39.38
N TRP DA 48 49.21 130.81 -38.77
CA TRP DA 48 49.50 130.29 -37.44
C TRP DA 48 49.18 128.81 -37.30
N PHE DA 49 48.07 128.37 -37.91
CA PHE DA 49 47.50 127.07 -37.62
C PHE DA 49 47.51 126.10 -38.78
N TRP DA 50 47.64 126.58 -40.02
CA TRP DA 50 47.81 125.69 -41.17
C TRP DA 50 49.24 125.14 -41.09
N LYS DA 51 49.43 124.23 -40.15
CA LYS DA 51 50.76 123.75 -39.81
C LYS DA 51 51.38 123.01 -40.99
N PRO DA 52 52.55 123.42 -41.47
CA PRO DA 52 53.21 122.69 -42.56
C PRO DA 52 53.67 121.32 -42.08
N ARG DA 53 53.07 120.28 -42.65
CA ARG DA 53 53.40 118.92 -42.26
C ARG DA 53 54.84 118.60 -42.65
N TYR DA 54 55.54 117.91 -41.75
CA TYR DA 54 56.93 117.55 -41.99
C TYR DA 54 57.02 116.55 -43.13
N LYS DA 55 57.98 116.77 -44.03
CA LYS DA 55 58.17 115.92 -45.19
C LYS DA 55 59.49 115.18 -45.04
N CYS DA 56 59.42 113.86 -45.06
CA CYS DA 56 60.62 113.04 -44.90
C CYS DA 56 61.49 113.11 -46.14
N VAL DA 57 62.81 113.10 -45.92
CA VAL DA 57 63.79 113.01 -46.99
C VAL DA 57 64.70 111.82 -46.68
N ASN DA 58 64.76 110.87 -47.59
CA ASN DA 58 65.58 109.66 -47.40
C ASN DA 58 67.05 109.98 -47.66
N LEU DA 59 67.59 110.86 -46.83
CA LEU DA 59 68.95 111.36 -46.99
C LEU DA 59 69.60 111.48 -45.63
N SER DA 60 70.85 111.03 -45.51
CA SER DA 60 71.57 111.09 -44.26
C SER DA 60 72.56 112.27 -44.29
N ILE DA 61 73.26 112.47 -43.17
CA ILE DA 61 74.25 113.54 -43.08
C ILE DA 61 75.68 113.04 -43.31
N LYS DA 62 75.88 111.72 -43.38
CA LYS DA 62 77.22 111.18 -43.57
C LYS DA 62 77.82 111.62 -44.89
N ASP DA 63 77.02 111.64 -45.96
CA ASP DA 63 77.49 112.10 -47.26
C ASP DA 63 77.81 113.59 -47.31
N ILE DA 64 77.03 114.41 -46.59
CA ILE DA 64 77.23 115.86 -46.66
C ILE DA 64 78.63 116.24 -46.17
N LEU DA 65 79.06 115.68 -45.05
CA LEU DA 65 80.46 115.78 -44.65
C LEU DA 65 81.31 114.87 -45.54
N GLU DA 66 82.50 115.37 -45.91
CA GLU DA 66 83.22 114.76 -47.02
C GLU DA 66 83.65 113.31 -46.77
N PRO DA 67 84.25 112.95 -45.60
CA PRO DA 67 84.86 111.62 -45.53
C PRO DA 67 83.93 110.50 -45.07
N ASP DA 68 82.73 110.42 -45.65
CA ASP DA 68 81.90 109.21 -45.62
C ASP DA 68 81.74 108.67 -44.20
N ALA DA 69 81.01 109.43 -43.37
CA ALA DA 69 80.94 109.17 -41.94
C ALA DA 69 80.52 107.75 -41.59
N ALA DA 70 79.26 107.40 -41.87
CA ALA DA 70 78.71 106.10 -41.50
C ALA DA 70 78.98 105.77 -40.03
N GLU DA 71 78.75 106.77 -39.17
CA GLU DA 71 79.06 106.66 -37.74
C GLU DA 71 77.82 106.98 -36.91
N PRO DA 72 76.94 106.02 -36.67
CA PRO DA 72 75.83 106.24 -35.74
C PRO DA 72 76.28 106.06 -34.30
N ASP DA 73 75.74 106.91 -33.42
CA ASP DA 73 76.10 106.85 -32.01
C ASP DA 73 74.86 106.59 -31.15
N VAL DA 74 74.05 105.62 -31.55
CA VAL DA 74 72.85 105.27 -30.81
C VAL DA 74 73.24 104.47 -29.57
N GLN DA 75 72.81 104.94 -28.40
CA GLN DA 75 73.08 104.25 -27.14
C GLN DA 75 71.86 104.10 -26.26
N ARG DA 76 70.80 104.86 -26.50
CA ARG DA 76 69.58 104.78 -25.71
C ARG DA 76 68.81 103.52 -26.03
N GLY DA 77 68.19 102.93 -25.01
CA GLY DA 77 67.31 101.80 -25.23
C GLY DA 77 66.61 101.30 -23.98
N ARG DA 78 65.29 101.12 -24.09
CA ARG DA 78 64.48 100.49 -23.04
C ARG DA 78 63.45 99.60 -23.72
N SER DA 79 62.47 99.13 -22.93
CA SER DA 79 61.40 98.28 -23.45
C SER DA 79 60.15 98.51 -22.60
N PHE DA 80 59.23 99.34 -23.11
CA PHE DA 80 57.92 99.53 -22.50
C PHE DA 80 56.90 98.68 -23.24
N HIS DA 81 56.32 97.71 -22.55
CA HIS DA 81 55.31 96.83 -23.12
C HIS DA 81 53.92 97.40 -22.83
N PHE DA 82 53.13 97.60 -23.87
CA PHE DA 82 51.84 98.27 -23.76
C PHE DA 82 50.75 97.40 -24.37
N TYR DA 83 49.57 97.41 -23.74
CA TYR DA 83 48.43 96.64 -24.19
C TYR DA 83 47.17 97.40 -23.82
N ASP DA 84 46.13 97.24 -24.64
CA ASP DA 84 44.83 97.84 -24.34
C ASP DA 84 43.77 97.13 -25.15
N ALA DA 85 42.51 97.52 -24.93
CA ALA DA 85 41.37 96.96 -25.63
C ALA DA 85 40.23 97.96 -25.56
N MET DA 86 39.17 97.69 -26.33
CA MET DA 86 38.02 98.58 -26.38
C MET DA 86 36.88 97.86 -27.10
N ASP DA 87 35.66 98.09 -26.64
CA ASP DA 87 34.45 97.63 -27.32
C ASP DA 87 33.29 98.53 -26.91
N GLY DA 88 32.22 98.49 -27.69
CA GLY DA 88 31.07 99.32 -27.41
C GLY DA 88 29.86 98.84 -28.17
N GLN DA 89 28.69 99.36 -27.78
CA GLN DA 89 27.44 99.02 -28.44
C GLN DA 89 26.43 100.11 -28.14
N ILE DA 90 26.05 100.88 -29.16
CA ILE DA 90 25.02 101.89 -29.02
C ILE DA 90 23.85 101.49 -29.91
N GLN DA 91 22.66 101.97 -29.56
CA GLN DA 91 21.45 101.63 -30.30
C GLN DA 91 20.38 102.67 -30.02
N GLY DA 92 19.18 102.42 -30.53
CA GLY DA 92 18.07 103.31 -30.32
C GLY DA 92 16.84 102.82 -31.06
N SER DA 93 15.69 103.35 -30.64
CA SER DA 93 14.42 103.03 -31.27
C SER DA 93 13.45 104.17 -31.06
N VAL DA 94 12.64 104.44 -32.07
CA VAL DA 94 11.68 105.55 -32.04
C VAL DA 94 10.34 105.06 -32.55
N GLU DA 95 9.29 105.32 -31.77
CA GLU DA 95 7.92 105.02 -32.17
C GLU DA 95 7.23 106.36 -32.42
N LEU DA 96 7.33 106.83 -33.66
CA LEU DA 96 6.86 108.16 -34.03
C LEU DA 96 5.57 108.06 -34.83
N ALA DA 97 4.54 108.79 -34.37
CA ALA DA 97 3.24 108.76 -35.04
C ALA DA 97 2.64 110.13 -35.36
N ALA DA 98 2.88 111.15 -34.55
CA ALA DA 98 2.16 112.42 -34.72
C ALA DA 98 2.72 113.29 -35.85
N PRO DA 99 4.05 113.65 -35.86
CA PRO DA 99 4.55 114.67 -36.82
C PRO DA 99 4.53 114.19 -38.26
N GLY DA 100 3.35 113.85 -38.76
CA GLY DA 100 3.18 113.40 -40.12
C GLY DA 100 1.98 112.49 -40.26
N GLN DA 101 2.03 111.58 -41.24
CA GLN DA 101 0.98 110.57 -41.41
C GLN DA 101 1.55 109.17 -41.26
N ALA DA 102 2.61 109.01 -40.49
CA ALA DA 102 3.38 107.77 -40.43
C ALA DA 102 3.24 107.12 -39.06
N LYS DA 103 3.46 105.80 -39.05
CA LYS DA 103 3.63 105.01 -37.83
C LYS DA 103 5.01 104.35 -37.96
N ILE DA 104 6.04 105.08 -37.55
CA ILE DA 104 7.42 104.70 -37.83
C ILE DA 104 7.92 103.79 -36.71
N ALA DA 105 8.46 102.63 -37.09
CA ALA DA 105 9.09 101.70 -36.16
C ALA DA 105 10.48 101.38 -36.72
N GLY DA 106 11.48 102.16 -36.30
CA GLY DA 106 12.82 102.00 -36.80
C GLY DA 106 13.81 101.80 -35.66
N GLY DA 107 15.06 101.58 -36.04
CA GLY DA 107 16.11 101.36 -35.06
C GLY DA 107 17.48 101.51 -35.69
N ALA DA 108 18.49 101.43 -34.83
CA ALA DA 108 19.88 101.53 -35.27
C ALA DA 108 20.75 100.81 -34.25
N ALA DA 109 21.97 100.49 -34.66
CA ALA DA 109 22.91 99.80 -33.78
C ALA DA 109 24.32 99.91 -34.37
N VAL DA 110 25.26 100.35 -33.56
CA VAL DA 110 26.67 100.44 -33.94
C VAL DA 110 27.47 99.61 -32.94
N SER DA 111 28.29 98.70 -33.46
CA SER DA 111 29.12 97.85 -32.62
C SER DA 111 30.51 97.76 -33.25
N ASP DA 112 31.53 97.92 -32.40
CA ASP DA 112 32.91 97.90 -32.87
C ASP DA 112 33.82 97.48 -31.72
N SER DA 113 35.08 97.21 -32.06
CA SER DA 113 36.07 96.81 -31.07
C SER DA 113 37.45 97.13 -31.60
N SER DA 114 38.44 96.99 -30.71
CA SER DA 114 39.83 97.23 -31.07
C SER DA 114 40.73 96.48 -30.11
N SER DA 115 41.99 96.33 -30.50
CA SER DA 115 42.98 95.67 -29.66
C SER DA 115 44.37 96.10 -30.12
N THR DA 116 45.34 95.95 -29.22
CA THR DA 116 46.72 96.31 -29.52
C THR DA 116 47.62 95.73 -28.44
N SER DA 117 48.73 95.13 -28.86
CA SER DA 117 49.78 94.68 -27.97
C SER DA 117 51.11 95.01 -28.62
N MET DA 118 51.95 95.77 -27.92
CA MET DA 118 53.11 96.37 -28.58
C MET DA 118 54.16 96.73 -27.54
N ASN DA 119 55.39 96.90 -28.02
CA ASN DA 119 56.52 97.31 -27.21
C ASN DA 119 57.05 98.65 -27.70
N VAL DA 120 57.82 99.32 -26.86
CA VAL DA 120 58.37 100.63 -27.19
C VAL DA 120 59.85 100.66 -26.85
N TYR DA 121 60.67 101.06 -27.81
CA TYR DA 121 62.07 101.35 -27.61
C TYR DA 121 62.30 102.85 -27.84
N SER DA 122 63.56 103.29 -27.77
CA SER DA 122 63.88 104.68 -27.99
C SER DA 122 65.36 104.83 -28.27
N LEU DA 123 65.69 105.54 -29.35
CA LEU DA 123 67.07 105.84 -29.70
C LEU DA 123 67.24 107.36 -29.81
N SER DA 124 68.46 107.83 -29.53
CA SER DA 124 68.74 109.25 -29.55
C SER DA 124 70.19 109.46 -29.99
N VAL DA 125 70.60 110.72 -30.04
CA VAL DA 125 71.96 111.10 -30.40
C VAL DA 125 72.44 112.15 -29.40
N ASP DA 126 73.67 111.98 -28.92
CA ASP DA 126 74.19 112.85 -27.87
C ASP DA 126 74.67 114.17 -28.48
N PRO DA 127 74.48 115.29 -27.77
CA PRO DA 127 75.02 116.57 -28.28
C PRO DA 127 76.52 116.57 -28.42
N ASN DA 128 77.25 115.80 -27.60
CA ASN DA 128 78.70 115.68 -27.77
C ASN DA 128 79.08 115.16 -29.14
N THR DA 129 78.34 114.18 -29.65
CA THR DA 129 78.58 113.70 -31.01
C THR DA 129 78.38 114.80 -32.03
N TRP DA 130 77.34 115.63 -31.84
CA TRP DA 130 77.13 116.76 -32.74
C TRP DA 130 78.31 117.72 -32.70
N GLN DA 131 78.80 118.03 -31.50
CA GLN DA 131 79.94 118.94 -31.36
C GLN DA 131 81.19 118.40 -32.03
N THR DA 132 81.54 117.15 -31.77
CA THR DA 132 82.75 116.58 -32.37
C THR DA 132 82.58 116.40 -33.87
N LEU DA 133 81.36 116.12 -34.33
CA LEU DA 133 81.10 116.04 -35.76
C LEU DA 133 81.32 117.38 -36.45
N LEU DA 134 80.82 118.46 -35.83
CA LEU DA 134 80.99 119.78 -36.41
C LEU DA 134 82.46 120.21 -36.43
N HIS DA 135 83.21 119.94 -35.35
CA HIS DA 135 84.63 120.30 -35.39
C HIS DA 135 85.47 119.45 -36.33
N GLU DA 136 85.32 118.12 -36.30
CA GLU DA 136 86.28 117.27 -37.01
C GLU DA 136 86.17 117.45 -38.52
N ARG DA 137 84.95 117.49 -39.03
CA ARG DA 137 84.67 117.37 -40.44
C ARG DA 137 83.61 118.39 -40.87
N HIS DA 138 83.76 118.89 -42.09
CA HIS DA 138 83.06 120.08 -42.55
C HIS DA 138 82.19 119.76 -43.77
N LEU DA 139 81.68 120.80 -44.40
CA LEU DA 139 80.73 120.67 -45.50
C LEU DA 139 81.44 120.62 -46.84
N ARG DA 140 80.96 119.75 -47.73
CA ARG DA 140 81.32 119.79 -49.15
C ARG DA 140 80.55 120.93 -49.79
N GLN DA 141 81.19 122.10 -49.88
CA GLN DA 141 80.52 123.27 -50.42
C GLN DA 141 80.07 123.11 -51.88
N PRO DA 142 80.69 122.24 -52.74
CA PRO DA 142 80.11 121.96 -54.06
C PRO DA 142 79.05 120.85 -54.02
N GLU DA 143 78.13 120.94 -53.06
CA GLU DA 143 77.04 119.98 -52.94
C GLU DA 143 75.74 120.76 -52.81
N HIS DA 144 75.11 121.05 -53.95
CA HIS DA 144 73.80 121.69 -53.97
C HIS DA 144 72.83 121.07 -54.95
N LYS DA 145 73.26 120.11 -55.77
CA LYS DA 145 72.34 119.46 -56.70
C LYS DA 145 71.18 118.79 -55.98
N VAL DA 146 71.34 118.49 -54.69
CA VAL DA 146 70.21 118.11 -53.84
C VAL DA 146 69.75 119.27 -52.97
N LEU DA 147 70.50 120.37 -52.93
CA LEU DA 147 70.20 121.51 -52.08
C LEU DA 147 69.89 122.80 -52.83
N GLN DA 148 70.37 122.95 -54.07
CA GLN DA 148 70.13 124.19 -54.81
C GLN DA 148 68.65 124.39 -55.08
N GLN DA 149 67.94 123.32 -55.47
CA GLN DA 149 66.49 123.40 -55.55
C GLN DA 149 65.89 123.66 -54.17
N LEU DA 150 66.42 123.00 -53.14
CA LEU DA 150 66.01 123.29 -51.78
C LEU DA 150 66.38 124.71 -51.37
N ARG DA 151 67.49 125.23 -51.90
CA ARG DA 151 67.84 126.63 -51.67
C ARG DA 151 66.82 127.57 -52.30
N SER DA 152 66.38 127.26 -53.52
CA SER DA 152 65.34 128.06 -54.16
C SER DA 152 64.04 128.00 -53.39
N ARG DA 153 63.66 126.82 -52.91
CA ARG DA 153 62.50 126.72 -52.03
C ARG DA 153 62.75 127.45 -50.73
N GLY DA 154 63.98 127.40 -50.22
CA GLY DA 154 64.32 128.05 -48.98
C GLY DA 154 63.77 127.39 -47.73
N ASP DA 155 63.27 126.17 -47.85
CA ASP DA 155 62.69 125.48 -46.71
C ASP DA 155 63.75 125.16 -45.67
N ASN DA 156 63.40 125.37 -44.40
CA ASN DA 156 64.29 125.05 -43.31
C ASN DA 156 64.47 123.54 -43.21
N VAL DA 157 65.71 123.10 -43.06
CA VAL DA 157 66.05 121.69 -43.05
C VAL DA 157 66.28 121.26 -41.61
N TYR DA 158 65.78 120.07 -41.27
CA TYR DA 158 65.88 119.51 -39.93
C TYR DA 158 66.55 118.15 -39.99
N VAL DA 159 67.29 117.84 -38.94
CA VAL DA 159 67.85 116.51 -38.75
C VAL DA 159 67.10 115.83 -37.62
N VAL DA 160 67.18 114.50 -37.60
CA VAL DA 160 66.47 113.70 -36.63
C VAL DA 160 67.41 113.44 -35.46
N THR DA 161 66.96 113.80 -34.25
CA THR DA 161 67.77 113.63 -33.05
C THR DA 161 67.27 112.52 -32.15
N GLU DA 162 66.01 112.13 -32.25
CA GLU DA 162 65.46 111.06 -31.43
C GLU DA 162 64.43 110.29 -32.25
N VAL DA 163 64.42 108.97 -32.07
CA VAL DA 163 63.44 108.11 -32.73
C VAL DA 163 62.86 107.16 -31.69
N LEU DA 164 61.55 106.97 -31.74
CA LEU DA 164 60.85 105.98 -30.95
C LEU DA 164 60.36 104.91 -31.91
N GLN DA 165 61.08 103.79 -31.97
CA GLN DA 165 60.75 102.71 -32.88
C GLN DA 165 60.36 101.47 -32.09
N THR DA 166 59.64 100.57 -32.75
CA THR DA 166 59.20 99.31 -32.15
C THR DA 166 59.77 98.16 -32.97
N GLN DA 167 60.46 97.24 -32.30
CA GLN DA 167 60.94 96.02 -32.95
C GLN DA 167 60.37 94.81 -32.20
N LYS DA 168 59.15 94.44 -32.58
CA LYS DA 168 58.38 93.25 -32.23
C LYS DA 168 57.25 93.13 -33.23
N GLU DA 169 56.71 91.91 -33.34
CA GLU DA 169 55.61 91.64 -34.28
C GLU DA 169 54.31 92.11 -33.63
N VAL DA 170 53.91 93.34 -33.92
CA VAL DA 170 52.73 93.93 -33.32
C VAL DA 170 51.56 93.83 -34.28
N GLU DA 171 50.35 93.89 -33.73
CA GLU DA 171 49.15 93.71 -34.54
C GLU DA 171 48.05 94.64 -34.04
N VAL DA 172 47.10 94.92 -34.94
CA VAL DA 172 45.86 95.62 -34.59
C VAL DA 172 44.71 94.88 -35.27
N THR DA 173 43.62 94.69 -34.54
CA THR DA 173 42.46 93.94 -35.04
C THR DA 173 41.20 94.75 -34.74
N ARG DA 174 40.67 95.43 -35.74
CA ARG DA 174 39.45 96.20 -35.61
C ARG DA 174 38.28 95.51 -36.27
N THR DA 175 37.09 95.72 -35.70
CA THR DA 175 35.82 95.32 -36.29
C THR DA 175 34.87 96.50 -36.19
N HIS DA 176 33.79 96.46 -36.98
CA HIS DA 176 32.85 97.58 -37.02
C HIS DA 176 31.56 97.13 -37.69
N LYS DA 177 30.43 97.52 -37.10
CA LYS DA 177 29.12 97.14 -37.63
C LYS DA 177 28.25 98.38 -37.70
N ARG DA 178 27.29 98.36 -38.62
CA ARG DA 178 26.25 99.38 -38.72
C ARG DA 178 24.94 98.69 -39.12
N GLU DA 179 23.97 98.70 -38.22
CA GLU DA 179 22.69 98.02 -38.44
C GLU DA 179 21.57 99.04 -38.36
N GLY DA 180 20.99 99.38 -39.50
CA GLY DA 180 19.86 100.28 -39.56
C GLY DA 180 18.61 99.53 -40.00
N SER DA 181 17.48 99.94 -39.42
CA SER DA 181 16.21 99.28 -39.72
C SER DA 181 15.09 100.31 -39.67
N GLY DA 182 13.97 99.98 -40.29
CA GLY DA 182 12.82 100.86 -40.31
C GLY DA 182 11.56 100.19 -40.83
N ARG DA 183 10.44 100.38 -40.13
CA ARG DA 183 9.15 99.86 -40.54
C ARG DA 183 8.17 101.01 -40.61
N PHE DA 184 7.74 101.36 -41.81
CA PHE DA 184 6.93 102.55 -42.06
C PHE DA 184 5.52 102.14 -42.45
N SER DA 185 4.54 102.65 -41.71
CA SER DA 185 3.13 102.57 -42.07
C SER DA 185 2.64 104.01 -42.19
N LEU DA 186 2.78 104.58 -43.39
CA LEU DA 186 2.60 106.02 -43.59
C LEU DA 186 1.58 106.27 -44.70
N PRO DA 187 0.28 106.19 -44.39
CA PRO DA 187 -0.74 106.51 -45.40
C PRO DA 187 -0.76 108.00 -45.72
N GLY DA 188 -0.26 108.37 -46.89
CA GLY DA 188 -0.20 109.77 -47.28
C GLY DA 188 -0.58 110.00 -48.72
N ALA DA 189 0.28 110.71 -49.46
CA ALA DA 189 0.03 111.05 -50.86
C ALA DA 189 0.81 110.18 -51.83
N THR DA 190 2.05 109.79 -51.50
CA THR DA 190 2.88 109.01 -52.38
C THR DA 190 2.95 107.53 -52.02
N CYS DA 191 2.79 107.17 -50.74
CA CYS DA 191 2.84 105.79 -50.30
C CYS DA 191 1.90 105.62 -49.11
N GLU DA 192 1.65 104.37 -48.74
CA GLU DA 192 0.94 104.06 -47.50
C GLU DA 192 1.76 103.18 -46.58
N GLN DA 193 2.68 102.39 -47.13
CA GLN DA 193 3.49 101.47 -46.35
C GLN DA 193 4.84 101.31 -47.02
N GLY DA 194 5.86 101.04 -46.21
CA GLY DA 194 7.20 100.83 -46.74
C GLY DA 194 8.14 100.33 -45.68
N GLU DA 195 9.23 99.72 -46.13
CA GLU DA 195 10.26 99.19 -45.25
C GLU DA 195 11.63 99.46 -45.86
N GLY DA 196 12.58 99.82 -45.01
CA GLY DA 196 13.94 100.07 -45.45
C GLY DA 196 14.96 99.75 -44.38
N GLN DA 197 15.94 98.93 -44.71
CA GLN DA 197 16.95 98.52 -43.75
C GLN DA 197 18.22 98.09 -44.48
N GLY DA 198 19.33 98.10 -43.75
CA GLY DA 198 20.59 97.64 -44.29
C GLY DA 198 21.65 97.49 -43.22
N HIS DA 199 22.31 96.34 -43.19
CA HIS DA 199 23.32 96.06 -42.18
C HIS DA 199 24.59 95.55 -42.87
N LEU DA 200 25.73 96.01 -42.39
CA LEU DA 200 27.01 95.60 -42.95
C LEU DA 200 28.02 95.46 -41.83
N SER DA 201 28.85 94.41 -41.91
CA SER DA 201 29.97 94.25 -41.02
C SER DA 201 31.24 94.73 -41.69
N GLN DA 202 32.34 94.67 -40.94
CA GLN DA 202 33.64 95.10 -41.45
C GLN DA 202 34.72 94.60 -40.50
N LYS DA 203 35.94 94.50 -41.02
CA LYS DA 203 37.07 94.02 -40.23
C LYS DA 203 38.34 94.35 -40.98
N LYS DA 204 39.43 94.51 -40.22
CA LYS DA 204 40.75 94.64 -40.81
C LYS DA 204 41.78 94.17 -39.81
N THR DA 205 43.00 93.93 -40.29
CA THR DA 205 44.07 93.41 -39.45
C THR DA 205 45.40 93.75 -40.12
N VAL DA 206 46.22 94.55 -39.44
CA VAL DA 206 47.53 94.94 -39.94
C VAL DA 206 48.58 94.48 -38.95
N THR DA 207 49.76 94.15 -39.47
CA THR DA 207 50.90 93.76 -38.64
C THR DA 207 52.08 94.65 -39.00
N ILE DA 208 52.53 95.46 -38.05
CA ILE DA 208 53.66 96.36 -38.26
C ILE DA 208 54.94 95.61 -37.93
N PRO DA 209 55.90 95.55 -38.85
CA PRO DA 209 57.13 94.79 -38.62
C PRO DA 209 58.07 95.50 -37.65
N SER DA 210 59.17 94.81 -37.35
CA SER DA 210 60.15 95.32 -36.40
C SER DA 210 60.85 96.56 -36.94
N GLY DA 211 61.30 97.41 -36.01
CA GLY DA 211 62.10 98.58 -36.36
C GLY DA 211 61.36 99.64 -37.15
N SER DA 212 60.14 99.97 -36.75
CA SER DA 212 59.33 100.99 -37.40
C SER DA 212 59.22 102.20 -36.49
N THR DA 213 59.64 103.36 -36.99
CA THR DA 213 59.62 104.57 -36.19
C THR DA 213 58.19 105.08 -36.00
N LEU DA 214 57.83 105.36 -34.76
CA LEU DA 214 56.51 105.86 -34.42
C LEU DA 214 56.48 107.38 -34.25
N ALA DA 215 57.53 107.96 -33.71
CA ALA DA 215 57.60 109.41 -33.50
C ALA DA 215 59.06 109.82 -33.54
N PHE DA 216 59.30 111.12 -33.61
CA PHE DA 216 60.65 111.64 -33.75
C PHE DA 216 60.70 113.08 -33.28
N ARG DA 217 61.91 113.56 -33.03
CA ARG DA 217 62.17 114.94 -32.68
C ARG DA 217 63.26 115.47 -33.60
N VAL DA 218 63.19 116.77 -33.90
CA VAL DA 218 64.04 117.38 -34.92
C VAL DA 218 65.05 118.29 -34.24
N ALA DA 219 66.01 118.75 -35.04
CA ALA DA 219 67.05 119.67 -34.59
C ALA DA 219 67.43 120.56 -35.75
N GLN DA 220 66.94 121.79 -35.74
CA GLN DA 220 67.15 122.71 -36.85
C GLN DA 220 68.61 123.09 -36.99
N LEU DA 221 69.05 123.28 -38.24
CA LEU DA 221 70.38 123.76 -38.54
C LEU DA 221 70.28 124.95 -39.50
N VAL DA 222 71.42 125.62 -39.70
CA VAL DA 222 71.49 126.83 -40.52
C VAL DA 222 72.54 126.64 -41.59
N ILE DA 223 72.21 127.05 -42.82
CA ILE DA 223 73.13 126.98 -43.96
C ILE DA 223 73.17 128.38 -44.56
N ASP DA 224 74.16 129.18 -44.16
CA ASP DA 224 74.43 130.45 -44.81
C ASP DA 224 75.74 130.44 -45.57
N SER DA 225 76.82 130.02 -44.92
CA SER DA 225 78.10 129.77 -45.55
C SER DA 225 78.65 128.38 -45.23
N ASP DA 226 78.40 127.87 -44.02
CA ASP DA 226 78.83 126.55 -43.61
C ASP DA 226 77.73 125.95 -42.74
N LEU DA 227 77.90 124.68 -42.38
CA LEU DA 227 76.88 123.96 -41.63
C LEU DA 227 77.07 124.14 -40.13
N ASP DA 228 75.96 124.28 -39.43
CA ASP DA 228 75.95 124.35 -37.97
C ASP DA 228 74.53 124.06 -37.49
N VAL DA 229 74.42 123.14 -36.53
CA VAL DA 229 73.12 122.68 -36.05
C VAL DA 229 72.83 123.36 -34.71
N LEU DA 230 71.62 123.87 -34.58
CA LEU DA 230 71.13 124.44 -33.33
C LEU DA 230 70.12 123.46 -32.74
N LEU DA 231 70.49 122.83 -31.62
CA LEU DA 231 69.63 121.81 -31.02
C LEU DA 231 68.29 122.36 -30.60
N PHE DA 232 68.19 123.67 -30.37
CA PHE DA 232 66.93 124.31 -29.98
C PHE DA 232 67.01 125.80 -30.32
N PRO DA 233 66.66 126.16 -31.55
CA PRO DA 233 66.66 127.57 -31.95
C PRO DA 233 65.35 128.27 -31.66
N ASP DA 234 65.24 129.52 -32.09
CA ASP DA 234 64.00 130.28 -31.97
C ASP DA 234 63.19 130.18 -33.25
N LYS DA 235 61.94 130.63 -33.16
CA LYS DA 235 61.03 130.56 -34.30
C LYS DA 235 61.46 131.56 -35.37
N LYS DA 236 61.08 131.25 -36.62
CA LYS DA 236 61.42 132.07 -37.78
C LYS DA 236 62.94 132.21 -37.94
N GLN DA 237 63.66 131.14 -37.62
CA GLN DA 237 65.10 131.07 -37.84
C GLN DA 237 65.31 130.43 -39.21
N ARG DA 238 65.47 131.27 -40.23
CA ARG DA 238 65.58 130.79 -41.60
C ARG DA 238 66.94 130.13 -41.82
N THR DA 239 66.92 128.91 -42.37
CA THR DA 239 68.16 128.19 -42.61
C THR DA 239 69.01 128.89 -43.67
N PHE DA 240 68.41 129.25 -44.79
CA PHE DA 240 69.08 129.92 -45.88
C PHE DA 240 68.94 131.44 -45.70
N GLN DA 241 69.33 132.19 -46.72
CA GLN DA 241 69.21 133.65 -46.69
C GLN DA 241 68.07 134.12 -47.59
N SER EA 3 35.66 96.62 -61.01
CA SER EA 3 36.99 96.53 -61.61
C SER EA 3 37.85 95.50 -60.89
N ALA EA 4 37.52 95.24 -59.63
CA ALA EA 4 38.20 94.27 -58.78
C ALA EA 4 39.66 94.64 -58.54
N PHE EA 5 40.08 95.81 -59.01
CA PHE EA 5 41.42 96.33 -58.77
C PHE EA 5 41.41 97.66 -58.04
N GLU EA 6 40.59 98.61 -58.49
CA GLU EA 6 40.52 99.90 -57.81
C GLU EA 6 39.98 99.78 -56.39
N ARG EA 7 39.18 98.75 -56.11
CA ARG EA 7 38.73 98.52 -54.74
C ARG EA 7 39.91 98.28 -53.80
N VAL EA 8 40.69 97.24 -54.07
CA VAL EA 8 41.80 96.90 -53.19
C VAL EA 8 42.91 97.94 -53.26
N VAL EA 9 43.16 98.52 -54.44
CA VAL EA 9 44.18 99.56 -54.54
C VAL EA 9 43.78 100.79 -53.73
N ARG EA 10 42.52 101.20 -53.83
CA ARG EA 10 42.04 102.32 -53.04
C ARG EA 10 42.12 102.01 -51.56
N ARG EA 11 41.81 100.77 -51.16
CA ARG EA 11 41.97 100.39 -49.76
C ARG EA 11 43.42 100.51 -49.31
N VAL EA 12 44.36 100.03 -50.12
CA VAL EA 12 45.76 100.07 -49.74
C VAL EA 12 46.24 101.52 -49.61
N VAL EA 13 45.87 102.38 -50.56
CA VAL EA 13 46.27 103.78 -50.47
C VAL EA 13 45.61 104.48 -49.28
N GLN EA 14 44.34 104.18 -48.99
CA GLN EA 14 43.67 104.73 -47.82
C GLN EA 14 44.24 104.19 -46.52
N GLU EA 15 44.94 103.05 -46.56
CA GLU EA 15 45.63 102.53 -45.39
C GLU EA 15 46.93 103.28 -45.10
N LEU EA 16 47.14 104.43 -45.72
CA LEU EA 16 48.21 105.34 -45.35
C LEU EA 16 47.71 106.67 -44.85
N ASP EA 17 46.40 106.82 -44.67
CA ASP EA 17 45.77 108.08 -44.28
C ASP EA 17 46.24 109.22 -45.20
N HIS EA 18 46.09 108.99 -46.51
CA HIS EA 18 46.53 109.91 -47.56
C HIS EA 18 47.92 110.48 -47.30
N GLY EA 19 48.79 109.67 -46.70
CA GLY EA 19 50.16 110.06 -46.46
C GLY EA 19 51.09 109.58 -47.56
N GLY EA 20 51.98 110.44 -48.04
CA GLY EA 20 52.83 110.13 -49.15
C GLY EA 20 52.08 110.17 -50.47
N GLU EA 21 52.79 110.59 -51.51
CA GLU EA 21 52.17 110.77 -52.82
C GLU EA 21 51.61 109.47 -53.35
N PHE EA 22 52.51 108.54 -53.70
CA PHE EA 22 52.14 107.19 -54.17
C PHE EA 22 50.99 107.23 -55.17
N ILE EA 23 51.26 107.85 -56.31
CA ILE EA 23 50.31 107.85 -57.42
C ILE EA 23 49.90 106.42 -57.70
N PRO EA 24 48.66 106.04 -57.42
CA PRO EA 24 48.25 104.63 -57.54
C PRO EA 24 48.20 104.18 -58.98
N VAL EA 25 48.39 102.87 -59.16
CA VAL EA 25 48.34 102.26 -60.47
C VAL EA 25 46.92 101.76 -60.72
N THR EA 26 46.49 101.86 -61.96
CA THR EA 26 45.17 101.39 -62.38
C THR EA 26 45.25 100.31 -63.44
N SER EA 27 46.27 100.35 -64.31
CA SER EA 27 46.47 99.34 -65.33
C SER EA 27 47.24 98.17 -64.73
N LEU EA 28 46.63 96.98 -64.73
CA LEU EA 28 47.36 95.79 -64.31
C LEU EA 28 48.58 95.52 -65.17
N GLN EA 29 48.50 95.83 -66.47
CA GLN EA 29 49.65 95.66 -67.34
C GLN EA 29 50.77 96.63 -67.00
N SER EA 30 50.43 97.82 -66.52
CA SER EA 30 51.41 98.83 -66.17
C SER EA 30 52.02 98.60 -64.79
N SER EA 31 51.50 97.65 -64.03
CA SER EA 31 52.09 97.31 -62.74
C SER EA 31 53.52 96.78 -62.91
N THR EA 32 53.72 95.92 -63.91
CA THR EA 32 55.06 95.41 -64.19
C THR EA 32 55.95 96.44 -64.86
N GLY EA 33 55.36 97.43 -65.54
CA GLY EA 33 56.16 98.48 -66.16
C GLY EA 33 56.66 99.52 -65.19
N PHE EA 34 56.07 99.62 -64.01
CA PHE EA 34 56.49 100.59 -63.01
C PHE EA 34 57.58 99.97 -62.15
N GLN EA 35 58.83 100.21 -62.54
CA GLN EA 35 60.00 99.71 -61.83
C GLN EA 35 60.94 100.89 -61.58
N PRO EA 36 61.88 100.77 -60.63
CA PRO EA 36 62.80 101.89 -60.40
C PRO EA 36 63.62 102.22 -61.64
N TYR EA 37 63.97 103.50 -61.76
CA TYR EA 37 64.74 104.04 -62.88
C TYR EA 37 64.01 103.92 -64.22
N CYS EA 38 62.70 103.73 -64.19
CA CYS EA 38 61.91 103.67 -65.42
C CYS EA 38 61.33 105.03 -65.75
N LEU EA 39 61.03 105.25 -67.02
CA LEU EA 39 60.50 106.52 -67.50
C LEU EA 39 58.97 106.49 -67.49
N VAL EA 40 58.37 107.61 -67.08
CA VAL EA 40 56.93 107.80 -67.17
C VAL EA 40 56.69 109.17 -67.78
N VAL EA 41 55.61 109.29 -68.56
CA VAL EA 41 55.30 110.48 -69.33
C VAL EA 41 53.94 111.01 -68.87
N ARG EA 42 53.89 112.29 -68.53
CA ARG EA 42 52.65 112.94 -68.11
C ARG EA 42 52.53 114.28 -68.84
N LYS EA 43 51.48 114.40 -69.64
CA LYS EA 43 51.22 115.63 -70.39
C LYS EA 43 50.68 116.72 -69.47
N PRO EA 44 50.89 117.99 -69.82
CA PRO EA 44 50.42 119.08 -68.95
C PRO EA 44 48.92 119.06 -68.77
N SER EA 45 48.49 119.43 -67.57
CA SER EA 45 47.07 119.44 -67.21
C SER EA 45 46.31 120.43 -68.08
N SER EA 46 45.00 120.21 -68.19
CA SER EA 46 44.20 121.03 -69.10
C SER EA 46 43.94 122.42 -68.52
N SER EA 47 43.13 122.50 -67.46
CA SER EA 47 43.04 123.74 -66.69
C SER EA 47 43.40 123.54 -65.23
N TRP EA 48 42.57 122.81 -64.47
CA TRP EA 48 42.91 122.48 -63.09
C TRP EA 48 42.59 121.04 -62.72
N PHE EA 49 41.47 120.52 -63.22
CA PHE EA 49 40.91 119.28 -62.72
C PHE EA 49 40.84 118.16 -63.74
N TRP EA 50 41.10 118.42 -65.02
CA TRP EA 50 41.29 117.36 -65.99
C TRP EA 50 42.69 116.78 -65.75
N LYS EA 51 42.80 116.00 -64.69
CA LYS EA 51 44.09 115.51 -64.24
C LYS EA 51 44.68 114.56 -65.28
N PRO EA 52 45.85 114.87 -65.84
CA PRO EA 52 46.47 113.97 -66.82
C PRO EA 52 46.98 112.71 -66.14
N ARG EA 53 46.37 111.58 -66.48
CA ARG EA 53 46.78 110.31 -65.90
C ARG EA 53 48.16 109.92 -66.39
N TYR EA 54 49.00 109.46 -65.47
CA TYR EA 54 50.37 109.08 -65.81
C TYR EA 54 50.38 107.88 -66.74
N LYS EA 55 51.20 107.97 -67.78
CA LYS EA 55 51.36 106.89 -68.75
C LYS EA 55 52.79 106.37 -68.67
N CYS EA 56 52.93 105.12 -68.22
CA CYS EA 56 54.26 104.55 -68.04
C CYS EA 56 54.89 104.22 -69.39
N VAL EA 57 56.22 104.34 -69.43
CA VAL EA 57 57.00 103.94 -70.59
C VAL EA 57 57.97 102.86 -70.14
N ASN EA 58 57.98 101.73 -70.87
CA ASN EA 58 58.83 100.60 -70.53
C ASN EA 58 60.27 100.87 -70.96
N LEU EA 59 60.85 101.91 -70.36
CA LEU EA 59 62.16 102.41 -70.77
C LEU EA 59 62.96 102.79 -69.52
N SER EA 60 64.20 102.29 -69.44
CA SER EA 60 65.06 102.54 -68.29
C SER EA 60 65.98 103.73 -68.55
N ILE EA 61 66.78 104.08 -67.55
CA ILE EA 61 67.71 105.21 -67.69
C ILE EA 61 69.15 104.77 -67.93
N LYS EA 62 69.45 103.48 -67.80
CA LYS EA 62 70.81 103.00 -68.03
C LYS EA 62 71.25 103.20 -69.47
N ASP EA 63 70.29 103.34 -70.39
CA ASP EA 63 70.56 103.42 -71.81
C ASP EA 63 70.66 104.83 -72.34
N ILE EA 64 69.89 105.77 -71.78
CA ILE EA 64 69.92 107.15 -72.26
C ILE EA 64 71.30 107.77 -72.00
N LEU EA 65 71.95 107.39 -70.90
CA LEU EA 65 73.37 107.61 -70.70
C LEU EA 65 74.16 106.45 -71.31
N GLU EA 66 75.41 106.74 -71.72
CA GLU EA 66 76.06 105.87 -72.70
C GLU EA 66 76.57 104.55 -72.12
N PRO EA 67 77.47 104.52 -71.12
CA PRO EA 67 78.25 103.29 -70.92
C PRO EA 67 77.60 102.23 -70.04
N ASP EA 68 76.29 102.04 -70.20
CA ASP EA 68 75.56 100.81 -69.87
C ASP EA 68 76.05 100.14 -68.58
N ALA EA 69 76.10 100.92 -67.50
CA ALA EA 69 76.50 100.35 -66.22
C ALA EA 69 75.43 99.40 -65.68
N ALA EA 70 74.16 99.83 -65.73
CA ALA EA 70 73.04 99.05 -65.23
C ALA EA 70 73.24 98.65 -63.77
N GLU EA 71 73.28 99.66 -62.89
CA GLU EA 71 73.54 99.48 -61.47
C GLU EA 71 72.32 99.89 -60.65
N PRO EA 72 71.47 98.93 -60.27
CA PRO EA 72 70.36 99.26 -59.36
C PRO EA 72 70.83 99.28 -57.91
N ASP EA 73 70.30 100.24 -57.16
CA ASP EA 73 70.70 100.40 -55.77
C ASP EA 73 69.50 100.28 -54.83
N VAL EA 74 68.67 99.26 -55.06
CA VAL EA 74 67.53 99.01 -54.18
C VAL EA 74 68.01 98.38 -52.90
N GLN EA 75 67.70 99.02 -51.76
CA GLN EA 75 68.13 98.54 -50.46
C GLN EA 75 67.01 98.52 -49.43
N ARG EA 76 65.91 99.22 -49.66
CA ARG EA 76 64.80 99.29 -48.72
C ARG EA 76 63.93 98.05 -48.82
N GLY EA 77 63.47 97.56 -47.67
CA GLY EA 77 62.54 96.46 -47.64
C GLY EA 77 61.95 96.18 -46.27
N ARG EA 78 60.63 96.11 -46.20
CA ARG EA 78 59.91 95.77 -44.98
C ARG EA 78 58.81 94.78 -45.31
N SER EA 79 58.06 94.38 -44.29
CA SER EA 79 56.99 93.38 -44.46
C SER EA 79 55.77 93.81 -43.65
N PHE EA 80 54.87 94.56 -44.30
CA PHE EA 80 53.56 94.84 -43.72
C PHE EA 80 52.58 93.77 -44.17
N HIS EA 81 51.97 93.08 -43.21
CA HIS EA 81 50.95 92.09 -43.50
C HIS EA 81 49.59 92.71 -43.24
N PHE EA 82 48.77 92.79 -44.29
CA PHE EA 82 47.50 93.50 -44.22
C PHE EA 82 46.37 92.54 -44.55
N TYR EA 83 45.25 92.69 -43.84
CA TYR EA 83 44.10 91.82 -44.00
C TYR EA 83 42.84 92.62 -43.73
N ASP EA 84 41.74 92.24 -44.37
CA ASP EA 84 40.46 92.92 -44.20
C ASP EA 84 39.35 92.08 -44.81
N ALA EA 85 38.13 92.56 -44.68
CA ALA EA 85 36.96 91.90 -45.22
C ALA EA 85 35.82 92.90 -45.32
N MET EA 86 34.67 92.44 -45.81
CA MET EA 86 33.45 93.22 -45.87
C MET EA 86 32.30 92.30 -46.24
N ASP EA 87 31.10 92.64 -45.76
CA ASP EA 87 29.87 92.06 -46.25
C ASP EA 87 28.73 93.04 -45.99
N GLY EA 88 27.62 92.85 -46.70
CA GLY EA 88 26.49 93.75 -46.54
C GLY EA 88 25.20 93.08 -46.97
N GLN EA 89 24.09 93.70 -46.59
CA GLN EA 89 22.76 93.19 -46.98
C GLN EA 89 21.79 94.35 -46.91
N ILE EA 90 21.35 94.84 -48.07
CA ILE EA 90 20.37 95.91 -48.15
C ILE EA 90 19.14 95.39 -48.89
N GLN EA 91 17.98 95.57 -48.27
CA GLN EA 91 16.73 95.10 -48.84
C GLN EA 91 15.66 96.17 -48.66
N GLY EA 92 14.45 95.83 -49.08
CA GLY EA 92 13.33 96.75 -48.94
C GLY EA 92 12.04 96.08 -49.35
N SER EA 93 10.94 96.68 -48.91
CA SER EA 93 9.61 96.20 -49.24
C SER EA 93 8.61 97.33 -49.13
N VAL EA 94 7.74 97.44 -50.13
CA VAL EA 94 6.75 98.51 -50.18
C VAL EA 94 5.40 97.90 -50.56
N GLU EA 95 4.39 98.12 -49.72
CA GLU EA 95 3.02 97.70 -50.00
C GLU EA 95 2.26 99.00 -50.31
N LEU EA 96 2.19 99.34 -51.59
CA LEU EA 96 1.66 100.62 -52.04
C LEU EA 96 0.31 100.43 -52.71
N ALA EA 97 -0.67 101.23 -52.29
CA ALA EA 97 -2.01 101.16 -52.89
C ALA EA 97 -2.64 102.51 -53.19
N ALA EA 98 -2.20 103.60 -52.57
CA ALA EA 98 -2.92 104.88 -52.66
C ALA EA 98 -2.72 105.58 -54.01
N PRO EA 99 -1.45 105.87 -54.46
CA PRO EA 99 -1.25 106.71 -55.65
C PRO EA 99 -1.56 105.99 -56.97
N GLY EA 100 -2.79 105.53 -57.11
CA GLY EA 100 -3.21 104.89 -58.35
C GLY EA 100 -4.34 103.90 -58.15
N GLN EA 101 -4.46 102.96 -59.08
CA GLN EA 101 -5.46 101.90 -58.99
C GLN EA 101 -4.83 100.55 -58.68
N ALA EA 102 -3.60 100.55 -58.16
CA ALA EA 102 -2.78 99.36 -58.05
C ALA EA 102 -2.71 98.87 -56.60
N LYS EA 103 -2.52 97.55 -56.46
CA LYS EA 103 -2.22 96.92 -55.18
C LYS EA 103 -0.77 96.43 -55.32
N ILE EA 104 0.18 97.31 -55.04
CA ILE EA 104 1.58 97.02 -55.34
C ILE EA 104 2.26 96.43 -54.11
N ALA EA 105 2.83 95.24 -54.27
CA ALA EA 105 3.63 94.59 -53.23
C ALA EA 105 4.93 94.13 -53.87
N GLY EA 106 6.01 94.91 -53.66
CA GLY EA 106 7.28 94.61 -54.26
C GLY EA 106 8.37 94.51 -53.21
N GLY EA 107 9.58 94.17 -53.69
CA GLY EA 107 10.71 94.02 -52.80
C GLY EA 107 12.02 94.11 -53.56
N ALA EA 108 13.11 94.10 -52.80
CA ALA EA 108 14.45 94.16 -53.36
C ALA EA 108 15.42 93.59 -52.35
N ALA EA 109 16.62 93.26 -52.83
CA ALA EA 109 17.67 92.71 -51.97
C ALA EA 109 19.01 92.81 -52.68
N VAL EA 110 19.98 93.43 -52.02
CA VAL EA 110 21.35 93.56 -52.53
C VAL EA 110 22.30 93.04 -51.48
N SER EA 111 23.29 92.25 -51.90
CA SER EA 111 24.28 91.69 -51.00
C SER EA 111 25.61 91.54 -51.72
N ASP EA 112 26.69 91.51 -50.95
CA ASP EA 112 28.03 91.35 -51.50
C ASP EA 112 29.00 90.99 -50.38
N SER EA 113 30.26 90.78 -50.77
CA SER EA 113 31.32 90.47 -49.81
C SER EA 113 32.66 90.76 -50.47
N SER EA 114 33.72 90.63 -49.68
CA SER EA 114 35.07 90.88 -50.18
C SER EA 114 36.08 90.30 -49.19
N SER EA 115 37.32 90.14 -49.66
CA SER EA 115 38.43 89.70 -48.84
C SER EA 115 39.73 90.10 -49.52
N THR EA 116 40.79 90.22 -48.72
CA THR EA 116 42.10 90.61 -49.24
C THR EA 116 43.16 90.28 -48.21
N SER EA 117 44.32 89.82 -48.68
CA SER EA 117 45.48 89.56 -47.83
C SER EA 117 46.74 89.73 -48.67
N MET EA 118 47.75 90.36 -48.09
CA MET EA 118 48.97 90.66 -48.85
C MET EA 118 50.12 90.94 -47.90
N ASN EA 119 51.33 90.88 -48.46
CA ASN EA 119 52.56 91.32 -47.81
C ASN EA 119 53.29 92.28 -48.74
N VAL EA 120 53.83 93.34 -48.17
CA VAL EA 120 54.24 94.51 -48.95
C VAL EA 120 55.68 94.91 -48.61
N TYR EA 121 56.53 94.97 -49.63
CA TYR EA 121 57.85 95.59 -49.56
C TYR EA 121 57.74 97.09 -49.85
N SER EA 122 58.90 97.73 -49.96
CA SER EA 122 58.98 99.12 -50.40
C SER EA 122 60.39 99.36 -50.91
N LEU EA 123 60.50 99.72 -52.20
CA LEU EA 123 61.79 99.92 -52.83
C LEU EA 123 61.98 101.39 -53.15
N SER EA 124 63.20 101.87 -52.96
CA SER EA 124 63.51 103.29 -53.16
C SER EA 124 64.91 103.41 -53.75
N VAL EA 125 65.26 104.62 -54.15
CA VAL EA 125 66.57 104.93 -54.70
C VAL EA 125 67.11 106.15 -53.95
N ASP EA 126 68.38 106.06 -53.52
CA ASP EA 126 68.95 107.11 -52.69
C ASP EA 126 69.32 108.33 -53.53
N PRO EA 127 69.16 109.53 -53.00
CA PRO EA 127 69.62 110.72 -53.74
C PRO EA 127 71.11 110.72 -54.03
N ASN EA 128 71.93 110.10 -53.17
CA ASN EA 128 73.35 109.99 -53.45
C ASN EA 128 73.63 109.18 -54.70
N THR EA 129 72.86 108.12 -54.95
CA THR EA 129 73.00 107.40 -56.22
C THR EA 129 72.68 108.32 -57.39
N TRP EA 130 71.64 109.15 -57.27
CA TRP EA 130 71.31 110.09 -58.33
C TRP EA 130 72.45 111.06 -58.59
N GLN EA 131 73.04 111.61 -57.52
CA GLN EA 131 74.09 112.61 -57.71
C GLN EA 131 75.38 111.99 -58.23
N THR EA 132 75.73 110.78 -57.77
CA THR EA 132 76.86 110.07 -58.33
C THR EA 132 76.64 109.76 -59.81
N LEU EA 133 75.42 109.35 -60.16
CA LEU EA 133 75.10 109.06 -61.54
C LEU EA 133 75.24 110.30 -62.42
N LEU EA 134 74.74 111.45 -61.96
CA LEU EA 134 74.81 112.65 -62.79
C LEU EA 134 76.25 113.16 -62.90
N HIS EA 135 77.01 113.13 -61.80
CA HIS EA 135 78.42 113.52 -61.88
C HIS EA 135 79.25 112.61 -62.75
N GLU EA 136 79.15 111.29 -62.57
CA GLU EA 136 80.03 110.36 -63.27
C GLU EA 136 79.77 110.36 -64.77
N ARG EA 137 78.52 110.44 -65.17
CA ARG EA 137 78.12 110.03 -66.51
C ARG EA 137 77.07 110.97 -67.08
N HIS EA 138 77.14 111.18 -68.39
CA HIS EA 138 76.33 112.18 -69.07
C HIS EA 138 75.45 111.53 -70.14
N LEU EA 139 74.84 112.38 -70.96
CA LEU EA 139 73.79 111.96 -71.88
C LEU EA 139 74.33 111.59 -73.25
N ARG EA 140 73.78 110.53 -73.84
CA ARG EA 140 73.97 110.24 -75.26
C ARG EA 140 73.08 111.20 -76.05
N GLN EA 141 73.66 112.31 -76.50
CA GLN EA 141 72.88 113.28 -77.25
C GLN EA 141 72.38 112.77 -78.60
N PRO EA 142 73.07 111.84 -79.33
CA PRO EA 142 72.51 111.29 -80.57
C PRO EA 142 71.57 110.10 -80.36
N GLU EA 143 70.67 110.23 -79.39
CA GLU EA 143 69.68 109.20 -79.10
C GLU EA 143 68.34 109.91 -78.88
N HIS EA 144 67.55 110.03 -79.95
CA HIS EA 144 66.33 110.84 -79.85
C HIS EA 144 65.11 110.31 -80.58
N LYS EA 145 65.11 109.08 -81.11
CA LYS EA 145 63.91 108.62 -81.77
C LYS EA 145 62.77 108.36 -80.80
N VAL EA 146 63.08 108.21 -79.51
CA VAL EA 146 62.05 108.21 -78.48
C VAL EA 146 61.86 109.60 -77.88
N LEU EA 147 62.69 110.58 -78.26
CA LEU EA 147 62.63 111.92 -77.71
C LEU EA 147 62.21 112.98 -78.71
N GLN EA 148 62.49 112.83 -80.01
CA GLN EA 148 62.15 113.88 -80.97
C GLN EA 148 60.65 114.10 -81.04
N GLN EA 149 59.88 113.04 -81.27
CA GLN EA 149 58.42 113.20 -81.21
C GLN EA 149 57.97 113.47 -79.79
N LEU EA 150 58.68 112.93 -78.80
CA LEU EA 150 58.40 113.31 -77.41
C LEU EA 150 58.70 114.78 -77.18
N ARG EA 151 59.73 115.31 -77.84
CA ARG EA 151 59.98 116.75 -77.79
C ARG EA 151 58.84 117.53 -78.44
N SER EA 152 58.29 117.00 -79.54
CA SER EA 152 57.13 117.64 -80.16
C SER EA 152 55.93 117.65 -79.23
N ARG EA 153 55.72 116.56 -78.49
CA ARG EA 153 54.69 116.56 -77.45
C ARG EA 153 55.01 117.59 -76.38
N GLY EA 154 56.28 117.72 -76.01
CA GLY EA 154 56.68 118.60 -74.94
C GLY EA 154 56.37 118.08 -73.55
N ASP EA 155 55.91 116.83 -73.44
CA ASP EA 155 55.48 116.30 -72.17
C ASP EA 155 56.66 116.13 -71.22
N ASN EA 156 56.45 116.54 -69.97
CA ASN EA 156 57.49 116.41 -68.96
C ASN EA 156 57.72 114.94 -68.65
N VAL EA 157 58.98 114.52 -68.64
CA VAL EA 157 59.37 113.13 -68.42
C VAL EA 157 59.83 112.98 -66.98
N TYR EA 158 59.35 111.94 -66.31
CA TYR EA 158 59.66 111.66 -64.92
C TYR EA 158 60.34 110.30 -64.81
N VAL EA 159 60.95 110.06 -63.66
CA VAL EA 159 61.54 108.77 -63.35
C VAL EA 159 60.90 108.23 -62.07
N VAL EA 160 60.99 106.92 -61.89
CA VAL EA 160 60.37 106.25 -60.76
C VAL EA 160 61.40 106.18 -59.64
N THR EA 161 61.02 106.68 -58.46
CA THR EA 161 61.91 106.70 -57.30
C THR EA 161 61.39 105.89 -56.12
N GLU EA 162 60.13 105.46 -56.15
CA GLU EA 162 59.56 104.68 -55.07
C GLU EA 162 58.70 103.56 -55.65
N VAL EA 163 58.74 102.41 -54.99
CA VAL EA 163 57.96 101.24 -55.43
C VAL EA 163 57.34 100.60 -54.20
N LEU EA 164 56.05 100.28 -54.29
CA LEU EA 164 55.32 99.57 -53.24
C LEU EA 164 54.72 98.32 -53.88
N GLN EA 165 55.33 97.17 -53.63
CA GLN EA 165 54.98 95.93 -54.29
C GLN EA 165 54.57 94.87 -53.28
N THR EA 166 53.98 93.79 -53.80
CA THR EA 166 53.50 92.67 -53.00
C THR EA 166 54.32 91.43 -53.34
N GLN EA 167 54.66 90.65 -52.32
CA GLN EA 167 55.51 89.46 -52.49
C GLN EA 167 54.80 88.25 -51.88
N LYS EA 168 53.84 87.70 -52.63
CA LYS EA 168 52.99 86.52 -52.42
C LYS EA 168 52.07 86.39 -53.61
N GLU EA 169 51.40 85.23 -53.69
CA GLU EA 169 50.26 85.05 -54.58
C GLU EA 169 49.04 85.61 -53.86
N VAL EA 170 48.92 86.93 -53.83
CA VAL EA 170 47.82 87.59 -53.15
C VAL EA 170 46.55 87.36 -53.95
N GLU EA 171 45.40 87.46 -53.28
CA GLU EA 171 44.17 86.97 -53.88
C GLU EA 171 42.99 87.71 -53.27
N VAL EA 172 41.97 87.94 -54.09
CA VAL EA 172 40.77 88.66 -53.69
C VAL EA 172 39.55 87.85 -54.12
N THR EA 173 38.51 87.85 -53.28
CA THR EA 173 37.29 87.09 -53.55
C THR EA 173 36.11 88.05 -53.41
N ARG EA 174 35.59 88.52 -54.55
CA ARG EA 174 34.38 89.32 -54.55
C ARG EA 174 33.18 88.48 -54.97
N THR EA 175 32.03 88.80 -54.40
CA THR EA 175 30.75 88.20 -54.78
C THR EA 175 29.69 89.29 -54.83
N HIS EA 176 28.52 88.93 -55.35
CA HIS EA 176 27.44 89.90 -55.48
C HIS EA 176 26.16 89.16 -55.82
N LYS EA 177 25.03 89.76 -55.47
CA LYS EA 177 23.72 89.25 -55.85
C LYS EA 177 22.70 90.35 -55.68
N ARG EA 178 21.91 90.60 -56.72
CA ARG EA 178 20.83 91.57 -56.69
C ARG EA 178 19.53 90.84 -56.94
N GLU EA 179 18.55 91.04 -56.07
CA GLU EA 179 17.29 90.31 -56.11
C GLU EA 179 16.14 91.30 -56.18
N GLY EA 180 15.53 91.42 -57.35
CA GLY EA 180 14.37 92.28 -57.54
C GLY EA 180 13.11 91.44 -57.68
N SER EA 181 12.05 91.87 -57.00
CA SER EA 181 10.79 91.15 -57.03
C SER EA 181 9.65 92.14 -56.91
N GLY EA 182 8.47 91.71 -57.37
CA GLY EA 182 7.29 92.55 -57.28
C GLY EA 182 6.05 91.93 -57.89
N ARG EA 183 4.90 92.14 -57.24
CA ARG EA 183 3.61 91.69 -57.76
C ARG EA 183 2.71 92.90 -57.86
N PHE EA 184 1.90 92.96 -58.93
CA PHE EA 184 1.08 94.12 -59.22
C PHE EA 184 -0.36 93.68 -59.43
N SER EA 185 -1.28 94.27 -58.66
CA SER EA 185 -2.71 94.07 -58.85
C SER EA 185 -3.30 95.43 -59.17
N LEU EA 186 -3.29 95.79 -60.45
CA LEU EA 186 -3.66 97.13 -60.91
C LEU EA 186 -4.79 97.05 -61.92
N PRO EA 187 -6.04 97.09 -61.47
CA PRO EA 187 -7.16 97.22 -62.42
C PRO EA 187 -7.22 98.62 -62.99
N GLY EA 188 -6.82 98.79 -64.25
CA GLY EA 188 -6.80 100.10 -64.86
C GLY EA 188 -7.30 100.10 -66.29
N ALA EA 189 -6.51 100.68 -67.20
CA ALA EA 189 -6.87 100.79 -68.60
C ALA EA 189 -6.13 99.81 -69.50
N THR EA 190 -4.90 99.43 -69.14
CA THR EA 190 -4.10 98.53 -69.94
C THR EA 190 -3.91 97.15 -69.35
N CYS EA 191 -4.04 96.99 -68.03
CA CYS EA 191 -3.86 95.69 -67.38
C CYS EA 191 -4.82 95.59 -66.20
N GLU EA 192 -4.94 94.36 -65.69
CA GLU EA 192 -5.69 94.10 -64.46
C GLU EA 192 -4.77 93.68 -63.32
N GLN EA 193 -3.76 92.87 -63.61
CA GLN EA 193 -2.73 92.53 -62.65
C GLN EA 193 -1.48 92.10 -63.40
N GLY EA 194 -0.36 92.07 -62.69
CA GLY EA 194 0.90 91.69 -63.31
C GLY EA 194 1.95 91.35 -62.28
N GLU EA 195 3.01 90.69 -62.76
CA GLU EA 195 4.16 90.36 -61.92
C GLU EA 195 5.44 90.61 -62.71
N GLY EA 196 6.48 91.02 -61.99
CA GLY EA 196 7.78 91.22 -62.59
C GLY EA 196 8.90 91.05 -61.58
N GLN EA 197 9.87 90.20 -61.90
CA GLN EA 197 10.98 89.96 -60.99
C GLN EA 197 12.16 89.42 -61.78
N GLY EA 198 13.35 89.63 -61.22
CA GLY EA 198 14.58 89.11 -61.81
C GLY EA 198 15.77 89.25 -60.89
N HIS EA 199 16.51 88.17 -60.71
CA HIS EA 199 17.67 88.18 -59.82
C HIS EA 199 18.83 87.48 -60.50
N LEU EA 200 20.03 88.03 -60.32
CA LEU EA 200 21.24 87.44 -60.86
C LEU EA 200 22.34 87.50 -59.81
N SER EA 201 23.04 86.39 -59.65
CA SER EA 201 24.22 86.36 -58.80
C SER EA 201 25.46 86.74 -59.63
N GLN EA 202 26.60 86.80 -58.95
CA GLN EA 202 27.84 87.15 -59.62
C GLN EA 202 29.01 86.80 -58.70
N LYS EA 203 30.17 86.58 -59.29
CA LYS EA 203 31.37 86.25 -58.54
C LYS EA 203 32.57 86.46 -59.44
N LYS EA 204 33.72 86.71 -58.82
CA LYS EA 204 34.97 86.81 -59.56
C LYS EA 204 36.12 86.53 -58.61
N THR EA 205 37.29 86.29 -59.19
CA THR EA 205 38.46 85.85 -58.43
C THR EA 205 39.72 86.22 -59.21
N VAL EA 206 40.52 87.09 -58.63
CA VAL EA 206 41.77 87.54 -59.25
C VAL EA 206 42.91 87.20 -58.30
N THR EA 207 44.09 86.91 -58.88
CA THR EA 207 45.27 86.58 -58.11
C THR EA 207 46.46 87.34 -58.67
N ILE EA 208 46.98 88.29 -57.90
CA ILE EA 208 48.12 89.10 -58.32
C ILE EA 208 49.42 88.41 -57.92
N PRO EA 209 50.35 88.22 -58.83
CA PRO EA 209 51.60 87.52 -58.49
C PRO EA 209 52.58 88.43 -57.75
N SER EA 210 53.64 87.80 -57.26
CA SER EA 210 54.65 88.52 -56.49
C SER EA 210 55.39 89.53 -57.35
N GLY EA 211 55.92 90.57 -56.72
CA GLY EA 211 56.68 91.59 -57.41
C GLY EA 211 55.85 92.42 -58.36
N SER EA 212 54.65 92.81 -57.93
CA SER EA 212 53.76 93.65 -58.72
C SER EA 212 53.64 95.01 -58.05
N THR EA 213 53.94 96.07 -58.80
CA THR EA 213 53.91 97.41 -58.24
C THR EA 213 52.48 97.88 -58.04
N LEU EA 214 52.21 98.46 -56.87
CA LEU EA 214 50.90 99.02 -56.55
C LEU EA 214 50.90 100.54 -56.53
N ALA EA 215 52.03 101.16 -56.20
CA ALA EA 215 52.11 102.62 -56.14
C ALA EA 215 53.56 103.02 -56.45
N PHE EA 216 53.75 104.32 -56.70
CA PHE EA 216 55.07 104.82 -57.05
C PHE EA 216 55.11 106.32 -56.81
N ARG EA 217 56.33 106.86 -56.76
CA ARG EA 217 56.57 108.28 -56.70
C ARG EA 217 57.55 108.66 -57.81
N VAL EA 218 57.49 109.92 -58.23
CA VAL EA 218 58.25 110.38 -59.39
C VAL EA 218 59.25 111.44 -58.95
N ALA EA 219 60.23 111.69 -59.82
CA ALA EA 219 61.24 112.71 -59.61
C ALA EA 219 61.49 113.40 -60.94
N GLN EA 220 61.00 114.62 -61.08
CA GLN EA 220 61.04 115.31 -62.36
C GLN EA 220 62.47 115.64 -62.78
N LEU EA 221 62.72 115.57 -64.08
CA LEU EA 221 63.99 115.96 -64.67
C LEU EA 221 63.76 116.94 -65.81
N VAL EA 222 64.82 117.64 -66.19
CA VAL EA 222 64.75 118.68 -67.21
C VAL EA 222 65.74 118.36 -68.32
N ILE EA 223 65.29 118.51 -69.56
CA ILE EA 223 66.13 118.27 -70.74
C ILE EA 223 66.08 119.54 -71.59
N ASP EA 224 67.08 120.40 -71.42
CA ASP EA 224 67.24 121.56 -72.31
C ASP EA 224 68.47 121.40 -73.19
N SER EA 225 69.61 121.10 -72.59
CA SER EA 225 70.83 120.72 -73.28
C SER EA 225 71.44 119.43 -72.75
N ASP EA 226 71.32 119.18 -71.45
CA ASP EA 226 71.83 117.98 -70.82
C ASP EA 226 70.86 117.55 -69.74
N LEU EA 227 71.08 116.35 -69.19
CA LEU EA 227 70.16 115.78 -68.22
C LEU EA 227 70.48 116.28 -66.82
N ASP EA 228 69.42 116.53 -66.05
CA ASP EA 228 69.52 116.92 -64.66
C ASP EA 228 68.17 116.67 -63.99
N VAL EA 229 68.19 115.95 -62.87
CA VAL EA 229 66.97 115.55 -62.18
C VAL EA 229 66.77 116.48 -60.98
N LEU EA 230 65.54 116.98 -60.84
CA LEU EA 230 65.15 117.79 -59.69
C LEU EA 230 64.21 116.93 -58.83
N LEU EA 231 64.67 116.58 -57.62
CA LEU EA 231 63.91 115.66 -56.79
C LEU EA 231 62.57 116.25 -56.35
N PHE EA 232 62.44 117.58 -56.37
CA PHE EA 232 61.17 118.23 -56.01
C PHE EA 232 61.15 119.63 -56.60
N PRO EA 233 60.79 119.75 -57.88
CA PRO EA 233 60.73 121.07 -58.52
C PRO EA 233 59.41 121.77 -58.30
N ASP EA 234 59.21 122.89 -58.97
CA ASP EA 234 57.96 123.64 -58.92
C ASP EA 234 57.07 123.28 -60.10
N LYS EA 235 55.81 123.67 -60.00
CA LYS EA 235 54.83 123.37 -61.04
C LYS EA 235 55.10 124.24 -62.26
N LYS EA 236 54.65 123.77 -63.43
CA LYS EA 236 54.88 124.46 -64.70
C LYS EA 236 56.37 124.60 -65.00
N GLN EA 237 57.15 123.63 -64.57
CA GLN EA 237 58.57 123.55 -64.90
C GLN EA 237 58.69 122.65 -66.12
N ARG EA 238 58.73 123.25 -67.30
CA ARG EA 238 58.72 122.49 -68.54
C ARG EA 238 60.06 121.81 -68.77
N THR EA 239 60.02 120.50 -69.04
CA THR EA 239 61.25 119.75 -69.26
C THR EA 239 61.99 120.25 -70.50
N PHE EA 240 61.29 120.37 -71.62
CA PHE EA 240 61.88 120.82 -72.87
C PHE EA 240 61.69 122.33 -73.00
N GLN EA 241 62.00 122.86 -74.18
CA GLN EA 241 61.83 124.29 -74.45
C GLN EA 241 60.75 124.52 -75.50
N SER FA 3 28.12 85.09 -79.54
CA SER FA 3 29.49 85.23 -80.01
C SER FA 3 30.41 84.28 -79.26
N ALA FA 4 30.17 84.15 -77.95
CA ALA FA 4 30.88 83.21 -77.08
C ALA FA 4 32.35 83.57 -76.92
N PHE FA 5 32.79 84.66 -77.55
CA PHE FA 5 34.15 85.15 -77.36
C PHE FA 5 34.20 86.61 -76.95
N GLU FA 6 33.28 87.43 -77.46
CA GLU FA 6 33.28 88.84 -77.08
C GLU FA 6 32.96 89.04 -75.60
N ARG FA 7 32.14 88.16 -75.01
CA ARG FA 7 31.84 88.28 -73.59
C ARG FA 7 33.11 88.18 -72.75
N VAL FA 8 33.90 87.13 -72.97
CA VAL FA 8 35.07 86.89 -72.14
C VAL FA 8 36.17 87.91 -72.41
N VAL FA 9 36.39 88.31 -73.67
CA VAL FA 9 37.41 89.30 -73.95
C VAL FA 9 37.00 90.67 -73.41
N ARG FA 10 35.70 91.00 -73.52
CA ARG FA 10 35.23 92.24 -72.93
C ARG FA 10 35.42 92.23 -71.42
N ARG FA 11 35.16 91.09 -70.78
CA ARG FA 11 35.36 90.99 -69.34
C ARG FA 11 36.84 91.13 -68.96
N VAL FA 12 37.73 90.49 -69.71
CA VAL FA 12 39.14 90.54 -69.33
C VAL FA 12 39.71 91.95 -69.55
N VAL FA 13 39.24 92.65 -70.59
CA VAL FA 13 39.64 94.05 -70.74
C VAL FA 13 39.02 94.92 -69.65
N GLN FA 14 37.76 94.66 -69.28
CA GLN FA 14 37.13 95.39 -68.18
C GLN FA 14 37.81 95.15 -66.85
N GLU FA 15 38.52 94.04 -66.70
CA GLU FA 15 39.31 93.78 -65.50
C GLU FA 15 40.57 94.64 -65.44
N LEU FA 16 40.71 95.60 -66.36
CA LEU FA 16 41.76 96.59 -66.30
C LEU FA 16 41.24 98.01 -66.08
N ASP FA 17 39.91 98.17 -65.92
CA ASP FA 17 39.29 99.48 -65.76
C ASP FA 17 39.67 100.42 -66.90
N HIS FA 18 39.67 99.89 -68.12
CA HIS FA 18 40.04 100.63 -69.32
C HIS FA 18 41.46 101.18 -69.22
N GLY FA 19 42.29 100.57 -68.39
CA GLY FA 19 43.67 100.99 -68.24
C GLY FA 19 44.55 100.39 -69.33
N GLY FA 20 45.28 101.24 -70.04
CA GLY FA 20 46.04 100.80 -71.19
C GLY FA 20 45.15 100.54 -72.38
N GLU FA 21 45.68 100.83 -73.58
CA GLU FA 21 44.87 100.73 -74.78
C GLU FA 21 44.44 99.30 -75.04
N PHE FA 22 45.38 98.42 -75.36
CA PHE FA 22 45.13 97.00 -75.62
C PHE FA 22 43.87 96.79 -76.47
N ILE FA 23 43.96 97.28 -77.71
CA ILE FA 23 42.93 97.08 -78.71
C ILE FA 23 42.56 95.60 -78.74
N PRO FA 24 41.36 95.23 -78.30
CA PRO FA 24 41.02 93.81 -78.17
C PRO FA 24 40.81 93.16 -79.53
N VAL FA 25 40.93 91.83 -79.53
CA VAL FA 25 40.76 91.04 -80.73
C VAL FA 25 39.36 90.43 -80.72
N THR FA 26 38.82 90.22 -81.90
CA THR FA 26 37.50 89.64 -82.07
C THR FA 26 37.52 88.37 -82.93
N SER FA 27 38.43 88.29 -83.89
CA SER FA 27 38.52 87.15 -84.79
C SER FA 27 39.35 86.05 -84.13
N LEU FA 28 38.78 84.85 -84.03
CA LEU FA 28 39.54 83.71 -83.56
C LEU FA 28 40.72 83.39 -84.47
N GLN FA 29 40.62 83.72 -85.76
CA GLN FA 29 41.73 83.49 -86.68
C GLN FA 29 42.82 84.54 -86.49
N SER FA 30 42.44 85.76 -86.09
CA SER FA 30 43.40 86.84 -85.91
C SER FA 30 44.16 86.74 -84.60
N SER FA 31 43.66 85.95 -83.64
CA SER FA 31 44.39 85.77 -82.39
C SER FA 31 45.74 85.11 -82.64
N THR FA 32 45.79 84.15 -83.55
CA THR FA 32 47.06 83.54 -83.92
C THR FA 32 47.93 84.47 -84.74
N GLY FA 33 47.33 85.34 -85.56
CA GLY FA 33 48.10 86.25 -86.38
C GLY FA 33 48.63 87.46 -85.66
N PHE FA 34 48.10 87.77 -84.48
CA PHE FA 34 48.55 88.92 -83.71
C PHE FA 34 49.72 88.47 -82.82
N GLN FA 35 50.93 88.61 -83.36
CA GLN FA 35 52.16 88.26 -82.68
C GLN FA 35 53.05 89.49 -82.66
N PRO FA 36 54.07 89.55 -81.78
CA PRO FA 36 54.98 90.69 -81.81
C PRO FA 36 55.70 90.79 -83.15
N TYR FA 37 56.00 92.03 -83.54
CA TYR FA 37 56.68 92.37 -84.80
C TYR FA 37 55.82 92.07 -86.02
N CYS FA 38 54.53 91.89 -85.85
CA CYS FA 38 53.63 91.65 -86.98
C CYS FA 38 53.02 92.95 -87.46
N LEU FA 39 52.63 92.97 -88.73
CA LEU FA 39 52.09 94.18 -89.36
C LEU FA 39 50.57 94.15 -89.37
N VAL FA 40 49.96 95.31 -89.17
CA VAL FA 40 48.52 95.48 -89.32
C VAL FA 40 48.27 96.68 -90.22
N VAL FA 41 47.07 96.74 -90.79
CA VAL FA 41 46.69 97.78 -91.73
C VAL FA 41 45.40 98.43 -91.24
N ARG FA 42 45.40 99.76 -91.16
CA ARG FA 42 44.23 100.52 -90.77
C ARG FA 42 44.03 101.67 -91.75
N LYS FA 43 42.83 101.75 -92.31
CA LYS FA 43 42.46 102.89 -93.15
C LYS FA 43 42.14 104.09 -92.28
N PRO FA 44 42.19 105.30 -92.84
CA PRO FA 44 41.77 106.48 -92.07
C PRO FA 44 40.30 106.40 -91.69
N SER FA 45 39.98 107.00 -90.53
CA SER FA 45 38.63 107.00 -90.02
C SER FA 45 37.71 107.78 -90.95
N SER FA 46 36.41 107.47 -90.88
CA SER FA 46 35.47 108.05 -91.84
C SER FA 46 35.16 109.50 -91.49
N SER FA 47 34.46 109.74 -90.38
CA SER FA 47 34.37 111.09 -89.84
C SER FA 47 34.88 111.16 -88.40
N TRP FA 48 34.19 110.54 -87.44
CA TRP FA 48 34.68 110.49 -86.07
C TRP FA 48 34.52 109.10 -85.44
N PHE FA 49 33.40 108.44 -85.73
CA PHE FA 49 32.99 107.26 -84.96
C PHE FA 49 32.90 105.99 -85.77
N TRP FA 50 32.91 106.06 -87.10
CA TRP FA 50 33.04 104.85 -87.92
C TRP FA 50 34.50 104.40 -87.81
N LYS FA 51 34.82 103.84 -86.66
CA LYS FA 51 36.20 103.49 -86.35
C LYS FA 51 36.67 102.35 -87.25
N PRO FA 52 37.72 102.55 -88.05
CA PRO FA 52 38.23 101.46 -88.90
C PRO FA 52 38.82 100.35 -88.04
N ARG FA 53 38.20 99.17 -88.10
CA ARG FA 53 38.67 98.04 -87.32
C ARG FA 53 40.04 97.60 -87.83
N TYR FA 54 40.92 97.26 -86.90
CA TYR FA 54 42.27 96.85 -87.24
C TYR FA 54 42.26 95.53 -87.99
N LYS FA 55 42.96 95.48 -89.11
CA LYS FA 55 43.03 94.29 -89.95
C LYS FA 55 44.43 93.73 -89.90
N CYS FA 56 44.57 92.53 -89.35
CA CYS FA 56 45.88 91.92 -89.20
C CYS FA 56 46.45 91.48 -90.54
N VAL FA 57 47.76 91.57 -90.67
CA VAL FA 57 48.49 91.08 -91.84
C VAL FA 57 49.53 90.09 -91.34
N ASN FA 58 49.54 88.89 -91.91
CA ASN FA 58 50.46 87.83 -91.50
C ASN FA 58 51.86 88.08 -92.07
N LEU FA 59 52.42 89.24 -91.72
CA LEU FA 59 53.71 89.65 -92.20
C LEU FA 59 54.54 90.20 -91.05
N SER FA 60 55.79 89.76 -90.94
CA SER FA 60 56.69 90.23 -89.90
C SER FA 60 57.55 91.38 -90.43
N ILE FA 61 58.36 91.96 -89.54
CA ILE FA 61 59.25 93.05 -89.93
C ILE FA 61 60.64 92.56 -90.30
N LYS FA 62 60.97 91.30 -90.02
CA LYS FA 62 62.32 90.81 -90.29
C LYS FA 62 62.62 90.78 -91.78
N ASP FA 63 61.67 90.34 -92.61
CA ASP FA 63 61.91 90.27 -94.04
C ASP FA 63 61.84 91.63 -94.75
N ILE FA 64 61.17 92.61 -94.15
CA ILE FA 64 61.13 93.93 -94.75
C ILE FA 64 62.52 94.54 -94.80
N LEU FA 65 63.27 94.47 -93.71
CA LEU FA 65 64.70 94.76 -93.74
C LEU FA 65 65.45 93.58 -94.35
N GLU FA 66 66.60 93.87 -94.95
CA GLU FA 66 67.17 92.92 -95.90
C GLU FA 66 67.74 91.66 -95.25
N PRO FA 67 68.64 91.73 -94.24
CA PRO FA 67 69.41 90.53 -93.89
C PRO FA 67 68.73 89.60 -92.91
N ASP FA 68 67.43 89.33 -93.09
CA ASP FA 68 66.73 88.23 -92.41
C ASP FA 68 66.95 88.27 -90.89
N ALA FA 69 66.37 89.30 -90.27
CA ALA FA 69 66.59 89.57 -88.86
C ALA FA 69 66.26 88.38 -87.96
N ALA FA 70 64.99 88.02 -87.88
CA ALA FA 70 64.51 86.91 -87.05
C ALA FA 70 65.07 87.01 -85.62
N GLU FA 71 64.91 88.18 -85.03
CA GLU FA 71 65.45 88.48 -83.69
C GLU FA 71 64.33 88.98 -82.78
N PRO FA 72 63.59 88.07 -82.14
CA PRO FA 72 62.61 88.50 -81.14
C PRO FA 72 63.27 88.74 -79.78
N ASP FA 73 62.78 89.77 -79.09
CA ASP FA 73 63.35 90.13 -77.79
C ASP FA 73 62.27 90.12 -76.71
N VAL FA 74 61.46 89.06 -76.68
CA VAL FA 74 60.40 88.94 -75.67
C VAL FA 74 61.04 88.62 -74.32
N GLN FA 75 60.76 89.44 -73.31
CA GLN FA 75 61.30 89.25 -71.99
C GLN FA 75 60.27 89.41 -70.87
N ARG FA 76 59.11 90.00 -71.16
CA ARG FA 76 58.08 90.19 -70.15
C ARG FA 76 57.33 88.90 -69.90
N GLY FA 77 56.92 88.69 -68.66
CA GLY FA 77 56.08 87.55 -68.33
C GLY FA 77 55.63 87.50 -66.89
N ARG FA 78 54.34 87.31 -66.67
CA ARG FA 78 53.76 87.13 -65.35
C ARG FA 78 52.75 85.99 -65.40
N SER FA 79 51.97 85.86 -64.34
CA SER FA 79 50.91 84.84 -64.27
C SER FA 79 49.76 85.41 -63.44
N PHE FA 80 48.77 85.98 -64.13
CA PHE FA 80 47.54 86.42 -63.49
C PHE FA 80 46.48 85.34 -63.64
N HIS FA 81 45.97 84.85 -62.50
CA HIS FA 81 44.91 83.86 -62.51
C HIS FA 81 43.57 84.56 -62.30
N PHE FA 82 42.62 84.28 -63.18
CA PHE FA 82 41.33 84.95 -63.16
C PHE FA 82 40.22 83.92 -63.22
N TYR FA 83 39.09 84.23 -62.60
CA TYR FA 83 37.95 83.33 -62.52
C TYR FA 83 36.70 84.16 -62.26
N ASP FA 84 35.58 83.70 -62.79
CA ASP FA 84 34.30 84.35 -62.56
C ASP FA 84 33.17 83.40 -62.95
N ALA FA 85 31.94 83.85 -62.71
CA ALA FA 85 30.75 83.06 -63.00
C ALA FA 85 29.55 84.00 -63.08
N MET FA 86 28.39 83.42 -63.38
CA MET FA 86 27.16 84.19 -63.50
C MET FA 86 25.99 83.22 -63.62
N ASP FA 87 24.85 83.62 -63.08
CA ASP FA 87 23.57 83.00 -63.37
C ASP FA 87 22.47 84.04 -63.18
N GLY FA 88 21.35 83.86 -63.87
CA GLY FA 88 20.27 84.81 -63.81
C GLY FA 88 18.94 84.14 -64.05
N GLN FA 89 17.86 84.80 -63.63
CA GLN FA 89 16.52 84.27 -63.82
C GLN FA 89 15.52 85.41 -63.70
N ILE FA 90 14.82 85.70 -64.79
CA ILE FA 90 13.70 86.64 -64.76
C ILE FA 90 12.45 85.89 -65.19
N GLN FA 91 11.30 86.51 -64.96
CA GLN FA 91 10.03 85.92 -65.36
C GLN FA 91 8.97 87.00 -65.39
N GLY FA 92 7.72 86.57 -65.55
CA GLY FA 92 6.60 87.50 -65.59
C GLY FA 92 5.30 86.74 -65.64
N SER FA 93 4.23 87.45 -65.29
CA SER FA 93 2.89 86.89 -65.28
C SER FA 93 1.88 88.02 -65.38
N VAL FA 94 0.90 87.85 -66.25
CA VAL FA 94 -0.11 88.87 -66.51
C VAL FA 94 -1.46 88.20 -66.68
N GLU FA 95 -2.44 88.61 -65.87
CA GLU FA 95 -3.82 88.18 -66.01
C GLU FA 95 -4.57 89.40 -66.54
N LEU FA 96 -4.78 89.44 -67.85
CA LEU FA 96 -5.31 90.61 -68.53
C LEU FA 96 -6.74 90.36 -68.98
N ALA FA 97 -7.65 91.23 -68.56
CA ALA FA 97 -9.07 91.09 -68.91
C ALA FA 97 -9.72 92.36 -69.42
N ALA FA 98 -9.25 93.54 -69.06
CA ALA FA 98 -9.94 94.78 -69.41
C ALA FA 98 -9.74 95.18 -70.87
N PRO FA 99 -8.47 95.38 -71.37
CA PRO FA 99 -8.27 95.98 -72.71
C PRO FA 99 -8.55 95.01 -73.86
N GLY FA 100 -9.77 94.45 -73.88
CA GLY FA 100 -10.16 93.56 -74.93
C GLY FA 100 -11.34 92.68 -74.53
N GLN FA 101 -11.32 91.43 -74.97
CA GLN FA 101 -12.35 90.46 -74.61
C GLN FA 101 -11.75 89.18 -74.05
N ALA FA 102 -10.48 89.21 -73.64
CA ALA FA 102 -9.73 88.02 -73.30
C ALA FA 102 -9.56 87.87 -71.80
N LYS FA 103 -9.28 86.63 -71.38
CA LYS FA 103 -8.81 86.29 -70.05
C LYS FA 103 -7.45 85.62 -70.24
N ILE FA 104 -6.41 86.44 -70.34
CA ILE FA 104 -5.08 85.95 -70.70
C ILE FA 104 -4.37 85.42 -69.47
N ALA FA 105 -3.90 84.19 -69.54
CA ALA FA 105 -3.10 83.58 -68.47
C ALA FA 105 -1.82 83.04 -69.11
N GLY FA 106 -0.78 83.87 -69.14
CA GLY FA 106 0.47 83.49 -69.76
C GLY FA 106 1.66 83.88 -68.90
N GLY FA 107 2.83 83.49 -69.36
CA GLY FA 107 4.06 83.78 -68.64
C GLY FA 107 5.27 83.63 -69.53
N ALA FA 108 6.42 84.02 -68.98
CA ALA FA 108 7.69 83.92 -69.67
C ALA FA 108 8.79 83.77 -68.63
N ALA FA 109 9.95 83.32 -69.07
CA ALA FA 109 11.08 83.11 -68.17
C ALA FA 109 12.36 82.98 -68.98
N VAL FA 110 13.41 83.64 -68.51
CA VAL FA 110 14.74 83.55 -69.12
C VAL FA 110 15.72 83.12 -68.05
N SER FA 111 16.54 82.12 -68.37
CA SER FA 111 17.54 81.61 -67.45
C SER FA 111 18.82 81.30 -68.21
N ASP FA 112 19.95 81.70 -67.65
CA ASP FA 112 21.24 81.48 -68.30
C ASP FA 112 22.33 81.47 -67.24
N SER FA 113 23.51 81.02 -67.67
CA SER FA 113 24.67 80.96 -66.79
C SER FA 113 25.94 81.07 -67.61
N SER FA 114 27.07 81.17 -66.92
CA SER FA 114 28.36 81.28 -67.58
C SER FA 114 29.45 80.86 -66.60
N SER FA 115 30.63 80.59 -67.16
CA SER FA 115 31.79 80.25 -66.35
C SER FA 115 33.04 80.57 -67.16
N THR FA 116 34.15 80.80 -66.45
CA THR FA 116 35.43 81.07 -67.09
C THR FA 116 36.53 80.94 -66.05
N SER FA 117 37.65 80.35 -66.47
CA SER FA 117 38.86 80.29 -65.66
C SER FA 117 40.05 80.38 -66.60
N MET FA 118 40.96 81.29 -66.32
CA MET FA 118 41.99 81.61 -67.30
C MET FA 118 43.24 82.13 -66.58
N ASN FA 119 44.36 82.05 -67.29
CA ASN FA 119 45.63 82.60 -66.85
C ASN FA 119 46.16 83.54 -67.91
N VAL FA 120 46.78 84.63 -67.46
CA VAL FA 120 47.17 85.74 -68.33
C VAL FA 120 48.67 85.95 -68.23
N TYR FA 121 49.36 85.92 -69.37
CA TYR FA 121 50.73 86.36 -69.49
C TYR FA 121 50.76 87.74 -70.16
N SER FA 122 51.96 88.23 -70.46
CA SER FA 122 52.11 89.49 -71.17
C SER FA 122 53.51 89.56 -71.76
N LEU FA 123 53.59 89.92 -73.04
CA LEU FA 123 54.85 90.07 -73.74
C LEU FA 123 54.92 91.45 -74.36
N SER FA 124 56.14 91.99 -74.45
CA SER FA 124 56.35 93.32 -75.00
C SER FA 124 57.71 93.35 -75.70
N VAL FA 125 58.07 94.54 -76.20
CA VAL FA 125 59.35 94.76 -76.87
C VAL FA 125 59.86 96.14 -76.46
N ASP FA 126 61.18 96.24 -76.26
CA ASP FA 126 61.75 97.44 -75.65
C ASP FA 126 62.13 98.46 -76.72
N PRO FA 127 61.98 99.75 -76.43
CA PRO FA 127 62.46 100.77 -77.38
C PRO FA 127 63.92 100.63 -77.76
N ASN FA 128 64.79 100.19 -76.84
CA ASN FA 128 66.19 99.98 -77.19
C ASN FA 128 66.37 98.93 -78.28
N THR FA 129 65.58 97.86 -78.25
CA THR FA 129 65.60 96.91 -79.35
C THR FA 129 65.20 97.57 -80.66
N TRP FA 130 64.19 98.44 -80.62
CA TRP FA 130 63.78 99.17 -81.82
C TRP FA 130 64.89 100.05 -82.36
N GLN FA 131 65.58 100.78 -81.48
CA GLN FA 131 66.60 101.70 -81.95
C GLN FA 131 67.84 100.95 -82.45
N THR FA 132 68.24 99.87 -81.77
CA THR FA 132 69.30 99.04 -82.30
C THR FA 132 68.93 98.48 -83.68
N LEU FA 133 67.70 97.97 -83.79
CA LEU FA 133 67.21 97.41 -85.04
C LEU FA 133 67.26 98.43 -86.17
N LEU FA 134 66.83 99.66 -85.89
CA LEU FA 134 66.72 100.65 -86.96
C LEU FA 134 68.10 101.22 -87.32
N HIS FA 135 68.97 101.45 -86.34
CA HIS FA 135 70.29 101.97 -86.70
C HIS FA 135 71.21 100.92 -87.31
N GLU FA 136 70.98 99.64 -87.04
CA GLU FA 136 71.92 98.63 -87.53
C GLU FA 136 71.73 98.37 -89.02
N ARG FA 137 70.49 98.39 -89.49
CA ARG FA 137 70.15 98.01 -90.86
C ARG FA 137 68.98 98.86 -91.35
N HIS FA 138 68.83 98.94 -92.66
CA HIS FA 138 67.88 99.83 -93.30
C HIS FA 138 66.84 99.02 -94.07
N LEU FA 139 66.03 99.73 -94.86
CA LEU FA 139 64.95 99.12 -95.61
C LEU FA 139 65.45 98.52 -96.92
N ARG FA 140 64.99 97.32 -97.24
CA ARG FA 140 65.14 96.76 -98.58
C ARG FA 140 64.12 97.45 -99.47
N GLN FA 141 64.53 98.57 -100.05
CA GLN FA 141 63.62 99.43 -100.81
C GLN FA 141 62.97 98.76 -102.03
N PRO FA 142 63.60 97.76 -102.73
CA PRO FA 142 62.91 97.07 -103.83
C PRO FA 142 61.97 95.97 -103.34
N GLU FA 143 61.16 96.28 -102.33
CA GLU FA 143 60.18 95.35 -101.78
C GLU FA 143 58.86 96.11 -101.67
N HIS FA 144 58.01 95.98 -102.69
CA HIS FA 144 56.73 96.67 -102.68
C HIS FA 144 55.56 95.84 -103.19
N LYS FA 145 55.76 94.60 -103.63
CA LYS FA 145 54.60 93.83 -104.07
C LYS FA 145 53.58 93.63 -102.95
N VAL FA 146 54.04 93.62 -101.70
CA VAL FA 146 53.14 93.66 -100.55
C VAL FA 146 52.91 95.09 -100.08
N LEU FA 147 53.58 96.08 -100.69
CA LEU FA 147 53.49 97.46 -100.26
C LEU FA 147 52.99 98.41 -101.34
N GLN FA 148 53.18 98.09 -102.63
CA GLN FA 148 52.81 99.03 -103.69
C GLN FA 148 51.29 99.19 -103.75
N GLN FA 149 50.54 98.08 -103.73
CA GLN FA 149 49.09 98.21 -103.62
C GLN FA 149 48.71 98.84 -102.28
N LEU FA 150 49.47 98.53 -101.22
CA LEU FA 150 49.29 99.24 -99.96
C LEU FA 150 49.60 100.73 -100.09
N ARG FA 151 50.62 101.08 -100.89
CA ARG FA 151 50.89 102.49 -101.15
C ARG FA 151 49.73 103.16 -101.87
N SER FA 152 49.13 102.48 -102.85
CA SER FA 152 47.95 103.01 -103.52
C SER FA 152 46.77 103.13 -102.57
N ARG FA 153 46.63 102.19 -101.64
CA ARG FA 153 45.62 102.32 -100.59
C ARG FA 153 45.87 103.55 -99.73
N GLY FA 154 47.13 103.82 -99.42
CA GLY FA 154 47.47 104.90 -98.53
C GLY FA 154 47.19 104.64 -97.08
N ASP FA 155 46.84 103.41 -96.72
CA ASP FA 155 46.49 103.08 -95.35
C ASP FA 155 47.74 103.06 -94.48
N ASN FA 156 47.63 103.64 -93.29
CA ASN FA 156 48.74 103.66 -92.35
C ASN FA 156 48.92 102.27 -91.75
N VAL FA 157 50.17 101.82 -91.69
CA VAL FA 157 50.51 100.50 -91.18
C VAL FA 157 51.09 100.64 -89.79
N TYR FA 158 50.91 99.61 -88.97
CA TYR FA 158 51.38 99.61 -87.59
C TYR FA 158 52.12 98.31 -87.31
N VAL FA 159 52.75 98.24 -86.15
CA VAL FA 159 53.40 97.03 -85.68
C VAL FA 159 52.87 96.69 -84.29
N VAL FA 160 52.93 95.41 -83.96
CA VAL FA 160 52.44 94.90 -82.68
C VAL FA 160 53.58 94.95 -81.68
N THR FA 161 53.42 95.74 -80.62
CA THR FA 161 54.48 95.97 -79.66
C THR FA 161 54.17 95.45 -78.25
N GLU FA 162 52.91 95.18 -77.91
CA GLU FA 162 52.61 94.38 -76.74
C GLU FA 162 51.51 93.38 -77.08
N VAL FA 163 51.55 92.24 -76.42
CA VAL FA 163 50.50 91.23 -76.54
C VAL FA 163 50.18 90.72 -75.14
N LEU FA 164 48.90 90.48 -74.89
CA LEU FA 164 48.43 89.91 -73.63
C LEU FA 164 47.84 88.54 -73.95
N GLN FA 165 48.61 87.49 -73.68
CA GLN FA 165 48.28 86.15 -74.14
C GLN FA 165 47.96 85.24 -72.96
N THR FA 166 47.33 84.12 -73.27
CA THR FA 166 46.98 83.10 -72.29
C THR FA 166 47.71 81.81 -72.62
N GLN FA 167 48.41 81.25 -71.65
CA GLN FA 167 49.15 79.99 -71.84
C GLN FA 167 48.70 79.00 -70.77
N LYS FA 168 47.60 78.31 -71.06
CA LYS FA 168 46.87 77.22 -70.38
C LYS FA 168 45.70 76.84 -71.27
N GLU FA 169 45.02 75.76 -70.89
CA GLU FA 169 43.79 75.35 -71.57
C GLU FA 169 42.62 76.02 -70.88
N VAL FA 170 42.11 77.10 -71.47
CA VAL FA 170 41.01 77.85 -70.89
C VAL FA 170 39.71 77.37 -71.52
N GLU FA 171 38.66 77.35 -70.69
CA GLU FA 171 37.37 76.85 -71.15
C GLU FA 171 36.28 77.82 -70.73
N VAL FA 172 35.26 77.92 -71.56
CA VAL FA 172 34.07 78.74 -71.28
C VAL FA 172 32.84 77.90 -71.60
N THR FA 173 31.81 78.02 -70.76
CA THR FA 173 30.57 77.28 -70.94
C THR FA 173 29.40 78.23 -70.68
N ARG FA 174 28.40 78.15 -71.54
CA ARG FA 174 27.19 78.96 -71.42
C ARG FA 174 25.95 78.10 -71.56
N THR FA 175 24.83 78.59 -71.04
CA THR FA 175 23.54 77.95 -71.19
C THR FA 175 22.49 79.02 -71.39
N HIS FA 176 21.26 78.60 -71.71
CA HIS FA 176 20.22 79.56 -72.03
C HIS FA 176 18.85 78.87 -71.98
N LYS FA 177 17.92 79.47 -71.24
CA LYS FA 177 16.53 79.02 -71.20
C LYS FA 177 15.63 80.16 -71.64
N ARG FA 178 14.66 79.87 -72.50
CA ARG FA 178 13.62 80.82 -72.88
C ARG FA 178 12.29 80.08 -72.90
N GLU FA 179 11.52 80.20 -71.82
CA GLU FA 179 10.27 79.47 -71.66
C GLU FA 179 9.10 80.43 -71.76
N GLY FA 180 8.46 80.46 -72.92
CA GLY FA 180 7.27 81.26 -73.12
C GLY FA 180 6.02 80.40 -73.07
N SER FA 181 4.98 80.94 -72.44
CA SER FA 181 3.74 80.20 -72.27
C SER FA 181 2.56 81.15 -72.35
N GLY FA 182 1.38 80.60 -72.60
CA GLY FA 182 0.17 81.40 -72.67
C GLY FA 182 -1.09 80.58 -72.85
N ARG FA 183 -2.17 81.01 -72.19
CA ARG FA 183 -3.48 80.39 -72.34
C ARG FA 183 -4.50 81.51 -72.54
N PHE FA 184 -5.15 81.53 -73.69
CA PHE FA 184 -6.00 82.64 -74.11
C PHE FA 184 -7.45 82.18 -74.14
N SER FA 185 -8.32 82.91 -73.44
CA SER FA 185 -9.77 82.76 -73.54
C SER FA 185 -10.31 84.10 -74.02
N LEU FA 186 -10.44 84.25 -75.34
CA LEU FA 186 -10.72 85.52 -75.99
C LEU FA 186 -11.98 85.40 -76.83
N PRO FA 187 -13.17 85.46 -76.22
CA PRO FA 187 -14.40 85.45 -77.02
C PRO FA 187 -14.56 86.73 -77.83
N GLY FA 188 -14.31 86.65 -79.13
CA GLY FA 188 -14.40 87.80 -79.99
C GLY FA 188 -15.05 87.51 -81.32
N ALA FA 189 -14.38 87.88 -82.42
CA ALA FA 189 -14.87 87.65 -83.76
C ALA FA 189 -14.19 86.49 -84.47
N THR FA 190 -12.91 86.24 -84.19
CA THR FA 190 -12.18 85.17 -84.84
C THR FA 190 -11.95 83.94 -83.96
N CYS FA 191 -11.89 84.11 -82.64
CA CYS FA 191 -11.67 83.00 -81.72
C CYS FA 191 -12.50 83.21 -80.47
N GLU FA 192 -12.51 82.21 -79.60
CA GLU FA 192 -13.06 82.36 -78.26
C GLU FA 192 -12.12 81.82 -77.20
N GLN FA 193 -11.24 80.88 -77.57
CA GLN FA 193 -10.27 80.32 -76.65
C GLN FA 193 -9.09 79.80 -77.45
N GLY FA 194 -7.90 79.85 -76.87
CA GLY FA 194 -6.70 79.41 -77.56
C GLY FA 194 -5.51 79.30 -76.63
N GLU FA 195 -4.43 78.75 -77.18
CA GLU FA 195 -3.18 78.61 -76.46
C GLU FA 195 -2.00 78.89 -77.39
N GLY FA 196 -0.93 79.40 -76.80
CA GLY FA 196 0.31 79.60 -77.54
C GLY FA 196 1.51 79.57 -76.62
N GLN FA 197 2.49 78.71 -76.90
CA GLN FA 197 3.65 78.57 -76.04
C GLN FA 197 4.79 77.96 -76.83
N GLY FA 198 6.00 78.13 -76.29
CA GLY FA 198 7.19 77.55 -76.87
C GLY FA 198 8.43 77.80 -76.02
N HIS FA 199 9.22 76.75 -75.77
CA HIS FA 199 10.41 76.87 -74.96
C HIS FA 199 11.57 76.15 -75.63
N LEU FA 200 12.76 76.73 -75.54
CA LEU FA 200 13.95 76.12 -76.12
C LEU FA 200 15.13 76.39 -75.20
N SER FA 201 15.94 75.34 -74.98
CA SER FA 201 17.20 75.49 -74.28
C SER FA 201 18.33 75.63 -75.30
N GLN FA 202 19.52 75.95 -74.78
CA GLN FA 202 20.68 76.15 -75.63
C GLN FA 202 21.92 76.19 -74.75
N LYS FA 203 23.04 75.76 -75.33
CA LYS FA 203 24.32 75.77 -74.61
C LYS FA 203 25.44 75.65 -75.62
N LYS FA 204 26.67 75.81 -75.14
CA LYS FA 204 27.85 75.66 -75.97
C LYS FA 204 29.07 75.51 -75.06
N THR FA 205 30.21 75.23 -75.68
CA THR FA 205 31.46 75.01 -74.94
C THR FA 205 32.62 75.27 -75.89
N VAL FA 206 33.39 76.32 -75.62
CA VAL FA 206 34.55 76.68 -76.42
C VAL FA 206 35.80 76.56 -75.56
N THR FA 207 36.86 76.02 -76.14
CA THR FA 207 38.13 75.84 -75.44
C THR FA 207 39.25 76.44 -76.29
N ILE FA 208 39.89 77.48 -75.76
CA ILE FA 208 40.95 78.18 -76.48
C ILE FA 208 42.29 77.57 -76.11
N PRO FA 209 43.14 77.22 -77.09
CA PRO FA 209 44.44 76.62 -76.78
C PRO FA 209 45.42 77.65 -76.24
N SER FA 210 46.51 77.14 -75.67
CA SER FA 210 47.52 77.98 -75.06
C SER FA 210 48.19 78.87 -76.10
N GLY FA 211 48.55 80.08 -75.69
CA GLY FA 211 49.25 80.99 -76.57
C GLY FA 211 48.35 81.67 -77.58
N SER FA 212 47.28 82.29 -77.12
CA SER FA 212 46.34 83.00 -77.97
C SER FA 212 46.31 84.47 -77.57
N THR FA 213 46.51 85.35 -78.54
CA THR FA 213 46.52 86.78 -78.27
C THR FA 213 45.12 87.26 -77.95
N LEU FA 214 44.99 88.02 -76.86
CA LEU FA 214 43.70 88.59 -76.44
C LEU FA 214 43.59 90.08 -76.74
N ALA FA 215 44.68 90.83 -76.57
CA ALA FA 215 44.69 92.26 -76.86
C ALA FA 215 46.10 92.66 -77.22
N PHE FA 216 46.23 93.83 -77.84
CA PHE FA 216 47.53 94.30 -78.31
C PHE FA 216 47.52 95.82 -78.41
N ARG FA 217 48.72 96.38 -78.43
CA ARG FA 217 48.95 97.80 -78.65
C ARG FA 217 49.89 97.96 -79.82
N VAL FA 218 49.74 99.06 -80.55
CA VAL FA 218 50.43 99.26 -81.81
C VAL FA 218 51.38 100.46 -81.68
N ALA FA 219 52.32 100.53 -82.64
CA ALA FA 219 53.27 101.63 -82.71
C ALA FA 219 53.41 102.02 -84.18
N GLN FA 220 52.91 103.20 -84.53
CA GLN FA 220 52.88 103.61 -85.92
C GLN FA 220 54.28 103.84 -86.47
N LEU FA 221 54.47 103.48 -87.74
CA LEU FA 221 55.68 103.77 -88.48
C LEU FA 221 55.33 104.56 -89.73
N VAL FA 222 56.31 105.31 -90.23
CA VAL FA 222 56.13 106.18 -91.39
C VAL FA 222 57.15 105.80 -92.45
N ILE FA 223 56.69 105.68 -93.69
CA ILE FA 223 57.55 105.36 -94.83
C ILE FA 223 57.23 106.37 -95.92
N ASP FA 224 58.01 107.45 -95.98
CA ASP FA 224 57.95 108.37 -97.10
C ASP FA 224 59.15 108.20 -98.03
N SER FA 225 60.32 108.01 -97.45
CA SER FA 225 61.53 107.63 -98.17
C SER FA 225 62.21 106.42 -97.55
N ASP FA 226 62.15 106.28 -96.22
CA ASP FA 226 62.73 105.15 -95.51
C ASP FA 226 61.87 104.87 -94.28
N LEU FA 227 62.07 103.70 -93.69
CA LEU FA 227 61.26 103.27 -92.57
C LEU FA 227 61.69 103.99 -91.29
N ASP FA 228 60.71 104.30 -90.45
CA ASP FA 228 60.95 104.91 -89.15
C ASP FA 228 59.71 104.73 -88.30
N VAL FA 229 59.91 104.23 -87.09
CA VAL FA 229 58.81 103.91 -86.18
C VAL FA 229 58.65 105.07 -85.19
N LEU FA 230 57.41 105.53 -85.02
CA LEU FA 230 57.08 106.59 -84.09
C LEU FA 230 56.28 105.99 -82.93
N LEU FA 231 56.92 105.87 -81.77
CA LEU FA 231 56.26 105.27 -80.62
C LEU FA 231 55.11 106.13 -80.10
N PHE FA 232 55.23 107.45 -80.16
CA PHE FA 232 54.16 108.35 -79.71
C PHE FA 232 53.86 109.35 -80.82
N PRO FA 233 53.20 108.91 -81.89
CA PRO FA 233 52.90 109.83 -82.98
C PRO FA 233 51.63 110.64 -82.73
N ASP FA 234 51.29 111.52 -83.66
CA ASP FA 234 50.06 112.30 -83.60
C ASP FA 234 49.05 111.77 -84.61
N LYS FA 235 47.79 112.14 -84.41
CA LYS FA 235 46.74 111.69 -85.32
C LYS FA 235 46.90 112.43 -86.65
N LYS FA 236 46.33 111.85 -87.71
CA LYS FA 236 46.52 112.34 -89.08
C LYS FA 236 47.99 112.34 -89.47
N GLN FA 237 48.72 111.33 -89.01
CA GLN FA 237 50.11 111.10 -89.41
C GLN FA 237 50.11 110.04 -90.51
N ARG FA 238 50.06 110.49 -91.75
CA ARG FA 238 49.97 109.57 -92.88
C ARG FA 238 51.31 108.88 -93.10
N THR FA 239 51.30 107.55 -93.19
CA THR FA 239 52.53 106.80 -93.38
C THR FA 239 53.17 107.11 -94.73
N PHE FA 240 52.38 107.07 -95.80
CA PHE FA 240 52.84 107.37 -97.14
C PHE FA 240 52.58 108.84 -97.46
N GLN FA 241 52.73 109.20 -98.73
CA GLN FA 241 52.46 110.55 -99.17
C GLN FA 241 51.25 110.60 -100.12
N SER GA 3 19.26 70.85 -94.45
CA SER GA 3 20.48 70.58 -95.21
C SER GA 3 21.49 69.83 -94.37
N ALA GA 4 21.43 70.05 -93.04
CA ALA GA 4 22.26 69.36 -92.07
C ALA GA 4 23.75 69.67 -92.25
N PHE GA 5 24.08 70.57 -93.18
CA PHE GA 5 25.45 71.00 -93.40
C PHE GA 5 25.64 72.49 -93.16
N GLU GA 6 24.75 73.33 -93.71
CA GLU GA 6 24.88 74.76 -93.53
C GLU GA 6 24.59 75.20 -92.10
N ARG GA 7 23.84 74.42 -91.33
CA ARG GA 7 23.57 74.78 -89.94
C ARG GA 7 24.87 74.84 -89.15
N VAL GA 8 25.67 73.77 -89.19
CA VAL GA 8 26.89 73.72 -88.40
C VAL GA 8 27.94 74.69 -88.94
N VAL GA 9 28.05 74.83 -90.26
CA VAL GA 9 29.01 75.78 -90.83
C VAL GA 9 28.64 77.20 -90.46
N ARG GA 10 27.35 77.54 -90.54
CA ARG GA 10 26.90 78.86 -90.12
C ARG GA 10 27.18 79.09 -88.65
N ARG GA 11 26.98 78.07 -87.81
CA ARG GA 11 27.30 78.20 -86.40
C ARG GA 11 28.79 78.47 -86.19
N VAL GA 12 29.65 77.74 -86.91
CA VAL GA 12 31.08 77.92 -86.76
C VAL GA 12 31.49 79.34 -87.18
N VAL GA 13 30.97 79.83 -88.29
CA VAL GA 13 31.28 81.19 -88.71
C VAL GA 13 30.73 82.22 -87.72
N GLN GA 14 29.55 81.99 -87.17
CA GLN GA 14 28.97 82.89 -86.18
C GLN GA 14 29.74 82.86 -84.86
N GLU GA 15 30.47 81.79 -84.57
CA GLU GA 15 31.31 81.72 -83.39
C GLU GA 15 32.55 82.60 -83.51
N LEU GA 16 32.67 83.37 -84.59
CA LEU GA 16 33.72 84.34 -84.77
C LEU GA 16 33.24 85.78 -84.68
N ASP GA 17 31.94 85.99 -84.45
CA ASP GA 17 31.33 87.32 -84.49
C ASP GA 17 31.68 88.06 -85.77
N HIS GA 18 31.48 87.39 -86.91
CA HIS GA 18 31.75 87.94 -88.23
C HIS GA 18 33.22 88.32 -88.39
N GLY GA 19 34.10 87.67 -87.63
CA GLY GA 19 35.51 87.94 -87.70
C GLY GA 19 36.18 87.29 -88.89
N GLY GA 20 36.87 88.08 -89.69
CA GLY GA 20 37.51 87.59 -90.89
C GLY GA 20 36.50 87.27 -91.99
N GLU GA 21 37.01 87.26 -93.22
CA GLU GA 21 36.13 86.99 -94.36
C GLU GA 21 35.57 85.58 -94.29
N PHE GA 22 36.41 84.57 -94.45
CA PHE GA 22 36.04 83.16 -94.34
C PHE GA 22 34.73 82.86 -95.08
N ILE GA 23 34.80 83.03 -96.40
CA ILE GA 23 33.70 82.63 -97.28
C ILE GA 23 33.41 81.17 -97.02
N PRO GA 24 32.28 80.83 -96.41
CA PRO GA 24 32.03 79.45 -96.02
C PRO GA 24 31.75 78.56 -97.22
N VAL GA 25 31.97 77.26 -97.01
CA VAL GA 25 31.74 76.27 -98.03
C VAL GA 25 30.32 75.73 -97.87
N THR GA 26 29.75 75.29 -98.98
CA THR GA 26 28.40 74.74 -98.99
C THR GA 26 28.35 73.34 -99.59
N SER GA 27 29.22 73.05 -100.54
CA SER GA 27 29.28 71.74 -101.17
C SER GA 27 30.26 70.86 -100.40
N LEU GA 28 29.75 69.81 -99.76
CA LEU GA 28 30.63 68.86 -99.09
C LEU GA 28 31.59 68.19 -100.06
N GLN GA 29 31.23 68.09 -101.34
CA GLN GA 29 32.15 67.60 -102.35
C GLN GA 29 33.25 68.62 -102.63
N SER GA 30 32.94 69.91 -102.55
CA SER GA 30 33.91 70.96 -102.83
C SER GA 30 34.73 71.34 -101.62
N SER GA 31 34.40 70.80 -100.43
CA SER GA 31 35.22 71.03 -99.25
C SER GA 31 36.61 70.45 -99.46
N THR GA 32 36.70 69.25 -100.05
CA THR GA 32 37.99 68.64 -100.33
C THR GA 32 38.77 69.40 -101.39
N GLY GA 33 38.08 70.01 -102.36
CA GLY GA 33 38.77 70.77 -103.39
C GLY GA 33 39.30 72.11 -102.93
N PHE GA 34 38.82 72.60 -101.77
CA PHE GA 34 39.28 73.87 -101.22
C PHE GA 34 40.54 73.61 -100.42
N GLN GA 35 41.68 73.70 -101.09
CA GLN GA 35 42.98 73.49 -100.47
C GLN GA 35 43.87 74.69 -100.76
N PRO GA 36 44.94 74.92 -99.98
CA PRO GA 36 45.82 76.05 -100.27
C PRO GA 36 46.45 75.94 -101.65
N TYR GA 37 46.75 77.10 -102.24
CA TYR GA 37 47.31 77.24 -103.58
C TYR GA 37 46.38 76.69 -104.66
N CYS GA 38 45.07 76.65 -104.41
CA CYS GA 38 44.10 76.23 -105.40
C CYS GA 38 43.41 77.44 -106.02
N LEU GA 39 43.02 77.31 -107.28
CA LEU GA 39 42.38 78.39 -108.02
C LEU GA 39 40.87 78.26 -107.92
N VAL GA 40 40.19 79.41 -107.77
CA VAL GA 40 38.74 79.46 -107.82
C VAL GA 40 38.33 80.55 -108.80
N VAL GA 41 37.12 80.43 -109.35
CA VAL GA 41 36.62 81.33 -110.38
C VAL GA 41 35.34 81.96 -109.88
N ARG GA 42 35.27 83.29 -109.96
CA ARG GA 42 34.07 84.04 -109.59
C ARG GA 42 33.72 85.00 -110.70
N LYS GA 43 32.50 84.90 -111.21
CA LYS GA 43 32.02 85.84 -112.22
C LYS GA 43 31.73 87.20 -111.59
N PRO GA 44 31.74 88.26 -112.39
CA PRO GA 44 31.35 89.58 -111.87
C PRO GA 44 29.91 89.58 -111.39
N SER GA 45 29.67 90.38 -110.36
CA SER GA 45 28.33 90.51 -109.79
C SER GA 45 27.37 91.14 -110.79
N SER GA 46 26.08 90.89 -110.58
CA SER GA 46 25.10 91.36 -111.56
C SER GA 46 24.84 92.85 -111.42
N SER GA 47 24.23 93.28 -110.32
CA SER GA 47 24.21 94.71 -109.99
C SER GA 47 24.83 95.00 -108.63
N TRP GA 48 24.21 94.56 -107.53
CA TRP GA 48 24.82 94.69 -106.21
C TRP GA 48 24.66 93.43 -105.36
N PHE GA 49 23.47 92.79 -105.45
CA PHE GA 49 23.08 91.79 -104.49
C PHE GA 49 22.91 90.39 -105.06
N TRP GA 50 22.89 90.24 -106.38
CA TRP GA 50 22.97 88.91 -106.99
C TRP GA 50 24.41 88.44 -106.86
N LYS GA 51 24.77 88.10 -105.63
CA LYS GA 51 26.15 87.81 -105.29
C LYS GA 51 26.62 86.57 -106.04
N PRO GA 52 27.69 86.67 -106.83
CA PRO GA 52 28.18 85.50 -107.57
C PRO GA 52 28.81 84.50 -106.61
N ARG GA 53 28.17 83.33 -106.49
CA ARG GA 53 28.72 82.26 -105.67
C ARG GA 53 30.05 81.79 -106.25
N TYR GA 54 30.97 81.44 -105.36
CA TYR GA 54 32.31 81.03 -105.78
C TYR GA 54 32.29 79.66 -106.41
N LYS GA 55 33.06 79.49 -107.49
CA LYS GA 55 33.20 78.21 -108.17
C LYS GA 55 34.62 77.71 -107.98
N CYS GA 56 34.77 76.65 -107.19
CA CYS GA 56 36.08 76.07 -106.97
C CYS GA 56 36.55 75.31 -108.22
N VAL GA 57 37.85 75.38 -108.48
CA VAL GA 57 38.48 74.65 -109.56
C VAL GA 57 39.57 73.78 -108.96
N ASN GA 58 39.55 72.48 -109.27
CA ASN GA 58 40.52 71.53 -108.73
C ASN GA 58 41.84 71.65 -109.49
N LEU GA 59 42.44 72.84 -109.40
CA LEU GA 59 43.68 73.14 -110.10
C LEU GA 59 44.60 73.91 -109.16
N SER GA 60 45.87 73.48 -109.09
CA SER GA 60 46.85 74.13 -108.23
C SER GA 60 47.67 75.13 -109.05
N ILE GA 61 48.47 75.93 -108.34
CA ILE GA 61 49.32 76.91 -109.00
C ILE GA 61 50.68 76.33 -109.40
N LYS GA 62 50.98 75.10 -109.00
CA LYS GA 62 52.31 74.54 -109.25
C LYS GA 62 52.53 74.22 -110.72
N ASP GA 63 51.48 73.83 -111.44
CA ASP GA 63 51.64 73.45 -112.84
C ASP GA 63 51.55 74.63 -113.80
N ILE GA 64 50.83 75.69 -113.43
CA ILE GA 64 50.76 76.85 -114.30
C ILE GA 64 52.13 77.51 -114.44
N LEU GA 65 52.94 77.46 -113.38
CA LEU GA 65 54.35 77.80 -113.45
C LEU GA 65 55.17 76.57 -113.86
N GLU GA 66 56.24 76.82 -114.63
CA GLU GA 66 56.88 75.71 -115.34
C GLU GA 66 57.56 74.70 -114.41
N PRO GA 67 58.42 75.09 -113.44
CA PRO GA 67 59.29 74.08 -112.83
C PRO GA 67 58.67 73.29 -111.69
N ASP GA 68 57.41 72.88 -111.84
CA ASP GA 68 56.78 71.86 -110.97
C ASP GA 68 57.05 72.12 -109.49
N ALA GA 69 56.52 73.24 -109.01
CA ALA GA 69 56.86 73.75 -107.69
C ALA GA 69 56.64 72.72 -106.59
N ALA GA 70 55.39 72.36 -106.32
CA ALA GA 70 55.03 71.38 -105.28
C ALA GA 70 55.69 71.74 -103.96
N GLU GA 71 55.59 73.01 -103.57
CA GLU GA 71 56.23 73.54 -102.36
C GLU GA 71 55.19 74.21 -101.48
N PRO GA 72 54.46 73.46 -100.66
CA PRO GA 72 53.56 74.08 -99.69
C PRO GA 72 54.34 74.61 -98.49
N ASP GA 73 53.90 75.76 -97.98
CA ASP GA 73 54.56 76.39 -96.84
C ASP GA 73 53.60 76.53 -95.68
N VAL GA 74 52.87 75.47 -95.38
CA VAL GA 74 51.92 75.47 -94.27
C VAL GA 74 52.69 75.41 -92.96
N GLN GA 75 52.41 76.36 -92.07
CA GLN GA 75 53.06 76.42 -90.76
C GLN GA 75 52.10 76.70 -89.63
N ARG GA 76 50.88 77.15 -89.91
CA ARG GA 76 49.94 77.53 -88.87
C ARG GA 76 49.28 76.32 -88.24
N GLY GA 77 49.02 76.40 -86.93
CA GLY GA 77 48.26 75.37 -86.25
C GLY GA 77 47.86 75.74 -84.83
N ARG GA 78 46.57 75.62 -84.54
CA ARG GA 78 46.04 75.77 -83.19
C ARG GA 78 44.82 74.87 -83.04
N SER GA 79 44.44 74.61 -81.79
CA SER GA 79 43.46 73.56 -81.48
C SER GA 79 42.26 74.18 -80.74
N PHE GA 80 41.21 74.49 -81.50
CA PHE GA 80 39.96 74.96 -80.92
C PHE GA 80 38.98 73.80 -80.84
N HIS GA 81 38.52 73.49 -79.64
CA HIS GA 81 37.51 72.45 -79.43
C HIS GA 81 36.17 73.12 -79.16
N PHE GA 82 35.18 72.79 -79.99
CA PHE GA 82 33.86 73.42 -79.91
C PHE GA 82 32.80 72.37 -79.66
N TYR GA 83 31.81 72.73 -78.84
CA TYR GA 83 30.70 71.84 -78.51
C TYR GA 83 29.46 72.69 -78.31
N ASP GA 84 28.29 72.09 -78.52
CA ASP GA 84 27.02 72.78 -78.31
C ASP GA 84 25.88 71.77 -78.29
N ALA GA 85 24.68 72.28 -78.12
CA ALA GA 85 23.46 71.48 -78.13
C ALA GA 85 22.28 72.41 -78.37
N MET GA 86 21.10 71.80 -78.55
CA MET GA 86 19.87 72.56 -78.75
C MET GA 86 18.69 71.62 -78.66
N ASP GA 87 17.58 72.14 -78.13
CA ASP GA 87 16.28 71.47 -78.19
C ASP GA 87 15.20 72.53 -78.13
N GLY GA 88 14.04 72.22 -78.69
CA GLY GA 88 12.93 73.17 -78.71
C GLY GA 88 11.62 72.44 -78.76
N GLN GA 89 10.56 73.14 -78.33
CA GLN GA 89 9.22 72.56 -78.32
C GLN GA 89 8.21 73.69 -78.32
N ILE GA 90 7.48 73.84 -79.42
CA ILE GA 90 6.36 74.78 -79.49
C ILE GA 90 5.11 73.97 -79.78
N GLN GA 91 3.96 74.57 -79.47
CA GLN GA 91 2.68 73.90 -79.68
C GLN GA 91 1.58 74.94 -79.66
N GLY GA 92 0.34 74.46 -79.79
CA GLY GA 92 -0.81 75.34 -79.76
C GLY GA 92 -2.09 74.53 -79.72
N SER GA 93 -3.16 75.19 -79.31
CA SER GA 93 -4.47 74.55 -79.24
C SER GA 93 -5.55 75.61 -79.33
N VAL GA 94 -6.54 75.34 -80.17
CA VAL GA 94 -7.68 76.23 -80.35
C VAL GA 94 -8.96 75.39 -80.31
N GLU GA 95 -9.87 75.73 -79.41
CA GLU GA 95 -11.19 75.10 -79.34
C GLU GA 95 -12.15 76.15 -79.88
N LEU GA 96 -12.49 76.03 -81.16
CA LEU GA 96 -13.19 77.08 -81.89
C LEU GA 96 -14.65 76.70 -82.12
N ALA GA 97 -15.56 77.59 -81.70
CA ALA GA 97 -16.99 77.34 -81.87
C ALA GA 97 -17.77 78.51 -82.44
N ALA GA 98 -17.33 79.75 -82.26
CA ALA GA 98 -18.13 80.92 -82.64
C ALA GA 98 -18.08 81.21 -84.15
N PRO GA 99 -16.87 81.45 -84.78
CA PRO GA 99 -16.83 81.98 -86.14
C PRO GA 99 -17.21 80.97 -87.22
N GLY GA 100 -18.44 80.47 -87.15
CA GLY GA 100 -18.94 79.56 -88.16
C GLY GA 100 -20.01 78.63 -87.62
N GLN GA 101 -19.99 77.38 -88.10
CA GLN GA 101 -20.90 76.35 -87.61
C GLN GA 101 -20.14 75.15 -87.06
N ALA GA 102 -18.92 75.37 -86.58
CA ALA GA 102 -18.01 74.29 -86.21
C ALA GA 102 -17.80 74.25 -84.70
N LYS GA 103 -17.36 73.08 -84.22
CA LYS GA 103 -16.85 72.89 -82.87
C LYS GA 103 -15.47 72.26 -83.03
N ILE GA 104 -14.46 73.12 -83.20
CA ILE GA 104 -13.12 72.68 -83.58
C ILE GA 104 -12.35 72.31 -82.31
N ALA GA 105 -11.63 71.18 -82.37
CA ALA GA 105 -10.72 70.77 -81.31
C ALA GA 105 -9.43 70.31 -81.98
N GLY GA 106 -8.46 71.21 -82.11
CA GLY GA 106 -7.24 70.93 -82.82
C GLY GA 106 -6.01 71.27 -81.99
N GLY GA 107 -4.86 70.84 -82.51
CA GLY GA 107 -3.60 71.08 -81.84
C GLY GA 107 -2.44 70.91 -82.80
N ALA GA 108 -1.25 71.22 -82.30
CA ALA GA 108 -0.02 71.10 -83.08
C ALA GA 108 1.15 70.97 -82.12
N ALA GA 109 2.28 70.52 -82.65
CA ALA GA 109 3.49 70.33 -81.85
C ALA GA 109 4.69 70.17 -82.77
N VAL GA 110 5.74 70.93 -82.51
CA VAL GA 110 6.99 70.82 -83.26
C VAL GA 110 8.12 70.61 -82.26
N SER GA 111 8.92 69.56 -82.49
CA SER GA 111 10.03 69.23 -81.61
C SER GA 111 11.27 68.92 -82.45
N ASP GA 112 12.43 69.32 -81.95
CA ASP GA 112 13.67 69.10 -82.66
C ASP GA 112 14.84 69.16 -81.68
N SER GA 113 16.01 68.73 -82.17
CA SER GA 113 17.23 68.75 -81.36
C SER GA 113 18.42 68.80 -82.31
N SER GA 114 19.61 68.91 -81.71
CA SER GA 114 20.84 68.95 -82.49
C SER GA 114 22.02 68.62 -81.58
N SER GA 115 23.15 68.33 -82.20
CA SER GA 115 24.40 68.09 -81.49
C SER GA 115 25.56 68.29 -82.46
N THR GA 116 26.71 68.68 -81.91
CA THR GA 116 27.90 68.95 -82.72
C THR GA 116 29.10 69.05 -81.79
N SER GA 117 30.24 68.49 -82.23
CA SER GA 117 31.49 68.58 -81.50
C SER GA 117 32.65 68.36 -82.45
N MET GA 118 33.51 69.38 -82.58
CA MET GA 118 34.58 69.31 -83.56
C MET GA 118 35.84 69.94 -82.98
N ASN GA 119 36.96 69.66 -83.62
CA ASN GA 119 38.24 70.28 -83.34
C ASN GA 119 38.75 70.98 -84.60
N VAL GA 120 39.18 72.22 -84.44
CA VAL GA 120 39.40 73.11 -85.57
C VAL GA 120 40.86 73.50 -85.63
N TYR GA 121 41.52 73.21 -86.74
CA TYR GA 121 42.86 73.68 -86.99
C TYR GA 121 42.80 74.81 -88.02
N SER GA 122 43.96 75.26 -88.49
CA SER GA 122 43.99 76.33 -89.49
C SER GA 122 45.34 76.35 -90.18
N LEU GA 123 45.33 76.57 -91.48
CA LEU GA 123 46.55 76.67 -92.27
C LEU GA 123 46.55 78.00 -93.03
N SER GA 124 47.75 78.52 -93.27
CA SER GA 124 47.90 79.79 -93.97
C SER GA 124 49.16 79.75 -94.82
N VAL GA 125 49.33 80.79 -95.63
CA VAL GA 125 50.52 80.96 -96.47
C VAL GA 125 51.03 82.38 -96.29
N ASP GA 126 52.35 82.50 -96.17
CA ASP GA 126 52.96 83.79 -95.86
C ASP GA 126 53.14 84.62 -97.13
N PRO GA 127 52.89 85.93 -97.07
CA PRO GA 127 53.15 86.77 -98.25
C PRO GA 127 54.60 86.78 -98.69
N ASN GA 128 55.55 86.59 -97.77
CA ASN GA 128 56.95 86.46 -98.18
C ASN GA 128 57.16 85.24 -99.07
N THR GA 129 56.49 84.13 -98.78
CA THR GA 129 56.53 82.99 -99.69
C THR GA 129 55.97 83.36 -101.06
N TRP GA 130 54.89 84.14 -101.10
CA TRP GA 130 54.34 84.59 -102.37
C TRP GA 130 55.35 85.42 -103.15
N GLN GA 131 56.03 86.35 -102.48
CA GLN GA 131 56.96 87.21 -103.20
C GLN GA 131 58.19 86.44 -103.67
N THR GA 132 58.70 85.52 -102.84
CA THR GA 132 59.79 84.66 -103.30
C THR GA 132 59.35 83.84 -104.52
N LEU GA 133 58.17 83.21 -104.44
CA LEU GA 133 57.70 82.34 -105.51
C LEU GA 133 57.54 83.11 -106.81
N LEU GA 134 56.94 84.29 -106.78
CA LEU GA 134 56.72 85.03 -108.01
C LEU GA 134 58.02 85.63 -108.53
N HIS GA 135 58.87 86.16 -107.65
CA HIS GA 135 60.12 86.77 -108.09
C HIS GA 135 61.09 85.77 -108.70
N GLU GA 136 61.16 84.55 -108.17
CA GLU GA 136 62.19 83.63 -108.63
C GLU GA 136 61.87 83.05 -110.01
N ARG GA 137 60.58 82.99 -110.36
CA ARG GA 137 60.15 82.22 -111.51
C ARG GA 137 58.90 82.84 -112.14
N HIS GA 138 58.67 82.48 -113.41
CA HIS GA 138 57.65 83.11 -114.24
C HIS GA 138 56.60 82.08 -114.66
N LEU GA 139 55.74 82.50 -115.59
CA LEU GA 139 54.58 81.72 -115.99
C LEU GA 139 54.80 81.08 -117.37
N ARG GA 140 54.23 79.90 -117.58
CA ARG GA 140 54.17 79.28 -118.90
C ARG GA 140 53.13 80.03 -119.72
N GLN GA 141 53.60 80.91 -120.60
CA GLN GA 141 52.69 81.66 -121.46
C GLN GA 141 51.94 80.81 -122.48
N PRO GA 142 52.48 79.63 -122.96
CA PRO GA 142 51.68 78.75 -123.83
C PRO GA 142 50.77 77.80 -123.05
N GLU GA 143 50.06 78.34 -122.06
CA GLU GA 143 49.15 77.55 -121.23
C GLU GA 143 47.84 78.32 -121.12
N HIS GA 144 46.90 78.03 -122.03
CA HIS GA 144 45.59 78.64 -121.97
C HIS GA 144 44.43 77.70 -122.29
N LYS GA 145 44.68 76.42 -122.54
CA LYS GA 145 43.56 75.50 -122.74
C LYS GA 145 42.70 75.39 -121.50
N VAL GA 146 43.23 75.79 -120.33
CA VAL GA 146 42.42 76.01 -119.14
C VAL GA 146 42.14 77.51 -118.93
N LEU GA 147 42.77 78.38 -119.70
CA LEU GA 147 42.66 79.82 -119.52
C LEU GA 147 42.07 80.56 -120.70
N GLN GA 148 42.27 80.08 -121.94
CA GLN GA 148 41.76 80.82 -123.10
C GLN GA 148 40.24 80.91 -123.08
N GLN GA 149 39.56 79.80 -122.80
CA GLN GA 149 38.13 79.89 -122.54
C GLN GA 149 37.84 80.74 -121.32
N LEU GA 150 38.61 80.56 -120.25
CA LEU GA 150 38.49 81.42 -119.08
C LEU GA 150 38.80 82.87 -119.43
N ARG GA 151 39.71 83.10 -120.37
CA ARG GA 151 39.95 84.45 -120.87
C ARG GA 151 38.73 85.01 -121.57
N SER GA 152 38.04 84.18 -122.38
CA SER GA 152 36.80 84.61 -123.01
C SER GA 152 35.74 84.95 -121.98
N ARG GA 153 35.64 84.15 -120.92
CA ARG GA 153 34.72 84.48 -119.84
C ARG GA 153 35.12 85.79 -119.16
N GLY GA 154 36.41 86.01 -118.99
CA GLY GA 154 36.90 87.19 -118.31
C GLY GA 154 36.74 87.16 -116.81
N ASP GA 155 36.36 86.02 -116.24
CA ASP GA 155 36.12 85.93 -114.80
C ASP GA 155 37.44 86.10 -114.04
N ASN GA 156 37.37 86.84 -112.94
CA ASN GA 156 38.53 87.03 -112.09
C ASN GA 156 38.82 85.74 -111.33
N VAL GA 157 40.09 85.34 -111.33
CA VAL GA 157 40.53 84.10 -110.71
C VAL GA 157 41.24 84.43 -109.41
N TYR GA 158 41.02 83.61 -108.39
CA TYR GA 158 41.57 83.83 -107.06
C TYR GA 158 42.42 82.63 -106.65
N VAL GA 159 43.16 82.81 -105.57
CA VAL GA 159 43.91 81.73 -104.95
C VAL GA 159 43.36 81.51 -103.55
N VAL GA 160 43.73 80.38 -102.95
CA VAL GA 160 43.32 80.04 -101.60
C VAL GA 160 44.50 80.31 -100.67
N THR GA 161 44.34 81.26 -99.75
CA THR GA 161 45.45 81.74 -98.94
C THR GA 161 45.31 81.42 -97.45
N GLU GA 162 44.11 81.22 -96.94
CA GLU GA 162 43.95 80.56 -95.64
C GLU GA 162 42.82 79.55 -95.74
N VAL GA 163 42.91 78.50 -94.93
CA VAL GA 163 41.86 77.49 -94.84
C VAL GA 163 41.57 77.22 -93.37
N LEU GA 164 40.33 76.88 -93.07
CA LEU GA 164 39.90 76.52 -91.73
C LEU GA 164 39.35 75.11 -91.80
N GLN GA 165 40.17 74.11 -91.45
CA GLN GA 165 39.79 72.72 -91.60
C GLN GA 165 39.83 72.00 -90.26
N THR GA 166 39.13 70.87 -90.21
CA THR GA 166 39.04 70.04 -89.02
C THR GA 166 39.56 68.65 -89.35
N GLN GA 167 40.43 68.12 -88.50
CA GLN GA 167 40.87 66.74 -88.62
C GLN GA 167 40.57 66.01 -87.30
N LYS GA 168 39.33 65.53 -87.20
CA LYS GA 168 38.75 64.73 -86.13
C LYS GA 168 37.38 64.26 -86.64
N GLU GA 169 36.82 63.27 -85.95
CA GLU GA 169 35.56 62.68 -86.39
C GLU GA 169 34.41 63.45 -85.75
N VAL GA 170 33.92 64.47 -86.45
CA VAL GA 170 32.81 65.28 -85.99
C VAL GA 170 31.49 64.60 -86.36
N GLU GA 171 30.53 64.69 -85.45
CA GLU GA 171 29.23 64.05 -85.63
C GLU GA 171 28.14 65.11 -85.53
N VAL GA 172 27.06 64.89 -86.27
CA VAL GA 172 25.86 65.71 -86.16
C VAL GA 172 24.67 64.77 -86.04
N THR GA 173 23.82 65.00 -85.04
CA THR GA 173 22.66 64.14 -84.77
C THR GA 173 21.44 65.03 -84.64
N ARG GA 174 20.76 65.27 -85.76
CA ARG GA 174 19.55 66.08 -85.78
C ARG GA 174 18.32 65.19 -85.78
N THR GA 175 17.23 65.72 -85.21
CA THR GA 175 15.94 65.06 -85.22
C THR GA 175 14.87 66.10 -85.52
N HIS GA 176 13.63 65.64 -85.72
CA HIS GA 176 12.55 66.55 -86.05
C HIS GA 176 11.23 65.83 -85.86
N LYS GA 177 10.28 66.50 -85.21
CA LYS GA 177 8.94 65.95 -85.02
C LYS GA 177 7.93 67.01 -85.43
N ARG GA 178 6.95 66.61 -86.22
CA ARG GA 178 5.88 67.51 -86.66
C ARG GA 178 4.54 66.84 -86.38
N GLU GA 179 3.89 67.28 -85.31
CA GLU GA 179 2.65 66.65 -84.84
C GLU GA 179 1.49 67.61 -85.09
N GLY GA 180 0.53 67.16 -85.88
CA GLY GA 180 -0.69 67.90 -86.11
C GLY GA 180 -1.90 67.11 -85.66
N SER GA 181 -2.93 67.81 -85.21
CA SER GA 181 -4.13 67.17 -84.71
C SER GA 181 -5.34 68.03 -85.02
N GLY GA 182 -6.52 67.43 -84.95
CA GLY GA 182 -7.75 68.14 -85.20
C GLY GA 182 -8.99 67.31 -84.95
N ARG GA 183 -10.04 67.94 -84.44
CA ARG GA 183 -11.33 67.31 -84.20
C ARG GA 183 -12.42 68.33 -84.46
N PHE GA 184 -13.06 68.23 -85.63
CA PHE GA 184 -14.01 69.23 -86.08
C PHE GA 184 -15.41 68.66 -85.98
N SER GA 185 -16.29 69.35 -85.25
CA SER GA 185 -17.71 69.01 -85.17
C SER GA 185 -18.46 70.18 -85.79
N LEU GA 186 -18.66 70.13 -87.11
CA LEU GA 186 -19.21 71.24 -87.86
C LEU GA 186 -20.48 70.79 -88.59
N PRO GA 187 -21.65 70.99 -87.96
CA PRO GA 187 -22.90 70.77 -88.69
C PRO GA 187 -23.17 71.91 -89.67
N GLY GA 188 -22.99 71.64 -90.96
CA GLY GA 188 -23.16 72.66 -91.97
C GLY GA 188 -23.88 72.17 -93.21
N ALA GA 189 -23.32 72.46 -94.38
CA ALA GA 189 -23.90 72.08 -95.65
C ALA GA 189 -23.22 70.89 -96.31
N THR GA 190 -21.93 70.70 -96.07
CA THR GA 190 -21.18 69.60 -96.69
C THR GA 190 -20.83 68.48 -95.74
N CYS GA 191 -20.75 68.74 -94.43
CA CYS GA 191 -20.39 67.72 -93.46
C CYS GA 191 -21.12 68.00 -92.15
N GLU GA 192 -21.11 67.00 -91.26
CA GLU GA 192 -21.63 67.14 -89.91
C GLU GA 192 -20.52 67.19 -88.88
N GLN GA 193 -19.44 66.42 -89.08
CA GLN GA 193 -18.25 66.50 -88.27
C GLN GA 193 -17.11 65.83 -89.02
N GLY GA 194 -15.88 66.08 -88.59
CA GLY GA 194 -14.73 65.48 -89.24
C GLY GA 194 -13.52 65.47 -88.32
N GLU GA 195 -12.55 64.64 -88.71
CA GLU GA 195 -11.28 64.53 -87.99
C GLU GA 195 -10.14 64.51 -89.00
N GLY GA 196 -9.01 65.10 -88.59
CA GLY GA 196 -7.81 65.08 -89.41
C GLY GA 196 -6.56 65.30 -88.60
N GLN GA 197 -5.58 64.41 -88.74
CA GLN GA 197 -4.32 64.56 -88.02
C GLN GA 197 -3.24 63.76 -88.72
N GLY GA 198 -2.00 64.08 -88.39
CA GLY GA 198 -0.86 63.35 -88.92
C GLY GA 198 0.45 63.82 -88.32
N HIS GA 199 1.28 62.86 -87.90
CA HIS GA 199 2.56 63.17 -87.28
C HIS GA 199 3.65 62.32 -87.92
N LEU GA 200 4.81 62.94 -88.14
CA LEU GA 200 5.95 62.24 -88.69
C LEU GA 200 7.21 62.64 -87.95
N SER GA 201 8.02 61.65 -87.59
CA SER GA 201 9.32 61.90 -87.01
C SER GA 201 10.37 62.00 -88.12
N GLN GA 202 11.59 62.34 -87.72
CA GLN GA 202 12.68 62.44 -88.68
C GLN GA 202 14.00 62.41 -87.92
N LYS GA 203 15.05 61.97 -88.61
CA LYS GA 203 16.38 61.87 -88.02
C LYS GA 203 17.39 61.82 -89.15
N LYS GA 204 18.63 62.19 -88.82
CA LYS GA 204 19.74 62.04 -89.75
C LYS GA 204 21.04 62.17 -88.97
N THR GA 205 22.12 61.67 -89.57
CA THR GA 205 23.43 61.65 -88.92
C THR GA 205 24.49 61.68 -90.00
N VAL GA 206 25.11 62.84 -90.18
CA VAL GA 206 26.17 63.01 -91.18
C VAL GA 206 27.51 63.04 -90.46
N THR GA 207 28.53 62.56 -91.16
CA THR GA 207 29.88 62.48 -90.60
C THR GA 207 30.86 63.16 -91.54
N ILE GA 208 31.63 64.11 -91.02
CA ILE GA 208 32.64 64.81 -91.81
C ILE GA 208 34.01 64.25 -91.45
N PRO GA 209 34.77 63.79 -92.44
CA PRO GA 209 36.05 63.13 -92.15
C PRO GA 209 37.13 64.14 -91.79
N SER GA 210 38.27 63.59 -91.36
CA SER GA 210 39.40 64.43 -90.97
C SER GA 210 39.96 65.15 -92.18
N GLY GA 211 40.32 66.43 -91.98
CA GLY GA 211 40.92 67.22 -93.04
C GLY GA 211 39.94 67.73 -94.07
N SER GA 212 38.86 68.37 -93.62
CA SER GA 212 37.84 68.92 -94.50
C SER GA 212 37.80 70.43 -94.32
N THR GA 213 37.91 71.17 -95.42
CA THR GA 213 37.90 72.63 -95.35
C THR GA 213 36.51 73.14 -95.04
N LEU GA 214 36.41 74.06 -94.08
CA LEU GA 214 35.14 74.69 -93.71
C LEU GA 214 34.99 76.11 -94.27
N ALA GA 215 36.07 76.90 -94.27
CA ALA GA 215 36.03 78.25 -94.79
C ALA GA 215 37.40 78.57 -95.36
N PHE GA 216 37.49 79.71 -96.06
CA PHE GA 216 38.72 80.08 -96.74
C PHE GA 216 38.72 81.56 -97.04
N ARG GA 217 39.90 82.08 -97.37
CA ARG GA 217 40.08 83.44 -97.84
C ARG GA 217 40.84 83.43 -99.16
N VAL GA 218 40.64 84.48 -99.95
CA VAL GA 218 41.15 84.53 -101.31
C VAL GA 218 42.09 85.72 -101.46
N ALA GA 219 42.89 85.67 -102.52
CA ALA GA 219 43.78 86.75 -102.90
C ALA GA 219 43.80 86.86 -104.41
N GLN GA 220 43.16 87.90 -104.94
CA GLN GA 220 43.00 88.04 -106.37
C GLN GA 220 44.34 88.24 -107.07
N LEU GA 221 44.45 87.71 -108.28
CA LEU GA 221 45.63 87.90 -109.11
C LEU GA 221 45.20 88.52 -110.44
N VAL GA 222 46.17 89.13 -111.13
CA VAL GA 222 45.92 89.81 -112.40
C VAL GA 222 46.75 89.12 -113.48
N ILE GA 223 46.11 88.81 -114.61
CA ILE GA 223 46.76 88.16 -115.74
C ILE GA 223 46.47 89.04 -116.96
N ASP GA 224 47.44 89.86 -117.35
CA ASP GA 224 47.37 90.60 -118.60
C ASP GA 224 48.46 90.17 -119.56
N SER GA 225 49.69 90.14 -119.10
CA SER GA 225 50.84 89.58 -119.80
C SER GA 225 51.61 88.60 -118.97
N ASP GA 226 51.71 88.82 -117.66
CA ASP GA 226 52.39 87.93 -116.74
C ASP GA 226 51.56 87.80 -115.47
N LEU GA 227 52.00 86.94 -114.55
CA LEU GA 227 51.26 86.68 -113.34
C LEU GA 227 51.71 87.62 -112.22
N ASP GA 228 50.75 88.08 -111.43
CA ASP GA 228 51.03 88.88 -110.25
C ASP GA 228 49.82 88.81 -109.33
N VAL GA 229 50.07 88.53 -108.05
CA VAL GA 229 49.02 88.35 -107.07
C VAL GA 229 48.89 89.63 -106.25
N LEU GA 230 47.70 90.20 -106.24
CA LEU GA 230 47.36 91.33 -105.39
C LEU GA 230 46.62 90.80 -104.18
N LEU GA 231 47.27 90.82 -103.01
CA LEU GA 231 46.69 90.20 -101.82
C LEU GA 231 45.38 90.88 -101.41
N PHE GA 232 45.31 92.21 -101.48
CA PHE GA 232 44.12 92.96 -101.08
C PHE GA 232 43.83 94.04 -102.11
N PRO GA 233 43.36 93.66 -103.30
CA PRO GA 233 43.09 94.64 -104.35
C PRO GA 233 41.76 95.36 -104.16
N ASP GA 234 41.43 96.23 -105.10
CA ASP GA 234 40.18 96.99 -105.07
C ASP GA 234 39.12 96.29 -105.91
N LYS GA 235 37.87 96.72 -105.73
CA LYS GA 235 36.75 96.13 -106.45
C LYS GA 235 36.80 96.54 -107.92
N LYS GA 236 36.18 95.70 -108.76
CA LYS GA 236 36.18 95.90 -110.21
C LYS GA 236 37.60 95.92 -110.78
N GLN GA 237 38.47 95.08 -110.22
CA GLN GA 237 39.80 94.86 -110.74
C GLN GA 237 39.72 93.65 -111.67
N ARG GA 238 39.60 93.91 -112.96
CA ARG GA 238 39.43 92.83 -113.94
C ARG GA 238 40.76 92.13 -114.16
N THR GA 239 40.79 90.82 -113.94
CA THR GA 239 42.02 90.05 -114.09
C THR GA 239 42.52 90.10 -115.53
N PHE GA 240 41.63 89.88 -116.49
CA PHE GA 240 41.97 89.91 -117.91
C PHE GA 240 41.72 91.30 -118.47
N GLN GA 241 41.77 91.41 -119.79
CA GLN GA 241 41.51 92.69 -120.45
C GLN GA 241 40.17 92.65 -121.19
#